data_2MF1
#
_entry.id   2MF1
#
loop_
_entity.id
_entity.type
_entity.pdbx_description
1 polymer 'Carbon storage regulator homolog'
2 polymer RNA_(72-MER)
#
loop_
_entity_poly.entity_id
_entity_poly.type
_entity_poly.pdbx_seq_one_letter_code
_entity_poly.pdbx_strand_id
1 'polypeptide(L)' MLILTRKVGESINIGDDITITILGVSGQQVRIGINAPKDVAVHREEIYQRIQAGLTAPDKRETPHHHHHH A,B,C,D,E,F
2 'polyribonucleotide' UGUCGACGGAUAGACACAGCCAUCAAGGACGAUGGUCAGGACAUCGCAGGAAGCGAUUCAUCAGGACGAUGA G
#
# COMPACT_ATOMS: atom_id res chain seq x y z
N MET A 1 -24.95 -15.55 19.39
CA MET A 1 -23.75 -15.64 18.54
C MET A 1 -22.49 -15.58 19.40
N LEU A 2 -21.52 -16.45 19.14
CA LEU A 2 -20.31 -16.56 19.95
C LEU A 2 -19.16 -15.84 19.26
N ILE A 3 -18.64 -14.77 19.87
CA ILE A 3 -17.57 -13.96 19.34
C ILE A 3 -16.25 -14.37 19.98
N LEU A 4 -15.20 -14.50 19.17
CA LEU A 4 -13.84 -14.76 19.62
C LEU A 4 -12.87 -13.80 18.95
N THR A 5 -11.69 -13.62 19.53
CA THR A 5 -10.65 -12.74 19.03
C THR A 5 -9.39 -13.57 18.79
N ARG A 6 -9.13 -13.93 17.53
CA ARG A 6 -8.12 -14.91 17.18
C ARG A 6 -6.95 -14.23 16.46
N LYS A 7 -5.71 -14.53 16.86
CA LYS A 7 -4.55 -13.88 16.27
C LYS A 7 -3.95 -14.76 15.18
N VAL A 8 -3.22 -14.15 14.25
CA VAL A 8 -2.60 -14.83 13.14
C VAL A 8 -1.86 -16.09 13.60
N GLY A 9 -2.16 -17.22 12.96
CA GLY A 9 -1.52 -18.51 13.22
C GLY A 9 -2.26 -19.39 14.21
N GLU A 10 -3.36 -18.91 14.80
CA GLU A 10 -4.18 -19.67 15.74
C GLU A 10 -5.43 -20.24 15.06
N SER A 11 -6.21 -21.05 15.79
CA SER A 11 -7.28 -21.84 15.21
C SER A 11 -8.55 -21.88 16.06
N ILE A 12 -9.70 -22.03 15.39
CA ILE A 12 -10.99 -22.31 15.98
C ILE A 12 -11.41 -23.74 15.63
N ASN A 13 -12.27 -24.35 16.45
CA ASN A 13 -12.84 -25.66 16.20
C ASN A 13 -14.37 -25.62 16.31
N ILE A 14 -15.06 -26.29 15.39
CA ILE A 14 -16.51 -26.28 15.29
C ILE A 14 -17.01 -27.73 15.16
N GLY A 15 -18.01 -28.10 15.97
CA GLY A 15 -18.53 -29.45 15.99
C GLY A 15 -17.49 -30.44 16.52
N ASP A 16 -17.26 -31.52 15.77
CA ASP A 16 -16.19 -32.47 16.03
C ASP A 16 -15.35 -32.77 14.78
N ASP A 17 -15.65 -32.09 13.67
CA ASP A 17 -15.11 -32.42 12.35
C ASP A 17 -14.58 -31.21 11.58
N ILE A 18 -14.90 -29.98 12.01
CA ILE A 18 -14.49 -28.76 11.34
C ILE A 18 -13.46 -28.01 12.18
N THR A 19 -12.44 -27.47 11.52
CA THR A 19 -11.43 -26.61 12.14
C THR A 19 -11.18 -25.41 11.23
N ILE A 20 -10.85 -24.25 11.80
CA ILE A 20 -10.64 -23.01 11.07
C ILE A 20 -9.29 -22.43 11.50
N THR A 21 -8.52 -21.90 10.55
CA THR A 21 -7.19 -21.34 10.82
C THR A 21 -7.08 -19.95 10.21
N ILE A 22 -6.63 -18.97 10.99
CA ILE A 22 -6.28 -17.66 10.46
C ILE A 22 -4.85 -17.74 9.94
N LEU A 23 -4.69 -17.95 8.63
CA LEU A 23 -3.38 -18.15 8.03
C LEU A 23 -2.58 -16.85 8.07
N GLY A 24 -3.26 -15.70 7.99
CA GLY A 24 -2.66 -14.40 8.23
C GLY A 24 -3.58 -13.25 7.86
N VAL A 25 -3.06 -12.02 7.95
CA VAL A 25 -3.83 -10.80 7.78
C VAL A 25 -3.10 -9.80 6.89
N SER A 26 -3.88 -9.01 6.13
CA SER A 26 -3.39 -8.11 5.12
C SER A 26 -4.15 -6.79 5.18
N GLY A 27 -3.99 -6.06 6.30
CA GLY A 27 -4.69 -4.81 6.53
C GLY A 27 -6.17 -5.03 6.80
N GLN A 28 -7.04 -4.49 5.94
CA GLN A 28 -8.48 -4.56 6.10
C GLN A 28 -9.07 -5.86 5.55
N GLN A 29 -8.22 -6.73 4.98
CA GLN A 29 -8.62 -8.09 4.63
C GLN A 29 -7.82 -9.14 5.39
N VAL A 30 -8.39 -10.35 5.45
CA VAL A 30 -8.01 -11.43 6.32
C VAL A 30 -7.94 -12.74 5.53
N ARG A 31 -6.87 -13.52 5.69
CA ARG A 31 -6.70 -14.77 4.96
C ARG A 31 -6.99 -15.95 5.89
N ILE A 32 -8.17 -16.54 5.73
CA ILE A 32 -8.70 -17.60 6.57
C ILE A 32 -8.77 -18.91 5.78
N GLY A 33 -8.30 -20.00 6.39
CA GLY A 33 -8.46 -21.35 5.86
C GLY A 33 -9.48 -22.14 6.68
N ILE A 34 -10.31 -22.92 5.98
CA ILE A 34 -11.31 -23.80 6.56
C ILE A 34 -10.86 -25.24 6.35
N ASN A 35 -10.92 -26.06 7.39
CA ASN A 35 -10.56 -27.47 7.36
C ASN A 35 -11.77 -28.30 7.75
N ALA A 36 -12.70 -28.41 6.80
CA ALA A 36 -13.88 -29.24 6.88
C ALA A 36 -13.80 -30.39 5.87
N PRO A 37 -14.47 -31.52 6.11
CA PRO A 37 -14.49 -32.64 5.19
C PRO A 37 -15.39 -32.33 4.00
N LYS A 38 -15.14 -32.98 2.86
CA LYS A 38 -15.90 -32.76 1.64
C LYS A 38 -17.34 -33.26 1.75
N ASP A 39 -17.68 -33.90 2.86
CA ASP A 39 -19.05 -34.26 3.22
C ASP A 39 -19.90 -33.04 3.54
N VAL A 40 -19.28 -31.94 3.98
CA VAL A 40 -19.96 -30.67 4.20
C VAL A 40 -19.46 -29.59 3.25
N ALA A 41 -20.38 -28.74 2.82
CA ALA A 41 -20.11 -27.64 1.90
C ALA A 41 -19.60 -26.42 2.66
N VAL A 42 -18.65 -25.67 2.08
CA VAL A 42 -18.19 -24.41 2.63
C VAL A 42 -18.11 -23.36 1.53
N HIS A 43 -18.68 -22.18 1.76
CA HIS A 43 -18.73 -21.11 0.78
C HIS A 43 -18.76 -19.73 1.44
N ARG A 44 -18.36 -18.71 0.68
CA ARG A 44 -18.54 -17.31 1.04
C ARG A 44 -20.02 -17.00 1.13
N GLU A 45 -20.44 -15.95 1.84
CA GLU A 45 -21.86 -15.62 1.90
C GLU A 45 -22.43 -15.27 0.53
N GLU A 46 -21.70 -14.49 -0.27
CA GLU A 46 -22.13 -14.12 -1.62
C GLU A 46 -22.02 -15.29 -2.61
N ILE A 47 -21.56 -16.46 -2.15
CA ILE A 47 -21.50 -17.68 -2.93
C ILE A 47 -22.31 -18.79 -2.27
N TYR A 48 -22.78 -18.61 -1.04
CA TYR A 48 -23.72 -19.50 -0.41
C TYR A 48 -25.13 -19.20 -0.89
N GLN A 49 -25.47 -17.92 -0.99
CA GLN A 49 -26.81 -17.49 -1.34
C GLN A 49 -27.10 -17.72 -2.83
N ARG A 50 -26.06 -17.86 -3.66
CA ARG A 50 -26.21 -18.21 -5.06
C ARG A 50 -26.51 -19.69 -5.23
N ILE A 51 -25.97 -20.55 -4.36
CA ILE A 51 -26.30 -21.96 -4.28
C ILE A 51 -27.75 -22.12 -3.84
N GLN A 52 -28.12 -21.44 -2.75
CA GLN A 52 -29.43 -21.59 -2.14
C GLN A 52 -30.49 -20.72 -2.82
N ALA A 53 -30.13 -20.04 -3.90
CA ALA A 53 -31.08 -19.36 -4.76
C ALA A 53 -32.06 -20.34 -5.39
N GLY A 54 -31.66 -21.61 -5.50
CA GLY A 54 -32.52 -22.71 -5.90
C GLY A 54 -31.81 -23.74 -6.78
N LEU A 55 -30.57 -23.49 -7.19
CA LEU A 55 -29.90 -24.30 -8.18
C LEU A 55 -29.13 -25.45 -7.55
N THR A 56 -29.84 -26.58 -7.41
CA THR A 56 -29.27 -27.84 -6.94
C THR A 56 -30.05 -29.03 -7.49
N ALA A 57 -31.35 -28.83 -7.79
CA ALA A 57 -32.20 -29.80 -8.43
C ALA A 57 -31.64 -30.25 -9.79
N PRO A 58 -31.96 -31.47 -10.23
CA PRO A 58 -31.53 -31.98 -11.52
C PRO A 58 -32.21 -31.24 -12.66
N ASP A 59 -31.59 -31.34 -13.84
CA ASP A 59 -32.17 -30.90 -15.10
C ASP A 59 -33.45 -31.67 -15.43
N MET B 1 -7.56 -27.94 3.15
CA MET B 1 -7.85 -26.53 3.49
C MET B 1 -8.57 -25.85 2.33
N LEU B 2 -9.69 -25.18 2.60
CA LEU B 2 -10.36 -24.30 1.67
C LEU B 2 -10.15 -22.86 2.13
N ILE B 3 -9.49 -22.04 1.32
CA ILE B 3 -8.97 -20.75 1.76
C ILE B 3 -9.68 -19.59 1.08
N LEU B 4 -9.97 -18.55 1.87
CA LEU B 4 -10.69 -17.36 1.46
C LEU B 4 -10.02 -16.12 2.03
N THR B 5 -9.91 -15.08 1.19
CA THR B 5 -9.42 -13.78 1.59
C THR B 5 -10.60 -12.85 1.77
N ARG B 6 -10.98 -12.63 3.03
CA ARG B 6 -12.21 -11.99 3.47
C ARG B 6 -11.92 -10.60 4.03
N LYS B 7 -12.65 -9.61 3.53
CA LYS B 7 -12.61 -8.27 4.09
C LYS B 7 -13.41 -8.20 5.38
N VAL B 8 -13.08 -7.25 6.25
CA VAL B 8 -13.89 -7.05 7.44
C VAL B 8 -15.32 -6.67 7.08
N GLY B 9 -16.28 -7.31 7.73
CA GLY B 9 -17.70 -7.09 7.49
C GLY B 9 -18.34 -8.04 6.47
N GLU B 10 -17.55 -8.90 5.84
CA GLU B 10 -18.06 -9.96 4.98
C GLU B 10 -18.33 -11.24 5.78
N SER B 11 -18.98 -12.23 5.15
CA SER B 11 -19.48 -13.41 5.82
C SER B 11 -19.20 -14.69 5.02
N ILE B 12 -19.33 -15.83 5.71
CA ILE B 12 -18.99 -17.16 5.22
C ILE B 12 -19.99 -18.16 5.82
N ASN B 13 -20.15 -19.33 5.18
CA ASN B 13 -21.11 -20.35 5.58
C ASN B 13 -20.48 -21.75 5.54
N ILE B 14 -20.91 -22.61 6.46
CA ILE B 14 -20.46 -23.99 6.58
C ILE B 14 -21.67 -24.90 6.80
N GLY B 15 -21.80 -25.96 6.00
CA GLY B 15 -22.92 -26.87 6.05
C GLY B 15 -24.24 -26.15 5.81
N ASP B 16 -25.24 -26.44 6.64
CA ASP B 16 -26.53 -25.77 6.62
C ASP B 16 -26.94 -25.25 8.00
N ASP B 17 -26.06 -25.36 9.00
CA ASP B 17 -26.33 -24.90 10.36
C ASP B 17 -25.40 -23.76 10.80
N ILE B 18 -24.24 -23.57 10.15
CA ILE B 18 -23.21 -22.68 10.64
C ILE B 18 -22.98 -21.51 9.69
N THR B 19 -22.89 -20.31 10.27
CA THR B 19 -22.50 -19.09 9.58
C THR B 19 -21.39 -18.40 10.36
N ILE B 20 -20.49 -17.71 9.64
CA ILE B 20 -19.33 -17.03 10.18
C ILE B 20 -19.32 -15.60 9.65
N THR B 21 -18.94 -14.64 10.50
CA THR B 21 -18.75 -13.25 10.09
C THR B 21 -17.43 -12.72 10.64
N ILE B 22 -16.63 -12.09 9.79
CA ILE B 22 -15.40 -11.44 10.20
C ILE B 22 -15.73 -10.02 10.65
N LEU B 23 -15.95 -9.85 11.96
CA LEU B 23 -16.45 -8.60 12.50
C LEU B 23 -15.43 -7.48 12.30
N GLY B 24 -14.15 -7.82 12.37
CA GLY B 24 -13.07 -6.90 12.06
C GLY B 24 -11.72 -7.41 12.52
N VAL B 25 -10.67 -6.62 12.32
CA VAL B 25 -9.36 -6.88 12.90
C VAL B 25 -9.03 -5.80 13.93
N SER B 26 -8.25 -6.20 14.94
CA SER B 26 -7.65 -5.29 15.89
C SER B 26 -6.15 -5.52 15.89
N GLY B 27 -5.47 -4.96 14.88
CA GLY B 27 -4.05 -5.17 14.68
C GLY B 27 -3.80 -6.52 13.99
N GLN B 28 -3.06 -7.41 14.66
CA GLN B 28 -2.84 -8.77 14.20
C GLN B 28 -3.78 -9.75 14.89
N GLN B 29 -4.77 -9.19 15.62
CA GLN B 29 -5.87 -9.93 16.17
C GLN B 29 -7.10 -9.79 15.28
N VAL B 30 -7.98 -10.79 15.31
CA VAL B 30 -9.07 -10.90 14.36
C VAL B 30 -10.35 -11.25 15.11
N ARG B 31 -11.31 -10.31 15.16
CA ARG B 31 -12.59 -10.46 15.83
C ARG B 31 -13.57 -11.19 14.92
N ILE B 32 -14.00 -12.38 15.33
CA ILE B 32 -14.80 -13.29 14.52
C ILE B 32 -16.08 -13.64 15.26
N GLY B 33 -17.23 -13.50 14.59
CA GLY B 33 -18.51 -13.96 15.09
C GLY B 33 -18.84 -15.34 14.53
N ILE B 34 -19.27 -16.24 15.41
CA ILE B 34 -19.64 -17.60 15.04
C ILE B 34 -21.11 -17.83 15.38
N ASN B 35 -21.83 -18.32 14.38
CA ASN B 35 -23.27 -18.40 14.38
C ASN B 35 -23.71 -19.80 13.99
N ALA B 36 -23.55 -20.71 14.95
CA ALA B 36 -24.03 -22.07 14.90
C ALA B 36 -25.02 -22.29 16.04
N PRO B 37 -25.90 -23.28 15.92
CA PRO B 37 -26.72 -23.70 17.04
C PRO B 37 -25.81 -24.16 18.18
N LYS B 38 -26.31 -24.03 19.41
CA LYS B 38 -25.69 -24.54 20.62
C LYS B 38 -25.68 -26.07 20.67
N ASP B 39 -26.25 -26.65 19.63
CA ASP B 39 -26.21 -28.07 19.30
C ASP B 39 -24.79 -28.54 18.97
N VAL B 40 -23.96 -27.62 18.44
CA VAL B 40 -22.57 -27.87 18.14
C VAL B 40 -21.68 -27.15 19.15
N ALA B 41 -20.55 -27.77 19.51
CA ALA B 41 -19.56 -27.10 20.33
C ALA B 41 -18.60 -26.26 19.49
N VAL B 42 -18.25 -25.10 20.04
CA VAL B 42 -17.58 -24.03 19.32
C VAL B 42 -16.60 -23.32 20.24
N HIS B 43 -15.31 -23.65 20.13
CA HIS B 43 -14.24 -23.07 20.92
C HIS B 43 -12.95 -22.96 20.11
N ARG B 44 -11.97 -22.20 20.62
CA ARG B 44 -10.63 -22.21 20.07
C ARG B 44 -9.95 -23.55 20.36
N GLU B 45 -8.92 -23.90 19.58
CA GLU B 45 -8.22 -25.17 19.70
C GLU B 45 -7.71 -25.41 21.12
N GLU B 46 -7.22 -24.37 21.80
CA GLU B 46 -6.78 -24.46 23.18
C GLU B 46 -7.80 -25.18 24.05
N ILE B 47 -9.06 -24.78 23.90
CA ILE B 47 -10.18 -25.19 24.71
C ILE B 47 -10.66 -26.56 24.27
N TYR B 48 -10.83 -26.71 22.95
CA TYR B 48 -11.25 -27.95 22.32
C TYR B 48 -10.42 -29.13 22.78
N GLN B 49 -9.13 -28.91 23.01
CA GLN B 49 -8.19 -29.96 23.39
C GLN B 49 -8.41 -30.49 24.80
N ARG B 50 -9.04 -29.73 25.71
CA ARG B 50 -9.48 -30.23 26.99
C ARG B 50 -10.83 -30.94 26.86
N ILE B 51 -11.72 -30.38 26.05
CA ILE B 51 -13.08 -30.91 25.89
C ILE B 51 -13.00 -32.31 25.30
N GLN B 52 -12.10 -32.51 24.34
CA GLN B 52 -11.83 -33.82 23.78
C GLN B 52 -10.89 -34.67 24.64
N ALA B 53 -10.52 -34.17 25.83
CA ALA B 53 -9.84 -34.96 26.84
C ALA B 53 -10.82 -35.85 27.60
N GLY B 54 -12.13 -35.51 27.56
CA GLY B 54 -13.19 -36.38 28.05
C GLY B 54 -14.23 -35.65 28.90
N LEU B 55 -14.73 -34.51 28.44
CA LEU B 55 -15.53 -33.61 29.25
C LEU B 55 -16.20 -32.51 28.44
N THR B 56 -16.90 -31.60 29.14
CA THR B 56 -17.41 -30.35 28.62
C THR B 56 -16.93 -29.20 29.51
N ALA B 57 -17.34 -27.97 29.20
CA ALA B 57 -17.00 -26.79 29.98
C ALA B 57 -17.06 -27.07 31.48
N PRO B 58 -15.95 -26.92 32.22
CA PRO B 58 -15.86 -27.39 33.59
C PRO B 58 -16.74 -26.60 34.56
N ASP B 59 -16.73 -27.05 35.82
CA ASP B 59 -17.44 -26.42 36.92
C ASP B 59 -16.94 -25.01 37.23
N MET C 1 -17.07 31.00 -6.83
CA MET C 1 -16.20 29.86 -7.15
C MET C 1 -16.90 28.90 -8.10
N LEU C 2 -16.29 28.61 -9.25
CA LEU C 2 -16.71 27.53 -10.14
C LEU C 2 -15.68 26.41 -10.02
N ILE C 3 -16.07 25.28 -9.42
CA ILE C 3 -15.22 24.11 -9.28
C ILE C 3 -15.34 23.25 -10.54
N LEU C 4 -14.19 22.81 -11.06
CA LEU C 4 -14.08 21.82 -12.11
C LEU C 4 -13.09 20.73 -11.69
N THR C 5 -13.39 19.48 -12.01
CA THR C 5 -12.42 18.40 -11.87
C THR C 5 -11.79 18.06 -13.22
N ARG C 6 -10.50 17.73 -13.20
CA ARG C 6 -9.78 17.25 -14.38
C ARG C 6 -8.93 16.03 -14.02
N LYS C 7 -8.90 15.07 -14.95
CA LYS C 7 -7.95 13.95 -14.90
C LYS C 7 -6.59 14.46 -15.34
N VAL C 8 -5.49 13.82 -14.94
CA VAL C 8 -4.17 14.28 -15.33
C VAL C 8 -4.02 14.31 -16.86
N GLY C 9 -3.50 15.42 -17.37
CA GLY C 9 -3.32 15.68 -18.78
C GLY C 9 -4.53 16.34 -19.46
N GLU C 10 -5.63 16.55 -18.74
CA GLU C 10 -6.80 17.24 -19.26
C GLU C 10 -6.69 18.75 -19.07
N SER C 11 -7.64 19.51 -19.63
CA SER C 11 -7.52 20.96 -19.77
C SER C 11 -8.79 21.72 -19.41
N ILE C 12 -8.61 23.01 -19.11
CA ILE C 12 -9.60 23.99 -18.72
C ILE C 12 -9.30 25.29 -19.46
N ASN C 13 -10.29 26.18 -19.61
CA ASN C 13 -10.12 27.47 -20.26
C ASN C 13 -10.73 28.60 -19.43
N ILE C 14 -10.15 29.80 -19.56
CA ILE C 14 -10.64 31.01 -18.92
C ILE C 14 -10.66 32.14 -19.95
N GLY C 15 -11.74 32.93 -19.95
CA GLY C 15 -11.96 33.97 -20.94
C GLY C 15 -12.00 33.41 -22.36
N ASP C 16 -11.41 34.16 -23.30
CA ASP C 16 -11.16 33.73 -24.67
C ASP C 16 -9.67 33.70 -24.98
N ASP C 17 -8.83 33.91 -23.97
CA ASP C 17 -7.40 34.15 -24.13
C ASP C 17 -6.53 33.22 -23.28
N ILE C 18 -7.10 32.51 -22.30
CA ILE C 18 -6.33 31.74 -21.34
C ILE C 18 -6.71 30.27 -21.41
N THR C 19 -5.68 29.40 -21.40
CA THR C 19 -5.83 27.95 -21.30
C THR C 19 -5.07 27.45 -20.08
N ILE C 20 -5.62 26.45 -19.39
CA ILE C 20 -5.03 25.82 -18.22
C ILE C 20 -4.94 24.32 -18.49
N THR C 21 -3.83 23.68 -18.08
CA THR C 21 -3.68 22.24 -18.18
C THR C 21 -3.18 21.67 -16.86
N ILE C 22 -3.84 20.62 -16.36
CA ILE C 22 -3.29 19.87 -15.25
C ILE C 22 -2.34 18.83 -15.84
N LEU C 23 -1.04 18.97 -15.57
CA LEU C 23 -0.03 18.18 -16.25
C LEU C 23 0.12 16.83 -15.57
N GLY C 24 0.18 16.82 -14.24
CA GLY C 24 0.09 15.58 -13.47
C GLY C 24 0.20 15.80 -11.97
N VAL C 25 0.17 14.71 -11.20
CA VAL C 25 0.38 14.74 -9.76
C VAL C 25 1.66 14.01 -9.38
N SER C 26 2.28 14.43 -8.28
CA SER C 26 3.40 13.76 -7.66
C SER C 26 3.21 13.83 -6.14
N GLY C 27 2.73 12.75 -5.53
CA GLY C 27 2.30 12.80 -4.14
C GLY C 27 1.07 13.68 -4.00
N GLN C 28 1.18 14.69 -3.12
CA GLN C 28 0.15 15.70 -2.91
C GLN C 28 0.40 16.95 -3.74
N GLN C 29 1.48 16.99 -4.51
CA GLN C 29 1.77 18.07 -5.44
C GLN C 29 1.07 17.82 -6.77
N VAL C 30 0.78 18.92 -7.47
CA VAL C 30 0.17 18.94 -8.79
C VAL C 30 1.01 19.86 -9.69
N ARG C 31 1.53 19.33 -10.80
CA ARG C 31 2.13 20.17 -11.82
C ARG C 31 1.03 20.74 -12.70
N ILE C 32 0.89 22.06 -12.71
CA ILE C 32 -0.17 22.80 -13.39
C ILE C 32 0.47 23.75 -14.39
N GLY C 33 -0.01 23.75 -15.65
CA GLY C 33 0.40 24.69 -16.67
C GLY C 33 -0.63 25.79 -16.89
N ILE C 34 -0.16 27.03 -17.04
CA ILE C 34 -0.97 28.20 -17.29
C ILE C 34 -0.51 28.87 -18.57
N ASN C 35 -1.41 29.02 -19.55
CA ASN C 35 -1.11 29.63 -20.83
C ASN C 35 -1.97 30.88 -21.02
N ALA C 36 -1.39 32.04 -20.75
CA ALA C 36 -2.04 33.33 -20.92
C ALA C 36 -1.08 34.31 -21.61
N PRO C 37 -1.59 35.33 -22.30
CA PRO C 37 -0.76 36.40 -22.85
C PRO C 37 -0.05 37.16 -21.74
N LYS C 38 1.13 37.73 -22.04
CA LYS C 38 1.85 38.60 -21.12
C LYS C 38 1.11 39.92 -20.87
N ASP C 39 -0.05 40.10 -21.51
CA ASP C 39 -0.98 41.17 -21.22
C ASP C 39 -1.58 41.03 -19.82
N VAL C 40 -1.58 39.81 -19.27
CA VAL C 40 -2.00 39.51 -17.91
C VAL C 40 -0.86 38.84 -17.14
N ALA C 41 -0.82 39.08 -15.83
CA ALA C 41 0.15 38.43 -14.95
C ALA C 41 -0.35 37.07 -14.49
N VAL C 42 0.57 36.16 -14.15
CA VAL C 42 0.24 34.91 -13.47
C VAL C 42 1.25 34.65 -12.36
N HIS C 43 0.78 34.31 -11.16
CA HIS C 43 1.64 34.05 -10.01
C HIS C 43 0.94 33.11 -9.03
N ARG C 44 1.73 32.36 -8.24
CA ARG C 44 1.18 31.66 -7.10
C ARG C 44 0.89 32.66 -5.98
N GLU C 45 0.02 32.30 -5.03
CA GLU C 45 -0.52 33.26 -4.07
C GLU C 45 0.57 33.88 -3.19
N GLU C 46 1.63 33.12 -2.89
CA GLU C 46 2.75 33.60 -2.10
C GLU C 46 3.62 34.61 -2.83
N ILE C 47 3.58 34.65 -4.17
CA ILE C 47 4.25 35.67 -4.97
C ILE C 47 3.27 36.80 -5.32
N TYR C 48 2.00 36.48 -5.54
CA TYR C 48 0.97 37.45 -5.91
C TYR C 48 0.92 38.62 -4.94
N GLN C 49 1.14 38.37 -3.65
CA GLN C 49 1.13 39.38 -2.60
C GLN C 49 2.16 40.48 -2.84
N ARG C 50 3.27 40.18 -3.50
CA ARG C 50 4.27 41.17 -3.88
C ARG C 50 3.74 42.12 -4.95
N ILE C 51 2.97 41.61 -5.91
CA ILE C 51 2.38 42.45 -6.95
C ILE C 51 1.33 43.37 -6.34
N GLN C 52 0.81 43.00 -5.16
CA GLN C 52 -0.10 43.83 -4.37
C GLN C 52 0.65 44.72 -3.38
N ALA C 53 1.95 44.49 -3.16
CA ALA C 53 2.77 45.28 -2.26
C ALA C 53 3.22 46.60 -2.91
N GLY C 54 3.21 46.66 -4.24
CA GLY C 54 3.65 47.82 -5.01
C GLY C 54 5.11 47.68 -5.44
N LEU C 55 5.38 48.06 -6.69
CA LEU C 55 6.67 47.86 -7.34
C LEU C 55 6.97 48.96 -8.36
N THR C 56 8.24 49.10 -8.71
CA THR C 56 8.73 50.14 -9.61
C THR C 56 9.80 49.58 -10.56
N ALA C 57 10.03 50.28 -11.67
CA ALA C 57 11.00 49.95 -12.70
C ALA C 57 10.93 48.48 -13.14
N PRO C 58 9.95 48.12 -13.98
CA PRO C 58 9.81 46.78 -14.51
C PRO C 58 10.96 46.35 -15.42
N ASP C 59 10.91 45.10 -15.86
CA ASP C 59 11.90 44.49 -16.74
C ASP C 59 11.93 45.13 -18.12
N MET D 1 3.44 29.52 -21.88
CA MET D 1 3.02 28.73 -20.71
C MET D 1 3.96 28.96 -19.54
N LEU D 2 3.38 29.18 -18.36
CA LEU D 2 4.05 29.19 -17.07
C LEU D 2 3.56 27.99 -16.28
N ILE D 3 4.46 27.02 -16.03
CA ILE D 3 4.20 25.81 -15.28
C ILE D 3 4.69 25.97 -13.84
N LEU D 4 3.85 25.59 -12.88
CA LEU D 4 4.17 25.52 -11.46
C LEU D 4 3.93 24.10 -10.95
N THR D 5 4.34 23.87 -9.71
CA THR D 5 4.01 22.66 -8.98
C THR D 5 3.59 23.05 -7.56
N ARG D 6 2.30 22.89 -7.25
CA ARG D 6 1.71 23.29 -5.98
C ARG D 6 1.03 22.11 -5.30
N LYS D 7 1.00 22.11 -3.96
CA LYS D 7 0.30 21.08 -3.21
C LYS D 7 -1.20 21.36 -3.13
N VAL D 8 -1.97 20.32 -2.82
CA VAL D 8 -3.38 20.43 -2.49
C VAL D 8 -3.60 21.41 -1.35
N GLY D 9 -4.66 22.23 -1.46
CA GLY D 9 -5.01 23.27 -0.50
C GLY D 9 -4.37 24.62 -0.80
N GLU D 10 -3.48 24.71 -1.81
CA GLU D 10 -2.81 25.96 -2.15
C GLU D 10 -3.57 26.77 -3.19
N SER D 11 -3.07 27.98 -3.48
CA SER D 11 -3.75 28.98 -4.29
C SER D 11 -2.81 29.63 -5.31
N ILE D 12 -3.39 30.09 -6.42
CA ILE D 12 -2.71 30.69 -7.56
C ILE D 12 -3.59 31.83 -8.10
N ASN D 13 -3.00 32.74 -8.87
CA ASN D 13 -3.65 33.97 -9.32
C ASN D 13 -3.36 34.27 -10.78
N ILE D 14 -4.35 34.87 -11.46
CA ILE D 14 -4.28 35.27 -12.86
C ILE D 14 -4.84 36.67 -13.01
N GLY D 15 -4.16 37.52 -13.79
CA GLY D 15 -4.50 38.93 -13.93
C GLY D 15 -4.50 39.64 -12.57
N ASP D 16 -5.52 40.46 -12.34
CA ASP D 16 -5.78 41.09 -11.05
C ASP D 16 -7.22 40.86 -10.58
N ASP D 17 -7.97 39.98 -11.26
CA ASP D 17 -9.36 39.68 -10.95
C ASP D 17 -9.63 38.19 -10.74
N ILE D 18 -8.70 37.31 -11.13
CA ILE D 18 -8.95 35.87 -11.14
C ILE D 18 -8.06 35.16 -10.12
N THR D 19 -8.68 34.24 -9.36
CA THR D 19 -8.00 33.39 -8.40
C THR D 19 -8.30 31.93 -8.69
N ILE D 20 -7.32 31.05 -8.42
CA ILE D 20 -7.40 29.61 -8.58
C ILE D 20 -7.04 28.98 -7.23
N THR D 21 -7.71 27.87 -6.89
CA THR D 21 -7.41 27.12 -5.68
C THR D 21 -7.43 25.63 -6.00
N ILE D 22 -6.34 24.91 -5.71
CA ILE D 22 -6.33 23.46 -5.84
C ILE D 22 -7.00 22.88 -4.59
N LEU D 23 -8.23 22.40 -4.74
CA LEU D 23 -9.06 21.97 -3.62
C LEU D 23 -8.64 20.59 -3.14
N GLY D 24 -8.16 19.74 -4.06
CA GLY D 24 -7.57 18.46 -3.70
C GLY D 24 -7.41 17.53 -4.88
N VAL D 25 -7.00 16.29 -4.61
CA VAL D 25 -6.99 15.20 -5.59
C VAL D 25 -8.01 14.13 -5.23
N SER D 26 -8.33 13.28 -6.20
CA SER D 26 -9.09 12.05 -6.00
C SER D 26 -8.59 11.02 -7.00
N GLY D 27 -7.48 10.38 -6.68
CA GLY D 27 -6.78 9.50 -7.60
C GLY D 27 -6.02 10.31 -8.66
N GLN D 28 -6.42 10.16 -9.92
CA GLN D 28 -5.87 10.90 -11.04
C GLN D 28 -6.68 12.16 -11.30
N GLN D 29 -7.87 12.26 -10.70
CA GLN D 29 -8.64 13.49 -10.74
C GLN D 29 -8.03 14.54 -9.82
N VAL D 30 -8.18 15.80 -10.23
CA VAL D 30 -7.69 16.96 -9.52
C VAL D 30 -8.83 17.97 -9.47
N ARG D 31 -9.29 18.28 -8.26
CA ARG D 31 -10.44 19.11 -8.00
C ARG D 31 -9.98 20.56 -7.84
N ILE D 32 -10.33 21.42 -8.80
CA ILE D 32 -9.78 22.77 -8.91
C ILE D 32 -10.92 23.79 -8.85
N GLY D 33 -10.82 24.74 -7.92
CA GLY D 33 -11.69 25.89 -7.84
C GLY D 33 -11.16 27.05 -8.66
N ILE D 34 -12.05 27.73 -9.39
CA ILE D 34 -11.75 28.95 -10.11
C ILE D 34 -12.68 30.05 -9.60
N ASN D 35 -12.17 31.28 -9.51
CA ASN D 35 -12.92 32.42 -9.00
C ASN D 35 -12.64 33.64 -9.88
N ALA D 36 -13.62 34.00 -10.71
CA ALA D 36 -13.51 35.08 -11.68
C ALA D 36 -14.84 35.83 -11.77
N PRO D 37 -14.84 37.10 -12.19
CA PRO D 37 -16.05 37.83 -12.51
C PRO D 37 -16.79 37.20 -13.68
N LYS D 38 -18.11 37.34 -13.74
CA LYS D 38 -18.90 36.89 -14.88
C LYS D 38 -18.66 37.70 -16.13
N ASP D 39 -17.79 38.72 -16.04
CA ASP D 39 -17.25 39.44 -17.17
C ASP D 39 -16.36 38.55 -18.03
N VAL D 40 -15.84 37.46 -17.46
CA VAL D 40 -15.05 36.46 -18.15
C VAL D 40 -15.65 35.07 -17.96
N ALA D 41 -15.31 34.16 -18.87
CA ALA D 41 -15.82 32.80 -18.86
C ALA D 41 -14.83 31.83 -18.21
N VAL D 42 -15.32 30.69 -17.71
CA VAL D 42 -14.47 29.59 -17.30
C VAL D 42 -15.19 28.26 -17.52
N HIS D 43 -14.56 27.33 -18.25
CA HIS D 43 -15.09 26.00 -18.49
C HIS D 43 -14.00 24.98 -18.72
N ARG D 44 -14.35 23.69 -18.68
CA ARG D 44 -13.48 22.62 -19.13
C ARG D 44 -13.20 22.79 -20.63
N GLU D 45 -12.09 22.25 -21.14
CA GLU D 45 -11.75 22.38 -22.55
C GLU D 45 -12.82 21.76 -23.44
N GLU D 46 -13.38 20.62 -23.03
CA GLU D 46 -14.46 19.93 -23.72
C GLU D 46 -15.74 20.77 -23.79
N ILE D 47 -15.91 21.70 -22.86
CA ILE D 47 -17.08 22.55 -22.74
C ILE D 47 -16.86 23.88 -23.45
N TYR D 48 -15.65 24.44 -23.29
CA TYR D 48 -15.26 25.74 -23.81
C TYR D 48 -15.61 25.89 -25.28
N GLN D 49 -15.50 24.79 -26.04
CA GLN D 49 -15.78 24.75 -27.47
C GLN D 49 -17.22 25.08 -27.82
N ARG D 50 -18.18 24.95 -26.90
CA ARG D 50 -19.60 25.16 -27.13
C ARG D 50 -19.94 26.64 -27.02
N ILE D 51 -19.32 27.32 -26.04
CA ILE D 51 -19.46 28.74 -25.78
C ILE D 51 -18.71 29.55 -26.83
N GLN D 52 -17.77 28.89 -27.53
CA GLN D 52 -16.97 29.48 -28.59
C GLN D 52 -17.40 29.08 -29.99
N ALA D 53 -18.18 28.00 -30.14
CA ALA D 53 -18.68 27.54 -31.43
C ALA D 53 -20.05 28.13 -31.77
N GLY D 54 -21.01 28.02 -30.85
CA GLY D 54 -22.37 28.51 -31.03
C GLY D 54 -22.90 29.26 -29.83
N LEU D 55 -22.07 29.39 -28.79
CA LEU D 55 -22.25 30.28 -27.67
C LEU D 55 -23.48 29.87 -26.87
N THR D 56 -23.45 28.62 -26.43
CA THR D 56 -24.61 27.93 -25.89
C THR D 56 -25.08 28.46 -24.55
N ALA D 57 -24.18 29.00 -23.74
CA ALA D 57 -24.52 29.77 -22.56
C ALA D 57 -23.73 31.09 -22.62
N PRO D 58 -24.32 32.15 -23.18
CA PRO D 58 -23.69 33.47 -23.29
C PRO D 58 -23.21 33.97 -21.94
N ASP D 59 -23.97 33.67 -20.90
CA ASP D 59 -23.82 34.21 -19.56
C ASP D 59 -24.65 33.39 -18.57
N MET E 1 34.44 -10.11 2.58
CA MET E 1 33.89 -9.01 1.77
C MET E 1 33.54 -9.48 0.36
N LEU E 2 32.39 -9.06 -0.16
CA LEU E 2 32.00 -9.27 -1.55
C LEU E 2 31.32 -8.01 -2.08
N ILE E 3 31.86 -7.45 -3.16
CA ILE E 3 31.25 -6.34 -3.89
C ILE E 3 30.67 -6.88 -5.20
N LEU E 4 29.40 -6.56 -5.48
CA LEU E 4 28.71 -6.97 -6.69
C LEU E 4 27.73 -5.90 -7.17
N THR E 5 27.27 -6.02 -8.42
CA THR E 5 26.35 -5.07 -9.02
C THR E 5 25.15 -5.81 -9.61
N ARG E 6 23.95 -5.43 -9.16
CA ARG E 6 22.70 -6.10 -9.50
C ARG E 6 21.65 -5.08 -9.90
N LYS E 7 20.85 -5.35 -10.94
CA LYS E 7 19.82 -4.41 -11.35
C LYS E 7 18.45 -4.76 -10.76
N VAL E 8 17.51 -3.82 -10.90
CA VAL E 8 16.22 -3.93 -10.23
C VAL E 8 15.48 -5.21 -10.62
N GLY E 9 14.88 -5.87 -9.63
CA GLY E 9 14.18 -7.13 -9.79
C GLY E 9 15.05 -8.37 -9.63
N GLU E 10 16.36 -8.21 -9.45
CA GLU E 10 17.28 -9.32 -9.26
C GLU E 10 17.50 -9.62 -7.77
N SER E 11 18.17 -10.75 -7.48
CA SER E 11 18.24 -11.30 -6.13
C SER E 11 19.66 -11.71 -5.73
N ILE E 12 19.90 -11.73 -4.42
CA ILE E 12 21.19 -12.01 -3.79
C ILE E 12 20.93 -12.82 -2.53
N ASN E 13 21.93 -13.57 -2.03
CA ASN E 13 21.74 -14.51 -0.94
C ASN E 13 22.90 -14.51 0.05
N ILE E 14 22.58 -14.82 1.31
CA ILE E 14 23.53 -14.88 2.41
C ILE E 14 23.22 -16.11 3.26
N GLY E 15 24.26 -16.79 3.74
CA GLY E 15 24.12 -18.00 4.54
C GLY E 15 23.40 -19.10 3.78
N ASP E 16 22.51 -19.81 4.48
CA ASP E 16 21.63 -20.81 3.89
C ASP E 16 20.15 -20.47 4.14
N ASP E 17 19.87 -19.29 4.67
CA ASP E 17 18.54 -18.93 5.17
C ASP E 17 18.12 -17.51 4.80
N ILE E 18 19.00 -16.68 4.24
CA ILE E 18 18.74 -15.27 4.01
C ILE E 18 18.75 -14.95 2.52
N THR E 19 17.76 -14.18 2.08
CA THR E 19 17.63 -13.68 0.72
C THR E 19 17.46 -12.17 0.72
N ILE E 20 18.06 -11.51 -0.27
CA ILE E 20 17.95 -10.08 -0.51
C ILE E 20 17.42 -9.87 -1.92
N THR E 21 16.47 -8.94 -2.09
CA THR E 21 15.86 -8.65 -3.37
C THR E 21 15.80 -7.14 -3.58
N ILE E 22 16.33 -6.64 -4.70
CA ILE E 22 16.15 -5.25 -5.07
C ILE E 22 14.77 -5.06 -5.66
N LEU E 23 13.87 -4.39 -4.94
CA LEU E 23 12.52 -4.13 -5.41
C LEU E 23 12.52 -3.01 -6.45
N GLY E 24 13.44 -2.05 -6.33
CA GLY E 24 13.69 -1.06 -7.36
C GLY E 24 14.31 0.23 -6.83
N VAL E 25 14.42 1.25 -7.68
CA VAL E 25 15.07 2.51 -7.35
C VAL E 25 14.14 3.71 -7.53
N SER E 26 14.47 4.82 -6.86
CA SER E 26 13.86 6.12 -7.05
C SER E 26 14.92 7.19 -6.83
N GLY E 27 15.62 7.58 -7.90
CA GLY E 27 16.78 8.46 -7.79
C GLY E 27 17.94 7.76 -7.10
N GLN E 28 18.31 8.23 -5.91
CA GLN E 28 19.37 7.62 -5.12
C GLN E 28 18.82 6.61 -4.12
N GLN E 29 17.51 6.69 -3.84
CA GLN E 29 16.82 5.78 -2.95
C GLN E 29 16.63 4.43 -3.63
N VAL E 30 16.80 3.37 -2.86
CA VAL E 30 16.83 2.00 -3.33
C VAL E 30 15.97 1.18 -2.39
N ARG E 31 14.83 0.68 -2.89
CA ARG E 31 13.90 -0.10 -2.10
C ARG E 31 14.29 -1.57 -2.15
N ILE E 32 14.59 -2.14 -0.98
CA ILE E 32 15.21 -3.46 -0.85
C ILE E 32 14.36 -4.34 0.06
N GLY E 33 14.04 -5.55 -0.40
CA GLY E 33 13.44 -6.59 0.41
C GLY E 33 14.50 -7.47 1.06
N ILE E 34 14.27 -7.86 2.31
CA ILE E 34 15.16 -8.70 3.10
C ILE E 34 14.35 -9.81 3.74
N ASN E 35 14.77 -11.05 3.53
CA ASN E 35 14.00 -12.22 3.92
C ASN E 35 14.87 -13.16 4.74
N ALA E 36 14.73 -13.07 6.06
CA ALA E 36 15.44 -13.91 7.03
C ALA E 36 14.48 -14.42 8.09
N PRO E 37 14.79 -15.56 8.73
CA PRO E 37 14.04 -16.06 9.87
C PRO E 37 14.07 -15.10 11.04
N LYS E 38 13.09 -15.22 11.94
CA LYS E 38 13.05 -14.48 13.20
C LYS E 38 14.08 -14.98 14.20
N ASP E 39 14.84 -16.02 13.82
CA ASP E 39 16.00 -16.50 14.53
C ASP E 39 17.14 -15.48 14.50
N VAL E 40 17.14 -14.57 13.52
CA VAL E 40 18.15 -13.54 13.35
C VAL E 40 17.51 -12.16 13.36
N ALA E 41 18.29 -11.13 13.68
CA ALA E 41 17.82 -9.76 13.64
C ALA E 41 18.15 -9.08 12.31
N VAL E 42 17.43 -8.00 11.99
CA VAL E 42 17.75 -7.14 10.87
C VAL E 42 17.20 -5.74 11.09
N HIS E 43 18.06 -4.73 10.94
CA HIS E 43 17.71 -3.32 10.99
C HIS E 43 18.69 -2.52 10.13
N ARG E 44 18.46 -1.22 9.94
CA ARG E 44 19.48 -0.38 9.32
C ARG E 44 20.53 0.03 10.35
N GLU E 45 21.66 0.56 9.87
CA GLU E 45 22.82 0.81 10.71
C GLU E 45 22.52 1.75 11.87
N GLU E 46 21.58 2.69 11.67
CA GLU E 46 21.10 3.60 12.69
C GLU E 46 20.52 2.84 13.88
N ILE E 47 19.65 1.88 13.60
CA ILE E 47 18.86 1.17 14.61
C ILE E 47 19.71 0.07 15.25
N TYR E 48 20.60 -0.54 14.46
CA TYR E 48 21.50 -1.59 14.92
C TYR E 48 22.27 -1.21 16.18
N GLN E 49 22.63 0.07 16.31
CA GLN E 49 23.40 0.58 17.44
C GLN E 49 22.69 0.38 18.78
N ARG E 50 21.37 0.22 18.77
CA ARG E 50 20.60 -0.10 19.97
C ARG E 50 20.88 -1.53 20.39
N ILE E 51 20.83 -2.46 19.43
CA ILE E 51 21.03 -3.88 19.61
C ILE E 51 22.45 -4.17 20.07
N GLN E 52 23.38 -3.25 19.79
CA GLN E 52 24.72 -3.28 20.34
C GLN E 52 24.89 -2.64 21.72
N ALA E 53 24.25 -1.48 21.98
CA ALA E 53 24.56 -0.67 23.15
C ALA E 53 23.56 -0.70 24.28
N GLY E 54 22.26 -0.82 24.00
CA GLY E 54 21.18 -0.65 24.95
C GLY E 54 20.24 -1.84 25.04
N LEU E 55 20.20 -2.62 23.95
CA LEU E 55 19.57 -3.93 23.81
C LEU E 55 18.05 -3.88 23.98
N THR E 56 17.41 -5.02 23.74
CA THR E 56 15.96 -5.13 23.75
C THR E 56 15.42 -5.60 25.10
N ALA E 57 16.31 -6.04 26.00
CA ALA E 57 15.98 -6.36 27.38
C ALA E 57 17.08 -5.82 28.31
N PRO E 58 16.72 -5.14 29.41
CA PRO E 58 17.66 -4.76 30.45
C PRO E 58 18.23 -5.95 31.20
N ASP E 59 19.05 -5.66 32.21
CA ASP E 59 19.65 -6.64 33.10
C ASP E 59 18.61 -7.45 33.86
N MET F 1 9.86 -11.06 6.37
CA MET F 1 10.10 -10.25 5.16
C MET F 1 10.07 -8.77 5.47
N LEU F 2 11.23 -8.12 5.53
CA LEU F 2 11.34 -6.69 5.69
C LEU F 2 11.51 -5.99 4.36
N ILE F 3 11.02 -4.75 4.27
CA ILE F 3 11.29 -3.86 3.15
C ILE F 3 11.80 -2.52 3.71
N LEU F 4 12.88 -2.02 3.12
CA LEU F 4 13.53 -0.79 3.51
C LEU F 4 13.74 0.10 2.28
N THR F 5 13.96 1.40 2.50
CA THR F 5 14.40 2.30 1.44
C THR F 5 15.67 3.02 1.87
N ARG F 6 16.80 2.54 1.37
CA ARG F 6 18.14 3.04 1.66
C ARG F 6 18.66 3.83 0.46
N LYS F 7 19.34 4.97 0.64
CA LYS F 7 20.03 5.62 -0.47
C LYS F 7 21.53 5.37 -0.46
N VAL F 8 22.15 5.73 -1.59
CA VAL F 8 23.56 5.40 -1.83
C VAL F 8 24.48 5.92 -0.74
N GLY F 9 25.44 5.07 -0.36
CA GLY F 9 26.44 5.36 0.65
C GLY F 9 26.04 4.95 2.06
N GLU F 10 24.80 4.49 2.27
CA GLU F 10 24.29 4.13 3.58
C GLU F 10 24.36 2.62 3.82
N SER F 11 24.05 2.16 5.03
CA SER F 11 24.28 0.78 5.45
C SER F 11 23.10 0.14 6.16
N ILE F 12 23.06 -1.20 6.16
CA ILE F 12 22.06 -2.05 6.79
C ILE F 12 22.78 -3.21 7.48
N ASN F 13 22.15 -3.85 8.46
CA ASN F 13 22.77 -4.91 9.24
C ASN F 13 21.85 -6.12 9.42
N ILE F 14 22.47 -7.30 9.52
CA ILE F 14 21.78 -8.58 9.69
C ILE F 14 22.50 -9.41 10.74
N GLY F 15 21.76 -10.11 11.59
CA GLY F 15 22.30 -10.87 12.70
C GLY F 15 23.04 -9.95 13.68
N ASP F 16 24.23 -10.39 14.10
CA ASP F 16 25.15 -9.60 14.92
C ASP F 16 26.56 -9.56 14.33
N ASP F 17 26.73 -10.06 13.09
CA ASP F 17 28.02 -10.11 12.42
C ASP F 17 27.98 -9.56 10.99
N ILE F 18 26.82 -9.52 10.35
CA ILE F 18 26.72 -9.19 8.93
C ILE F 18 26.37 -7.72 8.72
N THR F 19 27.06 -7.08 7.78
CA THR F 19 26.81 -5.71 7.36
C THR F 19 26.63 -5.64 5.85
N ILE F 20 25.70 -4.78 5.41
CA ILE F 20 25.43 -4.49 4.02
C ILE F 20 25.64 -2.99 3.79
N THR F 21 26.18 -2.62 2.64
CA THR F 21 26.35 -1.23 2.24
C THR F 21 25.93 -1.06 0.79
N ILE F 22 25.04 -0.10 0.53
CA ILE F 22 24.69 0.30 -0.83
C ILE F 22 25.77 1.25 -1.35
N LEU F 23 26.55 0.81 -2.33
CA LEU F 23 27.73 1.52 -2.79
C LEU F 23 27.37 2.58 -3.83
N GLY F 24 26.27 2.36 -4.57
CA GLY F 24 25.71 3.36 -5.47
C GLY F 24 24.86 2.76 -6.59
N VAL F 25 24.42 3.60 -7.53
CA VAL F 25 23.59 3.19 -8.65
C VAL F 25 24.17 3.64 -9.99
N SER F 26 23.84 2.90 -11.04
CA SER F 26 24.10 3.26 -12.43
C SER F 26 22.90 2.88 -13.28
N GLY F 27 21.94 3.80 -13.43
CA GLY F 27 20.69 3.53 -14.12
C GLY F 27 19.82 2.55 -13.34
N GLN F 28 19.72 1.31 -13.82
CA GLN F 28 18.99 0.26 -13.12
C GLN F 28 19.91 -0.60 -12.26
N GLN F 29 21.22 -0.58 -12.57
CA GLN F 29 22.22 -1.33 -11.84
C GLN F 29 22.48 -0.69 -10.47
N VAL F 30 22.69 -1.53 -9.47
CA VAL F 30 22.86 -1.14 -8.09
C VAL F 30 24.07 -1.86 -7.53
N ARG F 31 25.12 -1.11 -7.19
CA ARG F 31 26.38 -1.66 -6.69
C ARG F 31 26.31 -1.77 -5.17
N ILE F 32 26.65 -2.96 -4.65
CA ILE F 32 26.41 -3.33 -3.27
C ILE F 32 27.65 -4.01 -2.69
N GLY F 33 27.95 -3.75 -1.42
CA GLY F 33 29.00 -4.41 -0.67
C GLY F 33 28.42 -5.21 0.49
N ILE F 34 28.95 -6.42 0.70
CA ILE F 34 28.49 -7.34 1.74
C ILE F 34 29.69 -7.77 2.58
N ASN F 35 29.52 -7.73 3.90
CA ASN F 35 30.54 -8.08 4.87
C ASN F 35 29.98 -9.11 5.84
N ALA F 36 30.41 -10.37 5.69
CA ALA F 36 30.00 -11.47 6.54
C ALA F 36 31.21 -12.27 7.01
N PRO F 37 31.07 -13.01 8.13
CA PRO F 37 32.10 -13.92 8.60
C PRO F 37 32.34 -15.08 7.63
N LYS F 38 33.50 -15.72 7.76
CA LYS F 38 33.83 -16.94 7.04
C LYS F 38 32.92 -18.11 7.37
N ASP F 39 32.14 -18.00 8.46
CA ASP F 39 31.23 -19.00 8.95
C ASP F 39 29.98 -19.13 8.07
N VAL F 40 29.74 -18.17 7.17
CA VAL F 40 28.61 -18.18 6.26
C VAL F 40 29.07 -17.99 4.82
N ALA F 41 28.18 -18.31 3.86
CA ALA F 41 28.40 -18.04 2.45
C ALA F 41 27.68 -16.76 2.01
N VAL F 42 28.08 -16.23 0.85
CA VAL F 42 27.40 -15.11 0.21
C VAL F 42 27.65 -15.12 -1.29
N HIS F 43 26.57 -15.10 -2.08
CA HIS F 43 26.64 -15.01 -3.53
C HIS F 43 25.38 -14.36 -4.10
N ARG F 44 25.32 -14.15 -5.41
CA ARG F 44 24.08 -13.77 -6.07
C ARG F 44 23.19 -14.99 -6.26
N GLU F 45 21.90 -14.79 -6.54
CA GLU F 45 20.92 -15.86 -6.58
C GLU F 45 21.27 -16.92 -7.64
N GLU F 46 21.94 -16.51 -8.71
CA GLU F 46 22.45 -17.41 -9.74
C GLU F 46 23.37 -18.47 -9.14
N ILE F 47 24.31 -18.03 -8.30
CA ILE F 47 25.38 -18.86 -7.80
C ILE F 47 24.94 -19.59 -6.53
N TYR F 48 24.04 -18.97 -5.76
CA TYR F 48 23.44 -19.56 -4.57
C TYR F 48 22.89 -20.96 -4.82
N GLN F 49 22.31 -21.19 -6.00
CA GLN F 49 21.71 -22.45 -6.39
C GLN F 49 22.70 -23.61 -6.36
N ARG F 50 24.01 -23.32 -6.46
CA ARG F 50 25.06 -24.33 -6.43
C ARG F 50 25.30 -24.82 -5.02
N ILE F 51 24.94 -24.03 -4.01
CA ILE F 51 25.16 -24.32 -2.61
C ILE F 51 23.89 -24.91 -2.00
N GLN F 52 22.74 -24.61 -2.58
CA GLN F 52 21.47 -25.25 -2.24
C GLN F 52 21.18 -26.57 -2.95
N ALA F 53 21.30 -26.63 -4.28
CA ALA F 53 20.74 -27.71 -5.07
C ALA F 53 21.72 -28.80 -5.50
N GLY F 54 23.01 -28.48 -5.65
CA GLY F 54 23.99 -29.37 -6.26
C GLY F 54 25.22 -29.58 -5.38
N LEU F 55 25.49 -28.57 -4.55
CA LEU F 55 26.50 -28.50 -3.50
C LEU F 55 27.92 -28.53 -4.03
N THR F 56 28.85 -28.05 -3.19
CA THR F 56 30.23 -27.91 -3.59
C THR F 56 31.09 -29.11 -3.19
N ALA F 57 30.49 -30.09 -2.53
CA ALA F 57 31.09 -31.39 -2.27
C ALA F 57 30.07 -32.49 -2.53
N PRO F 58 30.45 -33.59 -3.21
CA PRO F 58 29.61 -34.75 -3.38
C PRO F 58 29.32 -35.48 -2.07
N ASP F 59 28.53 -36.55 -2.18
CA ASP F 59 28.19 -37.42 -1.07
C ASP F 59 29.42 -38.07 -0.43
N MET A 1 -24.68 -15.83 19.57
CA MET A 1 -23.49 -15.85 18.70
C MET A 1 -22.23 -15.86 19.56
N LEU A 2 -21.28 -16.75 19.26
CA LEU A 2 -20.04 -16.90 20.03
C LEU A 2 -18.93 -16.11 19.37
N ILE A 3 -18.40 -15.09 20.05
CA ILE A 3 -17.30 -14.27 19.55
C ILE A 3 -15.99 -14.70 20.18
N LEU A 4 -14.93 -14.75 19.37
CA LEU A 4 -13.58 -15.07 19.80
C LEU A 4 -12.60 -14.10 19.14
N THR A 5 -11.38 -14.03 19.66
CA THR A 5 -10.35 -13.14 19.15
C THR A 5 -9.10 -13.97 18.87
N ARG A 6 -8.85 -14.32 17.60
CA ARG A 6 -7.77 -15.20 17.22
C ARG A 6 -6.65 -14.43 16.55
N LYS A 7 -5.40 -14.71 16.93
CA LYS A 7 -4.23 -14.11 16.32
C LYS A 7 -3.75 -15.00 15.20
N VAL A 8 -3.02 -14.43 14.22
CA VAL A 8 -2.70 -15.18 13.02
C VAL A 8 -1.87 -16.41 13.33
N GLY A 9 -2.23 -17.55 12.73
CA GLY A 9 -1.65 -18.85 13.01
C GLY A 9 -2.41 -19.67 14.05
N GLU A 10 -3.49 -19.14 14.62
CA GLU A 10 -4.34 -19.86 15.57
C GLU A 10 -5.56 -20.47 14.87
N SER A 11 -6.32 -21.30 15.60
CA SER A 11 -7.37 -22.14 15.02
C SER A 11 -8.62 -22.23 15.89
N ILE A 12 -9.75 -22.60 15.28
CA ILE A 12 -11.04 -22.81 15.90
C ILE A 12 -11.58 -24.15 15.41
N ASN A 13 -12.49 -24.76 16.19
CA ASN A 13 -13.07 -26.06 15.91
C ASN A 13 -14.59 -25.97 16.00
N ILE A 14 -15.26 -26.72 15.13
CA ILE A 14 -16.71 -26.72 15.01
C ILE A 14 -17.20 -28.15 14.86
N GLY A 15 -18.24 -28.52 15.63
CA GLY A 15 -18.78 -29.87 15.62
C GLY A 15 -17.73 -30.87 16.11
N ASP A 16 -17.54 -31.95 15.34
CA ASP A 16 -16.49 -32.93 15.56
C ASP A 16 -15.67 -33.22 14.30
N ASP A 17 -15.94 -32.49 13.22
CA ASP A 17 -15.41 -32.79 11.89
C ASP A 17 -14.89 -31.56 11.15
N ILE A 18 -15.09 -30.35 11.68
CA ILE A 18 -14.72 -29.11 11.03
C ILE A 18 -13.69 -28.36 11.87
N THR A 19 -12.71 -27.75 11.18
CA THR A 19 -11.67 -26.95 11.80
C THR A 19 -11.40 -25.71 10.95
N ILE A 20 -11.08 -24.59 11.58
CA ILE A 20 -10.83 -23.31 10.93
C ILE A 20 -9.47 -22.79 11.40
N THR A 21 -8.72 -22.13 10.51
CA THR A 21 -7.41 -21.58 10.83
C THR A 21 -7.26 -20.21 10.19
N ILE A 22 -6.78 -19.23 10.95
CA ILE A 22 -6.41 -17.93 10.39
C ILE A 22 -4.99 -18.01 9.85
N LEU A 23 -4.83 -17.97 8.52
CA LEU A 23 -3.52 -18.14 7.89
C LEU A 23 -2.73 -16.83 7.97
N GLY A 24 -3.41 -15.67 7.95
CA GLY A 24 -2.80 -14.40 8.33
C GLY A 24 -3.47 -13.15 7.77
N VAL A 25 -2.88 -11.99 8.07
CA VAL A 25 -3.47 -10.69 7.78
C VAL A 25 -3.12 -10.19 6.39
N SER A 26 -3.96 -9.31 5.84
CA SER A 26 -3.72 -8.57 4.62
C SER A 26 -4.29 -7.15 4.75
N GLY A 27 -3.80 -6.37 5.72
CA GLY A 27 -4.35 -5.06 6.03
C GLY A 27 -5.77 -5.18 6.59
N GLN A 28 -6.74 -4.54 5.93
CA GLN A 28 -8.16 -4.67 6.26
C GLN A 28 -8.74 -5.97 5.72
N GLN A 29 -7.96 -6.76 4.98
CA GLN A 29 -8.33 -8.11 4.60
C GLN A 29 -7.67 -9.14 5.51
N VAL A 30 -8.25 -10.35 5.51
CA VAL A 30 -7.94 -11.43 6.43
C VAL A 30 -8.00 -12.74 5.65
N ARG A 31 -6.95 -13.57 5.76
CA ARG A 31 -6.83 -14.80 5.00
C ARG A 31 -7.13 -16.00 5.89
N ILE A 32 -8.35 -16.54 5.75
CA ILE A 32 -8.90 -17.59 6.58
C ILE A 32 -8.93 -18.90 5.78
N GLY A 33 -8.51 -19.99 6.41
CA GLY A 33 -8.63 -21.33 5.87
C GLY A 33 -9.67 -22.15 6.63
N ILE A 34 -10.44 -22.95 5.89
CA ILE A 34 -11.47 -23.85 6.39
C ILE A 34 -11.03 -25.28 6.10
N ASN A 35 -11.22 -26.18 7.07
CA ASN A 35 -10.84 -27.58 6.99
C ASN A 35 -12.04 -28.44 7.37
N ALA A 36 -12.98 -28.52 6.43
CA ALA A 36 -14.15 -29.36 6.51
C ALA A 36 -14.13 -30.44 5.43
N PRO A 37 -14.82 -31.57 5.64
CA PRO A 37 -14.89 -32.64 4.66
C PRO A 37 -15.83 -32.24 3.53
N LYS A 38 -15.66 -32.87 2.35
CA LYS A 38 -16.50 -32.61 1.19
C LYS A 38 -17.92 -33.11 1.37
N ASP A 39 -18.22 -33.72 2.51
CA ASP A 39 -19.57 -34.04 2.94
C ASP A 39 -20.38 -32.78 3.20
N VAL A 40 -19.71 -31.71 3.62
CA VAL A 40 -20.35 -30.44 3.95
C VAL A 40 -19.81 -29.31 3.07
N ALA A 41 -20.69 -28.39 2.71
CA ALA A 41 -20.38 -27.29 1.82
C ALA A 41 -19.79 -26.11 2.58
N VAL A 42 -18.82 -25.40 2.00
CA VAL A 42 -18.24 -24.20 2.58
C VAL A 42 -18.14 -23.11 1.52
N HIS A 43 -18.73 -21.95 1.80
CA HIS A 43 -18.82 -20.83 0.87
C HIS A 43 -18.94 -19.52 1.64
N ARG A 44 -18.65 -18.39 0.99
CA ARG A 44 -18.91 -17.09 1.59
C ARG A 44 -20.34 -16.61 1.34
N GLU A 45 -20.78 -15.58 2.06
CA GLU A 45 -22.14 -15.07 1.94
C GLU A 45 -22.39 -14.39 0.60
N GLU A 46 -21.34 -13.87 -0.03
CA GLU A 46 -21.35 -13.36 -1.40
C GLU A 46 -21.75 -14.42 -2.42
N ILE A 47 -21.59 -15.71 -2.08
CA ILE A 47 -21.78 -16.82 -3.00
C ILE A 47 -22.87 -17.77 -2.49
N TYR A 48 -23.11 -17.84 -1.18
CA TYR A 48 -24.08 -18.74 -0.60
C TYR A 48 -25.48 -18.43 -1.11
N GLN A 49 -25.72 -17.14 -1.41
CA GLN A 49 -26.98 -16.66 -1.92
C GLN A 49 -27.18 -17.03 -3.39
N ARG A 50 -26.12 -17.52 -4.06
CA ARG A 50 -26.19 -18.11 -5.38
C ARG A 50 -26.59 -19.59 -5.30
N ILE A 51 -26.21 -20.27 -4.21
CA ILE A 51 -26.54 -21.66 -3.97
C ILE A 51 -28.04 -21.78 -3.69
N GLN A 52 -28.52 -20.93 -2.79
CA GLN A 52 -29.90 -20.90 -2.34
C GLN A 52 -30.78 -20.07 -3.28
N ALA A 53 -30.23 -19.60 -4.39
CA ALA A 53 -30.96 -18.92 -5.45
C ALA A 53 -32.00 -19.83 -6.12
N GLY A 54 -31.93 -21.14 -5.82
CA GLY A 54 -32.87 -22.13 -6.31
C GLY A 54 -32.17 -23.38 -6.82
N LEU A 55 -30.88 -23.59 -6.52
CA LEU A 55 -30.26 -24.84 -6.90
C LEU A 55 -30.43 -25.80 -5.72
N THR A 56 -31.57 -26.48 -5.71
CA THR A 56 -32.00 -27.38 -4.65
C THR A 56 -33.49 -27.66 -4.83
N ALA A 57 -33.89 -28.93 -4.73
CA ALA A 57 -35.28 -29.34 -4.75
C ALA A 57 -35.72 -30.00 -3.43
N PRO A 58 -37.03 -30.14 -3.19
CA PRO A 58 -37.55 -30.96 -2.10
C PRO A 58 -37.34 -32.45 -2.35
N ASP A 59 -37.57 -33.24 -1.30
CA ASP A 59 -37.34 -34.67 -1.31
C ASP A 59 -38.45 -35.44 -2.01
N MET B 1 -7.68 -28.11 2.79
CA MET B 1 -7.97 -26.71 3.15
C MET B 1 -8.69 -25.99 2.01
N LEU B 2 -9.74 -25.24 2.33
CA LEU B 2 -10.40 -24.30 1.44
C LEU B 2 -10.18 -22.89 1.99
N ILE B 3 -9.60 -22.00 1.18
CA ILE B 3 -9.05 -20.74 1.67
C ILE B 3 -9.72 -19.53 1.04
N LEU B 4 -9.92 -18.49 1.85
CA LEU B 4 -10.60 -17.26 1.48
C LEU B 4 -9.87 -16.04 2.03
N THR B 5 -9.82 -14.96 1.24
CA THR B 5 -9.23 -13.69 1.65
C THR B 5 -10.29 -12.60 1.54
N ARG B 6 -10.85 -12.21 2.69
CA ARG B 6 -12.02 -11.36 2.79
C ARG B 6 -11.75 -10.18 3.72
N LYS B 7 -12.57 -9.12 3.63
CA LYS B 7 -12.40 -7.93 4.45
C LYS B 7 -13.23 -7.96 5.72
N VAL B 8 -12.95 -7.03 6.63
CA VAL B 8 -13.75 -6.88 7.83
C VAL B 8 -15.19 -6.52 7.49
N GLY B 9 -16.13 -7.15 8.20
CA GLY B 9 -17.55 -7.01 7.96
C GLY B 9 -18.12 -8.00 6.95
N GLU B 10 -17.30 -8.87 6.35
CA GLU B 10 -17.77 -9.93 5.48
C GLU B 10 -18.24 -11.15 6.26
N SER B 11 -19.07 -11.98 5.61
CA SER B 11 -19.71 -13.14 6.22
C SER B 11 -19.46 -14.40 5.40
N ILE B 12 -19.39 -15.54 6.08
CA ILE B 12 -19.04 -16.83 5.52
C ILE B 12 -19.95 -17.91 6.10
N ASN B 13 -20.09 -19.05 5.42
CA ASN B 13 -21.07 -20.07 5.75
C ASN B 13 -20.50 -21.48 5.66
N ILE B 14 -20.96 -22.38 6.54
CA ILE B 14 -20.58 -23.78 6.56
C ILE B 14 -21.82 -24.65 6.76
N GLY B 15 -21.97 -25.68 5.93
CA GLY B 15 -23.12 -26.55 5.96
C GLY B 15 -24.41 -25.78 5.75
N ASP B 16 -25.43 -26.08 6.57
CA ASP B 16 -26.69 -25.34 6.61
C ASP B 16 -27.04 -24.87 8.02
N ASP B 17 -26.15 -25.09 9.00
CA ASP B 17 -26.38 -24.76 10.39
C ASP B 17 -25.39 -23.73 10.93
N ILE B 18 -24.30 -23.43 10.21
CA ILE B 18 -23.23 -22.59 10.71
C ILE B 18 -22.98 -21.39 9.79
N THR B 19 -22.82 -20.22 10.43
CA THR B 19 -22.40 -18.99 9.78
C THR B 19 -21.25 -18.37 10.57
N ILE B 20 -20.36 -17.67 9.87
CA ILE B 20 -19.16 -17.04 10.40
C ILE B 20 -19.17 -15.58 9.96
N THR B 21 -18.62 -14.68 10.77
CA THR B 21 -18.49 -13.28 10.44
C THR B 21 -17.16 -12.74 10.96
N ILE B 22 -16.40 -12.04 10.11
CA ILE B 22 -15.22 -11.33 10.54
C ILE B 22 -15.64 -9.95 11.04
N LEU B 23 -15.65 -9.76 12.36
CA LEU B 23 -16.10 -8.51 12.96
C LEU B 23 -15.07 -7.41 12.75
N GLY B 24 -13.78 -7.78 12.73
CA GLY B 24 -12.71 -6.86 12.43
C GLY B 24 -11.36 -7.34 12.92
N VAL B 25 -10.30 -6.60 12.62
CA VAL B 25 -8.96 -6.91 13.11
C VAL B 25 -8.57 -5.97 14.23
N SER B 26 -7.80 -6.51 15.18
CA SER B 26 -7.26 -5.81 16.34
C SER B 26 -5.76 -5.95 16.31
N GLY B 27 -5.15 -5.35 15.29
CA GLY B 27 -3.74 -5.52 14.99
C GLY B 27 -3.48 -6.83 14.26
N GLN B 28 -2.66 -7.70 14.86
CA GLN B 28 -2.41 -9.05 14.37
C GLN B 28 -3.35 -10.05 15.03
N GLN B 29 -4.29 -9.52 15.81
CA GLN B 29 -5.40 -10.27 16.36
C GLN B 29 -6.64 -10.02 15.50
N VAL B 30 -7.61 -10.93 15.59
CA VAL B 30 -8.76 -10.93 14.70
C VAL B 30 -10.02 -11.27 15.48
N ARG B 31 -10.97 -10.33 15.54
CA ARG B 31 -12.25 -10.50 16.20
C ARG B 31 -13.23 -11.20 15.26
N ILE B 32 -13.68 -12.39 15.64
CA ILE B 32 -14.48 -13.27 14.79
C ILE B 32 -15.75 -13.68 15.52
N GLY B 33 -16.89 -13.61 14.83
CA GLY B 33 -18.15 -14.14 15.32
C GLY B 33 -18.47 -15.49 14.70
N ILE B 34 -19.04 -16.38 15.52
CA ILE B 34 -19.47 -17.71 15.10
C ILE B 34 -20.93 -17.89 15.49
N ASN B 35 -21.70 -18.40 14.53
CA ASN B 35 -23.16 -18.43 14.60
C ASN B 35 -23.65 -19.81 14.21
N ALA B 36 -23.59 -20.71 15.20
CA ALA B 36 -24.03 -22.09 15.11
C ALA B 36 -24.99 -22.40 16.25
N PRO B 37 -25.85 -23.41 16.10
CA PRO B 37 -26.63 -23.93 17.20
C PRO B 37 -25.75 -24.44 18.34
N LYS B 38 -26.31 -24.52 19.54
CA LYS B 38 -25.69 -25.19 20.68
C LYS B 38 -25.70 -26.71 20.54
N ASP B 39 -26.27 -27.18 19.43
CA ASP B 39 -26.20 -28.55 18.97
C ASP B 39 -24.78 -28.95 18.58
N VAL B 40 -23.90 -27.97 18.35
CA VAL B 40 -22.50 -28.17 18.00
C VAL B 40 -21.60 -27.48 19.01
N ALA B 41 -20.45 -28.09 19.30
CA ALA B 41 -19.43 -27.44 20.10
C ALA B 41 -18.48 -26.61 19.24
N VAL B 42 -18.08 -25.47 19.81
CA VAL B 42 -17.41 -24.40 19.09
C VAL B 42 -16.38 -23.73 19.99
N HIS B 43 -15.10 -24.11 19.86
CA HIS B 43 -14.01 -23.56 20.66
C HIS B 43 -12.70 -23.51 19.88
N ARG B 44 -11.71 -22.77 20.38
CA ARG B 44 -10.34 -22.80 19.86
C ARG B 44 -9.66 -24.14 20.14
N GLU B 45 -8.64 -24.49 19.35
CA GLU B 45 -7.96 -25.78 19.45
C GLU B 45 -7.46 -26.08 20.86
N GLU B 46 -6.86 -25.10 21.54
CA GLU B 46 -6.34 -25.31 22.89
C GLU B 46 -7.43 -25.51 23.93
N ILE B 47 -8.70 -25.36 23.54
CA ILE B 47 -9.86 -25.68 24.37
C ILE B 47 -10.46 -27.00 23.91
N TYR B 48 -10.68 -27.11 22.59
CA TYR B 48 -11.27 -28.26 21.93
C TYR B 48 -10.58 -29.56 22.34
N GLN B 49 -9.26 -29.53 22.51
CA GLN B 49 -8.46 -30.71 22.80
C GLN B 49 -8.71 -31.28 24.20
N ARG B 50 -9.25 -30.48 25.13
CA ARG B 50 -9.72 -31.00 26.41
C ARG B 50 -11.11 -31.58 26.28
N ILE B 51 -11.95 -30.95 25.47
CA ILE B 51 -13.35 -31.34 25.31
C ILE B 51 -13.42 -32.71 24.65
N GLN B 52 -12.53 -32.94 23.67
CA GLN B 52 -12.38 -34.24 23.05
C GLN B 52 -11.53 -35.20 23.88
N ALA B 53 -11.14 -34.81 25.10
CA ALA B 53 -10.51 -35.69 26.07
C ALA B 53 -11.53 -36.50 26.88
N GLY B 54 -12.82 -36.18 26.77
CA GLY B 54 -13.88 -37.02 27.31
C GLY B 54 -14.90 -36.27 28.15
N LEU B 55 -15.30 -35.06 27.72
CA LEU B 55 -16.08 -34.15 28.56
C LEU B 55 -16.69 -32.99 27.78
N THR B 56 -17.28 -32.05 28.53
CA THR B 56 -17.73 -30.76 28.05
C THR B 56 -17.18 -29.69 28.99
N ALA B 57 -17.33 -28.41 28.62
CA ALA B 57 -16.88 -27.26 29.38
C ALA B 57 -17.03 -27.48 30.89
N PRO B 58 -15.94 -27.43 31.66
CA PRO B 58 -15.97 -27.85 33.06
C PRO B 58 -16.83 -26.97 33.96
N ASP B 59 -16.90 -27.34 35.23
CA ASP B 59 -17.57 -26.58 36.27
C ASP B 59 -16.94 -25.21 36.51
N MET C 1 -17.31 31.03 -7.24
CA MET C 1 -16.21 30.06 -7.37
C MET C 1 -16.78 29.03 -8.31
N LEU C 2 -16.14 28.71 -9.44
CA LEU C 2 -16.58 27.64 -10.31
C LEU C 2 -15.61 26.47 -10.21
N ILE C 3 -16.00 25.41 -9.50
CA ILE C 3 -15.21 24.20 -9.34
C ILE C 3 -15.30 23.36 -10.60
N LEU C 4 -14.17 22.81 -11.05
CA LEU C 4 -14.07 21.85 -12.12
C LEU C 4 -13.14 20.70 -11.73
N THR C 5 -13.55 19.46 -11.99
CA THR C 5 -12.66 18.31 -11.86
C THR C 5 -11.91 18.08 -13.16
N ARG C 6 -10.60 17.81 -13.04
CA ARG C 6 -9.78 17.35 -14.15
C ARG C 6 -8.94 16.16 -13.73
N LYS C 7 -8.86 15.17 -14.61
CA LYS C 7 -8.01 14.00 -14.47
C LYS C 7 -6.71 14.25 -15.21
N VAL C 8 -5.59 13.64 -14.79
CA VAL C 8 -4.29 14.04 -15.32
C VAL C 8 -4.22 13.99 -16.85
N GLY C 9 -3.65 15.04 -17.44
CA GLY C 9 -3.53 15.23 -18.88
C GLY C 9 -4.72 15.97 -19.50
N GLU C 10 -5.79 16.26 -18.74
CA GLU C 10 -6.93 17.03 -19.23
C GLU C 10 -6.69 18.55 -19.11
N SER C 11 -7.57 19.36 -19.71
CA SER C 11 -7.37 20.79 -19.88
C SER C 11 -8.61 21.62 -19.56
N ILE C 12 -8.40 22.92 -19.31
CA ILE C 12 -9.42 23.91 -19.01
C ILE C 12 -9.11 25.21 -19.75
N ASN C 13 -10.13 26.02 -20.05
CA ASN C 13 -9.99 27.30 -20.71
C ASN C 13 -10.52 28.45 -19.85
N ILE C 14 -9.87 29.60 -19.92
CA ILE C 14 -10.17 30.80 -19.14
C ILE C 14 -10.21 32.00 -20.09
N GLY C 15 -11.22 32.86 -19.93
CA GLY C 15 -11.50 33.92 -20.88
C GLY C 15 -11.66 33.36 -22.29
N ASP C 16 -10.99 34.00 -23.26
CA ASP C 16 -10.85 33.48 -24.61
C ASP C 16 -9.39 33.49 -25.06
N ASP C 17 -8.46 33.74 -24.13
CA ASP C 17 -7.05 33.95 -24.41
C ASP C 17 -6.14 33.10 -23.51
N ILE C 18 -6.71 32.39 -22.53
CA ILE C 18 -5.95 31.65 -21.52
C ILE C 18 -6.39 30.19 -21.48
N THR C 19 -5.43 29.30 -21.24
CA THR C 19 -5.66 27.86 -21.10
C THR C 19 -4.86 27.31 -19.92
N ILE C 20 -5.38 26.27 -19.27
CA ILE C 20 -4.80 25.61 -18.11
C ILE C 20 -4.75 24.12 -18.37
N THR C 21 -3.72 23.42 -17.87
CA THR C 21 -3.58 21.98 -18.05
C THR C 21 -3.13 21.30 -16.78
N ILE C 22 -3.78 20.20 -16.40
CA ILE C 22 -3.27 19.34 -15.35
C ILE C 22 -2.24 18.41 -15.97
N LEU C 23 -0.97 18.62 -15.67
CA LEU C 23 0.10 17.84 -16.27
C LEU C 23 0.29 16.53 -15.51
N GLY C 24 0.09 16.57 -14.19
CA GLY C 24 0.00 15.36 -13.38
C GLY C 24 0.03 15.63 -11.89
N VAL C 25 0.11 14.58 -11.08
CA VAL C 25 0.27 14.67 -9.64
C VAL C 25 1.54 13.98 -9.18
N SER C 26 2.08 14.42 -8.04
CA SER C 26 3.25 13.85 -7.40
C SER C 26 3.04 13.88 -5.89
N GLY C 27 2.52 12.81 -5.31
CA GLY C 27 2.07 12.87 -3.93
C GLY C 27 0.82 13.74 -3.81
N GLN C 28 0.89 14.77 -2.96
CA GLN C 28 -0.16 15.76 -2.80
C GLN C 28 0.08 16.99 -3.66
N GLN C 29 1.21 17.03 -4.39
CA GLN C 29 1.51 18.07 -5.34
C GLN C 29 0.84 17.80 -6.68
N VAL C 30 0.64 18.87 -7.44
CA VAL C 30 -0.02 18.86 -8.73
C VAL C 30 0.81 19.71 -9.69
N ARG C 31 1.37 19.11 -10.75
CA ARG C 31 1.98 19.89 -11.81
C ARG C 31 0.89 20.48 -12.70
N ILE C 32 0.78 21.80 -12.69
CA ILE C 32 -0.21 22.56 -13.43
C ILE C 32 0.47 23.44 -14.46
N GLY C 33 0.05 23.32 -15.72
CA GLY C 33 0.42 24.18 -16.82
C GLY C 33 -0.49 25.40 -16.92
N ILE C 34 0.08 26.55 -17.26
CA ILE C 34 -0.66 27.79 -17.48
C ILE C 34 -0.22 28.37 -18.81
N ASN C 35 -1.19 28.80 -19.64
CA ASN C 35 -0.92 29.24 -20.99
C ASN C 35 -1.70 30.53 -21.27
N ALA C 36 -1.06 31.68 -21.01
CA ALA C 36 -1.64 32.99 -21.23
C ALA C 36 -0.65 33.88 -21.99
N PRO C 37 -1.13 34.89 -22.72
CA PRO C 37 -0.27 35.89 -23.32
C PRO C 37 0.46 36.69 -22.24
N LYS C 38 1.65 37.20 -22.55
CA LYS C 38 2.40 38.11 -21.69
C LYS C 38 1.70 39.46 -21.53
N ASP C 39 0.56 39.63 -22.20
CA ASP C 39 -0.36 40.74 -22.01
C ASP C 39 -0.99 40.70 -20.61
N VAL C 40 -1.01 39.53 -19.98
CA VAL C 40 -1.49 39.33 -18.62
C VAL C 40 -0.44 38.61 -17.78
N ALA C 41 -0.50 38.81 -16.46
CA ALA C 41 0.43 38.21 -15.53
C ALA C 41 -0.06 36.85 -15.03
N VAL C 42 0.87 35.97 -14.64
CA VAL C 42 0.55 34.73 -13.95
C VAL C 42 1.55 34.51 -12.81
N HIS C 43 1.06 34.20 -11.61
CA HIS C 43 1.90 33.92 -10.44
C HIS C 43 1.19 32.99 -9.48
N ARG C 44 1.93 32.45 -8.50
CA ARG C 44 1.34 31.77 -7.36
C ARG C 44 1.04 32.78 -6.25
N GLU C 45 0.19 32.40 -5.29
CA GLU C 45 -0.35 33.33 -4.31
C GLU C 45 0.75 33.98 -3.47
N GLU C 46 1.82 33.23 -3.18
CA GLU C 46 2.95 33.70 -2.39
C GLU C 46 3.87 34.65 -3.17
N ILE C 47 3.76 34.71 -4.49
CA ILE C 47 4.47 35.66 -5.33
C ILE C 47 3.56 36.81 -5.75
N TYR C 48 2.28 36.53 -5.98
CA TYR C 48 1.29 37.50 -6.42
C TYR C 48 1.25 38.74 -5.52
N GLN C 49 1.49 38.56 -4.22
CA GLN C 49 1.49 39.63 -3.24
C GLN C 49 2.55 40.70 -3.54
N ARG C 50 3.63 40.32 -4.23
CA ARG C 50 4.64 41.26 -4.69
C ARG C 50 4.12 42.15 -5.81
N ILE C 51 3.29 41.61 -6.71
CA ILE C 51 2.68 42.38 -7.78
C ILE C 51 1.66 43.36 -7.20
N GLN C 52 1.21 43.09 -5.96
CA GLN C 52 0.32 43.98 -5.22
C GLN C 52 1.09 44.86 -4.23
N ALA C 53 2.42 44.77 -4.20
CA ALA C 53 3.26 45.50 -3.27
C ALA C 53 3.64 46.89 -3.79
N GLY C 54 3.19 47.26 -4.98
CA GLY C 54 3.54 48.53 -5.62
C GLY C 54 4.78 48.42 -6.50
N LEU C 55 5.29 47.19 -6.69
CA LEU C 55 6.40 46.86 -7.57
C LEU C 55 7.67 47.63 -7.20
N THR C 56 8.67 47.60 -8.08
CA THR C 56 9.90 48.37 -7.92
C THR C 56 9.71 49.83 -8.32
N ALA C 57 8.65 50.13 -9.07
CA ALA C 57 8.28 51.49 -9.45
C ALA C 57 6.76 51.62 -9.44
N PRO C 58 6.20 52.67 -8.81
CA PRO C 58 4.78 52.96 -8.86
C PRO C 58 4.29 53.31 -10.26
N ASP C 59 2.96 53.45 -10.39
CA ASP C 59 2.31 53.81 -11.64
C ASP C 59 2.65 55.22 -12.10
N MET D 1 3.51 28.59 -22.18
CA MET D 1 3.43 27.94 -20.86
C MET D 1 4.30 28.52 -19.75
N LEU D 2 3.71 28.48 -18.56
CA LEU D 2 4.34 28.70 -17.27
C LEU D 2 3.82 27.61 -16.33
N ILE D 3 4.68 26.67 -15.94
CA ILE D 3 4.33 25.45 -15.23
C ILE D 3 4.78 25.54 -13.78
N LEU D 4 3.95 25.03 -12.85
CA LEU D 4 4.19 25.08 -11.42
C LEU D 4 3.81 23.77 -10.74
N THR D 5 4.23 23.62 -9.48
CA THR D 5 3.74 22.60 -8.57
C THR D 5 3.04 23.27 -7.40
N ARG D 6 1.74 23.02 -7.25
CA ARG D 6 0.98 23.37 -6.06
C ARG D 6 0.50 22.11 -5.35
N LYS D 7 0.54 22.10 -4.02
CA LYS D 7 -0.11 21.06 -3.24
C LYS D 7 -1.59 21.36 -3.10
N VAL D 8 -2.36 20.34 -2.70
CA VAL D 8 -3.74 20.53 -2.29
C VAL D 8 -3.86 21.67 -1.27
N GLY D 9 -4.89 22.52 -1.43
CA GLY D 9 -5.17 23.61 -0.51
C GLY D 9 -4.43 24.91 -0.82
N GLU D 10 -3.60 24.93 -1.86
CA GLU D 10 -2.84 26.12 -2.25
C GLU D 10 -3.49 26.87 -3.41
N SER D 11 -2.95 28.04 -3.75
CA SER D 11 -3.61 28.96 -4.68
C SER D 11 -2.65 29.59 -5.69
N ILE D 12 -3.22 30.01 -6.82
CA ILE D 12 -2.57 30.57 -8.00
C ILE D 12 -3.38 31.78 -8.48
N ASN D 13 -2.75 32.72 -9.21
CA ASN D 13 -3.38 33.95 -9.65
C ASN D 13 -3.08 34.24 -11.12
N ILE D 14 -4.03 34.87 -11.80
CA ILE D 14 -3.90 35.31 -13.19
C ILE D 14 -4.44 36.73 -13.32
N GLY D 15 -3.75 37.58 -14.09
CA GLY D 15 -4.09 38.99 -14.23
C GLY D 15 -4.11 39.69 -12.88
N ASP D 16 -5.15 40.48 -12.64
CA ASP D 16 -5.42 41.13 -11.36
C ASP D 16 -6.84 40.92 -10.88
N ASP D 17 -7.61 40.04 -11.54
CA ASP D 17 -8.99 39.75 -11.19
C ASP D 17 -9.28 38.25 -11.10
N ILE D 18 -8.34 37.37 -11.46
CA ILE D 18 -8.56 35.94 -11.53
C ILE D 18 -7.72 35.21 -10.50
N THR D 19 -8.32 34.23 -9.82
CA THR D 19 -7.69 33.39 -8.82
C THR D 19 -8.07 31.94 -9.05
N ILE D 20 -7.16 31.02 -8.72
CA ILE D 20 -7.33 29.58 -8.84
C ILE D 20 -6.93 28.94 -7.52
N THR D 21 -7.66 27.91 -7.08
CA THR D 21 -7.38 27.22 -5.83
C THR D 21 -7.51 25.71 -6.05
N ILE D 22 -6.47 24.93 -5.72
CA ILE D 22 -6.55 23.49 -5.79
C ILE D 22 -7.26 22.99 -4.53
N LEU D 23 -8.48 22.46 -4.71
CA LEU D 23 -9.35 22.11 -3.60
C LEU D 23 -9.00 20.74 -3.04
N GLY D 24 -8.47 19.86 -3.89
CA GLY D 24 -7.86 18.61 -3.45
C GLY D 24 -7.60 17.65 -4.59
N VAL D 25 -7.07 16.46 -4.25
CA VAL D 25 -6.73 15.42 -5.20
C VAL D 25 -7.43 14.13 -4.83
N SER D 26 -8.01 13.46 -5.83
CA SER D 26 -8.92 12.33 -5.66
C SER D 26 -8.51 11.20 -6.59
N GLY D 27 -7.39 10.53 -6.30
CA GLY D 27 -6.85 9.50 -7.16
C GLY D 27 -6.08 10.12 -8.32
N GLN D 28 -6.56 9.87 -9.54
CA GLN D 28 -6.07 10.49 -10.76
C GLN D 28 -6.75 11.84 -11.00
N GLN D 29 -7.91 12.05 -10.35
CA GLN D 29 -8.65 13.28 -10.43
C GLN D 29 -8.03 14.37 -9.56
N VAL D 30 -8.20 15.63 -9.99
CA VAL D 30 -7.75 16.82 -9.30
C VAL D 30 -8.92 17.79 -9.29
N ARG D 31 -9.37 18.20 -8.10
CA ARG D 31 -10.53 19.05 -7.93
C ARG D 31 -10.08 20.49 -7.80
N ILE D 32 -10.35 21.30 -8.83
CA ILE D 32 -9.80 22.64 -8.97
C ILE D 32 -10.91 23.69 -8.89
N GLY D 33 -10.75 24.69 -8.04
CA GLY D 33 -11.63 25.84 -7.96
C GLY D 33 -11.12 26.99 -8.82
N ILE D 34 -12.02 27.67 -9.52
CA ILE D 34 -11.71 28.81 -10.36
C ILE D 34 -12.53 30.01 -9.87
N ASN D 35 -11.92 31.20 -9.88
CA ASN D 35 -12.55 32.41 -9.42
C ASN D 35 -12.23 33.56 -10.37
N ALA D 36 -13.20 33.92 -11.20
CA ALA D 36 -13.10 35.04 -12.13
C ALA D 36 -14.40 35.84 -12.10
N PRO D 37 -14.36 37.12 -12.51
CA PRO D 37 -15.58 37.90 -12.71
C PRO D 37 -16.41 37.31 -13.85
N LYS D 38 -17.73 37.51 -13.82
CA LYS D 38 -18.61 37.11 -14.91
C LYS D 38 -18.43 37.96 -16.16
N ASP D 39 -17.54 38.94 -16.08
CA ASP D 39 -17.04 39.70 -17.22
C ASP D 39 -16.18 38.85 -18.14
N VAL D 40 -15.66 37.72 -17.63
CA VAL D 40 -14.91 36.74 -18.39
C VAL D 40 -15.50 35.34 -18.18
N ALA D 41 -15.20 34.43 -19.10
CA ALA D 41 -15.76 33.09 -19.09
C ALA D 41 -14.78 32.04 -18.59
N VAL D 42 -15.27 30.90 -18.09
CA VAL D 42 -14.44 29.75 -17.77
C VAL D 42 -15.21 28.46 -18.09
N HIS D 43 -14.61 27.59 -18.90
CA HIS D 43 -15.12 26.25 -19.17
C HIS D 43 -13.96 25.27 -19.39
N ARG D 44 -14.22 23.97 -19.23
CA ARG D 44 -13.23 22.94 -19.55
C ARG D 44 -13.01 22.87 -21.05
N GLU D 45 -11.90 22.29 -21.51
CA GLU D 45 -11.53 22.28 -22.91
C GLU D 45 -12.56 21.58 -23.80
N GLU D 46 -13.25 20.55 -23.28
CA GLU D 46 -14.31 19.88 -24.03
C GLU D 46 -15.63 20.67 -24.03
N ILE D 47 -15.85 21.50 -23.02
CA ILE D 47 -17.02 22.37 -22.93
C ILE D 47 -16.79 23.64 -23.75
N TYR D 48 -15.57 24.17 -23.70
CA TYR D 48 -15.17 25.41 -24.33
C TYR D 48 -15.46 25.40 -25.82
N GLN D 49 -15.27 24.24 -26.46
CA GLN D 49 -15.54 24.04 -27.87
C GLN D 49 -17.00 24.27 -28.23
N ARG D 50 -17.93 24.20 -27.26
CA ARG D 50 -19.32 24.59 -27.46
C ARG D 50 -19.49 26.10 -27.38
N ILE D 51 -18.75 26.79 -26.51
CA ILE D 51 -18.87 28.23 -26.31
C ILE D 51 -18.18 28.98 -27.44
N GLN D 52 -17.29 28.29 -28.16
CA GLN D 52 -16.69 28.84 -29.36
C GLN D 52 -17.38 28.37 -30.65
N ALA D 53 -18.35 27.46 -30.57
CA ALA D 53 -19.08 26.93 -31.70
C ALA D 53 -20.56 27.34 -31.76
N GLY D 54 -21.20 27.47 -30.59
CA GLY D 54 -22.63 27.66 -30.42
C GLY D 54 -23.02 27.29 -28.99
N LEU D 55 -22.93 28.31 -28.13
CA LEU D 55 -23.00 28.22 -26.68
C LEU D 55 -24.45 28.00 -26.25
N THR D 56 -24.64 27.35 -25.10
CA THR D 56 -25.97 27.21 -24.52
C THR D 56 -25.99 27.30 -23.00
N ALA D 57 -27.19 27.24 -22.43
CA ALA D 57 -27.45 27.52 -21.03
C ALA D 57 -26.77 28.81 -20.57
N PRO D 58 -27.14 29.98 -21.13
CA PRO D 58 -26.68 31.28 -20.67
C PRO D 58 -26.77 31.41 -19.16
N ASP D 59 -27.88 30.93 -18.60
CA ASP D 59 -28.22 31.03 -17.19
C ASP D 59 -29.36 30.06 -16.92
N MET E 1 35.68 -8.63 2.26
CA MET E 1 34.44 -7.91 1.96
C MET E 1 33.88 -8.42 0.64
N LEU E 2 32.58 -8.26 0.37
CA LEU E 2 31.99 -8.70 -0.88
C LEU E 2 31.20 -7.57 -1.54
N ILE E 3 31.50 -7.28 -2.81
CA ILE E 3 30.87 -6.22 -3.58
C ILE E 3 30.15 -6.81 -4.80
N LEU E 4 28.99 -6.26 -5.14
CA LEU E 4 28.16 -6.65 -6.26
C LEU E 4 27.64 -5.42 -7.00
N THR E 5 27.14 -5.61 -8.22
CA THR E 5 26.38 -4.60 -8.95
C THR E 5 25.19 -5.23 -9.64
N ARG E 6 24.01 -5.14 -9.00
CA ARG E 6 22.79 -5.83 -9.40
C ARG E 6 21.73 -4.86 -9.88
N LYS E 7 20.99 -5.26 -10.91
CA LYS E 7 19.92 -4.46 -11.47
C LYS E 7 18.64 -4.56 -10.65
N VAL E 8 17.68 -3.66 -10.89
CA VAL E 8 16.38 -3.76 -10.24
C VAL E 8 15.65 -5.05 -10.62
N GLY E 9 14.97 -5.66 -9.65
CA GLY E 9 14.30 -6.93 -9.81
C GLY E 9 15.22 -8.14 -9.67
N GLU E 10 16.52 -7.93 -9.43
CA GLU E 10 17.46 -9.00 -9.17
C GLU E 10 17.51 -9.38 -7.69
N SER E 11 18.27 -10.44 -7.38
CA SER E 11 18.27 -11.06 -6.07
C SER E 11 19.66 -11.48 -5.62
N ILE E 12 19.83 -11.67 -4.32
CA ILE E 12 21.09 -11.83 -3.62
C ILE E 12 20.85 -12.69 -2.37
N ASN E 13 21.87 -13.39 -1.87
CA ASN E 13 21.74 -14.31 -0.76
C ASN E 13 22.87 -14.18 0.27
N ILE E 14 22.55 -14.46 1.53
CA ILE E 14 23.48 -14.48 2.65
C ILE E 14 23.20 -15.71 3.51
N GLY E 15 24.25 -16.37 3.98
CA GLY E 15 24.14 -17.59 4.76
C GLY E 15 23.42 -18.69 3.98
N ASP E 16 22.52 -19.40 4.65
CA ASP E 16 21.62 -20.37 4.04
C ASP E 16 20.17 -20.14 4.45
N ASP E 17 19.87 -19.01 5.11
CA ASP E 17 18.54 -18.66 5.57
C ASP E 17 18.12 -17.24 5.19
N ILE E 18 19.01 -16.43 4.59
CA ILE E 18 18.72 -15.03 4.30
C ILE E 18 18.72 -14.77 2.80
N THR E 19 17.73 -14.01 2.34
CA THR E 19 17.60 -13.57 0.96
C THR E 19 17.37 -12.06 0.91
N ILE E 20 17.93 -11.41 -0.10
CA ILE E 20 17.80 -9.98 -0.35
C ILE E 20 17.31 -9.76 -1.77
N THR E 21 16.39 -8.82 -1.96
CA THR E 21 15.84 -8.49 -3.27
C THR E 21 15.84 -6.98 -3.45
N ILE E 22 16.28 -6.50 -4.62
CA ILE E 22 16.18 -5.08 -4.97
C ILE E 22 14.84 -4.85 -5.66
N LEU E 23 13.92 -4.16 -4.97
CA LEU E 23 12.57 -3.93 -5.46
C LEU E 23 12.56 -2.84 -6.53
N GLY E 24 13.50 -1.89 -6.46
CA GLY E 24 13.75 -0.92 -7.52
C GLY E 24 14.40 0.36 -7.00
N VAL E 25 14.49 1.38 -7.85
CA VAL E 25 15.08 2.67 -7.49
C VAL E 25 14.15 3.84 -7.76
N SER E 26 14.41 4.96 -7.08
CA SER E 26 13.79 6.24 -7.33
C SER E 26 14.78 7.36 -6.99
N GLY E 27 15.49 7.88 -7.98
CA GLY E 27 16.59 8.80 -7.76
C GLY E 27 17.76 8.11 -7.07
N GLN E 28 18.16 8.63 -5.90
CA GLN E 28 19.20 8.00 -5.09
C GLN E 28 18.62 6.98 -4.12
N GLN E 29 17.31 7.05 -3.87
CA GLN E 29 16.59 6.09 -3.04
C GLN E 29 16.51 4.76 -3.78
N VAL E 30 16.65 3.67 -3.02
CA VAL E 30 16.68 2.31 -3.51
C VAL E 30 15.76 1.51 -2.61
N ARG E 31 14.66 0.98 -3.14
CA ARG E 31 13.72 0.18 -2.38
C ARG E 31 14.18 -1.25 -2.34
N ILE E 32 14.37 -1.79 -1.13
CA ILE E 32 15.02 -3.06 -0.89
C ILE E 32 14.16 -3.95 0.00
N GLY E 33 14.03 -5.22 -0.36
CA GLY E 33 13.39 -6.25 0.45
C GLY E 33 14.41 -7.17 1.10
N ILE E 34 14.13 -7.59 2.34
CA ILE E 34 14.97 -8.47 3.14
C ILE E 34 14.12 -9.59 3.71
N ASN E 35 14.65 -10.81 3.66
CA ASN E 35 13.90 -12.00 4.01
C ASN E 35 14.77 -12.92 4.85
N ALA E 36 14.56 -12.85 6.17
CA ALA E 36 15.22 -13.70 7.16
C ALA E 36 14.22 -14.21 8.18
N PRO E 37 14.52 -15.35 8.83
CA PRO E 37 13.72 -15.86 9.92
C PRO E 37 13.70 -14.89 11.12
N LYS E 38 12.69 -15.03 11.97
CA LYS E 38 12.60 -14.28 13.22
C LYS E 38 13.58 -14.76 14.28
N ASP E 39 14.35 -15.80 13.92
CA ASP E 39 15.49 -16.28 14.67
C ASP E 39 16.66 -15.30 14.68
N VAL E 40 16.66 -14.34 13.74
CA VAL E 40 17.71 -13.35 13.60
C VAL E 40 17.12 -11.94 13.56
N ALA E 41 17.96 -10.94 13.79
CA ALA E 41 17.55 -9.55 13.78
C ALA E 41 17.89 -8.86 12.46
N VAL E 42 17.16 -7.79 12.13
CA VAL E 42 17.48 -6.94 10.99
C VAL E 42 16.92 -5.54 11.20
N HIS E 43 17.78 -4.52 11.09
CA HIS E 43 17.41 -3.12 11.16
C HIS E 43 18.37 -2.28 10.31
N ARG E 44 18.04 -1.01 10.06
CA ARG E 44 18.99 -0.10 9.43
C ARG E 44 19.99 0.41 10.46
N GLU E 45 21.09 1.01 9.99
CA GLU E 45 22.21 1.38 10.84
C GLU E 45 21.80 2.36 11.93
N GLU E 46 20.74 3.13 11.70
CA GLU E 46 20.17 4.05 12.68
C GLU E 46 19.57 3.32 13.88
N ILE E 47 18.81 2.24 13.62
CA ILE E 47 18.02 1.57 14.63
C ILE E 47 18.86 0.55 15.38
N TYR E 48 19.86 -0.02 14.70
CA TYR E 48 20.81 -0.96 15.28
C TYR E 48 21.50 -0.39 16.52
N GLN E 49 21.73 0.93 16.55
CA GLN E 49 22.42 1.59 17.63
C GLN E 49 21.59 1.65 18.92
N ARG E 50 20.27 1.58 18.82
CA ARG E 50 19.38 1.51 19.97
C ARG E 50 19.46 0.15 20.65
N ILE E 51 19.90 -0.86 19.88
CA ILE E 51 19.85 -2.25 20.27
C ILE E 51 21.19 -2.66 20.86
N GLN E 52 22.28 -2.31 20.18
CA GLN E 52 23.63 -2.53 20.68
C GLN E 52 23.98 -1.67 21.88
N ALA E 53 23.01 -0.88 22.37
CA ALA E 53 23.09 -0.18 23.63
C ALA E 53 23.11 -1.12 24.83
N GLY E 54 22.67 -2.37 24.67
CA GLY E 54 22.86 -3.40 25.67
C GLY E 54 21.77 -4.48 25.71
N LEU E 55 21.08 -4.73 24.59
CA LEU E 55 19.88 -5.55 24.58
C LEU E 55 19.59 -6.13 23.20
N THR E 56 18.66 -7.09 23.13
CA THR E 56 18.13 -7.61 21.88
C THR E 56 16.65 -7.97 21.97
N ALA E 57 16.01 -7.69 23.12
CA ALA E 57 14.60 -7.96 23.34
C ALA E 57 13.95 -6.83 24.13
N PRO E 58 12.78 -6.33 23.70
CA PRO E 58 12.01 -5.37 24.46
C PRO E 58 11.44 -5.93 25.77
N ASP E 59 10.70 -5.08 26.48
CA ASP E 59 10.10 -5.39 27.76
C ASP E 59 9.02 -6.46 27.65
N MET F 1 9.39 -10.79 6.35
CA MET F 1 9.74 -10.02 5.14
C MET F 1 9.78 -8.53 5.45
N LEU F 2 10.97 -7.92 5.44
CA LEU F 2 11.13 -6.48 5.64
C LEU F 2 11.35 -5.76 4.32
N ILE F 3 10.89 -4.51 4.25
CA ILE F 3 11.14 -3.62 3.14
C ILE F 3 11.59 -2.27 3.66
N LEU F 4 12.57 -1.68 2.98
CA LEU F 4 13.15 -0.39 3.31
C LEU F 4 13.34 0.44 2.05
N THR F 5 13.57 1.75 2.22
CA THR F 5 14.00 2.61 1.13
C THR F 5 15.25 3.38 1.53
N ARG F 6 16.40 2.87 1.11
CA ARG F 6 17.73 3.33 1.49
C ARG F 6 18.36 4.10 0.33
N LYS F 7 19.02 5.24 0.56
CA LYS F 7 19.76 5.89 -0.52
C LYS F 7 21.26 5.66 -0.45
N VAL F 8 21.93 6.03 -1.56
CA VAL F 8 23.33 5.71 -1.74
C VAL F 8 24.21 6.24 -0.60
N GLY F 9 25.13 5.38 -0.13
CA GLY F 9 26.07 5.70 0.93
C GLY F 9 25.56 5.39 2.34
N GLU F 10 24.34 4.88 2.47
CA GLU F 10 23.76 4.50 3.75
C GLU F 10 23.89 3.00 4.01
N SER F 11 23.58 2.53 5.22
CA SER F 11 23.87 1.18 5.66
C SER F 11 22.72 0.51 6.40
N ILE F 12 22.73 -0.82 6.43
CA ILE F 12 21.75 -1.69 7.06
C ILE F 12 22.48 -2.82 7.77
N ASN F 13 21.85 -3.47 8.75
CA ASN F 13 22.46 -4.50 9.58
C ASN F 13 21.58 -5.73 9.70
N ILE F 14 22.21 -6.90 9.82
CA ILE F 14 21.54 -8.18 10.02
C ILE F 14 22.28 -8.98 11.09
N GLY F 15 21.55 -9.66 11.96
CA GLY F 15 22.12 -10.37 13.11
C GLY F 15 22.88 -9.42 14.01
N ASP F 16 24.07 -9.85 14.45
CA ASP F 16 25.02 -9.02 15.19
C ASP F 16 26.42 -9.07 14.59
N ASP F 17 26.58 -9.66 13.41
CA ASP F 17 27.86 -9.79 12.73
C ASP F 17 27.81 -9.35 11.27
N ILE F 18 26.62 -9.16 10.68
CA ILE F 18 26.47 -8.84 9.27
C ILE F 18 26.10 -7.37 9.08
N THR F 19 26.74 -6.72 8.11
CA THR F 19 26.47 -5.35 7.70
C THR F 19 26.29 -5.28 6.18
N ILE F 20 25.38 -4.42 5.74
CA ILE F 20 25.05 -4.18 4.34
C ILE F 20 25.22 -2.69 4.07
N THR F 21 25.72 -2.35 2.87
CA THR F 21 25.92 -0.98 2.45
C THR F 21 25.52 -0.82 0.99
N ILE F 22 24.73 0.21 0.69
CA ILE F 22 24.42 0.61 -0.68
C ILE F 22 25.51 1.56 -1.16
N LEU F 23 26.35 1.09 -2.09
CA LEU F 23 27.55 1.81 -2.51
C LEU F 23 27.22 2.90 -3.54
N GLY F 24 26.16 2.71 -4.31
CA GLY F 24 25.66 3.70 -5.25
C GLY F 24 24.80 3.08 -6.36
N VAL F 25 24.42 3.89 -7.35
CA VAL F 25 23.67 3.43 -8.51
C VAL F 25 24.38 3.77 -9.81
N SER F 26 24.11 2.96 -10.84
CA SER F 26 24.53 3.21 -12.21
C SER F 26 23.41 2.79 -13.15
N GLY F 27 22.51 3.74 -13.46
CA GLY F 27 21.29 3.44 -14.20
C GLY F 27 20.35 2.54 -13.41
N GLN F 28 19.93 1.42 -14.00
CA GLN F 28 19.14 0.41 -13.32
C GLN F 28 20.00 -0.49 -12.44
N GLN F 29 21.32 -0.51 -12.66
CA GLN F 29 22.26 -1.22 -11.81
C GLN F 29 22.46 -0.48 -10.50
N VAL F 30 22.67 -1.26 -9.43
CA VAL F 30 22.82 -0.77 -8.07
C VAL F 30 24.03 -1.48 -7.47
N ARG F 31 25.02 -0.71 -7.05
CA ARG F 31 26.28 -1.21 -6.53
C ARG F 31 26.16 -1.39 -5.02
N ILE F 32 26.45 -2.60 -4.53
CA ILE F 32 26.13 -3.01 -3.17
C ILE F 32 27.33 -3.69 -2.53
N GLY F 33 27.52 -3.49 -1.22
CA GLY F 33 28.55 -4.14 -0.43
C GLY F 33 27.94 -4.92 0.73
N ILE F 34 28.51 -6.09 1.02
CA ILE F 34 28.13 -6.95 2.12
C ILE F 34 29.36 -7.33 2.94
N ASN F 35 29.20 -7.30 4.26
CA ASN F 35 30.22 -7.65 5.22
C ASN F 35 29.67 -8.68 6.20
N ALA F 36 30.13 -9.92 6.07
CA ALA F 36 29.71 -11.03 6.94
C ALA F 36 30.92 -11.82 7.43
N PRO F 37 30.76 -12.57 8.53
CA PRO F 37 31.80 -13.46 9.03
C PRO F 37 32.11 -14.58 8.04
N LYS F 38 33.28 -15.20 8.20
CA LYS F 38 33.67 -16.39 7.44
C LYS F 38 32.79 -17.61 7.74
N ASP F 39 31.98 -17.52 8.78
CA ASP F 39 31.05 -18.56 9.21
C ASP F 39 29.85 -18.69 8.27
N VAL F 40 29.64 -17.72 7.38
CA VAL F 40 28.55 -17.70 6.42
C VAL F 40 29.06 -17.43 5.00
N ALA F 41 28.21 -17.64 4.00
CA ALA F 41 28.48 -17.33 2.62
C ALA F 41 27.69 -16.11 2.16
N VAL F 42 28.10 -15.50 1.04
CA VAL F 42 27.37 -14.41 0.41
C VAL F 42 27.68 -14.35 -1.09
N HIS F 43 26.62 -14.35 -1.90
CA HIS F 43 26.70 -14.25 -3.35
C HIS F 43 25.43 -13.64 -3.90
N ARG F 44 25.40 -13.35 -5.21
CA ARG F 44 24.15 -13.03 -5.88
C ARG F 44 23.33 -14.32 -6.00
N GLU F 45 22.00 -14.19 -6.15
CA GLU F 45 21.11 -15.34 -6.11
C GLU F 45 21.36 -16.30 -7.27
N GLU F 46 22.07 -15.85 -8.32
CA GLU F 46 22.50 -16.68 -9.43
C GLU F 46 23.44 -17.79 -8.95
N ILE F 47 24.44 -17.43 -8.14
CA ILE F 47 25.50 -18.34 -7.73
C ILE F 47 25.02 -19.20 -6.56
N TYR F 48 24.10 -18.68 -5.76
CA TYR F 48 23.50 -19.40 -4.65
C TYR F 48 22.85 -20.72 -5.08
N GLN F 49 22.29 -20.75 -6.29
CA GLN F 49 21.61 -21.93 -6.81
C GLN F 49 22.58 -23.05 -7.18
N ARG F 50 23.85 -22.73 -7.45
CA ARG F 50 24.90 -23.72 -7.66
C ARG F 50 25.32 -24.35 -6.34
N ILE F 51 25.08 -23.64 -5.23
CA ILE F 51 25.61 -23.97 -3.92
C ILE F 51 24.59 -24.79 -3.13
N GLN F 52 23.34 -24.35 -3.12
CA GLN F 52 22.25 -25.07 -2.47
C GLN F 52 21.88 -26.37 -3.18
N ALA F 53 22.61 -26.70 -4.24
CA ALA F 53 22.55 -28.00 -4.89
C ALA F 53 23.06 -29.14 -4.01
N GLY F 54 23.81 -28.82 -2.94
CA GLY F 54 24.16 -29.81 -1.92
C GLY F 54 25.53 -29.60 -1.27
N LEU F 55 26.04 -28.37 -1.24
CA LEU F 55 27.42 -28.10 -0.86
C LEU F 55 27.62 -26.65 -0.40
N THR F 56 28.85 -26.32 0.01
CA THR F 56 29.26 -24.94 0.27
C THR F 56 30.66 -24.63 -0.25
N ALA F 57 31.21 -25.50 -1.11
CA ALA F 57 32.50 -25.30 -1.74
C ALA F 57 32.45 -25.81 -3.18
N PRO F 58 32.89 -25.01 -4.16
CA PRO F 58 33.00 -25.45 -5.55
C PRO F 58 33.95 -26.62 -5.73
N ASP F 59 33.63 -27.48 -6.71
CA ASP F 59 34.49 -28.56 -7.18
C ASP F 59 34.82 -29.59 -6.10
N MET A 1 -24.35 -16.10 20.01
CA MET A 1 -23.23 -16.14 19.08
C MET A 1 -21.91 -16.15 19.84
N LEU A 2 -20.98 -17.05 19.49
CA LEU A 2 -19.72 -17.22 20.21
C LEU A 2 -18.62 -16.43 19.53
N ILE A 3 -18.09 -15.40 20.19
CA ILE A 3 -17.01 -14.58 19.66
C ILE A 3 -15.68 -15.06 20.23
N LEU A 4 -14.66 -15.16 19.37
CA LEU A 4 -13.30 -15.49 19.75
C LEU A 4 -12.33 -14.52 19.10
N THR A 5 -11.13 -14.41 19.66
CA THR A 5 -10.08 -13.53 19.15
C THR A 5 -8.88 -14.40 18.79
N ARG A 6 -8.71 -14.69 17.50
CA ARG A 6 -7.76 -15.68 17.03
C ARG A 6 -6.63 -15.01 16.24
N LYS A 7 -5.38 -15.40 16.52
CA LYS A 7 -4.22 -14.74 15.93
C LYS A 7 -3.72 -15.53 14.73
N VAL A 8 -3.02 -14.86 13.82
CA VAL A 8 -2.52 -15.46 12.59
C VAL A 8 -1.79 -16.77 12.88
N GLY A 9 -2.21 -17.84 12.19
CA GLY A 9 -1.61 -19.16 12.30
C GLY A 9 -2.28 -20.07 13.34
N GLU A 10 -3.28 -19.58 14.06
CA GLU A 10 -4.03 -20.37 15.03
C GLU A 10 -5.34 -20.87 14.43
N SER A 11 -6.03 -21.79 15.13
CA SER A 11 -7.16 -22.53 14.57
C SER A 11 -8.38 -22.61 15.49
N ILE A 12 -9.56 -22.71 14.88
CA ILE A 12 -10.83 -23.00 15.51
C ILE A 12 -11.33 -24.37 15.09
N ASN A 13 -12.19 -25.01 15.89
CA ASN A 13 -12.82 -26.28 15.59
C ASN A 13 -14.33 -26.21 15.80
N ILE A 14 -15.09 -26.86 14.92
CA ILE A 14 -16.55 -26.82 14.89
C ILE A 14 -17.10 -28.22 14.70
N GLY A 15 -18.06 -28.62 15.54
CA GLY A 15 -18.70 -29.92 15.46
C GLY A 15 -17.72 -31.03 15.84
N ASP A 16 -17.62 -32.04 14.97
CA ASP A 16 -16.73 -33.17 15.15
C ASP A 16 -15.86 -33.42 13.92
N ASP A 17 -15.98 -32.59 12.88
CA ASP A 17 -15.40 -32.84 11.58
C ASP A 17 -14.95 -31.59 10.83
N ILE A 18 -15.20 -30.39 11.35
CA ILE A 18 -14.77 -29.14 10.73
C ILE A 18 -13.68 -28.48 11.57
N THR A 19 -12.64 -28.00 10.89
CA THR A 19 -11.59 -27.19 11.49
C THR A 19 -11.35 -25.95 10.63
N ILE A 20 -11.02 -24.81 11.25
CA ILE A 20 -10.83 -23.53 10.60
C ILE A 20 -9.47 -22.98 11.00
N THR A 21 -8.75 -22.29 10.11
CA THR A 21 -7.46 -21.69 10.42
C THR A 21 -7.37 -20.29 9.81
N ILE A 22 -6.89 -19.33 10.58
CA ILE A 22 -6.54 -18.01 10.06
C ILE A 22 -5.14 -18.09 9.47
N LEU A 23 -5.05 -18.32 8.15
CA LEU A 23 -3.76 -18.51 7.50
C LEU A 23 -2.96 -17.21 7.49
N GLY A 24 -3.65 -16.06 7.48
CA GLY A 24 -3.02 -14.76 7.70
C GLY A 24 -3.93 -13.59 7.34
N VAL A 25 -3.36 -12.39 7.28
CA VAL A 25 -4.10 -11.16 6.99
C VAL A 25 -3.45 -10.39 5.85
N SER A 26 -4.26 -9.57 5.16
CA SER A 26 -3.81 -8.77 4.02
C SER A 26 -4.27 -7.32 4.20
N GLY A 27 -3.81 -6.67 5.27
CA GLY A 27 -4.30 -5.35 5.65
C GLY A 27 -5.65 -5.44 6.36
N GLN A 28 -6.66 -4.74 5.84
CA GLN A 28 -8.03 -4.81 6.31
C GLN A 28 -8.73 -6.08 5.82
N GLN A 29 -7.98 -6.95 5.12
CA GLN A 29 -8.42 -8.27 4.73
C GLN A 29 -7.90 -9.35 5.67
N VAL A 30 -8.54 -10.52 5.57
CA VAL A 30 -8.35 -11.67 6.43
C VAL A 30 -8.43 -12.93 5.57
N ARG A 31 -7.45 -13.82 5.69
CA ARG A 31 -7.32 -15.01 4.86
C ARG A 31 -7.56 -16.26 5.71
N ILE A 32 -8.76 -16.82 5.57
CA ILE A 32 -9.29 -17.91 6.38
C ILE A 32 -9.33 -19.18 5.54
N GLY A 33 -8.75 -20.27 6.07
CA GLY A 33 -8.88 -21.60 5.50
C GLY A 33 -9.89 -22.44 6.28
N ILE A 34 -10.68 -23.23 5.55
CA ILE A 34 -11.70 -24.12 6.08
C ILE A 34 -11.28 -25.55 5.76
N ASN A 35 -11.38 -26.44 6.75
CA ASN A 35 -11.09 -27.86 6.61
C ASN A 35 -12.30 -28.67 7.05
N ALA A 36 -13.30 -28.66 6.19
CA ALA A 36 -14.50 -29.49 6.29
C ALA A 36 -14.50 -30.58 5.23
N PRO A 37 -15.19 -31.71 5.45
CA PRO A 37 -15.31 -32.77 4.46
C PRO A 37 -16.26 -32.36 3.35
N LYS A 38 -16.12 -32.98 2.17
CA LYS A 38 -16.95 -32.68 1.02
C LYS A 38 -18.40 -33.15 1.19
N ASP A 39 -18.69 -33.79 2.32
CA ASP A 39 -20.04 -34.11 2.73
C ASP A 39 -20.83 -32.87 3.16
N VAL A 40 -20.13 -31.79 3.55
CA VAL A 40 -20.73 -30.51 3.85
C VAL A 40 -20.20 -29.41 2.94
N ALA A 41 -21.08 -28.48 2.59
CA ALA A 41 -20.79 -27.37 1.69
C ALA A 41 -20.20 -26.19 2.46
N VAL A 42 -19.23 -25.49 1.86
CA VAL A 42 -18.64 -24.30 2.46
C VAL A 42 -18.54 -23.18 1.42
N HIS A 43 -19.07 -21.99 1.77
CA HIS A 43 -19.19 -20.87 0.85
C HIS A 43 -19.19 -19.56 1.65
N ARG A 44 -19.01 -18.42 0.97
CA ARG A 44 -19.20 -17.12 1.60
C ARG A 44 -20.57 -16.54 1.32
N GLU A 45 -20.97 -15.53 2.11
CA GLU A 45 -22.29 -14.93 2.05
C GLU A 45 -22.60 -14.32 0.69
N GLU A 46 -21.57 -13.80 0.00
CA GLU A 46 -21.67 -13.25 -1.34
C GLU A 46 -22.03 -14.31 -2.39
N ILE A 47 -21.93 -15.59 -2.04
CA ILE A 47 -22.20 -16.72 -2.92
C ILE A 47 -23.31 -17.61 -2.36
N TYR A 48 -23.50 -17.64 -1.04
CA TYR A 48 -24.45 -18.54 -0.41
C TYR A 48 -25.87 -18.20 -0.85
N GLN A 49 -26.12 -16.92 -1.13
CA GLN A 49 -27.40 -16.43 -1.59
C GLN A 49 -27.68 -16.82 -3.04
N ARG A 50 -26.64 -17.23 -3.77
CA ARG A 50 -26.77 -17.82 -5.10
C ARG A 50 -27.20 -19.29 -5.02
N ILE A 51 -26.82 -19.98 -3.94
CA ILE A 51 -27.20 -21.37 -3.70
C ILE A 51 -28.67 -21.43 -3.33
N GLN A 52 -29.06 -20.64 -2.33
CA GLN A 52 -30.40 -20.62 -1.78
C GLN A 52 -31.37 -19.87 -2.67
N ALA A 53 -30.89 -19.44 -3.85
CA ALA A 53 -31.74 -18.91 -4.91
C ALA A 53 -32.67 -19.96 -5.50
N GLY A 54 -32.47 -21.24 -5.18
CA GLY A 54 -33.33 -22.33 -5.58
C GLY A 54 -32.62 -23.39 -6.43
N LEU A 55 -31.29 -23.42 -6.38
CA LEU A 55 -30.46 -24.35 -7.13
C LEU A 55 -29.54 -25.16 -6.21
N THR A 56 -28.86 -26.15 -6.78
CA THR A 56 -27.84 -26.93 -6.10
C THR A 56 -26.70 -27.28 -7.05
N ALA A 57 -25.57 -27.74 -6.50
CA ALA A 57 -24.42 -28.16 -7.29
C ALA A 57 -24.74 -29.41 -8.10
N PRO A 58 -24.05 -29.61 -9.24
CA PRO A 58 -24.25 -30.76 -10.10
C PRO A 58 -23.70 -32.04 -9.48
N ASP A 59 -24.13 -33.17 -10.05
CA ASP A 59 -23.76 -34.50 -9.62
C ASP A 59 -22.36 -34.91 -10.08
N MET B 1 -8.13 -28.29 2.30
CA MET B 1 -8.45 -26.90 2.72
C MET B 1 -9.20 -26.17 1.61
N LEU B 2 -10.25 -25.43 1.97
CA LEU B 2 -10.93 -24.49 1.10
C LEU B 2 -10.74 -23.10 1.68
N ILE B 3 -10.15 -22.19 0.90
CA ILE B 3 -9.61 -20.93 1.43
C ILE B 3 -10.32 -19.72 0.85
N LEU B 4 -10.54 -18.72 1.71
CA LEU B 4 -11.25 -17.50 1.40
C LEU B 4 -10.52 -16.28 1.95
N THR B 5 -10.45 -15.22 1.15
CA THR B 5 -9.85 -13.95 1.55
C THR B 5 -10.90 -12.86 1.48
N ARG B 6 -11.34 -12.41 2.67
CA ARG B 6 -12.45 -11.49 2.86
C ARG B 6 -11.96 -10.29 3.67
N LYS B 7 -12.80 -9.26 3.83
CA LYS B 7 -12.47 -8.11 4.66
C LYS B 7 -13.29 -8.04 5.93
N VAL B 8 -12.94 -7.13 6.84
CA VAL B 8 -13.69 -6.98 8.07
C VAL B 8 -15.12 -6.56 7.80
N GLY B 9 -16.06 -7.19 8.50
CA GLY B 9 -17.49 -6.99 8.30
C GLY B 9 -18.12 -7.93 7.29
N GLU B 10 -17.34 -8.83 6.67
CA GLU B 10 -17.85 -9.81 5.72
C GLU B 10 -18.21 -11.13 6.41
N SER B 11 -19.00 -11.96 5.73
CA SER B 11 -19.62 -13.14 6.32
C SER B 11 -19.42 -14.40 5.49
N ILE B 12 -19.42 -15.56 6.15
CA ILE B 12 -19.12 -16.87 5.59
C ILE B 12 -20.06 -17.92 6.18
N ASN B 13 -20.25 -19.04 5.48
CA ASN B 13 -21.24 -20.05 5.84
C ASN B 13 -20.71 -21.47 5.69
N ILE B 14 -21.15 -22.37 6.57
CA ILE B 14 -20.80 -23.78 6.56
C ILE B 14 -22.05 -24.63 6.79
N GLY B 15 -22.28 -25.60 5.90
CA GLY B 15 -23.46 -26.45 5.95
C GLY B 15 -24.74 -25.62 5.86
N ASP B 16 -25.71 -25.93 6.72
CA ASP B 16 -26.94 -25.16 6.85
C ASP B 16 -27.20 -24.75 8.30
N ASP B 17 -26.29 -25.06 9.22
CA ASP B 17 -26.43 -24.77 10.64
C ASP B 17 -25.40 -23.77 11.15
N ILE B 18 -24.34 -23.48 10.40
CA ILE B 18 -23.23 -22.68 10.87
C ILE B 18 -23.00 -21.47 9.97
N THR B 19 -22.78 -20.31 10.61
CA THR B 19 -22.36 -19.08 9.98
C THR B 19 -21.18 -18.49 10.73
N ILE B 20 -20.28 -17.82 10.00
CA ILE B 20 -19.07 -17.20 10.50
C ILE B 20 -19.04 -15.75 10.06
N THR B 21 -18.53 -14.86 10.92
CA THR B 21 -18.40 -13.45 10.60
C THR B 21 -17.06 -12.92 11.09
N ILE B 22 -16.33 -12.20 10.24
CA ILE B 22 -15.14 -11.48 10.68
C ILE B 22 -15.59 -10.12 11.21
N LEU B 23 -15.56 -9.95 12.53
CA LEU B 23 -15.99 -8.72 13.16
C LEU B 23 -14.94 -7.62 13.01
N GLY B 24 -13.67 -8.02 12.97
CA GLY B 24 -12.58 -7.11 12.66
C GLY B 24 -11.22 -7.66 13.11
N VAL B 25 -10.16 -6.91 12.86
CA VAL B 25 -8.81 -7.27 13.30
C VAL B 25 -8.35 -6.35 14.41
N SER B 26 -7.43 -6.84 15.22
CA SER B 26 -6.72 -6.08 16.24
C SER B 26 -5.23 -6.39 16.13
N GLY B 27 -4.60 -5.82 15.09
CA GLY B 27 -3.22 -6.14 14.75
C GLY B 27 -3.13 -7.50 14.06
N GLN B 28 -2.37 -8.41 14.66
CA GLN B 28 -2.24 -9.79 14.18
C GLN B 28 -3.24 -10.70 14.87
N GLN B 29 -4.12 -10.11 15.68
CA GLN B 29 -5.26 -10.78 16.26
C GLN B 29 -6.51 -10.48 15.45
N VAL B 30 -7.49 -11.39 15.51
CA VAL B 30 -8.65 -11.35 14.63
C VAL B 30 -9.90 -11.70 15.41
N ARG B 31 -10.83 -10.74 15.55
CA ARG B 31 -12.09 -10.91 16.26
C ARG B 31 -13.12 -11.55 15.32
N ILE B 32 -13.55 -12.77 15.67
CA ILE B 32 -14.38 -13.61 14.82
C ILE B 32 -15.64 -14.01 15.58
N GLY B 33 -16.81 -13.84 14.96
CA GLY B 33 -18.07 -14.36 15.46
C GLY B 33 -18.38 -15.72 14.85
N ILE B 34 -18.90 -16.63 15.67
CA ILE B 34 -19.34 -17.95 15.25
C ILE B 34 -20.78 -18.14 15.68
N ASN B 35 -21.59 -18.59 14.73
CA ASN B 35 -23.04 -18.63 14.84
C ASN B 35 -23.55 -20.01 14.45
N ALA B 36 -23.48 -20.92 15.43
CA ALA B 36 -23.95 -22.28 15.31
C ALA B 36 -24.87 -22.61 16.49
N PRO B 37 -25.73 -23.62 16.34
CA PRO B 37 -26.46 -24.16 17.47
C PRO B 37 -25.51 -24.72 18.51
N LYS B 38 -25.96 -24.82 19.75
CA LYS B 38 -25.21 -25.45 20.83
C LYS B 38 -25.21 -26.96 20.71
N ASP B 39 -25.90 -27.42 19.66
CA ASP B 39 -25.92 -28.80 19.20
C ASP B 39 -24.55 -29.22 18.66
N VAL B 40 -23.68 -28.25 18.38
CA VAL B 40 -22.30 -28.46 17.97
C VAL B 40 -21.36 -27.80 18.97
N ALA B 41 -20.21 -28.42 19.22
CA ALA B 41 -19.18 -27.80 20.03
C ALA B 41 -18.26 -26.93 19.18
N VAL B 42 -17.86 -25.80 19.76
CA VAL B 42 -17.22 -24.70 19.05
C VAL B 42 -16.15 -24.07 19.94
N HIS B 43 -14.89 -24.47 19.75
CA HIS B 43 -13.75 -23.95 20.51
C HIS B 43 -12.49 -23.89 19.63
N ARG B 44 -11.47 -23.16 20.10
CA ARG B 44 -10.15 -23.20 19.48
C ARG B 44 -9.46 -24.53 19.72
N GLU B 45 -8.44 -24.86 18.92
CA GLU B 45 -7.79 -26.16 18.96
C GLU B 45 -7.19 -26.46 20.33
N GLU B 46 -6.58 -25.47 21.00
CA GLU B 46 -6.03 -25.66 22.33
C GLU B 46 -7.09 -25.85 23.41
N ILE B 47 -8.37 -25.82 23.03
CA ILE B 47 -9.48 -26.18 23.90
C ILE B 47 -10.07 -27.52 23.46
N TYR B 48 -10.36 -27.61 22.17
CA TYR B 48 -10.93 -28.78 21.52
C TYR B 48 -10.14 -30.05 21.85
N GLN B 49 -8.82 -29.96 21.95
CA GLN B 49 -7.95 -31.11 22.15
C GLN B 49 -8.09 -31.71 23.54
N ARG B 50 -8.63 -30.97 24.52
CA ARG B 50 -9.01 -31.53 25.81
C ARG B 50 -10.39 -32.18 25.74
N ILE B 51 -11.30 -31.55 25.00
CA ILE B 51 -12.69 -31.99 24.92
C ILE B 51 -12.76 -33.35 24.24
N GLN B 52 -11.92 -33.54 23.22
CA GLN B 52 -11.76 -34.82 22.57
C GLN B 52 -10.87 -35.79 23.36
N ALA B 53 -10.44 -35.40 24.57
CA ALA B 53 -9.71 -36.28 25.48
C ALA B 53 -10.63 -37.07 26.40
N GLY B 54 -11.93 -36.77 26.42
CA GLY B 54 -12.92 -37.61 27.09
C GLY B 54 -13.90 -36.85 27.98
N LEU B 55 -14.40 -35.69 27.53
CA LEU B 55 -15.14 -34.78 28.37
C LEU B 55 -15.84 -33.67 27.60
N THR B 56 -16.44 -32.74 28.33
CA THR B 56 -16.95 -31.46 27.84
C THR B 56 -16.35 -30.35 28.71
N ALA B 57 -16.59 -29.09 28.34
CA ALA B 57 -16.15 -27.91 29.06
C ALA B 57 -16.19 -28.13 30.58
N PRO B 58 -15.08 -27.93 31.28
CA PRO B 58 -14.97 -28.20 32.71
C PRO B 58 -15.92 -27.36 33.56
N ASP B 59 -15.83 -27.56 34.88
CA ASP B 59 -16.68 -26.87 35.85
C ASP B 59 -16.51 -25.35 35.80
N MET C 1 -16.57 31.97 -7.51
CA MET C 1 -15.82 30.74 -7.86
C MET C 1 -16.64 29.83 -8.77
N LEU C 2 -16.02 29.32 -9.83
CA LEU C 2 -16.53 28.25 -10.66
C LEU C 2 -15.56 27.08 -10.54
N ILE C 3 -15.94 26.03 -9.81
CA ILE C 3 -15.13 24.85 -9.58
C ILE C 3 -15.29 23.89 -10.76
N LEU C 4 -14.16 23.31 -11.20
CA LEU C 4 -14.11 22.27 -12.22
C LEU C 4 -13.19 21.14 -11.76
N THR C 5 -13.58 19.89 -12.02
CA THR C 5 -12.71 18.74 -11.84
C THR C 5 -12.13 18.29 -13.18
N ARG C 6 -10.87 17.85 -13.16
CA ARG C 6 -10.21 17.26 -14.32
C ARG C 6 -9.38 16.07 -13.90
N LYS C 7 -9.39 15.01 -14.72
CA LYS C 7 -8.46 13.90 -14.59
C LYS C 7 -7.10 14.35 -15.13
N VAL C 8 -6.00 13.71 -14.72
CA VAL C 8 -4.68 14.11 -15.20
C VAL C 8 -4.58 14.02 -16.72
N GLY C 9 -4.01 15.07 -17.32
CA GLY C 9 -3.86 15.21 -18.76
C GLY C 9 -5.08 15.82 -19.45
N GLU C 10 -6.15 16.15 -18.72
CA GLU C 10 -7.30 16.85 -19.26
C GLU C 10 -7.12 18.37 -19.24
N SER C 11 -8.05 19.11 -19.84
CA SER C 11 -7.87 20.53 -20.14
C SER C 11 -9.06 21.42 -19.79
N ILE C 12 -8.78 22.71 -19.61
CA ILE C 12 -9.70 23.77 -19.22
C ILE C 12 -9.39 25.03 -20.03
N ASN C 13 -10.36 25.93 -20.19
CA ASN C 13 -10.27 27.14 -21.00
C ASN C 13 -10.73 28.37 -20.21
N ILE C 14 -10.13 29.53 -20.48
CA ILE C 14 -10.53 30.80 -19.90
C ILE C 14 -10.55 31.88 -21.00
N GLY C 15 -11.62 32.66 -21.05
CA GLY C 15 -11.83 33.68 -22.07
C GLY C 15 -11.84 33.07 -23.46
N ASP C 16 -11.12 33.71 -24.39
CA ASP C 16 -10.82 33.17 -25.71
C ASP C 16 -9.34 33.26 -26.04
N ASP C 17 -8.51 33.60 -25.06
CA ASP C 17 -7.07 33.77 -25.22
C ASP C 17 -6.26 32.89 -24.26
N ILE C 18 -6.90 32.25 -23.28
CA ILE C 18 -6.20 31.51 -22.23
C ILE C 18 -6.66 30.06 -22.19
N THR C 19 -5.71 29.13 -22.02
CA THR C 19 -5.97 27.70 -21.87
C THR C 19 -5.18 27.15 -20.69
N ILE C 20 -5.72 26.17 -19.99
CA ILE C 20 -5.16 25.58 -18.79
C ILE C 20 -5.11 24.06 -18.96
N THR C 21 -4.05 23.40 -18.49
CA THR C 21 -3.91 21.95 -18.56
C THR C 21 -3.44 21.41 -17.22
N ILE C 22 -4.08 20.36 -16.71
CA ILE C 22 -3.56 19.64 -15.57
C ILE C 22 -2.71 18.50 -16.10
N LEU C 23 -1.38 18.56 -15.90
CA LEU C 23 -0.45 17.64 -16.54
C LEU C 23 -0.35 16.35 -15.73
N GLY C 24 -0.25 16.46 -14.40
CA GLY C 24 -0.37 15.31 -13.54
C GLY C 24 -0.25 15.64 -12.05
N VAL C 25 -0.30 14.63 -11.19
CA VAL C 25 -0.05 14.79 -9.76
C VAL C 25 1.12 13.93 -9.30
N SER C 26 1.81 14.39 -8.26
CA SER C 26 2.86 13.67 -7.57
C SER C 26 2.74 13.93 -6.08
N GLY C 27 2.27 12.95 -5.31
CA GLY C 27 1.90 13.21 -3.93
C GLY C 27 0.70 14.15 -3.85
N GLN C 28 0.89 15.30 -3.21
CA GLN C 28 -0.07 16.38 -3.19
C GLN C 28 0.23 17.48 -4.21
N GLN C 29 1.38 17.40 -4.88
CA GLN C 29 1.72 18.33 -5.94
C GLN C 29 0.93 18.02 -7.20
N VAL C 30 0.71 19.08 -7.98
CA VAL C 30 -0.03 19.06 -9.23
C VAL C 30 0.80 19.83 -10.24
N ARG C 31 1.31 19.17 -11.28
CA ARG C 31 1.91 19.89 -12.39
C ARG C 31 0.81 20.45 -13.26
N ILE C 32 0.69 21.78 -13.28
CA ILE C 32 -0.33 22.53 -14.00
C ILE C 32 0.34 23.40 -15.06
N GLY C 33 -0.16 23.38 -16.30
CA GLY C 33 0.26 24.26 -17.38
C GLY C 33 -0.72 25.40 -17.61
N ILE C 34 -0.19 26.58 -17.92
CA ILE C 34 -0.97 27.78 -18.21
C ILE C 34 -0.53 28.34 -19.56
N ASN C 35 -1.46 28.54 -20.48
CA ASN C 35 -1.17 29.07 -21.81
C ASN C 35 -1.94 30.38 -22.02
N ALA C 36 -1.25 31.51 -21.89
CA ALA C 36 -1.81 32.84 -22.10
C ALA C 36 -0.83 33.73 -22.85
N PRO C 37 -1.29 34.78 -23.54
CA PRO C 37 -0.43 35.78 -24.14
C PRO C 37 0.36 36.55 -23.08
N LYS C 38 1.53 37.08 -23.46
CA LYS C 38 2.31 37.98 -22.62
C LYS C 38 1.62 39.32 -22.41
N ASP C 39 0.44 39.51 -22.99
CA ASP C 39 -0.46 40.62 -22.71
C ASP C 39 -0.99 40.54 -21.28
N VAL C 40 -0.96 39.34 -20.68
CA VAL C 40 -1.35 39.11 -19.30
C VAL C 40 -0.24 38.39 -18.55
N ALA C 41 -0.10 38.67 -17.25
CA ALA C 41 0.87 38.02 -16.40
C ALA C 41 0.30 36.74 -15.80
N VAL C 42 1.16 35.79 -15.42
CA VAL C 42 0.77 34.62 -14.65
C VAL C 42 1.77 34.37 -13.52
N HIS C 43 1.29 34.16 -12.30
CA HIS C 43 2.12 33.92 -11.13
C HIS C 43 1.38 33.09 -10.10
N ARG C 44 2.10 32.39 -9.22
CA ARG C 44 1.51 31.80 -8.03
C ARG C 44 1.05 32.94 -7.12
N GLU C 45 0.04 32.73 -6.28
CA GLU C 45 -0.50 33.80 -5.46
C GLU C 45 0.52 34.31 -4.45
N GLU C 46 1.47 33.46 -4.05
CA GLU C 46 2.60 33.83 -3.21
C GLU C 46 3.59 34.76 -3.91
N ILE C 47 3.66 34.69 -5.24
CA ILE C 47 4.47 35.60 -6.06
C ILE C 47 3.64 36.78 -6.54
N TYR C 48 2.33 36.60 -6.72
CA TYR C 48 1.44 37.67 -7.15
C TYR C 48 1.50 38.86 -6.19
N GLN C 49 1.53 38.58 -4.88
CA GLN C 49 1.62 39.62 -3.86
C GLN C 49 2.91 40.43 -3.96
N ARG C 50 3.97 39.85 -4.52
CA ARG C 50 5.21 40.55 -4.80
C ARG C 50 5.07 41.49 -6.00
N ILE C 51 4.34 41.09 -7.05
CA ILE C 51 4.03 41.98 -8.16
C ILE C 51 3.14 43.12 -7.68
N GLN C 52 2.42 42.92 -6.58
CA GLN C 52 1.59 43.96 -5.97
C GLN C 52 2.37 44.82 -4.97
N ALA C 53 3.63 44.47 -4.69
CA ALA C 53 4.49 45.22 -3.78
C ALA C 53 5.34 46.27 -4.51
N GLY C 54 5.40 46.20 -5.84
CA GLY C 54 6.20 47.09 -6.66
C GLY C 54 7.60 46.54 -6.89
N LEU C 55 8.10 46.70 -8.11
CA LEU C 55 9.32 46.06 -8.59
C LEU C 55 10.02 46.87 -9.68
N THR C 56 9.64 48.15 -9.84
CA THR C 56 10.16 49.02 -10.88
C THR C 56 11.67 49.21 -10.75
N ALA C 57 12.18 49.08 -9.52
CA ALA C 57 13.59 48.99 -9.23
C ALA C 57 13.86 47.64 -8.54
N PRO C 58 14.22 46.60 -9.31
CA PRO C 58 14.42 45.26 -8.78
C PRO C 58 15.44 45.19 -7.65
N ASP C 59 16.50 46.00 -7.76
CA ASP C 59 17.62 45.98 -6.83
C ASP C 59 18.39 47.30 -6.88
N MET D 1 2.74 28.45 -22.91
CA MET D 1 2.85 27.60 -21.71
C MET D 1 3.88 28.04 -20.68
N LEU D 2 3.36 28.21 -19.46
CA LEU D 2 4.07 28.40 -18.22
C LEU D 2 3.58 27.35 -17.22
N ILE D 3 4.40 26.32 -16.97
CA ILE D 3 4.08 25.17 -16.14
C ILE D 3 4.59 25.39 -14.72
N LEU D 4 3.83 24.91 -13.73
CA LEU D 4 4.09 25.08 -12.31
C LEU D 4 3.81 23.79 -11.54
N THR D 5 4.31 23.72 -10.31
CA THR D 5 3.90 22.72 -9.32
C THR D 5 3.27 23.44 -8.14
N ARG D 6 1.97 23.21 -7.91
CA ARG D 6 1.30 23.65 -6.69
C ARG D 6 0.76 22.44 -5.94
N LYS D 7 0.79 22.50 -4.61
CA LYS D 7 0.17 21.48 -3.78
C LYS D 7 -1.26 21.84 -3.44
N VAL D 8 -2.04 20.87 -2.95
CA VAL D 8 -3.42 21.12 -2.58
C VAL D 8 -3.54 22.25 -1.56
N GLY D 9 -4.56 23.10 -1.72
CA GLY D 9 -4.83 24.23 -0.86
C GLY D 9 -4.05 25.50 -1.23
N GLU D 10 -3.20 25.45 -2.27
CA GLU D 10 -2.44 26.59 -2.74
C GLU D 10 -3.18 27.38 -3.81
N SER D 11 -2.64 28.55 -4.17
CA SER D 11 -3.32 29.53 -5.02
C SER D 11 -2.39 30.14 -6.07
N ILE D 12 -2.99 30.72 -7.11
CA ILE D 12 -2.37 31.17 -8.34
C ILE D 12 -3.19 32.33 -8.91
N ASN D 13 -2.59 33.17 -9.75
CA ASN D 13 -3.21 34.34 -10.35
C ASN D 13 -2.90 34.42 -11.84
N ILE D 14 -3.84 35.00 -12.60
CA ILE D 14 -3.72 35.29 -14.02
C ILE D 14 -4.22 36.70 -14.29
N GLY D 15 -3.50 37.45 -15.13
CA GLY D 15 -3.80 38.84 -15.41
C GLY D 15 -3.79 39.68 -14.12
N ASP D 16 -4.80 40.53 -13.97
CA ASP D 16 -5.00 41.32 -12.76
C ASP D 16 -6.40 41.12 -12.18
N ASP D 17 -7.19 40.21 -12.74
CA ASP D 17 -8.59 40.03 -12.38
C ASP D 17 -8.98 38.55 -12.21
N ILE D 18 -8.08 37.62 -12.48
CA ILE D 18 -8.36 36.19 -12.45
C ILE D 18 -7.52 35.50 -11.38
N THR D 19 -8.15 34.61 -10.61
CA THR D 19 -7.50 33.83 -9.56
C THR D 19 -7.85 32.35 -9.73
N ILE D 20 -6.89 31.47 -9.44
CA ILE D 20 -7.05 30.03 -9.51
C ILE D 20 -6.62 29.44 -8.16
N THR D 21 -7.35 28.43 -7.68
CA THR D 21 -7.07 27.75 -6.42
C THR D 21 -7.14 26.25 -6.63
N ILE D 22 -6.14 25.49 -6.18
CA ILE D 22 -6.22 24.05 -6.18
C ILE D 22 -6.91 23.60 -4.90
N LEU D 23 -8.17 23.17 -5.02
CA LEU D 23 -9.02 22.87 -3.88
C LEU D 23 -8.68 21.51 -3.28
N GLY D 24 -8.21 20.59 -4.12
CA GLY D 24 -7.68 19.31 -3.68
C GLY D 24 -7.53 18.30 -4.80
N VAL D 25 -7.07 17.09 -4.48
CA VAL D 25 -7.10 15.97 -5.40
C VAL D 25 -8.16 14.96 -4.96
N SER D 26 -8.59 14.12 -5.90
CA SER D 26 -9.44 12.97 -5.66
C SER D 26 -8.98 11.82 -6.54
N GLY D 27 -7.91 11.13 -6.13
CA GLY D 27 -7.27 10.10 -6.91
C GLY D 27 -6.49 10.69 -8.08
N GLN D 28 -6.96 10.44 -9.29
CA GLN D 28 -6.38 10.98 -10.52
C GLN D 28 -7.12 12.24 -10.97
N GLN D 29 -8.25 12.56 -10.34
CA GLN D 29 -8.91 13.84 -10.53
C GLN D 29 -8.30 14.91 -9.64
N VAL D 30 -8.42 16.16 -10.10
CA VAL D 30 -7.89 17.34 -9.45
C VAL D 30 -9.00 18.38 -9.44
N ARG D 31 -9.40 18.81 -8.24
CA ARG D 31 -10.52 19.71 -8.03
C ARG D 31 -10.00 21.15 -7.97
N ILE D 32 -10.30 21.94 -9.00
CA ILE D 32 -9.71 23.24 -9.22
C ILE D 32 -10.79 24.32 -9.20
N GLY D 33 -10.60 25.35 -8.38
CA GLY D 33 -11.46 26.52 -8.33
C GLY D 33 -10.93 27.62 -9.25
N ILE D 34 -11.82 28.22 -10.04
CA ILE D 34 -11.49 29.37 -10.88
C ILE D 34 -12.34 30.55 -10.45
N ASN D 35 -11.76 31.76 -10.48
CA ASN D 35 -12.43 32.98 -10.10
C ASN D 35 -12.09 34.09 -11.08
N ALA D 36 -13.04 34.43 -11.94
CA ALA D 36 -12.91 35.48 -12.94
C ALA D 36 -14.19 36.32 -12.97
N PRO D 37 -14.13 37.58 -13.43
CA PRO D 37 -15.32 38.37 -13.68
C PRO D 37 -16.18 37.72 -14.77
N LYS D 38 -17.50 37.93 -14.72
CA LYS D 38 -18.41 37.45 -15.75
C LYS D 38 -18.24 38.20 -17.08
N ASP D 39 -17.33 39.18 -17.09
CA ASP D 39 -16.85 39.85 -18.29
C ASP D 39 -16.02 38.90 -19.16
N VAL D 40 -15.52 37.81 -18.58
CA VAL D 40 -14.78 36.77 -19.28
C VAL D 40 -15.37 35.40 -18.97
N ALA D 41 -15.08 34.43 -19.84
CA ALA D 41 -15.63 33.09 -19.74
C ALA D 41 -14.67 32.11 -19.06
N VAL D 42 -15.19 31.02 -18.50
CA VAL D 42 -14.38 29.89 -18.05
C VAL D 42 -15.17 28.59 -18.19
N HIS D 43 -14.59 27.60 -18.87
CA HIS D 43 -15.18 26.29 -19.05
C HIS D 43 -14.11 25.22 -19.17
N ARG D 44 -14.47 23.94 -19.06
CA ARG D 44 -13.57 22.86 -19.43
C ARG D 44 -13.31 22.94 -20.93
N GLU D 45 -12.23 22.34 -21.43
CA GLU D 45 -12.03 22.20 -22.87
C GLU D 45 -13.17 21.37 -23.48
N GLU D 46 -13.69 20.39 -22.74
CA GLU D 46 -14.88 19.63 -23.06
C GLU D 46 -16.05 20.53 -23.46
N ILE D 47 -16.19 21.64 -22.75
CA ILE D 47 -17.34 22.53 -22.82
C ILE D 47 -17.05 23.71 -23.73
N TYR D 48 -15.81 24.20 -23.72
CA TYR D 48 -15.33 25.18 -24.69
C TYR D 48 -15.50 24.66 -26.11
N GLN D 49 -15.23 23.37 -26.32
CA GLN D 49 -15.41 22.70 -27.61
C GLN D 49 -16.87 22.64 -28.03
N ARG D 50 -17.81 22.76 -27.09
CA ARG D 50 -19.24 22.91 -27.36
C ARG D 50 -19.62 24.35 -27.63
N ILE D 51 -19.02 25.29 -26.90
CA ILE D 51 -19.39 26.69 -27.01
C ILE D 51 -18.84 27.26 -28.31
N GLN D 52 -17.62 26.84 -28.68
CA GLN D 52 -17.01 27.16 -29.95
C GLN D 52 -17.54 26.27 -31.07
N ALA D 53 -18.49 25.38 -30.76
CA ALA D 53 -19.19 24.57 -31.75
C ALA D 53 -20.20 25.38 -32.56
N GLY D 54 -20.50 26.62 -32.16
CA GLY D 54 -21.31 27.55 -32.94
C GLY D 54 -22.42 28.22 -32.15
N LEU D 55 -22.25 28.46 -30.85
CA LEU D 55 -23.34 28.86 -29.97
C LEU D 55 -22.88 29.60 -28.72
N THR D 56 -23.85 29.87 -27.83
CA THR D 56 -23.65 30.32 -26.47
C THR D 56 -24.53 29.45 -25.58
N ALA D 57 -24.23 29.38 -24.28
CA ALA D 57 -24.85 28.40 -23.38
C ALA D 57 -26.38 28.41 -23.54
N PRO D 58 -26.99 27.22 -23.65
CA PRO D 58 -28.43 27.07 -23.86
C PRO D 58 -29.29 27.76 -22.82
N ASP D 59 -30.60 27.82 -23.08
CA ASP D 59 -31.56 28.56 -22.30
C ASP D 59 -31.64 28.10 -20.84
N MET E 1 35.23 -9.00 4.31
CA MET E 1 33.99 -8.40 3.79
C MET E 1 33.80 -8.78 2.32
N LEU E 2 32.56 -8.82 1.84
CA LEU E 2 32.27 -9.10 0.43
C LEU E 2 31.64 -7.88 -0.23
N ILE E 3 32.09 -7.55 -1.45
CA ILE E 3 31.66 -6.40 -2.22
C ILE E 3 30.94 -6.87 -3.48
N LEU E 4 29.70 -6.41 -3.67
CA LEU E 4 28.79 -6.82 -4.74
C LEU E 4 28.42 -5.61 -5.59
N THR E 5 28.04 -5.84 -6.86
CA THR E 5 27.37 -4.84 -7.67
C THR E 5 26.21 -5.50 -8.40
N ARG E 6 24.99 -5.13 -8.02
CA ARG E 6 23.76 -5.78 -8.45
C ARG E 6 22.74 -4.75 -8.92
N LYS E 7 22.00 -5.04 -9.98
CA LYS E 7 21.01 -4.09 -10.48
C LYS E 7 19.64 -4.26 -9.83
N VAL E 8 18.73 -3.32 -10.10
CA VAL E 8 17.38 -3.41 -9.55
C VAL E 8 16.67 -4.68 -10.00
N GLY E 9 15.94 -5.30 -9.08
CA GLY E 9 15.22 -6.54 -9.31
C GLY E 9 16.06 -7.80 -9.09
N GLU E 10 17.35 -7.67 -8.76
CA GLU E 10 18.21 -8.79 -8.40
C GLU E 10 18.07 -9.15 -6.92
N SER E 11 18.67 -10.27 -6.53
CA SER E 11 18.59 -10.79 -5.16
C SER E 11 19.93 -11.30 -4.66
N ILE E 12 20.10 -11.33 -3.33
CA ILE E 12 21.32 -11.68 -2.63
C ILE E 12 20.94 -12.49 -1.39
N ASN E 13 21.85 -13.32 -0.85
CA ASN E 13 21.54 -14.23 0.24
C ASN E 13 22.62 -14.25 1.31
N ILE E 14 22.19 -14.52 2.54
CA ILE E 14 23.05 -14.59 3.72
C ILE E 14 22.63 -15.80 4.56
N GLY E 15 23.62 -16.50 5.13
CA GLY E 15 23.38 -17.72 5.88
C GLY E 15 22.66 -18.78 5.04
N ASP E 16 21.69 -19.46 5.65
CA ASP E 16 20.81 -20.39 4.98
C ASP E 16 19.33 -20.08 5.23
N ASP E 17 19.04 -18.92 5.83
CA ASP E 17 17.68 -18.50 6.15
C ASP E 17 17.37 -17.06 5.76
N ILE E 18 18.33 -16.29 5.27
CA ILE E 18 18.16 -14.86 5.00
C ILE E 18 18.28 -14.57 3.51
N THR E 19 17.35 -13.75 3.01
CA THR E 19 17.34 -13.27 1.63
C THR E 19 17.23 -11.75 1.60
N ILE E 20 17.87 -11.14 0.59
CA ILE E 20 17.88 -9.71 0.33
C ILE E 20 17.43 -9.49 -1.11
N THR E 21 16.62 -8.46 -1.36
CA THR E 21 16.17 -8.09 -2.69
C THR E 21 16.26 -6.59 -2.88
N ILE E 22 16.83 -6.13 -4.00
CA ILE E 22 16.84 -4.73 -4.35
C ILE E 22 15.55 -4.41 -5.10
N LEU E 23 14.66 -3.64 -4.46
CA LEU E 23 13.35 -3.31 -5.01
C LEU E 23 13.46 -2.21 -6.06
N GLY E 24 14.47 -1.33 -5.95
CA GLY E 24 14.82 -0.37 -6.99
C GLY E 24 15.54 0.86 -6.46
N VAL E 25 15.77 1.86 -7.32
CA VAL E 25 16.45 3.10 -6.96
C VAL E 25 15.56 4.32 -7.18
N SER E 26 15.90 5.41 -6.50
CA SER E 26 15.34 6.74 -6.72
C SER E 26 16.39 7.79 -6.40
N GLY E 27 17.18 8.17 -7.40
CA GLY E 27 18.29 9.09 -7.21
C GLY E 27 19.44 8.44 -6.46
N GLN E 28 19.70 8.88 -5.22
CA GLN E 28 20.66 8.23 -4.33
C GLN E 28 19.97 7.22 -3.42
N GLN E 29 18.66 7.35 -3.25
CA GLN E 29 17.88 6.43 -2.45
C GLN E 29 17.75 5.09 -3.15
N VAL E 30 17.72 4.02 -2.35
CA VAL E 30 17.70 2.65 -2.82
C VAL E 30 16.69 1.91 -1.96
N ARG E 31 15.60 1.43 -2.56
CA ARG E 31 14.57 0.69 -1.84
C ARG E 31 14.96 -0.78 -1.79
N ILE E 32 15.02 -1.33 -0.58
CA ILE E 32 15.60 -2.65 -0.32
C ILE E 32 14.65 -3.48 0.53
N GLY E 33 14.48 -4.75 0.17
CA GLY E 33 13.72 -5.74 0.93
C GLY E 33 14.65 -6.74 1.62
N ILE E 34 14.24 -7.20 2.80
CA ILE E 34 14.98 -8.11 3.65
C ILE E 34 14.03 -9.17 4.19
N ASN E 35 14.45 -10.44 4.15
CA ASN E 35 13.59 -11.55 4.50
C ASN E 35 14.35 -12.53 5.39
N ALA E 36 14.08 -12.46 6.69
CA ALA E 36 14.67 -13.31 7.71
C ALA E 36 13.61 -13.76 8.71
N PRO E 37 13.82 -14.89 9.39
CA PRO E 37 12.98 -15.33 10.48
C PRO E 37 13.02 -14.35 11.66
N LYS E 38 12.00 -14.39 12.52
CA LYS E 38 11.97 -13.63 13.76
C LYS E 38 12.89 -14.19 14.82
N ASP E 39 13.56 -15.30 14.49
CA ASP E 39 14.65 -15.87 15.27
C ASP E 39 15.88 -14.96 15.28
N VAL E 40 15.97 -14.03 14.32
CA VAL E 40 17.06 -13.08 14.19
C VAL E 40 16.52 -11.65 14.11
N ALA E 41 17.40 -10.68 14.38
CA ALA E 41 17.05 -9.27 14.33
C ALA E 41 17.44 -8.63 13.00
N VAL E 42 16.78 -7.53 12.64
CA VAL E 42 17.20 -6.69 11.53
C VAL E 42 16.70 -5.26 11.73
N HIS E 43 17.61 -4.29 11.64
CA HIS E 43 17.32 -2.88 11.77
C HIS E 43 18.33 -2.05 10.97
N ARG E 44 18.15 -0.73 10.91
CA ARG E 44 19.16 0.16 10.37
C ARG E 44 20.33 0.29 11.33
N GLU E 45 21.47 0.78 10.85
CA GLU E 45 22.63 1.02 11.69
C GLU E 45 22.35 2.11 12.73
N GLU E 46 21.36 2.96 12.47
CA GLU E 46 20.89 3.99 13.38
C GLU E 46 20.17 3.38 14.59
N ILE E 47 19.37 2.34 14.36
CA ILE E 47 18.59 1.68 15.40
C ILE E 47 19.43 0.63 16.12
N TYR E 48 20.35 -0.02 15.40
CA TYR E 48 21.23 -1.03 15.94
C TYR E 48 22.01 -0.54 17.16
N GLN E 49 22.43 0.73 17.13
CA GLN E 49 23.22 1.35 18.19
C GLN E 49 22.48 1.38 19.53
N ARG E 50 21.15 1.29 19.52
CA ARG E 50 20.36 1.22 20.73
C ARG E 50 20.32 -0.22 21.22
N ILE E 51 20.07 -1.16 20.30
CA ILE E 51 19.94 -2.57 20.62
C ILE E 51 21.25 -3.16 21.12
N GLN E 52 22.37 -2.52 20.79
CA GLN E 52 23.66 -2.82 21.41
C GLN E 52 23.95 -2.10 22.72
N ALA E 53 23.49 -0.86 22.91
CA ALA E 53 23.95 -0.02 24.01
C ALA E 53 22.95 0.22 25.14
N GLY E 54 21.65 0.13 24.87
CA GLY E 54 20.58 0.49 25.80
C GLY E 54 19.37 -0.43 25.68
N LEU E 55 19.37 -1.27 24.64
CA LEU E 55 18.49 -2.39 24.38
C LEU E 55 17.03 -1.98 24.25
N THR E 56 16.14 -2.98 24.14
CA THR E 56 14.73 -2.73 23.91
C THR E 56 13.99 -2.33 25.18
N ALA E 57 14.62 -2.53 26.35
CA ALA E 57 14.16 -2.02 27.62
C ALA E 57 15.35 -1.62 28.49
N PRO E 58 15.34 -0.42 29.07
CA PRO E 58 16.37 0.02 30.01
C PRO E 58 16.42 -0.80 31.30
N ASP E 59 17.38 -0.45 32.15
CA ASP E 59 17.50 -0.99 33.50
C ASP E 59 16.28 -0.65 34.35
N MET F 1 9.36 -10.09 6.48
CA MET F 1 9.71 -9.30 5.29
C MET F 1 9.77 -7.82 5.62
N LEU F 2 10.98 -7.27 5.75
CA LEU F 2 11.18 -5.84 5.98
C LEU F 2 11.51 -5.12 4.68
N ILE F 3 11.09 -3.85 4.60
CA ILE F 3 11.44 -2.97 3.50
C ILE F 3 11.94 -1.64 4.05
N LEU F 4 13.01 -1.13 3.44
CA LEU F 4 13.64 0.13 3.80
C LEU F 4 13.95 0.96 2.56
N THR F 5 14.25 2.24 2.76
CA THR F 5 14.80 3.07 1.71
C THR F 5 16.08 3.74 2.21
N ARG F 6 17.23 3.22 1.77
CA ARG F 6 18.56 3.63 2.19
C ARG F 6 19.26 4.39 1.07
N LYS F 7 19.92 5.52 1.35
CA LYS F 7 20.75 6.17 0.34
C LYS F 7 22.23 5.84 0.45
N VAL F 8 22.97 6.17 -0.60
CA VAL F 8 24.35 5.74 -0.75
C VAL F 8 25.23 6.19 0.42
N GLY F 9 26.07 5.27 0.88
CA GLY F 9 27.01 5.49 1.97
C GLY F 9 26.45 5.15 3.35
N GLU F 10 25.19 4.74 3.45
CA GLU F 10 24.55 4.42 4.71
C GLU F 10 24.47 2.92 4.95
N SER F 11 24.13 2.49 6.17
CA SER F 11 24.26 1.11 6.60
C SER F 11 23.03 0.55 7.30
N ILE F 12 22.94 -0.80 7.31
CA ILE F 12 21.88 -1.60 7.87
C ILE F 12 22.51 -2.79 8.61
N ASN F 13 21.80 -3.42 9.53
CA ASN F 13 22.33 -4.50 10.35
C ASN F 13 21.37 -5.68 10.46
N ILE F 14 21.92 -6.87 10.66
CA ILE F 14 21.19 -8.11 10.85
C ILE F 14 21.84 -8.91 11.98
N GLY F 15 21.03 -9.61 12.78
CA GLY F 15 21.50 -10.36 13.93
C GLY F 15 22.23 -9.47 14.93
N ASP F 16 23.36 -9.96 15.44
CA ASP F 16 24.26 -9.21 16.31
C ASP F 16 25.69 -9.20 15.77
N ASP F 17 25.88 -9.67 14.53
CA ASP F 17 27.20 -9.86 13.95
C ASP F 17 27.29 -9.45 12.48
N ILE F 18 26.15 -9.16 11.82
CA ILE F 18 26.10 -8.89 10.39
C ILE F 18 25.84 -7.41 10.15
N THR F 19 26.58 -6.83 9.19
CA THR F 19 26.41 -5.46 8.74
C THR F 19 26.30 -5.41 7.21
N ILE F 20 25.44 -4.52 6.72
CA ILE F 20 25.20 -4.27 5.31
C ILE F 20 25.44 -2.79 5.05
N THR F 21 26.02 -2.46 3.89
CA THR F 21 26.27 -1.08 3.49
C THR F 21 25.95 -0.89 2.01
N ILE F 22 25.20 0.15 1.68
CA ILE F 22 25.01 0.57 0.30
C ILE F 22 26.18 1.47 -0.08
N LEU F 23 27.01 1.04 -1.03
CA LEU F 23 28.25 1.72 -1.37
C LEU F 23 28.04 2.80 -2.43
N GLY F 24 27.02 2.63 -3.28
CA GLY F 24 26.61 3.64 -4.26
C GLY F 24 25.85 3.06 -5.44
N VAL F 25 25.47 3.91 -6.39
CA VAL F 25 24.73 3.49 -7.58
C VAL F 25 25.41 3.93 -8.87
N SER F 26 25.11 3.23 -9.96
CA SER F 26 25.47 3.61 -11.33
C SER F 26 24.42 3.09 -12.29
N GLY F 27 23.51 3.96 -12.74
CA GLY F 27 22.44 3.59 -13.64
C GLY F 27 21.38 2.74 -12.94
N GLN F 28 21.33 1.44 -13.26
CA GLN F 28 20.52 0.48 -12.52
C GLN F 28 21.36 -0.34 -11.56
N GLN F 29 22.68 -0.39 -11.77
CA GLN F 29 23.59 -1.13 -10.92
C GLN F 29 23.74 -0.43 -9.57
N VAL F 30 23.87 -1.24 -8.51
CA VAL F 30 23.95 -0.78 -7.14
C VAL F 30 25.10 -1.53 -6.47
N ARG F 31 26.12 -0.80 -6.04
CA ARG F 31 27.29 -1.37 -5.39
C ARG F 31 27.04 -1.49 -3.90
N ILE F 32 27.29 -2.68 -3.34
CA ILE F 32 26.86 -3.07 -2.00
C ILE F 32 28.01 -3.76 -1.26
N GLY F 33 28.08 -3.58 0.05
CA GLY F 33 29.03 -4.25 0.92
C GLY F 33 28.32 -5.11 1.97
N ILE F 34 28.89 -6.28 2.26
CA ILE F 34 28.33 -7.24 3.20
C ILE F 34 29.43 -7.72 4.14
N ASN F 35 29.13 -7.73 5.44
CA ASN F 35 30.09 -8.10 6.47
C ASN F 35 29.43 -9.05 7.47
N ALA F 36 29.80 -10.34 7.39
CA ALA F 36 29.27 -11.38 8.25
C ALA F 36 30.38 -12.28 8.78
N PRO F 37 30.14 -12.98 9.89
CA PRO F 37 31.07 -13.96 10.43
C PRO F 37 31.28 -15.14 9.50
N LYS F 38 32.36 -15.89 9.73
CA LYS F 38 32.61 -17.15 9.04
C LYS F 38 31.68 -18.27 9.49
N ASP F 39 30.83 -17.99 10.49
CA ASP F 39 29.77 -18.87 10.95
C ASP F 39 28.63 -18.99 9.93
N VAL F 40 28.55 -18.05 8.97
CA VAL F 40 27.49 -18.01 7.98
C VAL F 40 28.05 -17.89 6.57
N ALA F 41 27.20 -18.08 5.57
CA ALA F 41 27.54 -17.90 4.17
C ALA F 41 27.05 -16.54 3.63
N VAL F 42 27.60 -16.09 2.50
CA VAL F 42 27.19 -14.87 1.84
C VAL F 42 27.51 -14.93 0.35
N HIS F 43 26.48 -14.86 -0.50
CA HIS F 43 26.62 -14.85 -1.95
C HIS F 43 25.42 -14.15 -2.59
N ARG F 44 25.46 -13.95 -3.91
CA ARG F 44 24.28 -13.51 -4.65
C ARG F 44 23.37 -14.71 -4.94
N GLU F 45 22.12 -14.43 -5.32
CA GLU F 45 21.10 -15.46 -5.47
C GLU F 45 21.45 -16.50 -6.53
N GLU F 46 22.28 -16.12 -7.52
CA GLU F 46 22.80 -17.01 -8.53
C GLU F 46 23.60 -18.16 -7.91
N ILE F 47 24.47 -17.83 -6.95
CA ILE F 47 25.41 -18.76 -6.36
C ILE F 47 24.74 -19.50 -5.19
N TYR F 48 23.78 -18.85 -4.54
CA TYR F 48 23.01 -19.43 -3.45
C TYR F 48 22.39 -20.77 -3.83
N GLN F 49 21.93 -20.92 -5.07
CA GLN F 49 21.22 -22.09 -5.55
C GLN F 49 22.05 -23.38 -5.47
N ARG F 50 23.38 -23.24 -5.49
CA ARG F 50 24.38 -24.29 -5.44
C ARG F 50 24.53 -24.87 -4.04
N ILE F 51 24.15 -24.11 -3.01
CA ILE F 51 24.43 -24.39 -1.61
C ILE F 51 23.32 -25.17 -0.91
N GLN F 52 22.13 -24.57 -0.79
CA GLN F 52 21.06 -25.08 0.04
C GLN F 52 20.24 -26.20 -0.58
N ALA F 53 20.61 -26.63 -1.79
CA ALA F 53 20.03 -27.80 -2.42
C ALA F 53 20.47 -29.11 -1.76
N GLY F 54 21.24 -29.03 -0.66
CA GLY F 54 21.82 -30.19 0.01
C GLY F 54 23.28 -30.39 -0.38
N LEU F 55 24.02 -29.29 -0.53
CA LEU F 55 25.33 -29.29 -1.16
C LEU F 55 26.39 -28.56 -0.34
N THR F 56 26.04 -27.37 0.17
CA THR F 56 26.93 -26.41 0.81
C THR F 56 28.25 -26.22 0.05
N ALA F 57 28.13 -25.87 -1.24
CA ALA F 57 29.25 -25.65 -2.15
C ALA F 57 30.21 -26.84 -2.20
N PRO F 58 29.95 -27.82 -3.07
CA PRO F 58 30.68 -29.07 -3.10
C PRO F 58 32.18 -28.92 -3.36
N ASP F 59 32.90 -30.04 -3.19
CA ASP F 59 34.33 -30.13 -3.41
C ASP F 59 34.74 -29.79 -4.84
N MET A 1 -24.51 -15.74 19.68
CA MET A 1 -23.35 -15.84 18.77
C MET A 1 -22.07 -15.83 19.59
N LEU A 2 -21.12 -16.73 19.30
CA LEU A 2 -19.89 -16.89 20.07
C LEU A 2 -18.75 -16.16 19.36
N ILE A 3 -18.22 -15.08 19.96
CA ILE A 3 -17.14 -14.30 19.40
C ILE A 3 -15.82 -14.75 20.00
N LEU A 4 -14.79 -14.88 19.16
CA LEU A 4 -13.43 -15.18 19.57
C LEU A 4 -12.46 -14.23 18.87
N THR A 5 -11.24 -14.12 19.42
CA THR A 5 -10.19 -13.25 18.92
C THR A 5 -8.95 -14.09 18.66
N ARG A 6 -8.71 -14.43 17.39
CA ARG A 6 -7.71 -15.40 16.99
C ARG A 6 -6.59 -14.71 16.21
N LYS A 7 -5.33 -15.02 16.51
CA LYS A 7 -4.20 -14.37 15.88
C LYS A 7 -3.65 -15.24 14.75
N VAL A 8 -2.92 -14.62 13.82
CA VAL A 8 -2.35 -15.30 12.67
C VAL A 8 -1.65 -16.59 13.09
N GLY A 9 -1.96 -17.69 12.40
CA GLY A 9 -1.32 -18.98 12.60
C GLY A 9 -2.03 -19.89 13.61
N GLU A 10 -3.17 -19.46 14.14
CA GLU A 10 -3.93 -20.21 15.13
C GLU A 10 -5.25 -20.70 14.55
N SER A 11 -5.96 -21.59 15.28
CA SER A 11 -7.09 -22.32 14.72
C SER A 11 -8.32 -22.36 15.62
N ILE A 12 -9.49 -22.50 15.00
CA ILE A 12 -10.78 -22.77 15.64
C ILE A 12 -11.28 -24.16 15.24
N ASN A 13 -12.12 -24.78 16.07
CA ASN A 13 -12.72 -26.08 15.81
C ASN A 13 -14.24 -26.02 15.98
N ILE A 14 -14.97 -26.68 15.08
CA ILE A 14 -16.43 -26.69 15.06
C ILE A 14 -16.93 -28.11 14.88
N GLY A 15 -17.87 -28.53 15.74
CA GLY A 15 -18.46 -29.85 15.68
C GLY A 15 -17.44 -30.92 16.05
N ASP A 16 -17.34 -31.96 15.20
CA ASP A 16 -16.38 -33.04 15.37
C ASP A 16 -15.50 -33.24 14.13
N ASP A 17 -15.74 -32.47 13.07
CA ASP A 17 -15.12 -32.70 11.77
C ASP A 17 -14.52 -31.44 11.15
N ILE A 18 -14.96 -30.24 11.56
CA ILE A 18 -14.57 -28.99 10.92
C ILE A 18 -13.50 -28.29 11.74
N THR A 19 -12.50 -27.75 11.04
CA THR A 19 -11.44 -26.95 11.64
C THR A 19 -11.17 -25.73 10.76
N ILE A 20 -10.84 -24.59 11.37
CA ILE A 20 -10.63 -23.33 10.69
C ILE A 20 -9.27 -22.78 11.12
N THR A 21 -8.51 -22.19 10.19
CA THR A 21 -7.21 -21.60 10.50
C THR A 21 -7.07 -20.24 9.84
N ILE A 22 -6.58 -19.24 10.58
CA ILE A 22 -6.21 -17.96 10.04
C ILE A 22 -4.78 -18.05 9.51
N LEU A 23 -4.62 -18.29 8.20
CA LEU A 23 -3.31 -18.47 7.61
C LEU A 23 -2.54 -17.15 7.57
N GLY A 24 -3.24 -16.01 7.58
CA GLY A 24 -2.63 -14.71 7.79
C GLY A 24 -3.55 -13.53 7.48
N VAL A 25 -3.01 -12.31 7.51
CA VAL A 25 -3.77 -11.09 7.27
C VAL A 25 -3.06 -10.16 6.28
N SER A 26 -3.85 -9.27 5.66
CA SER A 26 -3.44 -8.39 4.58
C SER A 26 -4.17 -7.06 4.70
N GLY A 27 -3.94 -6.33 5.80
CA GLY A 27 -4.59 -5.06 6.06
C GLY A 27 -6.06 -5.24 6.44
N GLN A 28 -6.98 -4.71 5.64
CA GLN A 28 -8.41 -4.92 5.80
C GLN A 28 -8.79 -6.35 5.44
N GLN A 29 -7.90 -7.08 4.76
CA GLN A 29 -8.19 -8.43 4.30
C GLN A 29 -7.60 -9.48 5.22
N VAL A 30 -8.22 -10.67 5.22
CA VAL A 30 -8.00 -11.74 6.19
C VAL A 30 -7.99 -13.07 5.45
N ARG A 31 -6.87 -13.80 5.46
CA ARG A 31 -6.73 -15.06 4.74
C ARG A 31 -7.05 -16.23 5.66
N ILE A 32 -8.26 -16.77 5.50
CA ILE A 32 -8.80 -17.86 6.31
C ILE A 32 -8.87 -19.13 5.47
N GLY A 33 -8.38 -20.24 6.04
CA GLY A 33 -8.56 -21.57 5.48
C GLY A 33 -9.58 -22.38 6.29
N ILE A 34 -10.46 -23.09 5.58
CA ILE A 34 -11.48 -23.95 6.14
C ILE A 34 -11.11 -25.39 5.84
N ASN A 35 -11.14 -26.25 6.86
CA ASN A 35 -10.86 -27.67 6.76
C ASN A 35 -12.09 -28.46 7.18
N ALA A 36 -13.06 -28.48 6.27
CA ALA A 36 -14.26 -29.29 6.33
C ALA A 36 -14.25 -30.37 5.26
N PRO A 37 -14.92 -31.51 5.48
CA PRO A 37 -15.02 -32.56 4.48
C PRO A 37 -15.97 -32.15 3.37
N LYS A 38 -15.81 -32.74 2.18
CA LYS A 38 -16.67 -32.43 1.03
C LYS A 38 -18.10 -32.96 1.20
N ASP A 39 -18.35 -33.67 2.30
CA ASP A 39 -19.69 -34.05 2.72
C ASP A 39 -20.50 -32.84 3.18
N VAL A 40 -19.84 -31.77 3.61
CA VAL A 40 -20.48 -30.50 3.93
C VAL A 40 -20.03 -29.38 3.01
N ALA A 41 -20.96 -28.49 2.69
CA ALA A 41 -20.73 -27.35 1.82
C ALA A 41 -20.10 -26.20 2.60
N VAL A 42 -19.18 -25.46 1.98
CA VAL A 42 -18.65 -24.22 2.55
C VAL A 42 -18.61 -23.14 1.49
N HIS A 43 -19.13 -21.95 1.81
CA HIS A 43 -19.32 -20.86 0.87
C HIS A 43 -19.27 -19.52 1.57
N ARG A 44 -19.01 -18.42 0.83
CA ARG A 44 -19.18 -17.08 1.34
C ARG A 44 -20.60 -16.58 1.14
N GLU A 45 -20.98 -15.50 1.83
CA GLU A 45 -22.37 -15.08 1.94
C GLU A 45 -22.96 -14.58 0.63
N GLU A 46 -22.14 -14.05 -0.28
CA GLU A 46 -22.60 -13.59 -1.58
C GLU A 46 -22.89 -14.74 -2.53
N ILE A 47 -22.66 -15.98 -2.08
CA ILE A 47 -22.84 -17.18 -2.88
C ILE A 47 -23.71 -18.20 -2.18
N TYR A 48 -23.68 -18.30 -0.85
CA TYR A 48 -24.52 -19.24 -0.13
C TYR A 48 -26.00 -18.96 -0.41
N GLN A 49 -26.32 -17.69 -0.59
CA GLN A 49 -27.68 -17.24 -0.86
C GLN A 49 -28.10 -17.49 -2.30
N ARG A 50 -27.15 -17.81 -3.19
CA ARG A 50 -27.42 -18.27 -4.54
C ARG A 50 -27.78 -19.76 -4.55
N ILE A 51 -27.18 -20.53 -3.65
CA ILE A 51 -27.52 -21.93 -3.42
C ILE A 51 -28.94 -22.00 -2.86
N GLN A 52 -29.20 -21.22 -1.81
CA GLN A 52 -30.45 -21.24 -1.08
C GLN A 52 -31.52 -20.36 -1.75
N ALA A 53 -31.20 -19.80 -2.92
CA ALA A 53 -32.19 -19.16 -3.77
C ALA A 53 -33.28 -20.15 -4.18
N GLY A 54 -32.92 -21.43 -4.27
CA GLY A 54 -33.87 -22.53 -4.46
C GLY A 54 -33.23 -23.81 -5.00
N LEU A 55 -31.89 -23.90 -5.02
CA LEU A 55 -31.22 -25.00 -5.68
C LEU A 55 -31.06 -26.15 -4.68
N THR A 56 -32.06 -27.02 -4.67
CA THR A 56 -32.28 -28.08 -3.70
C THR A 56 -33.55 -28.83 -4.09
N ALA A 57 -34.60 -28.07 -4.41
CA ALA A 57 -35.91 -28.57 -4.83
C ALA A 57 -35.98 -28.74 -6.34
N PRO A 58 -36.91 -29.57 -6.84
CA PRO A 58 -37.16 -29.71 -8.27
C PRO A 58 -37.84 -28.49 -8.85
N ASP A 59 -37.65 -28.30 -10.16
CA ASP A 59 -38.38 -27.31 -10.95
C ASP A 59 -39.89 -27.47 -10.82
N MET B 1 -8.05 -28.14 2.33
CA MET B 1 -8.30 -26.75 2.76
C MET B 1 -9.01 -25.97 1.66
N LEU B 2 -10.09 -25.25 2.01
CA LEU B 2 -10.75 -24.28 1.15
C LEU B 2 -10.45 -22.90 1.71
N ILE B 3 -9.74 -22.07 0.94
CA ILE B 3 -9.15 -20.83 1.43
C ILE B 3 -9.77 -19.62 0.73
N LEU B 4 -9.99 -18.57 1.52
CA LEU B 4 -10.57 -17.33 1.08
C LEU B 4 -9.79 -16.16 1.67
N THR B 5 -9.49 -15.15 0.84
CA THR B 5 -8.96 -13.91 1.38
C THR B 5 -10.12 -12.96 1.50
N ARG B 6 -10.63 -12.81 2.73
CA ARG B 6 -11.88 -12.15 3.07
C ARG B 6 -11.57 -10.72 3.47
N LYS B 7 -12.58 -9.87 3.69
CA LYS B 7 -12.39 -8.58 4.34
C LYS B 7 -13.33 -8.40 5.51
N VAL B 8 -12.99 -7.47 6.40
CA VAL B 8 -13.79 -7.20 7.58
C VAL B 8 -15.21 -6.81 7.21
N GLY B 9 -16.17 -7.49 7.84
CA GLY B 9 -17.59 -7.28 7.63
C GLY B 9 -18.22 -8.24 6.63
N GLU B 10 -17.43 -9.08 5.95
CA GLU B 10 -17.97 -10.17 5.15
C GLU B 10 -18.33 -11.37 6.01
N SER B 11 -19.09 -12.31 5.46
CA SER B 11 -19.55 -13.51 6.14
C SER B 11 -19.30 -14.77 5.32
N ILE B 12 -19.24 -15.91 6.03
CA ILE B 12 -18.99 -17.24 5.50
C ILE B 12 -19.99 -18.21 6.11
N ASN B 13 -20.28 -19.32 5.42
CA ASN B 13 -21.33 -20.25 5.78
C ASN B 13 -20.85 -21.68 5.62
N ILE B 14 -21.23 -22.57 6.56
CA ILE B 14 -20.80 -23.95 6.60
C ILE B 14 -22.00 -24.85 6.86
N GLY B 15 -22.17 -25.88 6.02
CA GLY B 15 -23.30 -26.77 6.08
C GLY B 15 -24.63 -26.03 5.93
N ASP B 16 -25.58 -26.32 6.82
CA ASP B 16 -26.86 -25.63 6.89
C ASP B 16 -27.19 -25.14 8.30
N ASP B 17 -26.27 -25.29 9.26
CA ASP B 17 -26.47 -24.86 10.63
C ASP B 17 -25.49 -23.78 11.07
N ILE B 18 -24.36 -23.61 10.38
CA ILE B 18 -23.26 -22.75 10.85
C ILE B 18 -23.04 -21.57 9.92
N THR B 19 -22.84 -20.40 10.52
CA THR B 19 -22.39 -19.19 9.85
C THR B 19 -21.25 -18.55 10.64
N ILE B 20 -20.36 -17.84 9.93
CA ILE B 20 -19.18 -17.19 10.45
C ILE B 20 -19.16 -15.76 9.93
N THR B 21 -18.68 -14.82 10.74
CA THR B 21 -18.51 -13.43 10.32
C THR B 21 -17.15 -12.91 10.79
N ILE B 22 -16.39 -12.30 9.88
CA ILE B 22 -15.14 -11.64 10.22
C ILE B 22 -15.46 -10.23 10.70
N LEU B 23 -15.64 -10.06 12.02
CA LEU B 23 -16.08 -8.80 12.60
C LEU B 23 -15.04 -7.72 12.40
N GLY B 24 -13.76 -8.10 12.41
CA GLY B 24 -12.67 -7.20 12.04
C GLY B 24 -11.31 -7.72 12.51
N VAL B 25 -10.27 -6.94 12.24
CA VAL B 25 -8.93 -7.23 12.75
C VAL B 25 -8.55 -6.19 13.80
N SER B 26 -7.78 -6.65 14.79
CA SER B 26 -7.14 -5.78 15.77
C SER B 26 -5.64 -6.03 15.73
N GLY B 27 -4.99 -5.47 14.70
CA GLY B 27 -3.57 -5.68 14.47
C GLY B 27 -3.34 -7.01 13.75
N GLN B 28 -2.59 -7.92 14.39
CA GLN B 28 -2.41 -9.28 13.89
C GLN B 28 -3.36 -10.24 14.59
N GLN B 29 -4.30 -9.68 15.35
CA GLN B 29 -5.41 -10.42 15.92
C GLN B 29 -6.65 -10.23 15.07
N VAL B 30 -7.56 -11.20 15.14
CA VAL B 30 -8.70 -11.28 14.23
C VAL B 30 -9.96 -11.62 15.02
N ARG B 31 -10.91 -10.69 15.09
CA ARG B 31 -12.16 -10.83 15.80
C ARG B 31 -13.19 -11.51 14.91
N ILE B 32 -13.67 -12.68 15.33
CA ILE B 32 -14.50 -13.57 14.53
C ILE B 32 -15.75 -13.94 15.31
N GLY B 33 -16.92 -13.78 14.69
CA GLY B 33 -18.18 -14.28 15.23
C GLY B 33 -18.52 -15.65 14.68
N ILE B 34 -19.00 -16.54 15.55
CA ILE B 34 -19.44 -17.88 15.18
C ILE B 34 -20.90 -18.04 15.56
N ASN B 35 -21.68 -18.51 14.60
CA ASN B 35 -23.13 -18.53 14.64
C ASN B 35 -23.64 -19.92 14.28
N ALA B 36 -23.48 -20.82 15.25
CA ALA B 36 -23.97 -22.18 15.21
C ALA B 36 -24.92 -22.42 16.38
N PRO B 37 -25.80 -23.42 16.28
CA PRO B 37 -26.58 -23.87 17.42
C PRO B 37 -25.69 -24.39 18.53
N LYS B 38 -26.22 -24.38 19.75
CA LYS B 38 -25.63 -25.03 20.91
C LYS B 38 -25.65 -26.55 20.80
N ASP B 39 -26.22 -27.04 19.69
CA ASP B 39 -26.21 -28.43 19.28
C ASP B 39 -24.79 -28.90 18.94
N VAL B 40 -23.95 -27.96 18.49
CA VAL B 40 -22.55 -28.22 18.16
C VAL B 40 -21.64 -27.54 19.18
N ALA B 41 -20.52 -28.19 19.50
CA ALA B 41 -19.49 -27.55 20.28
C ALA B 41 -18.54 -26.74 19.40
N VAL B 42 -18.14 -25.59 19.94
CA VAL B 42 -17.47 -24.53 19.19
C VAL B 42 -16.40 -23.91 20.08
N HIS B 43 -15.14 -24.32 19.91
CA HIS B 43 -14.01 -23.75 20.64
C HIS B 43 -12.75 -23.70 19.80
N ARG B 44 -11.83 -22.81 20.20
CA ARG B 44 -10.48 -22.77 19.65
C ARG B 44 -9.70 -24.04 19.99
N GLU B 45 -8.70 -24.39 19.17
CA GLU B 45 -7.99 -25.65 19.27
C GLU B 45 -7.42 -25.88 20.67
N GLU B 46 -6.83 -24.84 21.27
CA GLU B 46 -6.28 -24.91 22.61
C GLU B 46 -7.31 -25.28 23.67
N ILE B 47 -8.60 -25.04 23.40
CA ILE B 47 -9.70 -25.46 24.26
C ILE B 47 -10.18 -26.85 23.87
N TYR B 48 -10.44 -27.04 22.58
CA TYR B 48 -10.95 -28.26 22.00
C TYR B 48 -10.13 -29.48 22.43
N GLN B 49 -8.81 -29.32 22.56
CA GLN B 49 -7.91 -30.40 22.87
C GLN B 49 -8.06 -30.93 24.29
N ARG B 50 -8.59 -30.14 25.23
CA ARG B 50 -8.98 -30.64 26.54
C ARG B 50 -10.30 -31.39 26.45
N ILE B 51 -11.24 -30.86 25.67
CA ILE B 51 -12.59 -31.38 25.58
C ILE B 51 -12.55 -32.78 24.97
N GLN B 52 -11.69 -32.96 23.97
CA GLN B 52 -11.45 -34.27 23.38
C GLN B 52 -10.50 -35.13 24.20
N ALA B 53 -10.06 -34.66 25.37
CA ALA B 53 -9.35 -35.48 26.34
C ALA B 53 -10.30 -36.35 27.15
N GLY B 54 -11.59 -35.99 27.19
CA GLY B 54 -12.64 -36.85 27.73
C GLY B 54 -13.61 -36.12 28.66
N LEU B 55 -14.13 -34.97 28.23
CA LEU B 55 -14.87 -34.07 29.09
C LEU B 55 -15.58 -32.96 28.31
N THR B 56 -16.22 -32.04 29.03
CA THR B 56 -16.75 -30.79 28.53
C THR B 56 -16.26 -29.63 29.37
N ALA B 57 -16.69 -28.40 29.06
CA ALA B 57 -16.32 -27.21 29.80
C ALA B 57 -16.36 -27.45 31.30
N PRO B 58 -15.24 -27.25 32.01
CA PRO B 58 -15.07 -27.65 33.40
C PRO B 58 -16.19 -27.14 34.31
N ASP B 59 -16.52 -25.85 34.16
CA ASP B 59 -17.45 -25.16 35.04
C ASP B 59 -17.91 -23.85 34.40
N MET C 1 -16.75 31.51 -7.80
CA MET C 1 -15.76 30.46 -7.50
C MET C 1 -16.30 29.21 -8.19
N LEU C 2 -15.83 28.93 -9.41
CA LEU C 2 -16.33 27.83 -10.21
C LEU C 2 -15.36 26.66 -10.08
N ILE C 3 -15.77 25.59 -9.39
CA ILE C 3 -14.97 24.39 -9.26
C ILE C 3 -15.22 23.49 -10.46
N LEU C 4 -14.13 23.04 -11.09
CA LEU C 4 -14.15 22.00 -12.09
C LEU C 4 -13.27 20.85 -11.65
N THR C 5 -13.75 19.61 -11.79
CA THR C 5 -12.91 18.43 -11.63
C THR C 5 -12.26 18.11 -12.98
N ARG C 6 -11.02 17.64 -12.95
CA ARG C 6 -10.33 17.25 -14.18
C ARG C 6 -9.38 16.08 -13.97
N LYS C 7 -9.45 15.07 -14.85
CA LYS C 7 -8.52 13.95 -14.89
C LYS C 7 -7.20 14.39 -15.54
N VAL C 8 -6.08 13.78 -15.16
CA VAL C 8 -4.78 14.17 -15.69
C VAL C 8 -4.73 14.04 -17.21
N GLY C 9 -4.13 15.04 -17.86
CA GLY C 9 -3.98 15.11 -19.30
C GLY C 9 -5.11 15.85 -20.02
N GLU C 10 -6.16 16.29 -19.29
CA GLU C 10 -7.28 16.99 -19.89
C GLU C 10 -7.18 18.52 -19.72
N SER C 11 -8.06 19.25 -20.40
CA SER C 11 -7.94 20.70 -20.55
C SER C 11 -9.17 21.48 -20.09
N ILE C 12 -8.94 22.77 -19.81
CA ILE C 12 -9.89 23.75 -19.32
C ILE C 12 -9.62 25.08 -20.03
N ASN C 13 -10.62 25.96 -20.15
CA ASN C 13 -10.49 27.23 -20.84
C ASN C 13 -10.97 28.39 -19.97
N ILE C 14 -10.37 29.57 -20.17
CA ILE C 14 -10.77 30.82 -19.55
C ILE C 14 -10.80 31.92 -20.60
N GLY C 15 -11.89 32.69 -20.64
CA GLY C 15 -12.12 33.71 -21.66
C GLY C 15 -12.08 33.10 -23.06
N ASP C 16 -11.42 33.80 -23.99
CA ASP C 16 -11.10 33.30 -25.32
C ASP C 16 -9.60 33.42 -25.64
N ASP C 17 -8.78 33.77 -24.65
CA ASP C 17 -7.35 33.93 -24.81
C ASP C 17 -6.52 33.02 -23.91
N ILE C 18 -7.14 32.37 -22.91
CA ILE C 18 -6.43 31.61 -21.89
C ILE C 18 -6.87 30.15 -21.90
N THR C 19 -5.89 29.23 -21.87
CA THR C 19 -6.12 27.81 -21.70
C THR C 19 -5.41 27.31 -20.45
N ILE C 20 -6.04 26.38 -19.74
CA ILE C 20 -5.49 25.74 -18.55
C ILE C 20 -5.42 24.23 -18.80
N THR C 21 -4.36 23.56 -18.35
CA THR C 21 -4.20 22.13 -18.57
C THR C 21 -3.65 21.46 -17.32
N ILE C 22 -4.32 20.38 -16.88
CA ILE C 22 -3.79 19.51 -15.84
C ILE C 22 -2.83 18.53 -16.46
N LEU C 23 -1.53 18.75 -16.28
CA LEU C 23 -0.51 17.94 -16.95
C LEU C 23 -0.26 16.67 -16.17
N GLY C 24 -0.37 16.72 -14.84
CA GLY C 24 -0.39 15.52 -14.01
C GLY C 24 -0.26 15.81 -12.53
N VAL C 25 -0.08 14.75 -11.73
CA VAL C 25 0.20 14.85 -10.30
C VAL C 25 1.47 14.08 -9.94
N SER C 26 2.13 14.51 -8.86
CA SER C 26 3.26 13.84 -8.27
C SER C 26 3.15 13.92 -6.75
N GLY C 27 2.62 12.87 -6.12
CA GLY C 27 2.26 12.95 -4.71
C GLY C 27 1.10 13.93 -4.52
N GLN C 28 1.33 14.99 -3.74
CA GLN C 28 0.37 16.05 -3.51
C GLN C 28 0.60 17.26 -4.42
N GLN C 29 1.67 17.23 -5.22
CA GLN C 29 1.93 18.25 -6.21
C GLN C 29 1.12 17.98 -7.47
N VAL C 30 0.81 19.05 -8.20
CA VAL C 30 0.06 19.00 -9.44
C VAL C 30 0.84 19.81 -10.47
N ARG C 31 1.25 19.20 -11.59
CA ARG C 31 1.80 19.96 -12.70
C ARG C 31 0.65 20.59 -13.48
N ILE C 32 0.55 21.92 -13.37
CA ILE C 32 -0.50 22.72 -13.97
C ILE C 32 0.09 23.62 -15.04
N GLY C 33 -0.54 23.64 -16.22
CA GLY C 33 -0.19 24.51 -17.33
C GLY C 33 -1.16 25.69 -17.46
N ILE C 34 -0.61 26.86 -17.80
CA ILE C 34 -1.37 28.10 -17.99
C ILE C 34 -0.88 28.74 -19.27
N ASN C 35 -1.78 28.93 -20.24
CA ASN C 35 -1.41 29.31 -21.59
C ASN C 35 -2.15 30.57 -22.02
N ALA C 36 -1.48 31.71 -21.91
CA ALA C 36 -2.08 33.02 -22.11
C ALA C 36 -1.09 33.98 -22.78
N PRO C 37 -1.56 35.05 -23.44
CA PRO C 37 -0.69 36.10 -23.95
C PRO C 37 0.08 36.80 -22.85
N LYS C 38 1.26 37.33 -23.17
CA LYS C 38 2.03 38.17 -22.26
C LYS C 38 1.34 39.49 -21.93
N ASP C 39 0.16 39.73 -22.50
CA ASP C 39 -0.73 40.82 -22.13
C ASP C 39 -1.27 40.65 -20.72
N VAL C 40 -1.28 39.41 -20.22
CA VAL C 40 -1.66 39.08 -18.85
C VAL C 40 -0.51 38.38 -18.14
N ALA C 41 -0.34 38.64 -16.85
CA ALA C 41 0.64 37.95 -16.03
C ALA C 41 0.07 36.65 -15.47
N VAL C 42 0.94 35.68 -15.15
CA VAL C 42 0.54 34.48 -14.43
C VAL C 42 1.58 34.15 -13.35
N HIS C 43 1.14 33.85 -12.13
CA HIS C 43 2.02 33.64 -10.98
C HIS C 43 1.35 32.78 -9.93
N ARG C 44 2.15 32.22 -9.00
CA ARG C 44 1.61 31.65 -7.78
C ARG C 44 1.31 32.76 -6.78
N GLU C 45 0.49 32.48 -5.77
CA GLU C 45 -0.06 33.49 -4.89
C GLU C 45 1.04 34.25 -4.12
N GLU C 46 2.15 33.57 -3.81
CA GLU C 46 3.30 34.18 -3.16
C GLU C 46 3.86 35.34 -3.99
N ILE C 47 4.03 35.11 -5.30
CA ILE C 47 4.69 36.06 -6.19
C ILE C 47 3.69 37.10 -6.68
N TYR C 48 2.41 36.73 -6.84
CA TYR C 48 1.36 37.63 -7.29
C TYR C 48 1.31 38.91 -6.46
N GLN C 49 1.50 38.81 -5.14
CA GLN C 49 1.48 39.94 -4.23
C GLN C 49 2.53 40.99 -4.59
N ARG C 50 3.66 40.57 -5.15
CA ARG C 50 4.69 41.48 -5.63
C ARG C 50 4.23 42.23 -6.89
N ILE C 51 3.51 41.56 -7.80
CA ILE C 51 2.99 42.22 -8.98
C ILE C 51 1.92 43.24 -8.62
N GLN C 52 1.34 43.11 -7.41
CA GLN C 52 0.39 44.08 -6.88
C GLN C 52 1.06 45.16 -6.03
N ALA C 53 2.39 45.12 -5.92
CA ALA C 53 3.17 46.09 -5.14
C ALA C 53 3.49 47.35 -5.92
N GLY C 54 2.98 47.49 -7.15
CA GLY C 54 3.01 48.72 -7.92
C GLY C 54 3.97 48.67 -9.10
N LEU C 55 3.78 47.67 -9.98
CA LEU C 55 4.72 47.34 -11.04
C LEU C 55 4.09 46.41 -12.07
N THR C 56 4.82 46.12 -13.15
CA THR C 56 4.36 45.25 -14.24
C THR C 56 5.39 44.22 -14.67
N ALA C 57 6.56 44.17 -14.01
CA ALA C 57 7.65 43.28 -14.37
C ALA C 57 7.97 42.31 -13.24
N PRO C 58 8.15 41.01 -13.52
CA PRO C 58 8.54 40.03 -12.52
C PRO C 58 9.90 40.30 -11.89
N ASP C 59 10.20 39.54 -10.83
CA ASP C 59 11.41 39.68 -10.04
C ASP C 59 12.66 39.21 -10.78
N MET D 1 2.91 28.63 -23.21
CA MET D 1 2.47 27.92 -22.00
C MET D 1 3.47 28.10 -20.87
N LEU D 2 2.97 28.34 -19.67
CA LEU D 2 3.71 28.50 -18.43
C LEU D 2 3.29 27.39 -17.47
N ILE D 3 4.23 26.55 -17.04
CA ILE D 3 3.94 25.33 -16.31
C ILE D 3 4.56 25.41 -14.92
N LEU D 4 3.78 25.03 -13.90
CA LEU D 4 4.16 25.07 -12.49
C LEU D 4 3.83 23.76 -11.80
N THR D 5 4.44 23.55 -10.63
CA THR D 5 4.00 22.53 -9.68
C THR D 5 3.36 23.24 -8.50
N ARG D 6 2.05 23.04 -8.34
CA ARG D 6 1.30 23.54 -7.21
C ARG D 6 0.83 22.38 -6.33
N LYS D 7 1.08 22.43 -5.02
CA LYS D 7 0.51 21.44 -4.13
C LYS D 7 -0.97 21.73 -3.89
N VAL D 8 -1.71 20.69 -3.50
CA VAL D 8 -3.07 20.84 -3.02
C VAL D 8 -3.16 21.82 -1.87
N GLY D 9 -4.16 22.71 -1.94
CA GLY D 9 -4.43 23.72 -0.92
C GLY D 9 -3.75 25.06 -1.18
N GLU D 10 -2.95 25.18 -2.24
CA GLU D 10 -2.29 26.43 -2.60
C GLU D 10 -3.05 27.18 -3.70
N SER D 11 -2.54 28.34 -4.11
CA SER D 11 -3.24 29.27 -4.99
C SER D 11 -2.35 29.83 -6.10
N ILE D 12 -2.99 30.25 -7.19
CA ILE D 12 -2.39 30.80 -8.40
C ILE D 12 -3.20 32.00 -8.85
N ASN D 13 -2.62 32.87 -9.68
CA ASN D 13 -3.26 34.09 -10.17
C ASN D 13 -3.00 34.31 -11.66
N ILE D 14 -3.97 34.94 -12.33
CA ILE D 14 -3.94 35.26 -13.74
C ILE D 14 -4.41 36.69 -13.94
N GLY D 15 -3.70 37.46 -14.78
CA GLY D 15 -3.96 38.87 -14.99
C GLY D 15 -3.86 39.65 -13.68
N ASP D 16 -4.79 40.59 -13.48
CA ASP D 16 -4.92 41.32 -12.23
C ASP D 16 -6.33 41.16 -11.63
N ASP D 17 -7.15 40.27 -12.19
CA ASP D 17 -8.55 40.12 -11.81
C ASP D 17 -8.95 38.67 -11.52
N ILE D 18 -8.10 37.69 -11.85
CA ILE D 18 -8.45 36.28 -11.75
C ILE D 18 -7.58 35.57 -10.73
N THR D 19 -8.21 34.73 -9.90
CA THR D 19 -7.53 33.84 -8.97
C THR D 19 -7.90 32.39 -9.27
N ILE D 20 -6.97 31.47 -9.01
CA ILE D 20 -7.10 30.03 -9.21
C ILE D 20 -6.69 29.36 -7.91
N THR D 21 -7.37 28.26 -7.54
CA THR D 21 -7.07 27.55 -6.31
C THR D 21 -7.13 26.04 -6.55
N ILE D 22 -6.08 25.31 -6.19
CA ILE D 22 -6.03 23.87 -6.33
C ILE D 22 -6.62 23.25 -5.07
N LEU D 23 -7.95 23.08 -5.04
CA LEU D 23 -8.66 22.72 -3.83
C LEU D 23 -8.25 21.35 -3.32
N GLY D 24 -7.93 20.42 -4.23
CA GLY D 24 -7.42 19.12 -3.81
C GLY D 24 -7.34 18.10 -4.94
N VAL D 25 -7.05 16.85 -4.55
CA VAL D 25 -6.71 15.78 -5.46
C VAL D 25 -7.36 14.48 -5.00
N SER D 26 -8.01 13.78 -5.94
CA SER D 26 -8.82 12.60 -5.70
C SER D 26 -8.52 11.57 -6.79
N GLY D 27 -7.50 10.74 -6.56
CA GLY D 27 -6.99 9.83 -7.56
C GLY D 27 -6.29 10.57 -8.69
N GLN D 28 -6.76 10.35 -9.92
CA GLN D 28 -6.28 11.05 -11.10
C GLN D 28 -7.06 12.34 -11.34
N GLN D 29 -8.22 12.49 -10.69
CA GLN D 29 -9.01 13.70 -10.77
C GLN D 29 -8.56 14.74 -9.75
N VAL D 30 -8.76 16.01 -10.09
CA VAL D 30 -8.23 17.15 -9.36
C VAL D 30 -9.31 18.21 -9.25
N ARG D 31 -9.60 18.67 -8.03
CA ARG D 31 -10.53 19.77 -7.81
C ARG D 31 -9.81 21.10 -7.97
N ILE D 32 -10.24 21.89 -8.96
CA ILE D 32 -9.66 23.18 -9.27
C ILE D 32 -10.75 24.25 -9.21
N GLY D 33 -10.61 25.19 -8.26
CA GLY D 33 -11.43 26.38 -8.16
C GLY D 33 -10.92 27.48 -9.08
N ILE D 34 -11.84 28.26 -9.65
CA ILE D 34 -11.52 29.40 -10.48
C ILE D 34 -12.37 30.58 -10.00
N ASN D 35 -11.78 31.77 -9.94
CA ASN D 35 -12.42 32.95 -9.39
C ASN D 35 -12.14 34.14 -10.30
N ALA D 36 -13.03 34.32 -11.27
CA ALA D 36 -12.93 35.35 -12.29
C ALA D 36 -14.22 36.18 -12.30
N PRO D 37 -14.17 37.44 -12.77
CA PRO D 37 -15.37 38.21 -13.01
C PRO D 37 -16.25 37.54 -14.06
N LYS D 38 -17.56 37.72 -13.98
CA LYS D 38 -18.50 37.22 -15.00
C LYS D 38 -18.37 37.97 -16.31
N ASP D 39 -17.46 38.95 -16.37
CA ASP D 39 -17.02 39.60 -17.58
C ASP D 39 -16.24 38.65 -18.48
N VAL D 40 -15.67 37.59 -17.91
CA VAL D 40 -14.97 36.55 -18.64
C VAL D 40 -15.58 35.18 -18.34
N ALA D 41 -15.31 34.22 -19.23
CA ALA D 41 -15.86 32.87 -19.13
C ALA D 41 -14.86 31.89 -18.53
N VAL D 42 -15.34 30.79 -17.95
CA VAL D 42 -14.50 29.66 -17.58
C VAL D 42 -15.28 28.36 -17.70
N HIS D 43 -14.74 27.39 -18.45
CA HIS D 43 -15.36 26.09 -18.65
C HIS D 43 -14.31 25.01 -18.93
N ARG D 44 -14.70 23.73 -18.87
CA ARG D 44 -13.88 22.65 -19.39
C ARG D 44 -13.71 22.83 -20.89
N GLU D 45 -12.69 22.21 -21.49
CA GLU D 45 -12.51 22.21 -22.94
C GLU D 45 -13.67 21.52 -23.65
N GLU D 46 -14.26 20.49 -23.01
CA GLU D 46 -15.49 19.85 -23.43
C GLU D 46 -16.61 20.87 -23.63
N ILE D 47 -16.71 21.83 -22.70
CA ILE D 47 -17.83 22.74 -22.58
C ILE D 47 -17.58 24.00 -23.40
N TYR D 48 -16.34 24.49 -23.41
CA TYR D 48 -15.89 25.61 -24.21
C TYR D 48 -16.40 25.53 -25.65
N GLN D 49 -16.39 24.32 -26.21
CA GLN D 49 -16.82 24.04 -27.57
C GLN D 49 -18.29 24.39 -27.83
N ARG D 50 -19.15 24.35 -26.80
CA ARG D 50 -20.53 24.75 -26.92
C ARG D 50 -20.63 26.27 -27.01
N ILE D 51 -19.92 26.98 -26.11
CA ILE D 51 -19.91 28.42 -26.09
C ILE D 51 -19.32 28.98 -27.37
N GLN D 52 -18.34 28.26 -27.95
CA GLN D 52 -17.71 28.64 -29.20
C GLN D 52 -18.53 28.22 -30.41
N ALA D 53 -19.68 27.57 -30.18
CA ALA D 53 -20.68 27.29 -31.21
C ALA D 53 -21.64 28.45 -31.42
N GLY D 54 -21.56 29.50 -30.59
CA GLY D 54 -22.26 30.75 -30.83
C GLY D 54 -23.31 31.10 -29.77
N LEU D 55 -22.95 31.00 -28.49
CA LEU D 55 -23.90 31.08 -27.39
C LEU D 55 -23.21 31.34 -26.05
N THR D 56 -24.01 31.42 -24.98
CA THR D 56 -23.53 31.39 -23.60
C THR D 56 -24.64 30.83 -22.72
N ALA D 57 -24.54 29.54 -22.37
CA ALA D 57 -25.46 28.79 -21.53
C ALA D 57 -26.95 29.08 -21.82
N PRO D 58 -27.54 28.40 -22.81
CA PRO D 58 -28.90 28.61 -23.23
C PRO D 58 -29.93 28.31 -22.15
N ASP D 59 -31.19 28.70 -22.42
CA ASP D 59 -32.32 28.44 -21.55
C ASP D 59 -32.53 26.96 -21.29
N MET E 1 35.39 -9.52 3.36
CA MET E 1 34.26 -8.60 3.21
C MET E 1 33.70 -8.73 1.79
N LEU E 2 32.54 -9.37 1.63
CA LEU E 2 32.02 -9.66 0.29
C LEU E 2 31.35 -8.42 -0.28
N ILE E 3 31.98 -7.85 -1.31
CA ILE E 3 31.50 -6.65 -1.99
C ILE E 3 31.14 -7.01 -3.43
N LEU E 4 29.91 -6.68 -3.83
CA LEU E 4 29.34 -7.06 -5.10
C LEU E 4 28.39 -5.97 -5.62
N THR E 5 28.04 -6.04 -6.91
CA THR E 5 27.16 -5.06 -7.53
C THR E 5 25.93 -5.75 -8.10
N ARG E 6 24.75 -5.22 -7.76
CA ARG E 6 23.46 -5.84 -8.01
C ARG E 6 22.51 -4.86 -8.69
N LYS E 7 21.87 -5.29 -9.78
CA LYS E 7 20.89 -4.46 -10.46
C LYS E 7 19.53 -4.56 -9.81
N VAL E 8 18.68 -3.56 -10.05
CA VAL E 8 17.34 -3.54 -9.47
C VAL E 8 16.52 -4.74 -9.91
N GLY E 9 15.82 -5.36 -8.96
CA GLY E 9 14.99 -6.54 -9.18
C GLY E 9 15.74 -7.86 -9.01
N GLU E 10 17.05 -7.83 -8.72
CA GLU E 10 17.83 -9.03 -8.44
C GLU E 10 17.93 -9.29 -6.94
N SER E 11 18.54 -10.42 -6.55
CA SER E 11 18.50 -10.91 -5.19
C SER E 11 19.85 -11.44 -4.70
N ILE E 12 20.01 -11.50 -3.37
CA ILE E 12 21.20 -11.92 -2.66
C ILE E 12 20.75 -12.77 -1.46
N ASN E 13 21.62 -13.66 -0.94
CA ASN E 13 21.29 -14.49 0.20
C ASN E 13 22.38 -14.51 1.27
N ILE E 14 21.95 -14.70 2.52
CA ILE E 14 22.81 -14.76 3.69
C ILE E 14 22.40 -15.94 4.55
N GLY E 15 23.38 -16.65 5.14
CA GLY E 15 23.15 -17.87 5.90
C GLY E 15 22.46 -18.92 5.04
N ASP E 16 21.47 -19.59 5.63
CA ASP E 16 20.60 -20.54 4.94
C ASP E 16 19.13 -20.16 5.09
N ASP E 17 18.85 -18.99 5.67
CA ASP E 17 17.51 -18.58 6.08
C ASP E 17 17.15 -17.15 5.69
N ILE E 18 18.11 -16.37 5.17
CA ILE E 18 17.92 -14.94 4.92
C ILE E 18 18.05 -14.66 3.42
N THR E 19 17.14 -13.82 2.92
CA THR E 19 17.14 -13.33 1.55
C THR E 19 17.11 -11.82 1.53
N ILE E 20 17.83 -11.22 0.58
CA ILE E 20 17.88 -9.78 0.34
C ILE E 20 17.45 -9.52 -1.09
N THR E 21 16.62 -8.50 -1.31
CA THR E 21 16.11 -8.15 -2.63
C THR E 21 16.23 -6.64 -2.83
N ILE E 22 16.86 -6.21 -3.91
CA ILE E 22 16.92 -4.80 -4.26
C ILE E 22 15.65 -4.43 -5.03
N LEU E 23 14.70 -3.79 -4.34
CA LEU E 23 13.41 -3.45 -4.92
C LEU E 23 13.55 -2.34 -5.95
N GLY E 24 14.53 -1.45 -5.77
CA GLY E 24 14.91 -0.47 -6.78
C GLY E 24 15.62 0.75 -6.20
N VAL E 25 15.86 1.78 -7.01
CA VAL E 25 16.54 2.99 -6.60
C VAL E 25 15.66 4.23 -6.75
N SER E 26 15.94 5.25 -5.94
CA SER E 26 15.38 6.58 -6.04
C SER E 26 16.45 7.61 -5.71
N GLY E 27 17.20 8.06 -6.72
CA GLY E 27 18.38 8.89 -6.53
C GLY E 27 19.44 8.15 -5.73
N GLN E 28 19.92 8.76 -4.64
CA GLN E 28 20.85 8.10 -3.73
C GLN E 28 20.16 7.07 -2.84
N GLN E 29 18.85 7.23 -2.59
CA GLN E 29 18.09 6.27 -1.82
C GLN E 29 17.93 4.97 -2.60
N VAL E 30 17.94 3.85 -1.89
CA VAL E 30 17.89 2.51 -2.46
C VAL E 30 16.89 1.71 -1.64
N ARG E 31 15.82 1.24 -2.28
CA ARG E 31 14.75 0.52 -1.61
C ARG E 31 15.08 -0.96 -1.59
N ILE E 32 15.20 -1.52 -0.37
CA ILE E 32 15.72 -2.86 -0.16
C ILE E 32 14.75 -3.67 0.69
N GLY E 33 14.41 -4.88 0.22
CA GLY E 33 13.67 -5.87 0.97
C GLY E 33 14.62 -6.85 1.68
N ILE E 34 14.25 -7.23 2.90
CA ILE E 34 15.01 -8.15 3.74
C ILE E 34 14.05 -9.18 4.34
N ASN E 35 14.36 -10.46 4.15
CA ASN E 35 13.46 -11.53 4.51
C ASN E 35 14.20 -12.54 5.38
N ALA E 36 13.98 -12.44 6.69
CA ALA E 36 14.55 -13.33 7.70
C ALA E 36 13.48 -13.76 8.70
N PRO E 37 13.65 -14.92 9.34
CA PRO E 37 12.78 -15.36 10.41
C PRO E 37 12.82 -14.40 11.61
N LYS E 38 11.77 -14.42 12.42
CA LYS E 38 11.71 -13.67 13.68
C LYS E 38 12.62 -14.26 14.76
N ASP E 39 13.31 -15.36 14.41
CA ASP E 39 14.38 -15.93 15.20
C ASP E 39 15.61 -15.01 15.25
N VAL E 40 15.75 -14.12 14.27
CA VAL E 40 16.86 -13.18 14.18
C VAL E 40 16.35 -11.75 14.16
N ALA E 41 17.23 -10.81 14.51
CA ALA E 41 16.93 -9.39 14.44
C ALA E 41 17.37 -8.78 13.11
N VAL E 42 16.76 -7.66 12.73
CA VAL E 42 17.23 -6.84 11.62
C VAL E 42 16.77 -5.40 11.80
N HIS E 43 17.73 -4.46 11.71
CA HIS E 43 17.47 -3.03 11.81
C HIS E 43 18.53 -2.25 11.04
N ARG E 44 18.32 -0.94 10.86
CA ARG E 44 19.36 -0.06 10.35
C ARG E 44 20.46 0.08 11.40
N GLU E 45 21.65 0.48 10.98
CA GLU E 45 22.77 0.71 11.89
C GLU E 45 22.46 1.82 12.89
N GLU E 46 21.53 2.73 12.52
CA GLU E 46 21.02 3.79 13.36
C GLU E 46 20.22 3.25 14.53
N ILE E 47 19.39 2.22 14.28
CA ILE E 47 18.56 1.60 15.29
C ILE E 47 19.38 0.57 16.06
N TYR E 48 20.34 -0.09 15.39
CA TYR E 48 21.19 -1.11 15.98
C TYR E 48 21.89 -0.63 17.24
N GLN E 49 22.25 0.65 17.30
CA GLN E 49 22.96 1.24 18.43
C GLN E 49 22.11 1.20 19.70
N ARG E 50 20.79 1.13 19.59
CA ARG E 50 19.90 0.95 20.72
C ARG E 50 19.84 -0.52 21.11
N ILE E 51 19.82 -1.42 20.14
CA ILE E 51 19.87 -2.86 20.35
C ILE E 51 21.07 -3.25 21.22
N GLN E 52 22.20 -2.55 21.01
CA GLN E 52 23.41 -2.75 21.76
C GLN E 52 23.49 -1.97 23.08
N ALA E 53 23.15 -0.68 23.08
CA ALA E 53 23.43 0.22 24.20
C ALA E 53 22.22 0.68 25.02
N GLY E 54 21.00 0.42 24.56
CA GLY E 54 19.78 0.94 25.14
C GLY E 54 18.59 0.13 24.62
N LEU E 55 18.52 -1.10 25.10
CA LEU E 55 17.70 -2.17 24.55
C LEU E 55 16.21 -1.89 24.54
N THR E 56 15.49 -2.65 23.73
CA THR E 56 14.04 -2.61 23.67
C THR E 56 13.38 -3.30 24.86
N ALA E 57 14.11 -4.19 25.53
CA ALA E 57 13.71 -4.78 26.80
C ALA E 57 14.86 -4.70 27.80
N PRO E 58 14.95 -3.62 28.59
CA PRO E 58 16.00 -3.43 29.57
C PRO E 58 15.99 -4.49 30.67
N ASP E 59 17.20 -4.81 31.15
CA ASP E 59 17.46 -5.62 32.33
C ASP E 59 16.96 -7.07 32.21
N MET F 1 9.29 -10.05 6.65
CA MET F 1 9.71 -9.30 5.45
C MET F 1 9.77 -7.80 5.74
N LEU F 2 10.98 -7.26 5.91
CA LEU F 2 11.18 -5.83 6.07
C LEU F 2 11.49 -5.16 4.73
N ILE F 3 11.06 -3.90 4.59
CA ILE F 3 11.45 -3.04 3.49
C ILE F 3 11.95 -1.72 4.06
N LEU F 4 13.09 -1.26 3.54
CA LEU F 4 13.75 -0.04 3.96
C LEU F 4 14.10 0.80 2.73
N THR F 5 14.41 2.09 2.94
CA THR F 5 14.97 2.92 1.89
C THR F 5 16.24 3.59 2.41
N ARG F 6 17.40 3.01 2.07
CA ARG F 6 18.72 3.39 2.56
C ARG F 6 19.49 4.14 1.48
N LYS F 7 20.11 5.28 1.77
CA LYS F 7 20.94 5.95 0.78
C LYS F 7 22.42 5.63 0.89
N VAL F 8 23.17 5.98 -0.16
CA VAL F 8 24.53 5.53 -0.32
C VAL F 8 25.43 5.95 0.84
N GLY F 9 26.25 5.00 1.31
CA GLY F 9 27.18 5.21 2.40
C GLY F 9 26.63 4.86 3.78
N GLU F 10 25.35 4.48 3.88
CA GLU F 10 24.71 4.13 5.13
C GLU F 10 24.66 2.62 5.33
N SER F 11 24.35 2.16 6.55
CA SER F 11 24.49 0.77 6.94
C SER F 11 23.24 0.18 7.59
N ILE F 12 23.15 -1.15 7.55
CA ILE F 12 22.07 -1.96 8.08
C ILE F 12 22.69 -3.17 8.78
N ASN F 13 21.96 -3.78 9.73
CA ASN F 13 22.46 -4.88 10.55
C ASN F 13 21.47 -6.03 10.64
N ILE F 14 21.99 -7.25 10.78
CA ILE F 14 21.21 -8.47 10.91
C ILE F 14 21.80 -9.31 12.04
N GLY F 15 20.94 -9.91 12.88
CA GLY F 15 21.35 -10.60 14.08
C GLY F 15 22.12 -9.67 15.02
N ASP F 16 23.24 -10.16 15.55
CA ASP F 16 24.18 -9.38 16.34
C ASP F 16 25.61 -9.49 15.83
N ASP F 17 25.80 -10.09 14.64
CA ASP F 17 27.10 -10.33 14.06
C ASP F 17 27.23 -9.83 12.61
N ILE F 18 26.12 -9.60 11.92
CA ILE F 18 26.13 -9.30 10.49
C ILE F 18 25.88 -7.82 10.24
N THR F 19 26.65 -7.24 9.33
CA THR F 19 26.51 -5.86 8.88
C THR F 19 26.42 -5.79 7.36
N ILE F 20 25.59 -4.87 6.86
CA ILE F 20 25.41 -4.57 5.45
C ILE F 20 25.68 -3.08 5.25
N THR F 21 26.31 -2.73 4.13
CA THR F 21 26.53 -1.34 3.76
C THR F 21 26.24 -1.14 2.29
N ILE F 22 25.42 -0.14 1.96
CA ILE F 22 25.21 0.30 0.59
C ILE F 22 26.37 1.20 0.20
N LEU F 23 27.29 0.71 -0.63
CA LEU F 23 28.51 1.43 -0.97
C LEU F 23 28.22 2.53 -1.99
N GLY F 24 27.23 2.33 -2.86
CA GLY F 24 26.79 3.35 -3.81
C GLY F 24 26.02 2.78 -4.99
N VAL F 25 25.69 3.65 -5.95
CA VAL F 25 24.93 3.29 -7.14
C VAL F 25 25.69 3.65 -8.41
N SER F 26 25.36 2.95 -9.51
CA SER F 26 25.79 3.27 -10.86
C SER F 26 24.68 2.90 -11.83
N GLY F 27 23.79 3.86 -12.10
CA GLY F 27 22.58 3.61 -12.85
C GLY F 27 21.67 2.63 -12.13
N GLN F 28 21.34 1.51 -12.79
CA GLN F 28 20.52 0.46 -12.21
C GLN F 28 21.31 -0.45 -11.28
N GLN F 29 22.65 -0.49 -11.43
CA GLN F 29 23.53 -1.26 -10.58
C GLN F 29 23.73 -0.59 -9.24
N VAL F 30 23.86 -1.39 -8.18
CA VAL F 30 23.92 -0.95 -6.80
C VAL F 30 25.01 -1.75 -6.11
N ARG F 31 26.08 -1.09 -5.65
CA ARG F 31 27.23 -1.74 -5.05
C ARG F 31 27.04 -1.85 -3.55
N ILE F 32 27.15 -3.08 -3.03
CA ILE F 32 26.80 -3.44 -1.67
C ILE F 32 27.93 -4.24 -1.04
N GLY F 33 28.18 -4.03 0.26
CA GLY F 33 29.16 -4.76 1.03
C GLY F 33 28.52 -5.53 2.17
N ILE F 34 29.02 -6.74 2.43
CA ILE F 34 28.45 -7.66 3.42
C ILE F 34 29.56 -8.18 4.33
N ASN F 35 29.34 -8.04 5.64
CA ASN F 35 30.27 -8.45 6.67
C ASN F 35 29.58 -9.44 7.60
N ALA F 36 29.96 -10.71 7.51
CA ALA F 36 29.42 -11.79 8.34
C ALA F 36 30.53 -12.71 8.84
N PRO F 37 30.28 -13.44 9.94
CA PRO F 37 31.18 -14.45 10.44
C PRO F 37 31.33 -15.63 9.48
N LYS F 38 32.39 -16.42 9.65
CA LYS F 38 32.56 -17.69 8.97
C LYS F 38 31.58 -18.75 9.46
N ASP F 39 30.74 -18.39 10.45
CA ASP F 39 29.62 -19.18 10.93
C ASP F 39 28.52 -19.34 9.88
N VAL F 40 28.44 -18.40 8.94
CA VAL F 40 27.37 -18.34 7.96
C VAL F 40 27.93 -18.29 6.53
N ALA F 41 27.07 -18.58 5.55
CA ALA F 41 27.37 -18.39 4.14
C ALA F 41 26.87 -17.03 3.66
N VAL F 42 27.38 -16.55 2.53
CA VAL F 42 26.85 -15.40 1.83
C VAL F 42 27.20 -15.45 0.34
N HIS F 43 26.19 -15.33 -0.52
CA HIS F 43 26.34 -15.33 -1.97
C HIS F 43 25.21 -14.58 -2.64
N ARG F 44 25.26 -14.40 -3.96
CA ARG F 44 24.11 -13.91 -4.72
C ARG F 44 23.15 -15.05 -4.99
N GLU F 45 21.91 -14.72 -5.38
CA GLU F 45 20.82 -15.69 -5.48
C GLU F 45 21.08 -16.75 -6.54
N GLU F 46 21.91 -16.46 -7.54
CA GLU F 46 22.39 -17.43 -8.51
C GLU F 46 23.12 -18.57 -7.82
N ILE F 47 24.12 -18.23 -6.99
CA ILE F 47 24.99 -19.20 -6.35
C ILE F 47 24.24 -19.90 -5.23
N TYR F 48 23.34 -19.19 -4.56
CA TYR F 48 22.54 -19.74 -3.47
C TYR F 48 21.80 -21.01 -3.85
N GLN F 49 21.38 -21.14 -5.11
CA GLN F 49 20.67 -22.28 -5.64
C GLN F 49 21.47 -23.58 -5.53
N ARG F 50 22.79 -23.50 -5.40
CA ARG F 50 23.63 -24.65 -5.07
C ARG F 50 23.55 -24.99 -3.59
N ILE F 51 23.65 -23.99 -2.71
CA ILE F 51 23.85 -24.12 -1.27
C ILE F 51 22.80 -25.00 -0.58
N GLN F 52 21.54 -24.57 -0.60
CA GLN F 52 20.45 -25.23 0.11
C GLN F 52 20.06 -26.57 -0.51
N ALA F 53 20.75 -26.97 -1.59
CA ALA F 53 20.63 -28.31 -2.14
C ALA F 53 21.34 -29.35 -1.26
N GLY F 54 22.22 -28.91 -0.35
CA GLY F 54 22.80 -29.74 0.69
C GLY F 54 24.30 -29.56 0.86
N LEU F 55 24.81 -28.34 0.66
CA LEU F 55 26.23 -28.06 0.56
C LEU F 55 26.53 -26.58 0.85
N THR F 56 27.81 -26.19 0.80
CA THR F 56 28.23 -24.81 0.97
C THR F 56 29.22 -24.33 -0.09
N ALA F 57 29.63 -25.21 -1.01
CA ALA F 57 30.55 -24.88 -2.08
C ALA F 57 30.07 -25.50 -3.40
N PRO F 58 29.88 -24.71 -4.46
CA PRO F 58 29.50 -25.20 -5.77
C PRO F 58 30.46 -26.25 -6.32
N ASP F 59 29.90 -27.23 -7.05
CA ASP F 59 30.61 -28.23 -7.81
C ASP F 59 31.50 -29.14 -6.97
N MET A 1 -24.67 -15.83 19.63
CA MET A 1 -23.47 -15.91 18.77
C MET A 1 -22.22 -15.95 19.64
N LEU A 2 -21.24 -16.80 19.32
CA LEU A 2 -20.01 -16.96 20.08
C LEU A 2 -18.87 -16.23 19.37
N ILE A 3 -18.27 -15.24 20.03
CA ILE A 3 -17.19 -14.44 19.47
C ILE A 3 -15.85 -14.85 20.09
N LEU A 4 -14.83 -14.98 19.24
CA LEU A 4 -13.47 -15.32 19.63
C LEU A 4 -12.47 -14.41 18.92
N THR A 5 -11.30 -14.22 19.52
CA THR A 5 -10.28 -13.30 19.05
C THR A 5 -8.95 -14.02 18.94
N ARG A 6 -8.55 -14.41 17.73
CA ARG A 6 -7.33 -15.19 17.52
C ARG A 6 -6.43 -14.57 16.46
N LYS A 7 -5.14 -14.87 16.53
CA LYS A 7 -4.12 -14.26 15.71
C LYS A 7 -3.80 -15.11 14.48
N VAL A 8 -3.17 -14.49 13.48
CA VAL A 8 -2.61 -15.18 12.33
C VAL A 8 -1.86 -16.45 12.77
N GLY A 9 -2.20 -17.58 12.14
CA GLY A 9 -1.60 -18.87 12.42
C GLY A 9 -2.39 -19.72 13.41
N GLU A 10 -3.32 -19.13 14.16
CA GLU A 10 -4.14 -19.86 15.12
C GLU A 10 -5.38 -20.49 14.49
N SER A 11 -6.08 -21.33 15.24
CA SER A 11 -7.16 -22.17 14.72
C SER A 11 -8.37 -22.27 15.64
N ILE A 12 -9.52 -22.57 15.05
CA ILE A 12 -10.81 -22.77 15.71
C ILE A 12 -11.39 -24.13 15.32
N ASN A 13 -12.30 -24.69 16.12
CA ASN A 13 -12.94 -25.97 15.87
C ASN A 13 -14.46 -25.86 15.98
N ILE A 14 -15.18 -26.55 15.08
CA ILE A 14 -16.63 -26.53 15.01
C ILE A 14 -17.15 -27.96 14.86
N GLY A 15 -18.14 -28.33 15.68
CA GLY A 15 -18.73 -29.65 15.69
C GLY A 15 -17.72 -30.70 16.14
N ASP A 16 -17.60 -31.79 15.37
CA ASP A 16 -16.66 -32.87 15.63
C ASP A 16 -15.77 -33.15 14.43
N ASP A 17 -15.93 -32.39 13.33
CA ASP A 17 -15.31 -32.71 12.05
C ASP A 17 -14.69 -31.49 11.35
N ILE A 18 -15.05 -30.27 11.74
CA ILE A 18 -14.61 -29.06 11.05
C ILE A 18 -13.57 -28.33 11.88
N THR A 19 -12.50 -27.90 11.22
CA THR A 19 -11.47 -27.05 11.80
C THR A 19 -11.23 -25.85 10.90
N ILE A 20 -10.99 -24.67 11.49
CA ILE A 20 -10.76 -23.42 10.78
C ILE A 20 -9.37 -22.89 11.16
N THR A 21 -8.66 -22.28 10.23
CA THR A 21 -7.36 -21.67 10.48
C THR A 21 -7.27 -20.31 9.81
N ILE A 22 -6.81 -19.29 10.53
CA ILE A 22 -6.50 -18.00 9.94
C ILE A 22 -5.09 -18.09 9.35
N LEU A 23 -5.00 -18.36 8.04
CA LEU A 23 -3.72 -18.60 7.39
C LEU A 23 -2.91 -17.31 7.34
N GLY A 24 -3.57 -16.16 7.28
CA GLY A 24 -2.92 -14.86 7.46
C GLY A 24 -3.83 -13.67 7.16
N VAL A 25 -3.24 -12.47 7.13
CA VAL A 25 -3.99 -11.22 7.04
C VAL A 25 -3.32 -10.26 6.05
N SER A 26 -4.15 -9.45 5.37
CA SER A 26 -3.74 -8.61 4.26
C SER A 26 -4.48 -7.27 4.33
N GLY A 27 -4.12 -6.43 5.31
CA GLY A 27 -4.77 -5.17 5.54
C GLY A 27 -6.18 -5.35 6.11
N GLN A 28 -7.18 -4.78 5.45
CA GLN A 28 -8.58 -5.02 5.81
C GLN A 28 -9.10 -6.34 5.26
N GLN A 29 -8.29 -7.09 4.53
CA GLN A 29 -8.63 -8.45 4.13
C GLN A 29 -7.97 -9.49 5.03
N VAL A 30 -8.59 -10.66 5.08
CA VAL A 30 -8.32 -11.74 6.02
C VAL A 30 -8.38 -13.06 5.26
N ARG A 31 -7.32 -13.88 5.36
CA ARG A 31 -7.21 -15.13 4.61
C ARG A 31 -7.46 -16.32 5.52
N ILE A 32 -8.67 -16.87 5.41
CA ILE A 32 -9.19 -17.93 6.26
C ILE A 32 -9.23 -19.24 5.48
N GLY A 33 -8.70 -20.32 6.06
CA GLY A 33 -8.86 -21.67 5.55
C GLY A 33 -9.85 -22.46 6.38
N ILE A 34 -10.69 -23.24 5.70
CA ILE A 34 -11.68 -24.13 6.30
C ILE A 34 -11.28 -25.56 5.98
N ASN A 35 -11.28 -26.44 7.00
CA ASN A 35 -10.97 -27.84 6.88
C ASN A 35 -12.17 -28.66 7.35
N ALA A 36 -13.18 -28.70 6.48
CA ALA A 36 -14.38 -29.50 6.64
C ALA A 36 -14.38 -30.67 5.66
N PRO A 37 -15.08 -31.78 5.97
CA PRO A 37 -15.21 -32.89 5.06
C PRO A 37 -16.14 -32.53 3.91
N LYS A 38 -15.98 -33.18 2.75
CA LYS A 38 -16.79 -32.92 1.58
C LYS A 38 -18.24 -33.37 1.75
N ASP A 39 -18.55 -34.01 2.87
CA ASP A 39 -19.91 -34.31 3.29
C ASP A 39 -20.69 -33.04 3.65
N VAL A 40 -20.00 -31.97 4.03
CA VAL A 40 -20.61 -30.68 4.31
C VAL A 40 -20.09 -29.60 3.36
N ALA A 41 -20.99 -28.68 2.99
CA ALA A 41 -20.72 -27.60 2.07
C ALA A 41 -20.11 -26.41 2.80
N VAL A 42 -19.17 -25.69 2.18
CA VAL A 42 -18.60 -24.48 2.73
C VAL A 42 -18.54 -23.38 1.66
N HIS A 43 -19.11 -22.21 1.93
CA HIS A 43 -19.25 -21.15 0.95
C HIS A 43 -19.27 -19.76 1.59
N ARG A 44 -18.94 -18.74 0.80
CA ARG A 44 -19.10 -17.33 1.16
C ARG A 44 -20.58 -16.98 1.26
N GLU A 45 -20.93 -15.86 1.91
CA GLU A 45 -22.32 -15.46 2.04
C GLU A 45 -23.00 -15.23 0.69
N GLU A 46 -22.34 -14.57 -0.26
CA GLU A 46 -22.90 -14.33 -1.57
C GLU A 46 -22.79 -15.54 -2.51
N ILE A 47 -22.25 -16.66 -2.02
CA ILE A 47 -22.14 -17.92 -2.75
C ILE A 47 -22.88 -19.03 -2.02
N TYR A 48 -23.35 -18.79 -0.79
CA TYR A 48 -24.25 -19.70 -0.10
C TYR A 48 -25.67 -19.50 -0.59
N GLN A 49 -26.07 -18.25 -0.81
CA GLN A 49 -27.43 -17.90 -1.17
C GLN A 49 -27.75 -18.28 -2.61
N ARG A 50 -26.72 -18.41 -3.46
CA ARG A 50 -26.86 -18.91 -4.81
C ARG A 50 -27.18 -20.40 -4.83
N ILE A 51 -26.76 -21.13 -3.78
CA ILE A 51 -26.99 -22.56 -3.65
C ILE A 51 -28.40 -22.82 -3.16
N GLN A 52 -28.76 -22.15 -2.06
CA GLN A 52 -30.05 -22.29 -1.42
C GLN A 52 -31.15 -21.59 -2.21
N ALA A 53 -30.79 -21.07 -3.39
CA ALA A 53 -31.74 -20.59 -4.37
C ALA A 53 -32.62 -21.71 -4.93
N GLY A 54 -32.14 -22.96 -4.85
CA GLY A 54 -32.90 -24.14 -5.23
C GLY A 54 -32.11 -25.13 -6.07
N LEU A 55 -30.77 -25.03 -6.06
CA LEU A 55 -29.87 -25.84 -6.87
C LEU A 55 -28.79 -26.51 -6.03
N THR A 56 -27.99 -27.37 -6.64
CA THR A 56 -26.88 -28.06 -5.99
C THR A 56 -25.69 -28.17 -6.94
N ALA A 57 -24.50 -28.39 -6.38
CA ALA A 57 -23.26 -28.55 -7.12
C ALA A 57 -22.68 -29.95 -6.94
N PRO A 58 -21.91 -30.46 -7.90
CA PRO A 58 -21.27 -31.75 -7.83
C PRO A 58 -20.05 -31.73 -6.91
N ASP A 59 -19.60 -32.93 -6.54
CA ASP A 59 -18.44 -33.15 -5.70
C ASP A 59 -17.14 -32.75 -6.39
N MET B 1 -8.06 -28.41 2.58
CA MET B 1 -8.36 -27.01 2.94
C MET B 1 -9.12 -26.31 1.82
N LEU B 2 -10.17 -25.57 2.16
CA LEU B 2 -10.87 -24.66 1.28
C LEU B 2 -10.66 -23.24 1.80
N ILE B 3 -10.11 -22.35 0.96
CA ILE B 3 -9.58 -21.08 1.43
C ILE B 3 -10.31 -19.89 0.82
N LEU B 4 -10.52 -18.86 1.65
CA LEU B 4 -11.26 -17.65 1.32
C LEU B 4 -10.52 -16.42 1.82
N THR B 5 -10.48 -15.37 1.00
CA THR B 5 -9.89 -14.09 1.36
C THR B 5 -11.00 -13.04 1.38
N ARG B 6 -11.40 -12.62 2.58
CA ARG B 6 -12.57 -11.79 2.81
C ARG B 6 -12.19 -10.54 3.61
N LYS B 7 -12.98 -9.47 3.50
CA LYS B 7 -12.72 -8.25 4.25
C LYS B 7 -13.55 -8.17 5.53
N VAL B 8 -13.21 -7.22 6.40
CA VAL B 8 -13.93 -7.05 7.64
C VAL B 8 -15.38 -6.69 7.39
N GLY B 9 -16.28 -7.37 8.10
CA GLY B 9 -17.72 -7.24 7.92
C GLY B 9 -18.33 -8.20 6.92
N GLU B 10 -17.53 -9.04 6.25
CA GLU B 10 -18.04 -10.06 5.35
C GLU B 10 -18.35 -11.36 6.08
N SER B 11 -19.15 -12.23 5.46
CA SER B 11 -19.70 -13.43 6.09
C SER B 11 -19.49 -14.68 5.25
N ILE B 12 -19.52 -15.84 5.92
CA ILE B 12 -19.20 -17.15 5.39
C ILE B 12 -20.12 -18.18 6.05
N ASN B 13 -20.28 -19.36 5.44
CA ASN B 13 -21.28 -20.34 5.85
C ASN B 13 -20.75 -21.76 5.74
N ILE B 14 -21.19 -22.63 6.65
CA ILE B 14 -20.79 -24.03 6.72
C ILE B 14 -22.02 -24.90 6.98
N GLY B 15 -22.18 -25.96 6.18
CA GLY B 15 -23.33 -26.85 6.26
C GLY B 15 -24.63 -26.09 6.00
N ASP B 16 -25.64 -26.33 6.85
CA ASP B 16 -26.89 -25.60 6.84
C ASP B 16 -27.26 -25.06 8.22
N ASP B 17 -26.39 -25.22 9.22
CA ASP B 17 -26.60 -24.77 10.58
C ASP B 17 -25.64 -23.68 11.02
N ILE B 18 -24.49 -23.51 10.35
CA ILE B 18 -23.41 -22.67 10.83
C ILE B 18 -23.17 -21.49 9.88
N THR B 19 -22.99 -20.30 10.47
CA THR B 19 -22.56 -19.09 9.80
C THR B 19 -21.40 -18.46 10.57
N ILE B 20 -20.51 -17.78 9.84
CA ILE B 20 -19.31 -17.15 10.34
C ILE B 20 -19.27 -15.70 9.86
N THR B 21 -18.77 -14.79 10.70
CA THR B 21 -18.59 -13.39 10.32
C THR B 21 -17.24 -12.90 10.83
N ILE B 22 -16.43 -12.28 9.96
CA ILE B 22 -15.24 -11.57 10.37
C ILE B 22 -15.66 -10.21 10.89
N LEU B 23 -15.67 -10.02 12.22
CA LEU B 23 -16.12 -8.78 12.81
C LEU B 23 -15.11 -7.67 12.54
N GLY B 24 -13.81 -8.01 12.51
CA GLY B 24 -12.76 -7.08 12.17
C GLY B 24 -11.40 -7.56 12.65
N VAL B 25 -10.35 -6.81 12.32
CA VAL B 25 -9.01 -7.10 12.78
C VAL B 25 -8.61 -6.12 13.88
N SER B 26 -7.62 -6.55 14.68
CA SER B 26 -7.01 -5.76 15.72
C SER B 26 -5.49 -5.94 15.64
N GLY B 27 -4.86 -5.31 14.66
CA GLY B 27 -3.45 -5.54 14.40
C GLY B 27 -3.27 -6.82 13.59
N GLN B 28 -2.50 -7.77 14.12
CA GLN B 28 -2.37 -9.10 13.53
C GLN B 28 -3.24 -10.11 14.29
N GLN B 29 -4.13 -9.60 15.16
CA GLN B 29 -5.18 -10.36 15.78
C GLN B 29 -6.50 -10.13 15.04
N VAL B 30 -7.44 -11.06 15.19
CA VAL B 30 -8.65 -11.09 14.38
C VAL B 30 -9.86 -11.44 15.23
N ARG B 31 -10.87 -10.57 15.25
CA ARG B 31 -12.12 -10.74 15.97
C ARG B 31 -13.15 -11.41 15.07
N ILE B 32 -13.63 -12.59 15.47
CA ILE B 32 -14.44 -13.47 14.64
C ILE B 32 -15.70 -13.88 15.39
N GLY B 33 -16.85 -13.82 14.72
CA GLY B 33 -18.12 -14.30 15.25
C GLY B 33 -18.52 -15.64 14.64
N ILE B 34 -19.06 -16.52 15.48
CA ILE B 34 -19.52 -17.84 15.09
C ILE B 34 -20.98 -18.00 15.50
N ASN B 35 -21.77 -18.46 14.54
CA ASN B 35 -23.22 -18.47 14.61
C ASN B 35 -23.75 -19.84 14.22
N ALA B 36 -23.64 -20.76 15.17
CA ALA B 36 -24.17 -22.11 15.10
C ALA B 36 -25.11 -22.33 16.27
N PRO B 37 -26.04 -23.29 16.14
CA PRO B 37 -26.82 -23.74 17.27
C PRO B 37 -25.90 -24.27 18.36
N LYS B 38 -26.38 -24.24 19.61
CA LYS B 38 -25.68 -24.79 20.76
C LYS B 38 -25.68 -26.32 20.72
N ASP B 39 -26.32 -26.83 19.67
CA ASP B 39 -26.35 -28.24 19.29
C ASP B 39 -24.97 -28.74 18.88
N VAL B 40 -24.11 -27.83 18.41
CA VAL B 40 -22.73 -28.12 18.04
C VAL B 40 -21.78 -27.47 19.03
N ALA B 41 -20.66 -28.13 19.31
CA ALA B 41 -19.61 -27.54 20.12
C ALA B 41 -18.67 -26.69 19.29
N VAL B 42 -18.26 -25.56 19.86
CA VAL B 42 -17.59 -24.48 19.15
C VAL B 42 -16.56 -23.84 20.07
N HIS B 43 -15.29 -24.21 19.92
CA HIS B 43 -14.18 -23.69 20.70
C HIS B 43 -12.92 -23.60 19.86
N ARG B 44 -11.89 -22.92 20.36
CA ARG B 44 -10.57 -22.96 19.73
C ARG B 44 -9.90 -24.31 19.94
N GLU B 45 -8.92 -24.64 19.09
CA GLU B 45 -8.23 -25.92 19.11
C GLU B 45 -7.61 -26.23 20.47
N GLU B 46 -7.15 -25.22 21.22
CA GLU B 46 -6.65 -25.41 22.57
C GLU B 46 -7.69 -26.13 23.43
N ILE B 47 -8.91 -25.60 23.40
CA ILE B 47 -10.00 -26.00 24.26
C ILE B 47 -10.55 -27.35 23.81
N TYR B 48 -10.69 -27.49 22.49
CA TYR B 48 -11.15 -28.70 21.85
C TYR B 48 -10.40 -29.93 22.36
N GLN B 49 -9.10 -29.81 22.59
CA GLN B 49 -8.27 -30.92 23.01
C GLN B 49 -8.57 -31.41 24.43
N ARG B 50 -9.10 -30.54 25.31
CA ARG B 50 -9.56 -30.96 26.63
C ARG B 50 -10.94 -31.60 26.53
N ILE B 51 -11.81 -31.03 25.68
CA ILE B 51 -13.16 -31.51 25.52
C ILE B 51 -13.14 -32.93 24.96
N GLN B 52 -12.27 -33.17 23.98
CA GLN B 52 -12.02 -34.49 23.42
C GLN B 52 -11.15 -35.36 24.32
N ALA B 53 -10.78 -34.88 25.52
CA ALA B 53 -10.15 -35.70 26.53
C ALA B 53 -11.17 -36.55 27.29
N GLY B 54 -12.45 -36.20 27.23
CA GLY B 54 -13.54 -37.05 27.71
C GLY B 54 -14.62 -36.31 28.48
N LEU B 55 -15.07 -35.16 27.99
CA LEU B 55 -15.91 -34.24 28.74
C LEU B 55 -16.50 -33.14 27.87
N THR B 56 -17.19 -32.19 28.52
CA THR B 56 -17.63 -30.93 27.94
C THR B 56 -17.17 -29.78 28.83
N ALA B 57 -17.39 -28.53 28.38
CA ALA B 57 -17.05 -27.33 29.12
C ALA B 57 -17.30 -27.49 30.62
N PRO B 58 -16.29 -27.30 31.46
CA PRO B 58 -16.37 -27.64 32.87
C PRO B 58 -17.48 -26.92 33.63
N ASP B 59 -17.70 -27.38 34.87
CA ASP B 59 -18.79 -26.93 35.73
C ASP B 59 -18.68 -25.44 36.09
N MET C 1 -15.40 31.79 -7.89
CA MET C 1 -15.45 30.34 -7.58
C MET C 1 -16.41 29.51 -8.40
N LEU C 2 -15.86 28.93 -9.48
CA LEU C 2 -16.45 27.88 -10.27
C LEU C 2 -15.49 26.68 -10.19
N ILE C 3 -15.88 25.64 -9.44
CA ILE C 3 -15.08 24.45 -9.25
C ILE C 3 -15.27 23.51 -10.45
N LEU C 4 -14.16 22.99 -10.96
CA LEU C 4 -14.14 21.93 -11.96
C LEU C 4 -13.22 20.81 -11.51
N THR C 5 -13.58 19.56 -11.83
CA THR C 5 -12.74 18.39 -11.58
C THR C 5 -12.31 17.75 -12.90
N ARG C 6 -11.01 17.52 -13.09
CA ARG C 6 -10.51 16.83 -14.27
C ARG C 6 -9.36 15.88 -13.95
N LYS C 7 -9.24 14.81 -14.75
CA LYS C 7 -8.16 13.83 -14.68
C LYS C 7 -6.88 14.40 -15.28
N VAL C 8 -5.72 13.83 -14.95
CA VAL C 8 -4.46 14.27 -15.51
C VAL C 8 -4.43 14.18 -17.03
N GLY C 9 -3.77 15.15 -17.67
CA GLY C 9 -3.68 15.29 -19.11
C GLY C 9 -4.86 16.05 -19.72
N GLU C 10 -5.85 16.44 -18.93
CA GLU C 10 -7.05 17.11 -19.42
C GLU C 10 -6.90 18.63 -19.53
N SER C 11 -7.81 19.27 -20.28
CA SER C 11 -7.74 20.68 -20.63
C SER C 11 -8.96 21.46 -20.16
N ILE C 12 -8.76 22.77 -19.94
CA ILE C 12 -9.73 23.73 -19.42
C ILE C 12 -9.47 25.08 -20.09
N ASN C 13 -10.47 25.97 -20.14
CA ASN C 13 -10.38 27.25 -20.82
C ASN C 13 -10.88 28.40 -19.95
N ILE C 14 -10.33 29.59 -20.21
CA ILE C 14 -10.74 30.85 -19.60
C ILE C 14 -10.83 31.93 -20.66
N GLY C 15 -11.90 32.74 -20.62
CA GLY C 15 -12.17 33.75 -21.63
C GLY C 15 -12.27 33.15 -23.03
N ASP C 16 -11.69 33.83 -24.00
CA ASP C 16 -11.48 33.32 -25.35
C ASP C 16 -10.00 33.30 -25.72
N ASP C 17 -9.13 33.71 -24.79
CA ASP C 17 -7.71 33.95 -25.05
C ASP C 17 -6.79 33.11 -24.15
N ILE C 18 -7.33 32.43 -23.13
CA ILE C 18 -6.54 31.71 -22.14
C ILE C 18 -6.92 30.23 -22.11
N THR C 19 -5.92 29.36 -22.11
CA THR C 19 -6.11 27.92 -21.91
C THR C 19 -5.40 27.48 -20.64
N ILE C 20 -5.96 26.48 -19.95
CA ILE C 20 -5.42 25.87 -18.75
C ILE C 20 -5.33 24.36 -18.99
N THR C 21 -4.33 23.69 -18.41
CA THR C 21 -4.17 22.26 -18.57
C THR C 21 -3.66 21.63 -17.29
N ILE C 22 -4.26 20.52 -16.84
CA ILE C 22 -3.70 19.73 -15.77
C ILE C 22 -2.72 18.74 -16.40
N LEU C 23 -1.42 19.05 -16.31
CA LEU C 23 -0.41 18.22 -16.96
C LEU C 23 -0.20 16.95 -16.16
N GLY C 24 -0.28 17.04 -14.83
CA GLY C 24 -0.32 15.85 -14.00
C GLY C 24 -0.15 16.14 -12.52
N VAL C 25 0.02 15.08 -11.72
CA VAL C 25 0.32 15.18 -10.29
C VAL C 25 1.62 14.48 -9.96
N SER C 26 2.26 14.92 -8.88
CA SER C 26 3.46 14.32 -8.32
C SER C 26 3.35 14.32 -6.81
N GLY C 27 2.79 13.25 -6.23
CA GLY C 27 2.43 13.27 -4.83
C GLY C 27 1.25 14.20 -4.58
N GLN C 28 1.48 15.25 -3.78
CA GLN C 28 0.48 16.28 -3.51
C GLN C 28 0.66 17.49 -4.41
N GLN C 29 1.70 17.50 -5.26
CA GLN C 29 1.90 18.52 -6.27
C GLN C 29 1.05 18.26 -7.51
N VAL C 30 0.83 19.33 -8.25
CA VAL C 30 0.00 19.38 -9.45
C VAL C 30 0.74 20.24 -10.47
N ARG C 31 1.21 19.65 -11.57
CA ARG C 31 1.78 20.41 -12.67
C ARG C 31 0.65 21.00 -13.50
N ILE C 32 0.53 22.33 -13.46
CA ILE C 32 -0.51 23.09 -14.15
C ILE C 32 0.12 23.88 -15.29
N GLY C 33 -0.44 23.72 -16.49
CA GLY C 33 -0.15 24.52 -17.67
C GLY C 33 -1.08 25.71 -17.77
N ILE C 34 -0.55 26.85 -18.22
CA ILE C 34 -1.31 28.07 -18.46
C ILE C 34 -0.85 28.66 -19.78
N ASN C 35 -1.79 29.09 -20.61
CA ASN C 35 -1.49 29.49 -21.98
C ASN C 35 -2.25 30.76 -22.33
N ALA C 36 -1.60 31.91 -22.16
CA ALA C 36 -2.21 33.22 -22.35
C ALA C 36 -1.26 34.15 -23.11
N PRO C 37 -1.77 35.18 -23.78
CA PRO C 37 -0.94 36.23 -24.36
C PRO C 37 -0.18 36.97 -23.27
N LYS C 38 1.00 37.51 -23.61
CA LYS C 38 1.76 38.38 -22.72
C LYS C 38 1.05 39.72 -22.46
N ASP C 39 -0.12 39.91 -23.06
CA ASP C 39 -1.03 41.01 -22.74
C ASP C 39 -1.58 40.88 -21.32
N VAL C 40 -1.57 39.67 -20.77
CA VAL C 40 -1.96 39.40 -19.39
C VAL C 40 -0.83 38.70 -18.65
N ALA C 41 -0.74 38.93 -17.33
CA ALA C 41 0.25 38.29 -16.49
C ALA C 41 -0.25 36.95 -15.98
N VAL C 42 0.67 36.03 -15.64
CA VAL C 42 0.36 34.81 -14.92
C VAL C 42 1.45 34.55 -13.87
N HIS C 43 1.05 34.25 -12.63
CA HIS C 43 1.98 33.99 -11.54
C HIS C 43 1.35 33.10 -10.49
N ARG C 44 2.17 32.57 -9.58
CA ARG C 44 1.68 31.94 -8.36
C ARG C 44 1.51 33.00 -7.27
N GLU C 45 0.68 32.73 -6.27
CA GLU C 45 0.24 33.73 -5.32
C GLU C 45 1.41 34.36 -4.55
N GLU C 46 2.44 33.56 -4.25
CA GLU C 46 3.64 34.01 -3.57
C GLU C 46 4.52 34.94 -4.42
N ILE C 47 4.33 34.93 -5.74
CA ILE C 47 4.99 35.86 -6.66
C ILE C 47 4.08 37.02 -7.01
N TYR C 48 2.77 36.78 -7.12
CA TYR C 48 1.78 37.79 -7.46
C TYR C 48 1.87 39.02 -6.57
N GLN C 49 2.21 38.83 -5.29
CA GLN C 49 2.35 39.90 -4.32
C GLN C 49 3.44 40.90 -4.70
N ARG C 50 4.43 40.50 -5.49
CA ARG C 50 5.43 41.40 -6.04
C ARG C 50 4.83 42.36 -7.07
N ILE C 51 3.91 41.86 -7.90
CA ILE C 51 3.23 42.69 -8.89
C ILE C 51 2.32 43.69 -8.18
N GLN C 52 1.95 43.40 -6.93
CA GLN C 52 1.15 44.26 -6.07
C GLN C 52 2.00 45.13 -5.16
N ALA C 53 3.33 45.07 -5.26
CA ALA C 53 4.26 45.68 -4.32
C ALA C 53 4.36 47.21 -4.44
N GLY C 54 3.55 47.82 -5.32
CA GLY C 54 3.53 49.26 -5.52
C GLY C 54 4.09 49.68 -6.88
N LEU C 55 4.04 48.80 -7.87
CA LEU C 55 4.63 49.03 -9.17
C LEU C 55 3.92 50.13 -9.96
N THR C 56 2.70 50.48 -9.56
CA THR C 56 1.93 51.57 -10.16
C THR C 56 2.47 52.93 -9.73
N ALA C 57 3.11 53.02 -8.57
CA ALA C 57 3.72 54.24 -8.07
C ALA C 57 5.04 53.93 -7.36
N PRO C 58 6.14 53.80 -8.11
CA PRO C 58 7.45 53.51 -7.56
C PRO C 58 8.02 54.64 -6.71
N ASP C 59 9.21 54.40 -6.14
CA ASP C 59 9.92 55.35 -5.30
C ASP C 59 10.38 56.58 -6.08
N MET D 1 2.90 28.69 -23.40
CA MET D 1 2.64 28.08 -22.07
C MET D 1 3.57 28.62 -20.99
N LEU D 2 3.05 28.62 -19.75
CA LEU D 2 3.79 28.85 -18.53
C LEU D 2 3.35 27.76 -17.54
N ILE D 3 4.28 26.86 -17.20
CA ILE D 3 4.02 25.66 -16.42
C ILE D 3 4.67 25.80 -15.05
N LEU D 4 3.97 25.39 -13.98
CA LEU D 4 4.52 25.32 -12.63
C LEU D 4 3.77 24.32 -11.76
N THR D 5 4.40 23.87 -10.68
CA THR D 5 3.75 23.03 -9.69
C THR D 5 3.12 23.84 -8.58
N ARG D 6 1.98 23.35 -8.09
CA ARG D 6 1.35 23.80 -6.86
C ARG D 6 0.96 22.57 -6.05
N LYS D 7 1.03 22.64 -4.72
CA LYS D 7 0.45 21.60 -3.90
C LYS D 7 -0.98 21.94 -3.51
N VAL D 8 -1.76 20.93 -3.15
CA VAL D 8 -3.10 21.13 -2.62
C VAL D 8 -3.19 22.27 -1.61
N GLY D 9 -4.19 23.13 -1.77
CA GLY D 9 -4.46 24.26 -0.89
C GLY D 9 -3.79 25.56 -1.30
N GLU D 10 -2.94 25.54 -2.33
CA GLU D 10 -2.22 26.71 -2.80
C GLU D 10 -2.94 27.44 -3.94
N SER D 11 -2.44 28.63 -4.29
CA SER D 11 -3.13 29.54 -5.20
C SER D 11 -2.24 30.08 -6.30
N ILE D 12 -2.90 30.54 -7.37
CA ILE D 12 -2.35 31.02 -8.64
C ILE D 12 -3.16 32.26 -9.07
N ASN D 13 -2.56 33.16 -9.85
CA ASN D 13 -3.21 34.37 -10.33
C ASN D 13 -3.01 34.57 -11.83
N ILE D 14 -4.02 35.14 -12.49
CA ILE D 14 -4.00 35.47 -13.91
C ILE D 14 -4.53 36.88 -14.11
N GLY D 15 -3.92 37.65 -15.01
CA GLY D 15 -4.21 39.05 -15.20
C GLY D 15 -4.04 39.84 -13.90
N ASP D 16 -5.04 40.66 -13.57
CA ASP D 16 -5.13 41.31 -12.27
C ASP D 16 -6.53 41.11 -11.64
N ASP D 17 -7.34 40.25 -12.24
CA ASP D 17 -8.74 40.06 -11.85
C ASP D 17 -9.11 38.59 -11.64
N ILE D 18 -8.22 37.65 -11.99
CA ILE D 18 -8.51 36.22 -11.95
C ILE D 18 -7.59 35.52 -10.96
N THR D 19 -8.17 34.61 -10.17
CA THR D 19 -7.46 33.75 -9.25
C THR D 19 -7.85 32.29 -9.50
N ILE D 20 -6.88 31.37 -9.38
CA ILE D 20 -7.05 29.95 -9.55
C ILE D 20 -6.52 29.26 -8.28
N THR D 21 -7.21 28.21 -7.82
CA THR D 21 -6.89 27.55 -6.56
C THR D 21 -6.93 26.04 -6.76
N ILE D 22 -5.89 25.32 -6.31
CA ILE D 22 -5.96 23.87 -6.26
C ILE D 22 -6.62 23.48 -4.95
N LEU D 23 -7.90 23.10 -5.02
CA LEU D 23 -8.69 22.78 -3.84
C LEU D 23 -8.26 21.44 -3.26
N GLY D 24 -7.86 20.50 -4.13
CA GLY D 24 -7.20 19.28 -3.71
C GLY D 24 -7.06 18.26 -4.82
N VAL D 25 -6.46 17.11 -4.50
CA VAL D 25 -6.23 16.02 -5.43
C VAL D 25 -6.90 14.75 -4.93
N SER D 26 -7.58 14.04 -5.84
CA SER D 26 -8.45 12.92 -5.55
C SER D 26 -8.15 11.77 -6.50
N GLY D 27 -7.08 11.03 -6.22
CA GLY D 27 -6.56 10.03 -7.13
C GLY D 27 -5.80 10.68 -8.29
N GLN D 28 -6.28 10.45 -9.52
CA GLN D 28 -5.77 11.10 -10.71
C GLN D 28 -6.58 12.34 -11.06
N GLN D 29 -7.70 12.56 -10.37
CA GLN D 29 -8.50 13.77 -10.50
C GLN D 29 -7.88 14.90 -9.71
N VAL D 30 -8.06 16.12 -10.22
CA VAL D 30 -7.61 17.34 -9.57
C VAL D 30 -8.79 18.29 -9.48
N ARG D 31 -9.10 18.74 -8.25
CA ARG D 31 -10.23 19.58 -7.94
C ARG D 31 -9.78 21.03 -7.92
N ILE D 32 -10.17 21.80 -8.94
CA ILE D 32 -9.64 23.12 -9.21
C ILE D 32 -10.76 24.16 -9.10
N GLY D 33 -10.52 25.20 -8.29
CA GLY D 33 -11.39 26.36 -8.21
C GLY D 33 -10.91 27.47 -9.14
N ILE D 34 -11.85 28.18 -9.76
CA ILE D 34 -11.55 29.32 -10.62
C ILE D 34 -12.37 30.51 -10.15
N ASN D 35 -11.75 31.69 -10.13
CA ASN D 35 -12.35 32.90 -9.58
C ASN D 35 -12.09 34.06 -10.51
N ALA D 36 -13.03 34.27 -11.45
CA ALA D 36 -12.96 35.29 -12.47
C ALA D 36 -14.26 36.10 -12.48
N PRO D 37 -14.24 37.34 -12.95
CA PRO D 37 -15.46 38.10 -13.19
C PRO D 37 -16.31 37.43 -14.27
N LYS D 38 -17.63 37.61 -14.22
CA LYS D 38 -18.54 37.15 -15.25
C LYS D 38 -18.36 37.90 -16.58
N ASP D 39 -17.46 38.88 -16.59
CA ASP D 39 -16.99 39.54 -17.80
C ASP D 39 -16.20 38.58 -18.69
N VAL D 40 -15.68 37.49 -18.10
CA VAL D 40 -14.97 36.44 -18.82
C VAL D 40 -15.58 35.08 -18.52
N ALA D 41 -15.33 34.11 -19.39
CA ALA D 41 -15.86 32.76 -19.29
C ALA D 41 -14.86 31.80 -18.65
N VAL D 42 -15.34 30.70 -18.07
CA VAL D 42 -14.49 29.59 -17.66
C VAL D 42 -15.25 28.28 -17.81
N HIS D 43 -14.69 27.33 -18.58
CA HIS D 43 -15.23 25.99 -18.71
C HIS D 43 -14.15 24.97 -19.04
N ARG D 44 -14.43 23.69 -18.77
CA ARG D 44 -13.62 22.59 -19.26
C ARG D 44 -13.72 22.48 -20.78
N GLU D 45 -12.72 21.88 -21.42
CA GLU D 45 -12.55 21.94 -22.87
C GLU D 45 -13.76 21.44 -23.65
N GLU D 46 -14.40 20.35 -23.22
CA GLU D 46 -15.57 19.80 -23.89
C GLU D 46 -16.79 20.71 -23.80
N ILE D 47 -16.82 21.59 -22.80
CA ILE D 47 -17.89 22.55 -22.60
C ILE D 47 -17.58 23.86 -23.32
N TYR D 48 -16.33 24.31 -23.24
CA TYR D 48 -15.86 25.58 -23.78
C TYR D 48 -16.33 25.82 -25.21
N GLN D 49 -16.37 24.75 -26.01
CA GLN D 49 -16.76 24.79 -27.41
C GLN D 49 -18.17 25.32 -27.63
N ARG D 50 -19.09 25.16 -26.67
CA ARG D 50 -20.50 25.52 -26.80
C ARG D 50 -20.67 27.03 -26.76
N ILE D 51 -19.85 27.69 -25.93
CA ILE D 51 -19.85 29.12 -25.65
C ILE D 51 -19.07 29.85 -26.73
N GLN D 52 -18.24 29.12 -27.49
CA GLN D 52 -17.43 29.65 -28.56
C GLN D 52 -17.94 29.31 -29.96
N ALA D 53 -18.81 28.31 -30.12
CA ALA D 53 -19.21 27.79 -31.43
C ALA D 53 -20.46 28.47 -32.02
N GLY D 54 -21.19 29.25 -31.21
CA GLY D 54 -22.49 29.79 -31.59
C GLY D 54 -23.42 29.96 -30.40
N LEU D 55 -22.96 29.53 -29.22
CA LEU D 55 -23.52 29.77 -27.89
C LEU D 55 -24.69 28.85 -27.58
N THR D 56 -24.65 28.31 -26.36
CA THR D 56 -25.54 27.23 -25.98
C THR D 56 -26.24 27.50 -24.64
N ALA D 57 -25.75 28.47 -23.87
CA ALA D 57 -26.43 29.03 -22.71
C ALA D 57 -25.92 30.45 -22.50
N PRO D 58 -26.81 31.44 -22.33
CA PRO D 58 -26.41 32.80 -22.04
C PRO D 58 -25.71 32.95 -20.69
N ASP D 59 -25.19 34.16 -20.44
CA ASP D 59 -24.49 34.52 -19.23
C ASP D 59 -25.39 34.47 -17.99
N MET E 1 35.41 -9.31 3.90
CA MET E 1 34.55 -8.20 3.48
C MET E 1 34.18 -8.41 2.01
N LEU E 2 32.90 -8.53 1.69
CA LEU E 2 32.43 -8.96 0.38
C LEU E 2 31.68 -7.81 -0.30
N ILE E 3 32.17 -7.40 -1.48
CA ILE E 3 31.60 -6.30 -2.25
C ILE E 3 30.95 -6.84 -3.52
N LEU E 4 29.79 -6.29 -3.86
CA LEU E 4 28.98 -6.64 -5.02
C LEU E 4 28.52 -5.40 -5.76
N THR E 5 28.04 -5.58 -6.99
CA THR E 5 27.32 -4.54 -7.72
C THR E 5 26.04 -5.16 -8.28
N ARG E 6 24.94 -4.96 -7.55
CA ARG E 6 23.67 -5.63 -7.75
C ARG E 6 22.66 -4.65 -8.34
N LYS E 7 21.97 -5.02 -9.42
CA LYS E 7 20.93 -4.15 -9.97
C LYS E 7 19.52 -4.53 -9.55
N VAL E 8 18.77 -3.44 -9.43
CA VAL E 8 17.35 -3.37 -9.17
C VAL E 8 16.63 -4.52 -9.84
N GLY E 9 15.99 -5.38 -9.03
CA GLY E 9 15.28 -6.54 -9.52
C GLY E 9 16.02 -7.86 -9.26
N GLU E 10 17.32 -7.82 -8.96
CA GLU E 10 18.08 -8.98 -8.54
C GLU E 10 17.99 -9.22 -7.03
N SER E 11 18.51 -10.37 -6.59
CA SER E 11 18.45 -10.79 -5.20
C SER E 11 19.81 -11.30 -4.70
N ILE E 12 20.01 -11.23 -3.38
CA ILE E 12 21.22 -11.63 -2.67
C ILE E 12 20.82 -12.62 -1.58
N ASN E 13 21.77 -13.41 -1.07
CA ASN E 13 21.53 -14.30 0.05
C ASN E 13 22.66 -14.20 1.08
N ILE E 14 22.30 -14.46 2.34
CA ILE E 14 23.23 -14.48 3.47
C ILE E 14 22.95 -15.72 4.32
N GLY E 15 24.00 -16.40 4.77
CA GLY E 15 23.88 -17.61 5.57
C GLY E 15 23.12 -18.70 4.83
N ASP E 16 22.23 -19.39 5.55
CA ASP E 16 21.37 -20.44 5.00
C ASP E 16 19.89 -20.13 5.23
N ASP E 17 19.56 -18.92 5.71
CA ASP E 17 18.21 -18.57 6.14
C ASP E 17 17.79 -17.17 5.71
N ILE E 18 18.69 -16.35 5.17
CA ILE E 18 18.43 -14.95 4.88
C ILE E 18 18.49 -14.70 3.38
N THR E 19 17.51 -13.95 2.87
CA THR E 19 17.42 -13.52 1.47
C THR E 19 17.26 -12.00 1.44
N ILE E 20 17.80 -11.36 0.39
CA ILE E 20 17.76 -9.92 0.22
C ILE E 20 17.43 -9.58 -1.23
N THR E 21 16.78 -8.44 -1.42
CA THR E 21 16.32 -7.99 -2.73
C THR E 21 16.57 -6.48 -2.90
N ILE E 22 17.14 -6.08 -4.03
CA ILE E 22 17.23 -4.67 -4.40
C ILE E 22 15.96 -4.29 -5.17
N LEU E 23 15.01 -3.63 -4.49
CA LEU E 23 13.69 -3.37 -5.05
C LEU E 23 13.73 -2.28 -6.12
N GLY E 24 14.73 -1.39 -6.09
CA GLY E 24 14.75 -0.20 -6.92
C GLY E 24 15.65 0.90 -6.37
N VAL E 25 15.91 1.92 -7.20
CA VAL E 25 16.55 3.15 -6.76
C VAL E 25 15.60 4.34 -6.86
N SER E 26 15.88 5.38 -6.07
CA SER E 26 15.25 6.69 -6.18
C SER E 26 16.30 7.75 -5.86
N GLY E 27 17.02 8.21 -6.89
CA GLY E 27 18.17 9.08 -6.72
C GLY E 27 19.28 8.42 -5.92
N GLN E 28 19.78 9.09 -4.88
CA GLN E 28 20.75 8.52 -3.96
C GLN E 28 20.10 7.53 -2.98
N GLN E 29 18.78 7.61 -2.80
CA GLN E 29 18.07 6.63 -2.01
C GLN E 29 17.89 5.34 -2.81
N VAL E 30 17.91 4.21 -2.09
CA VAL E 30 17.88 2.89 -2.67
C VAL E 30 16.84 2.08 -1.89
N ARG E 31 15.82 1.57 -2.60
CA ARG E 31 14.75 0.80 -2.00
C ARG E 31 15.14 -0.67 -1.96
N ILE E 32 15.16 -1.23 -0.75
CA ILE E 32 15.74 -2.53 -0.45
C ILE E 32 14.77 -3.36 0.37
N GLY E 33 14.68 -4.65 0.06
CA GLY E 33 13.97 -5.64 0.86
C GLY E 33 14.95 -6.62 1.49
N ILE E 34 14.72 -6.98 2.75
CA ILE E 34 15.57 -7.88 3.52
C ILE E 34 14.66 -8.91 4.19
N ASN E 35 15.04 -10.19 4.16
CA ASN E 35 14.13 -11.25 4.56
C ASN E 35 14.85 -12.31 5.39
N ALA E 36 14.65 -12.23 6.71
CA ALA E 36 15.23 -13.15 7.68
C ALA E 36 14.17 -13.60 8.69
N PRO E 37 14.36 -14.75 9.32
CA PRO E 37 13.51 -15.19 10.42
C PRO E 37 13.57 -14.22 11.60
N LYS E 38 12.55 -14.25 12.46
CA LYS E 38 12.56 -13.56 13.74
C LYS E 38 13.54 -14.17 14.73
N ASP E 39 14.22 -15.23 14.30
CA ASP E 39 15.36 -15.82 14.99
C ASP E 39 16.54 -14.85 15.04
N VAL E 40 16.59 -13.89 14.12
CA VAL E 40 17.62 -12.87 14.05
C VAL E 40 17.00 -11.48 14.08
N ALA E 41 17.78 -10.50 14.52
CA ALA E 41 17.40 -9.10 14.46
C ALA E 41 17.80 -8.47 13.13
N VAL E 42 17.14 -7.37 12.74
CA VAL E 42 17.58 -6.56 11.60
C VAL E 42 17.07 -5.12 11.74
N HIS E 43 17.99 -4.16 11.67
CA HIS E 43 17.68 -2.73 11.77
C HIS E 43 18.69 -1.90 11.00
N ARG E 44 18.42 -0.60 10.84
CA ARG E 44 19.40 0.35 10.33
C ARG E 44 20.51 0.50 11.36
N GLU E 45 21.71 0.90 10.93
CA GLU E 45 22.84 1.09 11.83
C GLU E 45 22.55 2.16 12.88
N GLU E 46 21.62 3.07 12.59
CA GLU E 46 21.11 4.07 13.51
C GLU E 46 20.37 3.41 14.68
N ILE E 47 19.45 2.49 14.37
CA ILE E 47 18.62 1.82 15.37
C ILE E 47 19.44 0.78 16.11
N TYR E 48 20.43 0.18 15.45
CA TYR E 48 21.32 -0.81 16.06
C TYR E 48 21.99 -0.28 17.31
N GLN E 49 22.37 1.01 17.32
CA GLN E 49 23.07 1.62 18.44
C GLN E 49 22.19 1.79 19.68
N ARG E 50 20.86 1.80 19.53
CA ARG E 50 19.94 1.80 20.66
C ARG E 50 19.97 0.45 21.36
N ILE E 51 20.31 -0.60 20.61
CA ILE E 51 20.19 -1.98 21.05
C ILE E 51 21.49 -2.47 21.65
N GLN E 52 22.62 -2.09 21.07
CA GLN E 52 23.93 -2.46 21.58
C GLN E 52 24.27 -1.68 22.85
N ALA E 53 23.33 -0.86 23.30
CA ALA E 53 23.35 -0.21 24.61
C ALA E 53 23.18 -1.20 25.76
N GLY E 54 22.66 -2.40 25.48
CA GLY E 54 22.66 -3.50 26.44
C GLY E 54 21.48 -4.46 26.32
N LEU E 55 20.86 -4.56 25.13
CA LEU E 55 19.61 -5.28 24.95
C LEU E 55 19.82 -6.63 24.28
N THR E 56 20.76 -6.71 23.34
CA THR E 56 21.01 -7.88 22.52
C THR E 56 21.32 -9.09 23.39
N ALA E 57 22.01 -8.86 24.51
CA ALA E 57 22.21 -9.82 25.58
C ALA E 57 22.04 -9.10 26.92
N PRO E 58 21.03 -9.47 27.73
CA PRO E 58 20.81 -8.86 29.03
C PRO E 58 22.01 -8.98 29.95
N ASP E 59 22.31 -7.90 30.68
CA ASP E 59 23.25 -7.86 31.79
C ASP E 59 24.70 -8.21 31.42
N MET F 1 9.95 -10.19 6.44
CA MET F 1 10.31 -9.35 5.29
C MET F 1 10.26 -7.88 5.65
N LEU F 2 11.43 -7.22 5.73
CA LEU F 2 11.53 -5.79 5.94
C LEU F 2 11.82 -5.06 4.63
N ILE F 3 11.31 -3.83 4.52
CA ILE F 3 11.63 -2.93 3.43
C ILE F 3 12.14 -1.61 3.99
N LEU F 4 13.20 -1.08 3.36
CA LEU F 4 13.85 0.16 3.72
C LEU F 4 14.12 0.99 2.48
N THR F 5 14.39 2.28 2.67
CA THR F 5 14.89 3.14 1.60
C THR F 5 16.13 3.89 2.09
N ARG F 6 17.30 3.36 1.78
CA ARG F 6 18.59 3.77 2.33
C ARG F 6 19.41 4.58 1.33
N LYS F 7 20.05 5.66 1.80
CA LYS F 7 20.91 6.49 0.97
C LYS F 7 22.33 5.94 0.89
N VAL F 8 23.04 6.32 -0.17
CA VAL F 8 24.41 5.87 -0.38
C VAL F 8 25.33 6.31 0.77
N GLY F 9 26.21 5.39 1.19
CA GLY F 9 27.15 5.60 2.27
C GLY F 9 26.61 5.23 3.66
N GLU F 10 25.34 4.86 3.77
CA GLU F 10 24.75 4.43 5.03
C GLU F 10 24.88 2.92 5.24
N SER F 11 24.51 2.45 6.44
CA SER F 11 24.67 1.06 6.85
C SER F 11 23.41 0.50 7.50
N ILE F 12 23.29 -0.84 7.47
CA ILE F 12 22.22 -1.62 8.03
C ILE F 12 22.86 -2.81 8.75
N ASN F 13 22.17 -3.42 9.72
CA ASN F 13 22.70 -4.50 10.53
C ASN F 13 21.73 -5.68 10.62
N ILE F 14 22.29 -6.88 10.77
CA ILE F 14 21.55 -8.12 10.95
C ILE F 14 22.20 -8.93 12.09
N GLY F 15 21.38 -9.53 12.94
CA GLY F 15 21.83 -10.23 14.13
C GLY F 15 22.61 -9.30 15.05
N ASP F 16 23.74 -9.79 15.56
CA ASP F 16 24.70 -9.00 16.33
C ASP F 16 26.12 -9.12 15.78
N ASP F 17 26.28 -9.72 14.60
CA ASP F 17 27.59 -9.92 13.97
C ASP F 17 27.66 -9.42 12.53
N ILE F 18 26.52 -9.18 11.86
CA ILE F 18 26.49 -8.86 10.45
C ILE F 18 26.20 -7.38 10.23
N THR F 19 26.94 -6.76 9.31
CA THR F 19 26.73 -5.41 8.85
C THR F 19 26.62 -5.38 7.33
N ILE F 20 25.74 -4.52 6.81
CA ILE F 20 25.54 -4.26 5.40
C ILE F 20 25.77 -2.78 5.15
N THR F 21 26.38 -2.44 4.01
CA THR F 21 26.66 -1.05 3.64
C THR F 21 26.30 -0.82 2.18
N ILE F 22 25.53 0.24 1.90
CA ILE F 22 25.28 0.69 0.55
C ILE F 22 26.43 1.59 0.10
N LEU F 23 27.22 1.12 -0.86
CA LEU F 23 28.45 1.79 -1.29
C LEU F 23 28.17 2.86 -2.34
N GLY F 24 27.08 2.71 -3.11
CA GLY F 24 26.60 3.76 -3.99
C GLY F 24 25.78 3.23 -5.17
N VAL F 25 25.42 4.12 -6.10
CA VAL F 25 24.61 3.76 -7.26
C VAL F 25 25.23 4.21 -8.58
N SER F 26 24.86 3.53 -9.67
CA SER F 26 25.13 3.91 -11.04
C SER F 26 23.99 3.39 -11.92
N GLY F 27 22.95 4.19 -12.11
CA GLY F 27 21.75 3.76 -12.79
C GLY F 27 20.97 2.73 -11.98
N GLN F 28 20.80 1.52 -12.52
CA GLN F 28 20.16 0.43 -11.79
C GLN F 28 21.18 -0.34 -10.97
N GLN F 29 22.46 -0.29 -11.34
CA GLN F 29 23.52 -0.95 -10.61
C GLN F 29 23.72 -0.25 -9.26
N VAL F 30 23.67 -1.04 -8.18
CA VAL F 30 23.81 -0.58 -6.81
C VAL F 30 24.99 -1.32 -6.20
N ARG F 31 26.04 -0.59 -5.83
CA ARG F 31 27.24 -1.19 -5.25
C ARG F 31 27.03 -1.39 -3.75
N ILE F 32 27.26 -2.61 -3.26
CA ILE F 32 26.89 -3.04 -1.92
C ILE F 32 28.06 -3.77 -1.27
N GLY F 33 28.26 -3.55 0.04
CA GLY F 33 29.25 -4.26 0.83
C GLY F 33 28.59 -5.05 1.96
N ILE F 34 29.14 -6.23 2.28
CA ILE F 34 28.65 -7.10 3.32
C ILE F 34 29.80 -7.54 4.22
N ASN F 35 29.56 -7.47 5.53
CA ASN F 35 30.53 -7.80 6.56
C ASN F 35 29.90 -8.81 7.52
N ALA F 36 30.29 -10.08 7.38
CA ALA F 36 29.75 -11.17 8.17
C ALA F 36 30.85 -12.11 8.65
N PRO F 37 30.59 -12.89 9.71
CA PRO F 37 31.52 -13.91 10.19
C PRO F 37 31.73 -15.02 9.16
N LYS F 38 32.82 -15.79 9.34
CA LYS F 38 33.09 -16.98 8.56
C LYS F 38 32.12 -18.12 8.87
N ASP F 39 31.26 -17.94 9.87
CA ASP F 39 30.17 -18.84 10.21
C ASP F 39 29.07 -18.87 9.15
N VAL F 40 29.00 -17.85 8.30
CA VAL F 40 27.96 -17.70 7.29
C VAL F 40 28.53 -17.46 5.90
N ALA F 41 27.68 -17.59 4.88
CA ALA F 41 28.01 -17.30 3.50
C ALA F 41 27.35 -16.01 3.02
N VAL F 42 27.77 -15.50 1.86
CA VAL F 42 27.10 -14.40 1.19
C VAL F 42 27.38 -14.43 -0.31
N HIS F 43 26.33 -14.46 -1.13
CA HIS F 43 26.42 -14.50 -2.58
C HIS F 43 25.18 -13.89 -3.24
N ARG F 44 25.11 -13.90 -4.58
CA ARG F 44 23.91 -13.56 -5.32
C ARG F 44 22.95 -14.76 -5.26
N GLU F 45 21.65 -14.50 -5.44
CA GLU F 45 20.63 -15.54 -5.41
C GLU F 45 20.87 -16.62 -6.48
N GLU F 46 21.51 -16.25 -7.59
CA GLU F 46 21.95 -17.18 -8.62
C GLU F 46 22.89 -18.24 -8.04
N ILE F 47 23.87 -17.79 -7.23
CA ILE F 47 24.93 -18.63 -6.71
C ILE F 47 24.42 -19.41 -5.51
N TYR F 48 23.49 -18.83 -4.76
CA TYR F 48 22.87 -19.44 -3.60
C TYR F 48 22.28 -20.82 -3.90
N GLN F 49 21.75 -21.02 -5.12
CA GLN F 49 21.16 -22.26 -5.53
C GLN F 49 22.18 -23.39 -5.64
N ARG F 50 23.47 -23.06 -5.81
CA ARG F 50 24.56 -24.01 -5.80
C ARG F 50 25.04 -24.28 -4.37
N ILE F 51 24.78 -23.34 -3.44
CA ILE F 51 25.03 -23.53 -2.03
C ILE F 51 24.06 -24.57 -1.47
N GLN F 52 22.76 -24.30 -1.66
CA GLN F 52 21.68 -25.08 -1.07
C GLN F 52 21.49 -26.42 -1.75
N ALA F 53 22.35 -26.73 -2.72
CA ALA F 53 22.45 -28.06 -3.33
C ALA F 53 22.99 -29.11 -2.36
N GLY F 54 23.69 -28.70 -1.29
CA GLY F 54 24.05 -29.61 -0.21
C GLY F 54 25.26 -29.20 0.63
N LEU F 55 25.55 -27.90 0.74
CA LEU F 55 26.79 -27.41 1.33
C LEU F 55 26.66 -25.95 1.77
N THR F 56 27.77 -25.32 2.12
CA THR F 56 27.81 -23.89 2.46
C THR F 56 28.78 -23.10 1.57
N ALA F 57 29.81 -23.75 1.03
CA ALA F 57 30.71 -23.14 0.07
C ALA F 57 31.21 -24.20 -0.93
N PRO F 58 30.97 -24.01 -2.24
CA PRO F 58 31.48 -24.91 -3.25
C PRO F 58 33.00 -24.91 -3.36
N ASP F 59 33.52 -25.87 -4.14
CA ASP F 59 34.94 -26.03 -4.42
C ASP F 59 35.57 -24.79 -5.04
N MET A 1 -24.51 -16.31 19.68
CA MET A 1 -23.28 -16.34 18.87
C MET A 1 -22.06 -16.36 19.77
N LEU A 2 -21.06 -17.19 19.45
CA LEU A 2 -19.84 -17.33 20.24
C LEU A 2 -18.71 -16.55 19.56
N ILE A 3 -18.24 -15.47 20.19
CA ILE A 3 -17.18 -14.62 19.67
C ILE A 3 -15.85 -15.04 20.27
N LEU A 4 -14.83 -15.13 19.42
CA LEU A 4 -13.46 -15.42 19.80
C LEU A 4 -12.50 -14.42 19.15
N THR A 5 -11.31 -14.30 19.74
CA THR A 5 -10.27 -13.38 19.28
C THR A 5 -9.00 -14.17 19.02
N ARG A 6 -8.59 -14.26 17.76
CA ARG A 6 -7.55 -15.18 17.32
C ARG A 6 -6.51 -14.47 16.47
N LYS A 7 -5.23 -14.78 16.63
CA LYS A 7 -4.15 -14.11 15.90
C LYS A 7 -3.70 -14.96 14.71
N VAL A 8 -3.00 -14.33 13.77
CA VAL A 8 -2.40 -15.00 12.62
C VAL A 8 -1.69 -16.28 13.06
N GLY A 9 -1.98 -17.39 12.38
CA GLY A 9 -1.40 -18.70 12.66
C GLY A 9 -2.20 -19.55 13.64
N GLU A 10 -3.25 -19.02 14.26
CA GLU A 10 -4.07 -19.77 15.22
C GLU A 10 -5.18 -20.56 14.53
N SER A 11 -5.83 -21.44 15.30
CA SER A 11 -6.79 -22.41 14.78
C SER A 11 -8.02 -22.53 15.69
N ILE A 12 -9.19 -22.69 15.05
CA ILE A 12 -10.48 -22.84 15.69
C ILE A 12 -11.11 -24.14 15.21
N ASN A 13 -12.00 -24.73 16.01
CA ASN A 13 -12.55 -26.06 15.78
C ASN A 13 -14.06 -26.02 15.92
N ILE A 14 -14.73 -26.72 14.99
CA ILE A 14 -16.18 -26.75 14.89
C ILE A 14 -16.65 -28.19 14.68
N GLY A 15 -17.59 -28.64 15.52
CA GLY A 15 -18.12 -30.00 15.41
C GLY A 15 -17.05 -31.04 15.74
N ASP A 16 -16.99 -32.09 14.93
CA ASP A 16 -16.02 -33.16 15.07
C ASP A 16 -15.13 -33.32 13.83
N ASP A 17 -15.36 -32.50 12.80
CA ASP A 17 -14.76 -32.68 11.49
C ASP A 17 -14.12 -31.41 10.92
N ILE A 18 -14.51 -30.24 11.41
CA ILE A 18 -14.14 -28.96 10.80
C ILE A 18 -13.09 -28.24 11.64
N THR A 19 -12.12 -27.64 10.96
CA THR A 19 -11.08 -26.82 11.57
C THR A 19 -10.86 -25.58 10.71
N ILE A 20 -10.64 -24.42 11.34
CA ILE A 20 -10.49 -23.14 10.67
C ILE A 20 -9.16 -22.53 11.08
N THR A 21 -8.31 -22.18 10.12
CA THR A 21 -6.99 -21.62 10.37
C THR A 21 -6.90 -20.23 9.75
N ILE A 22 -6.33 -19.25 10.46
CA ILE A 22 -6.03 -17.97 9.85
C ILE A 22 -4.61 -18.03 9.30
N LEU A 23 -4.47 -17.99 7.97
CA LEU A 23 -3.17 -18.10 7.34
C LEU A 23 -2.47 -16.74 7.36
N GLY A 24 -3.24 -15.64 7.47
CA GLY A 24 -2.69 -14.32 7.74
C GLY A 24 -3.66 -13.18 7.47
N VAL A 25 -3.16 -11.94 7.45
CA VAL A 25 -3.95 -10.74 7.23
C VAL A 25 -3.31 -9.84 6.17
N SER A 26 -4.11 -8.94 5.60
CA SER A 26 -3.70 -7.99 4.59
C SER A 26 -4.43 -6.66 4.80
N GLY A 27 -4.07 -5.97 5.88
CA GLY A 27 -4.72 -4.72 6.28
C GLY A 27 -6.15 -4.96 6.75
N GLN A 28 -7.11 -4.34 6.07
CA GLN A 28 -8.54 -4.52 6.33
C GLN A 28 -9.02 -5.90 5.89
N GLN A 29 -8.20 -6.65 5.13
CA GLN A 29 -8.54 -7.99 4.71
C GLN A 29 -7.88 -9.05 5.58
N VAL A 30 -8.48 -10.25 5.56
CA VAL A 30 -8.21 -11.36 6.45
C VAL A 30 -8.21 -12.64 5.63
N ARG A 31 -7.12 -13.41 5.68
CA ARG A 31 -6.94 -14.61 4.87
C ARG A 31 -7.16 -15.85 5.72
N ILE A 32 -8.34 -16.45 5.56
CA ILE A 32 -8.84 -17.56 6.34
C ILE A 32 -8.86 -18.82 5.49
N GLY A 33 -8.35 -19.93 6.04
CA GLY A 33 -8.48 -21.26 5.45
C GLY A 33 -9.46 -22.10 6.26
N ILE A 34 -10.36 -22.79 5.55
CA ILE A 34 -11.32 -23.73 6.12
C ILE A 34 -10.87 -25.14 5.78
N ASN A 35 -10.85 -26.02 6.79
CA ASN A 35 -10.50 -27.42 6.64
C ASN A 35 -11.69 -28.28 7.05
N ALA A 36 -12.67 -28.32 6.14
CA ALA A 36 -13.86 -29.16 6.24
C ALA A 36 -13.83 -30.23 5.15
N PRO A 37 -14.48 -31.38 5.37
CA PRO A 37 -14.55 -32.44 4.38
C PRO A 37 -15.51 -32.07 3.26
N LYS A 38 -15.34 -32.67 2.07
CA LYS A 38 -16.18 -32.41 0.92
C LYS A 38 -17.61 -32.91 1.11
N ASP A 39 -17.89 -33.56 2.24
CA ASP A 39 -19.24 -33.89 2.67
C ASP A 39 -20.05 -32.65 2.98
N VAL A 40 -19.39 -31.58 3.44
CA VAL A 40 -20.04 -30.35 3.85
C VAL A 40 -19.55 -29.15 3.03
N ALA A 41 -20.48 -28.23 2.76
CA ALA A 41 -20.27 -27.07 1.90
C ALA A 41 -19.46 -25.99 2.62
N VAL A 42 -18.58 -25.30 1.90
CA VAL A 42 -17.91 -24.10 2.39
C VAL A 42 -18.04 -22.99 1.36
N HIS A 43 -18.64 -21.86 1.75
CA HIS A 43 -18.85 -20.72 0.87
C HIS A 43 -18.82 -19.41 1.65
N ARG A 44 -18.84 -18.29 0.93
CA ARG A 44 -19.04 -16.97 1.51
C ARG A 44 -20.41 -16.42 1.15
N GLU A 45 -20.90 -15.45 1.93
CA GLU A 45 -22.29 -15.01 1.89
C GLU A 45 -22.71 -14.42 0.55
N GLU A 46 -21.79 -13.82 -0.21
CA GLU A 46 -22.10 -13.30 -1.54
C GLU A 46 -22.26 -14.39 -2.59
N ILE A 47 -21.99 -15.65 -2.22
CA ILE A 47 -22.11 -16.81 -3.10
C ILE A 47 -23.10 -17.82 -2.52
N TYR A 48 -23.23 -17.90 -1.19
CA TYR A 48 -24.11 -18.87 -0.56
C TYR A 48 -25.56 -18.63 -0.97
N GLN A 49 -25.90 -17.36 -1.21
CA GLN A 49 -27.23 -16.95 -1.63
C GLN A 49 -27.50 -17.28 -3.09
N ARG A 50 -26.46 -17.61 -3.87
CA ARG A 50 -26.59 -18.14 -5.22
C ARG A 50 -26.94 -19.62 -5.18
N ILE A 51 -26.44 -20.34 -4.18
CA ILE A 51 -26.81 -21.73 -3.92
C ILE A 51 -28.28 -21.78 -3.53
N GLN A 52 -28.66 -20.96 -2.54
CA GLN A 52 -30.00 -20.96 -1.97
C GLN A 52 -30.97 -20.10 -2.77
N ALA A 53 -30.53 -19.58 -3.91
CA ALA A 53 -31.40 -18.96 -4.89
C ALA A 53 -32.46 -19.95 -5.38
N GLY A 54 -32.12 -21.24 -5.40
CA GLY A 54 -33.04 -22.32 -5.66
C GLY A 54 -32.37 -23.63 -6.04
N LEU A 55 -31.04 -23.73 -5.93
CA LEU A 55 -30.31 -24.89 -6.41
C LEU A 55 -30.31 -25.94 -5.31
N THR A 56 -31.34 -26.80 -5.35
CA THR A 56 -31.75 -27.77 -4.34
C THR A 56 -33.18 -28.19 -4.62
N ALA A 57 -34.01 -27.25 -5.08
CA ALA A 57 -35.45 -27.40 -5.20
C ALA A 57 -35.85 -28.39 -6.29
N PRO A 58 -37.03 -29.02 -6.16
CA PRO A 58 -37.53 -29.98 -7.11
C PRO A 58 -37.93 -29.34 -8.44
N ASP A 59 -38.10 -30.19 -9.44
CA ASP A 59 -38.48 -29.81 -10.80
C ASP A 59 -39.98 -29.56 -10.92
N MET B 1 -7.70 -27.73 2.34
CA MET B 1 -7.99 -26.34 2.74
C MET B 1 -8.73 -25.61 1.63
N LEU B 2 -9.79 -24.88 1.98
CA LEU B 2 -10.48 -23.94 1.10
C LEU B 2 -10.25 -22.54 1.67
N ILE B 3 -9.65 -21.64 0.88
CA ILE B 3 -9.10 -20.40 1.38
C ILE B 3 -9.80 -19.18 0.78
N LEU B 4 -10.05 -18.18 1.62
CA LEU B 4 -10.73 -16.95 1.27
C LEU B 4 -10.00 -15.74 1.87
N THR B 5 -9.97 -14.64 1.12
CA THR B 5 -9.39 -13.38 1.54
C THR B 5 -10.50 -12.33 1.56
N ARG B 6 -11.03 -12.03 2.74
CA ARG B 6 -12.24 -11.23 2.91
C ARG B 6 -11.98 -10.07 3.86
N LYS B 7 -12.79 -9.01 3.78
CA LYS B 7 -12.62 -7.84 4.63
C LYS B 7 -13.44 -7.92 5.90
N VAL B 8 -13.19 -7.02 6.84
CA VAL B 8 -13.99 -6.91 8.05
C VAL B 8 -15.44 -6.58 7.72
N GLY B 9 -16.36 -7.25 8.41
CA GLY B 9 -17.78 -7.14 8.18
C GLY B 9 -18.33 -8.13 7.16
N GLU B 10 -17.47 -8.97 6.56
CA GLU B 10 -17.92 -10.02 5.64
C GLU B 10 -18.33 -11.29 6.38
N SER B 11 -19.14 -12.10 5.70
CA SER B 11 -19.81 -13.26 6.27
C SER B 11 -19.53 -14.52 5.47
N ILE B 12 -19.40 -15.65 6.16
CA ILE B 12 -18.94 -16.92 5.63
C ILE B 12 -19.81 -18.04 6.18
N ASN B 13 -19.95 -19.13 5.43
CA ASN B 13 -20.93 -20.18 5.72
C ASN B 13 -20.33 -21.58 5.57
N ILE B 14 -20.68 -22.48 6.48
CA ILE B 14 -20.23 -23.87 6.45
C ILE B 14 -21.43 -24.80 6.71
N GLY B 15 -21.59 -25.80 5.85
CA GLY B 15 -22.72 -26.71 5.88
C GLY B 15 -24.03 -25.94 5.72
N ASP B 16 -25.04 -26.32 6.53
CA ASP B 16 -26.30 -25.61 6.61
C ASP B 16 -26.65 -25.21 8.05
N ASP B 17 -25.75 -25.46 9.01
CA ASP B 17 -25.95 -25.12 10.41
C ASP B 17 -25.01 -24.02 10.90
N ILE B 18 -23.88 -23.77 10.22
CA ILE B 18 -22.83 -22.90 10.72
C ILE B 18 -22.65 -21.67 9.84
N THR B 19 -22.52 -20.52 10.49
CA THR B 19 -22.13 -19.26 9.88
C THR B 19 -21.02 -18.61 10.69
N ILE B 20 -20.13 -17.89 10.01
CA ILE B 20 -18.96 -17.22 10.55
C ILE B 20 -19.00 -15.76 10.10
N THR B 21 -18.61 -14.83 10.98
CA THR B 21 -18.51 -13.42 10.65
C THR B 21 -17.19 -12.85 11.15
N ILE B 22 -16.43 -12.19 10.29
CA ILE B 22 -15.27 -11.43 10.71
C ILE B 22 -15.75 -10.07 11.22
N LEU B 23 -15.74 -9.87 12.53
CA LEU B 23 -16.22 -8.63 13.12
C LEU B 23 -15.21 -7.51 12.90
N GLY B 24 -13.93 -7.85 12.87
CA GLY B 24 -12.86 -6.90 12.62
C GLY B 24 -11.51 -7.39 13.10
N VAL B 25 -10.44 -6.70 12.69
CA VAL B 25 -9.09 -6.98 13.16
C VAL B 25 -8.71 -5.98 14.24
N SER B 26 -7.90 -6.44 15.20
CA SER B 26 -7.25 -5.58 16.18
C SER B 26 -5.74 -5.83 16.10
N GLY B 27 -5.11 -5.22 15.09
CA GLY B 27 -3.71 -5.46 14.82
C GLY B 27 -3.52 -6.78 14.06
N GLN B 28 -2.78 -7.72 14.66
CA GLN B 28 -2.63 -9.06 14.13
C GLN B 28 -3.59 -10.03 14.79
N GLN B 29 -4.55 -9.49 15.54
CA GLN B 29 -5.65 -10.23 16.13
C GLN B 29 -6.90 -10.06 15.28
N VAL B 30 -7.80 -11.03 15.38
CA VAL B 30 -8.95 -11.17 14.50
C VAL B 30 -10.16 -11.53 15.35
N ARG B 31 -11.05 -10.56 15.57
CA ARG B 31 -12.30 -10.73 16.30
C ARG B 31 -13.34 -11.33 15.36
N ILE B 32 -13.78 -12.55 15.64
CA ILE B 32 -14.69 -13.29 14.79
C ILE B 32 -15.83 -13.90 15.60
N GLY B 33 -17.04 -13.83 15.04
CA GLY B 33 -18.22 -14.45 15.62
C GLY B 33 -18.54 -15.78 14.94
N ILE B 34 -18.96 -16.75 15.75
CA ILE B 34 -19.32 -18.08 15.30
C ILE B 34 -20.77 -18.36 15.67
N ASN B 35 -21.52 -18.78 14.66
CA ASN B 35 -22.98 -18.86 14.72
C ASN B 35 -23.42 -20.25 14.27
N ALA B 36 -23.31 -21.18 15.22
CA ALA B 36 -23.71 -22.57 15.09
C ALA B 36 -24.64 -22.94 16.24
N PRO B 37 -25.46 -23.98 16.07
CA PRO B 37 -26.20 -24.55 17.18
C PRO B 37 -25.23 -25.05 18.24
N LYS B 38 -25.70 -25.10 19.49
CA LYS B 38 -24.96 -25.69 20.60
C LYS B 38 -24.86 -27.22 20.47
N ASP B 39 -25.46 -27.72 19.39
CA ASP B 39 -25.39 -29.10 18.95
C ASP B 39 -23.97 -29.46 18.51
N VAL B 40 -23.19 -28.45 18.11
CA VAL B 40 -21.79 -28.58 17.76
C VAL B 40 -20.92 -27.90 18.82
N ALA B 41 -19.76 -28.47 19.11
CA ALA B 41 -18.79 -27.82 19.98
C ALA B 41 -17.88 -26.90 19.18
N VAL B 42 -17.57 -25.76 19.79
CA VAL B 42 -16.96 -24.62 19.11
C VAL B 42 -15.94 -23.94 20.03
N HIS B 43 -14.66 -24.25 19.84
CA HIS B 43 -13.56 -23.71 20.63
C HIS B 43 -12.29 -23.55 19.80
N ARG B 44 -11.28 -22.88 20.33
CA ARG B 44 -9.94 -22.86 19.74
C ARG B 44 -9.19 -24.17 20.00
N GLU B 45 -8.14 -24.44 19.23
CA GLU B 45 -7.38 -25.67 19.32
C GLU B 45 -6.91 -25.98 20.74
N GLU B 46 -6.43 -24.97 21.46
CA GLU B 46 -6.01 -25.13 22.86
C GLU B 46 -7.06 -25.89 23.65
N ILE B 47 -8.31 -25.43 23.52
CA ILE B 47 -9.45 -25.91 24.29
C ILE B 47 -9.92 -27.25 23.76
N TYR B 48 -10.06 -27.31 22.43
CA TYR B 48 -10.47 -28.50 21.71
C TYR B 48 -9.67 -29.73 22.13
N GLN B 49 -8.36 -29.55 22.37
CA GLN B 49 -7.45 -30.63 22.68
C GLN B 49 -7.71 -31.27 24.05
N ARG B 50 -8.29 -30.53 25.01
CA ARG B 50 -8.71 -31.11 26.27
C ARG B 50 -10.07 -31.79 26.13
N ILE B 51 -10.96 -31.19 25.34
CA ILE B 51 -12.30 -31.70 25.14
C ILE B 51 -12.23 -33.06 24.46
N GLN B 52 -11.34 -33.18 23.48
CA GLN B 52 -11.05 -34.46 22.84
C GLN B 52 -10.10 -35.33 23.66
N ALA B 53 -9.74 -34.91 24.88
CA ALA B 53 -9.04 -35.76 25.83
C ALA B 53 -10.00 -36.69 26.55
N GLY B 54 -11.30 -36.38 26.55
CA GLY B 54 -12.34 -37.29 27.00
C GLY B 54 -13.42 -36.64 27.85
N LEU B 55 -13.94 -35.48 27.44
CA LEU B 55 -14.78 -34.65 28.28
C LEU B 55 -15.45 -33.51 27.50
N THR B 56 -16.17 -32.65 28.23
CA THR B 56 -16.68 -31.38 27.75
C THR B 56 -16.21 -30.26 28.67
N ALA B 57 -16.55 -29.01 28.34
CA ALA B 57 -16.25 -27.84 29.16
C ALA B 57 -16.41 -28.15 30.64
N PRO B 58 -15.36 -28.03 31.45
CA PRO B 58 -15.37 -28.53 32.82
C PRO B 58 -16.38 -27.84 33.73
N ASP B 59 -16.55 -28.43 34.92
CA ASP B 59 -17.47 -27.97 35.94
C ASP B 59 -17.10 -26.59 36.49
N MET C 1 -16.61 31.98 -7.54
CA MET C 1 -15.78 30.80 -7.84
C MET C 1 -16.54 29.82 -8.73
N LEU C 2 -15.95 29.38 -9.84
CA LEU C 2 -16.44 28.28 -10.64
C LEU C 2 -15.46 27.12 -10.47
N ILE C 3 -15.90 26.05 -9.81
CA ILE C 3 -15.11 24.85 -9.59
C ILE C 3 -15.27 23.89 -10.76
N LEU C 4 -14.16 23.33 -11.24
CA LEU C 4 -14.12 22.29 -12.24
C LEU C 4 -13.22 21.15 -11.78
N THR C 5 -13.60 19.90 -12.08
CA THR C 5 -12.74 18.74 -11.87
C THR C 5 -12.18 18.22 -13.19
N ARG C 6 -10.93 17.78 -13.18
CA ARG C 6 -10.27 17.19 -14.33
C ARG C 6 -9.42 15.99 -13.92
N LYS C 7 -9.47 14.93 -14.72
CA LYS C 7 -8.56 13.79 -14.62
C LYS C 7 -7.20 14.21 -15.18
N VAL C 8 -6.11 13.56 -14.78
CA VAL C 8 -4.80 13.94 -15.31
C VAL C 8 -4.73 13.81 -16.83
N GLY C 9 -4.12 14.81 -17.47
CA GLY C 9 -3.98 14.90 -18.92
C GLY C 9 -5.11 15.68 -19.60
N GLU C 10 -6.15 16.09 -18.85
CA GLU C 10 -7.27 16.84 -19.40
C GLU C 10 -7.04 18.36 -19.33
N SER C 11 -8.00 19.15 -19.81
CA SER C 11 -7.81 20.58 -20.04
C SER C 11 -9.02 21.43 -19.69
N ILE C 12 -8.77 22.72 -19.46
CA ILE C 12 -9.71 23.77 -19.08
C ILE C 12 -9.34 25.04 -19.86
N ASN C 13 -10.31 25.94 -20.06
CA ASN C 13 -10.14 27.17 -20.81
C ASN C 13 -10.67 28.38 -20.05
N ILE C 14 -10.03 29.54 -20.23
CA ILE C 14 -10.45 30.82 -19.70
C ILE C 14 -10.38 31.86 -20.81
N GLY C 15 -11.46 32.63 -20.99
CA GLY C 15 -11.63 33.51 -22.14
C GLY C 15 -11.56 32.72 -23.44
N ASP C 16 -10.87 33.28 -24.43
CA ASP C 16 -10.51 32.60 -25.66
C ASP C 16 -8.99 32.60 -25.89
N ASP C 17 -8.22 33.08 -24.90
CA ASP C 17 -6.79 33.29 -25.03
C ASP C 17 -5.98 32.48 -24.02
N ILE C 18 -6.62 31.89 -23.01
CA ILE C 18 -5.95 31.16 -21.95
C ILE C 18 -6.43 29.71 -21.91
N THR C 19 -5.49 28.78 -21.83
CA THR C 19 -5.74 27.36 -21.64
C THR C 19 -4.97 26.85 -20.42
N ILE C 20 -5.59 25.96 -19.64
CA ILE C 20 -5.00 25.31 -18.49
C ILE C 20 -5.00 23.81 -18.73
N THR C 21 -3.90 23.12 -18.42
CA THR C 21 -3.79 21.68 -18.57
C THR C 21 -3.29 21.06 -17.28
N ILE C 22 -4.01 20.06 -16.76
CA ILE C 22 -3.50 19.22 -15.68
C ILE C 22 -2.56 18.20 -16.30
N LEU C 23 -1.26 18.35 -16.06
CA LEU C 23 -0.25 17.49 -16.67
C LEU C 23 -0.08 16.23 -15.84
N GLY C 24 -0.24 16.34 -14.52
CA GLY C 24 -0.35 15.18 -13.65
C GLY C 24 -0.25 15.50 -12.17
N VAL C 25 -0.19 14.46 -11.32
CA VAL C 25 0.03 14.62 -9.89
C VAL C 25 1.23 13.78 -9.43
N SER C 26 1.89 14.24 -8.37
CA SER C 26 2.96 13.50 -7.70
C SER C 26 2.83 13.74 -6.20
N GLY C 27 2.23 12.79 -5.48
CA GLY C 27 1.86 13.03 -4.09
C GLY C 27 0.70 14.03 -4.01
N GLN C 28 0.90 15.11 -3.26
CA GLN C 28 -0.04 16.20 -3.12
C GLN C 28 0.25 17.34 -4.10
N GLN C 29 1.35 17.21 -4.85
CA GLN C 29 1.69 18.14 -5.93
C GLN C 29 0.92 17.81 -7.20
N VAL C 30 0.70 18.86 -7.98
CA VAL C 30 -0.07 18.85 -9.21
C VAL C 30 0.76 19.63 -10.23
N ARG C 31 1.26 18.95 -11.26
CA ARG C 31 1.88 19.66 -12.38
C ARG C 31 0.78 20.26 -13.24
N ILE C 32 0.69 21.59 -13.22
CA ILE C 32 -0.29 22.36 -13.96
C ILE C 32 0.43 23.21 -15.01
N GLY C 33 0.00 23.12 -16.27
CA GLY C 33 0.44 23.99 -17.34
C GLY C 33 -0.54 25.11 -17.62
N ILE C 34 0.00 26.31 -17.89
CA ILE C 34 -0.78 27.50 -18.21
C ILE C 34 -0.29 28.05 -19.55
N ASN C 35 -1.20 28.15 -20.52
CA ASN C 35 -0.88 28.67 -21.84
C ASN C 35 -1.65 29.97 -22.08
N ALA C 36 -0.96 31.10 -21.97
CA ALA C 36 -1.52 32.43 -22.13
C ALA C 36 -0.52 33.35 -22.83
N PRO C 37 -0.98 34.39 -23.52
CA PRO C 37 -0.11 35.41 -24.11
C PRO C 37 0.66 36.16 -23.02
N LYS C 38 1.84 36.66 -23.36
CA LYS C 38 2.61 37.55 -22.48
C LYS C 38 1.92 38.90 -22.25
N ASP C 39 0.76 39.10 -22.88
CA ASP C 39 -0.13 40.22 -22.60
C ASP C 39 -0.71 40.12 -21.19
N VAL C 40 -0.73 38.91 -20.63
CA VAL C 40 -1.14 38.65 -19.25
C VAL C 40 -0.04 37.92 -18.50
N ALA C 41 0.07 38.21 -17.20
CA ALA C 41 1.06 37.56 -16.34
C ALA C 41 0.48 36.30 -15.70
N VAL C 42 1.35 35.34 -15.34
CA VAL C 42 0.94 34.14 -14.62
C VAL C 42 1.94 33.82 -13.51
N HIS C 43 1.47 33.55 -12.29
CA HIS C 43 2.33 33.34 -11.14
C HIS C 43 1.65 32.54 -10.03
N ARG C 44 2.46 31.94 -9.16
CA ARG C 44 2.00 31.40 -7.88
C ARG C 44 1.54 32.59 -7.02
N GLU C 45 0.54 32.41 -6.16
CA GLU C 45 -0.03 33.50 -5.40
C GLU C 45 1.00 34.16 -4.47
N GLU C 46 1.98 33.40 -3.98
CA GLU C 46 3.13 33.91 -3.24
C GLU C 46 3.88 34.97 -4.05
N ILE C 47 4.14 34.68 -5.33
CA ILE C 47 4.95 35.52 -6.20
C ILE C 47 4.11 36.66 -6.77
N TYR C 48 2.82 36.41 -7.01
CA TYR C 48 1.88 37.41 -7.52
C TYR C 48 1.88 38.69 -6.68
N GLN C 49 2.03 38.57 -5.36
CA GLN C 49 2.02 39.70 -4.46
C GLN C 49 3.19 40.65 -4.73
N ARG C 50 4.32 40.13 -5.20
CA ARG C 50 5.47 40.92 -5.59
C ARG C 50 5.21 41.71 -6.88
N ILE C 51 4.45 41.13 -7.81
CA ILE C 51 4.05 41.79 -9.05
C ILE C 51 3.25 43.05 -8.74
N GLN C 52 2.57 43.04 -7.59
CA GLN C 52 1.69 44.11 -7.14
C GLN C 52 2.37 45.03 -6.13
N ALA C 53 3.66 44.78 -5.82
CA ALA C 53 4.43 45.56 -4.87
C ALA C 53 4.96 46.86 -5.47
N GLY C 54 4.76 47.09 -6.77
CA GLY C 54 5.24 48.26 -7.49
C GLY C 54 6.58 47.98 -8.15
N LEU C 55 6.58 47.91 -9.49
CA LEU C 55 7.73 47.49 -10.27
C LEU C 55 7.97 48.45 -11.43
N THR C 56 9.23 48.56 -11.86
CA THR C 56 9.62 49.36 -13.02
C THR C 56 9.68 48.54 -14.30
N ALA C 57 9.66 47.21 -14.20
CA ALA C 57 9.64 46.31 -15.34
C ALA C 57 8.68 45.15 -15.10
N PRO C 58 7.39 45.31 -15.41
CA PRO C 58 6.44 44.23 -15.45
C PRO C 58 6.79 43.22 -16.54
N ASP C 59 6.40 41.95 -16.35
CA ASP C 59 6.46 40.88 -17.33
C ASP C 59 7.88 40.47 -17.76
N MET D 1 3.86 27.91 -23.04
CA MET D 1 3.26 27.44 -21.77
C MET D 1 4.19 27.73 -20.60
N LEU D 2 3.61 28.04 -19.45
CA LEU D 2 4.28 28.14 -18.16
C LEU D 2 3.75 27.05 -17.24
N ILE D 3 4.61 26.09 -16.87
CA ILE D 3 4.27 24.94 -16.05
C ILE D 3 4.80 25.13 -14.63
N LEU D 4 3.98 24.77 -13.64
CA LEU D 4 4.32 24.80 -12.23
C LEU D 4 3.93 23.51 -11.53
N THR D 5 4.42 23.32 -10.31
CA THR D 5 3.91 22.33 -9.38
C THR D 5 3.21 23.05 -8.24
N ARG D 6 1.90 22.85 -8.13
CA ARG D 6 1.08 23.37 -7.05
C ARG D 6 0.61 22.25 -6.14
N LYS D 7 0.69 22.41 -4.81
CA LYS D 7 0.07 21.46 -3.90
C LYS D 7 -1.34 21.88 -3.52
N VAL D 8 -2.15 20.90 -3.12
CA VAL D 8 -3.49 21.17 -2.65
C VAL D 8 -3.54 22.30 -1.63
N GLY D 9 -4.53 23.19 -1.79
CA GLY D 9 -4.79 24.30 -0.88
C GLY D 9 -4.08 25.60 -1.26
N GLU D 10 -3.21 25.58 -2.27
CA GLU D 10 -2.52 26.78 -2.74
C GLU D 10 -3.26 27.49 -3.86
N SER D 11 -2.71 28.62 -4.33
CA SER D 11 -3.33 29.47 -5.34
C SER D 11 -2.35 29.96 -6.39
N ILE D 12 -2.90 30.42 -7.52
CA ILE D 12 -2.21 30.95 -8.68
C ILE D 12 -2.96 32.19 -9.17
N ASN D 13 -2.29 33.08 -9.91
CA ASN D 13 -2.91 34.25 -10.51
C ASN D 13 -2.72 34.29 -12.02
N ILE D 14 -3.68 34.88 -12.74
CA ILE D 14 -3.61 35.12 -14.17
C ILE D 14 -4.07 36.54 -14.47
N GLY D 15 -3.26 37.29 -15.23
CA GLY D 15 -3.50 38.70 -15.48
C GLY D 15 -3.46 39.51 -14.18
N ASP D 16 -4.44 40.39 -13.99
CA ASP D 16 -4.66 41.07 -12.72
C ASP D 16 -6.12 40.99 -12.26
N ASP D 17 -6.94 40.16 -12.92
CA ASP D 17 -8.35 40.00 -12.59
C ASP D 17 -8.73 38.56 -12.24
N ILE D 18 -7.92 37.58 -12.63
CA ILE D 18 -8.28 36.16 -12.51
C ILE D 18 -7.40 35.48 -11.46
N THR D 19 -8.03 34.73 -10.56
CA THR D 19 -7.35 33.94 -9.54
C THR D 19 -7.75 32.47 -9.69
N ILE D 20 -6.81 31.57 -9.40
CA ILE D 20 -6.99 30.13 -9.46
C ILE D 20 -6.62 29.55 -8.10
N THR D 21 -7.33 28.52 -7.66
CA THR D 21 -7.06 27.84 -6.40
C THR D 21 -7.16 26.34 -6.60
N ILE D 22 -6.15 25.57 -6.20
CA ILE D 22 -6.19 24.12 -6.26
C ILE D 22 -6.86 23.61 -4.99
N LEU D 23 -8.15 23.32 -5.07
CA LEU D 23 -8.98 23.03 -3.91
C LEU D 23 -8.63 21.68 -3.30
N GLY D 24 -8.24 20.71 -4.16
CA GLY D 24 -7.73 19.44 -3.68
C GLY D 24 -7.52 18.44 -4.81
N VAL D 25 -7.16 17.21 -4.41
CA VAL D 25 -6.89 16.11 -5.32
C VAL D 25 -7.55 14.83 -4.81
N SER D 26 -8.29 14.17 -5.70
CA SER D 26 -9.13 13.02 -5.41
C SER D 26 -8.87 11.95 -6.46
N GLY D 27 -7.87 11.08 -6.20
CA GLY D 27 -7.39 10.11 -7.18
C GLY D 27 -6.59 10.79 -8.28
N GLN D 28 -6.97 10.57 -9.54
CA GLN D 28 -6.40 11.29 -10.66
C GLN D 28 -7.17 12.57 -10.95
N GLN D 29 -8.35 12.75 -10.34
CA GLN D 29 -9.13 13.96 -10.49
C GLN D 29 -8.59 15.06 -9.58
N VAL D 30 -8.47 16.26 -10.15
CA VAL D 30 -7.92 17.43 -9.50
C VAL D 30 -9.01 18.49 -9.47
N ARG D 31 -9.36 18.95 -8.26
CA ARG D 31 -10.49 19.84 -8.02
C ARG D 31 -9.98 21.27 -8.01
N ILE D 32 -10.29 22.03 -9.05
CA ILE D 32 -9.71 23.34 -9.31
C ILE D 32 -10.80 24.40 -9.26
N GLY D 33 -10.62 25.43 -8.43
CA GLY D 33 -11.46 26.60 -8.39
C GLY D 33 -10.90 27.70 -9.28
N ILE D 34 -11.77 28.35 -10.05
CA ILE D 34 -11.44 29.51 -10.86
C ILE D 34 -12.27 30.70 -10.40
N ASN D 35 -11.67 31.89 -10.41
CA ASN D 35 -12.30 33.10 -9.93
C ASN D 35 -11.96 34.24 -10.90
N ALA D 36 -12.82 34.41 -11.90
CA ALA D 36 -12.70 35.44 -12.92
C ALA D 36 -13.96 36.32 -12.93
N PRO D 37 -13.87 37.57 -13.39
CA PRO D 37 -15.05 38.38 -13.63
C PRO D 37 -15.96 37.73 -14.66
N LYS D 38 -17.26 37.94 -14.55
CA LYS D 38 -18.25 37.47 -15.51
C LYS D 38 -18.12 38.13 -16.87
N ASP D 39 -17.23 39.12 -16.97
CA ASP D 39 -16.80 39.74 -18.21
C ASP D 39 -15.98 38.81 -19.09
N VAL D 40 -15.45 37.72 -18.51
CA VAL D 40 -14.74 36.68 -19.24
C VAL D 40 -15.36 35.32 -18.93
N ALA D 41 -15.11 34.34 -19.81
CA ALA D 41 -15.67 33.00 -19.68
C ALA D 41 -14.67 32.04 -19.04
N VAL D 42 -15.18 30.95 -18.44
CA VAL D 42 -14.35 29.84 -18.02
C VAL D 42 -15.13 28.53 -18.14
N HIS D 43 -14.58 27.55 -18.85
CA HIS D 43 -15.17 26.23 -18.99
C HIS D 43 -14.10 25.15 -19.14
N ARG D 44 -14.49 23.88 -18.98
CA ARG D 44 -13.62 22.76 -19.36
C ARG D 44 -13.37 22.84 -20.86
N GLU D 45 -12.26 22.25 -21.34
CA GLU D 45 -12.04 22.08 -22.77
C GLU D 45 -13.13 21.21 -23.39
N GLU D 46 -13.68 20.26 -22.61
CA GLU D 46 -14.87 19.49 -22.91
C GLU D 46 -16.03 20.39 -23.32
N ILE D 47 -16.29 21.40 -22.49
CA ILE D 47 -17.43 22.27 -22.59
C ILE D 47 -17.18 23.35 -23.63
N TYR D 48 -15.96 23.88 -23.65
CA TYR D 48 -15.52 24.94 -24.51
C TYR D 48 -15.90 24.69 -25.97
N GLN D 49 -15.79 23.43 -26.40
CA GLN D 49 -16.13 22.99 -27.75
C GLN D 49 -17.58 23.30 -28.11
N ARG D 50 -18.50 23.30 -27.13
CA ARG D 50 -19.88 23.67 -27.36
C ARG D 50 -20.03 25.17 -27.56
N ILE D 51 -19.21 25.97 -26.88
CA ILE D 51 -19.22 27.42 -27.01
C ILE D 51 -18.60 27.82 -28.34
N GLN D 52 -17.84 26.91 -28.95
CA GLN D 52 -17.30 27.07 -30.29
C GLN D 52 -18.23 26.52 -31.38
N ALA D 53 -19.12 25.58 -31.05
CA ALA D 53 -19.90 24.83 -32.03
C ALA D 53 -21.41 25.13 -32.01
N GLY D 54 -21.97 25.39 -30.83
CA GLY D 54 -23.40 25.48 -30.57
C GLY D 54 -23.63 25.83 -29.11
N LEU D 55 -23.37 27.11 -28.79
CA LEU D 55 -23.27 27.67 -27.46
C LEU D 55 -24.63 27.69 -26.78
N THR D 56 -24.67 27.47 -25.46
CA THR D 56 -25.92 27.57 -24.74
C THR D 56 -25.85 28.24 -23.37
N ALA D 57 -24.76 28.97 -23.09
CA ALA D 57 -24.68 29.85 -21.93
C ALA D 57 -23.94 31.14 -22.30
N PRO D 58 -24.67 32.20 -22.64
CA PRO D 58 -24.09 33.44 -23.14
C PRO D 58 -23.24 34.18 -22.12
N ASP D 59 -22.58 35.25 -22.59
CA ASP D 59 -21.74 36.11 -21.78
C ASP D 59 -22.51 36.69 -20.59
N MET E 1 34.39 -10.28 4.47
CA MET E 1 33.69 -9.30 3.62
C MET E 1 33.42 -9.88 2.23
N LEU E 2 32.25 -9.60 1.66
CA LEU E 2 31.93 -9.89 0.28
C LEU E 2 31.43 -8.63 -0.42
N ILE E 3 31.81 -8.45 -1.69
CA ILE E 3 31.44 -7.29 -2.49
C ILE E 3 30.63 -7.75 -3.70
N LEU E 4 29.41 -7.21 -3.82
CA LEU E 4 28.42 -7.59 -4.82
C LEU E 4 28.07 -6.39 -5.70
N THR E 5 27.68 -6.65 -6.95
CA THR E 5 27.07 -5.64 -7.81
C THR E 5 25.82 -6.21 -8.46
N ARG E 6 24.68 -5.59 -8.17
CA ARG E 6 23.36 -6.07 -8.55
C ARG E 6 22.54 -4.95 -9.15
N LYS E 7 21.48 -5.32 -9.87
CA LYS E 7 20.57 -4.37 -10.49
C LYS E 7 19.15 -4.59 -10.01
N VAL E 8 18.27 -3.61 -10.26
CA VAL E 8 16.95 -3.60 -9.66
C VAL E 8 16.15 -4.85 -10.03
N GLY E 9 15.44 -5.41 -9.04
CA GLY E 9 14.64 -6.62 -9.21
C GLY E 9 15.40 -7.92 -8.95
N GLU E 10 16.71 -7.87 -8.73
CA GLU E 10 17.52 -9.04 -8.41
C GLU E 10 17.63 -9.27 -6.90
N SER E 11 18.18 -10.42 -6.51
CA SER E 11 18.16 -10.87 -5.12
C SER E 11 19.50 -11.41 -4.65
N ILE E 12 19.71 -11.35 -3.34
CA ILE E 12 20.90 -11.82 -2.64
C ILE E 12 20.43 -12.64 -1.43
N ASN E 13 21.26 -13.57 -0.93
CA ASN E 13 20.83 -14.55 0.04
C ASN E 13 21.88 -14.78 1.14
N ILE E 14 21.41 -15.03 2.36
CA ILE E 14 22.24 -15.24 3.53
C ILE E 14 21.73 -16.45 4.30
N GLY E 15 22.66 -17.29 4.79
CA GLY E 15 22.33 -18.53 5.46
C GLY E 15 21.54 -19.46 4.55
N ASP E 16 20.46 -20.03 5.09
CA ASP E 16 19.51 -20.85 4.35
C ASP E 16 18.07 -20.34 4.53
N ASP E 17 17.90 -19.15 5.12
CA ASP E 17 16.61 -18.64 5.56
C ASP E 17 16.39 -17.16 5.27
N ILE E 18 17.44 -16.43 4.85
CA ILE E 18 17.36 -14.99 4.66
C ILE E 18 17.58 -14.62 3.19
N THR E 19 16.73 -13.72 2.69
CA THR E 19 16.81 -13.20 1.33
C THR E 19 16.70 -11.68 1.34
N ILE E 20 17.44 -11.03 0.45
CA ILE E 20 17.39 -9.60 0.17
C ILE E 20 16.96 -9.42 -1.26
N THR E 21 16.10 -8.43 -1.53
CA THR E 21 15.67 -8.08 -2.87
C THR E 21 15.69 -6.57 -3.06
N ILE E 22 16.41 -6.08 -4.06
CA ILE E 22 16.37 -4.68 -4.45
C ILE E 22 15.05 -4.40 -5.16
N LEU E 23 14.15 -3.66 -4.50
CA LEU E 23 12.86 -3.31 -5.09
C LEU E 23 13.04 -2.23 -6.15
N GLY E 24 14.03 -1.35 -5.98
CA GLY E 24 14.46 -0.42 -7.01
C GLY E 24 15.12 0.84 -6.45
N VAL E 25 15.56 1.74 -7.34
CA VAL E 25 16.29 2.94 -6.99
C VAL E 25 15.45 4.20 -7.17
N SER E 26 15.80 5.23 -6.40
CA SER E 26 15.30 6.59 -6.54
C SER E 26 16.44 7.56 -6.24
N GLY E 27 17.22 7.94 -7.25
CA GLY E 27 18.43 8.72 -7.05
C GLY E 27 19.44 7.98 -6.17
N GLN E 28 19.97 8.66 -5.13
CA GLN E 28 20.85 8.05 -4.15
C GLN E 28 20.11 7.08 -3.23
N GLN E 29 18.78 7.17 -3.17
CA GLN E 29 17.97 6.34 -2.29
C GLN E 29 17.61 5.03 -2.99
N VAL E 30 17.54 3.95 -2.21
CA VAL E 30 17.43 2.59 -2.71
C VAL E 30 16.45 1.85 -1.81
N ARG E 31 15.35 1.35 -2.39
CA ARG E 31 14.31 0.66 -1.65
C ARG E 31 14.54 -0.85 -1.73
N ILE E 32 14.63 -1.49 -0.56
CA ILE E 32 15.11 -2.86 -0.44
C ILE E 32 14.18 -3.68 0.46
N GLY E 33 13.78 -4.86 -0.02
CA GLY E 33 13.06 -5.86 0.75
C GLY E 33 14.02 -6.81 1.45
N ILE E 34 13.65 -7.22 2.67
CA ILE E 34 14.41 -8.14 3.50
C ILE E 34 13.47 -9.20 4.04
N ASN E 35 13.79 -10.47 3.81
CA ASN E 35 12.90 -11.58 4.08
C ASN E 35 13.60 -12.61 4.94
N ALA E 36 13.32 -12.56 6.25
CA ALA E 36 13.85 -13.48 7.24
C ALA E 36 12.77 -13.86 8.25
N PRO E 37 12.90 -15.02 8.90
CA PRO E 37 12.04 -15.41 10.01
C PRO E 37 12.19 -14.47 11.20
N LYS E 38 11.19 -14.45 12.08
CA LYS E 38 11.27 -13.77 13.37
C LYS E 38 12.24 -14.46 14.33
N ASP E 39 12.85 -15.56 13.87
CA ASP E 39 13.95 -16.23 14.54
C ASP E 39 15.20 -15.35 14.58
N VAL E 40 15.29 -14.38 13.67
CA VAL E 40 16.39 -13.43 13.58
C VAL E 40 15.88 -12.00 13.69
N ALA E 41 16.75 -11.09 14.14
CA ALA E 41 16.46 -9.67 14.14
C ALA E 41 16.85 -9.02 12.82
N VAL E 42 16.23 -7.89 12.48
CA VAL E 42 16.66 -7.04 11.38
C VAL E 42 16.20 -5.62 11.59
N HIS E 43 17.15 -4.67 11.51
CA HIS E 43 16.88 -3.25 11.64
C HIS E 43 17.91 -2.44 10.83
N ARG E 44 17.68 -1.14 10.65
CA ARG E 44 18.70 -0.25 10.09
C ARG E 44 19.72 0.09 11.16
N GLU E 45 20.89 0.56 10.74
CA GLU E 45 22.05 0.73 11.61
C GLU E 45 21.79 1.68 12.78
N GLU E 46 20.84 2.61 12.63
CA GLU E 46 20.38 3.48 13.70
C GLU E 46 19.81 2.69 14.87
N ILE E 47 18.87 1.80 14.58
CA ILE E 47 18.08 1.09 15.57
C ILE E 47 18.93 -0.01 16.22
N TYR E 48 19.84 -0.59 15.43
CA TYR E 48 20.74 -1.65 15.85
C TYR E 48 21.57 -1.26 17.07
N GLN E 49 21.97 0.02 17.15
CA GLN E 49 22.83 0.52 18.22
C GLN E 49 22.12 0.51 19.58
N ARG E 50 20.79 0.62 19.58
CA ARG E 50 19.98 0.55 20.79
C ARG E 50 19.95 -0.86 21.35
N ILE E 51 20.20 -1.84 20.47
CA ILE E 51 20.02 -3.25 20.76
C ILE E 51 21.33 -3.87 21.19
N GLN E 52 22.41 -3.60 20.43
CA GLN E 52 23.74 -4.07 20.77
C GLN E 52 24.34 -3.34 21.97
N ALA E 53 23.57 -2.45 22.60
CA ALA E 53 23.92 -1.85 23.88
C ALA E 53 24.01 -2.89 25.00
N GLY E 54 23.31 -4.01 24.88
CA GLY E 54 23.49 -5.14 25.78
C GLY E 54 22.32 -6.12 25.84
N LEU E 55 21.57 -6.25 24.75
CA LEU E 55 20.30 -6.98 24.73
C LEU E 55 19.90 -7.40 23.32
N THR E 56 18.69 -7.95 23.16
CA THR E 56 18.13 -8.29 21.86
C THR E 56 16.74 -7.70 21.67
N ALA E 57 15.97 -7.56 22.76
CA ALA E 57 14.67 -6.91 22.74
C ALA E 57 14.75 -5.57 23.48
N PRO E 58 14.33 -4.46 22.86
CA PRO E 58 14.35 -3.14 23.47
C PRO E 58 13.73 -3.10 24.87
N ASP E 59 14.31 -2.27 25.73
CA ASP E 59 13.78 -1.88 27.03
C ASP E 59 13.68 -3.02 28.06
N MET F 1 8.74 -10.13 6.30
CA MET F 1 9.10 -9.30 5.14
C MET F 1 9.18 -7.83 5.51
N LEU F 2 10.40 -7.30 5.65
CA LEU F 2 10.62 -5.88 5.86
C LEU F 2 10.95 -5.16 4.56
N ILE F 3 10.60 -3.88 4.49
CA ILE F 3 11.02 -2.99 3.42
C ILE F 3 11.64 -1.74 4.04
N LEU F 4 12.90 -1.48 3.67
CA LEU F 4 13.67 -0.33 4.10
C LEU F 4 13.93 0.57 2.91
N THR F 5 14.07 1.89 3.13
CA THR F 5 14.50 2.79 2.07
C THR F 5 15.64 3.68 2.56
N ARG F 6 16.87 3.35 2.16
CA ARG F 6 18.07 4.06 2.60
C ARG F 6 19.04 4.38 1.47
N LYS F 7 19.93 5.31 1.74
CA LYS F 7 20.78 5.94 0.73
C LYS F 7 22.19 5.38 0.69
N VAL F 8 22.95 5.79 -0.34
CA VAL F 8 24.32 5.32 -0.50
C VAL F 8 25.20 5.72 0.68
N GLY F 9 26.12 4.83 1.06
CA GLY F 9 26.99 5.02 2.21
C GLY F 9 26.35 4.66 3.55
N GLU F 10 25.07 4.26 3.55
CA GLU F 10 24.34 3.84 4.73
C GLU F 10 24.47 2.33 4.97
N SER F 11 23.82 1.82 6.02
CA SER F 11 23.99 0.47 6.50
C SER F 11 22.70 -0.10 7.08
N ILE F 12 22.57 -1.43 7.04
CA ILE F 12 21.47 -2.18 7.62
C ILE F 12 22.04 -3.41 8.33
N ASN F 13 21.39 -3.91 9.37
CA ASN F 13 21.88 -5.01 10.19
C ASN F 13 20.88 -6.15 10.33
N ILE F 14 21.40 -7.37 10.48
CA ILE F 14 20.63 -8.59 10.64
C ILE F 14 21.24 -9.43 11.75
N GLY F 15 20.39 -10.08 12.56
CA GLY F 15 20.82 -10.84 13.72
C GLY F 15 21.55 -9.95 14.73
N ASP F 16 22.65 -10.47 15.28
CA ASP F 16 23.54 -9.75 16.17
C ASP F 16 24.97 -9.68 15.62
N ASP F 17 25.16 -10.09 14.36
CA ASP F 17 26.48 -10.28 13.77
C ASP F 17 26.59 -9.82 12.33
N ILE F 18 25.47 -9.75 11.58
CA ILE F 18 25.49 -9.47 10.15
C ILE F 18 25.28 -7.99 9.89
N THR F 19 26.07 -7.43 8.97
CA THR F 19 25.94 -6.07 8.49
C THR F 19 25.88 -6.05 6.97
N ILE F 20 24.98 -5.23 6.43
CA ILE F 20 24.89 -4.90 5.01
C ILE F 20 25.25 -3.43 4.86
N THR F 21 26.00 -3.12 3.79
CA THR F 21 26.46 -1.78 3.50
C THR F 21 26.25 -1.48 2.02
N ILE F 22 25.75 -0.29 1.70
CA ILE F 22 25.55 0.16 0.33
C ILE F 22 26.74 0.99 -0.11
N LEU F 23 27.48 0.51 -1.11
CA LEU F 23 28.69 1.15 -1.59
C LEU F 23 28.36 2.26 -2.58
N GLY F 24 27.23 2.13 -3.28
CA GLY F 24 26.66 3.21 -4.08
C GLY F 24 25.86 2.70 -5.28
N VAL F 25 25.45 3.61 -6.16
CA VAL F 25 24.63 3.29 -7.33
C VAL F 25 25.27 3.77 -8.62
N SER F 26 24.83 3.18 -9.74
CA SER F 26 25.12 3.62 -11.09
C SER F 26 23.93 3.28 -11.99
N GLY F 27 22.98 4.20 -12.10
CA GLY F 27 21.71 3.93 -12.76
C GLY F 27 20.94 2.82 -12.04
N GLN F 28 20.61 1.75 -12.77
CA GLN F 28 19.90 0.61 -12.21
C GLN F 28 20.77 -0.25 -11.31
N GLN F 29 22.09 -0.08 -11.38
CA GLN F 29 23.03 -0.90 -10.63
C GLN F 29 23.26 -0.32 -9.24
N VAL F 30 23.38 -1.22 -8.27
CA VAL F 30 23.54 -0.94 -6.85
C VAL F 30 24.68 -1.83 -6.36
N ARG F 31 25.81 -1.22 -5.97
CA ARG F 31 26.98 -1.93 -5.49
C ARG F 31 26.89 -2.05 -3.97
N ILE F 32 27.05 -3.27 -3.46
CA ILE F 32 26.73 -3.62 -2.08
C ILE F 32 27.88 -4.39 -1.44
N GLY F 33 28.13 -4.13 -0.16
CA GLY F 33 29.03 -4.90 0.67
C GLY F 33 28.25 -5.72 1.72
N ILE F 34 28.72 -6.93 2.01
CA ILE F 34 28.08 -7.85 2.93
C ILE F 34 29.11 -8.36 3.93
N ASN F 35 28.73 -8.40 5.20
CA ASN F 35 29.61 -8.80 6.29
C ASN F 35 28.86 -9.75 7.22
N ALA F 36 29.25 -11.03 7.21
CA ALA F 36 28.67 -12.06 8.04
C ALA F 36 29.74 -12.96 8.65
N PRO F 37 29.42 -13.63 9.76
CA PRO F 37 30.29 -14.63 10.36
C PRO F 37 30.45 -15.87 9.48
N LYS F 38 31.49 -16.66 9.75
CA LYS F 38 31.73 -17.94 9.11
C LYS F 38 30.65 -18.97 9.43
N ASP F 39 29.85 -18.70 10.46
CA ASP F 39 28.76 -19.53 10.91
C ASP F 39 27.61 -19.59 9.91
N VAL F 40 27.56 -18.65 8.96
CA VAL F 40 26.51 -18.56 7.96
C VAL F 40 27.09 -18.50 6.55
N ALA F 41 26.24 -18.73 5.55
CA ALA F 41 26.59 -18.59 4.15
C ALA F 41 26.15 -17.24 3.58
N VAL F 42 26.70 -16.86 2.43
CA VAL F 42 26.34 -15.63 1.74
C VAL F 42 26.63 -15.76 0.25
N HIS F 43 25.63 -15.47 -0.60
CA HIS F 43 25.71 -15.62 -2.04
C HIS F 43 24.66 -14.76 -2.73
N ARG F 44 24.75 -14.62 -4.06
CA ARG F 44 23.68 -14.05 -4.86
C ARG F 44 22.71 -15.16 -5.26
N GLU F 45 21.52 -14.80 -5.74
CA GLU F 45 20.46 -15.78 -6.00
C GLU F 45 20.85 -16.81 -7.05
N GLU F 46 21.81 -16.49 -7.92
CA GLU F 46 22.29 -17.42 -8.94
C GLU F 46 23.02 -18.60 -8.30
N ILE F 47 23.81 -18.34 -7.26
CA ILE F 47 24.58 -19.36 -6.56
C ILE F 47 23.69 -20.02 -5.52
N TYR F 48 22.83 -19.25 -4.85
CA TYR F 48 21.94 -19.74 -3.81
C TYR F 48 21.06 -20.90 -4.29
N GLN F 49 20.64 -20.85 -5.55
CA GLN F 49 19.79 -21.86 -6.15
C GLN F 49 20.49 -23.21 -6.28
N ARG F 50 21.82 -23.22 -6.29
CA ARG F 50 22.60 -24.46 -6.29
C ARG F 50 22.82 -24.97 -4.86
N ILE F 51 22.72 -24.09 -3.86
CA ILE F 51 22.72 -24.48 -2.46
C ILE F 51 21.42 -25.22 -2.14
N GLN F 52 20.29 -24.55 -2.40
CA GLN F 52 18.97 -25.00 -1.99
C GLN F 52 18.45 -26.14 -2.86
N ALA F 53 19.26 -26.60 -3.82
CA ALA F 53 19.01 -27.80 -4.59
C ALA F 53 18.94 -29.05 -3.70
N GLY F 54 19.59 -29.04 -2.54
CA GLY F 54 19.40 -30.07 -1.53
C GLY F 54 20.57 -30.22 -0.56
N LEU F 55 21.30 -29.14 -0.26
CA LEU F 55 22.56 -29.19 0.45
C LEU F 55 22.90 -27.84 1.09
N THR F 56 24.11 -27.74 1.67
CA THR F 56 24.68 -26.47 2.12
C THR F 56 26.17 -26.45 1.79
N ALA F 57 26.68 -25.27 1.42
CA ALA F 57 28.10 -25.02 1.13
C ALA F 57 28.69 -26.05 0.16
N PRO F 58 28.44 -25.90 -1.15
CA PRO F 58 28.86 -26.85 -2.16
C PRO F 58 30.37 -27.11 -2.20
N ASP F 59 30.72 -28.23 -2.82
CA ASP F 59 32.09 -28.67 -3.07
C ASP F 59 32.96 -27.61 -3.74
N MET A 1 -24.71 -15.96 19.85
CA MET A 1 -23.54 -15.98 18.96
C MET A 1 -22.26 -16.04 19.78
N LEU A 2 -21.33 -16.93 19.45
CA LEU A 2 -20.10 -17.10 20.20
C LEU A 2 -18.96 -16.35 19.53
N ILE A 3 -18.40 -15.35 20.20
CA ILE A 3 -17.30 -14.55 19.68
C ILE A 3 -15.97 -15.01 20.27
N LEU A 4 -14.96 -15.14 19.42
CA LEU A 4 -13.61 -15.53 19.79
C LEU A 4 -12.61 -14.60 19.11
N THR A 5 -11.39 -14.52 19.64
CA THR A 5 -10.36 -13.62 19.13
C THR A 5 -9.11 -14.44 18.80
N ARG A 6 -8.90 -14.72 17.51
CA ARG A 6 -7.85 -15.61 17.06
C ARG A 6 -6.72 -14.83 16.41
N LYS A 7 -5.47 -15.18 16.74
CA LYS A 7 -4.29 -14.57 16.13
C LYS A 7 -3.84 -15.43 14.96
N VAL A 8 -3.12 -14.85 14.00
CA VAL A 8 -2.85 -15.57 12.76
C VAL A 8 -2.06 -16.84 13.02
N GLY A 9 -2.55 -17.96 12.47
CA GLY A 9 -2.00 -19.29 12.68
C GLY A 9 -2.80 -20.15 13.66
N GLU A 10 -3.80 -19.59 14.33
CA GLU A 10 -4.64 -20.31 15.29
C GLU A 10 -5.88 -20.90 14.64
N SER A 11 -6.60 -21.76 15.36
CA SER A 11 -7.67 -22.58 14.80
C SER A 11 -8.90 -22.69 15.69
N ILE A 12 -10.07 -22.83 15.08
CA ILE A 12 -11.34 -23.16 15.72
C ILE A 12 -11.81 -24.53 15.27
N ASN A 13 -12.58 -25.22 16.12
CA ASN A 13 -13.17 -26.52 15.83
C ASN A 13 -14.68 -26.44 16.03
N ILE A 14 -15.43 -27.03 15.08
CA ILE A 14 -16.88 -26.92 15.01
C ILE A 14 -17.49 -28.31 14.80
N GLY A 15 -18.48 -28.66 15.62
CA GLY A 15 -19.17 -29.93 15.49
C GLY A 15 -18.27 -31.10 15.87
N ASP A 16 -18.19 -32.09 14.98
CA ASP A 16 -17.31 -33.25 15.12
C ASP A 16 -16.49 -33.49 13.85
N ASP A 17 -16.65 -32.64 12.83
CA ASP A 17 -16.12 -32.89 11.49
C ASP A 17 -15.53 -31.67 10.82
N ILE A 18 -15.68 -30.47 11.39
CA ILE A 18 -15.21 -29.22 10.79
C ILE A 18 -14.11 -28.62 11.65
N THR A 19 -13.07 -28.10 10.99
CA THR A 19 -12.02 -27.32 11.63
C THR A 19 -11.71 -26.10 10.78
N ILE A 20 -11.29 -24.99 11.40
CA ILE A 20 -11.05 -23.71 10.77
C ILE A 20 -9.66 -23.23 11.20
N THR A 21 -8.89 -22.64 10.28
CA THR A 21 -7.58 -22.08 10.58
C THR A 21 -7.47 -20.72 9.90
N ILE A 22 -7.08 -19.68 10.65
CA ILE A 22 -6.87 -18.36 10.07
C ILE A 22 -5.41 -18.29 9.61
N LEU A 23 -5.17 -18.45 8.29
CA LEU A 23 -3.82 -18.62 7.78
C LEU A 23 -3.03 -17.32 7.87
N GLY A 24 -3.71 -16.16 7.75
CA GLY A 24 -3.13 -14.87 8.13
C GLY A 24 -3.88 -13.65 7.61
N VAL A 25 -3.27 -12.48 7.80
CA VAL A 25 -3.91 -11.18 7.61
C VAL A 25 -3.16 -10.31 6.60
N SER A 26 -3.90 -9.50 5.85
CA SER A 26 -3.40 -8.66 4.78
C SER A 26 -4.07 -7.28 4.85
N GLY A 27 -3.88 -6.58 5.96
CA GLY A 27 -4.56 -5.33 6.24
C GLY A 27 -5.99 -5.57 6.72
N GLN A 28 -6.96 -4.91 6.10
CA GLN A 28 -8.36 -5.02 6.50
C GLN A 28 -8.97 -6.34 6.02
N GLN A 29 -8.32 -7.03 5.08
CA GLN A 29 -8.73 -8.37 4.66
C GLN A 29 -7.91 -9.47 5.32
N VAL A 30 -8.59 -10.60 5.51
CA VAL A 30 -8.18 -11.72 6.35
C VAL A 30 -8.32 -13.03 5.57
N ARG A 31 -7.22 -13.76 5.40
CA ARG A 31 -7.17 -15.08 4.80
C ARG A 31 -7.53 -16.17 5.79
N ILE A 32 -8.73 -16.72 5.62
CA ILE A 32 -9.30 -17.79 6.44
C ILE A 32 -9.30 -19.09 5.65
N GLY A 33 -8.95 -20.22 6.28
CA GLY A 33 -9.06 -21.54 5.71
C GLY A 33 -10.06 -22.41 6.47
N ILE A 34 -10.84 -23.20 5.74
CA ILE A 34 -11.81 -24.12 6.27
C ILE A 34 -11.37 -25.55 5.95
N ASN A 35 -11.52 -26.47 6.90
CA ASN A 35 -11.19 -27.87 6.78
C ASN A 35 -12.41 -28.71 7.12
N ALA A 36 -13.34 -28.74 6.17
CA ALA A 36 -14.57 -29.50 6.23
C ALA A 36 -14.63 -30.54 5.11
N PRO A 37 -15.36 -31.65 5.29
CA PRO A 37 -15.49 -32.67 4.28
C PRO A 37 -16.42 -32.22 3.16
N LYS A 38 -16.29 -32.82 1.97
CA LYS A 38 -17.12 -32.49 0.82
C LYS A 38 -18.57 -32.90 1.00
N ASP A 39 -18.89 -33.56 2.12
CA ASP A 39 -20.24 -33.83 2.56
C ASP A 39 -21.00 -32.54 2.90
N VAL A 40 -20.28 -31.53 3.38
CA VAL A 40 -20.86 -30.27 3.82
C VAL A 40 -20.32 -29.09 3.00
N ALA A 41 -21.19 -28.12 2.74
CA ALA A 41 -20.91 -26.99 1.88
C ALA A 41 -20.07 -25.94 2.60
N VAL A 42 -19.13 -25.30 1.89
CA VAL A 42 -18.38 -24.16 2.39
C VAL A 42 -18.39 -23.05 1.35
N HIS A 43 -18.94 -21.88 1.69
CA HIS A 43 -19.09 -20.77 0.76
C HIS A 43 -19.07 -19.44 1.49
N ARG A 44 -18.66 -18.36 0.81
CA ARG A 44 -18.81 -17.02 1.35
C ARG A 44 -20.23 -16.49 1.14
N GLU A 45 -20.63 -15.43 1.86
CA GLU A 45 -22.02 -15.00 1.90
C GLU A 45 -22.60 -14.62 0.55
N GLU A 46 -21.80 -14.04 -0.35
CA GLU A 46 -22.23 -13.67 -1.70
C GLU A 46 -22.25 -14.86 -2.66
N ILE A 47 -21.89 -16.05 -2.16
CA ILE A 47 -21.92 -17.30 -2.90
C ILE A 47 -22.76 -18.36 -2.15
N TYR A 48 -23.18 -18.08 -0.93
CA TYR A 48 -24.14 -18.94 -0.24
C TYR A 48 -25.56 -18.64 -0.72
N GLN A 49 -25.87 -17.37 -0.94
CA GLN A 49 -27.21 -16.92 -1.24
C GLN A 49 -27.62 -17.22 -2.69
N ARG A 50 -26.63 -17.53 -3.53
CA ARG A 50 -26.82 -18.02 -4.89
C ARG A 50 -27.11 -19.51 -4.91
N ILE A 51 -26.69 -20.26 -3.89
CA ILE A 51 -26.98 -21.67 -3.75
C ILE A 51 -28.41 -21.85 -3.27
N GLN A 52 -28.76 -21.13 -2.21
CA GLN A 52 -30.09 -21.17 -1.61
C GLN A 52 -31.09 -20.36 -2.43
N ALA A 53 -30.66 -19.84 -3.58
CA ALA A 53 -31.53 -19.18 -4.55
C ALA A 53 -32.56 -20.14 -5.13
N GLY A 54 -32.21 -21.41 -5.29
CA GLY A 54 -33.12 -22.44 -5.78
C GLY A 54 -32.39 -23.64 -6.36
N LEU A 55 -31.37 -24.15 -5.64
CA LEU A 55 -30.58 -25.28 -6.04
C LEU A 55 -30.74 -26.38 -4.98
N THR A 56 -30.17 -27.56 -5.25
CA THR A 56 -30.25 -28.74 -4.41
C THR A 56 -31.67 -29.06 -3.93
N ALA A 57 -32.66 -28.75 -4.78
CA ALA A 57 -34.07 -28.97 -4.50
C ALA A 57 -34.50 -30.38 -4.92
N PRO A 58 -35.63 -30.89 -4.39
CA PRO A 58 -36.19 -32.17 -4.80
C PRO A 58 -36.75 -32.14 -6.21
N ASP A 59 -36.99 -30.95 -6.76
CA ASP A 59 -37.72 -30.78 -8.01
C ASP A 59 -37.38 -29.45 -8.66
N MET B 1 -8.17 -28.23 2.52
CA MET B 1 -8.45 -26.83 2.90
C MET B 1 -9.17 -26.09 1.78
N LEU B 2 -10.22 -25.33 2.12
CA LEU B 2 -10.87 -24.37 1.24
C LEU B 2 -10.61 -22.98 1.82
N ILE B 3 -9.97 -22.11 1.04
CA ILE B 3 -9.38 -20.88 1.54
C ILE B 3 -10.05 -19.65 0.92
N LEU B 4 -10.38 -18.68 1.77
CA LEU B 4 -11.20 -17.53 1.44
C LEU B 4 -10.64 -16.26 2.08
N THR B 5 -10.82 -15.13 1.40
CA THR B 5 -10.34 -13.84 1.87
C THR B 5 -11.54 -12.96 2.24
N ARG B 6 -11.59 -12.54 3.50
CA ARG B 6 -12.69 -11.78 4.07
C ARG B 6 -12.19 -10.46 4.64
N LYS B 7 -12.76 -9.36 4.18
CA LYS B 7 -12.52 -8.04 4.75
C LYS B 7 -13.51 -7.80 5.88
N VAL B 8 -13.13 -6.99 6.86
CA VAL B 8 -13.92 -6.88 8.09
C VAL B 8 -15.38 -6.53 7.80
N GLY B 9 -16.28 -7.25 8.45
CA GLY B 9 -17.72 -7.14 8.22
C GLY B 9 -18.28 -8.17 7.23
N GLU B 10 -17.44 -8.89 6.50
CA GLU B 10 -17.87 -9.92 5.57
C GLU B 10 -18.10 -11.26 6.28
N SER B 11 -18.71 -12.22 5.59
CA SER B 11 -19.22 -13.44 6.19
C SER B 11 -18.96 -14.69 5.36
N ILE B 12 -18.94 -15.85 6.04
CA ILE B 12 -18.77 -17.18 5.50
C ILE B 12 -19.89 -18.08 6.04
N ASN B 13 -20.33 -19.07 5.26
CA ASN B 13 -21.32 -20.06 5.67
C ASN B 13 -20.74 -21.46 5.57
N ILE B 14 -21.16 -22.33 6.49
CA ILE B 14 -20.81 -23.75 6.49
C ILE B 14 -22.05 -24.60 6.73
N GLY B 15 -22.27 -25.59 5.86
CA GLY B 15 -23.43 -26.46 5.91
C GLY B 15 -24.72 -25.66 5.76
N ASP B 16 -25.71 -25.97 6.61
CA ASP B 16 -26.96 -25.23 6.70
C ASP B 16 -27.28 -24.79 8.12
N ASP B 17 -26.38 -25.01 9.08
CA ASP B 17 -26.56 -24.63 10.47
C ASP B 17 -25.56 -23.57 10.94
N ILE B 18 -24.44 -23.37 10.25
CA ILE B 18 -23.35 -22.55 10.75
C ILE B 18 -23.10 -21.35 9.85
N THR B 19 -22.95 -20.18 10.49
CA THR B 19 -22.50 -18.96 9.86
C THR B 19 -21.33 -18.38 10.65
N ILE B 20 -20.40 -17.73 9.94
CA ILE B 20 -19.20 -17.12 10.50
C ILE B 20 -19.10 -15.69 9.99
N THR B 21 -18.65 -14.77 10.84
CA THR B 21 -18.49 -13.37 10.47
C THR B 21 -17.19 -12.82 11.04
N ILE B 22 -16.39 -12.15 10.21
CA ILE B 22 -15.25 -11.38 10.68
C ILE B 22 -15.76 -10.07 11.27
N LEU B 23 -15.73 -9.94 12.60
CA LEU B 23 -16.17 -8.71 13.25
C LEU B 23 -15.14 -7.61 13.06
N GLY B 24 -13.85 -7.97 13.02
CA GLY B 24 -12.79 -7.05 12.71
C GLY B 24 -11.43 -7.56 13.18
N VAL B 25 -10.36 -6.87 12.79
CA VAL B 25 -9.01 -7.21 13.24
C VAL B 25 -8.59 -6.27 14.36
N SER B 26 -7.78 -6.81 15.28
CA SER B 26 -7.14 -6.05 16.34
C SER B 26 -5.65 -6.31 16.29
N GLY B 27 -4.98 -5.71 15.30
CA GLY B 27 -3.57 -5.95 15.05
C GLY B 27 -3.37 -7.24 14.28
N GLN B 28 -2.59 -8.17 14.85
CA GLN B 28 -2.44 -9.51 14.30
C GLN B 28 -3.39 -10.50 14.97
N GLN B 29 -4.30 -9.94 15.77
CA GLN B 29 -5.43 -10.67 16.33
C GLN B 29 -6.68 -10.38 15.51
N VAL B 30 -7.66 -11.27 15.59
CA VAL B 30 -8.83 -11.25 14.72
C VAL B 30 -10.08 -11.62 15.51
N ARG B 31 -11.01 -10.68 15.66
CA ARG B 31 -12.28 -10.88 16.33
C ARG B 31 -13.29 -11.50 15.38
N ILE B 32 -13.73 -12.72 15.71
CA ILE B 32 -14.56 -13.55 14.84
C ILE B 32 -15.83 -13.96 15.58
N GLY B 33 -16.99 -13.78 14.93
CA GLY B 33 -18.26 -14.26 15.43
C GLY B 33 -18.63 -15.61 14.82
N ILE B 34 -19.15 -16.51 15.65
CA ILE B 34 -19.62 -17.83 15.24
C ILE B 34 -21.07 -17.99 15.63
N ASN B 35 -21.85 -18.48 14.66
CA ASN B 35 -23.30 -18.48 14.74
C ASN B 35 -23.81 -19.86 14.33
N ALA B 36 -23.71 -20.79 15.29
CA ALA B 36 -24.20 -22.14 15.18
C ALA B 36 -25.13 -22.45 16.34
N PRO B 37 -26.01 -23.45 16.20
CA PRO B 37 -26.79 -23.96 17.31
C PRO B 37 -25.90 -24.52 18.42
N LYS B 38 -26.43 -24.57 19.64
CA LYS B 38 -25.83 -25.27 20.76
C LYS B 38 -25.85 -26.78 20.58
N ASP B 39 -26.41 -27.22 19.45
CA ASP B 39 -26.37 -28.59 18.97
C ASP B 39 -24.94 -29.01 18.60
N VAL B 40 -24.09 -28.04 18.27
CA VAL B 40 -22.69 -28.24 17.93
C VAL B 40 -21.79 -27.59 18.98
N ALA B 41 -20.67 -28.24 19.29
CA ALA B 41 -19.64 -27.62 20.10
C ALA B 41 -18.67 -26.80 19.25
N VAL B 42 -18.25 -25.67 19.83
CA VAL B 42 -17.56 -24.61 19.12
C VAL B 42 -16.50 -23.98 20.02
N HIS B 43 -15.25 -24.41 19.88
CA HIS B 43 -14.12 -23.89 20.65
C HIS B 43 -12.85 -23.83 19.81
N ARG B 44 -11.85 -23.08 20.27
CA ARG B 44 -10.52 -23.13 19.68
C ARG B 44 -9.87 -24.50 19.92
N GLU B 45 -8.89 -24.85 19.09
CA GLU B 45 -8.20 -26.14 19.17
C GLU B 45 -7.63 -26.41 20.55
N GLU B 46 -7.11 -25.39 21.24
CA GLU B 46 -6.61 -25.52 22.60
C GLU B 46 -7.63 -26.24 23.49
N ILE B 47 -8.89 -25.79 23.39
CA ILE B 47 -9.99 -26.20 24.24
C ILE B 47 -10.53 -27.54 23.79
N TYR B 48 -10.74 -27.66 22.48
CA TYR B 48 -11.22 -28.86 21.84
C TYR B 48 -10.42 -30.09 22.26
N GLN B 49 -9.11 -29.93 22.44
CA GLN B 49 -8.19 -31.01 22.77
C GLN B 49 -8.40 -31.58 24.17
N ARG B 50 -8.98 -30.81 25.10
CA ARG B 50 -9.39 -31.32 26.40
C ARG B 50 -10.78 -31.96 26.31
N ILE B 51 -11.67 -31.37 25.53
CA ILE B 51 -13.04 -31.84 25.41
C ILE B 51 -13.03 -33.23 24.79
N GLN B 52 -12.18 -33.44 23.80
CA GLN B 52 -11.97 -34.75 23.20
C GLN B 52 -11.04 -35.64 24.04
N ALA B 53 -10.62 -35.18 25.21
CA ALA B 53 -9.94 -36.01 26.19
C ALA B 53 -10.92 -36.88 26.98
N GLY B 54 -12.22 -36.50 27.00
CA GLY B 54 -13.28 -37.35 27.50
C GLY B 54 -14.30 -36.62 28.37
N LEU B 55 -14.77 -35.44 27.93
CA LEU B 55 -15.56 -34.55 28.77
C LEU B 55 -16.20 -33.41 27.98
N THR B 56 -16.86 -32.50 28.71
CA THR B 56 -17.34 -31.22 28.24
C THR B 56 -16.79 -30.12 29.16
N ALA B 57 -17.09 -28.85 28.84
CA ALA B 57 -16.67 -27.68 29.59
C ALA B 57 -16.71 -27.93 31.11
N PRO B 58 -15.58 -27.84 31.82
CA PRO B 58 -15.52 -28.28 33.21
C PRO B 58 -16.27 -27.38 34.19
N ASP B 59 -16.19 -27.77 35.46
CA ASP B 59 -16.88 -27.12 36.56
C ASP B 59 -16.01 -26.07 37.23
N MET C 1 -16.33 31.76 -7.68
CA MET C 1 -15.92 30.36 -7.73
C MET C 1 -16.76 29.45 -8.64
N LEU C 2 -16.13 28.95 -9.69
CA LEU C 2 -16.63 27.86 -10.52
C LEU C 2 -15.63 26.72 -10.41
N ILE C 3 -15.95 25.69 -9.62
CA ILE C 3 -15.12 24.51 -9.45
C ILE C 3 -15.24 23.63 -10.68
N LEU C 4 -14.09 23.17 -11.19
CA LEU C 4 -14.00 22.14 -12.22
C LEU C 4 -13.01 21.06 -11.78
N THR C 5 -13.35 19.80 -12.04
CA THR C 5 -12.39 18.71 -11.88
C THR C 5 -11.84 18.28 -13.23
N ARG C 6 -10.57 17.87 -13.24
CA ARG C 6 -9.92 17.31 -14.41
C ARG C 6 -9.06 16.12 -14.00
N LYS C 7 -9.03 15.10 -14.86
CA LYS C 7 -8.07 14.01 -14.76
C LYS C 7 -6.76 14.49 -15.36
N VAL C 8 -5.62 13.92 -14.96
CA VAL C 8 -4.34 14.39 -15.46
C VAL C 8 -4.26 14.27 -16.99
N GLY C 9 -3.78 15.33 -17.64
CA GLY C 9 -3.70 15.44 -19.09
C GLY C 9 -4.91 16.09 -19.75
N GLU C 10 -5.97 16.41 -18.99
CA GLU C 10 -7.14 17.11 -19.51
C GLU C 10 -6.97 18.63 -19.44
N SER C 11 -7.96 19.37 -19.96
CA SER C 11 -7.82 20.80 -20.21
C SER C 11 -9.05 21.63 -19.83
N ILE C 12 -8.81 22.93 -19.61
CA ILE C 12 -9.76 23.94 -19.17
C ILE C 12 -9.50 25.23 -19.96
N ASN C 13 -10.51 26.10 -20.08
CA ASN C 13 -10.45 27.35 -20.81
C ASN C 13 -10.94 28.53 -19.97
N ILE C 14 -10.35 29.72 -20.16
CA ILE C 14 -10.76 30.95 -19.52
C ILE C 14 -10.79 32.08 -20.54
N GLY C 15 -11.83 32.92 -20.47
CA GLY C 15 -12.06 33.99 -21.41
C GLY C 15 -12.25 33.46 -22.83
N ASP C 16 -11.55 34.07 -23.79
CA ASP C 16 -11.41 33.55 -25.14
C ASP C 16 -9.94 33.54 -25.57
N ASP C 17 -9.03 33.79 -24.63
CA ASP C 17 -7.62 34.01 -24.87
C ASP C 17 -6.71 33.17 -23.97
N ILE C 18 -7.27 32.52 -22.94
CA ILE C 18 -6.49 31.78 -21.95
C ILE C 18 -6.91 30.32 -21.94
N THR C 19 -5.91 29.43 -21.92
CA THR C 19 -6.11 27.99 -21.78
C THR C 19 -5.31 27.47 -20.60
N ILE C 20 -5.86 26.47 -19.90
CA ILE C 20 -5.28 25.87 -18.70
C ILE C 20 -5.20 24.36 -18.91
N THR C 21 -4.11 23.73 -18.47
CA THR C 21 -3.93 22.29 -18.62
C THR C 21 -3.38 21.68 -17.34
N ILE C 22 -4.00 20.60 -16.87
CA ILE C 22 -3.42 19.79 -15.80
C ILE C 22 -2.42 18.83 -16.44
N LEU C 23 -1.13 19.06 -16.18
CA LEU C 23 -0.07 18.29 -16.82
C LEU C 23 0.18 17.00 -16.02
N GLY C 24 0.03 17.08 -14.69
CA GLY C 24 0.01 15.90 -13.85
C GLY C 24 0.14 16.22 -12.36
N VAL C 25 0.31 15.18 -11.54
CA VAL C 25 0.58 15.31 -10.12
C VAL C 25 1.92 14.65 -9.75
N SER C 26 2.55 15.16 -8.69
CA SER C 26 3.79 14.65 -8.14
C SER C 26 3.64 14.56 -6.62
N GLY C 27 2.98 13.50 -6.15
CA GLY C 27 2.56 13.42 -4.76
C GLY C 27 1.38 14.36 -4.52
N GLN C 28 1.61 15.39 -3.70
CA GLN C 28 0.62 16.42 -3.41
C GLN C 28 0.81 17.67 -4.27
N GLN C 29 1.88 17.71 -5.08
CA GLN C 29 2.10 18.77 -6.04
C GLN C 29 1.29 18.51 -7.30
N VAL C 30 0.98 19.58 -8.03
CA VAL C 30 0.25 19.53 -9.29
C VAL C 30 1.04 20.35 -10.31
N ARG C 31 1.46 19.73 -11.42
CA ARG C 31 2.02 20.48 -12.53
C ARG C 31 0.89 21.04 -13.38
N ILE C 32 0.79 22.37 -13.42
CA ILE C 32 -0.29 23.12 -14.06
C ILE C 32 0.31 24.02 -15.13
N GLY C 33 -0.23 23.96 -16.36
CA GLY C 33 0.16 24.81 -17.47
C GLY C 33 -0.85 25.94 -17.70
N ILE C 34 -0.35 27.14 -18.00
CA ILE C 34 -1.15 28.31 -18.28
C ILE C 34 -0.71 28.91 -19.61
N ASN C 35 -1.63 28.99 -20.57
CA ASN C 35 -1.37 29.56 -21.88
C ASN C 35 -2.19 30.83 -22.06
N ALA C 36 -1.55 32.00 -21.92
CA ALA C 36 -2.18 33.30 -22.06
C ALA C 36 -1.25 34.25 -22.82
N PRO C 37 -1.79 35.28 -23.48
CA PRO C 37 -0.99 36.32 -24.10
C PRO C 37 -0.24 37.13 -23.05
N LYS C 38 0.91 37.71 -23.42
CA LYS C 38 1.63 38.65 -22.58
C LYS C 38 0.87 39.96 -22.35
N ASP C 39 -0.32 40.09 -22.94
CA ASP C 39 -1.26 41.14 -22.66
C ASP C 39 -1.80 41.03 -21.23
N VAL C 40 -1.75 39.83 -20.65
CA VAL C 40 -2.13 39.57 -19.26
C VAL C 40 -0.98 38.93 -18.50
N ALA C 41 -0.92 39.20 -17.20
CA ALA C 41 0.07 38.60 -16.32
C ALA C 41 -0.41 37.25 -15.79
N VAL C 42 0.52 36.36 -15.44
CA VAL C 42 0.22 35.13 -14.72
C VAL C 42 1.28 34.90 -13.65
N HIS C 43 0.86 34.60 -12.42
CA HIS C 43 1.77 34.39 -11.29
C HIS C 43 1.16 33.51 -10.23
N ARG C 44 2.00 32.83 -9.44
CA ARG C 44 1.55 32.18 -8.22
C ARG C 44 1.25 33.24 -7.16
N GLU C 45 0.54 32.86 -6.10
CA GLU C 45 0.01 33.81 -5.14
C GLU C 45 1.10 34.58 -4.41
N GLU C 46 2.26 33.94 -4.21
CA GLU C 46 3.44 34.55 -3.62
C GLU C 46 3.90 35.77 -4.42
N ILE C 47 4.01 35.62 -5.74
CA ILE C 47 4.58 36.62 -6.62
C ILE C 47 3.53 37.63 -7.03
N TYR C 48 2.27 37.21 -7.15
CA TYR C 48 1.15 38.07 -7.53
C TYR C 48 1.08 39.32 -6.66
N GLN C 49 1.38 39.18 -5.36
CA GLN C 49 1.35 40.28 -4.40
C GLN C 49 2.27 41.43 -4.79
N ARG C 50 3.39 41.14 -5.48
CA ARG C 50 4.31 42.15 -5.98
C ARG C 50 3.70 42.95 -7.13
N ILE C 51 2.91 42.30 -7.98
CA ILE C 51 2.20 42.97 -9.07
C ILE C 51 1.09 43.86 -8.50
N GLN C 52 0.70 43.61 -7.26
CA GLN C 52 -0.26 44.45 -6.53
C GLN C 52 0.42 45.45 -5.58
N ALA C 53 1.76 45.48 -5.53
CA ALA C 53 2.51 46.20 -4.51
C ALA C 53 2.66 47.70 -4.77
N GLY C 54 2.03 48.24 -5.82
CA GLY C 54 2.19 49.64 -6.20
C GLY C 54 3.45 49.87 -7.02
N LEU C 55 3.83 48.86 -7.81
CA LEU C 55 4.90 48.89 -8.79
C LEU C 55 4.71 49.95 -9.87
N THR C 56 5.78 50.24 -10.61
CA THR C 56 5.80 51.23 -11.67
C THR C 56 5.05 50.73 -12.91
N ALA C 57 4.55 51.69 -13.71
CA ALA C 57 3.70 51.45 -14.86
C ALA C 57 2.56 50.46 -14.59
N PRO C 58 1.53 50.87 -13.83
CA PRO C 58 0.36 50.04 -13.58
C PRO C 58 -0.46 49.79 -14.83
N ASP C 59 -1.51 48.97 -14.68
CA ASP C 59 -2.45 48.65 -15.74
C ASP C 59 -3.26 49.85 -16.19
N MET D 1 3.77 29.19 -22.96
CA MET D 1 2.97 28.65 -21.85
C MET D 1 3.81 28.81 -20.59
N LEU D 2 3.17 29.10 -19.45
CA LEU D 2 3.81 29.23 -18.15
C LEU D 2 3.37 28.08 -17.25
N ILE D 3 4.28 27.16 -16.95
CA ILE D 3 4.02 25.95 -16.17
C ILE D 3 4.58 26.13 -14.76
N LEU D 4 3.86 25.63 -13.75
CA LEU D 4 4.22 25.68 -12.34
C LEU D 4 3.90 24.37 -11.62
N THR D 5 4.47 24.21 -10.43
CA THR D 5 4.07 23.21 -9.46
C THR D 5 3.51 23.91 -8.23
N ARG D 6 2.21 23.73 -7.97
CA ARG D 6 1.59 24.14 -6.72
C ARG D 6 1.02 22.92 -6.00
N LYS D 7 1.10 22.91 -4.67
CA LYS D 7 0.49 21.84 -3.88
C LYS D 7 -1.00 22.11 -3.68
N VAL D 8 -1.71 21.06 -3.28
CA VAL D 8 -3.09 21.16 -2.82
C VAL D 8 -3.24 22.21 -1.72
N GLY D 9 -4.29 23.03 -1.84
CA GLY D 9 -4.61 24.09 -0.90
C GLY D 9 -3.98 25.44 -1.24
N GLU D 10 -3.19 25.53 -2.32
CA GLU D 10 -2.49 26.75 -2.70
C GLU D 10 -3.17 27.46 -3.87
N SER D 11 -2.67 28.65 -4.23
CA SER D 11 -3.35 29.55 -5.16
C SER D 11 -2.44 30.11 -6.25
N ILE D 12 -3.06 30.53 -7.36
CA ILE D 12 -2.43 31.13 -8.53
C ILE D 12 -3.33 32.26 -9.03
N ASN D 13 -2.79 33.16 -9.86
CA ASN D 13 -3.45 34.37 -10.30
C ASN D 13 -3.22 34.65 -11.78
N ILE D 14 -4.21 35.27 -12.43
CA ILE D 14 -4.17 35.68 -13.82
C ILE D 14 -4.74 37.09 -13.95
N GLY D 15 -4.07 37.93 -14.75
CA GLY D 15 -4.45 39.33 -14.90
C GLY D 15 -4.41 40.06 -13.56
N ASP D 16 -5.43 40.88 -13.30
CA ASP D 16 -5.64 41.54 -12.03
C ASP D 16 -7.03 41.23 -11.46
N ASP D 17 -7.77 40.31 -12.07
CA ASP D 17 -9.16 40.03 -11.73
C ASP D 17 -9.46 38.54 -11.59
N ILE D 18 -8.53 37.65 -11.96
CA ILE D 18 -8.76 36.22 -12.00
C ILE D 18 -7.87 35.51 -10.99
N THR D 19 -8.44 34.55 -10.26
CA THR D 19 -7.75 33.76 -9.26
C THR D 19 -8.07 32.28 -9.45
N ILE D 20 -7.08 31.42 -9.19
CA ILE D 20 -7.19 29.97 -9.26
C ILE D 20 -6.78 29.40 -7.90
N THR D 21 -7.49 28.36 -7.45
CA THR D 21 -7.18 27.66 -6.21
C THR D 21 -7.21 26.15 -6.47
N ILE D 22 -6.12 25.44 -6.18
CA ILE D 22 -6.14 24.00 -6.21
C ILE D 22 -6.76 23.50 -4.91
N LEU D 23 -7.99 22.98 -4.99
CA LEU D 23 -8.77 22.59 -3.84
C LEU D 23 -8.31 21.24 -3.31
N GLY D 24 -7.85 20.36 -4.21
CA GLY D 24 -7.19 19.12 -3.82
C GLY D 24 -7.07 18.14 -4.97
N VAL D 25 -6.56 16.94 -4.69
CA VAL D 25 -6.59 15.82 -5.62
C VAL D 25 -7.56 14.75 -5.13
N SER D 26 -7.99 13.88 -6.05
CA SER D 26 -8.74 12.68 -5.73
C SER D 26 -8.32 11.57 -6.70
N GLY D 27 -7.16 10.96 -6.44
CA GLY D 27 -6.55 10.00 -7.34
C GLY D 27 -5.84 10.69 -8.50
N GLN D 28 -6.34 10.49 -9.72
CA GLN D 28 -5.89 11.18 -10.90
C GLN D 28 -6.68 12.46 -11.13
N GLN D 29 -7.77 12.66 -10.38
CA GLN D 29 -8.47 13.93 -10.41
C GLN D 29 -7.69 15.03 -9.71
N VAL D 30 -7.91 16.25 -10.19
CA VAL D 30 -7.41 17.49 -9.63
C VAL D 30 -8.60 18.45 -9.57
N ARG D 31 -9.05 18.76 -8.35
CA ARG D 31 -10.23 19.58 -8.10
C ARG D 31 -9.80 21.03 -7.98
N ILE D 32 -10.18 21.86 -8.96
CA ILE D 32 -9.68 23.21 -9.11
C ILE D 32 -10.81 24.22 -9.04
N GLY D 33 -10.70 25.18 -8.11
CA GLY D 33 -11.58 26.33 -8.04
C GLY D 33 -11.06 27.46 -8.92
N ILE D 34 -11.97 28.09 -9.67
CA ILE D 34 -11.64 29.20 -10.56
C ILE D 34 -12.53 30.38 -10.23
N ASN D 35 -11.97 31.59 -10.23
CA ASN D 35 -12.67 32.78 -9.75
C ASN D 35 -12.39 33.94 -10.70
N ALA D 36 -13.37 34.22 -11.57
CA ALA D 36 -13.30 35.29 -12.55
C ALA D 36 -14.62 36.06 -12.54
N PRO D 37 -14.62 37.33 -12.97
CA PRO D 37 -15.84 38.08 -13.19
C PRO D 37 -16.68 37.43 -14.29
N LYS D 38 -18.00 37.58 -14.24
CA LYS D 38 -18.90 37.11 -15.29
C LYS D 38 -18.74 37.89 -16.60
N ASP D 39 -17.86 38.90 -16.59
CA ASP D 39 -17.41 39.60 -17.78
C ASP D 39 -16.58 38.69 -18.68
N VAL D 40 -16.02 37.61 -18.13
CA VAL D 40 -15.28 36.60 -18.87
C VAL D 40 -15.84 35.21 -18.59
N ALA D 41 -15.54 34.27 -19.49
CA ALA D 41 -16.05 32.91 -19.42
C ALA D 41 -15.05 31.95 -18.78
N VAL D 42 -15.52 30.83 -18.23
CA VAL D 42 -14.64 29.75 -17.81
C VAL D 42 -15.37 28.40 -17.93
N HIS D 43 -14.76 27.44 -18.63
CA HIS D 43 -15.29 26.11 -18.82
C HIS D 43 -14.18 25.08 -19.00
N ARG D 44 -14.52 23.79 -18.92
CA ARG D 44 -13.60 22.74 -19.35
C ARG D 44 -13.38 22.87 -20.86
N GLU D 45 -12.28 22.37 -21.41
CA GLU D 45 -12.05 22.40 -22.85
C GLU D 45 -13.13 21.63 -23.61
N GLU D 46 -13.63 20.54 -23.03
CA GLU D 46 -14.76 19.79 -23.58
C GLU D 46 -15.99 20.67 -23.79
N ILE D 47 -16.17 21.65 -22.90
CA ILE D 47 -17.35 22.48 -22.80
C ILE D 47 -17.16 23.77 -23.59
N TYR D 48 -15.94 24.33 -23.53
CA TYR D 48 -15.52 25.42 -24.39
C TYR D 48 -15.72 25.04 -25.85
N GLN D 49 -15.34 23.81 -26.22
CA GLN D 49 -15.49 23.30 -27.57
C GLN D 49 -16.94 23.10 -27.98
N ARG D 50 -17.87 22.93 -27.02
CA ARG D 50 -19.30 22.94 -27.27
C ARG D 50 -19.81 24.35 -27.50
N ILE D 51 -19.30 25.32 -26.74
CA ILE D 51 -19.68 26.71 -26.88
C ILE D 51 -19.12 27.28 -28.19
N GLN D 52 -17.97 26.76 -28.60
CA GLN D 52 -17.34 27.06 -29.87
C GLN D 52 -17.92 26.18 -30.99
N ALA D 53 -18.90 25.33 -30.67
CA ALA D 53 -19.65 24.54 -31.63
C ALA D 53 -20.86 25.27 -32.21
N GLY D 54 -21.06 26.55 -31.86
CA GLY D 54 -22.02 27.41 -32.51
C GLY D 54 -23.19 27.86 -31.64
N LEU D 55 -22.95 28.19 -30.37
CA LEU D 55 -24.00 28.42 -29.40
C LEU D 55 -23.52 29.25 -28.20
N THR D 56 -24.42 29.51 -27.25
CA THR D 56 -24.06 30.07 -25.95
C THR D 56 -24.18 29.01 -24.87
N ALA D 57 -25.40 28.55 -24.54
CA ALA D 57 -25.63 27.39 -23.69
C ALA D 57 -27.06 26.89 -23.82
N PRO D 58 -27.36 26.02 -24.80
CA PRO D 58 -28.67 25.43 -24.96
C PRO D 58 -29.05 24.46 -23.85
N ASP D 59 -30.32 24.02 -23.89
CA ASP D 59 -30.86 23.01 -22.99
C ASP D 59 -30.25 21.63 -23.25
N MET E 1 34.50 -8.56 4.07
CA MET E 1 34.07 -7.89 2.81
C MET E 1 33.89 -8.75 1.57
N LEU E 2 32.79 -8.46 0.87
CA LEU E 2 32.50 -8.84 -0.50
C LEU E 2 31.82 -7.63 -1.17
N ILE E 3 32.19 -7.30 -2.42
CA ILE E 3 31.62 -6.19 -3.15
C ILE E 3 30.82 -6.72 -4.34
N LEU E 4 29.58 -6.24 -4.48
CA LEU E 4 28.60 -6.68 -5.45
C LEU E 4 28.17 -5.50 -6.33
N THR E 5 27.62 -5.80 -7.51
CA THR E 5 26.93 -4.81 -8.34
C THR E 5 25.75 -5.49 -9.02
N ARG E 6 24.54 -5.13 -8.60
CA ARG E 6 23.30 -5.82 -8.96
C ARG E 6 22.23 -4.82 -9.39
N LYS E 7 21.43 -5.13 -10.41
CA LYS E 7 20.38 -4.24 -10.84
C LYS E 7 19.04 -4.56 -10.21
N VAL E 8 18.09 -3.62 -10.35
CA VAL E 8 16.78 -3.74 -9.72
C VAL E 8 16.06 -5.03 -10.13
N GLY E 9 15.46 -5.69 -9.15
CA GLY E 9 14.76 -6.95 -9.33
C GLY E 9 15.64 -8.19 -9.16
N GLU E 10 16.96 -8.03 -8.98
CA GLU E 10 17.86 -9.13 -8.70
C GLU E 10 18.00 -9.39 -7.20
N SER E 11 18.65 -10.51 -6.84
CA SER E 11 18.67 -11.01 -5.48
C SER E 11 20.05 -11.49 -5.05
N ILE E 12 20.23 -11.62 -3.73
CA ILE E 12 21.49 -11.84 -3.03
C ILE E 12 21.20 -12.61 -1.74
N ASN E 13 22.20 -13.32 -1.19
CA ASN E 13 22.01 -14.18 -0.04
C ASN E 13 23.16 -14.14 0.95
N ILE E 14 22.83 -14.43 2.21
CA ILE E 14 23.76 -14.48 3.33
C ILE E 14 23.45 -15.70 4.19
N GLY E 15 24.47 -16.42 4.63
CA GLY E 15 24.32 -17.63 5.41
C GLY E 15 23.55 -18.70 4.64
N ASP E 16 22.64 -19.38 5.34
CA ASP E 16 21.73 -20.37 4.77
C ASP E 16 20.27 -20.04 5.07
N ASP E 17 20.01 -18.84 5.60
CA ASP E 17 18.70 -18.46 6.12
C ASP E 17 18.30 -17.03 5.75
N ILE E 18 19.20 -16.23 5.17
CA ILE E 18 18.95 -14.83 4.90
C ILE E 18 18.98 -14.55 3.39
N THR E 19 18.01 -13.75 2.94
CA THR E 19 17.86 -13.35 1.55
C THR E 19 17.69 -11.85 1.45
N ILE E 20 18.25 -11.25 0.41
CA ILE E 20 18.15 -9.83 0.09
C ILE E 20 17.64 -9.70 -1.34
N THR E 21 16.74 -8.74 -1.56
CA THR E 21 16.23 -8.41 -2.89
C THR E 21 16.19 -6.91 -3.07
N ILE E 22 16.76 -6.41 -4.17
CA ILE E 22 16.61 -5.02 -4.57
C ILE E 22 15.24 -4.84 -5.23
N LEU E 23 14.33 -4.12 -4.55
CA LEU E 23 12.99 -3.88 -5.04
C LEU E 23 13.00 -2.79 -6.10
N GLY E 24 13.92 -1.82 -5.98
CA GLY E 24 14.19 -0.84 -7.03
C GLY E 24 14.84 0.43 -6.50
N VAL E 25 14.97 1.45 -7.35
CA VAL E 25 15.59 2.73 -7.01
C VAL E 25 14.65 3.90 -7.24
N SER E 26 14.95 5.03 -6.59
CA SER E 26 14.33 6.33 -6.82
C SER E 26 15.37 7.42 -6.57
N GLY E 27 16.11 7.81 -7.61
CA GLY E 27 17.22 8.73 -7.47
C GLY E 27 18.39 8.09 -6.73
N GLN E 28 18.69 8.57 -5.52
CA GLN E 28 19.73 7.98 -4.68
C GLN E 28 19.16 6.92 -3.74
N GLN E 29 17.86 6.98 -3.50
CA GLN E 29 17.16 6.05 -2.63
C GLN E 29 17.09 4.68 -3.30
N VAL E 30 17.36 3.64 -2.51
CA VAL E 30 17.38 2.26 -2.95
C VAL E 30 16.46 1.48 -2.01
N ARG E 31 15.40 0.90 -2.59
CA ARG E 31 14.30 0.26 -1.89
C ARG E 31 14.61 -1.22 -1.82
N ILE E 32 14.96 -1.72 -0.64
CA ILE E 32 15.53 -3.04 -0.44
C ILE E 32 14.66 -3.89 0.48
N GLY E 33 14.45 -5.14 0.10
CA GLY E 33 13.81 -6.15 0.94
C GLY E 33 14.85 -7.07 1.60
N ILE E 34 14.59 -7.44 2.85
CA ILE E 34 15.44 -8.30 3.67
C ILE E 34 14.58 -9.38 4.31
N ASN E 35 15.02 -10.63 4.24
CA ASN E 35 14.23 -11.76 4.66
C ASN E 35 15.07 -12.70 5.50
N ALA E 36 14.88 -12.61 6.83
CA ALA E 36 15.56 -13.44 7.81
C ALA E 36 14.58 -13.92 8.88
N PRO E 37 14.88 -15.05 9.54
CA PRO E 37 14.11 -15.51 10.68
C PRO E 37 14.15 -14.52 11.83
N LYS E 38 13.14 -14.59 12.72
CA LYS E 38 13.13 -13.83 13.96
C LYS E 38 14.14 -14.33 14.98
N ASP E 39 14.88 -15.39 14.62
CA ASP E 39 16.04 -15.87 15.36
C ASP E 39 17.19 -14.86 15.33
N VAL E 40 17.21 -13.98 14.33
CA VAL E 40 18.22 -12.96 14.16
C VAL E 40 17.59 -11.57 14.16
N ALA E 41 18.39 -10.55 14.46
CA ALA E 41 17.94 -9.17 14.39
C ALA E 41 18.26 -8.54 13.04
N VAL E 42 17.54 -7.48 12.67
CA VAL E 42 17.87 -6.65 11.53
C VAL E 42 17.31 -5.25 11.71
N HIS E 43 18.17 -4.24 11.56
CA HIS E 43 17.81 -2.83 11.59
C HIS E 43 18.77 -2.04 10.72
N ARG E 44 18.49 -0.76 10.43
CA ARG E 44 19.47 0.09 9.78
C ARG E 44 20.47 0.63 10.79
N GLU E 45 21.58 1.18 10.31
CA GLU E 45 22.71 1.55 11.16
C GLU E 45 22.35 2.59 12.20
N GLU E 46 21.36 3.45 11.91
CA GLU E 46 20.80 4.41 12.83
C GLU E 46 20.24 3.74 14.08
N ILE E 47 19.49 2.65 13.90
CA ILE E 47 18.79 1.96 14.96
C ILE E 47 19.73 0.98 15.65
N TYR E 48 20.65 0.37 14.88
CA TYR E 48 21.62 -0.59 15.38
C TYR E 48 22.41 -0.09 16.58
N GLN E 49 22.65 1.23 16.63
CA GLN E 49 23.40 1.89 17.68
C GLN E 49 22.80 1.69 19.07
N ARG E 50 21.50 1.37 19.15
CA ARG E 50 20.87 0.96 20.39
C ARG E 50 21.20 -0.48 20.75
N ILE E 51 20.98 -1.40 19.80
CA ILE E 51 21.00 -2.85 19.94
C ILE E 51 22.19 -3.37 20.75
N GLN E 52 23.41 -3.16 20.25
CA GLN E 52 24.62 -3.74 20.78
C GLN E 52 25.15 -3.03 22.02
N ALA E 53 24.44 -2.01 22.52
CA ALA E 53 24.78 -1.32 23.74
C ALA E 53 24.38 -2.12 25.00
N GLY E 54 23.69 -3.25 24.81
CA GLY E 54 23.32 -4.16 25.89
C GLY E 54 21.88 -4.62 25.83
N LEU E 55 21.27 -4.60 24.65
CA LEU E 55 19.88 -4.98 24.44
C LEU E 55 19.79 -6.41 23.91
N THR E 56 18.86 -6.66 22.98
CA THR E 56 18.44 -7.96 22.47
C THR E 56 17.98 -8.94 23.55
N ALA E 57 17.88 -8.48 24.79
CA ALA E 57 17.27 -9.19 25.90
C ALA E 57 16.61 -8.17 26.82
N PRO E 58 15.36 -8.40 27.27
CA PRO E 58 14.67 -7.50 28.16
C PRO E 58 15.34 -7.34 29.53
N ASP E 59 14.79 -6.43 30.32
CA ASP E 59 15.22 -6.15 31.69
C ASP E 59 15.06 -7.37 32.61
N MET F 1 9.88 -10.57 6.82
CA MET F 1 10.27 -9.78 5.65
C MET F 1 10.29 -8.30 5.98
N LEU F 2 11.47 -7.68 6.07
CA LEU F 2 11.60 -6.25 6.24
C LEU F 2 11.85 -5.56 4.91
N ILE F 3 11.40 -4.31 4.81
CA ILE F 3 11.71 -3.44 3.68
C ILE F 3 12.20 -2.09 4.22
N LEU F 4 13.24 -1.57 3.57
CA LEU F 4 13.84 -0.28 3.90
C LEU F 4 14.03 0.55 2.63
N THR F 5 14.16 1.86 2.80
CA THR F 5 14.57 2.73 1.71
C THR F 5 15.85 3.47 2.11
N ARG F 6 17.00 2.93 1.68
CA ARG F 6 18.33 3.37 2.04
C ARG F 6 18.96 4.10 0.85
N LYS F 7 19.55 5.29 1.02
CA LYS F 7 20.25 5.94 -0.07
C LYS F 7 21.76 5.72 -0.03
N VAL F 8 22.42 6.07 -1.13
CA VAL F 8 23.83 5.77 -1.32
C VAL F 8 24.72 6.32 -0.21
N GLY F 9 25.65 5.48 0.25
CA GLY F 9 26.61 5.81 1.27
C GLY F 9 26.16 5.43 2.69
N GLU F 10 24.92 4.97 2.85
CA GLU F 10 24.38 4.58 4.15
C GLU F 10 24.51 3.08 4.39
N SER F 11 24.14 2.61 5.59
CA SER F 11 24.40 1.25 6.03
C SER F 11 23.21 0.61 6.74
N ILE F 12 23.21 -0.73 6.79
CA ILE F 12 22.21 -1.57 7.42
C ILE F 12 22.92 -2.70 8.17
N ASN F 13 22.28 -3.30 9.17
CA ASN F 13 22.88 -4.31 10.03
C ASN F 13 21.98 -5.52 10.22
N ILE F 14 22.60 -6.69 10.38
CA ILE F 14 21.92 -7.96 10.63
C ILE F 14 22.66 -8.71 11.73
N GLY F 15 21.90 -9.34 12.64
CA GLY F 15 22.45 -10.00 13.82
C GLY F 15 23.23 -9.02 14.68
N ASP F 16 24.41 -9.44 15.14
CA ASP F 16 25.37 -8.60 15.83
C ASP F 16 26.77 -8.66 15.21
N ASP F 17 26.89 -9.29 14.03
CA ASP F 17 28.16 -9.48 13.34
C ASP F 17 28.14 -9.04 11.88
N ILE F 18 26.95 -8.84 11.28
CA ILE F 18 26.82 -8.59 9.85
C ILE F 18 26.46 -7.13 9.60
N THR F 19 27.13 -6.54 8.60
CA THR F 19 26.89 -5.17 8.16
C THR F 19 26.77 -5.12 6.65
N ILE F 20 25.86 -4.28 6.15
CA ILE F 20 25.61 -4.04 4.74
C ILE F 20 25.79 -2.55 4.47
N THR F 21 26.35 -2.21 3.31
CA THR F 21 26.54 -0.84 2.88
C THR F 21 26.14 -0.69 1.42
N ILE F 22 25.32 0.31 1.12
CA ILE F 22 24.98 0.68 -0.25
C ILE F 22 26.04 1.63 -0.77
N LEU F 23 26.89 1.16 -1.68
CA LEU F 23 28.05 1.91 -2.13
C LEU F 23 27.67 2.98 -3.17
N GLY F 24 26.62 2.73 -3.93
CA GLY F 24 26.07 3.71 -4.87
C GLY F 24 25.23 3.09 -5.98
N VAL F 25 24.82 3.91 -6.95
CA VAL F 25 24.06 3.45 -8.11
C VAL F 25 24.68 3.92 -9.42
N SER F 26 24.40 3.20 -10.49
CA SER F 26 24.70 3.60 -11.86
C SER F 26 23.65 2.99 -12.79
N GLY F 27 22.73 3.82 -13.30
CA GLY F 27 21.63 3.33 -14.11
C GLY F 27 20.62 2.54 -13.27
N GLN F 28 20.44 1.26 -13.59
CA GLN F 28 19.65 0.36 -12.76
C GLN F 28 20.53 -0.44 -11.81
N GLN F 29 21.84 -0.44 -12.05
CA GLN F 29 22.78 -1.19 -11.23
C GLN F 29 23.02 -0.45 -9.92
N VAL F 30 23.20 -1.25 -8.87
CA VAL F 30 23.34 -0.81 -7.50
C VAL F 30 24.58 -1.51 -6.92
N ARG F 31 25.60 -0.73 -6.58
CA ARG F 31 26.86 -1.23 -6.07
C ARG F 31 26.75 -1.38 -4.55
N ILE F 32 27.12 -2.55 -4.03
CA ILE F 32 26.85 -2.94 -2.65
C ILE F 32 28.08 -3.56 -2.01
N GLY F 33 28.27 -3.30 -0.71
CA GLY F 33 29.28 -3.94 0.12
C GLY F 33 28.63 -4.79 1.20
N ILE F 34 29.16 -5.99 1.42
CA ILE F 34 28.67 -6.95 2.38
C ILE F 34 29.80 -7.34 3.32
N ASN F 35 29.52 -7.37 4.63
CA ASN F 35 30.52 -7.64 5.64
C ASN F 35 29.97 -8.61 6.68
N ALA F 36 30.38 -9.87 6.58
CA ALA F 36 29.98 -10.93 7.50
C ALA F 36 31.18 -11.75 7.95
N PRO F 37 31.06 -12.46 9.08
CA PRO F 37 32.08 -13.39 9.54
C PRO F 37 32.28 -14.55 8.57
N LYS F 38 33.41 -15.25 8.70
CA LYS F 38 33.67 -16.51 8.03
C LYS F 38 32.75 -17.64 8.50
N ASP F 39 31.98 -17.37 9.54
CA ASP F 39 30.95 -18.25 10.09
C ASP F 39 29.81 -18.49 9.11
N VAL F 40 29.63 -17.58 8.15
CA VAL F 40 28.53 -17.63 7.19
C VAL F 40 29.04 -17.53 5.76
N ALA F 41 28.19 -17.92 4.80
CA ALA F 41 28.44 -17.71 3.39
C ALA F 41 27.84 -16.40 2.90
N VAL F 42 28.28 -15.93 1.73
CA VAL F 42 27.74 -14.73 1.10
C VAL F 42 27.96 -14.79 -0.42
N HIS F 43 26.87 -14.74 -1.19
CA HIS F 43 26.91 -14.76 -2.65
C HIS F 43 25.67 -14.06 -3.22
N ARG F 44 25.62 -13.88 -4.54
CA ARG F 44 24.39 -13.47 -5.20
C ARG F 44 23.46 -14.67 -5.32
N GLU F 45 22.15 -14.44 -5.51
CA GLU F 45 21.16 -15.51 -5.43
C GLU F 45 21.33 -16.53 -6.54
N GLU F 46 22.00 -16.17 -7.64
CA GLU F 46 22.39 -17.10 -8.70
C GLU F 46 23.25 -18.24 -8.15
N ILE F 47 24.21 -17.90 -7.29
CA ILE F 47 25.20 -18.84 -6.78
C ILE F 47 24.63 -19.56 -5.55
N TYR F 48 23.77 -18.88 -4.79
CA TYR F 48 23.10 -19.44 -3.64
C TYR F 48 22.36 -20.74 -3.95
N GLN F 49 21.80 -20.84 -5.16
CA GLN F 49 21.06 -22.01 -5.61
C GLN F 49 21.94 -23.24 -5.76
N ARG F 50 23.26 -23.05 -5.92
CA ARG F 50 24.23 -24.14 -5.95
C ARG F 50 24.66 -24.52 -4.53
N ILE F 51 24.55 -23.59 -3.58
CA ILE F 51 24.75 -23.86 -2.16
C ILE F 51 23.65 -24.78 -1.65
N GLN F 52 22.40 -24.37 -1.87
CA GLN F 52 21.23 -25.00 -1.29
C GLN F 52 20.85 -26.29 -2.01
N ALA F 53 21.66 -26.69 -3.00
CA ALA F 53 21.57 -27.99 -3.66
C ALA F 53 21.92 -29.16 -2.75
N GLY F 54 22.50 -28.90 -1.57
CA GLY F 54 22.68 -29.90 -0.53
C GLY F 54 24.01 -29.80 0.20
N LEU F 55 24.55 -28.58 0.34
CA LEU F 55 25.90 -28.35 0.82
C LEU F 55 26.05 -26.94 1.39
N THR F 56 27.27 -26.55 1.76
CA THR F 56 27.58 -25.18 2.13
C THR F 56 28.75 -24.60 1.34
N ALA F 57 29.74 -25.44 1.03
CA ALA F 57 31.01 -25.01 0.46
C ALA F 57 31.68 -26.06 -0.41
N PRO F 58 31.51 -27.37 -0.20
CA PRO F 58 32.22 -28.37 -0.98
C PRO F 58 31.73 -28.49 -2.42
N ASP F 59 32.41 -29.36 -3.17
CA ASP F 59 32.14 -29.62 -4.57
C ASP F 59 30.85 -30.42 -4.80
N MET A 1 -24.59 -16.03 19.83
CA MET A 1 -23.44 -16.08 18.91
C MET A 1 -22.15 -16.04 19.70
N LEU A 2 -21.18 -16.90 19.40
CA LEU A 2 -19.95 -17.06 20.15
C LEU A 2 -18.82 -16.31 19.47
N ILE A 3 -18.26 -15.28 20.12
CA ILE A 3 -17.20 -14.45 19.57
C ILE A 3 -15.85 -14.88 20.16
N LEU A 4 -14.84 -15.02 19.30
CA LEU A 4 -13.48 -15.36 19.68
C LEU A 4 -12.49 -14.46 18.95
N THR A 5 -11.27 -14.35 19.49
CA THR A 5 -10.26 -13.44 18.99
C THR A 5 -8.95 -14.19 18.74
N ARG A 6 -8.45 -14.20 17.50
CA ARG A 6 -7.34 -15.06 17.10
C ARG A 6 -6.27 -14.28 16.35
N LYS A 7 -4.99 -14.52 16.62
CA LYS A 7 -3.93 -13.98 15.76
C LYS A 7 -3.69 -14.91 14.58
N VAL A 8 -3.08 -14.36 13.53
CA VAL A 8 -2.57 -15.13 12.40
C VAL A 8 -1.89 -16.41 12.88
N GLY A 9 -2.28 -17.55 12.31
CA GLY A 9 -1.68 -18.85 12.57
C GLY A 9 -2.42 -19.70 13.61
N GLU A 10 -3.48 -19.16 14.24
CA GLU A 10 -4.27 -19.89 15.22
C GLU A 10 -5.52 -20.51 14.60
N SER A 11 -6.19 -21.41 15.32
CA SER A 11 -7.26 -22.23 14.77
C SER A 11 -8.48 -22.36 15.67
N ILE A 12 -9.66 -22.47 15.06
CA ILE A 12 -10.92 -22.80 15.71
C ILE A 12 -11.39 -24.18 15.26
N ASN A 13 -12.19 -24.87 16.08
CA ASN A 13 -12.77 -26.16 15.79
C ASN A 13 -14.29 -26.12 15.95
N ILE A 14 -15.01 -26.66 14.96
CA ILE A 14 -16.45 -26.66 14.89
C ILE A 14 -16.96 -28.11 14.81
N GLY A 15 -17.87 -28.48 15.72
CA GLY A 15 -18.45 -29.80 15.76
C GLY A 15 -17.39 -30.85 16.12
N ASP A 16 -17.28 -31.88 15.29
CA ASP A 16 -16.32 -32.97 15.47
C ASP A 16 -15.49 -33.22 14.23
N ASP A 17 -15.72 -32.45 13.15
CA ASP A 17 -15.17 -32.74 11.84
C ASP A 17 -14.55 -31.52 11.15
N ILE A 18 -14.87 -30.31 11.57
CA ILE A 18 -14.46 -29.09 10.90
C ILE A 18 -13.44 -28.33 11.73
N THR A 19 -12.35 -27.89 11.08
CA THR A 19 -11.34 -27.05 11.68
C THR A 19 -11.11 -25.82 10.80
N ILE A 20 -10.84 -24.66 11.40
CA ILE A 20 -10.68 -23.39 10.73
C ILE A 20 -9.34 -22.79 11.14
N THR A 21 -8.60 -22.18 10.21
CA THR A 21 -7.32 -21.56 10.50
C THR A 21 -7.22 -20.20 9.82
N ILE A 22 -6.79 -19.18 10.56
CA ILE A 22 -6.46 -17.89 9.97
C ILE A 22 -5.06 -17.98 9.39
N LEU A 23 -4.95 -18.26 8.09
CA LEU A 23 -3.67 -18.48 7.43
C LEU A 23 -2.87 -17.18 7.40
N GLY A 24 -3.55 -16.04 7.32
CA GLY A 24 -2.94 -14.73 7.51
C GLY A 24 -3.87 -13.58 7.14
N VAL A 25 -3.35 -12.35 7.09
CA VAL A 25 -4.14 -11.16 6.80
C VAL A 25 -3.47 -10.28 5.75
N SER A 26 -4.27 -9.42 5.13
CA SER A 26 -3.83 -8.43 4.15
C SER A 26 -4.55 -7.11 4.40
N GLY A 27 -4.17 -6.42 5.48
CA GLY A 27 -4.79 -5.17 5.87
C GLY A 27 -6.22 -5.37 6.38
N GLN A 28 -7.20 -4.78 5.70
CA GLN A 28 -8.62 -4.94 6.01
C GLN A 28 -9.18 -6.26 5.47
N GLN A 29 -8.35 -7.03 4.77
CA GLN A 29 -8.68 -8.38 4.37
C GLN A 29 -8.05 -9.42 5.30
N VAL A 30 -8.68 -10.59 5.35
CA VAL A 30 -8.44 -11.66 6.31
C VAL A 30 -8.54 -12.99 5.58
N ARG A 31 -7.45 -13.76 5.53
CA ARG A 31 -7.37 -14.95 4.70
C ARG A 31 -7.49 -16.21 5.54
N ILE A 32 -8.68 -16.80 5.50
CA ILE A 32 -9.09 -17.91 6.35
C ILE A 32 -9.16 -19.19 5.52
N GLY A 33 -8.61 -20.28 6.05
CA GLY A 33 -8.77 -21.62 5.51
C GLY A 33 -9.75 -22.43 6.35
N ILE A 34 -10.62 -23.18 5.66
CA ILE A 34 -11.57 -24.10 6.25
C ILE A 34 -11.13 -25.53 5.91
N ASN A 35 -11.12 -26.40 6.91
CA ASN A 35 -10.80 -27.81 6.77
C ASN A 35 -11.99 -28.65 7.19
N ALA A 36 -12.99 -28.68 6.31
CA ALA A 36 -14.21 -29.46 6.43
C ALA A 36 -14.23 -30.58 5.40
N PRO A 37 -14.94 -31.69 5.66
CA PRO A 37 -15.08 -32.77 4.70
C PRO A 37 -16.00 -32.35 3.56
N LYS A 38 -15.82 -32.95 2.39
CA LYS A 38 -16.61 -32.64 1.20
C LYS A 38 -18.08 -33.04 1.35
N ASP A 39 -18.40 -33.75 2.44
CA ASP A 39 -19.77 -34.05 2.83
C ASP A 39 -20.55 -32.81 3.25
N VAL A 40 -19.85 -31.76 3.72
CA VAL A 40 -20.46 -30.49 4.07
C VAL A 40 -19.94 -29.35 3.19
N ALA A 41 -20.85 -28.42 2.87
CA ALA A 41 -20.59 -27.28 2.01
C ALA A 41 -19.79 -26.21 2.73
N VAL A 42 -18.87 -25.55 2.02
CA VAL A 42 -18.17 -24.35 2.51
C VAL A 42 -18.28 -23.25 1.46
N HIS A 43 -18.86 -22.10 1.84
CA HIS A 43 -19.05 -20.98 0.95
C HIS A 43 -19.00 -19.65 1.72
N ARG A 44 -18.95 -18.53 1.00
CA ARG A 44 -19.14 -17.22 1.60
C ARG A 44 -20.51 -16.64 1.28
N GLU A 45 -20.94 -15.61 2.01
CA GLU A 45 -22.29 -15.07 1.88
C GLU A 45 -22.55 -14.42 0.53
N GLU A 46 -21.48 -13.97 -0.15
CA GLU A 46 -21.55 -13.49 -1.53
C GLU A 46 -22.03 -14.58 -2.50
N ILE A 47 -21.85 -15.84 -2.13
CA ILE A 47 -22.03 -16.99 -3.01
C ILE A 47 -23.12 -17.92 -2.46
N TYR A 48 -23.31 -17.97 -1.14
CA TYR A 48 -24.30 -18.84 -0.53
C TYR A 48 -25.69 -18.46 -0.98
N GLN A 49 -25.91 -17.16 -1.21
CA GLN A 49 -27.17 -16.61 -1.67
C GLN A 49 -27.39 -16.91 -3.16
N ARG A 50 -26.34 -17.29 -3.89
CA ARG A 50 -26.43 -17.80 -5.25
C ARG A 50 -26.86 -19.26 -5.24
N ILE A 51 -26.36 -20.06 -4.29
CA ILE A 51 -26.77 -21.44 -4.11
C ILE A 51 -28.26 -21.49 -3.78
N GLN A 52 -28.67 -20.69 -2.80
CA GLN A 52 -30.03 -20.67 -2.30
C GLN A 52 -30.96 -19.80 -3.12
N ALA A 53 -30.47 -19.24 -4.24
CA ALA A 53 -31.33 -18.59 -5.21
C ALA A 53 -32.30 -19.57 -5.85
N GLY A 54 -31.98 -20.87 -5.80
CA GLY A 54 -32.87 -21.95 -6.21
C GLY A 54 -32.16 -23.00 -7.05
N LEU A 55 -30.88 -22.81 -7.38
CA LEU A 55 -30.20 -23.69 -8.31
C LEU A 55 -29.59 -24.88 -7.58
N THR A 56 -30.39 -25.96 -7.51
CA THR A 56 -30.02 -27.23 -6.92
C THR A 56 -30.96 -28.32 -7.41
N ALA A 57 -32.22 -27.96 -7.67
CA ALA A 57 -33.23 -28.83 -8.23
C ALA A 57 -32.81 -29.44 -9.56
N PRO A 58 -33.32 -30.62 -9.91
CA PRO A 58 -33.02 -31.28 -11.17
C PRO A 58 -33.58 -30.53 -12.36
N ASP A 59 -32.99 -30.80 -13.53
CA ASP A 59 -33.43 -30.31 -14.82
C ASP A 59 -34.80 -30.89 -15.19
N MET B 1 -7.96 -28.17 2.47
CA MET B 1 -8.25 -26.78 2.85
C MET B 1 -9.00 -26.07 1.74
N LEU B 2 -10.10 -25.37 2.09
CA LEU B 2 -10.80 -24.45 1.21
C LEU B 2 -10.57 -23.04 1.75
N ILE B 3 -9.99 -22.16 0.95
CA ILE B 3 -9.44 -20.89 1.43
C ILE B 3 -10.17 -19.69 0.82
N LEU B 4 -10.42 -18.69 1.66
CA LEU B 4 -11.17 -17.50 1.32
C LEU B 4 -10.47 -16.25 1.84
N THR B 5 -10.22 -15.29 0.95
CA THR B 5 -9.78 -13.96 1.34
C THR B 5 -11.02 -13.12 1.61
N ARG B 6 -11.32 -12.93 2.90
CA ARG B 6 -12.49 -12.22 3.40
C ARG B 6 -12.10 -10.78 3.71
N LYS B 7 -13.08 -9.90 3.95
CA LYS B 7 -12.82 -8.58 4.51
C LYS B 7 -13.79 -8.28 5.64
N VAL B 8 -13.43 -7.29 6.47
CA VAL B 8 -14.17 -7.09 7.71
C VAL B 8 -15.63 -6.73 7.43
N GLY B 9 -16.53 -7.46 8.09
CA GLY B 9 -17.96 -7.31 7.91
C GLY B 9 -18.59 -8.27 6.90
N GLU B 10 -17.79 -9.08 6.20
CA GLU B 10 -18.32 -10.17 5.38
C GLU B 10 -18.53 -11.43 6.21
N SER B 11 -19.22 -12.42 5.63
CA SER B 11 -19.63 -13.62 6.34
C SER B 11 -19.36 -14.89 5.52
N ILE B 12 -19.26 -16.02 6.22
CA ILE B 12 -18.99 -17.34 5.68
C ILE B 12 -20.02 -18.34 6.21
N ASN B 13 -20.28 -19.41 5.45
CA ASN B 13 -21.32 -20.37 5.75
C ASN B 13 -20.78 -21.80 5.60
N ILE B 14 -21.10 -22.67 6.56
CA ILE B 14 -20.65 -24.06 6.56
C ILE B 14 -21.83 -24.98 6.84
N GLY B 15 -22.00 -26.00 5.99
CA GLY B 15 -23.16 -26.87 6.02
C GLY B 15 -24.45 -26.07 5.84
N ASP B 16 -25.44 -26.36 6.69
CA ASP B 16 -26.67 -25.58 6.77
C ASP B 16 -27.01 -25.16 8.20
N ASP B 17 -26.13 -25.43 9.17
CA ASP B 17 -26.33 -25.05 10.56
C ASP B 17 -25.36 -23.98 11.03
N ILE B 18 -24.24 -23.76 10.34
CA ILE B 18 -23.17 -22.91 10.83
C ILE B 18 -22.95 -21.70 9.92
N THR B 19 -22.80 -20.53 10.55
CA THR B 19 -22.37 -19.30 9.91
C THR B 19 -21.24 -18.68 10.72
N ILE B 20 -20.33 -17.98 10.03
CA ILE B 20 -19.16 -17.33 10.57
C ILE B 20 -19.15 -15.88 10.09
N THR B 21 -18.69 -14.95 10.94
CA THR B 21 -18.63 -13.54 10.59
C THR B 21 -17.28 -12.96 11.01
N ILE B 22 -16.58 -12.27 10.11
CA ILE B 22 -15.35 -11.57 10.46
C ILE B 22 -15.72 -10.18 10.97
N LEU B 23 -15.84 -10.04 12.29
CA LEU B 23 -16.31 -8.81 12.90
C LEU B 23 -15.30 -7.68 12.72
N GLY B 24 -14.01 -8.02 12.68
CA GLY B 24 -12.97 -7.07 12.32
C GLY B 24 -11.59 -7.51 12.78
N VAL B 25 -10.58 -6.69 12.50
CA VAL B 25 -9.21 -6.95 12.92
C VAL B 25 -8.78 -5.96 14.02
N SER B 26 -7.86 -6.42 14.86
CA SER B 26 -7.26 -5.66 15.94
C SER B 26 -5.75 -5.81 15.82
N GLY B 27 -5.18 -5.16 14.81
CA GLY B 27 -3.79 -5.36 14.44
C GLY B 27 -3.63 -6.65 13.65
N GLN B 28 -2.83 -7.59 14.16
CA GLN B 28 -2.70 -8.92 13.56
C GLN B 28 -3.52 -9.96 14.32
N GLN B 29 -4.39 -9.46 15.21
CA GLN B 29 -5.42 -10.23 15.88
C GLN B 29 -6.75 -10.00 15.15
N VAL B 30 -7.65 -10.97 15.25
CA VAL B 30 -8.83 -11.03 14.41
C VAL B 30 -10.04 -11.43 15.25
N ARG B 31 -11.05 -10.56 15.31
CA ARG B 31 -12.30 -10.77 16.04
C ARG B 31 -13.32 -11.46 15.13
N ILE B 32 -13.77 -12.65 15.54
CA ILE B 32 -14.57 -13.53 14.73
C ILE B 32 -15.83 -13.96 15.50
N GLY B 33 -16.99 -13.83 14.88
CA GLY B 33 -18.24 -14.35 15.41
C GLY B 33 -18.57 -15.72 14.82
N ILE B 34 -19.11 -16.61 15.65
CA ILE B 34 -19.51 -17.95 15.26
C ILE B 34 -20.97 -18.17 15.64
N ASN B 35 -21.72 -18.65 14.66
CA ASN B 35 -23.17 -18.72 14.71
C ASN B 35 -23.64 -20.12 14.33
N ALA B 36 -23.50 -21.01 15.32
CA ALA B 36 -23.94 -22.39 15.24
C ALA B 36 -24.85 -22.71 16.42
N PRO B 37 -25.69 -23.74 16.31
CA PRO B 37 -26.42 -24.25 17.45
C PRO B 37 -25.46 -24.82 18.50
N LYS B 38 -25.91 -24.86 19.76
CA LYS B 38 -25.24 -25.55 20.85
C LYS B 38 -25.27 -27.06 20.70
N ASP B 39 -25.92 -27.50 19.61
CA ASP B 39 -25.89 -28.87 19.13
C ASP B 39 -24.49 -29.26 18.67
N VAL B 40 -23.67 -28.27 18.33
CA VAL B 40 -22.26 -28.43 18.00
C VAL B 40 -21.41 -27.74 19.04
N ALA B 41 -20.25 -28.33 19.36
CA ALA B 41 -19.26 -27.67 20.20
C ALA B 41 -18.34 -26.80 19.36
N VAL B 42 -17.97 -25.66 19.93
CA VAL B 42 -17.34 -24.57 19.20
C VAL B 42 -16.27 -23.91 20.08
N HIS B 43 -15.01 -24.31 19.91
CA HIS B 43 -13.88 -23.76 20.64
C HIS B 43 -12.61 -23.72 19.80
N ARG B 44 -11.64 -22.91 20.22
CA ARG B 44 -10.29 -22.93 19.69
C ARG B 44 -9.58 -24.24 19.99
N GLU B 45 -8.57 -24.60 19.20
CA GLU B 45 -7.89 -25.88 19.29
C GLU B 45 -7.33 -26.14 20.70
N GLU B 46 -6.74 -25.14 21.35
CA GLU B 46 -6.20 -25.27 22.69
C GLU B 46 -7.26 -25.48 23.76
N ILE B 47 -8.54 -25.42 23.39
CA ILE B 47 -9.65 -25.79 24.24
C ILE B 47 -10.20 -27.14 23.82
N TYR B 48 -10.48 -27.27 22.51
CA TYR B 48 -11.03 -28.46 21.90
C TYR B 48 -10.26 -29.72 22.29
N GLN B 49 -8.95 -29.61 22.40
CA GLN B 49 -8.08 -30.76 22.67
C GLN B 49 -8.25 -31.32 24.09
N ARG B 50 -8.75 -30.53 25.05
CA ARG B 50 -9.14 -31.05 26.35
C ARG B 50 -10.49 -31.74 26.26
N ILE B 51 -11.42 -31.15 25.51
CA ILE B 51 -12.80 -31.61 25.42
C ILE B 51 -12.82 -32.98 24.77
N GLN B 52 -11.97 -33.17 23.77
CA GLN B 52 -11.78 -34.47 23.13
C GLN B 52 -10.87 -35.40 23.93
N ALA B 53 -10.43 -34.98 25.12
CA ALA B 53 -9.74 -35.84 26.06
C ALA B 53 -10.73 -36.67 26.90
N GLY B 54 -11.99 -36.24 26.99
CA GLY B 54 -13.07 -37.04 27.54
C GLY B 54 -14.02 -36.28 28.46
N LEU B 55 -14.49 -35.10 28.04
CA LEU B 55 -15.19 -34.17 28.90
C LEU B 55 -15.85 -33.03 28.13
N THR B 56 -16.46 -32.10 28.87
CA THR B 56 -16.93 -30.81 28.38
C THR B 56 -16.36 -29.70 29.25
N ALA B 57 -16.74 -28.45 28.98
CA ALA B 57 -16.31 -27.27 29.73
C ALA B 57 -16.30 -27.55 31.24
N PRO B 58 -15.16 -27.41 31.92
CA PRO B 58 -15.03 -27.85 33.29
C PRO B 58 -15.89 -27.09 34.30
N ASP B 59 -15.90 -27.62 35.52
CA ASP B 59 -16.71 -27.12 36.62
C ASP B 59 -16.16 -25.84 37.23
N MET C 1 -16.76 32.02 -7.94
CA MET C 1 -15.88 30.84 -7.91
C MET C 1 -16.56 29.74 -8.70
N LEU C 2 -16.01 29.33 -9.84
CA LEU C 2 -16.48 28.19 -10.61
C LEU C 2 -15.52 27.03 -10.42
N ILE C 3 -15.96 25.98 -9.73
CA ILE C 3 -15.17 24.76 -9.53
C ILE C 3 -15.35 23.84 -10.73
N LEU C 4 -14.24 23.32 -11.25
CA LEU C 4 -14.22 22.26 -12.24
C LEU C 4 -13.36 21.10 -11.76
N THR C 5 -13.81 19.88 -12.02
CA THR C 5 -13.05 18.67 -11.74
C THR C 5 -12.55 18.04 -13.04
N ARG C 6 -11.27 17.67 -13.05
CA ARG C 6 -10.61 17.13 -14.24
C ARG C 6 -9.56 16.09 -13.86
N LYS C 7 -9.43 15.05 -14.69
CA LYS C 7 -8.47 13.97 -14.49
C LYS C 7 -7.11 14.38 -15.03
N VAL C 8 -6.04 13.67 -14.68
CA VAL C 8 -4.71 13.98 -15.21
C VAL C 8 -4.66 13.89 -16.73
N GLY C 9 -3.91 14.80 -17.36
CA GLY C 9 -3.81 14.94 -18.81
C GLY C 9 -4.95 15.73 -19.45
N GLU C 10 -5.96 16.18 -18.69
CA GLU C 10 -7.10 16.92 -19.22
C GLU C 10 -6.81 18.41 -19.38
N SER C 11 -7.82 19.18 -19.82
CA SER C 11 -7.66 20.56 -20.27
C SER C 11 -8.82 21.45 -19.82
N ILE C 12 -8.52 22.73 -19.55
CA ILE C 12 -9.45 23.73 -19.02
C ILE C 12 -9.19 25.05 -19.73
N ASN C 13 -10.23 25.86 -19.96
CA ASN C 13 -10.14 27.11 -20.70
C ASN C 13 -10.62 28.29 -19.86
N ILE C 14 -9.95 29.43 -20.02
CA ILE C 14 -10.28 30.69 -19.36
C ILE C 14 -10.22 31.83 -20.38
N GLY C 15 -11.19 32.75 -20.33
CA GLY C 15 -11.38 33.76 -21.34
C GLY C 15 -11.52 33.14 -22.73
N ASP C 16 -10.79 33.69 -23.70
CA ASP C 16 -10.62 33.09 -25.01
C ASP C 16 -9.14 33.03 -25.41
N ASP C 17 -8.25 33.31 -24.45
CA ASP C 17 -6.82 33.46 -24.68
C ASP C 17 -5.97 32.61 -23.73
N ILE C 18 -6.58 31.96 -22.74
CA ILE C 18 -5.88 31.21 -21.71
C ILE C 18 -6.36 29.77 -21.68
N THR C 19 -5.42 28.83 -21.61
CA THR C 19 -5.68 27.41 -21.44
C THR C 19 -4.83 26.86 -20.30
N ILE C 20 -5.43 26.03 -19.43
CA ILE C 20 -4.76 25.39 -18.32
C ILE C 20 -4.73 23.89 -18.56
N THR C 21 -3.59 23.25 -18.30
CA THR C 21 -3.39 21.82 -18.51
C THR C 21 -3.00 21.15 -17.21
N ILE C 22 -3.57 19.98 -16.90
CA ILE C 22 -3.09 19.16 -15.81
C ILE C 22 -2.13 18.12 -16.37
N LEU C 23 -0.87 18.16 -15.93
CA LEU C 23 0.14 17.26 -16.45
C LEU C 23 0.20 16.00 -15.60
N GLY C 24 0.04 16.15 -14.28
CA GLY C 24 -0.19 14.98 -13.42
C GLY C 24 -0.03 15.26 -11.94
N VAL C 25 -0.12 14.22 -11.12
CA VAL C 25 0.07 14.30 -9.68
C VAL C 25 1.19 13.39 -9.21
N SER C 26 1.91 13.83 -8.17
CA SER C 26 2.87 13.05 -7.42
C SER C 26 2.75 13.49 -5.97
N GLY C 27 2.24 12.62 -5.09
CA GLY C 27 1.90 13.07 -3.75
C GLY C 27 0.61 13.89 -3.73
N GLN C 28 0.61 14.92 -2.88
CA GLN C 28 -0.40 15.97 -2.87
C GLN C 28 -0.03 17.07 -3.86
N GLN C 29 1.06 16.85 -4.60
CA GLN C 29 1.63 17.79 -5.56
C GLN C 29 1.05 17.54 -6.95
N VAL C 30 0.77 18.64 -7.66
CA VAL C 30 0.04 18.63 -8.92
C VAL C 30 0.83 19.45 -9.91
N ARG C 31 1.39 18.84 -10.97
CA ARG C 31 2.03 19.58 -12.03
C ARG C 31 0.97 20.14 -12.97
N ILE C 32 0.82 21.47 -12.96
CA ILE C 32 -0.14 22.22 -13.75
C ILE C 32 0.62 23.08 -14.75
N GLY C 33 0.17 23.06 -16.02
CA GLY C 33 0.64 23.94 -17.07
C GLY C 33 -0.34 25.08 -17.33
N ILE C 34 0.18 26.26 -17.66
CA ILE C 34 -0.60 27.45 -17.93
C ILE C 34 -0.15 28.03 -19.28
N ASN C 35 -1.08 28.15 -20.22
CA ASN C 35 -0.81 28.67 -21.55
C ASN C 35 -1.57 29.96 -21.76
N ALA C 36 -0.86 31.09 -21.66
CA ALA C 36 -1.41 32.42 -21.87
C ALA C 36 -0.38 33.30 -22.58
N PRO C 37 -0.81 34.35 -23.30
CA PRO C 37 0.10 35.34 -23.87
C PRO C 37 0.87 36.07 -22.78
N LYS C 38 2.06 36.58 -23.13
CA LYS C 38 2.83 37.46 -22.27
C LYS C 38 2.14 38.80 -22.02
N ASP C 39 0.97 39.01 -22.64
CA ASP C 39 0.10 40.15 -22.34
C ASP C 39 -0.44 40.07 -20.91
N VAL C 40 -0.48 38.86 -20.33
CA VAL C 40 -0.88 38.63 -18.96
C VAL C 40 0.23 37.92 -18.18
N ALA C 41 0.33 38.24 -16.89
CA ALA C 41 1.25 37.55 -15.98
C ALA C 41 0.62 36.27 -15.43
N VAL C 42 1.44 35.28 -15.06
CA VAL C 42 0.99 34.10 -14.35
C VAL C 42 1.96 33.76 -13.22
N HIS C 43 1.45 33.51 -12.02
CA HIS C 43 2.27 33.21 -10.86
C HIS C 43 1.53 32.42 -9.78
N ARG C 44 2.28 31.84 -8.85
CA ARG C 44 1.74 31.31 -7.61
C ARG C 44 1.42 32.47 -6.67
N GLU C 45 0.52 32.24 -5.70
CA GLU C 45 -0.02 33.31 -4.86
C GLU C 45 1.06 34.05 -4.08
N GLU C 46 2.13 33.36 -3.69
CA GLU C 46 3.27 33.94 -3.01
C GLU C 46 3.90 35.07 -3.81
N ILE C 47 4.07 34.86 -5.12
CA ILE C 47 4.80 35.76 -5.99
C ILE C 47 3.88 36.79 -6.62
N TYR C 48 2.60 36.45 -6.82
CA TYR C 48 1.59 37.37 -7.31
C TYR C 48 1.54 38.67 -6.52
N GLN C 49 1.77 38.60 -5.21
CA GLN C 49 1.74 39.76 -4.33
C GLN C 49 2.78 40.80 -4.71
N ARG C 50 3.91 40.38 -5.28
CA ARG C 50 4.93 41.28 -5.79
C ARG C 50 4.45 42.01 -7.03
N ILE C 51 3.70 41.34 -7.92
CA ILE C 51 3.18 41.96 -9.13
C ILE C 51 2.12 43.01 -8.76
N GLN C 52 1.56 42.90 -7.56
CA GLN C 52 0.60 43.84 -7.01
C GLN C 52 1.24 44.88 -6.09
N ALA C 53 2.57 44.86 -5.92
CA ALA C 53 3.29 45.66 -4.95
C ALA C 53 3.38 47.14 -5.30
N GLY C 54 2.74 47.57 -6.40
CA GLY C 54 2.71 48.96 -6.83
C GLY C 54 3.31 49.17 -8.22
N LEU C 55 3.36 48.11 -9.03
CA LEU C 55 3.93 48.17 -10.37
C LEU C 55 2.99 48.90 -11.33
N THR C 56 3.57 49.63 -12.29
CA THR C 56 2.83 50.22 -13.39
C THR C 56 2.76 49.31 -14.61
N ALA C 57 3.50 48.20 -14.58
CA ALA C 57 3.46 47.15 -15.58
C ALA C 57 3.74 45.80 -14.94
N PRO C 58 2.93 44.77 -15.18
CA PRO C 58 3.15 43.44 -14.64
C PRO C 58 4.46 42.82 -15.11
N ASP C 59 4.76 42.96 -16.40
CA ASP C 59 5.88 42.32 -17.06
C ASP C 59 6.19 43.01 -18.40
N MET D 1 4.01 27.80 -22.80
CA MET D 1 3.38 27.35 -21.55
C MET D 1 4.30 27.61 -20.36
N LEU D 2 3.72 27.94 -19.21
CA LEU D 2 4.38 28.05 -17.92
C LEU D 2 3.89 26.95 -17.00
N ILE D 3 4.76 26.00 -16.67
CA ILE D 3 4.45 24.83 -15.84
C ILE D 3 5.01 25.04 -14.44
N LEU D 4 4.26 24.64 -13.42
CA LEU D 4 4.70 24.63 -12.03
C LEU D 4 3.93 23.60 -11.22
N THR D 5 4.53 23.12 -10.13
CA THR D 5 3.83 22.24 -9.20
C THR D 5 3.04 23.06 -8.19
N ARG D 6 1.90 22.51 -7.76
CA ARG D 6 1.08 23.08 -6.71
C ARG D 6 0.60 21.98 -5.77
N LYS D 7 0.70 22.20 -4.45
CA LYS D 7 0.07 21.31 -3.48
C LYS D 7 -1.39 21.68 -3.30
N VAL D 8 -2.19 20.71 -2.87
CA VAL D 8 -3.56 20.96 -2.44
C VAL D 8 -3.63 22.10 -1.43
N GLY D 9 -4.62 22.99 -1.61
CA GLY D 9 -4.90 24.09 -0.71
C GLY D 9 -4.12 25.37 -1.03
N GLU D 10 -3.18 25.34 -1.98
CA GLU D 10 -2.47 26.52 -2.42
C GLU D 10 -3.19 27.22 -3.57
N SER D 11 -2.69 28.39 -3.99
CA SER D 11 -3.34 29.23 -4.98
C SER D 11 -2.40 29.76 -6.04
N ILE D 12 -2.98 30.16 -7.17
CA ILE D 12 -2.32 30.63 -8.39
C ILE D 12 -3.10 31.83 -8.93
N ASN D 13 -2.45 32.66 -9.75
CA ASN D 13 -3.01 33.90 -10.26
C ASN D 13 -2.67 34.11 -11.73
N ILE D 14 -3.59 34.76 -12.46
CA ILE D 14 -3.45 35.08 -13.87
C ILE D 14 -3.92 36.51 -14.10
N GLY D 15 -3.13 37.28 -14.87
CA GLY D 15 -3.40 38.68 -15.12
C GLY D 15 -3.45 39.49 -13.83
N ASP D 16 -4.43 40.40 -13.73
CA ASP D 16 -4.68 41.18 -12.53
C ASP D 16 -6.09 40.94 -11.96
N ASP D 17 -6.88 40.06 -12.59
CA ASP D 17 -8.29 39.88 -12.27
C ASP D 17 -8.68 38.43 -12.03
N ILE D 18 -7.80 37.46 -12.31
CA ILE D 18 -8.13 36.05 -12.25
C ILE D 18 -7.31 35.35 -11.18
N THR D 19 -7.99 34.52 -10.37
CA THR D 19 -7.39 33.72 -9.33
C THR D 19 -7.81 32.26 -9.48
N ILE D 20 -6.91 31.34 -9.10
CA ILE D 20 -7.07 29.91 -9.19
C ILE D 20 -6.72 29.31 -7.83
N THR D 21 -7.43 28.27 -7.40
CA THR D 21 -7.13 27.56 -6.17
C THR D 21 -7.26 26.06 -6.40
N ILE D 22 -6.24 25.28 -6.02
CA ILE D 22 -6.28 23.84 -6.10
C ILE D 22 -6.97 23.31 -4.85
N LEU D 23 -8.29 23.09 -4.94
CA LEU D 23 -9.12 22.77 -3.79
C LEU D 23 -8.75 21.40 -3.23
N GLY D 24 -8.35 20.47 -4.11
CA GLY D 24 -7.76 19.21 -3.67
C GLY D 24 -7.56 18.22 -4.82
N VAL D 25 -7.05 17.03 -4.47
CA VAL D 25 -6.74 15.95 -5.39
C VAL D 25 -7.44 14.67 -4.91
N SER D 26 -8.19 14.03 -5.81
CA SER D 26 -9.09 12.93 -5.48
C SER D 26 -8.83 11.77 -6.45
N GLY D 27 -7.84 10.94 -6.12
CA GLY D 27 -7.33 9.92 -7.03
C GLY D 27 -6.56 10.54 -8.19
N GLN D 28 -7.10 10.40 -9.40
CA GLN D 28 -6.55 10.98 -10.60
C GLN D 28 -7.23 12.32 -10.90
N GLN D 29 -8.29 12.65 -10.16
CA GLN D 29 -8.92 13.95 -10.28
C GLN D 29 -8.11 15.05 -9.60
N VAL D 30 -8.27 16.25 -10.13
CA VAL D 30 -7.79 17.50 -9.56
C VAL D 30 -8.96 18.46 -9.53
N ARG D 31 -9.39 18.85 -8.31
CA ARG D 31 -10.54 19.68 -8.06
C ARG D 31 -10.09 21.13 -7.95
N ILE D 32 -10.46 21.96 -8.92
CA ILE D 32 -9.90 23.30 -9.08
C ILE D 32 -10.99 24.35 -9.03
N GLY D 33 -10.83 25.33 -8.12
CA GLY D 33 -11.65 26.53 -8.08
C GLY D 33 -11.06 27.61 -8.97
N ILE D 34 -11.92 28.28 -9.74
CA ILE D 34 -11.53 29.32 -10.68
C ILE D 34 -12.35 30.57 -10.38
N ASN D 35 -11.71 31.73 -10.39
CA ASN D 35 -12.30 32.98 -9.93
C ASN D 35 -11.94 34.10 -10.90
N ALA D 36 -12.86 34.36 -11.84
CA ALA D 36 -12.72 35.40 -12.84
C ALA D 36 -14.00 36.26 -12.85
N PRO D 37 -13.92 37.52 -13.28
CA PRO D 37 -15.10 38.33 -13.52
C PRO D 37 -15.99 37.69 -14.57
N LYS D 38 -17.31 37.91 -14.49
CA LYS D 38 -18.26 37.46 -15.49
C LYS D 38 -18.09 38.18 -16.82
N ASP D 39 -17.16 39.15 -16.87
CA ASP D 39 -16.70 39.79 -18.08
C ASP D 39 -15.95 38.81 -18.99
N VAL D 40 -15.42 37.73 -18.42
CA VAL D 40 -14.74 36.67 -19.15
C VAL D 40 -15.37 35.32 -18.85
N ALA D 41 -15.15 34.35 -19.74
CA ALA D 41 -15.72 33.02 -19.64
C ALA D 41 -14.75 32.02 -19.02
N VAL D 42 -15.26 30.93 -18.44
CA VAL D 42 -14.45 29.79 -18.03
C VAL D 42 -15.24 28.50 -18.17
N HIS D 43 -14.67 27.52 -18.88
CA HIS D 43 -15.24 26.17 -19.00
C HIS D 43 -14.12 25.15 -19.18
N ARG D 44 -14.44 23.87 -18.99
CA ARG D 44 -13.53 22.79 -19.37
C ARG D 44 -13.54 22.59 -20.88
N GLU D 45 -12.48 22.01 -21.44
CA GLU D 45 -12.26 21.95 -22.88
C GLU D 45 -13.41 21.28 -23.62
N GLU D 46 -14.02 20.25 -23.01
CA GLU D 46 -15.22 19.61 -23.53
C GLU D 46 -16.36 20.61 -23.73
N ILE D 47 -16.57 21.47 -22.74
CA ILE D 47 -17.65 22.43 -22.72
C ILE D 47 -17.31 23.63 -23.58
N TYR D 48 -16.06 24.09 -23.53
CA TYR D 48 -15.59 25.23 -24.29
C TYR D 48 -15.99 25.13 -25.77
N GLN D 49 -15.86 23.94 -26.35
CA GLN D 49 -16.18 23.67 -27.74
C GLN D 49 -17.63 23.98 -28.10
N ARG D 50 -18.54 24.03 -27.12
CA ARG D 50 -19.95 24.30 -27.30
C ARG D 50 -20.24 25.80 -27.37
N ILE D 51 -19.46 26.58 -26.63
CA ILE D 51 -19.41 28.03 -26.70
C ILE D 51 -18.70 28.42 -28.00
N GLN D 52 -17.96 27.48 -28.58
CA GLN D 52 -17.41 27.62 -29.92
C GLN D 52 -18.30 26.96 -30.98
N ALA D 53 -19.43 26.36 -30.58
CA ALA D 53 -20.35 25.65 -31.45
C ALA D 53 -21.62 26.46 -31.74
N GLY D 54 -22.26 26.97 -30.68
CA GLY D 54 -23.54 27.65 -30.76
C GLY D 54 -24.03 28.22 -29.43
N LEU D 55 -23.31 27.93 -28.35
CA LEU D 55 -23.40 28.55 -27.05
C LEU D 55 -24.65 28.16 -26.26
N THR D 56 -24.55 28.10 -24.93
CA THR D 56 -25.71 28.04 -24.07
C THR D 56 -25.60 28.90 -22.82
N ALA D 57 -24.39 29.30 -22.45
CA ALA D 57 -24.18 30.22 -21.34
C ALA D 57 -23.17 31.31 -21.71
N PRO D 58 -23.58 32.31 -22.49
CA PRO D 58 -22.79 33.51 -22.73
C PRO D 58 -22.45 34.24 -21.44
N ASP D 59 -23.46 34.44 -20.59
CA ASP D 59 -23.35 35.24 -19.38
C ASP D 59 -24.54 35.01 -18.45
N MET E 1 35.48 -7.89 3.60
CA MET E 1 34.11 -7.77 3.07
C MET E 1 34.01 -8.22 1.60
N LEU E 2 32.78 -8.54 1.20
CA LEU E 2 32.40 -8.89 -0.17
C LEU E 2 31.71 -7.70 -0.83
N ILE E 3 31.95 -7.49 -2.12
CA ILE E 3 31.39 -6.39 -2.88
C ILE E 3 30.71 -6.91 -4.14
N LEU E 4 29.57 -6.30 -4.50
CA LEU E 4 28.74 -6.65 -5.63
C LEU E 4 28.27 -5.40 -6.37
N THR E 5 27.77 -5.58 -7.59
CA THR E 5 27.06 -4.53 -8.32
C THR E 5 25.85 -5.13 -9.02
N ARG E 6 24.68 -5.02 -8.39
CA ARG E 6 23.43 -5.67 -8.80
C ARG E 6 22.41 -4.67 -9.31
N LYS E 7 21.64 -5.09 -10.31
CA LYS E 7 20.62 -4.24 -10.93
C LYS E 7 19.31 -4.28 -10.16
N VAL E 8 18.45 -3.28 -10.36
CA VAL E 8 17.15 -3.28 -9.71
C VAL E 8 16.32 -4.49 -10.11
N GLY E 9 15.61 -5.07 -9.14
CA GLY E 9 14.82 -6.28 -9.32
C GLY E 9 15.62 -7.57 -9.13
N GLU E 10 16.93 -7.49 -8.91
CA GLU E 10 17.76 -8.65 -8.62
C GLU E 10 17.80 -8.96 -7.12
N SER E 11 18.45 -10.07 -6.76
CA SER E 11 18.47 -10.58 -5.39
C SER E 11 19.84 -11.10 -4.99
N ILE E 12 20.06 -11.14 -3.67
CA ILE E 12 21.30 -11.52 -3.01
C ILE E 12 20.93 -12.33 -1.77
N ASN E 13 21.84 -13.16 -1.26
CA ASN E 13 21.55 -14.06 -0.15
C ASN E 13 22.66 -14.11 0.90
N ILE E 14 22.26 -14.41 2.14
CA ILE E 14 23.13 -14.50 3.29
C ILE E 14 22.74 -15.73 4.11
N GLY E 15 23.74 -16.47 4.60
CA GLY E 15 23.53 -17.70 5.35
C GLY E 15 22.77 -18.74 4.54
N ASP E 16 21.81 -19.40 5.17
CA ASP E 16 20.91 -20.35 4.53
C ASP E 16 19.44 -19.97 4.75
N ASP E 17 19.18 -18.78 5.29
CA ASP E 17 17.86 -18.38 5.76
C ASP E 17 17.51 -16.93 5.41
N ILE E 18 18.45 -16.13 4.88
CA ILE E 18 18.24 -14.72 4.65
C ILE E 18 18.35 -14.39 3.17
N THR E 19 17.42 -13.58 2.68
CA THR E 19 17.35 -13.11 1.31
C THR E 19 17.24 -11.59 1.27
N ILE E 20 17.89 -10.97 0.29
CA ILE E 20 17.85 -9.54 0.01
C ILE E 20 17.35 -9.34 -1.41
N THR E 21 16.48 -8.35 -1.62
CA THR E 21 16.01 -7.98 -2.94
C THR E 21 16.07 -6.45 -3.09
N ILE E 22 16.72 -5.97 -4.14
CA ILE E 22 16.70 -4.56 -4.49
C ILE E 22 15.38 -4.23 -5.17
N LEU E 23 14.50 -3.52 -4.47
CA LEU E 23 13.19 -3.15 -4.99
C LEU E 23 13.32 -2.05 -6.04
N GLY E 24 14.32 -1.18 -5.89
CA GLY E 24 14.70 -0.22 -6.92
C GLY E 24 15.35 1.03 -6.36
N VAL E 25 15.63 2.02 -7.22
CA VAL E 25 16.29 3.25 -6.84
C VAL E 25 15.37 4.46 -6.95
N SER E 26 15.73 5.55 -6.25
CA SER E 26 15.12 6.85 -6.36
C SER E 26 16.18 7.92 -6.13
N GLY E 27 16.84 8.37 -7.20
CA GLY E 27 17.98 9.26 -7.08
C GLY E 27 19.16 8.57 -6.40
N GLN E 28 19.50 9.00 -5.18
CA GLN E 28 20.52 8.33 -4.39
C GLN E 28 19.92 7.30 -3.43
N GLN E 29 18.61 7.41 -3.17
CA GLN E 29 17.92 6.46 -2.32
C GLN E 29 17.77 5.12 -3.02
N VAL E 30 17.82 4.05 -2.23
CA VAL E 30 17.77 2.68 -2.71
C VAL E 30 16.80 1.92 -1.82
N ARG E 31 15.67 1.48 -2.39
CA ARG E 31 14.64 0.75 -1.67
C ARG E 31 14.97 -0.73 -1.70
N ILE E 32 15.06 -1.35 -0.52
CA ILE E 32 15.59 -2.70 -0.35
C ILE E 32 14.66 -3.54 0.52
N GLY E 33 14.33 -4.74 0.05
CA GLY E 33 13.63 -5.75 0.81
C GLY E 33 14.61 -6.69 1.49
N ILE E 34 14.31 -7.06 2.74
CA ILE E 34 15.12 -7.97 3.55
C ILE E 34 14.21 -9.02 4.17
N ASN E 35 14.56 -10.29 3.99
CA ASN E 35 13.69 -11.40 4.34
C ASN E 35 14.46 -12.41 5.18
N ALA E 36 14.27 -12.32 6.50
CA ALA E 36 14.89 -13.19 7.49
C ALA E 36 13.86 -13.64 8.53
N PRO E 37 14.10 -14.79 9.17
CA PRO E 37 13.30 -15.25 10.30
C PRO E 37 13.39 -14.29 11.48
N LYS E 38 12.40 -14.32 12.36
CA LYS E 38 12.41 -13.58 13.62
C LYS E 38 13.39 -14.15 14.63
N ASP E 39 14.07 -15.24 14.26
CA ASP E 39 15.19 -15.80 14.98
C ASP E 39 16.40 -14.88 14.97
N VAL E 40 16.48 -13.98 13.99
CA VAL E 40 17.57 -13.03 13.83
C VAL E 40 17.06 -11.60 13.83
N ALA E 41 17.97 -10.65 14.08
CA ALA E 41 17.65 -9.24 14.07
C ALA E 41 17.96 -8.59 12.73
N VAL E 42 17.28 -7.47 12.42
CA VAL E 42 17.63 -6.62 11.30
C VAL E 42 17.13 -5.19 11.55
N HIS E 43 18.05 -4.22 11.46
CA HIS E 43 17.75 -2.81 11.62
C HIS E 43 18.72 -1.97 10.79
N ARG E 44 18.43 -0.67 10.61
CA ARG E 44 19.41 0.23 10.03
C ARG E 44 20.43 0.65 11.08
N GLU E 45 21.57 1.17 10.65
CA GLU E 45 22.73 1.40 11.51
C GLU E 45 22.43 2.36 12.66
N GLU E 46 21.39 3.19 12.52
CA GLU E 46 20.91 4.08 13.56
C GLU E 46 20.32 3.30 14.74
N ILE E 47 19.44 2.33 14.45
CA ILE E 47 18.75 1.55 15.45
C ILE E 47 19.70 0.52 16.06
N TYR E 48 20.63 0.01 15.26
CA TYR E 48 21.64 -0.94 15.71
C TYR E 48 22.40 -0.45 16.93
N GLN E 49 22.70 0.84 16.99
CA GLN E 49 23.48 1.43 18.07
C GLN E 49 22.76 1.40 19.42
N ARG E 50 21.43 1.30 19.43
CA ARG E 50 20.63 1.22 20.65
C ARG E 50 20.76 -0.14 21.32
N ILE E 51 21.14 -1.16 20.53
CA ILE E 51 21.11 -2.56 20.90
C ILE E 51 22.49 -2.98 21.40
N GLN E 52 23.54 -2.49 20.72
CA GLN E 52 24.93 -2.75 21.04
C GLN E 52 25.44 -1.82 22.15
N ALA E 53 24.56 -0.96 22.67
CA ALA E 53 24.83 -0.08 23.79
C ALA E 53 25.22 -0.81 25.08
N GLY E 54 25.02 -2.13 25.14
CA GLY E 54 25.44 -2.96 26.26
C GLY E 54 24.28 -3.80 26.80
N LEU E 55 23.50 -4.41 25.90
CA LEU E 55 22.32 -5.18 26.27
C LEU E 55 22.04 -6.32 25.28
N THR E 56 21.98 -6.00 23.99
CA THR E 56 21.53 -6.89 22.92
C THR E 56 20.30 -7.70 23.30
N ALA E 57 19.37 -7.07 24.03
CA ALA E 57 18.09 -7.64 24.40
C ALA E 57 17.11 -6.53 24.76
N PRO E 58 15.91 -6.49 24.16
CA PRO E 58 14.84 -5.61 24.58
C PRO E 58 14.49 -5.80 26.05
N ASP E 59 14.06 -4.73 26.71
CA ASP E 59 13.48 -4.75 28.05
C ASP E 59 14.45 -5.20 29.14
N MET F 1 9.53 -9.90 6.63
CA MET F 1 9.91 -9.14 5.43
C MET F 1 9.98 -7.66 5.74
N LEU F 2 11.20 -7.11 5.84
CA LEU F 2 11.40 -5.68 6.05
C LEU F 2 11.66 -4.97 4.73
N ILE F 3 11.25 -3.70 4.65
CA ILE F 3 11.59 -2.83 3.55
C ILE F 3 12.22 -1.56 4.10
N LEU F 4 13.42 -1.24 3.62
CA LEU F 4 14.23 -0.10 4.00
C LEU F 4 14.42 0.82 2.80
N THR F 5 14.68 2.10 3.05
CA THR F 5 15.12 3.01 2.00
C THR F 5 16.42 3.68 2.41
N ARG F 6 17.53 3.30 1.78
CA ARG F 6 18.88 3.66 2.17
C ARG F 6 19.57 4.40 1.03
N LYS F 7 20.12 5.59 1.26
CA LYS F 7 20.88 6.27 0.22
C LYS F 7 22.37 5.97 0.29
N VAL F 8 23.07 6.32 -0.80
CA VAL F 8 24.44 5.90 -0.99
C VAL F 8 25.36 6.34 0.15
N GLY F 9 26.20 5.41 0.62
CA GLY F 9 27.16 5.65 1.68
C GLY F 9 26.64 5.30 3.08
N GLU F 10 25.37 4.91 3.21
CA GLU F 10 24.76 4.56 4.48
C GLU F 10 24.75 3.05 4.71
N SER F 11 24.37 2.61 5.91
CA SER F 11 24.54 1.24 6.34
C SER F 11 23.30 0.63 6.99
N ILE F 12 23.23 -0.71 6.97
CA ILE F 12 22.18 -1.53 7.57
C ILE F 12 22.86 -2.72 8.26
N ASN F 13 22.20 -3.33 9.25
CA ASN F 13 22.76 -4.43 10.03
C ASN F 13 21.80 -5.60 10.15
N ILE F 14 22.37 -6.81 10.25
CA ILE F 14 21.63 -8.06 10.38
C ILE F 14 22.30 -8.92 11.44
N GLY F 15 21.49 -9.62 12.25
CA GLY F 15 21.98 -10.37 13.39
C GLY F 15 22.73 -9.49 14.38
N ASP F 16 23.84 -10.00 14.92
CA ASP F 16 24.75 -9.26 15.76
C ASP F 16 26.17 -9.25 15.21
N ASP F 17 26.37 -9.71 13.97
CA ASP F 17 27.67 -9.79 13.33
C ASP F 17 27.70 -9.25 11.91
N ILE F 18 26.57 -9.18 11.21
CA ILE F 18 26.53 -8.86 9.79
C ILE F 18 26.26 -7.37 9.57
N THR F 19 26.98 -6.78 8.62
CA THR F 19 26.79 -5.40 8.19
C THR F 19 26.59 -5.36 6.67
N ILE F 20 25.70 -4.47 6.23
CA ILE F 20 25.40 -4.20 4.83
C ILE F 20 25.64 -2.71 4.57
N THR F 21 26.25 -2.40 3.42
CA THR F 21 26.57 -1.04 3.05
C THR F 21 26.18 -0.80 1.59
N ILE F 22 25.41 0.27 1.32
CA ILE F 22 25.16 0.71 -0.04
C ILE F 22 26.32 1.59 -0.47
N LEU F 23 27.16 1.08 -1.38
CA LEU F 23 28.41 1.73 -1.77
C LEU F 23 28.14 2.84 -2.79
N GLY F 24 27.08 2.69 -3.60
CA GLY F 24 26.64 3.72 -4.51
C GLY F 24 25.78 3.17 -5.66
N VAL F 25 25.46 4.02 -6.64
CA VAL F 25 24.68 3.63 -7.80
C VAL F 25 25.44 3.95 -9.09
N SER F 26 25.18 3.14 -10.13
CA SER F 26 25.62 3.39 -11.50
C SER F 26 24.48 3.02 -12.44
N GLY F 27 23.62 4.00 -12.75
CA GLY F 27 22.39 3.76 -13.49
C GLY F 27 21.44 2.84 -12.73
N GLN F 28 21.00 1.75 -13.38
CA GLN F 28 20.18 0.73 -12.74
C GLN F 28 20.98 -0.20 -11.86
N GLN F 29 22.31 -0.26 -12.05
CA GLN F 29 23.19 -1.06 -11.20
C GLN F 29 23.43 -0.33 -9.88
N VAL F 30 23.52 -1.11 -8.80
CA VAL F 30 23.65 -0.63 -7.44
C VAL F 30 24.79 -1.38 -6.80
N ARG F 31 25.81 -0.66 -6.34
CA ARG F 31 27.03 -1.22 -5.80
C ARG F 31 26.87 -1.41 -4.30
N ILE F 32 27.07 -2.65 -3.83
CA ILE F 32 26.72 -3.06 -2.47
C ILE F 32 27.88 -3.82 -1.83
N GLY F 33 28.12 -3.56 -0.55
CA GLY F 33 29.08 -4.29 0.27
C GLY F 33 28.39 -5.09 1.36
N ILE F 34 28.88 -6.31 1.62
CA ILE F 34 28.39 -7.17 2.69
C ILE F 34 29.57 -7.66 3.52
N ASN F 35 29.40 -7.62 4.84
CA ASN F 35 30.41 -8.05 5.79
C ASN F 35 29.78 -9.02 6.79
N ALA F 36 30.08 -10.31 6.61
CA ALA F 36 29.58 -11.37 7.47
C ALA F 36 30.71 -12.21 8.05
N PRO F 37 30.46 -12.92 9.15
CA PRO F 37 31.41 -13.86 9.72
C PRO F 37 31.66 -15.05 8.79
N LYS F 38 32.77 -15.75 9.03
CA LYS F 38 33.12 -16.99 8.34
C LYS F 38 32.11 -18.10 8.60
N ASP F 39 31.30 -17.93 9.66
CA ASP F 39 30.28 -18.87 10.08
C ASP F 39 29.11 -18.97 9.09
N VAL F 40 28.95 -17.98 8.20
CA VAL F 40 27.85 -17.93 7.25
C VAL F 40 28.35 -17.71 5.84
N ALA F 41 27.50 -18.01 4.85
CA ALA F 41 27.79 -17.76 3.45
C ALA F 41 27.17 -16.43 2.99
N VAL F 42 27.64 -15.92 1.84
CA VAL F 42 27.02 -14.79 1.16
C VAL F 42 27.35 -14.83 -0.33
N HIS F 43 26.31 -14.81 -1.17
CA HIS F 43 26.43 -14.82 -2.62
C HIS F 43 25.25 -14.12 -3.28
N ARG F 44 25.24 -14.03 -4.61
CA ARG F 44 24.07 -13.59 -5.36
C ARG F 44 23.01 -14.69 -5.32
N GLU F 45 21.76 -14.34 -5.60
CA GLU F 45 20.67 -15.31 -5.66
C GLU F 45 20.89 -16.36 -6.75
N GLU F 46 21.64 -15.99 -7.80
CA GLU F 46 22.04 -16.91 -8.85
C GLU F 46 22.89 -18.05 -8.31
N ILE F 47 23.85 -17.72 -7.43
CA ILE F 47 24.82 -18.67 -6.92
C ILE F 47 24.23 -19.42 -5.73
N TYR F 48 23.35 -18.76 -4.98
CA TYR F 48 22.64 -19.32 -3.84
C TYR F 48 21.93 -20.63 -4.18
N GLN F 49 21.40 -20.74 -5.41
CA GLN F 49 20.69 -21.93 -5.86
C GLN F 49 21.59 -23.15 -5.96
N ARG F 50 22.90 -22.95 -6.12
CA ARG F 50 23.87 -24.04 -6.15
C ARG F 50 24.28 -24.44 -4.73
N ILE F 51 24.12 -23.53 -3.76
CA ILE F 51 24.25 -23.82 -2.35
C ILE F 51 23.11 -24.72 -1.91
N GLN F 52 21.87 -24.25 -2.14
CA GLN F 52 20.67 -24.86 -1.61
C GLN F 52 20.25 -26.11 -2.39
N ALA F 53 21.06 -26.50 -3.38
CA ALA F 53 20.93 -27.76 -4.09
C ALA F 53 21.07 -28.96 -3.16
N GLY F 54 21.76 -28.82 -2.02
CA GLY F 54 21.78 -29.82 -0.97
C GLY F 54 23.02 -29.79 -0.10
N LEU F 55 23.61 -28.60 0.10
CA LEU F 55 24.93 -28.46 0.71
C LEU F 55 25.12 -27.05 1.28
N THR F 56 26.35 -26.76 1.74
CA THR F 56 26.78 -25.43 2.10
C THR F 56 28.23 -25.22 1.64
N ALA F 57 28.55 -24.03 1.16
CA ALA F 57 29.87 -23.63 0.72
C ALA F 57 30.50 -24.61 -0.28
N PRO F 58 30.13 -24.52 -1.57
CA PRO F 58 30.72 -25.31 -2.64
C PRO F 58 32.25 -25.30 -2.65
N ASP F 59 32.85 -24.13 -2.43
CA ASP F 59 34.27 -23.90 -2.64
C ASP F 59 34.70 -22.66 -1.86
N MET A 1 -24.79 -16.09 19.48
CA MET A 1 -23.61 -16.13 18.61
C MET A 1 -22.35 -16.11 19.47
N LEU A 2 -21.38 -17.00 19.21
CA LEU A 2 -20.16 -17.13 20.00
C LEU A 2 -19.03 -16.33 19.35
N ILE A 3 -18.55 -15.27 20.00
CA ILE A 3 -17.47 -14.44 19.51
C ILE A 3 -16.16 -14.88 20.16
N LEU A 4 -15.11 -15.00 19.35
CA LEU A 4 -13.76 -15.31 19.80
C LEU A 4 -12.77 -14.34 19.17
N THR A 5 -11.58 -14.25 19.74
CA THR A 5 -10.51 -13.37 19.28
C THR A 5 -9.28 -14.22 18.99
N ARG A 6 -8.82 -14.24 17.74
CA ARG A 6 -7.83 -15.18 17.26
C ARG A 6 -6.66 -14.48 16.60
N LYS A 7 -5.43 -14.86 16.94
CA LYS A 7 -4.24 -14.25 16.35
C LYS A 7 -3.71 -15.10 15.20
N VAL A 8 -3.02 -14.46 14.26
CA VAL A 8 -2.42 -15.13 13.12
C VAL A 8 -1.72 -16.40 13.54
N GLY A 9 -2.08 -17.53 12.92
CA GLY A 9 -1.49 -18.83 13.17
C GLY A 9 -2.28 -19.71 14.13
N GLU A 10 -3.21 -19.14 14.90
CA GLU A 10 -4.06 -19.92 15.80
C GLU A 10 -5.29 -20.49 15.09
N SER A 11 -6.05 -21.35 15.77
CA SER A 11 -7.12 -22.12 15.16
C SER A 11 -8.36 -22.28 16.06
N ILE A 12 -9.49 -22.60 15.45
CA ILE A 12 -10.78 -22.85 16.07
C ILE A 12 -11.30 -24.20 15.57
N ASN A 13 -12.20 -24.84 16.33
CA ASN A 13 -12.75 -26.15 16.03
C ASN A 13 -14.28 -26.12 16.12
N ILE A 14 -14.93 -26.83 15.20
CA ILE A 14 -16.38 -26.87 15.07
C ILE A 14 -16.83 -28.32 14.89
N GLY A 15 -17.88 -28.72 15.61
CA GLY A 15 -18.43 -30.07 15.50
C GLY A 15 -17.43 -31.12 15.98
N ASP A 16 -17.24 -32.17 15.18
CA ASP A 16 -16.30 -33.24 15.46
C ASP A 16 -15.30 -33.45 14.31
N ASP A 17 -15.44 -32.68 13.22
CA ASP A 17 -14.71 -32.92 11.98
C ASP A 17 -14.10 -31.66 11.38
N ILE A 18 -14.52 -30.47 11.81
CA ILE A 18 -14.18 -29.21 11.17
C ILE A 18 -13.17 -28.44 12.00
N THR A 19 -12.18 -27.85 11.32
CA THR A 19 -11.15 -27.00 11.93
C THR A 19 -10.95 -25.76 11.08
N ILE A 20 -10.74 -24.61 11.71
CA ILE A 20 -10.55 -23.33 11.06
C ILE A 20 -9.22 -22.75 11.53
N THR A 21 -8.45 -22.14 10.62
CA THR A 21 -7.15 -21.56 10.93
C THR A 21 -7.02 -20.19 10.27
N ILE A 22 -6.50 -19.20 11.01
CA ILE A 22 -6.13 -17.92 10.44
C ILE A 22 -4.72 -18.03 9.88
N LEU A 23 -4.58 -18.24 8.57
CA LEU A 23 -3.27 -18.40 7.96
C LEU A 23 -2.53 -17.07 7.95
N GLY A 24 -3.24 -15.94 7.95
CA GLY A 24 -2.65 -14.63 8.19
C GLY A 24 -3.56 -13.46 7.82
N VAL A 25 -3.04 -12.24 7.90
CA VAL A 25 -3.79 -11.02 7.60
C VAL A 25 -3.03 -10.09 6.67
N SER A 26 -3.77 -9.26 5.93
CA SER A 26 -3.24 -8.35 4.92
C SER A 26 -4.01 -7.04 4.97
N GLY A 27 -3.92 -6.31 6.09
CA GLY A 27 -4.75 -5.16 6.36
C GLY A 27 -6.15 -5.60 6.78
N GLN A 28 -7.20 -5.08 6.13
CA GLN A 28 -8.56 -5.43 6.49
C GLN A 28 -9.02 -6.78 5.93
N GLN A 29 -8.27 -7.38 5.01
CA GLN A 29 -8.61 -8.71 4.51
C GLN A 29 -7.78 -9.78 5.22
N VAL A 30 -8.53 -10.77 5.69
CA VAL A 30 -8.10 -11.80 6.62
C VAL A 30 -8.08 -13.13 5.87
N ARG A 31 -6.92 -13.79 5.84
CA ARG A 31 -6.75 -15.03 5.10
C ARG A 31 -7.05 -16.21 6.02
N ILE A 32 -8.25 -16.78 5.86
CA ILE A 32 -8.78 -17.86 6.67
C ILE A 32 -8.77 -19.15 5.87
N GLY A 33 -8.24 -20.22 6.46
CA GLY A 33 -8.35 -21.57 5.94
C GLY A 33 -9.40 -22.37 6.71
N ILE A 34 -10.24 -23.10 5.99
CA ILE A 34 -11.24 -24.01 6.52
C ILE A 34 -10.80 -25.43 6.20
N ASN A 35 -10.89 -26.33 7.18
CA ASN A 35 -10.53 -27.73 7.04
C ASN A 35 -11.72 -28.59 7.47
N ALA A 36 -12.70 -28.64 6.57
CA ALA A 36 -13.91 -29.44 6.69
C ALA A 36 -13.90 -30.60 5.69
N PRO A 37 -14.62 -31.69 5.98
CA PRO A 37 -14.73 -32.81 5.06
C PRO A 37 -15.60 -32.45 3.87
N LYS A 38 -15.39 -33.09 2.73
CA LYS A 38 -16.15 -32.82 1.50
C LYS A 38 -17.61 -33.26 1.60
N ASP A 39 -17.98 -33.89 2.72
CA ASP A 39 -19.35 -34.19 3.06
C ASP A 39 -20.14 -32.93 3.40
N VAL A 40 -19.46 -31.86 3.85
CA VAL A 40 -20.07 -30.56 4.08
C VAL A 40 -19.50 -29.49 3.15
N ALA A 41 -20.37 -28.58 2.73
CA ALA A 41 -20.03 -27.50 1.82
C ALA A 41 -19.45 -26.31 2.59
N VAL A 42 -18.46 -25.63 2.01
CA VAL A 42 -17.91 -24.41 2.58
C VAL A 42 -17.82 -23.31 1.52
N HIS A 43 -18.42 -22.15 1.80
CA HIS A 43 -18.54 -21.05 0.85
C HIS A 43 -18.63 -19.72 1.58
N ARG A 44 -18.28 -18.61 0.92
CA ARG A 44 -18.54 -17.30 1.48
C ARG A 44 -19.95 -16.81 1.17
N GLU A 45 -20.40 -15.78 1.88
CA GLU A 45 -21.73 -15.20 1.76
C GLU A 45 -22.00 -14.73 0.33
N GLU A 46 -20.98 -14.14 -0.31
CA GLU A 46 -21.04 -13.62 -1.66
C GLU A 46 -21.29 -14.70 -2.71
N ILE A 47 -21.17 -15.97 -2.33
CA ILE A 47 -21.40 -17.12 -3.20
C ILE A 47 -22.50 -18.02 -2.66
N TYR A 48 -22.75 -18.04 -1.36
CA TYR A 48 -23.71 -18.95 -0.76
C TYR A 48 -25.12 -18.68 -1.28
N GLN A 49 -25.40 -17.41 -1.60
CA GLN A 49 -26.70 -17.00 -2.14
C GLN A 49 -26.86 -17.39 -3.60
N ARG A 50 -25.77 -17.76 -4.28
CA ARG A 50 -25.81 -18.36 -5.60
C ARG A 50 -26.20 -19.84 -5.52
N ILE A 51 -25.84 -20.51 -4.42
CA ILE A 51 -26.17 -21.91 -4.18
C ILE A 51 -27.66 -22.03 -3.89
N GLN A 52 -28.12 -21.26 -2.91
CA GLN A 52 -29.48 -21.32 -2.40
C GLN A 52 -30.47 -20.63 -3.34
N ALA A 53 -29.97 -20.19 -4.50
CA ALA A 53 -30.81 -19.71 -5.59
C ALA A 53 -31.69 -20.82 -6.16
N GLY A 54 -31.33 -22.09 -5.95
CA GLY A 54 -32.13 -23.23 -6.35
C GLY A 54 -31.32 -24.32 -7.05
N LEU A 55 -29.99 -24.28 -6.93
CA LEU A 55 -29.07 -25.21 -7.58
C LEU A 55 -28.15 -25.87 -6.55
N THR A 56 -27.32 -26.81 -7.01
CA THR A 56 -26.28 -27.43 -6.19
C THR A 56 -24.96 -27.59 -6.95
N ALA A 57 -24.98 -27.45 -8.27
CA ALA A 57 -23.80 -27.47 -9.13
C ALA A 57 -23.61 -26.11 -9.82
N PRO A 58 -22.42 -25.83 -10.36
CA PRO A 58 -22.16 -24.66 -11.18
C PRO A 58 -23.08 -24.54 -12.38
N ASP A 59 -23.61 -25.67 -12.86
CA ASP A 59 -24.33 -25.72 -14.13
C ASP A 59 -25.23 -26.95 -14.18
N MET B 1 -7.36 -28.18 3.02
CA MET B 1 -7.68 -26.79 3.35
C MET B 1 -8.39 -26.10 2.18
N LEU B 2 -9.42 -25.30 2.49
CA LEU B 2 -10.08 -24.39 1.57
C LEU B 2 -9.89 -22.98 2.09
N ILE B 3 -9.29 -22.10 1.30
CA ILE B 3 -8.75 -20.83 1.78
C ILE B 3 -9.41 -19.62 1.12
N LEU B 4 -9.66 -18.59 1.92
CA LEU B 4 -10.44 -17.42 1.53
C LEU B 4 -9.88 -16.13 2.14
N THR B 5 -9.89 -15.03 1.38
CA THR B 5 -9.66 -13.70 1.94
C THR B 5 -11.02 -13.11 2.32
N ARG B 6 -11.15 -12.65 3.57
CA ARG B 6 -12.38 -12.07 4.07
C ARG B 6 -12.09 -10.69 4.67
N LYS B 7 -12.63 -9.63 4.06
CA LYS B 7 -12.43 -8.28 4.54
C LYS B 7 -13.41 -7.98 5.67
N VAL B 8 -13.04 -7.12 6.62
CA VAL B 8 -13.81 -6.96 7.84
C VAL B 8 -15.26 -6.59 7.52
N GLY B 9 -16.20 -7.29 8.15
CA GLY B 9 -17.62 -7.13 7.93
C GLY B 9 -18.24 -8.12 6.95
N GLU B 10 -17.44 -8.93 6.25
CA GLU B 10 -17.93 -9.97 5.37
C GLU B 10 -18.21 -11.27 6.12
N SER B 11 -18.90 -12.21 5.46
CA SER B 11 -19.45 -13.40 6.09
C SER B 11 -19.13 -14.67 5.31
N ILE B 12 -19.14 -15.81 6.01
CA ILE B 12 -18.82 -17.12 5.49
C ILE B 12 -19.82 -18.15 6.02
N ASN B 13 -19.99 -19.27 5.32
CA ASN B 13 -20.99 -20.28 5.62
C ASN B 13 -20.40 -21.68 5.54
N ILE B 14 -20.82 -22.57 6.44
CA ILE B 14 -20.36 -23.95 6.52
C ILE B 14 -21.56 -24.87 6.71
N GLY B 15 -21.68 -25.89 5.85
CA GLY B 15 -22.83 -26.78 5.84
C GLY B 15 -24.12 -26.02 5.62
N ASP B 16 -25.14 -26.34 6.42
CA ASP B 16 -26.40 -25.61 6.46
C ASP B 16 -26.80 -25.19 7.87
N ASP B 17 -25.94 -25.42 8.87
CA ASP B 17 -26.19 -25.05 10.25
C ASP B 17 -25.27 -23.95 10.76
N ILE B 18 -24.12 -23.71 10.11
CA ILE B 18 -23.08 -22.84 10.63
C ILE B 18 -22.85 -21.63 9.72
N THR B 19 -22.70 -20.46 10.35
CA THR B 19 -22.28 -19.23 9.70
C THR B 19 -21.17 -18.58 10.52
N ILE B 20 -20.27 -17.88 9.83
CA ILE B 20 -19.08 -17.25 10.40
C ILE B 20 -19.04 -15.80 9.92
N THR B 21 -18.55 -14.88 10.77
CA THR B 21 -18.44 -13.48 10.44
C THR B 21 -17.11 -12.92 10.91
N ILE B 22 -16.39 -12.18 10.07
CA ILE B 22 -15.18 -11.48 10.48
C ILE B 22 -15.57 -10.10 11.01
N LEU B 23 -15.75 -9.99 12.33
CA LEU B 23 -16.22 -8.77 12.95
C LEU B 23 -15.20 -7.64 12.80
N GLY B 24 -13.91 -7.99 12.79
CA GLY B 24 -12.85 -7.06 12.43
C GLY B 24 -11.50 -7.53 12.95
N VAL B 25 -10.47 -6.70 12.78
CA VAL B 25 -9.14 -6.98 13.29
C VAL B 25 -8.76 -6.05 14.42
N SER B 26 -7.98 -6.56 15.37
CA SER B 26 -7.41 -5.84 16.49
C SER B 26 -5.90 -6.00 16.44
N GLY B 27 -5.27 -5.33 15.47
CA GLY B 27 -3.85 -5.49 15.21
C GLY B 27 -3.60 -6.77 14.41
N GLN B 28 -2.77 -7.68 14.95
CA GLN B 28 -2.58 -8.99 14.37
C GLN B 28 -3.46 -10.05 15.04
N GLN B 29 -4.39 -9.57 15.86
CA GLN B 29 -5.48 -10.35 16.39
C GLN B 29 -6.74 -10.08 15.58
N VAL B 30 -7.70 -11.01 15.64
CA VAL B 30 -8.83 -11.03 14.72
C VAL B 30 -10.10 -11.41 15.48
N ARG B 31 -11.09 -10.52 15.52
CA ARG B 31 -12.36 -10.74 16.20
C ARG B 31 -13.34 -11.43 15.25
N ILE B 32 -13.82 -12.61 15.64
CA ILE B 32 -14.59 -13.51 14.79
C ILE B 32 -15.87 -13.92 15.49
N GLY B 33 -17.01 -13.83 14.80
CA GLY B 33 -18.28 -14.35 15.25
C GLY B 33 -18.56 -15.72 14.67
N ILE B 34 -19.11 -16.62 15.50
CA ILE B 34 -19.51 -17.96 15.09
C ILE B 34 -20.97 -18.17 15.46
N ASN B 35 -21.72 -18.65 14.46
CA ASN B 35 -23.17 -18.70 14.50
C ASN B 35 -23.64 -20.10 14.10
N ALA B 36 -23.57 -21.00 15.08
CA ALA B 36 -24.00 -22.37 14.97
C ALA B 36 -24.97 -22.71 16.09
N PRO B 37 -25.81 -23.74 15.91
CA PRO B 37 -26.61 -24.27 17.00
C PRO B 37 -25.73 -24.81 18.13
N LYS B 38 -26.31 -24.88 19.33
CA LYS B 38 -25.69 -25.52 20.49
C LYS B 38 -25.65 -27.04 20.35
N ASP B 39 -26.19 -27.53 19.23
CA ASP B 39 -26.08 -28.91 18.78
C ASP B 39 -24.64 -29.28 18.43
N VAL B 40 -23.81 -28.28 18.10
CA VAL B 40 -22.40 -28.46 17.78
C VAL B 40 -21.54 -27.76 18.83
N ALA B 41 -20.39 -28.37 19.16
CA ALA B 41 -19.41 -27.72 20.01
C ALA B 41 -18.46 -26.85 19.19
N VAL B 42 -18.11 -25.70 19.79
CA VAL B 42 -17.46 -24.60 19.11
C VAL B 42 -16.46 -23.93 20.06
N HIS B 43 -15.18 -24.28 19.96
CA HIS B 43 -14.11 -23.75 20.81
C HIS B 43 -12.79 -23.67 20.06
N ARG B 44 -11.82 -22.94 20.62
CA ARG B 44 -10.44 -22.95 20.14
C ARG B 44 -9.74 -24.27 20.46
N GLU B 45 -8.62 -24.55 19.80
CA GLU B 45 -7.89 -25.80 19.96
C GLU B 45 -7.59 -26.12 21.43
N GLU B 46 -7.11 -25.13 22.19
CA GLU B 46 -6.77 -25.30 23.59
C GLU B 46 -7.88 -26.01 24.34
N ILE B 47 -9.12 -25.58 24.07
CA ILE B 47 -10.32 -26.00 24.76
C ILE B 47 -10.79 -27.33 24.19
N TYR B 48 -10.86 -27.39 22.86
CA TYR B 48 -11.28 -28.55 22.10
C TYR B 48 -10.55 -29.81 22.55
N GLN B 49 -9.26 -29.68 22.85
CA GLN B 49 -8.39 -30.79 23.21
C GLN B 49 -8.78 -31.45 24.53
N ARG B 50 -9.39 -30.71 25.47
CA ARG B 50 -9.91 -31.31 26.69
C ARG B 50 -11.24 -32.00 26.39
N ILE B 51 -12.10 -31.34 25.61
CA ILE B 51 -13.45 -31.78 25.36
C ILE B 51 -13.42 -33.13 24.65
N GLN B 52 -12.45 -33.30 23.74
CA GLN B 52 -12.24 -34.56 23.06
C GLN B 52 -11.45 -35.57 23.90
N ALA B 53 -11.07 -35.20 25.12
CA ALA B 53 -10.49 -36.12 26.09
C ALA B 53 -11.55 -36.94 26.82
N GLY B 54 -12.83 -36.56 26.72
CA GLY B 54 -13.95 -37.37 27.17
C GLY B 54 -14.92 -36.62 28.08
N LEU B 55 -15.33 -35.42 27.69
CA LEU B 55 -16.05 -34.51 28.56
C LEU B 55 -16.64 -33.32 27.80
N THR B 56 -17.27 -32.41 28.54
CA THR B 56 -17.70 -31.10 28.07
C THR B 56 -17.22 -30.03 29.04
N ALA B 57 -17.61 -28.77 28.83
CA ALA B 57 -17.26 -27.65 29.69
C ALA B 57 -17.36 -28.03 31.17
N PRO B 58 -16.27 -27.96 31.93
CA PRO B 58 -16.20 -28.50 33.28
C PRO B 58 -17.30 -28.00 34.20
N ASP B 59 -17.52 -26.69 34.19
CA ASP B 59 -18.42 -26.00 35.11
C ASP B 59 -18.73 -24.60 34.59
N MET C 1 -17.00 32.03 -7.85
CA MET C 1 -15.97 30.98 -7.73
C MET C 1 -16.55 29.78 -8.47
N LEU C 2 -16.02 29.42 -9.64
CA LEU C 2 -16.49 28.27 -10.40
C LEU C 2 -15.47 27.14 -10.25
N ILE C 3 -15.82 26.11 -9.49
CA ILE C 3 -14.99 24.92 -9.32
C ILE C 3 -15.19 24.00 -10.52
N LEU C 4 -14.08 23.53 -11.09
CA LEU C 4 -14.06 22.48 -12.09
C LEU C 4 -13.12 21.35 -11.65
N THR C 5 -13.58 20.11 -11.81
CA THR C 5 -12.73 18.94 -11.65
C THR C 5 -12.23 18.44 -12.99
N ARG C 6 -11.01 17.92 -13.00
CA ARG C 6 -10.35 17.36 -14.18
C ARG C 6 -9.46 16.18 -13.81
N LYS C 7 -9.18 15.30 -14.76
CA LYS C 7 -8.19 14.23 -14.64
C LYS C 7 -6.88 14.67 -15.29
N VAL C 8 -5.75 14.06 -14.93
CA VAL C 8 -4.47 14.47 -15.49
C VAL C 8 -4.45 14.35 -17.01
N GLY C 9 -3.85 15.33 -17.68
CA GLY C 9 -3.82 15.45 -19.13
C GLY C 9 -5.00 16.19 -19.73
N GLU C 10 -6.00 16.60 -18.94
CA GLU C 10 -7.17 17.32 -19.43
C GLU C 10 -6.96 18.83 -19.54
N SER C 11 -7.99 19.56 -19.93
CA SER C 11 -7.91 20.96 -20.37
C SER C 11 -9.08 21.81 -19.88
N ILE C 12 -8.79 23.09 -19.64
CA ILE C 12 -9.69 24.09 -19.06
C ILE C 12 -9.47 25.40 -19.82
N ASN C 13 -10.49 26.26 -19.92
CA ASN C 13 -10.47 27.46 -20.73
C ASN C 13 -11.01 28.66 -19.97
N ILE C 14 -10.43 29.83 -20.22
CA ILE C 14 -10.87 31.11 -19.65
C ILE C 14 -10.93 32.15 -20.76
N GLY C 15 -12.03 32.91 -20.82
CA GLY C 15 -12.33 33.78 -21.94
C GLY C 15 -12.33 33.01 -23.25
N ASP C 16 -11.69 33.57 -24.28
CA ASP C 16 -11.39 32.89 -25.52
C ASP C 16 -9.91 33.02 -25.90
N ASP C 17 -9.08 33.58 -25.02
CA ASP C 17 -7.66 33.79 -25.24
C ASP C 17 -6.78 32.97 -24.30
N ILE C 18 -7.34 32.40 -23.23
CA ILE C 18 -6.57 31.70 -22.20
C ILE C 18 -6.99 30.25 -22.10
N THR C 19 -6.00 29.35 -22.02
CA THR C 19 -6.18 27.93 -21.83
C THR C 19 -5.29 27.45 -20.70
N ILE C 20 -5.80 26.54 -19.86
CA ILE C 20 -5.12 25.99 -18.71
C ILE C 20 -5.10 24.47 -18.83
N THR C 21 -3.97 23.83 -18.53
CA THR C 21 -3.79 22.40 -18.75
C THR C 21 -3.29 21.73 -17.48
N ILE C 22 -3.82 20.55 -17.14
CA ILE C 22 -3.23 19.74 -16.08
C ILE C 22 -2.21 18.79 -16.72
N LEU C 23 -0.94 19.00 -16.39
CA LEU C 23 0.13 18.21 -16.96
C LEU C 23 0.34 16.96 -16.12
N GLY C 24 0.15 17.06 -14.81
CA GLY C 24 0.05 15.90 -13.95
C GLY C 24 0.25 16.22 -12.47
N VAL C 25 0.32 15.19 -11.62
CA VAL C 25 0.60 15.35 -10.20
C VAL C 25 1.99 14.83 -9.83
N SER C 26 2.46 15.26 -8.66
CA SER C 26 3.77 14.96 -8.10
C SER C 26 3.60 14.79 -6.59
N GLY C 27 2.95 13.71 -6.16
CA GLY C 27 2.52 13.60 -4.78
C GLY C 27 1.42 14.61 -4.50
N GLN C 28 1.72 15.65 -3.71
CA GLN C 28 0.76 16.70 -3.37
C GLN C 28 0.87 17.92 -4.26
N GLN C 29 1.87 18.01 -5.14
CA GLN C 29 1.93 19.07 -6.13
C GLN C 29 1.32 18.66 -7.47
N VAL C 30 0.97 19.68 -8.24
CA VAL C 30 0.17 19.60 -9.44
C VAL C 30 0.84 20.46 -10.51
N ARG C 31 1.45 19.86 -11.53
CA ARG C 31 2.03 20.61 -12.64
C ARG C 31 0.90 21.11 -13.54
N ILE C 32 0.70 22.43 -13.52
CA ILE C 32 -0.29 23.15 -14.30
C ILE C 32 0.39 23.92 -15.42
N GLY C 33 -0.11 23.77 -16.64
CA GLY C 33 0.23 24.57 -17.80
C GLY C 33 -0.70 25.76 -17.93
N ILE C 34 -0.16 26.92 -18.33
CA ILE C 34 -0.93 28.15 -18.49
C ILE C 34 -0.59 28.76 -19.84
N ASN C 35 -1.60 29.01 -20.67
CA ASN C 35 -1.40 29.38 -22.06
C ASN C 35 -2.22 30.63 -22.38
N ALA C 36 -1.56 31.79 -22.30
CA ALA C 36 -2.17 33.09 -22.47
C ALA C 36 -1.23 34.02 -23.25
N PRO C 37 -1.76 35.03 -23.94
CA PRO C 37 -0.93 36.05 -24.57
C PRO C 37 -0.15 36.84 -23.53
N LYS C 38 1.00 37.40 -23.93
CA LYS C 38 1.76 38.33 -23.11
C LYS C 38 1.04 39.66 -22.89
N ASP C 39 -0.15 39.80 -23.48
CA ASP C 39 -1.07 40.89 -23.21
C ASP C 39 -1.59 40.81 -21.78
N VAL C 40 -1.56 39.63 -21.17
CA VAL C 40 -1.94 39.40 -19.78
C VAL C 40 -0.80 38.73 -19.02
N ALA C 41 -0.74 38.97 -17.71
CA ALA C 41 0.27 38.38 -16.84
C ALA C 41 -0.20 37.04 -16.29
N VAL C 42 0.74 36.17 -15.90
CA VAL C 42 0.44 34.94 -15.18
C VAL C 42 1.49 34.71 -14.10
N HIS C 43 1.07 34.41 -12.86
CA HIS C 43 1.99 34.22 -11.76
C HIS C 43 1.40 33.37 -10.63
N ARG C 44 2.25 32.91 -9.71
CA ARG C 44 1.81 32.38 -8.44
C ARG C 44 1.25 33.50 -7.59
N GLU C 45 0.33 33.20 -6.67
CA GLU C 45 -0.30 34.21 -5.83
C GLU C 45 0.72 34.94 -4.97
N GLU C 46 1.79 34.24 -4.56
CA GLU C 46 2.94 34.82 -3.87
C GLU C 46 3.58 35.94 -4.69
N ILE C 47 3.78 35.70 -5.98
CA ILE C 47 4.56 36.58 -6.84
C ILE C 47 3.67 37.69 -7.43
N TYR C 48 2.40 37.38 -7.70
CA TYR C 48 1.43 38.33 -8.19
C TYR C 48 1.38 39.61 -7.35
N GLN C 49 1.49 39.47 -6.03
CA GLN C 49 1.45 40.59 -5.10
C GLN C 49 2.57 41.58 -5.36
N ARG C 50 3.71 41.14 -5.88
CA ARG C 50 4.84 41.99 -6.23
C ARG C 50 4.55 42.85 -7.45
N ILE C 51 3.90 42.28 -8.48
CA ILE C 51 3.53 43.04 -9.66
C ILE C 51 2.48 44.09 -9.30
N GLN C 52 1.79 43.89 -8.17
CA GLN C 52 0.80 44.81 -7.64
C GLN C 52 1.34 45.71 -6.53
N ALA C 53 2.63 45.62 -6.20
CA ALA C 53 3.26 46.30 -5.08
C ALA C 53 3.37 47.81 -5.24
N GLY C 54 2.82 48.37 -6.32
CA GLY C 54 2.89 49.80 -6.63
C GLY C 54 3.93 50.09 -7.70
N LEU C 55 3.94 49.29 -8.78
CA LEU C 55 4.86 49.45 -9.89
C LEU C 55 4.39 50.48 -10.91
N THR C 56 3.24 51.12 -10.67
CA THR C 56 2.69 52.15 -11.53
C THR C 56 3.43 53.47 -11.36
N ALA C 57 3.89 54.03 -12.48
CA ALA C 57 4.72 55.23 -12.53
C ALA C 57 5.85 55.22 -11.49
N PRO C 58 6.86 54.36 -11.66
CA PRO C 58 7.95 54.22 -10.71
C PRO C 58 8.65 55.55 -10.42
N ASP C 59 9.14 55.68 -9.19
CA ASP C 59 10.04 56.73 -8.72
C ASP C 59 9.43 58.14 -8.69
N MET D 1 2.95 28.79 -23.49
CA MET D 1 2.79 28.16 -22.17
C MET D 1 3.73 28.75 -21.13
N LEU D 2 3.28 28.77 -19.88
CA LEU D 2 4.05 29.03 -18.68
C LEU D 2 3.64 27.98 -17.66
N ILE D 3 4.55 27.06 -17.35
CA ILE D 3 4.29 25.86 -16.57
C ILE D 3 4.86 26.02 -15.16
N LEU D 4 4.11 25.59 -14.15
CA LEU D 4 4.55 25.61 -12.76
C LEU D 4 3.76 24.62 -11.91
N THR D 5 4.34 24.19 -10.78
CA THR D 5 3.66 23.33 -9.84
C THR D 5 2.96 24.14 -8.75
N ARG D 6 1.84 23.63 -8.25
CA ARG D 6 1.17 24.11 -7.05
C ARG D 6 0.84 22.91 -6.18
N LYS D 7 1.08 23.00 -4.86
CA LYS D 7 0.55 22.01 -3.94
C LYS D 7 -0.87 22.33 -3.55
N VAL D 8 -1.60 21.32 -3.09
CA VAL D 8 -3.01 21.44 -2.73
C VAL D 8 -3.23 22.55 -1.72
N GLY D 9 -4.11 23.49 -2.07
CA GLY D 9 -4.48 24.63 -1.24
C GLY D 9 -3.80 25.94 -1.65
N GLU D 10 -2.91 25.92 -2.64
CA GLU D 10 -2.19 27.09 -3.11
C GLU D 10 -2.89 27.75 -4.31
N SER D 11 -2.43 28.94 -4.70
CA SER D 11 -3.14 29.78 -5.67
C SER D 11 -2.24 30.37 -6.75
N ILE D 12 -2.87 30.81 -7.84
CA ILE D 12 -2.29 31.36 -9.06
C ILE D 12 -3.12 32.59 -9.47
N ASN D 13 -2.51 33.56 -10.16
CA ASN D 13 -3.21 34.70 -10.72
C ASN D 13 -3.05 34.77 -12.24
N ILE D 14 -4.06 35.32 -12.92
CA ILE D 14 -4.04 35.59 -14.35
C ILE D 14 -4.58 36.99 -14.60
N GLY D 15 -3.90 37.76 -15.45
CA GLY D 15 -4.26 39.14 -15.75
C GLY D 15 -4.17 40.02 -14.51
N ASP D 16 -5.23 40.77 -14.25
CA ASP D 16 -5.39 41.57 -13.04
C ASP D 16 -6.75 41.32 -12.38
N ASP D 17 -7.55 40.40 -12.93
CA ASP D 17 -8.94 40.20 -12.54
C ASP D 17 -9.29 38.73 -12.29
N ILE D 18 -8.39 37.80 -12.61
CA ILE D 18 -8.67 36.37 -12.53
C ILE D 18 -7.73 35.70 -11.53
N THR D 19 -8.28 34.87 -10.65
CA THR D 19 -7.52 34.10 -9.67
C THR D 19 -7.93 32.63 -9.74
N ILE D 20 -6.97 31.73 -9.53
CA ILE D 20 -7.15 30.30 -9.54
C ILE D 20 -6.62 29.72 -8.23
N THR D 21 -7.28 28.68 -7.70
CA THR D 21 -6.86 28.01 -6.48
C THR D 21 -6.96 26.50 -6.68
N ILE D 22 -5.91 25.74 -6.37
CA ILE D 22 -5.96 24.30 -6.45
C ILE D 22 -6.51 23.78 -5.13
N LEU D 23 -7.74 23.25 -5.15
CA LEU D 23 -8.49 22.94 -3.96
C LEU D 23 -8.05 21.60 -3.36
N GLY D 24 -7.71 20.63 -4.22
CA GLY D 24 -7.09 19.39 -3.80
C GLY D 24 -6.97 18.39 -4.94
N VAL D 25 -6.45 17.20 -4.64
CA VAL D 25 -6.47 16.06 -5.54
C VAL D 25 -7.47 15.02 -5.04
N SER D 26 -7.94 14.17 -5.94
CA SER D 26 -8.73 13.00 -5.61
C SER D 26 -8.33 11.85 -6.53
N GLY D 27 -7.18 11.23 -6.26
CA GLY D 27 -6.58 10.24 -7.14
C GLY D 27 -5.85 10.90 -8.30
N GLN D 28 -6.33 10.66 -9.52
CA GLN D 28 -5.83 11.32 -10.72
C GLN D 28 -6.66 12.56 -11.02
N GLN D 29 -7.72 12.82 -10.25
CA GLN D 29 -8.42 14.08 -10.32
C GLN D 29 -7.65 15.20 -9.63
N VAL D 30 -7.89 16.42 -10.12
CA VAL D 30 -7.47 17.67 -9.52
C VAL D 30 -8.70 18.57 -9.46
N ARG D 31 -9.07 19.00 -8.25
CA ARG D 31 -10.22 19.85 -7.99
C ARG D 31 -9.74 21.29 -7.91
N ILE D 32 -10.22 22.17 -8.80
CA ILE D 32 -9.66 23.49 -8.98
C ILE D 32 -10.76 24.54 -8.95
N GLY D 33 -10.58 25.59 -8.14
CA GLY D 33 -11.44 26.77 -8.10
C GLY D 33 -10.95 27.84 -9.06
N ILE D 34 -11.89 28.53 -9.72
CA ILE D 34 -11.61 29.62 -10.63
C ILE D 34 -12.45 30.83 -10.21
N ASN D 35 -11.87 32.02 -10.29
CA ASN D 35 -12.49 33.24 -9.82
C ASN D 35 -12.24 34.35 -10.84
N ALA D 36 -13.24 34.61 -11.69
CA ALA D 36 -13.19 35.63 -12.72
C ALA D 36 -14.50 36.42 -12.71
N PRO D 37 -14.49 37.67 -13.20
CA PRO D 37 -15.72 38.41 -13.42
C PRO D 37 -16.59 37.71 -14.46
N LYS D 38 -17.91 37.86 -14.36
CA LYS D 38 -18.84 37.34 -15.36
C LYS D 38 -18.74 38.06 -16.70
N ASP D 39 -17.88 39.07 -16.77
CA ASP D 39 -17.47 39.72 -18.00
C ASP D 39 -16.67 38.78 -18.91
N VAL D 40 -16.08 37.74 -18.32
CA VAL D 40 -15.35 36.70 -19.04
C VAL D 40 -15.91 35.32 -18.70
N ALA D 41 -15.63 34.34 -19.57
CA ALA D 41 -16.14 33.00 -19.43
C ALA D 41 -15.11 32.04 -18.84
N VAL D 42 -15.56 30.93 -18.24
CA VAL D 42 -14.69 29.84 -17.86
C VAL D 42 -15.43 28.51 -18.00
N HIS D 43 -14.84 27.55 -18.72
CA HIS D 43 -15.35 26.20 -18.83
C HIS D 43 -14.23 25.19 -19.04
N ARG D 44 -14.53 23.90 -18.90
CA ARG D 44 -13.64 22.82 -19.31
C ARG D 44 -13.70 22.63 -20.82
N GLU D 45 -12.65 22.08 -21.42
CA GLU D 45 -12.47 22.03 -22.87
C GLU D 45 -13.60 21.27 -23.58
N GLU D 46 -14.13 20.22 -22.95
CA GLU D 46 -15.26 19.46 -23.47
C GLU D 46 -16.55 20.29 -23.50
N ILE D 47 -16.68 21.26 -22.60
CA ILE D 47 -17.75 22.25 -22.65
C ILE D 47 -17.40 23.37 -23.61
N TYR D 48 -16.13 23.78 -23.64
CA TYR D 48 -15.69 24.96 -24.37
C TYR D 48 -16.07 24.89 -25.85
N GLN D 49 -16.03 23.69 -26.44
CA GLN D 49 -16.39 23.47 -27.82
C GLN D 49 -17.85 23.81 -28.11
N ARG D 50 -18.71 23.84 -27.09
CA ARG D 50 -20.12 24.20 -27.19
C ARG D 50 -20.31 25.71 -27.10
N ILE D 51 -19.44 26.40 -26.36
CA ILE D 51 -19.38 27.86 -26.31
C ILE D 51 -18.88 28.38 -27.66
N GLN D 52 -18.25 27.49 -28.42
CA GLN D 52 -17.74 27.72 -29.76
C GLN D 52 -18.64 27.11 -30.83
N ALA D 53 -19.74 26.46 -30.43
CA ALA D 53 -20.72 25.85 -31.31
C ALA D 53 -22.08 26.55 -31.27
N GLY D 54 -22.61 26.79 -30.07
CA GLY D 54 -23.97 27.26 -29.85
C GLY D 54 -24.17 28.04 -28.56
N LEU D 55 -23.12 28.17 -27.74
CA LEU D 55 -22.97 29.03 -26.57
C LEU D 55 -24.28 29.33 -25.84
N THR D 56 -24.70 28.39 -24.99
CA THR D 56 -26.03 28.47 -24.40
C THR D 56 -26.07 29.19 -23.06
N ALA D 57 -24.89 29.55 -22.53
CA ALA D 57 -24.78 30.29 -21.28
C ALA D 57 -23.85 31.49 -21.44
N PRO D 58 -24.30 32.56 -22.12
CA PRO D 58 -23.63 33.84 -22.15
C PRO D 58 -23.30 34.38 -20.76
N ASP D 59 -24.24 34.17 -19.84
CA ASP D 59 -24.23 34.78 -18.53
C ASP D 59 -25.16 34.00 -17.59
N MET E 1 35.21 -8.74 2.93
CA MET E 1 33.98 -8.04 2.49
C MET E 1 33.66 -8.41 1.05
N LEU E 2 32.36 -8.49 0.71
CA LEU E 2 31.90 -8.93 -0.59
C LEU E 2 31.09 -7.81 -1.25
N ILE E 3 31.58 -7.31 -2.39
CA ILE E 3 30.93 -6.24 -3.15
C ILE E 3 30.34 -6.82 -4.44
N LEU E 4 29.13 -6.36 -4.78
CA LEU E 4 28.36 -6.76 -5.95
C LEU E 4 27.76 -5.55 -6.63
N THR E 5 27.30 -5.71 -7.87
CA THR E 5 26.47 -4.73 -8.55
C THR E 5 25.27 -5.41 -9.20
N ARG E 6 24.12 -5.35 -8.54
CA ARG E 6 22.91 -6.06 -8.91
C ARG E 6 21.85 -5.13 -9.45
N LYS E 7 21.08 -5.61 -10.42
CA LYS E 7 20.01 -4.83 -11.01
C LYS E 7 18.69 -5.05 -10.27
N VAL E 8 17.71 -4.16 -10.51
CA VAL E 8 16.41 -4.29 -9.86
C VAL E 8 15.73 -5.59 -10.24
N GLY E 9 15.07 -6.23 -9.27
CA GLY E 9 14.42 -7.51 -9.43
C GLY E 9 15.34 -8.71 -9.18
N GLU E 10 16.63 -8.49 -8.92
CA GLU E 10 17.57 -9.55 -8.56
C GLU E 10 17.48 -9.90 -7.09
N SER E 11 18.11 -11.02 -6.69
CA SER E 11 18.12 -11.50 -5.32
C SER E 11 19.50 -11.96 -4.88
N ILE E 12 19.76 -11.86 -3.57
CA ILE E 12 21.01 -12.17 -2.91
C ILE E 12 20.70 -12.98 -1.65
N ASN E 13 21.62 -13.81 -1.17
CA ASN E 13 21.38 -14.71 -0.05
C ASN E 13 22.50 -14.68 0.98
N ILE E 14 22.12 -14.96 2.24
CA ILE E 14 23.01 -14.99 3.39
C ILE E 14 22.69 -16.20 4.25
N GLY E 15 23.71 -16.86 4.79
CA GLY E 15 23.54 -18.08 5.58
C GLY E 15 22.85 -19.18 4.80
N ASP E 16 21.92 -19.87 5.45
CA ASP E 16 21.08 -20.90 4.85
C ASP E 16 19.59 -20.59 5.06
N ASP E 17 19.27 -19.39 5.55
CA ASP E 17 17.93 -19.05 6.00
C ASP E 17 17.53 -17.62 5.63
N ILE E 18 18.44 -16.81 5.08
CA ILE E 18 18.19 -15.40 4.82
C ILE E 18 18.24 -15.11 3.33
N THR E 19 17.26 -14.34 2.84
CA THR E 19 17.17 -13.90 1.46
C THR E 19 16.99 -12.38 1.40
N ILE E 20 17.57 -11.76 0.38
CA ILE E 20 17.49 -10.34 0.09
C ILE E 20 16.99 -10.17 -1.34
N THR E 21 16.11 -9.20 -1.57
CA THR E 21 15.61 -8.88 -2.90
C THR E 21 15.59 -7.36 -3.10
N ILE E 22 16.15 -6.89 -4.22
CA ILE E 22 16.03 -5.49 -4.60
C ILE E 22 14.69 -5.29 -5.30
N LEU E 23 13.76 -4.62 -4.61
CA LEU E 23 12.43 -4.36 -5.14
C LEU E 23 12.49 -3.28 -6.22
N GLY E 24 13.43 -2.34 -6.10
CA GLY E 24 13.75 -1.39 -7.15
C GLY E 24 14.36 -0.09 -6.63
N VAL E 25 14.56 0.89 -7.52
CA VAL E 25 15.16 2.19 -7.18
C VAL E 25 14.17 3.33 -7.38
N SER E 26 14.47 4.45 -6.71
CA SER E 26 13.80 5.73 -6.91
C SER E 26 14.77 6.86 -6.61
N GLY E 27 15.51 7.32 -7.63
CA GLY E 27 16.55 8.33 -7.44
C GLY E 27 17.76 7.78 -6.69
N GLN E 28 17.99 8.23 -5.45
CA GLN E 28 19.02 7.68 -4.59
C GLN E 28 18.47 6.56 -3.72
N GLN E 29 17.15 6.55 -3.51
CA GLN E 29 16.48 5.58 -2.66
C GLN E 29 16.42 4.24 -3.37
N VAL E 30 16.54 3.17 -2.58
CA VAL E 30 16.59 1.80 -3.05
C VAL E 30 15.67 0.99 -2.14
N ARG E 31 14.57 0.48 -2.70
CA ARG E 31 13.60 -0.29 -1.95
C ARG E 31 14.04 -1.76 -1.92
N ILE E 32 14.21 -2.30 -0.71
CA ILE E 32 14.85 -3.58 -0.49
C ILE E 32 13.98 -4.46 0.42
N GLY E 33 13.76 -5.70 0.02
CA GLY E 33 13.13 -6.72 0.83
C GLY E 33 14.15 -7.62 1.51
N ILE E 34 13.85 -8.04 2.74
CA ILE E 34 14.69 -8.91 3.56
C ILE E 34 13.81 -9.99 4.18
N ASN E 35 14.25 -11.24 4.09
CA ASN E 35 13.44 -12.38 4.48
C ASN E 35 14.27 -13.33 5.35
N ALA E 36 14.06 -13.23 6.67
CA ALA E 36 14.73 -14.05 7.66
C ALA E 36 13.74 -14.51 8.72
N PRO E 37 14.02 -15.63 9.41
CA PRO E 37 13.25 -16.09 10.55
C PRO E 37 13.32 -15.09 11.71
N LYS E 38 12.34 -15.15 12.62
CA LYS E 38 12.36 -14.38 13.85
C LYS E 38 13.36 -14.92 14.87
N ASP E 39 14.05 -16.00 14.51
CA ASP E 39 15.20 -16.52 15.22
C ASP E 39 16.38 -15.56 15.17
N VAL E 40 16.39 -14.65 14.18
CA VAL E 40 17.43 -13.65 13.99
C VAL E 40 16.83 -12.25 13.94
N ALA E 41 17.67 -11.25 14.20
CA ALA E 41 17.25 -9.86 14.15
C ALA E 41 17.62 -9.19 12.82
N VAL E 42 16.92 -8.11 12.47
CA VAL E 42 17.26 -7.28 11.34
C VAL E 42 16.72 -5.86 11.54
N HIS E 43 17.58 -4.85 11.40
CA HIS E 43 17.21 -3.45 11.49
C HIS E 43 18.12 -2.59 10.61
N ARG E 44 17.79 -1.30 10.45
CA ARG E 44 18.69 -0.35 9.83
C ARG E 44 19.83 -0.04 10.79
N GLU E 45 20.95 0.48 10.28
CA GLU E 45 22.13 0.74 11.09
C GLU E 45 21.82 1.73 12.22
N GLU E 46 20.89 2.66 11.98
CA GLU E 46 20.37 3.58 12.97
C GLU E 46 19.80 2.86 14.19
N ILE E 47 19.02 1.80 13.93
CA ILE E 47 18.23 1.11 14.94
C ILE E 47 19.06 0.02 15.61
N TYR E 48 19.96 -0.61 14.85
CA TYR E 48 20.88 -1.64 15.31
C TYR E 48 21.63 -1.24 16.57
N GLN E 49 21.97 0.04 16.69
CA GLN E 49 22.74 0.58 17.79
C GLN E 49 22.06 0.37 19.15
N ARG E 50 20.75 0.15 19.17
CA ARG E 50 20.01 -0.17 20.38
C ARG E 50 20.32 -1.59 20.81
N ILE E 51 20.26 -2.53 19.86
CA ILE E 51 20.49 -3.95 20.07
C ILE E 51 21.94 -4.20 20.47
N GLN E 52 22.84 -3.27 20.13
CA GLN E 52 24.20 -3.27 20.64
C GLN E 52 24.40 -2.58 22.00
N ALA E 53 23.74 -1.45 22.26
CA ALA E 53 24.08 -0.59 23.39
C ALA E 53 23.12 -0.63 24.58
N GLY E 54 21.83 -0.89 24.36
CA GLY E 54 20.78 -0.75 25.37
C GLY E 54 19.89 -1.98 25.48
N LEU E 55 19.84 -2.76 24.40
CA LEU E 55 19.25 -4.08 24.26
C LEU E 55 17.74 -4.10 24.41
N THR E 56 17.14 -5.21 23.97
CA THR E 56 15.70 -5.41 24.03
C THR E 56 15.28 -6.33 25.17
N ALA E 57 16.25 -6.89 25.90
CA ALA E 57 16.03 -7.64 27.13
C ALA E 57 16.97 -7.14 28.22
N PRO E 58 16.47 -6.94 29.46
CA PRO E 58 17.30 -6.60 30.60
C PRO E 58 18.30 -7.68 30.98
N ASP E 59 19.10 -7.36 32.00
CA ASP E 59 20.17 -8.21 32.51
C ASP E 59 19.67 -9.51 33.12
N MET F 1 9.19 -11.12 6.68
CA MET F 1 9.51 -10.34 5.47
C MET F 1 9.54 -8.86 5.79
N LEU F 2 10.72 -8.26 5.91
CA LEU F 2 10.87 -6.82 6.06
C LEU F 2 11.09 -6.14 4.71
N ILE F 3 10.62 -4.89 4.60
CA ILE F 3 10.93 -4.02 3.48
C ILE F 3 11.39 -2.69 4.02
N LEU F 4 12.46 -2.16 3.41
CA LEU F 4 13.07 -0.89 3.76
C LEU F 4 13.27 -0.05 2.51
N THR F 5 13.48 1.25 2.69
CA THR F 5 13.90 2.11 1.59
C THR F 5 15.15 2.89 2.00
N ARG F 6 16.31 2.37 1.58
CA ARG F 6 17.62 2.86 1.96
C ARG F 6 18.23 3.64 0.79
N LYS F 7 18.83 4.81 1.04
CA LYS F 7 19.52 5.53 -0.02
C LYS F 7 21.03 5.35 0.01
N VAL F 8 21.68 5.76 -1.08
CA VAL F 8 23.09 5.45 -1.29
C VAL F 8 23.98 5.98 -0.17
N GLY F 9 24.93 5.15 0.26
CA GLY F 9 25.90 5.46 1.29
C GLY F 9 25.46 5.02 2.69
N GLU F 10 24.22 4.57 2.86
CA GLU F 10 23.69 4.15 4.15
C GLU F 10 23.81 2.64 4.36
N SER F 11 23.43 2.16 5.56
CA SER F 11 23.67 0.79 5.97
C SER F 11 22.47 0.16 6.68
N ILE F 12 22.48 -1.18 6.71
CA ILE F 12 21.48 -2.05 7.33
C ILE F 12 22.23 -3.18 8.04
N ASN F 13 21.60 -3.84 9.02
CA ASN F 13 22.24 -4.87 9.82
C ASN F 13 21.33 -6.08 10.04
N ILE F 14 21.96 -7.25 10.20
CA ILE F 14 21.30 -8.52 10.42
C ILE F 14 22.04 -9.31 11.50
N GLY F 15 21.30 -10.02 12.36
CA GLY F 15 21.86 -10.75 13.48
C GLY F 15 22.59 -9.83 14.45
N ASP F 16 23.79 -10.22 14.85
CA ASP F 16 24.70 -9.40 15.65
C ASP F 16 26.09 -9.29 15.02
N ASP F 17 26.24 -9.76 13.78
CA ASP F 17 27.53 -9.88 13.12
C ASP F 17 27.52 -9.48 11.64
N ILE F 18 26.34 -9.34 11.02
CA ILE F 18 26.21 -9.08 9.61
C ILE F 18 25.85 -7.61 9.36
N THR F 19 26.52 -7.01 8.38
CA THR F 19 26.27 -5.64 7.94
C THR F 19 26.08 -5.61 6.43
N ILE F 20 25.14 -4.76 5.98
CA ILE F 20 24.86 -4.50 4.59
C ILE F 20 25.03 -3.00 4.35
N THR F 21 25.61 -2.63 3.21
CA THR F 21 25.82 -1.23 2.83
C THR F 21 25.43 -1.04 1.37
N ILE F 22 24.60 -0.02 1.10
CA ILE F 22 24.28 0.37 -0.26
C ILE F 22 25.35 1.35 -0.74
N LEU F 23 26.17 0.92 -1.69
CA LEU F 23 27.37 1.64 -2.11
C LEU F 23 27.04 2.70 -3.17
N GLY F 24 25.96 2.48 -3.94
CA GLY F 24 25.42 3.47 -4.85
C GLY F 24 24.60 2.87 -5.99
N VAL F 25 24.21 3.69 -6.96
CA VAL F 25 23.44 3.26 -8.12
C VAL F 25 24.10 3.67 -9.42
N SER F 26 23.76 2.95 -10.50
CA SER F 26 24.08 3.30 -11.87
C SER F 26 22.97 2.81 -12.78
N GLY F 27 21.96 3.67 -13.01
CA GLY F 27 20.75 3.28 -13.72
C GLY F 27 19.96 2.23 -12.94
N GLN F 28 19.76 1.05 -13.53
CA GLN F 28 19.07 -0.06 -12.88
C GLN F 28 20.00 -0.87 -11.99
N GLN F 29 21.31 -0.78 -12.22
CA GLN F 29 22.32 -1.41 -11.39
C GLN F 29 22.45 -0.67 -10.07
N VAL F 30 22.70 -1.45 -9.01
CA VAL F 30 22.79 -1.00 -7.64
C VAL F 30 24.00 -1.70 -7.03
N ARG F 31 25.01 -0.91 -6.65
CA ARG F 31 26.25 -1.44 -6.09
C ARG F 31 26.08 -1.62 -4.59
N ILE F 32 26.36 -2.84 -4.11
CA ILE F 32 26.03 -3.26 -2.75
C ILE F 32 27.22 -3.96 -2.12
N GLY F 33 27.47 -3.71 -0.83
CA GLY F 33 28.50 -4.36 -0.05
C GLY F 33 27.89 -5.17 1.08
N ILE F 34 28.45 -6.36 1.33
CA ILE F 34 28.04 -7.25 2.41
C ILE F 34 29.25 -7.62 3.25
N ASN F 35 29.04 -7.69 4.58
CA ASN F 35 30.05 -8.07 5.54
C ASN F 35 29.44 -9.08 6.52
N ALA F 36 29.88 -10.33 6.44
CA ALA F 36 29.45 -11.39 7.34
C ALA F 36 30.64 -12.20 7.87
N PRO F 37 30.47 -12.88 9.00
CA PRO F 37 31.47 -13.78 9.54
C PRO F 37 31.68 -15.00 8.64
N LYS F 38 32.82 -15.68 8.84
CA LYS F 38 33.13 -16.94 8.18
C LYS F 38 32.18 -18.06 8.57
N ASP F 39 31.46 -17.87 9.67
CA ASP F 39 30.49 -18.81 10.21
C ASP F 39 29.27 -18.97 9.30
N VAL F 40 29.06 -18.06 8.35
CA VAL F 40 27.92 -18.08 7.44
C VAL F 40 28.39 -17.96 5.99
N ALA F 41 27.49 -18.27 5.05
CA ALA F 41 27.72 -18.08 3.63
C ALA F 41 27.11 -16.77 3.13
N VAL F 42 27.56 -16.29 1.98
CA VAL F 42 26.95 -15.15 1.29
C VAL F 42 27.25 -15.22 -0.21
N HIS F 43 26.20 -15.28 -1.03
CA HIS F 43 26.30 -15.36 -2.48
C HIS F 43 25.06 -14.72 -3.12
N ARG F 44 25.00 -14.67 -4.46
CA ARG F 44 23.78 -14.30 -5.14
C ARG F 44 22.85 -15.51 -5.29
N GLU F 45 21.58 -15.27 -5.59
CA GLU F 45 20.54 -16.28 -5.60
C GLU F 45 20.83 -17.41 -6.60
N GLU F 46 21.65 -17.13 -7.62
CA GLU F 46 22.09 -18.12 -8.59
C GLU F 46 22.97 -19.18 -7.95
N ILE F 47 23.96 -18.75 -7.16
CA ILE F 47 24.93 -19.62 -6.53
C ILE F 47 24.30 -20.32 -5.32
N TYR F 48 23.36 -19.65 -4.65
CA TYR F 48 22.66 -20.20 -3.51
C TYR F 48 21.99 -21.54 -3.81
N GLN F 49 21.46 -21.71 -5.02
CA GLN F 49 20.76 -22.91 -5.43
C GLN F 49 21.70 -24.12 -5.54
N ARG F 50 22.99 -23.89 -5.80
CA ARG F 50 24.00 -24.94 -5.85
C ARG F 50 24.30 -25.45 -4.45
N ILE F 51 24.03 -24.64 -3.44
CA ILE F 51 24.42 -24.88 -2.07
C ILE F 51 23.29 -25.55 -1.30
N GLN F 52 22.07 -25.01 -1.43
CA GLN F 52 20.88 -25.58 -0.80
C GLN F 52 20.44 -26.89 -1.44
N ALA F 53 21.20 -27.40 -2.42
CA ALA F 53 21.03 -28.73 -2.97
C ALA F 53 21.31 -29.84 -1.97
N GLY F 54 22.08 -29.57 -0.90
CA GLY F 54 22.23 -30.50 0.21
C GLY F 54 23.49 -30.30 1.04
N LEU F 55 24.04 -29.07 1.07
CA LEU F 55 25.35 -28.79 1.64
C LEU F 55 25.47 -27.31 2.00
N THR F 56 26.66 -26.90 2.46
CA THR F 56 26.95 -25.49 2.75
C THR F 56 28.17 -24.98 1.98
N ALA F 57 29.16 -25.85 1.76
CA ALA F 57 30.46 -25.50 1.23
C ALA F 57 31.22 -26.68 0.62
N PRO F 58 31.01 -27.93 1.06
CA PRO F 58 31.77 -29.05 0.54
C PRO F 58 31.38 -29.48 -0.87
N ASP F 59 31.93 -30.63 -1.27
CA ASP F 59 31.90 -31.14 -2.63
C ASP F 59 31.29 -32.55 -2.66
N MET A 1 -24.40 -16.30 20.05
CA MET A 1 -23.25 -16.32 19.14
C MET A 1 -21.95 -16.31 19.93
N LEU A 2 -20.98 -17.15 19.57
CA LEU A 2 -19.72 -17.28 20.29
C LEU A 2 -18.62 -16.51 19.55
N ILE A 3 -18.01 -15.51 20.21
CA ILE A 3 -16.98 -14.67 19.63
C ILE A 3 -15.61 -15.03 20.18
N LEU A 4 -14.61 -15.09 19.30
CA LEU A 4 -13.22 -15.38 19.63
C LEU A 4 -12.28 -14.41 18.92
N THR A 5 -11.09 -14.18 19.49
CA THR A 5 -10.13 -13.24 18.97
C THR A 5 -8.76 -13.91 18.82
N ARG A 6 -8.38 -14.31 17.60
CA ARG A 6 -7.21 -15.14 17.38
C ARG A 6 -6.31 -14.55 16.31
N LYS A 7 -5.00 -14.72 16.46
CA LYS A 7 -3.99 -14.12 15.59
C LYS A 7 -3.73 -14.98 14.37
N VAL A 8 -3.05 -14.37 13.38
CA VAL A 8 -2.49 -15.08 12.23
C VAL A 8 -1.81 -16.37 12.67
N GLY A 9 -2.16 -17.48 12.02
CA GLY A 9 -1.56 -18.78 12.25
C GLY A 9 -2.26 -19.61 13.31
N GLU A 10 -3.18 -19.01 14.08
CA GLU A 10 -3.98 -19.74 15.05
C GLU A 10 -5.22 -20.37 14.40
N SER A 11 -5.95 -21.21 15.16
CA SER A 11 -6.99 -22.06 14.61
C SER A 11 -8.22 -22.16 15.51
N ILE A 12 -9.35 -22.54 14.93
CA ILE A 12 -10.66 -22.68 15.55
C ILE A 12 -11.22 -24.04 15.16
N ASN A 13 -12.13 -24.59 15.96
CA ASN A 13 -12.70 -25.91 15.78
C ASN A 13 -14.21 -25.88 15.94
N ILE A 14 -14.88 -26.68 15.11
CA ILE A 14 -16.32 -26.89 15.13
C ILE A 14 -16.58 -28.40 15.02
N GLY A 15 -17.26 -28.97 16.01
CA GLY A 15 -17.36 -30.41 16.14
C GLY A 15 -18.35 -31.10 15.21
N ASP A 16 -18.88 -30.37 14.22
CA ASP A 16 -19.59 -30.94 13.09
C ASP A 16 -18.60 -31.61 12.12
N ASP A 17 -17.32 -31.65 12.53
CA ASP A 17 -16.14 -32.16 11.85
C ASP A 17 -15.47 -31.10 10.97
N ILE A 18 -15.31 -29.89 11.50
CA ILE A 18 -14.62 -28.82 10.80
C ILE A 18 -13.53 -28.18 11.66
N THR A 19 -12.41 -27.80 11.01
CA THR A 19 -11.37 -26.98 11.59
C THR A 19 -11.12 -25.77 10.71
N ILE A 20 -10.86 -24.60 11.32
CA ILE A 20 -10.64 -23.35 10.62
C ILE A 20 -9.26 -22.82 11.00
N THR A 21 -8.56 -22.18 10.05
CA THR A 21 -7.24 -21.60 10.27
C THR A 21 -7.18 -20.22 9.64
N ILE A 22 -6.65 -19.23 10.37
CA ILE A 22 -6.36 -17.92 9.80
C ILE A 22 -4.96 -17.96 9.18
N LEU A 23 -4.88 -18.09 7.85
CA LEU A 23 -3.60 -18.24 7.18
C LEU A 23 -2.85 -16.91 7.14
N GLY A 24 -3.57 -15.78 7.18
CA GLY A 24 -2.97 -14.47 7.38
C GLY A 24 -3.91 -13.30 7.12
N VAL A 25 -3.39 -12.07 7.22
CA VAL A 25 -4.16 -10.85 7.01
C VAL A 25 -3.49 -9.94 5.99
N SER A 26 -4.30 -9.13 5.30
CA SER A 26 -3.86 -8.20 4.25
C SER A 26 -4.65 -6.90 4.36
N GLY A 27 -4.47 -6.16 5.46
CA GLY A 27 -5.30 -5.02 5.79
C GLY A 27 -6.68 -5.48 6.26
N GLN A 28 -7.75 -4.95 5.67
CA GLN A 28 -9.10 -5.31 6.07
C GLN A 28 -9.58 -6.64 5.51
N GLN A 29 -8.88 -7.24 4.54
CA GLN A 29 -9.21 -8.56 4.04
C GLN A 29 -8.32 -9.61 4.68
N VAL A 30 -9.00 -10.64 5.18
CA VAL A 30 -8.49 -11.69 6.06
C VAL A 30 -8.48 -13.01 5.31
N ARG A 31 -7.32 -13.67 5.22
CA ARG A 31 -7.19 -14.91 4.48
C ARG A 31 -7.44 -16.09 5.40
N ILE A 32 -8.63 -16.67 5.30
CA ILE A 32 -9.11 -17.75 6.15
C ILE A 32 -9.17 -19.04 5.34
N GLY A 33 -8.65 -20.14 5.91
CA GLY A 33 -8.78 -21.47 5.36
C GLY A 33 -9.75 -22.32 6.18
N ILE A 34 -10.58 -23.10 5.50
CA ILE A 34 -11.56 -24.02 6.07
C ILE A 34 -11.11 -25.44 5.78
N ASN A 35 -11.19 -26.32 6.79
CA ASN A 35 -10.86 -27.73 6.67
C ASN A 35 -12.06 -28.57 7.11
N ALA A 36 -13.06 -28.61 6.23
CA ALA A 36 -14.25 -29.42 6.34
C ALA A 36 -14.26 -30.55 5.30
N PRO A 37 -14.94 -31.67 5.56
CA PRO A 37 -15.06 -32.75 4.62
C PRO A 37 -16.05 -32.39 3.52
N LYS A 38 -15.91 -33.02 2.34
CA LYS A 38 -16.76 -32.75 1.20
C LYS A 38 -18.19 -33.23 1.40
N ASP A 39 -18.46 -33.88 2.54
CA ASP A 39 -19.81 -34.21 2.98
C ASP A 39 -20.60 -32.98 3.40
N VAL A 40 -19.92 -31.90 3.79
CA VAL A 40 -20.54 -30.63 4.10
C VAL A 40 -20.05 -29.53 3.16
N ALA A 41 -20.97 -28.61 2.81
CA ALA A 41 -20.71 -27.52 1.89
C ALA A 41 -20.12 -26.32 2.63
N VAL A 42 -19.18 -25.61 2.01
CA VAL A 42 -18.62 -24.38 2.56
C VAL A 42 -18.63 -23.27 1.51
N HIS A 43 -19.21 -22.12 1.85
CA HIS A 43 -19.40 -21.00 0.93
C HIS A 43 -19.43 -19.70 1.70
N ARG A 44 -19.10 -18.58 1.05
CA ARG A 44 -19.29 -17.26 1.64
C ARG A 44 -20.73 -16.78 1.47
N GLU A 45 -21.12 -15.72 2.17
CA GLU A 45 -22.49 -15.20 2.17
C GLU A 45 -22.92 -14.71 0.79
N GLU A 46 -21.98 -14.13 0.03
CA GLU A 46 -22.15 -13.74 -1.36
C GLU A 46 -22.54 -14.92 -2.26
N ILE A 47 -22.25 -16.14 -1.82
CA ILE A 47 -22.37 -17.36 -2.62
C ILE A 47 -23.25 -18.38 -1.93
N TYR A 48 -23.67 -18.13 -0.69
CA TYR A 48 -24.64 -18.98 -0.02
C TYR A 48 -26.05 -18.65 -0.47
N GLN A 49 -26.33 -17.35 -0.66
CA GLN A 49 -27.65 -16.87 -1.01
C GLN A 49 -28.03 -17.24 -2.44
N ARG A 50 -27.04 -17.43 -3.31
CA ARG A 50 -27.23 -17.92 -4.66
C ARG A 50 -27.55 -19.41 -4.69
N ILE A 51 -27.00 -20.19 -3.75
CA ILE A 51 -27.34 -21.60 -3.59
C ILE A 51 -28.80 -21.72 -3.13
N GLN A 52 -29.15 -20.94 -2.10
CA GLN A 52 -30.46 -20.98 -1.47
C GLN A 52 -31.49 -20.14 -2.22
N ALA A 53 -31.11 -19.59 -3.38
CA ALA A 53 -32.04 -18.90 -4.27
C ALA A 53 -33.07 -19.85 -4.87
N GLY A 54 -32.86 -21.16 -4.73
CA GLY A 54 -33.79 -22.20 -5.15
C GLY A 54 -33.13 -23.26 -6.02
N LEU A 55 -31.84 -23.10 -6.36
CA LEU A 55 -31.09 -24.10 -7.09
C LEU A 55 -30.39 -25.05 -6.13
N THR A 56 -31.08 -26.13 -5.80
CA THR A 56 -30.53 -27.23 -5.01
C THR A 56 -30.83 -28.57 -5.65
N ALA A 57 -31.74 -28.59 -6.63
CA ALA A 57 -31.98 -29.73 -7.49
C ALA A 57 -30.93 -29.82 -8.60
N PRO A 58 -30.71 -31.01 -9.16
CA PRO A 58 -29.79 -31.19 -10.28
C PRO A 58 -30.34 -30.62 -11.58
N ASP A 59 -29.45 -30.50 -12.56
CA ASP A 59 -29.79 -30.10 -13.92
C ASP A 59 -30.58 -31.19 -14.65
N MET B 1 -7.98 -28.07 2.39
CA MET B 1 -8.29 -26.67 2.75
C MET B 1 -9.06 -25.97 1.64
N LEU B 2 -10.08 -25.18 2.01
CA LEU B 2 -10.78 -24.27 1.12
C LEU B 2 -10.57 -22.85 1.64
N ILE B 3 -9.98 -21.98 0.82
CA ILE B 3 -9.41 -20.72 1.28
C ILE B 3 -10.09 -19.50 0.63
N LEU B 4 -10.30 -18.46 1.43
CA LEU B 4 -11.08 -17.28 1.07
C LEU B 4 -10.50 -16.00 1.67
N THR B 5 -10.55 -14.89 0.92
CA THR B 5 -10.32 -13.58 1.49
C THR B 5 -11.66 -13.02 1.97
N ARG B 6 -11.74 -12.66 3.24
CA ARG B 6 -12.95 -12.10 3.84
C ARG B 6 -12.65 -10.74 4.45
N LYS B 7 -13.26 -9.69 3.91
CA LYS B 7 -13.03 -8.34 4.41
C LYS B 7 -13.95 -8.07 5.60
N VAL B 8 -13.51 -7.23 6.54
CA VAL B 8 -14.21 -7.07 7.80
C VAL B 8 -15.67 -6.70 7.57
N GLY B 9 -16.56 -7.45 8.22
CA GLY B 9 -18.00 -7.28 8.07
C GLY B 9 -18.66 -8.27 7.10
N GLU B 10 -17.88 -9.04 6.34
CA GLU B 10 -18.41 -10.09 5.48
C GLU B 10 -18.63 -11.39 6.26
N SER B 11 -19.39 -12.32 5.68
CA SER B 11 -19.86 -13.52 6.36
C SER B 11 -19.64 -14.77 5.54
N ILE B 12 -19.62 -15.92 6.21
CA ILE B 12 -19.35 -17.24 5.65
C ILE B 12 -20.30 -18.26 6.25
N ASN B 13 -20.52 -19.38 5.54
CA ASN B 13 -21.50 -20.39 5.91
C ASN B 13 -20.93 -21.80 5.74
N ILE B 14 -21.28 -22.70 6.67
CA ILE B 14 -20.79 -24.07 6.70
C ILE B 14 -21.97 -25.01 6.96
N GLY B 15 -22.10 -26.04 6.12
CA GLY B 15 -23.21 -26.97 6.18
C GLY B 15 -24.54 -26.25 6.03
N ASP B 16 -25.49 -26.58 6.92
CA ASP B 16 -26.78 -25.90 7.00
C ASP B 16 -27.11 -25.45 8.42
N ASP B 17 -26.20 -25.63 9.37
CA ASP B 17 -26.39 -25.24 10.76
C ASP B 17 -25.44 -24.12 11.21
N ILE B 18 -24.37 -23.84 10.48
CA ILE B 18 -23.30 -22.97 10.95
C ILE B 18 -23.14 -21.75 10.04
N THR B 19 -22.99 -20.58 10.68
CA THR B 19 -22.62 -19.33 10.04
C THR B 19 -21.45 -18.70 10.79
N ILE B 20 -20.60 -17.97 10.07
CA ILE B 20 -19.40 -17.33 10.56
C ILE B 20 -19.40 -15.87 10.09
N THR B 21 -18.83 -14.97 10.89
CA THR B 21 -18.67 -13.57 10.52
C THR B 21 -17.31 -13.05 10.97
N ILE B 22 -16.61 -12.33 10.08
CA ILE B 22 -15.37 -11.66 10.45
C ILE B 22 -15.72 -10.27 10.99
N LEU B 23 -15.86 -10.16 12.31
CA LEU B 23 -16.29 -8.92 12.95
C LEU B 23 -15.28 -7.81 12.71
N GLY B 24 -13.99 -8.16 12.66
CA GLY B 24 -12.94 -7.24 12.26
C GLY B 24 -11.56 -7.73 12.67
N VAL B 25 -10.54 -6.90 12.43
CA VAL B 25 -9.18 -7.18 12.88
C VAL B 25 -8.76 -6.16 13.94
N SER B 26 -7.84 -6.58 14.80
CA SER B 26 -7.21 -5.74 15.80
C SER B 26 -5.70 -5.89 15.68
N GLY B 27 -5.13 -5.30 14.63
CA GLY B 27 -3.72 -5.53 14.33
C GLY B 27 -3.54 -6.84 13.58
N GLN B 28 -2.76 -7.74 14.18
CA GLN B 28 -2.60 -9.10 13.67
C GLN B 28 -3.49 -10.08 14.43
N GLN B 29 -4.44 -9.54 15.20
CA GLN B 29 -5.51 -10.30 15.83
C GLN B 29 -6.78 -10.19 14.99
N VAL B 30 -7.63 -11.20 15.08
CA VAL B 30 -8.82 -11.29 14.23
C VAL B 30 -10.02 -11.66 15.09
N ARG B 31 -11.00 -10.75 15.18
CA ARG B 31 -12.23 -10.92 15.94
C ARG B 31 -13.27 -11.61 15.06
N ILE B 32 -13.70 -12.80 15.48
CA ILE B 32 -14.52 -13.70 14.70
C ILE B 32 -15.77 -14.10 15.48
N GLY B 33 -16.94 -14.00 14.84
CA GLY B 33 -18.18 -14.51 15.39
C GLY B 33 -18.54 -15.87 14.81
N ILE B 34 -18.99 -16.78 15.68
CA ILE B 34 -19.40 -18.12 15.31
C ILE B 34 -20.83 -18.34 15.75
N ASN B 35 -21.64 -18.84 14.80
CA ASN B 35 -23.08 -18.89 14.92
C ASN B 35 -23.57 -20.28 14.51
N ALA B 36 -23.37 -21.22 15.43
CA ALA B 36 -23.84 -22.59 15.35
C ALA B 36 -24.75 -22.88 16.53
N PRO B 37 -25.64 -23.88 16.42
CA PRO B 37 -26.37 -24.38 17.56
C PRO B 37 -25.40 -24.88 18.62
N LYS B 38 -25.84 -24.88 19.88
CA LYS B 38 -25.10 -25.43 21.00
C LYS B 38 -25.03 -26.95 20.93
N ASP B 39 -25.66 -27.48 19.88
CA ASP B 39 -25.64 -28.87 19.47
C ASP B 39 -24.25 -29.30 19.02
N VAL B 40 -23.42 -28.34 18.59
CA VAL B 40 -22.04 -28.54 18.19
C VAL B 40 -21.10 -27.86 19.17
N ALA B 41 -19.95 -28.47 19.43
CA ALA B 41 -18.92 -27.85 20.23
C ALA B 41 -18.02 -26.95 19.39
N VAL B 42 -17.66 -25.81 19.97
CA VAL B 42 -17.06 -24.69 19.26
C VAL B 42 -16.03 -24.01 20.15
N HIS B 43 -14.74 -24.27 19.90
CA HIS B 43 -13.61 -23.72 20.65
C HIS B 43 -12.41 -23.50 19.74
N ARG B 44 -11.33 -22.91 20.27
CA ARG B 44 -10.05 -22.86 19.59
C ARG B 44 -9.26 -24.15 19.79
N GLU B 45 -8.24 -24.39 18.97
CA GLU B 45 -7.42 -25.60 19.04
C GLU B 45 -6.86 -25.84 20.44
N GLU B 46 -6.40 -24.79 21.12
CA GLU B 46 -5.90 -24.88 22.48
C GLU B 46 -6.85 -25.66 23.38
N ILE B 47 -8.14 -25.35 23.24
CA ILE B 47 -9.22 -25.84 24.08
C ILE B 47 -9.67 -27.22 23.61
N TYR B 48 -9.88 -27.31 22.29
CA TYR B 48 -10.28 -28.53 21.62
C TYR B 48 -9.40 -29.71 22.01
N GLN B 49 -8.10 -29.46 22.18
CA GLN B 49 -7.12 -30.49 22.49
C GLN B 49 -7.31 -31.11 23.88
N ARG B 50 -7.90 -30.39 24.84
CA ARG B 50 -8.27 -30.97 26.12
C ARG B 50 -9.59 -31.72 26.01
N ILE B 51 -10.54 -31.17 25.26
CA ILE B 51 -11.88 -31.72 25.14
C ILE B 51 -11.80 -33.10 24.49
N GLN B 52 -10.94 -33.22 23.49
CA GLN B 52 -10.65 -34.51 22.86
C GLN B 52 -9.66 -35.36 23.65
N ALA B 53 -9.25 -34.91 24.85
CA ALA B 53 -8.50 -35.71 25.79
C ALA B 53 -9.41 -36.63 26.60
N GLY B 54 -10.72 -36.39 26.60
CA GLY B 54 -11.71 -37.31 27.14
C GLY B 54 -12.74 -36.66 28.06
N LEU B 55 -13.30 -35.52 27.64
CA LEU B 55 -14.09 -34.67 28.51
C LEU B 55 -14.84 -33.57 27.76
N THR B 56 -15.51 -32.70 28.50
CA THR B 56 -16.07 -31.44 28.04
C THR B 56 -15.63 -30.31 28.97
N ALA B 57 -16.04 -29.07 28.67
CA ALA B 57 -15.73 -27.90 29.46
C ALA B 57 -15.76 -28.19 30.96
N PRO B 58 -14.65 -28.01 31.69
CA PRO B 58 -14.54 -28.49 33.06
C PRO B 58 -15.52 -27.85 34.03
N ASP B 59 -15.59 -28.43 35.24
CA ASP B 59 -16.40 -27.95 36.34
C ASP B 59 -16.05 -26.53 36.77
N MET C 1 -16.65 32.21 -8.08
CA MET C 1 -15.90 30.94 -8.01
C MET C 1 -16.61 29.86 -8.81
N LEU C 2 -15.99 29.39 -9.90
CA LEU C 2 -16.45 28.25 -10.67
C LEU C 2 -15.48 27.10 -10.47
N ILE C 3 -15.92 26.04 -9.77
CA ILE C 3 -15.14 24.83 -9.56
C ILE C 3 -15.30 23.91 -10.76
N LEU C 4 -14.18 23.37 -11.25
CA LEU C 4 -14.14 22.31 -12.23
C LEU C 4 -13.29 21.15 -11.73
N THR C 5 -13.77 19.93 -11.93
CA THR C 5 -12.99 18.72 -11.72
C THR C 5 -12.41 18.21 -13.03
N ARG C 6 -11.19 17.66 -12.97
CA ARG C 6 -10.51 17.08 -14.11
C ARG C 6 -9.66 15.88 -13.70
N LYS C 7 -9.46 14.93 -14.61
CA LYS C 7 -8.52 13.84 -14.44
C LYS C 7 -7.16 14.24 -15.03
N VAL C 8 -6.08 13.56 -14.65
CA VAL C 8 -4.76 13.90 -15.17
C VAL C 8 -4.70 13.79 -16.70
N GLY C 9 -4.02 14.75 -17.33
CA GLY C 9 -3.93 14.89 -18.78
C GLY C 9 -5.09 15.64 -19.42
N GLU C 10 -6.10 16.08 -18.66
CA GLU C 10 -7.25 16.80 -19.19
C GLU C 10 -6.99 18.31 -19.36
N SER C 11 -8.01 19.07 -19.75
CA SER C 11 -7.85 20.44 -20.25
C SER C 11 -8.96 21.41 -19.85
N ILE C 12 -8.59 22.68 -19.64
CA ILE C 12 -9.42 23.76 -19.13
C ILE C 12 -9.11 25.04 -19.92
N ASN C 13 -10.07 25.98 -20.03
CA ASN C 13 -9.92 27.23 -20.73
C ASN C 13 -10.38 28.42 -19.89
N ILE C 14 -9.74 29.57 -20.10
CA ILE C 14 -10.10 30.84 -19.49
C ILE C 14 -10.06 31.94 -20.55
N GLY C 15 -11.03 32.87 -20.50
CA GLY C 15 -11.20 33.89 -21.53
C GLY C 15 -11.39 33.27 -22.90
N ASP C 16 -10.70 33.83 -23.90
CA ASP C 16 -10.58 33.25 -25.23
C ASP C 16 -9.12 33.12 -25.65
N ASP C 17 -8.19 33.35 -24.72
CA ASP C 17 -6.76 33.43 -24.98
C ASP C 17 -5.94 32.53 -24.06
N ILE C 18 -6.55 31.95 -23.02
CA ILE C 18 -5.84 31.16 -22.02
C ILE C 18 -6.36 29.73 -22.00
N THR C 19 -5.43 28.77 -21.94
CA THR C 19 -5.71 27.35 -21.83
C THR C 19 -4.80 26.77 -20.76
N ILE C 20 -5.28 25.78 -19.99
CA ILE C 20 -4.54 25.20 -18.88
C ILE C 20 -4.68 23.69 -18.92
N THR C 21 -3.58 22.97 -18.72
CA THR C 21 -3.51 21.51 -18.79
C THR C 21 -3.05 20.93 -17.47
N ILE C 22 -3.71 19.88 -16.99
CA ILE C 22 -3.22 19.11 -15.87
C ILE C 22 -2.25 18.06 -16.41
N LEU C 23 -1.00 18.11 -15.96
CA LEU C 23 0.05 17.27 -16.49
C LEU C 23 0.16 16.01 -15.64
N GLY C 24 -0.07 16.13 -14.33
CA GLY C 24 -0.27 14.99 -13.45
C GLY C 24 -0.16 15.34 -11.98
N VAL C 25 -0.24 14.33 -11.11
CA VAL C 25 -0.04 14.50 -9.67
C VAL C 25 1.15 13.67 -9.19
N SER C 26 1.78 14.12 -8.11
CA SER C 26 2.83 13.40 -7.41
C SER C 26 2.69 13.71 -5.92
N GLY C 27 2.17 12.77 -5.14
CA GLY C 27 1.79 13.08 -3.77
C GLY C 27 0.59 14.01 -3.74
N GLN C 28 0.68 15.08 -2.93
CA GLN C 28 -0.28 16.17 -2.92
C GLN C 28 0.07 17.27 -3.92
N GLN C 29 1.20 17.14 -4.62
CA GLN C 29 1.62 18.09 -5.63
C GLN C 29 0.92 17.79 -6.95
N VAL C 30 0.65 18.84 -7.73
CA VAL C 30 -0.08 18.77 -8.98
C VAL C 30 0.72 19.55 -10.01
N ARG C 31 1.29 18.88 -11.01
CA ARG C 31 1.93 19.58 -12.12
C ARG C 31 0.87 20.12 -13.05
N ILE C 32 0.73 21.44 -13.07
CA ILE C 32 -0.23 22.17 -13.91
C ILE C 32 0.54 23.06 -14.88
N GLY C 33 0.15 23.03 -16.17
CA GLY C 33 0.70 23.89 -17.20
C GLY C 33 -0.28 24.97 -17.62
N ILE C 34 0.17 26.23 -17.63
CA ILE C 34 -0.63 27.39 -17.96
C ILE C 34 -0.17 27.92 -19.31
N ASN C 35 -1.09 28.11 -20.25
CA ASN C 35 -0.80 28.62 -21.59
C ASN C 35 -1.57 29.91 -21.82
N ALA C 36 -0.90 31.04 -21.59
CA ALA C 36 -1.45 32.38 -21.79
C ALA C 36 -0.45 33.25 -22.55
N PRO C 37 -0.91 34.28 -23.28
CA PRO C 37 -0.04 35.26 -23.89
C PRO C 37 0.72 36.06 -22.83
N LYS C 38 1.91 36.56 -23.18
CA LYS C 38 2.66 37.48 -22.34
C LYS C 38 1.97 38.83 -22.16
N ASP C 39 0.81 39.01 -22.81
CA ASP C 39 -0.09 40.13 -22.57
C ASP C 39 -0.67 40.08 -21.16
N VAL C 40 -0.69 38.90 -20.54
CA VAL C 40 -1.12 38.70 -19.17
C VAL C 40 -0.02 38.00 -18.37
N ALA C 41 0.02 38.28 -17.06
CA ALA C 41 0.96 37.65 -16.16
C ALA C 41 0.42 36.33 -15.62
N VAL C 42 1.30 35.42 -15.20
CA VAL C 42 0.93 34.22 -14.46
C VAL C 42 1.93 33.96 -13.34
N HIS C 43 1.45 33.78 -12.10
CA HIS C 43 2.31 33.53 -10.96
C HIS C 43 1.58 32.77 -9.86
N ARG C 44 2.31 31.99 -9.06
CA ARG C 44 1.77 31.41 -7.84
C ARG C 44 1.58 32.50 -6.78
N GLU C 45 0.75 32.23 -5.77
CA GLU C 45 0.28 33.25 -4.82
C GLU C 45 1.42 33.91 -4.05
N GLU C 46 2.50 33.17 -3.77
CA GLU C 46 3.66 33.70 -3.07
C GLU C 46 4.53 34.61 -3.95
N ILE C 47 4.42 34.49 -5.27
CA ILE C 47 5.12 35.35 -6.23
C ILE C 47 4.20 36.47 -6.71
N TYR C 48 2.89 36.23 -6.82
CA TYR C 48 1.95 37.23 -7.28
C TYR C 48 1.98 38.48 -6.41
N GLN C 49 2.14 38.32 -5.10
CA GLN C 49 2.19 39.43 -4.16
C GLN C 49 3.40 40.33 -4.42
N ARG C 50 4.50 39.77 -4.93
CA ARG C 50 5.70 40.50 -5.30
C ARG C 50 5.46 41.37 -6.53
N ILE C 51 4.63 40.91 -7.47
CA ILE C 51 4.19 41.69 -8.62
C ILE C 51 3.44 42.94 -8.17
N GLN C 52 2.85 42.88 -6.97
CA GLN C 52 1.98 43.91 -6.43
C GLN C 52 2.68 44.77 -5.38
N ALA C 53 3.97 44.50 -5.13
CA ALA C 53 4.73 45.13 -4.07
C ALA C 53 5.33 46.48 -4.45
N GLY C 54 5.20 46.89 -5.72
CA GLY C 54 5.85 48.06 -6.26
C GLY C 54 7.15 47.68 -6.96
N LEU C 55 7.19 47.87 -8.28
CA LEU C 55 8.24 47.36 -9.16
C LEU C 55 8.29 48.11 -10.49
N THR C 56 9.30 47.81 -11.30
CA THR C 56 9.57 48.52 -12.55
C THR C 56 9.03 47.78 -13.78
N ALA C 57 8.31 46.66 -13.57
CA ALA C 57 7.73 45.87 -14.65
C ALA C 57 6.59 46.54 -15.41
N PRO C 58 5.79 47.44 -14.81
CA PRO C 58 4.75 48.16 -15.53
C PRO C 58 5.28 49.11 -16.60
N ASP C 59 4.35 49.72 -17.35
CA ASP C 59 4.66 50.65 -18.42
C ASP C 59 5.28 51.94 -17.89
N MET D 1 4.23 27.86 -22.68
CA MET D 1 3.55 27.36 -21.47
C MET D 1 4.39 27.67 -20.24
N LEU D 2 3.75 27.92 -19.10
CA LEU D 2 4.38 28.08 -17.81
C LEU D 2 3.85 27.00 -16.86
N ILE D 3 4.70 26.01 -16.55
CA ILE D 3 4.37 24.84 -15.75
C ILE D 3 4.87 25.03 -14.31
N LEU D 4 4.06 24.61 -13.33
CA LEU D 4 4.37 24.65 -11.91
C LEU D 4 3.88 23.39 -11.22
N THR D 5 4.39 23.14 -10.01
CA THR D 5 3.76 22.20 -9.10
C THR D 5 3.04 22.99 -8.02
N ARG D 6 1.72 22.81 -7.93
CA ARG D 6 0.92 23.33 -6.84
C ARG D 6 0.48 22.21 -5.91
N LYS D 7 0.68 22.36 -4.59
CA LYS D 7 0.09 21.44 -3.62
C LYS D 7 -1.37 21.79 -3.38
N VAL D 8 -2.13 20.81 -2.90
CA VAL D 8 -3.51 21.04 -2.51
C VAL D 8 -3.62 22.15 -1.46
N GLY D 9 -4.63 23.01 -1.62
CA GLY D 9 -4.91 24.11 -0.72
C GLY D 9 -4.16 25.40 -1.05
N GLU D 10 -3.31 25.39 -2.09
CA GLU D 10 -2.59 26.59 -2.52
C GLU D 10 -3.26 27.28 -3.70
N SER D 11 -2.69 28.40 -4.14
CA SER D 11 -3.34 29.29 -5.11
C SER D 11 -2.37 29.84 -6.16
N ILE D 12 -2.94 30.29 -7.29
CA ILE D 12 -2.24 30.88 -8.43
C ILE D 12 -3.03 32.08 -8.92
N ASN D 13 -2.36 33.03 -9.59
CA ASN D 13 -2.99 34.20 -10.19
C ASN D 13 -2.67 34.31 -11.67
N ILE D 14 -3.61 34.89 -12.42
CA ILE D 14 -3.51 35.16 -13.84
C ILE D 14 -3.98 36.59 -14.12
N GLY D 15 -3.25 37.31 -14.96
CA GLY D 15 -3.48 38.74 -15.17
C GLY D 15 -3.39 39.50 -13.85
N ASP D 16 -4.38 40.36 -13.60
CA ASP D 16 -4.57 41.00 -12.30
C ASP D 16 -6.01 40.88 -11.81
N ASP D 17 -6.84 40.06 -12.48
CA ASP D 17 -8.25 39.92 -12.20
C ASP D 17 -8.70 38.47 -12.03
N ILE D 18 -7.82 37.49 -12.30
CA ILE D 18 -8.14 36.08 -12.27
C ILE D 18 -7.32 35.36 -11.21
N THR D 19 -7.98 34.51 -10.43
CA THR D 19 -7.35 33.68 -9.40
C THR D 19 -7.74 32.22 -9.59
N ILE D 20 -6.83 31.31 -9.26
CA ILE D 20 -7.01 29.87 -9.32
C ILE D 20 -6.67 29.29 -7.95
N THR D 21 -7.43 28.28 -7.50
CA THR D 21 -7.20 27.63 -6.23
C THR D 21 -7.32 26.12 -6.41
N ILE D 22 -6.28 25.36 -6.06
CA ILE D 22 -6.33 23.92 -6.11
C ILE D 22 -6.98 23.40 -4.83
N LEU D 23 -8.26 23.03 -4.92
CA LEU D 23 -9.09 22.71 -3.77
C LEU D 23 -8.70 21.35 -3.20
N GLY D 24 -8.25 20.43 -4.06
CA GLY D 24 -7.72 19.14 -3.63
C GLY D 24 -7.61 18.14 -4.78
N VAL D 25 -7.14 16.93 -4.49
CA VAL D 25 -7.20 15.80 -5.40
C VAL D 25 -8.25 14.80 -4.94
N SER D 26 -8.72 13.96 -5.86
CA SER D 26 -9.56 12.81 -5.55
C SER D 26 -9.14 11.62 -6.41
N GLY D 27 -8.02 10.99 -6.04
CA GLY D 27 -7.41 9.94 -6.84
C GLY D 27 -6.59 10.54 -7.97
N GLN D 28 -7.01 10.30 -9.21
CA GLN D 28 -6.43 10.91 -10.39
C GLN D 28 -7.18 12.20 -10.76
N GLN D 29 -8.25 12.52 -10.04
CA GLN D 29 -8.90 13.81 -10.16
C GLN D 29 -8.11 14.91 -9.49
N VAL D 30 -8.33 16.14 -9.99
CA VAL D 30 -7.84 17.38 -9.43
C VAL D 30 -9.02 18.35 -9.41
N ARG D 31 -9.44 18.77 -8.22
CA ARG D 31 -10.60 19.63 -8.02
C ARG D 31 -10.11 21.07 -7.87
N ILE D 32 -10.49 21.93 -8.82
CA ILE D 32 -9.90 23.25 -8.96
C ILE D 32 -10.98 24.33 -8.98
N GLY D 33 -10.85 25.32 -8.08
CA GLY D 33 -11.66 26.52 -8.08
C GLY D 33 -11.03 27.59 -8.97
N ILE D 34 -11.89 28.32 -9.70
CA ILE D 34 -11.47 29.37 -10.61
C ILE D 34 -12.31 30.62 -10.33
N ASN D 35 -11.67 31.79 -10.35
CA ASN D 35 -12.28 33.03 -9.92
C ASN D 35 -11.92 34.14 -10.89
N ALA D 36 -12.84 34.44 -11.80
CA ALA D 36 -12.69 35.46 -12.83
C ALA D 36 -13.95 36.32 -12.88
N PRO D 37 -13.86 37.57 -13.35
CA PRO D 37 -15.04 38.37 -13.64
C PRO D 37 -15.89 37.72 -14.72
N LYS D 38 -17.20 37.95 -14.71
CA LYS D 38 -18.11 37.48 -15.76
C LYS D 38 -17.89 38.21 -17.08
N ASP D 39 -16.96 39.17 -17.09
CA ASP D 39 -16.44 39.81 -18.29
C ASP D 39 -15.64 38.82 -19.14
N VAL D 40 -15.14 37.74 -18.53
CA VAL D 40 -14.43 36.68 -19.21
C VAL D 40 -15.06 35.33 -18.89
N ALA D 41 -14.78 34.33 -19.74
CA ALA D 41 -15.38 33.01 -19.64
C ALA D 41 -14.43 31.99 -19.01
N VAL D 42 -14.96 30.91 -18.44
CA VAL D 42 -14.15 29.79 -17.99
C VAL D 42 -14.92 28.48 -18.09
N HIS D 43 -14.34 27.47 -18.76
CA HIS D 43 -14.93 26.16 -18.93
C HIS D 43 -13.86 25.08 -19.12
N ARG D 44 -14.26 23.81 -19.15
CA ARG D 44 -13.39 22.73 -19.59
C ARG D 44 -13.17 22.85 -21.10
N GLU D 45 -12.16 22.17 -21.64
CA GLU D 45 -11.99 22.03 -23.08
C GLU D 45 -13.20 21.34 -23.71
N GLU D 46 -13.75 20.33 -23.05
CA GLU D 46 -15.00 19.69 -23.45
C GLU D 46 -16.12 20.70 -23.71
N ILE D 47 -16.24 21.69 -22.82
CA ILE D 47 -17.34 22.63 -22.78
C ILE D 47 -17.03 23.85 -23.63
N TYR D 48 -15.77 24.26 -23.66
CA TYR D 48 -15.27 25.27 -24.58
C TYR D 48 -15.53 24.85 -26.02
N GLN D 49 -15.29 23.58 -26.35
CA GLN D 49 -15.51 23.05 -27.68
C GLN D 49 -16.99 23.02 -28.07
N ARG D 50 -17.91 23.01 -27.10
CA ARG D 50 -19.33 23.20 -27.35
C ARG D 50 -19.65 24.68 -27.57
N ILE D 51 -19.04 25.56 -26.79
CA ILE D 51 -19.25 26.99 -26.94
C ILE D 51 -18.68 27.50 -28.27
N GLN D 52 -17.63 26.82 -28.75
CA GLN D 52 -17.01 27.07 -30.03
C GLN D 52 -17.70 26.28 -31.14
N ALA D 53 -18.77 25.53 -30.81
CA ALA D 53 -19.56 24.77 -31.75
C ALA D 53 -20.67 25.61 -32.41
N GLY D 54 -20.78 26.90 -32.08
CA GLY D 54 -21.65 27.83 -32.77
C GLY D 54 -22.80 28.34 -31.90
N LEU D 55 -22.53 28.67 -30.65
CA LEU D 55 -23.55 28.97 -29.65
C LEU D 55 -22.98 29.77 -28.48
N THR D 56 -23.80 30.04 -27.46
CA THR D 56 -23.33 30.56 -26.19
C THR D 56 -23.64 29.58 -25.07
N ALA D 57 -24.92 29.34 -24.76
CA ALA D 57 -25.36 28.26 -23.89
C ALA D 57 -26.85 28.00 -24.11
N PRO D 58 -27.21 26.87 -24.73
CA PRO D 58 -28.60 26.57 -25.03
C PRO D 58 -29.49 26.33 -23.83
N ASP D 59 -30.79 26.18 -24.11
CA ASP D 59 -31.85 26.01 -23.14
C ASP D 59 -32.10 24.54 -22.83
N MET E 1 35.34 -9.43 3.53
CA MET E 1 34.20 -8.57 3.15
C MET E 1 33.65 -9.04 1.80
N LEU E 2 32.33 -9.21 1.69
CA LEU E 2 31.69 -9.66 0.46
C LEU E 2 31.03 -8.47 -0.22
N ILE E 3 31.44 -8.18 -1.46
CA ILE E 3 31.06 -6.97 -2.17
C ILE E 3 30.54 -7.33 -3.56
N LEU E 4 29.44 -6.69 -3.97
CA LEU E 4 28.69 -7.00 -5.16
C LEU E 4 28.27 -5.74 -5.91
N THR E 5 27.87 -5.90 -7.17
CA THR E 5 27.20 -4.85 -7.92
C THR E 5 25.89 -5.39 -8.49
N ARG E 6 24.79 -5.09 -7.80
CA ARG E 6 23.46 -5.59 -8.09
C ARG E 6 22.63 -4.49 -8.74
N LYS E 7 21.90 -4.74 -9.83
CA LYS E 7 20.95 -3.75 -10.34
C LYS E 7 19.52 -4.05 -9.92
N VAL E 8 18.65 -3.06 -10.14
CA VAL E 8 17.29 -3.09 -9.60
C VAL E 8 16.51 -4.30 -10.06
N GLY E 9 15.76 -4.90 -9.14
CA GLY E 9 14.92 -6.07 -9.39
C GLY E 9 15.65 -7.40 -9.21
N GLU E 10 16.97 -7.38 -8.94
CA GLU E 10 17.74 -8.58 -8.67
C GLU E 10 17.81 -8.86 -7.16
N SER E 11 18.49 -9.96 -6.77
CA SER E 11 18.46 -10.47 -5.41
C SER E 11 19.82 -10.93 -4.90
N ILE E 12 19.95 -11.00 -3.58
CA ILE E 12 21.14 -11.40 -2.83
C ILE E 12 20.71 -12.29 -1.67
N ASN E 13 21.61 -13.12 -1.14
CA ASN E 13 21.27 -14.10 -0.11
C ASN E 13 22.31 -14.18 1.00
N ILE E 14 21.86 -14.49 2.22
CA ILE E 14 22.69 -14.61 3.40
C ILE E 14 22.24 -15.83 4.21
N GLY E 15 23.19 -16.56 4.79
CA GLY E 15 22.92 -17.75 5.57
C GLY E 15 22.24 -18.83 4.73
N ASP E 16 21.20 -19.45 5.30
CA ASP E 16 20.31 -20.36 4.59
C ASP E 16 18.85 -19.96 4.76
N ASP E 17 18.58 -18.81 5.36
CA ASP E 17 17.25 -18.38 5.75
C ASP E 17 16.96 -16.91 5.44
N ILE E 18 17.94 -16.17 4.91
CA ILE E 18 17.81 -14.74 4.68
C ILE E 18 17.94 -14.42 3.18
N THR E 19 17.03 -13.59 2.69
CA THR E 19 17.01 -13.12 1.31
C THR E 19 16.91 -11.60 1.29
N ILE E 20 17.61 -10.98 0.33
CA ILE E 20 17.63 -9.54 0.10
C ILE E 20 17.22 -9.29 -1.34
N THR E 21 16.42 -8.24 -1.56
CA THR E 21 15.98 -7.85 -2.89
C THR E 21 16.09 -6.34 -3.05
N ILE E 22 16.73 -5.88 -4.13
CA ILE E 22 16.82 -4.47 -4.45
C ILE E 22 15.56 -4.03 -5.19
N LEU E 23 14.66 -3.33 -4.50
CA LEU E 23 13.37 -2.95 -5.05
C LEU E 23 13.51 -1.82 -6.07
N GLY E 24 14.54 -0.97 -5.92
CA GLY E 24 14.91 0.01 -6.94
C GLY E 24 15.70 1.19 -6.38
N VAL E 25 15.96 2.20 -7.22
CA VAL E 25 16.69 3.40 -6.85
C VAL E 25 15.85 4.66 -7.03
N SER E 26 16.22 5.71 -6.30
CA SER E 26 15.71 7.06 -6.47
C SER E 26 16.83 8.06 -6.19
N GLY E 27 17.60 8.44 -7.21
CA GLY E 27 18.76 9.29 -7.02
C GLY E 27 19.84 8.59 -6.21
N GLN E 28 20.11 9.05 -4.98
CA GLN E 28 21.03 8.37 -4.08
C GLN E 28 20.31 7.36 -3.21
N GLN E 29 19.00 7.53 -3.03
CA GLN E 29 18.19 6.60 -2.26
C GLN E 29 18.07 5.27 -2.99
N VAL E 30 18.02 4.19 -2.22
CA VAL E 30 17.97 2.83 -2.72
C VAL E 30 16.95 2.07 -1.87
N ARG E 31 15.85 1.64 -2.48
CA ARG E 31 14.78 0.94 -1.79
C ARG E 31 15.07 -0.55 -1.78
N ILE E 32 15.12 -1.13 -0.57
CA ILE E 32 15.62 -2.48 -0.36
C ILE E 32 14.64 -3.29 0.48
N GLY E 33 14.37 -4.53 0.06
CA GLY E 33 13.59 -5.50 0.81
C GLY E 33 14.49 -6.51 1.51
N ILE E 34 14.12 -6.89 2.74
CA ILE E 34 14.86 -7.82 3.58
C ILE E 34 13.89 -8.87 4.11
N ASN E 35 14.25 -10.14 3.96
CA ASN E 35 13.36 -11.24 4.27
C ASN E 35 14.09 -12.25 5.15
N ALA E 36 13.85 -12.17 6.46
CA ALA E 36 14.43 -13.04 7.46
C ALA E 36 13.37 -13.45 8.48
N PRO E 37 13.55 -14.60 9.14
CA PRO E 37 12.69 -15.02 10.24
C PRO E 37 12.73 -14.05 11.41
N LYS E 38 11.69 -14.07 12.25
CA LYS E 38 11.67 -13.32 13.50
C LYS E 38 12.59 -13.90 14.56
N ASP E 39 13.27 -15.01 14.22
CA ASP E 39 14.35 -15.57 15.00
C ASP E 39 15.58 -14.66 15.03
N VAL E 40 15.69 -13.75 14.06
CA VAL E 40 16.78 -12.79 13.95
C VAL E 40 16.23 -11.37 13.92
N ALA E 41 17.08 -10.40 14.29
CA ALA E 41 16.71 -9.00 14.25
C ALA E 41 17.16 -8.32 12.96
N VAL E 42 16.57 -7.17 12.63
CA VAL E 42 17.04 -6.32 11.55
C VAL E 42 16.61 -4.87 11.78
N HIS E 43 17.57 -3.94 11.67
CA HIS E 43 17.33 -2.51 11.74
C HIS E 43 18.37 -1.75 10.93
N ARG E 44 18.18 -0.45 10.70
CA ARG E 44 19.22 0.41 10.15
C ARG E 44 20.35 0.48 11.17
N GLU E 45 21.59 0.70 10.72
CA GLU E 45 22.72 0.80 11.64
C GLU E 45 22.51 1.93 12.65
N GLU E 46 21.74 2.95 12.27
CA GLU E 46 21.36 4.06 13.14
C GLU E 46 20.60 3.55 14.36
N ILE E 47 19.63 2.67 14.14
CA ILE E 47 18.78 2.12 15.19
C ILE E 47 19.53 1.04 15.95
N TYR E 48 20.30 0.21 15.24
CA TYR E 48 21.11 -0.83 15.85
C TYR E 48 22.08 -0.27 16.88
N GLN E 49 22.62 0.93 16.64
CA GLN E 49 23.60 1.56 17.52
C GLN E 49 22.97 2.03 18.84
N ARG E 50 21.65 2.26 18.88
CA ARG E 50 20.95 2.52 20.13
C ARG E 50 20.83 1.27 20.98
N ILE E 51 20.89 0.10 20.35
CA ILE E 51 20.69 -1.21 20.96
C ILE E 51 22.04 -1.81 21.35
N GLN E 52 23.10 -1.47 20.62
CA GLN E 52 24.47 -1.88 20.93
C GLN E 52 25.19 -0.98 21.94
N ALA E 53 24.51 0.04 22.48
CA ALA E 53 25.11 0.97 23.44
C ALA E 53 25.45 0.35 24.79
N GLY E 54 25.28 -0.96 24.97
CA GLY E 54 25.65 -1.66 26.18
C GLY E 54 24.46 -2.17 26.98
N LEU E 55 23.44 -2.69 26.28
CA LEU E 55 22.14 -2.94 26.91
C LEU E 55 21.25 -3.94 26.15
N THR E 56 21.32 -3.96 24.81
CA THR E 56 20.39 -4.66 23.96
C THR E 56 18.93 -4.35 24.30
N ALA E 57 18.64 -3.06 24.51
CA ALA E 57 17.31 -2.56 24.81
C ALA E 57 17.18 -1.13 24.30
N PRO E 58 16.21 -0.83 23.43
CA PRO E 58 16.01 0.51 22.89
C PRO E 58 15.83 1.58 23.97
N ASP E 59 15.08 1.25 25.02
CA ASP E 59 14.64 2.22 26.00
C ASP E 59 14.16 1.56 27.29
N MET F 1 9.07 -9.73 6.38
CA MET F 1 9.58 -8.97 5.22
C MET F 1 9.64 -7.48 5.54
N LEU F 2 10.85 -6.91 5.65
CA LEU F 2 11.03 -5.49 5.84
C LEU F 2 11.35 -4.78 4.53
N ILE F 3 10.93 -3.52 4.42
CA ILE F 3 11.31 -2.62 3.35
C ILE F 3 11.88 -1.34 3.95
N LEU F 4 13.00 -0.88 3.39
CA LEU F 4 13.69 0.33 3.78
C LEU F 4 14.07 1.14 2.55
N THR F 5 14.36 2.43 2.72
CA THR F 5 14.96 3.23 1.68
C THR F 5 16.23 3.89 2.21
N ARG F 6 17.38 3.32 1.84
CA ARG F 6 18.71 3.70 2.32
C ARG F 6 19.50 4.39 1.22
N LYS F 7 20.14 5.54 1.50
CA LYS F 7 21.00 6.17 0.49
C LYS F 7 22.47 5.83 0.65
N VAL F 8 23.24 6.16 -0.39
CA VAL F 8 24.62 5.73 -0.52
C VAL F 8 25.49 6.16 0.66
N GLY F 9 26.31 5.22 1.13
CA GLY F 9 27.25 5.43 2.23
C GLY F 9 26.67 5.05 3.59
N GLU F 10 25.38 4.72 3.68
CA GLU F 10 24.75 4.33 4.95
C GLU F 10 24.75 2.81 5.14
N SER F 11 24.30 2.35 6.31
CA SER F 11 24.44 0.97 6.74
C SER F 11 23.19 0.43 7.44
N ILE F 12 23.09 -0.90 7.50
CA ILE F 12 21.97 -1.66 8.06
C ILE F 12 22.54 -2.88 8.78
N ASN F 13 21.84 -3.40 9.79
CA ASN F 13 22.27 -4.57 10.56
C ASN F 13 21.25 -5.70 10.47
N ILE F 14 21.74 -6.95 10.52
CA ILE F 14 20.92 -8.16 10.57
C ILE F 14 21.49 -9.11 11.61
N GLY F 15 20.61 -9.78 12.37
CA GLY F 15 21.00 -10.61 13.49
C GLY F 15 21.68 -9.78 14.57
N ASP F 16 22.82 -10.27 15.06
CA ASP F 16 23.70 -9.50 15.93
C ASP F 16 25.16 -9.55 15.45
N ASP F 17 25.37 -10.06 14.24
CA ASP F 17 26.70 -10.32 13.71
C ASP F 17 26.85 -9.91 12.24
N ILE F 18 25.75 -9.73 11.50
CA ILE F 18 25.77 -9.39 10.09
C ILE F 18 25.54 -7.90 9.91
N THR F 19 26.37 -7.26 9.08
CA THR F 19 26.24 -5.86 8.73
C THR F 19 26.15 -5.70 7.22
N ILE F 20 25.34 -4.74 6.78
CA ILE F 20 25.10 -4.42 5.38
C ILE F 20 25.46 -2.96 5.15
N THR F 21 26.04 -2.65 3.98
CA THR F 21 26.41 -1.30 3.61
C THR F 21 26.06 -1.04 2.15
N ILE F 22 25.40 0.07 1.86
CA ILE F 22 25.20 0.55 0.50
C ILE F 22 26.38 1.43 0.12
N LEU F 23 27.23 0.94 -0.81
CA LEU F 23 28.48 1.59 -1.15
C LEU F 23 28.25 2.71 -2.16
N GLY F 24 27.28 2.54 -3.05
CA GLY F 24 26.87 3.57 -3.99
C GLY F 24 26.02 3.07 -5.14
N VAL F 25 25.74 3.95 -6.12
CA VAL F 25 24.99 3.61 -7.32
C VAL F 25 25.75 3.96 -8.59
N SER F 26 25.36 3.32 -9.70
CA SER F 26 25.80 3.65 -11.05
C SER F 26 24.69 3.28 -12.03
N GLY F 27 23.78 4.23 -12.31
CA GLY F 27 22.61 3.98 -13.13
C GLY F 27 21.60 3.08 -12.42
N GLN F 28 21.37 1.88 -12.96
CA GLN F 28 20.52 0.89 -12.31
C GLN F 28 21.32 0.02 -11.34
N GLN F 29 22.63 -0.08 -11.57
CA GLN F 29 23.53 -0.87 -10.74
C GLN F 29 23.78 -0.18 -9.41
N VAL F 30 23.97 -1.00 -8.39
CA VAL F 30 24.06 -0.58 -6.99
C VAL F 30 25.19 -1.38 -6.36
N ARG F 31 26.21 -0.68 -5.86
CA ARG F 31 27.36 -1.28 -5.21
C ARG F 31 27.00 -1.57 -3.76
N ILE F 32 27.00 -2.84 -3.38
CA ILE F 32 26.53 -3.30 -2.08
C ILE F 32 27.60 -4.14 -1.39
N GLY F 33 27.80 -3.94 -0.09
CA GLY F 33 28.72 -4.70 0.74
C GLY F 33 28.02 -5.41 1.89
N ILE F 34 28.49 -6.62 2.22
CA ILE F 34 27.99 -7.42 3.32
C ILE F 34 29.17 -7.94 4.16
N ASN F 35 28.99 -7.90 5.48
CA ASN F 35 29.96 -8.35 6.46
C ASN F 35 29.30 -9.36 7.39
N ALA F 36 29.63 -10.63 7.25
CA ALA F 36 29.06 -11.72 8.04
C ALA F 36 30.14 -12.59 8.67
N PRO F 37 29.82 -13.30 9.76
CA PRO F 37 30.71 -14.28 10.35
C PRO F 37 30.96 -15.46 9.41
N LYS F 38 32.03 -16.21 9.68
CA LYS F 38 32.32 -17.46 8.98
C LYS F 38 31.37 -18.59 9.36
N ASP F 39 30.47 -18.34 10.33
CA ASP F 39 29.40 -19.22 10.71
C ASP F 39 28.31 -19.30 9.64
N VAL F 40 28.24 -18.32 8.74
CA VAL F 40 27.22 -18.23 7.70
C VAL F 40 27.85 -18.02 6.33
N ALA F 41 27.05 -18.21 5.28
CA ALA F 41 27.43 -17.92 3.91
C ALA F 41 26.81 -16.60 3.42
N VAL F 42 27.34 -16.04 2.34
CA VAL F 42 26.74 -14.89 1.66
C VAL F 42 27.17 -14.87 0.20
N HIS F 43 26.19 -14.78 -0.71
CA HIS F 43 26.43 -14.65 -2.15
C HIS F 43 25.25 -13.93 -2.80
N ARG F 44 25.35 -13.66 -4.11
CA ARG F 44 24.22 -13.19 -4.89
C ARG F 44 23.32 -14.37 -5.24
N GLU F 45 22.07 -14.10 -5.64
CA GLU F 45 21.07 -15.12 -5.84
C GLU F 45 21.50 -16.18 -6.85
N GLU F 46 22.29 -15.77 -7.86
CA GLU F 46 22.87 -16.66 -8.86
C GLU F 46 23.69 -17.78 -8.21
N ILE F 47 24.52 -17.41 -7.23
CA ILE F 47 25.53 -18.28 -6.65
C ILE F 47 24.96 -19.03 -5.46
N TYR F 48 23.98 -18.44 -4.75
CA TYR F 48 23.29 -19.07 -3.65
C TYR F 48 22.74 -20.45 -4.01
N GLN F 49 22.29 -20.61 -5.25
CA GLN F 49 21.73 -21.85 -5.77
C GLN F 49 22.70 -23.01 -5.70
N ARG F 50 24.00 -22.75 -5.63
CA ARG F 50 25.04 -23.77 -5.53
C ARG F 50 25.12 -24.33 -4.11
N ILE F 51 24.66 -23.56 -3.12
CA ILE F 51 24.70 -23.93 -1.72
C ILE F 51 23.37 -24.55 -1.31
N GLN F 52 22.29 -24.22 -2.03
CA GLN F 52 21.02 -24.90 -1.89
C GLN F 52 20.83 -26.17 -2.72
N ALA F 53 21.10 -26.13 -4.03
CA ALA F 53 20.66 -27.15 -4.97
C ALA F 53 21.70 -28.18 -5.41
N GLY F 54 22.98 -27.97 -5.12
CA GLY F 54 24.05 -28.85 -5.59
C GLY F 54 25.14 -29.07 -4.55
N LEU F 55 25.29 -28.08 -3.67
CA LEU F 55 26.19 -28.02 -2.52
C LEU F 55 27.67 -28.00 -2.91
N THR F 56 28.49 -27.52 -1.98
CA THR F 56 29.92 -27.39 -2.20
C THR F 56 30.71 -28.57 -1.63
N ALA F 57 30.00 -29.55 -1.04
CA ALA F 57 30.57 -30.81 -0.59
C ALA F 57 29.63 -31.96 -0.94
N PRO F 58 30.13 -33.06 -1.49
CA PRO F 58 29.36 -34.27 -1.71
C PRO F 58 28.91 -34.93 -0.41
N ASP F 59 28.19 -36.05 -0.56
CA ASP F 59 27.74 -36.88 0.54
C ASP F 59 28.90 -37.41 1.39
N MET A 1 -24.71 -15.83 19.56
CA MET A 1 -23.53 -15.91 18.69
C MET A 1 -22.26 -15.93 19.55
N LEU A 2 -21.33 -16.84 19.27
CA LEU A 2 -20.12 -17.02 20.07
C LEU A 2 -18.96 -16.26 19.42
N ILE A 3 -18.44 -15.23 20.08
CA ILE A 3 -17.34 -14.41 19.59
C ILE A 3 -16.04 -14.89 20.21
N LEU A 4 -15.00 -15.04 19.39
CA LEU A 4 -13.65 -15.36 19.83
C LEU A 4 -12.65 -14.42 19.18
N THR A 5 -11.47 -14.28 19.78
CA THR A 5 -10.42 -13.40 19.31
C THR A 5 -9.12 -14.19 19.20
N ARG A 6 -8.75 -14.60 17.99
CA ARG A 6 -7.56 -15.42 17.76
C ARG A 6 -6.60 -14.74 16.80
N LYS A 7 -5.32 -15.11 16.89
CA LYS A 7 -4.22 -14.42 16.23
C LYS A 7 -3.68 -15.27 15.09
N VAL A 8 -2.91 -14.64 14.19
CA VAL A 8 -2.33 -15.32 13.05
C VAL A 8 -1.65 -16.62 13.46
N GLY A 9 -2.00 -17.72 12.78
CA GLY A 9 -1.42 -19.04 13.01
C GLY A 9 -2.22 -19.89 13.99
N GLU A 10 -3.29 -19.36 14.59
CA GLU A 10 -4.13 -20.08 15.52
C GLU A 10 -5.36 -20.68 14.84
N SER A 11 -6.09 -21.53 15.56
CA SER A 11 -7.16 -22.34 14.99
C SER A 11 -8.41 -22.42 15.87
N ILE A 12 -9.55 -22.65 15.22
CA ILE A 12 -10.87 -22.86 15.83
C ILE A 12 -11.39 -24.24 15.45
N ASN A 13 -12.32 -24.80 16.23
CA ASN A 13 -12.95 -26.08 15.96
C ASN A 13 -14.47 -25.98 16.08
N ILE A 14 -15.18 -26.59 15.12
CA ILE A 14 -16.63 -26.53 15.02
C ILE A 14 -17.19 -27.94 14.80
N GLY A 15 -18.16 -28.33 15.61
CA GLY A 15 -18.80 -29.64 15.52
C GLY A 15 -17.84 -30.74 15.93
N ASP A 16 -17.68 -31.74 15.05
CA ASP A 16 -16.80 -32.88 15.26
C ASP A 16 -15.85 -33.09 14.08
N ASP A 17 -15.97 -32.27 13.03
CA ASP A 17 -15.31 -32.52 11.75
C ASP A 17 -14.85 -31.29 11.01
N ILE A 18 -15.10 -30.08 11.52
CA ILE A 18 -14.61 -28.84 10.92
C ILE A 18 -13.56 -28.18 11.81
N THR A 19 -12.47 -27.74 11.20
CA THR A 19 -11.40 -27.00 11.85
C THR A 19 -11.00 -25.80 11.01
N ILE A 20 -10.89 -24.62 11.62
CA ILE A 20 -10.60 -23.37 10.94
C ILE A 20 -9.22 -22.88 11.36
N THR A 21 -8.48 -22.23 10.45
CA THR A 21 -7.17 -21.65 10.75
C THR A 21 -7.05 -20.27 10.12
N ILE A 22 -6.58 -19.28 10.89
CA ILE A 22 -6.21 -17.99 10.34
C ILE A 22 -4.78 -18.09 9.82
N LEU A 23 -4.64 -18.26 8.49
CA LEU A 23 -3.33 -18.44 7.89
C LEU A 23 -2.55 -17.14 7.92
N GLY A 24 -3.24 -15.99 7.88
CA GLY A 24 -2.63 -14.70 8.15
C GLY A 24 -3.54 -13.51 7.81
N VAL A 25 -3.07 -12.30 8.13
CA VAL A 25 -3.79 -11.06 7.85
C VAL A 25 -3.04 -10.18 6.87
N SER A 26 -3.78 -9.37 6.12
CA SER A 26 -3.27 -8.44 5.14
C SER A 26 -4.03 -7.11 5.23
N GLY A 27 -3.96 -6.47 6.39
CA GLY A 27 -4.71 -5.27 6.70
C GLY A 27 -6.17 -5.59 6.98
N GLN A 28 -7.10 -5.00 6.24
CA GLN A 28 -8.52 -5.21 6.46
C GLN A 28 -9.04 -6.53 5.90
N GLN A 29 -8.28 -7.20 5.03
CA GLN A 29 -8.59 -8.56 4.61
C GLN A 29 -7.77 -9.59 5.38
N VAL A 30 -8.42 -10.73 5.61
CA VAL A 30 -8.01 -11.79 6.52
C VAL A 30 -8.03 -13.10 5.76
N ARG A 31 -6.88 -13.78 5.65
CA ARG A 31 -6.77 -15.04 4.92
C ARG A 31 -7.04 -16.20 5.86
N ILE A 32 -8.26 -16.75 5.74
CA ILE A 32 -8.76 -17.84 6.58
C ILE A 32 -8.85 -19.11 5.75
N GLY A 33 -8.38 -20.22 6.31
CA GLY A 33 -8.55 -21.55 5.75
C GLY A 33 -9.53 -22.39 6.56
N ILE A 34 -10.38 -23.14 5.85
CA ILE A 34 -11.37 -24.05 6.43
C ILE A 34 -10.95 -25.48 6.11
N ASN A 35 -11.03 -26.37 7.10
CA ASN A 35 -10.78 -27.79 6.95
C ASN A 35 -12.07 -28.56 7.26
N ALA A 36 -13.00 -28.58 6.31
CA ALA A 36 -14.21 -29.38 6.38
C ALA A 36 -14.20 -30.48 5.31
N PRO A 37 -14.90 -31.59 5.53
CA PRO A 37 -14.98 -32.67 4.56
C PRO A 37 -15.91 -32.27 3.41
N LYS A 38 -15.71 -32.88 2.23
CA LYS A 38 -16.49 -32.56 1.03
C LYS A 38 -17.94 -32.99 1.15
N ASP A 39 -18.30 -33.65 2.25
CA ASP A 39 -19.69 -33.94 2.59
C ASP A 39 -20.46 -32.68 2.99
N VAL A 40 -19.76 -31.64 3.47
CA VAL A 40 -20.37 -30.35 3.76
C VAL A 40 -19.80 -29.26 2.86
N ALA A 41 -20.67 -28.31 2.49
CA ALA A 41 -20.33 -27.19 1.63
C ALA A 41 -19.71 -26.06 2.44
N VAL A 42 -18.71 -25.37 1.88
CA VAL A 42 -18.14 -24.17 2.47
C VAL A 42 -18.04 -23.07 1.42
N HIS A 43 -18.57 -21.89 1.72
CA HIS A 43 -18.69 -20.78 0.77
C HIS A 43 -18.70 -19.45 1.51
N ARG A 44 -18.42 -18.36 0.80
CA ARG A 44 -18.63 -17.02 1.35
C ARG A 44 -20.05 -16.54 1.10
N GLU A 45 -20.47 -15.50 1.83
CA GLU A 45 -21.85 -15.01 1.77
C GLU A 45 -22.16 -14.35 0.43
N GLU A 46 -21.14 -13.87 -0.28
CA GLU A 46 -21.25 -13.41 -1.66
C GLU A 46 -21.69 -14.52 -2.62
N ILE A 47 -21.40 -15.78 -2.29
CA ILE A 47 -21.56 -16.91 -3.18
C ILE A 47 -22.63 -17.87 -2.67
N TYR A 48 -22.89 -17.88 -1.36
CA TYR A 48 -23.92 -18.72 -0.76
C TYR A 48 -25.29 -18.36 -1.35
N GLN A 49 -25.49 -17.10 -1.70
CA GLN A 49 -26.73 -16.60 -2.27
C GLN A 49 -26.89 -17.01 -3.72
N ARG A 50 -25.83 -17.51 -4.36
CA ARG A 50 -25.89 -18.15 -5.67
C ARG A 50 -26.38 -19.58 -5.55
N ILE A 51 -26.05 -20.26 -4.45
CA ILE A 51 -26.56 -21.58 -4.12
C ILE A 51 -28.07 -21.48 -3.90
N GLN A 52 -28.46 -20.57 -3.01
CA GLN A 52 -29.84 -20.41 -2.59
C GLN A 52 -30.66 -19.54 -3.55
N ALA A 53 -30.05 -19.14 -4.67
CA ALA A 53 -30.76 -18.51 -5.77
C ALA A 53 -31.86 -19.44 -6.29
N GLY A 54 -31.62 -20.74 -6.25
CA GLY A 54 -32.63 -21.76 -6.52
C GLY A 54 -32.04 -23.13 -6.79
N LEU A 55 -30.79 -23.40 -6.40
CA LEU A 55 -30.14 -24.67 -6.70
C LEU A 55 -30.34 -25.60 -5.51
N THR A 56 -31.43 -26.36 -5.57
CA THR A 56 -31.99 -27.17 -4.50
C THR A 56 -33.37 -27.66 -4.93
N ALA A 57 -33.97 -28.59 -4.18
CA ALA A 57 -35.36 -28.97 -4.34
C ALA A 57 -36.26 -28.08 -3.46
N PRO A 58 -37.52 -27.86 -3.85
CA PRO A 58 -38.46 -27.07 -3.08
C PRO A 58 -39.00 -27.82 -1.88
N ASP A 59 -39.58 -27.07 -0.94
CA ASP A 59 -40.22 -27.58 0.26
C ASP A 59 -41.52 -28.30 -0.05
N MET B 1 -7.69 -28.10 2.86
CA MET B 1 -7.94 -26.69 3.19
C MET B 1 -8.62 -25.96 2.05
N LEU B 2 -9.69 -25.22 2.33
CA LEU B 2 -10.33 -24.28 1.42
C LEU B 2 -10.12 -22.87 1.97
N ILE B 3 -9.52 -21.98 1.17
CA ILE B 3 -8.97 -20.73 1.67
C ILE B 3 -9.61 -19.52 1.01
N LEU B 4 -9.91 -18.50 1.82
CA LEU B 4 -10.64 -17.32 1.41
C LEU B 4 -10.09 -16.07 2.09
N THR B 5 -9.97 -14.96 1.34
CA THR B 5 -9.74 -13.66 1.95
C THR B 5 -11.09 -13.06 2.31
N ARG B 6 -11.30 -12.72 3.58
CA ARG B 6 -12.46 -11.97 4.02
C ARG B 6 -12.04 -10.63 4.58
N LYS B 7 -12.65 -9.56 4.05
CA LYS B 7 -12.44 -8.21 4.55
C LYS B 7 -13.36 -7.96 5.74
N VAL B 8 -12.94 -7.12 6.69
CA VAL B 8 -13.70 -6.97 7.93
C VAL B 8 -15.15 -6.59 7.65
N GLY B 9 -16.08 -7.32 8.27
CA GLY B 9 -17.51 -7.17 8.04
C GLY B 9 -18.12 -8.20 7.10
N GLU B 10 -17.30 -8.98 6.39
CA GLU B 10 -17.78 -10.01 5.47
C GLU B 10 -18.06 -11.34 6.17
N SER B 11 -18.76 -12.25 5.50
CA SER B 11 -19.30 -13.46 6.10
C SER B 11 -18.99 -14.71 5.30
N ILE B 12 -18.98 -15.85 6.01
CA ILE B 12 -18.68 -17.18 5.51
C ILE B 12 -19.75 -18.14 6.02
N ASN B 13 -20.07 -19.20 5.27
CA ASN B 13 -21.10 -20.15 5.61
C ASN B 13 -20.58 -21.59 5.48
N ILE B 14 -20.96 -22.46 6.41
CA ILE B 14 -20.54 -23.85 6.46
C ILE B 14 -21.75 -24.76 6.67
N GLY B 15 -21.92 -25.74 5.79
CA GLY B 15 -23.08 -26.61 5.78
C GLY B 15 -24.36 -25.80 5.63
N ASP B 16 -25.36 -26.10 6.45
CA ASP B 16 -26.60 -25.35 6.52
C ASP B 16 -26.97 -24.93 7.95
N ASP B 17 -26.09 -25.20 8.93
CA ASP B 17 -26.32 -24.81 10.32
C ASP B 17 -25.36 -23.71 10.80
N ILE B 18 -24.22 -23.51 10.13
CA ILE B 18 -23.16 -22.65 10.63
C ILE B 18 -22.91 -21.46 9.71
N THR B 19 -22.77 -20.29 10.34
CA THR B 19 -22.31 -19.05 9.70
C THR B 19 -21.20 -18.44 10.54
N ILE B 20 -20.26 -17.76 9.88
CA ILE B 20 -19.09 -17.13 10.47
C ILE B 20 -19.01 -15.71 9.95
N THR B 21 -18.56 -14.77 10.79
CA THR B 21 -18.38 -13.37 10.40
C THR B 21 -17.07 -12.84 10.97
N ILE B 22 -16.25 -12.21 10.13
CA ILE B 22 -15.09 -11.47 10.60
C ILE B 22 -15.58 -10.13 11.12
N LEU B 23 -15.67 -9.98 12.44
CA LEU B 23 -16.13 -8.74 13.05
C LEU B 23 -15.09 -7.64 12.87
N GLY B 24 -13.82 -8.01 12.89
CA GLY B 24 -12.73 -7.12 12.53
C GLY B 24 -11.39 -7.64 13.03
N VAL B 25 -10.30 -6.92 12.73
CA VAL B 25 -8.99 -7.24 13.27
C VAL B 25 -8.62 -6.23 14.34
N SER B 26 -7.84 -6.69 15.32
CA SER B 26 -7.20 -5.85 16.32
C SER B 26 -5.70 -6.10 16.27
N GLY B 27 -5.04 -5.51 15.28
CA GLY B 27 -3.63 -5.73 15.03
C GLY B 27 -3.39 -7.04 14.28
N GLN B 28 -2.65 -7.96 14.89
CA GLN B 28 -2.48 -9.31 14.36
C GLN B 28 -3.43 -10.29 15.04
N GLN B 29 -4.37 -9.74 15.81
CA GLN B 29 -5.49 -10.48 16.37
C GLN B 29 -6.73 -10.29 15.51
N VAL B 30 -7.65 -11.25 15.60
CA VAL B 30 -8.79 -11.33 14.68
C VAL B 30 -10.05 -11.69 15.47
N ARG B 31 -11.00 -10.75 15.54
CA ARG B 31 -12.27 -10.89 16.23
C ARG B 31 -13.29 -11.52 15.31
N ILE B 32 -13.76 -12.72 15.66
CA ILE B 32 -14.58 -13.57 14.82
C ILE B 32 -15.86 -13.94 15.54
N GLY B 33 -17.01 -13.77 14.88
CA GLY B 33 -18.29 -14.26 15.37
C GLY B 33 -18.61 -15.62 14.76
N ILE B 34 -19.11 -16.53 15.60
CA ILE B 34 -19.54 -17.86 15.18
C ILE B 34 -21.01 -18.03 15.52
N ASN B 35 -21.76 -18.48 14.51
CA ASN B 35 -23.21 -18.49 14.52
C ASN B 35 -23.71 -19.87 14.11
N ALA B 36 -23.68 -20.76 15.11
CA ALA B 36 -24.15 -22.13 15.00
C ALA B 36 -25.12 -22.43 16.13
N PRO B 37 -25.98 -23.45 15.96
CA PRO B 37 -26.78 -23.96 17.05
C PRO B 37 -25.88 -24.49 18.15
N LYS B 38 -26.41 -24.54 19.37
CA LYS B 38 -25.72 -25.13 20.52
C LYS B 38 -25.72 -26.66 20.46
N ASP B 39 -26.35 -27.16 19.39
CA ASP B 39 -26.34 -28.55 18.98
C ASP B 39 -24.94 -29.00 18.55
N VAL B 40 -24.09 -28.04 18.17
CA VAL B 40 -22.69 -28.27 17.84
C VAL B 40 -21.82 -27.61 18.89
N ALA B 41 -20.69 -28.24 19.23
CA ALA B 41 -19.71 -27.60 20.09
C ALA B 41 -18.72 -26.76 19.29
N VAL B 42 -18.38 -25.61 19.87
CA VAL B 42 -17.69 -24.54 19.18
C VAL B 42 -16.69 -23.90 20.14
N HIS B 43 -15.42 -24.28 20.02
CA HIS B 43 -14.32 -23.72 20.81
C HIS B 43 -13.06 -23.60 19.96
N ARG B 44 -12.06 -22.90 20.49
CA ARG B 44 -10.74 -22.89 19.86
C ARG B 44 -10.03 -24.23 20.05
N GLU B 45 -9.06 -24.55 19.19
CA GLU B 45 -8.33 -25.81 19.21
C GLU B 45 -7.73 -26.10 20.59
N GLU B 46 -7.20 -25.07 21.25
CA GLU B 46 -6.69 -25.17 22.61
C GLU B 46 -7.69 -25.85 23.54
N ILE B 47 -8.93 -25.40 23.48
CA ILE B 47 -10.01 -25.84 24.33
C ILE B 47 -10.52 -27.22 23.90
N TYR B 48 -10.71 -27.36 22.59
CA TYR B 48 -11.19 -28.58 21.97
C TYR B 48 -10.38 -29.81 22.42
N GLN B 49 -9.08 -29.63 22.61
CA GLN B 49 -8.16 -30.71 22.96
C GLN B 49 -8.38 -31.25 24.37
N ARG B 50 -8.96 -30.47 25.28
CA ARG B 50 -9.39 -30.97 26.58
C ARG B 50 -10.74 -31.66 26.47
N ILE B 51 -11.64 -31.10 25.68
CA ILE B 51 -13.00 -31.61 25.52
C ILE B 51 -12.94 -33.01 24.92
N GLN B 52 -12.04 -33.21 23.96
CA GLN B 52 -11.80 -34.52 23.38
C GLN B 52 -10.88 -35.39 24.22
N ALA B 53 -10.49 -34.92 25.40
CA ALA B 53 -9.83 -35.74 26.41
C ALA B 53 -10.82 -36.59 27.19
N GLY B 54 -12.12 -36.24 27.15
CA GLY B 54 -13.19 -37.08 27.65
C GLY B 54 -14.20 -36.34 28.52
N LEU B 55 -14.68 -35.18 28.07
CA LEU B 55 -15.44 -34.26 28.91
C LEU B 55 -16.11 -33.14 28.11
N THR B 56 -16.78 -32.23 28.82
CA THR B 56 -17.27 -30.96 28.31
C THR B 56 -16.77 -29.83 29.21
N ALA B 57 -17.19 -28.58 28.94
CA ALA B 57 -16.82 -27.42 29.72
C ALA B 57 -16.90 -27.72 31.22
N PRO B 58 -15.78 -27.62 31.96
CA PRO B 58 -15.71 -28.08 33.35
C PRO B 58 -16.76 -27.41 34.23
N ASP B 59 -16.82 -26.08 34.17
CA ASP B 59 -17.69 -25.29 35.03
C ASP B 59 -17.80 -23.85 34.52
N MET C 1 -16.83 31.48 -8.32
CA MET C 1 -15.80 30.59 -7.76
C MET C 1 -16.21 29.26 -8.36
N LEU C 2 -15.85 29.03 -9.62
CA LEU C 2 -16.35 27.91 -10.39
C LEU C 2 -15.36 26.76 -10.24
N ILE C 3 -15.76 25.70 -9.53
CA ILE C 3 -14.95 24.52 -9.36
C ILE C 3 -15.15 23.59 -10.55
N LEU C 4 -14.04 23.14 -11.14
CA LEU C 4 -14.03 22.11 -12.15
C LEU C 4 -13.11 20.97 -11.71
N THR C 5 -13.55 19.73 -11.92
CA THR C 5 -12.69 18.57 -11.76
C THR C 5 -12.07 18.16 -13.09
N ARG C 6 -10.77 17.83 -13.08
CA ARG C 6 -10.08 17.30 -14.24
C ARG C 6 -9.19 16.13 -13.85
N LYS C 7 -9.14 15.13 -14.73
CA LYS C 7 -8.20 14.03 -14.66
C LYS C 7 -6.86 14.48 -15.23
N VAL C 8 -5.74 13.85 -14.87
CA VAL C 8 -4.44 14.28 -15.38
C VAL C 8 -4.38 14.18 -16.90
N GLY C 9 -3.84 15.22 -17.55
CA GLY C 9 -3.77 15.35 -18.99
C GLY C 9 -4.97 16.04 -19.63
N GLU C 10 -6.00 16.40 -18.85
CA GLU C 10 -7.18 17.09 -19.36
C GLU C 10 -7.02 18.61 -19.30
N SER C 11 -8.02 19.36 -19.79
CA SER C 11 -7.90 20.78 -20.03
C SER C 11 -9.14 21.59 -19.64
N ILE C 12 -8.93 22.88 -19.41
CA ILE C 12 -9.90 23.89 -19.01
C ILE C 12 -9.63 25.16 -19.83
N ASN C 13 -10.62 26.03 -19.97
CA ASN C 13 -10.52 27.27 -20.73
C ASN C 13 -11.05 28.46 -19.94
N ILE C 14 -10.43 29.63 -20.13
CA ILE C 14 -10.80 30.88 -19.46
C ILE C 14 -10.83 32.01 -20.48
N GLY C 15 -11.83 32.89 -20.38
CA GLY C 15 -12.11 33.89 -21.38
C GLY C 15 -12.35 33.25 -22.74
N ASP C 16 -11.68 33.77 -23.77
CA ASP C 16 -11.60 33.16 -25.07
C ASP C 16 -10.15 33.09 -25.56
N ASP C 17 -9.20 33.39 -24.67
CA ASP C 17 -7.80 33.59 -24.99
C ASP C 17 -6.85 32.79 -24.09
N ILE C 18 -7.36 32.20 -23.00
CA ILE C 18 -6.55 31.50 -22.02
C ILE C 18 -6.96 30.03 -21.93
N THR C 19 -5.99 29.14 -21.93
CA THR C 19 -6.19 27.71 -21.75
C THR C 19 -5.38 27.21 -20.56
N ILE C 20 -5.98 26.34 -19.74
CA ILE C 20 -5.38 25.77 -18.55
C ILE C 20 -5.31 24.26 -18.72
N THR C 21 -4.22 23.62 -18.28
CA THR C 21 -4.02 22.19 -18.46
C THR C 21 -3.48 21.57 -17.19
N ILE C 22 -4.12 20.50 -16.70
CA ILE C 22 -3.56 19.69 -15.62
C ILE C 22 -2.55 18.73 -16.25
N LEU C 23 -1.26 18.99 -16.05
CA LEU C 23 -0.22 18.20 -16.68
C LEU C 23 0.02 16.93 -15.87
N GLY C 24 -0.14 17.02 -14.55
CA GLY C 24 -0.18 15.84 -13.69
C GLY C 24 -0.04 16.15 -12.21
N VAL C 25 0.09 15.13 -11.38
CA VAL C 25 0.34 15.26 -9.95
C VAL C 25 1.59 14.48 -9.55
N SER C 26 2.24 14.93 -8.46
CA SER C 26 3.31 14.20 -7.81
C SER C 26 3.20 14.44 -6.30
N GLY C 27 2.85 13.40 -5.54
CA GLY C 27 2.51 13.60 -4.14
C GLY C 27 1.30 14.52 -4.00
N GLN C 28 1.47 15.60 -3.22
CA GLN C 28 0.47 16.64 -3.05
C GLN C 28 0.69 17.82 -4.00
N GLN C 29 1.74 17.77 -4.84
CA GLN C 29 1.99 18.77 -5.85
C GLN C 29 1.19 18.46 -7.12
N VAL C 30 0.89 19.52 -7.87
CA VAL C 30 0.18 19.46 -9.13
C VAL C 30 0.95 20.27 -10.16
N ARG C 31 1.37 19.65 -11.27
CA ARG C 31 1.91 20.40 -12.40
C ARG C 31 0.76 20.97 -13.22
N ILE C 32 0.63 22.30 -13.19
CA ILE C 32 -0.43 23.04 -13.84
C ILE C 32 0.17 23.90 -14.95
N GLY C 33 -0.43 23.82 -16.14
CA GLY C 33 -0.09 24.64 -17.29
C GLY C 33 -1.05 25.80 -17.47
N ILE C 34 -0.52 26.97 -17.82
CA ILE C 34 -1.26 28.21 -17.98
C ILE C 34 -0.83 28.84 -19.30
N ASN C 35 -1.75 28.90 -20.26
CA ASN C 35 -1.44 29.25 -21.64
C ASN C 35 -2.26 30.44 -22.08
N ALA C 36 -1.66 31.64 -21.96
CA ALA C 36 -2.30 32.91 -22.24
C ALA C 36 -1.36 33.79 -23.07
N PRO C 37 -1.87 34.78 -23.80
CA PRO C 37 -1.04 35.78 -24.45
C PRO C 37 -0.25 36.58 -23.41
N LYS C 38 0.94 37.05 -23.79
CA LYS C 38 1.76 37.93 -22.98
C LYS C 38 1.10 39.30 -22.77
N ASP C 39 -0.08 39.51 -23.35
CA ASP C 39 -0.95 40.64 -23.08
C ASP C 39 -1.48 40.63 -21.65
N VAL C 40 -1.53 39.44 -21.04
CA VAL C 40 -1.90 39.25 -19.63
C VAL C 40 -0.77 38.60 -18.86
N ALA C 41 -0.64 38.92 -17.58
CA ALA C 41 0.34 38.32 -16.71
C ALA C 41 -0.18 37.02 -16.10
N VAL C 42 0.71 36.10 -15.74
CA VAL C 42 0.37 34.92 -14.96
C VAL C 42 1.43 34.70 -13.88
N HIS C 43 1.02 34.52 -12.62
CA HIS C 43 1.94 34.32 -11.51
C HIS C 43 1.28 33.51 -10.40
N ARG C 44 2.07 32.75 -9.64
CA ARG C 44 1.60 32.15 -8.40
C ARG C 44 1.43 33.26 -7.35
N GLU C 45 0.60 33.02 -6.34
CA GLU C 45 0.17 34.06 -5.41
C GLU C 45 1.33 34.73 -4.67
N GLU C 46 2.38 33.97 -4.35
CA GLU C 46 3.56 34.47 -3.69
C GLU C 46 4.40 35.42 -4.56
N ILE C 47 4.28 35.32 -5.89
CA ILE C 47 4.91 36.24 -6.83
C ILE C 47 3.97 37.37 -7.21
N TYR C 48 2.66 37.09 -7.32
CA TYR C 48 1.65 38.05 -7.70
C TYR C 48 1.68 39.32 -6.86
N GLN C 49 2.03 39.20 -5.58
CA GLN C 49 2.10 40.32 -4.65
C GLN C 49 3.14 41.36 -5.08
N ARG C 50 4.19 40.95 -5.81
CA ARG C 50 5.16 41.86 -6.39
C ARG C 50 4.56 42.67 -7.52
N ILE C 51 3.66 42.07 -8.31
CA ILE C 51 2.99 42.77 -9.39
C ILE C 51 2.03 43.82 -8.83
N GLN C 52 1.66 43.68 -7.55
CA GLN C 52 0.89 44.67 -6.82
C GLN C 52 1.76 45.67 -6.08
N ALA C 53 3.09 45.44 -6.06
CA ALA C 53 4.05 46.32 -5.42
C ALA C 53 4.59 47.39 -6.37
N GLY C 54 4.48 47.18 -7.69
CA GLY C 54 4.98 48.08 -8.70
C GLY C 54 6.33 47.63 -9.26
N LEU C 55 6.52 47.81 -10.57
CA LEU C 55 7.66 47.29 -11.30
C LEU C 55 7.98 48.14 -12.54
N THR C 56 9.20 47.97 -13.06
CA THR C 56 9.77 48.70 -14.18
C THR C 56 9.57 50.22 -14.08
N ALA C 57 9.73 50.94 -15.19
CA ALA C 57 9.44 52.36 -15.26
C ALA C 57 7.94 52.61 -15.07
N PRO C 58 7.53 53.50 -14.16
CA PRO C 58 6.14 53.82 -13.94
C PRO C 58 5.50 54.52 -15.14
N ASP C 59 4.18 54.74 -15.05
CA ASP C 59 3.39 55.40 -16.08
C ASP C 59 3.80 56.86 -16.27
N MET D 1 3.21 28.26 -23.44
CA MET D 1 2.63 27.93 -22.12
C MET D 1 3.58 28.27 -20.99
N LEU D 2 3.05 28.57 -19.80
CA LEU D 2 3.78 28.74 -18.55
C LEU D 2 3.34 27.67 -17.56
N ILE D 3 4.29 26.89 -17.02
CA ILE D 3 4.03 25.70 -16.24
C ILE D 3 4.61 25.85 -14.84
N LEU D 4 3.85 25.43 -13.83
CA LEU D 4 4.18 25.54 -12.42
C LEU D 4 3.85 24.27 -11.65
N THR D 5 4.44 24.14 -10.46
CA THR D 5 4.02 23.16 -9.48
C THR D 5 3.51 23.90 -8.25
N ARG D 6 2.21 23.79 -7.97
CA ARG D 6 1.63 24.22 -6.71
C ARG D 6 1.11 23.01 -5.96
N LYS D 7 1.22 23.03 -4.63
CA LYS D 7 0.62 22.01 -3.79
C LYS D 7 -0.88 22.27 -3.63
N VAL D 8 -1.60 21.24 -3.23
CA VAL D 8 -3.00 21.35 -2.84
C VAL D 8 -3.19 22.41 -1.75
N GLY D 9 -4.21 23.26 -1.92
CA GLY D 9 -4.54 24.33 -1.00
C GLY D 9 -3.87 25.67 -1.34
N GLU D 10 -3.04 25.73 -2.38
CA GLU D 10 -2.32 26.94 -2.75
C GLU D 10 -3.01 27.68 -3.92
N SER D 11 -2.54 28.89 -4.23
CA SER D 11 -3.23 29.80 -5.14
C SER D 11 -2.33 30.35 -6.25
N ILE D 12 -2.96 30.76 -7.36
CA ILE D 12 -2.35 31.30 -8.56
C ILE D 12 -3.22 32.44 -9.08
N ASN D 13 -2.63 33.34 -9.88
CA ASN D 13 -3.29 34.52 -10.42
C ASN D 13 -3.08 34.64 -11.93
N ILE D 14 -4.06 35.24 -12.60
CA ILE D 14 -4.04 35.56 -14.02
C ILE D 14 -4.57 36.97 -14.24
N GLY D 15 -3.87 37.76 -15.06
CA GLY D 15 -4.19 39.16 -15.27
C GLY D 15 -4.17 39.94 -13.96
N ASP D 16 -5.18 40.77 -13.75
CA ASP D 16 -5.42 41.46 -12.49
C ASP D 16 -6.87 41.30 -12.01
N ASP D 17 -7.64 40.42 -12.64
CA ASP D 17 -9.03 40.15 -12.28
C ASP D 17 -9.31 38.68 -11.97
N ILE D 18 -8.41 37.75 -12.32
CA ILE D 18 -8.67 36.32 -12.26
C ILE D 18 -7.76 35.65 -11.23
N THR D 19 -8.35 34.78 -10.41
CA THR D 19 -7.63 33.97 -9.44
C THR D 19 -7.96 32.49 -9.65
N ILE D 20 -6.97 31.62 -9.43
CA ILE D 20 -7.09 30.18 -9.54
C ILE D 20 -6.63 29.56 -8.22
N THR D 21 -7.31 28.51 -7.77
CA THR D 21 -6.98 27.85 -6.51
C THR D 21 -7.01 26.33 -6.72
N ILE D 22 -5.93 25.63 -6.39
CA ILE D 22 -5.94 24.18 -6.37
C ILE D 22 -6.55 23.74 -5.04
N LEU D 23 -7.78 23.22 -5.10
CA LEU D 23 -8.54 22.90 -3.90
C LEU D 23 -8.15 21.53 -3.37
N GLY D 24 -7.74 20.61 -4.26
CA GLY D 24 -7.19 19.33 -3.83
C GLY D 24 -7.14 18.30 -4.95
N VAL D 25 -6.69 17.09 -4.62
CA VAL D 25 -6.73 15.95 -5.51
C VAL D 25 -7.78 14.93 -5.08
N SER D 26 -8.17 14.07 -6.02
CA SER D 26 -9.01 12.90 -5.80
C SER D 26 -8.51 11.79 -6.71
N GLY D 27 -7.43 11.12 -6.31
CA GLY D 27 -6.73 10.15 -7.15
C GLY D 27 -6.01 10.84 -8.29
N GLN D 28 -6.45 10.56 -9.52
CA GLN D 28 -5.95 11.20 -10.73
C GLN D 28 -6.71 12.48 -11.04
N GLN D 29 -7.88 12.67 -10.43
CA GLN D 29 -8.65 13.89 -10.57
C GLN D 29 -8.16 14.98 -9.63
N VAL D 30 -8.49 16.23 -9.99
CA VAL D 30 -8.00 17.42 -9.32
C VAL D 30 -9.15 18.43 -9.24
N ARG D 31 -9.50 18.88 -8.02
CA ARG D 31 -10.45 19.97 -7.82
C ARG D 31 -9.73 21.31 -7.97
N ILE D 32 -10.19 22.12 -8.93
CA ILE D 32 -9.61 23.42 -9.23
C ILE D 32 -10.72 24.48 -9.19
N GLY D 33 -10.58 25.46 -8.28
CA GLY D 33 -11.40 26.65 -8.20
C GLY D 33 -10.93 27.70 -9.19
N ILE D 34 -11.87 28.44 -9.79
CA ILE D 34 -11.59 29.56 -10.67
C ILE D 34 -12.46 30.73 -10.25
N ASN D 35 -11.90 31.93 -10.24
CA ASN D 35 -12.56 33.12 -9.73
C ASN D 35 -12.32 34.27 -10.68
N ALA D 36 -13.29 34.51 -11.55
CA ALA D 36 -13.23 35.50 -12.62
C ALA D 36 -14.52 36.31 -12.65
N PRO D 37 -14.49 37.56 -13.13
CA PRO D 37 -15.70 38.32 -13.39
C PRO D 37 -16.55 37.61 -14.44
N LYS D 38 -17.88 37.78 -14.37
CA LYS D 38 -18.79 37.26 -15.38
C LYS D 38 -18.67 37.96 -16.72
N ASP D 39 -17.78 38.95 -16.79
CA ASP D 39 -17.33 39.59 -18.02
C ASP D 39 -16.54 38.62 -18.89
N VAL D 40 -15.97 37.58 -18.28
CA VAL D 40 -15.26 36.52 -18.97
C VAL D 40 -15.85 35.16 -18.63
N ALA D 41 -15.61 34.16 -19.49
CA ALA D 41 -16.16 32.83 -19.34
C ALA D 41 -15.14 31.85 -18.77
N VAL D 42 -15.59 30.76 -18.14
CA VAL D 42 -14.71 29.65 -17.78
C VAL D 42 -15.45 28.32 -17.89
N HIS D 43 -14.86 27.36 -18.61
CA HIS D 43 -15.41 26.03 -18.77
C HIS D 43 -14.31 24.99 -18.95
N ARG D 44 -14.65 23.70 -18.85
CA ARG D 44 -13.75 22.63 -19.27
C ARG D 44 -13.53 22.74 -20.78
N GLU D 45 -12.43 22.18 -21.30
CA GLU D 45 -12.19 22.15 -22.74
C GLU D 45 -13.24 21.35 -23.48
N GLU D 46 -13.74 20.28 -22.86
CA GLU D 46 -14.82 19.46 -23.41
C GLU D 46 -16.15 20.21 -23.48
N ILE D 47 -16.35 21.18 -22.58
CA ILE D 47 -17.51 22.07 -22.59
C ILE D 47 -17.28 23.24 -23.54
N TYR D 48 -16.05 23.75 -23.59
CA TYR D 48 -15.69 24.95 -24.32
C TYR D 48 -16.14 24.88 -25.77
N GLN D 49 -16.04 23.70 -26.38
CA GLN D 49 -16.41 23.44 -27.76
C GLN D 49 -17.89 23.68 -28.05
N ARG D 50 -18.76 23.68 -27.03
CA ARG D 50 -20.17 23.97 -27.15
C ARG D 50 -20.41 25.47 -27.22
N ILE D 51 -19.60 26.24 -26.51
CA ILE D 51 -19.61 27.70 -26.48
C ILE D 51 -18.88 28.23 -27.72
N GLN D 52 -18.08 27.38 -28.35
CA GLN D 52 -17.50 27.65 -29.66
C GLN D 52 -18.34 27.11 -30.81
N ALA D 53 -19.49 26.49 -30.51
CA ALA D 53 -20.42 25.96 -31.49
C ALA D 53 -21.74 26.72 -31.53
N GLY D 54 -22.38 26.92 -30.38
CA GLY D 54 -23.66 27.60 -30.30
C GLY D 54 -24.14 27.95 -28.89
N LEU D 55 -23.30 27.75 -27.87
CA LEU D 55 -23.46 28.31 -26.54
C LEU D 55 -24.78 27.81 -25.94
N THR D 56 -25.02 26.50 -25.97
CA THR D 56 -26.38 26.02 -25.76
C THR D 56 -26.94 26.04 -24.35
N ALA D 57 -26.19 26.57 -23.38
CA ALA D 57 -26.69 26.88 -22.05
C ALA D 57 -26.08 28.19 -21.56
N PRO D 58 -26.58 29.34 -22.01
CA PRO D 58 -26.05 30.65 -21.68
C PRO D 58 -26.08 30.92 -20.17
N ASP D 59 -25.13 31.73 -19.69
CA ASP D 59 -25.09 32.25 -18.34
C ASP D 59 -25.01 31.17 -17.25
N MET E 1 34.44 -9.57 3.69
CA MET E 1 33.57 -8.50 3.16
C MET E 1 33.50 -8.60 1.65
N LEU E 2 32.30 -8.52 1.08
CA LEU E 2 32.05 -8.66 -0.34
C LEU E 2 31.42 -7.38 -0.89
N ILE E 3 31.77 -7.01 -2.13
CA ILE E 3 31.11 -5.95 -2.85
C ILE E 3 30.45 -6.54 -4.10
N LEU E 4 29.16 -6.27 -4.28
CA LEU E 4 28.34 -6.78 -5.36
C LEU E 4 27.71 -5.63 -6.14
N THR E 5 27.20 -5.91 -7.34
CA THR E 5 26.36 -4.98 -8.09
C THR E 5 25.14 -5.73 -8.61
N ARG E 6 23.95 -5.20 -8.31
CA ARG E 6 22.68 -5.86 -8.53
C ARG E 6 21.69 -4.90 -9.16
N LYS E 7 21.03 -5.25 -10.27
CA LYS E 7 19.95 -4.41 -10.79
C LYS E 7 18.61 -4.76 -10.19
N VAL E 8 17.66 -3.82 -10.35
CA VAL E 8 16.35 -3.94 -9.73
C VAL E 8 15.61 -5.20 -10.16
N GLY E 9 14.96 -5.86 -9.19
CA GLY E 9 14.22 -7.09 -9.40
C GLY E 9 15.04 -8.36 -9.21
N GLU E 10 16.36 -8.25 -8.98
CA GLU E 10 17.22 -9.39 -8.71
C GLU E 10 17.42 -9.60 -7.20
N SER E 11 18.21 -10.62 -6.82
CA SER E 11 18.36 -11.02 -5.43
C SER E 11 19.80 -11.34 -5.04
N ILE E 12 20.05 -11.32 -3.73
CA ILE E 12 21.31 -11.65 -3.06
C ILE E 12 20.99 -12.58 -1.88
N ASN E 13 21.94 -13.40 -1.42
CA ASN E 13 21.71 -14.36 -0.35
C ASN E 13 22.82 -14.38 0.69
N ILE E 14 22.44 -14.72 1.93
CA ILE E 14 23.33 -14.79 3.09
C ILE E 14 22.99 -16.03 3.91
N GLY E 15 24.02 -16.72 4.41
CA GLY E 15 23.86 -17.94 5.17
C GLY E 15 23.17 -19.04 4.35
N ASP E 16 22.23 -19.75 4.97
CA ASP E 16 21.37 -20.71 4.31
C ASP E 16 19.89 -20.40 4.56
N ASP E 17 19.59 -19.24 5.17
CA ASP E 17 18.27 -18.91 5.66
C ASP E 17 17.85 -17.48 5.33
N ILE E 18 18.75 -16.65 4.78
CA ILE E 18 18.49 -15.24 4.55
C ILE E 18 18.55 -14.92 3.06
N THR E 19 17.55 -14.18 2.59
CA THR E 19 17.46 -13.67 1.23
C THR E 19 17.26 -12.16 1.24
N ILE E 20 17.89 -11.47 0.28
CA ILE E 20 17.73 -10.05 0.04
C ILE E 20 17.24 -9.86 -1.39
N THR E 21 16.28 -8.97 -1.59
CA THR E 21 15.73 -8.67 -2.91
C THR E 21 15.64 -7.16 -3.10
N ILE E 22 16.22 -6.66 -4.20
CA ILE E 22 16.17 -5.25 -4.53
C ILE E 22 14.84 -4.96 -5.24
N LEU E 23 13.87 -4.42 -4.50
CA LEU E 23 12.53 -4.18 -5.03
C LEU E 23 12.54 -3.07 -6.08
N GLY E 24 13.46 -2.10 -5.93
CA GLY E 24 13.73 -1.10 -6.95
C GLY E 24 14.33 0.19 -6.41
N VAL E 25 14.40 1.24 -7.24
CA VAL E 25 15.01 2.51 -6.89
C VAL E 25 14.06 3.69 -7.09
N SER E 26 14.34 4.80 -6.40
CA SER E 26 13.71 6.09 -6.63
C SER E 26 14.73 7.20 -6.35
N GLY E 27 15.46 7.60 -7.39
CA GLY E 27 16.51 8.60 -7.28
C GLY E 27 17.76 8.03 -6.61
N GLN E 28 18.00 8.37 -5.34
CA GLN E 28 19.04 7.77 -4.54
C GLN E 28 18.49 6.70 -3.60
N GLN E 29 17.17 6.70 -3.40
CA GLN E 29 16.52 5.74 -2.54
C GLN E 29 16.43 4.40 -3.25
N VAL E 30 16.52 3.33 -2.45
CA VAL E 30 16.68 1.95 -2.89
C VAL E 30 15.80 1.13 -1.96
N ARG E 31 14.69 0.63 -2.50
CA ARG E 31 13.72 -0.14 -1.73
C ARG E 31 14.12 -1.61 -1.75
N ILE E 32 14.30 -2.18 -0.56
CA ILE E 32 14.90 -3.47 -0.36
C ILE E 32 14.00 -4.36 0.48
N GLY E 33 13.75 -5.58 0.01
CA GLY E 33 13.11 -6.63 0.77
C GLY E 33 14.14 -7.52 1.44
N ILE E 34 13.90 -7.90 2.70
CA ILE E 34 14.76 -8.76 3.48
C ILE E 34 13.93 -9.89 4.08
N ASN E 35 14.43 -11.12 3.94
CA ASN E 35 13.68 -12.29 4.31
C ASN E 35 14.56 -13.23 5.15
N ALA E 36 14.38 -13.14 6.46
CA ALA E 36 15.04 -13.97 7.45
C ALA E 36 14.05 -14.52 8.46
N PRO E 37 14.35 -15.65 9.11
CA PRO E 37 13.55 -16.17 10.19
C PRO E 37 13.51 -15.23 11.39
N LYS E 38 12.49 -15.37 12.24
CA LYS E 38 12.39 -14.64 13.49
C LYS E 38 13.38 -15.14 14.54
N ASP E 39 14.17 -16.15 14.17
CA ASP E 39 15.31 -16.63 14.94
C ASP E 39 16.43 -15.58 14.98
N VAL E 40 16.45 -14.67 13.99
CA VAL E 40 17.46 -13.63 13.89
C VAL E 40 16.81 -12.24 13.88
N ALA E 41 17.58 -11.22 14.23
CA ALA E 41 17.13 -9.84 14.17
C ALA E 41 17.47 -9.19 12.83
N VAL E 42 16.75 -8.13 12.48
CA VAL E 42 17.10 -7.27 11.35
C VAL E 42 16.51 -5.88 11.55
N HIS E 43 17.36 -4.85 11.40
CA HIS E 43 16.96 -3.45 11.48
C HIS E 43 17.89 -2.59 10.62
N ARG E 44 17.53 -1.32 10.41
CA ARG E 44 18.47 -0.37 9.83
C ARG E 44 19.63 -0.16 10.79
N GLU E 45 20.79 0.27 10.29
CA GLU E 45 21.95 0.48 11.13
C GLU E 45 21.71 1.61 12.14
N GLU E 46 20.79 2.52 11.82
CA GLU E 46 20.28 3.53 12.74
C GLU E 46 19.74 2.88 14.01
N ILE E 47 18.86 1.88 13.84
CA ILE E 47 18.14 1.24 14.93
C ILE E 47 19.04 0.24 15.64
N TYR E 48 19.95 -0.40 14.90
CA TYR E 48 20.92 -1.34 15.44
C TYR E 48 21.77 -0.71 16.53
N GLN E 49 22.12 0.57 16.40
CA GLN E 49 22.96 1.27 17.35
C GLN E 49 22.26 1.50 18.69
N ARG E 50 20.92 1.55 18.70
CA ARG E 50 20.14 1.64 19.92
C ARG E 50 20.18 0.32 20.68
N ILE E 51 20.40 -0.77 19.95
CA ILE E 51 20.28 -2.13 20.43
C ILE E 51 21.63 -2.70 20.80
N GLN E 52 22.71 -2.28 20.14
CA GLN E 52 24.01 -2.76 20.53
C GLN E 52 24.67 -2.00 21.68
N ALA E 53 23.98 -1.02 22.25
CA ALA E 53 24.38 -0.33 23.46
C ALA E 53 24.46 -1.23 24.70
N GLY E 54 24.24 -2.53 24.55
CA GLY E 54 24.06 -3.50 25.63
C GLY E 54 22.88 -4.41 25.32
N LEU E 55 21.90 -4.38 26.24
CA LEU E 55 20.52 -4.81 26.21
C LEU E 55 20.04 -6.06 25.47
N THR E 56 20.82 -6.71 24.61
CA THR E 56 20.31 -7.70 23.67
C THR E 56 19.67 -8.90 24.36
N ALA E 57 20.10 -9.18 25.60
CA ALA E 57 19.45 -10.10 26.50
C ALA E 57 18.86 -9.30 27.66
N PRO E 58 17.57 -8.93 27.61
CA PRO E 58 16.97 -8.03 28.57
C PRO E 58 17.09 -8.50 30.01
N ASP E 59 16.90 -9.80 30.23
CA ASP E 59 16.76 -10.38 31.55
C ASP E 59 16.97 -11.88 31.51
N MET F 1 9.31 -11.25 6.48
CA MET F 1 9.62 -10.43 5.29
C MET F 1 9.57 -8.94 5.64
N LEU F 2 10.73 -8.30 5.74
CA LEU F 2 10.82 -6.86 5.94
C LEU F 2 11.01 -6.13 4.62
N ILE F 3 10.50 -4.90 4.55
CA ILE F 3 10.78 -3.97 3.45
C ILE F 3 11.25 -2.65 4.04
N LEU F 4 12.34 -2.13 3.49
CA LEU F 4 12.97 -0.88 3.88
C LEU F 4 13.21 -0.01 2.66
N THR F 5 13.38 1.30 2.87
CA THR F 5 13.86 2.18 1.81
C THR F 5 15.00 3.03 2.33
N ARG F 6 16.23 2.65 1.97
CA ARG F 6 17.45 3.37 2.32
C ARG F 6 17.97 4.11 1.09
N LYS F 7 18.84 5.10 1.25
CA LYS F 7 19.54 5.69 0.12
C LYS F 7 21.05 5.53 0.17
N VAL F 8 21.72 5.93 -0.91
CA VAL F 8 23.12 5.65 -1.11
C VAL F 8 24.00 6.16 0.03
N GLY F 9 24.93 5.32 0.48
CA GLY F 9 25.84 5.60 1.58
C GLY F 9 25.34 5.15 2.95
N GLU F 10 24.12 4.63 3.03
CA GLU F 10 23.49 4.24 4.30
C GLU F 10 23.59 2.74 4.55
N SER F 11 23.20 2.31 5.76
CA SER F 11 23.46 0.95 6.22
C SER F 11 22.30 0.31 6.97
N ILE F 12 22.40 -1.01 7.15
CA ILE F 12 21.40 -1.94 7.64
C ILE F 12 22.13 -3.09 8.32
N ASN F 13 21.47 -3.81 9.24
CA ASN F 13 22.08 -4.90 9.99
C ASN F 13 21.19 -6.13 10.09
N ILE F 14 21.81 -7.29 10.24
CA ILE F 14 21.13 -8.57 10.42
C ILE F 14 21.86 -9.36 11.51
N GLY F 15 21.11 -10.07 12.35
CA GLY F 15 21.65 -10.77 13.51
C GLY F 15 22.38 -9.82 14.45
N ASP F 16 23.57 -10.23 14.89
CA ASP F 16 24.46 -9.41 15.72
C ASP F 16 25.88 -9.36 15.15
N ASP F 17 26.08 -9.85 13.92
CA ASP F 17 27.37 -9.88 13.27
C ASP F 17 27.35 -9.39 11.82
N ILE F 18 26.17 -9.32 11.17
CA ILE F 18 26.07 -9.02 9.75
C ILE F 18 25.70 -7.56 9.53
N THR F 19 26.36 -6.94 8.55
CA THR F 19 26.13 -5.55 8.16
C THR F 19 25.99 -5.45 6.65
N ILE F 20 25.06 -4.61 6.19
CA ILE F 20 24.84 -4.28 4.80
C ILE F 20 24.99 -2.79 4.61
N THR F 21 25.57 -2.38 3.48
CA THR F 21 25.74 -0.98 3.11
C THR F 21 25.43 -0.79 1.64
N ILE F 22 24.57 0.17 1.30
CA ILE F 22 24.37 0.59 -0.09
C ILE F 22 25.50 1.53 -0.48
N LEU F 23 26.31 1.15 -1.46
CA LEU F 23 27.46 1.91 -1.90
C LEU F 23 27.06 2.96 -2.94
N GLY F 24 26.03 2.67 -3.74
CA GLY F 24 25.43 3.65 -4.63
C GLY F 24 24.70 3.02 -5.82
N VAL F 25 24.20 3.85 -6.73
CA VAL F 25 23.47 3.40 -7.91
C VAL F 25 24.09 3.90 -9.21
N SER F 26 23.79 3.20 -10.31
CA SER F 26 24.10 3.64 -11.66
C SER F 26 23.04 3.06 -12.61
N GLY F 27 22.10 3.89 -13.04
CA GLY F 27 20.96 3.43 -13.84
C GLY F 27 20.05 2.52 -13.02
N GLN F 28 19.96 1.25 -13.41
CA GLN F 28 19.21 0.25 -12.65
C GLN F 28 20.10 -0.56 -11.72
N GLN F 29 21.41 -0.50 -11.92
CA GLN F 29 22.38 -1.22 -11.13
C GLN F 29 22.59 -0.55 -9.77
N VAL F 30 22.76 -1.37 -8.74
CA VAL F 30 22.86 -0.94 -7.35
C VAL F 30 24.05 -1.64 -6.74
N ARG F 31 25.09 -0.89 -6.37
CA ARG F 31 26.32 -1.43 -5.81
C ARG F 31 26.19 -1.53 -4.30
N ILE F 32 26.47 -2.71 -3.76
CA ILE F 32 26.16 -3.07 -2.38
C ILE F 32 27.36 -3.73 -1.71
N GLY F 33 27.67 -3.32 -0.48
CA GLY F 33 28.64 -3.96 0.38
C GLY F 33 27.96 -4.90 1.38
N ILE F 34 28.55 -6.07 1.60
CA ILE F 34 28.03 -7.11 2.48
C ILE F 34 29.15 -7.57 3.40
N ASN F 35 28.88 -7.62 4.70
CA ASN F 35 29.86 -7.97 5.70
C ASN F 35 29.28 -8.99 6.68
N ALA F 36 29.75 -10.23 6.60
CA ALA F 36 29.32 -11.32 7.46
C ALA F 36 30.52 -12.11 7.99
N PRO F 37 30.35 -12.83 9.10
CA PRO F 37 31.37 -13.70 9.63
C PRO F 37 31.68 -14.88 8.70
N LYS F 38 32.82 -15.52 8.91
CA LYS F 38 33.21 -16.74 8.19
C LYS F 38 32.33 -17.93 8.57
N ASP F 39 31.54 -17.79 9.62
CA ASP F 39 30.55 -18.76 10.07
C ASP F 39 29.43 -18.98 9.05
N VAL F 40 29.23 -18.03 8.13
CA VAL F 40 28.15 -18.06 7.15
C VAL F 40 28.69 -17.85 5.74
N ALA F 41 27.86 -18.17 4.75
CA ALA F 41 28.14 -17.90 3.34
C ALA F 41 27.51 -16.59 2.88
N VAL F 42 27.98 -16.05 1.75
CA VAL F 42 27.42 -14.85 1.13
C VAL F 42 27.73 -14.85 -0.36
N HIS F 43 26.69 -14.84 -1.19
CA HIS F 43 26.81 -14.74 -2.64
C HIS F 43 25.56 -14.08 -3.24
N ARG F 44 25.56 -13.86 -4.55
CA ARG F 44 24.36 -13.46 -5.27
C ARG F 44 23.49 -14.67 -5.55
N GLU F 45 22.22 -14.46 -5.90
CA GLU F 45 21.24 -15.53 -6.03
C GLU F 45 21.66 -16.57 -7.08
N GLU F 46 22.38 -16.13 -8.12
CA GLU F 46 22.95 -17.00 -9.13
C GLU F 46 23.85 -18.07 -8.51
N ILE F 47 24.75 -17.63 -7.61
CA ILE F 47 25.80 -18.46 -7.06
C ILE F 47 25.29 -19.23 -5.85
N TYR F 48 24.33 -18.67 -5.12
CA TYR F 48 23.68 -19.30 -3.98
C TYR F 48 23.18 -20.70 -4.30
N GLN F 49 22.68 -20.90 -5.52
CA GLN F 49 22.11 -22.16 -5.98
C GLN F 49 23.12 -23.30 -5.94
N ARG F 50 24.43 -22.98 -5.95
CA ARG F 50 25.50 -23.97 -5.90
C ARG F 50 25.67 -24.51 -4.49
N ILE F 51 25.23 -23.76 -3.48
CA ILE F 51 25.36 -24.10 -2.07
C ILE F 51 24.07 -24.73 -1.57
N GLN F 52 22.96 -24.46 -2.25
CA GLN F 52 21.69 -25.16 -2.03
C GLN F 52 21.50 -26.46 -2.79
N ALA F 53 21.74 -26.49 -4.10
CA ALA F 53 21.29 -27.58 -4.97
C ALA F 53 22.36 -28.59 -5.37
N GLY F 54 23.64 -28.21 -5.38
CA GLY F 54 24.71 -29.03 -5.94
C GLY F 54 25.85 -29.23 -4.94
N LEU F 55 26.02 -28.25 -4.06
CA LEU F 55 26.91 -28.17 -2.92
C LEU F 55 28.38 -28.12 -3.32
N THR F 56 29.19 -27.57 -2.41
CA THR F 56 30.61 -27.38 -2.64
C THR F 56 31.44 -28.49 -1.99
N ALA F 57 32.53 -28.88 -2.66
CA ALA F 57 33.34 -30.04 -2.35
C ALA F 57 32.48 -31.28 -2.02
N PRO F 58 31.85 -31.89 -3.01
CA PRO F 58 31.02 -33.07 -2.83
C PRO F 58 31.76 -34.27 -2.25
N ASP F 59 30.99 -35.33 -1.96
CA ASP F 59 31.47 -36.60 -1.45
C ASP F 59 32.48 -37.27 -2.39
N MET A 1 -24.51 -15.66 19.77
CA MET A 1 -23.34 -15.72 18.89
C MET A 1 -22.06 -15.77 19.71
N LEU A 2 -21.15 -16.71 19.43
CA LEU A 2 -19.94 -16.92 20.19
C LEU A 2 -18.78 -16.18 19.53
N ILE A 3 -18.29 -15.11 20.15
CA ILE A 3 -17.19 -14.31 19.62
C ILE A 3 -15.87 -14.84 20.19
N LEU A 4 -14.87 -14.96 19.31
CA LEU A 4 -13.52 -15.35 19.68
C LEU A 4 -12.50 -14.40 19.05
N THR A 5 -11.29 -14.43 19.60
CA THR A 5 -10.17 -13.59 19.18
C THR A 5 -9.00 -14.53 18.88
N ARG A 6 -8.79 -14.78 17.58
CA ARG A 6 -7.90 -15.83 17.10
C ARG A 6 -6.79 -15.23 16.25
N LYS A 7 -5.56 -15.71 16.39
CA LYS A 7 -4.39 -15.06 15.81
C LYS A 7 -3.89 -15.86 14.61
N VAL A 8 -3.10 -15.22 13.74
CA VAL A 8 -2.56 -15.85 12.56
C VAL A 8 -1.93 -17.19 12.90
N GLY A 9 -2.35 -18.27 12.23
CA GLY A 9 -1.92 -19.62 12.50
C GLY A 9 -2.77 -20.40 13.51
N GLU A 10 -3.74 -19.75 14.17
CA GLU A 10 -4.65 -20.40 15.10
C GLU A 10 -5.73 -21.20 14.37
N SER A 11 -6.30 -22.21 15.05
CA SER A 11 -7.37 -23.02 14.51
C SER A 11 -8.55 -23.13 15.47
N ILE A 12 -9.76 -23.22 14.91
CA ILE A 12 -11.04 -23.30 15.60
C ILE A 12 -11.76 -24.56 15.13
N ASN A 13 -12.69 -25.07 15.93
CA ASN A 13 -13.35 -26.35 15.70
C ASN A 13 -14.85 -26.20 15.87
N ILE A 14 -15.61 -26.81 14.95
CA ILE A 14 -17.06 -26.74 14.91
C ILE A 14 -17.63 -28.14 14.73
N GLY A 15 -18.61 -28.50 15.57
CA GLY A 15 -19.25 -29.80 15.52
C GLY A 15 -18.26 -30.90 15.87
N ASP A 16 -18.20 -31.95 15.04
CA ASP A 16 -17.28 -33.06 15.19
C ASP A 16 -16.47 -33.32 13.91
N ASP A 17 -16.66 -32.50 12.87
CA ASP A 17 -16.13 -32.77 11.54
C ASP A 17 -15.48 -31.55 10.89
N ILE A 18 -15.68 -30.34 11.43
CA ILE A 18 -15.23 -29.10 10.79
C ILE A 18 -14.11 -28.47 11.61
N THR A 19 -13.05 -28.02 10.93
CA THR A 19 -11.97 -27.25 11.49
C THR A 19 -11.72 -26.00 10.64
N ILE A 20 -11.42 -24.87 11.27
CA ILE A 20 -11.21 -23.59 10.60
C ILE A 20 -9.83 -23.07 10.97
N THR A 21 -9.08 -22.53 10.01
CA THR A 21 -7.72 -22.05 10.21
C THR A 21 -7.58 -20.63 9.65
N ILE A 22 -6.81 -19.76 10.31
CA ILE A 22 -6.44 -18.48 9.72
C ILE A 22 -5.05 -18.62 9.12
N LEU A 23 -4.95 -18.54 7.79
CA LEU A 23 -3.68 -18.72 7.10
C LEU A 23 -2.88 -17.42 7.14
N GLY A 24 -3.55 -16.28 7.32
CA GLY A 24 -2.91 -15.02 7.65
C GLY A 24 -3.79 -13.81 7.36
N VAL A 25 -3.20 -12.61 7.42
CA VAL A 25 -3.90 -11.35 7.19
C VAL A 25 -3.23 -10.52 6.10
N SER A 26 -4.01 -9.65 5.48
CA SER A 26 -3.62 -8.85 4.33
C SER A 26 -4.15 -7.43 4.47
N GLY A 27 -3.72 -6.73 5.52
CA GLY A 27 -4.25 -5.42 5.88
C GLY A 27 -5.67 -5.53 6.41
N GLN A 28 -6.61 -4.86 5.75
CA GLN A 28 -8.02 -4.91 6.09
C GLN A 28 -8.69 -6.19 5.58
N GLN A 29 -7.96 -7.02 4.83
CA GLN A 29 -8.38 -8.35 4.45
C GLN A 29 -7.77 -9.42 5.34
N VAL A 30 -8.41 -10.60 5.32
CA VAL A 30 -8.17 -11.73 6.21
C VAL A 30 -8.27 -13.01 5.39
N ARG A 31 -7.24 -13.86 5.46
CA ARG A 31 -7.15 -15.07 4.65
C ARG A 31 -7.43 -16.29 5.50
N ILE A 32 -8.66 -16.81 5.37
CA ILE A 32 -9.23 -17.89 6.17
C ILE A 32 -9.30 -19.17 5.35
N GLY A 33 -8.98 -20.30 5.97
CA GLY A 33 -9.19 -21.63 5.41
C GLY A 33 -10.22 -22.41 6.22
N ILE A 34 -11.06 -23.18 5.53
CA ILE A 34 -12.06 -24.06 6.11
C ILE A 34 -11.70 -25.50 5.76
N ASN A 35 -11.84 -26.41 6.72
CA ASN A 35 -11.57 -27.83 6.57
C ASN A 35 -12.79 -28.62 7.01
N ALA A 36 -13.81 -28.60 6.15
CA ALA A 36 -15.04 -29.35 6.30
C ALA A 36 -15.14 -30.45 5.23
N PRO A 37 -15.88 -31.53 5.49
CA PRO A 37 -16.08 -32.59 4.51
C PRO A 37 -17.02 -32.12 3.41
N LYS A 38 -16.93 -32.73 2.23
CA LYS A 38 -17.76 -32.37 1.08
C LYS A 38 -19.23 -32.75 1.28
N ASP A 39 -19.54 -33.43 2.39
CA ASP A 39 -20.89 -33.69 2.83
C ASP A 39 -21.59 -32.41 3.30
N VAL A 40 -20.82 -31.39 3.71
CA VAL A 40 -21.35 -30.08 4.06
C VAL A 40 -20.78 -28.98 3.17
N ALA A 41 -21.62 -27.99 2.87
CA ALA A 41 -21.29 -26.88 1.99
C ALA A 41 -20.44 -25.84 2.69
N VAL A 42 -19.49 -25.22 1.98
CA VAL A 42 -18.73 -24.08 2.46
C VAL A 42 -18.81 -22.96 1.44
N HIS A 43 -19.33 -21.80 1.85
CA HIS A 43 -19.52 -20.64 0.99
C HIS A 43 -19.41 -19.34 1.78
N ARG A 44 -19.63 -18.20 1.13
CA ARG A 44 -19.74 -16.92 1.81
C ARG A 44 -20.96 -16.13 1.34
N GLU A 45 -21.35 -15.09 2.06
CA GLU A 45 -22.63 -14.42 1.82
C GLU A 45 -22.75 -13.78 0.45
N GLU A 46 -21.62 -13.46 -0.20
CA GLU A 46 -21.56 -12.97 -1.56
C GLU A 46 -22.05 -14.01 -2.57
N ILE A 47 -22.06 -15.29 -2.18
CA ILE A 47 -22.35 -16.43 -3.03
C ILE A 47 -23.45 -17.29 -2.42
N TYR A 48 -23.65 -17.27 -1.10
CA TYR A 48 -24.68 -18.05 -0.46
C TYR A 48 -26.05 -17.65 -1.00
N GLN A 49 -26.17 -16.38 -1.36
CA GLN A 49 -27.39 -15.79 -1.88
C GLN A 49 -27.58 -16.10 -3.36
N ARG A 50 -26.57 -16.65 -4.04
CA ARG A 50 -26.68 -17.21 -5.38
C ARG A 50 -27.08 -18.68 -5.34
N ILE A 51 -26.75 -19.38 -4.25
CA ILE A 51 -27.18 -20.75 -3.99
C ILE A 51 -28.68 -20.75 -3.71
N GLN A 52 -29.11 -19.89 -2.79
CA GLN A 52 -30.51 -19.81 -2.37
C GLN A 52 -31.35 -18.93 -3.29
N ALA A 53 -30.77 -18.46 -4.40
CA ALA A 53 -31.50 -17.69 -5.40
C ALA A 53 -32.59 -18.52 -6.06
N GLY A 54 -32.37 -19.83 -6.21
CA GLY A 54 -33.36 -20.74 -6.77
C GLY A 54 -32.77 -22.10 -7.15
N LEU A 55 -31.77 -22.56 -6.38
CA LEU A 55 -31.08 -23.82 -6.59
C LEU A 55 -31.34 -24.70 -5.38
N THR A 56 -30.65 -25.86 -5.33
CA THR A 56 -30.71 -26.82 -4.23
C THR A 56 -32.13 -27.32 -3.93
N ALA A 57 -33.04 -27.20 -4.90
CA ALA A 57 -34.43 -27.61 -4.80
C ALA A 57 -34.73 -28.72 -5.81
N PRO A 58 -35.78 -29.53 -5.58
CA PRO A 58 -36.19 -30.58 -6.49
C PRO A 58 -36.89 -30.04 -7.73
N ASP A 59 -37.18 -30.96 -8.66
CA ASP A 59 -37.78 -30.68 -9.95
C ASP A 59 -39.18 -31.28 -10.08
N MET B 1 -8.71 -28.36 2.33
CA MET B 1 -8.91 -26.95 2.69
C MET B 1 -9.65 -26.21 1.58
N LEU B 2 -10.64 -25.38 1.94
CA LEU B 2 -11.30 -24.43 1.07
C LEU B 2 -10.99 -23.03 1.61
N ILE B 3 -10.42 -22.16 0.78
CA ILE B 3 -9.78 -20.94 1.24
C ILE B 3 -10.44 -19.69 0.66
N LEU B 4 -10.57 -18.66 1.51
CA LEU B 4 -11.21 -17.40 1.21
C LEU B 4 -10.40 -16.23 1.73
N THR B 5 -10.35 -15.14 0.97
CA THR B 5 -9.71 -13.90 1.37
C THR B 5 -10.74 -12.79 1.37
N ARG B 6 -11.19 -12.37 2.55
CA ARG B 6 -12.32 -11.46 2.72
C ARG B 6 -11.95 -10.32 3.65
N LYS B 7 -12.73 -9.23 3.64
CA LYS B 7 -12.45 -8.07 4.48
C LYS B 7 -13.25 -8.07 5.77
N VAL B 8 -12.89 -7.15 6.67
CA VAL B 8 -13.63 -6.99 7.92
C VAL B 8 -15.04 -6.51 7.65
N GLY B 9 -16.00 -7.15 8.32
CA GLY B 9 -17.42 -6.91 8.13
C GLY B 9 -18.09 -7.88 7.15
N GLU B 10 -17.34 -8.78 6.52
CA GLU B 10 -17.90 -9.81 5.66
C GLU B 10 -18.35 -11.04 6.44
N SER B 11 -19.21 -11.87 5.84
CA SER B 11 -19.78 -13.04 6.48
C SER B 11 -19.62 -14.29 5.61
N ILE B 12 -19.45 -15.43 6.29
CA ILE B 12 -19.13 -16.73 5.69
C ILE B 12 -20.09 -17.78 6.23
N ASN B 13 -20.33 -18.85 5.48
CA ASN B 13 -21.39 -19.81 5.77
C ASN B 13 -20.93 -21.26 5.62
N ILE B 14 -21.39 -22.13 6.52
CA ILE B 14 -21.09 -23.56 6.49
C ILE B 14 -22.36 -24.36 6.73
N GLY B 15 -22.60 -25.36 5.89
CA GLY B 15 -23.80 -26.19 5.94
C GLY B 15 -25.07 -25.34 5.79
N ASP B 16 -26.07 -25.64 6.61
CA ASP B 16 -27.30 -24.86 6.70
C ASP B 16 -27.59 -24.42 8.14
N ASP B 17 -26.69 -24.70 9.09
CA ASP B 17 -26.85 -24.34 10.49
C ASP B 17 -25.82 -23.33 10.98
N ILE B 18 -24.71 -23.14 10.26
CA ILE B 18 -23.57 -22.37 10.76
C ILE B 18 -23.29 -21.16 9.88
N THR B 19 -23.06 -20.01 10.53
CA THR B 19 -22.60 -18.79 9.91
C THR B 19 -21.45 -18.20 10.73
N ILE B 20 -20.55 -17.48 10.05
CA ILE B 20 -19.36 -16.85 10.60
C ILE B 20 -19.36 -15.39 10.16
N THR B 21 -18.82 -14.49 10.99
CA THR B 21 -18.64 -13.09 10.64
C THR B 21 -17.30 -12.60 11.13
N ILE B 22 -16.47 -12.02 10.25
CA ILE B 22 -15.24 -11.37 10.63
C ILE B 22 -15.58 -9.98 11.14
N LEU B 23 -15.57 -9.80 12.47
CA LEU B 23 -15.96 -8.54 13.09
C LEU B 23 -14.86 -7.50 12.88
N GLY B 24 -13.60 -7.93 12.80
CA GLY B 24 -12.48 -7.07 12.49
C GLY B 24 -11.17 -7.64 12.99
N VAL B 25 -10.05 -7.04 12.56
CA VAL B 25 -8.73 -7.41 13.04
C VAL B 25 -8.28 -6.48 14.16
N SER B 26 -7.52 -7.04 15.09
CA SER B 26 -6.91 -6.34 16.20
C SER B 26 -5.42 -6.63 16.17
N GLY B 27 -4.75 -6.06 15.16
CA GLY B 27 -3.37 -6.37 14.87
C GLY B 27 -3.24 -7.68 14.10
N GLN B 28 -2.47 -8.63 14.64
CA GLN B 28 -2.37 -9.97 14.10
C GLN B 28 -3.36 -10.90 14.78
N GLN B 29 -4.23 -10.33 15.60
CA GLN B 29 -5.37 -11.01 16.19
C GLN B 29 -6.62 -10.68 15.39
N VAL B 30 -7.61 -11.58 15.42
CA VAL B 30 -8.76 -11.53 14.52
C VAL B 30 -10.01 -11.82 15.31
N ARG B 31 -10.89 -10.81 15.45
CA ARG B 31 -12.14 -10.89 16.18
C ARG B 31 -13.24 -11.43 15.27
N ILE B 32 -13.81 -12.58 15.65
CA ILE B 32 -14.72 -13.35 14.80
C ILE B 32 -15.95 -13.76 15.60
N GLY B 33 -17.13 -13.58 15.02
CA GLY B 33 -18.37 -14.12 15.55
C GLY B 33 -18.68 -15.48 14.92
N ILE B 34 -19.11 -16.42 15.75
CA ILE B 34 -19.60 -17.72 15.31
C ILE B 34 -21.06 -17.88 15.68
N ASN B 35 -21.84 -18.32 14.70
CA ASN B 35 -23.29 -18.32 14.75
C ASN B 35 -23.83 -19.68 14.33
N ALA B 36 -23.73 -20.61 15.27
CA ALA B 36 -24.25 -21.96 15.16
C ALA B 36 -25.22 -22.23 16.31
N PRO B 37 -26.13 -23.19 16.16
CA PRO B 37 -26.93 -23.66 17.27
C PRO B 37 -26.04 -24.20 18.38
N LYS B 38 -26.55 -24.21 19.61
CA LYS B 38 -25.92 -24.88 20.73
C LYS B 38 -25.94 -26.40 20.58
N ASP B 39 -26.51 -26.88 19.46
CA ASP B 39 -26.49 -28.26 19.04
C ASP B 39 -25.08 -28.73 18.67
N VAL B 40 -24.20 -27.78 18.33
CA VAL B 40 -22.81 -28.04 17.98
C VAL B 40 -21.88 -27.43 19.01
N ALA B 41 -20.76 -28.10 19.29
CA ALA B 41 -19.70 -27.53 20.09
C ALA B 41 -18.74 -26.70 19.22
N VAL B 42 -18.28 -25.60 19.80
CA VAL B 42 -17.59 -24.54 19.09
C VAL B 42 -16.50 -23.96 19.98
N HIS B 43 -15.24 -24.36 19.78
CA HIS B 43 -14.10 -23.86 20.55
C HIS B 43 -12.83 -23.80 19.70
N ARG B 44 -11.83 -23.05 20.17
CA ARG B 44 -10.50 -23.08 19.60
C ARG B 44 -9.77 -24.38 19.92
N GLU B 45 -8.76 -24.73 19.13
CA GLU B 45 -8.02 -25.99 19.25
C GLU B 45 -7.55 -26.25 20.68
N GLU B 46 -7.04 -25.22 21.36
CA GLU B 46 -6.59 -25.34 22.75
C GLU B 46 -7.65 -26.04 23.60
N ILE B 47 -8.89 -25.57 23.46
CA ILE B 47 -10.03 -26.00 24.25
C ILE B 47 -10.52 -27.37 23.77
N TYR B 48 -10.67 -27.47 22.45
CA TYR B 48 -11.11 -28.68 21.78
C TYR B 48 -10.30 -29.90 22.21
N GLN B 49 -8.99 -29.73 22.42
CA GLN B 49 -8.08 -30.82 22.72
C GLN B 49 -8.32 -31.44 24.10
N ARG B 50 -8.90 -30.70 25.05
CA ARG B 50 -9.32 -31.28 26.32
C ARG B 50 -10.68 -31.94 26.18
N ILE B 51 -11.59 -31.32 25.42
CA ILE B 51 -12.94 -31.82 25.27
C ILE B 51 -12.90 -33.20 24.61
N GLN B 52 -12.01 -33.36 23.63
CA GLN B 52 -11.77 -34.66 23.01
C GLN B 52 -10.84 -35.56 23.83
N ALA B 53 -10.44 -35.13 25.03
CA ALA B 53 -9.74 -35.98 25.98
C ALA B 53 -10.69 -36.85 26.80
N GLY B 54 -12.00 -36.62 26.70
CA GLY B 54 -13.01 -37.51 27.25
C GLY B 54 -14.02 -36.82 28.15
N LEU B 55 -14.51 -35.65 27.75
CA LEU B 55 -15.29 -34.78 28.62
C LEU B 55 -15.98 -33.64 27.85
N THR B 56 -16.62 -32.75 28.61
CA THR B 56 -17.13 -31.47 28.14
C THR B 56 -16.67 -30.37 29.11
N ALA B 57 -17.01 -29.11 28.81
CA ALA B 57 -16.62 -27.95 29.59
C ALA B 57 -16.63 -28.24 31.08
N PRO B 58 -15.51 -28.04 31.79
CA PRO B 58 -15.36 -28.40 33.19
C PRO B 58 -16.46 -27.81 34.08
N ASP B 59 -16.75 -28.51 35.19
CA ASP B 59 -17.61 -28.03 36.25
C ASP B 59 -19.05 -27.77 35.81
N MET C 1 -16.38 31.53 -7.31
CA MET C 1 -16.01 30.14 -7.63
C MET C 1 -16.89 29.38 -8.60
N LEU C 2 -16.22 28.77 -9.58
CA LEU C 2 -16.73 27.73 -10.46
C LEU C 2 -15.74 26.56 -10.35
N ILE C 3 -16.14 25.49 -9.65
CA ILE C 3 -15.33 24.30 -9.44
C ILE C 3 -15.45 23.38 -10.65
N LEU C 4 -14.32 22.81 -11.07
CA LEU C 4 -14.24 21.79 -12.11
C LEU C 4 -13.34 20.64 -11.65
N THR C 5 -13.72 19.41 -11.96
CA THR C 5 -12.86 18.24 -11.76
C THR C 5 -12.26 17.78 -13.07
N ARG C 6 -10.92 17.61 -13.10
CA ARG C 6 -10.21 17.06 -14.24
C ARG C 6 -9.46 15.81 -13.84
N LYS C 7 -9.22 14.91 -14.80
CA LYS C 7 -8.30 13.80 -14.64
C LYS C 7 -6.91 14.26 -15.10
N VAL C 8 -5.83 13.57 -14.74
CA VAL C 8 -4.51 14.00 -15.16
C VAL C 8 -4.37 14.01 -16.68
N GLY C 9 -3.70 15.04 -17.20
CA GLY C 9 -3.48 15.25 -18.62
C GLY C 9 -4.64 15.94 -19.33
N GLU C 10 -5.72 16.29 -18.62
CA GLU C 10 -6.87 16.99 -19.19
C GLU C 10 -6.72 18.51 -19.07
N SER C 11 -7.56 19.26 -19.79
CA SER C 11 -7.41 20.70 -19.95
C SER C 11 -8.68 21.49 -19.63
N ILE C 12 -8.50 22.80 -19.42
CA ILE C 12 -9.52 23.78 -19.08
C ILE C 12 -9.21 25.07 -19.85
N ASN C 13 -10.18 25.96 -20.01
CA ASN C 13 -10.06 27.22 -20.72
C ASN C 13 -10.62 28.37 -19.89
N ILE C 14 -10.02 29.56 -20.04
CA ILE C 14 -10.46 30.80 -19.41
C ILE C 14 -10.43 31.91 -20.45
N GLY C 15 -11.44 32.78 -20.43
CA GLY C 15 -11.63 33.82 -21.44
C GLY C 15 -11.73 33.22 -22.83
N ASP C 16 -11.06 33.87 -23.80
CA ASP C 16 -10.87 33.34 -25.14
C ASP C 16 -9.39 33.24 -25.51
N ASP C 17 -8.50 33.46 -24.53
CA ASP C 17 -7.07 33.61 -24.74
C ASP C 17 -6.23 32.75 -23.80
N ILE C 18 -6.84 32.12 -22.80
CA ILE C 18 -6.13 31.38 -21.76
C ILE C 18 -6.55 29.92 -21.76
N THR C 19 -5.57 29.03 -21.62
CA THR C 19 -5.75 27.59 -21.49
C THR C 19 -4.96 27.08 -20.29
N ILE C 20 -5.49 26.06 -19.61
CA ILE C 20 -4.88 25.43 -18.45
C ILE C 20 -4.81 23.93 -18.70
N THR C 21 -3.75 23.26 -18.24
CA THR C 21 -3.65 21.81 -18.31
C THR C 21 -3.16 21.27 -16.97
N ILE C 22 -3.86 20.28 -16.41
CA ILE C 22 -3.34 19.54 -15.26
C ILE C 22 -2.44 18.44 -15.83
N LEU C 23 -1.14 18.55 -15.58
CA LEU C 23 -0.15 17.71 -16.24
C LEU C 23 -0.05 16.37 -15.52
N GLY C 24 0.03 16.40 -14.18
CA GLY C 24 -0.10 15.19 -13.38
C GLY C 24 0.04 15.45 -11.88
N VAL C 25 -0.12 14.40 -11.07
CA VAL C 25 0.08 14.47 -9.63
C VAL C 25 1.29 13.64 -9.22
N SER C 26 1.94 14.08 -8.13
CA SER C 26 2.97 13.33 -7.43
C SER C 26 2.83 13.67 -5.96
N GLY C 27 2.37 12.75 -5.11
CA GLY C 27 1.99 13.11 -3.76
C GLY C 27 0.68 13.88 -3.72
N GLN C 28 0.63 14.88 -2.83
CA GLN C 28 -0.41 15.89 -2.79
C GLN C 28 -0.08 17.04 -3.75
N GLN C 29 1.05 16.93 -4.45
CA GLN C 29 1.53 17.88 -5.41
C GLN C 29 0.92 17.64 -6.79
N VAL C 30 0.68 18.73 -7.52
CA VAL C 30 0.03 18.73 -8.81
C VAL C 30 0.85 19.60 -9.75
N ARG C 31 1.43 19.02 -10.81
CA ARG C 31 2.04 19.81 -11.87
C ARG C 31 0.93 20.35 -12.77
N ILE C 32 0.78 21.67 -12.78
CA ILE C 32 -0.24 22.37 -13.56
C ILE C 32 0.46 23.32 -14.54
N GLY C 33 0.03 23.32 -15.80
CA GLY C 33 0.51 24.23 -16.84
C GLY C 33 -0.51 25.32 -17.15
N ILE C 34 -0.01 26.54 -17.40
CA ILE C 34 -0.81 27.71 -17.72
C ILE C 34 -0.34 28.26 -19.06
N ASN C 35 -1.29 28.53 -19.97
CA ASN C 35 -0.99 29.07 -21.29
C ASN C 35 -1.81 30.33 -21.53
N ALA C 36 -1.19 31.48 -21.31
CA ALA C 36 -1.78 32.79 -21.53
C ALA C 36 -0.82 33.68 -22.32
N PRO C 37 -1.33 34.70 -23.02
CA PRO C 37 -0.49 35.72 -23.63
C PRO C 37 0.26 36.52 -22.57
N LYS C 38 1.44 37.05 -22.91
CA LYS C 38 2.18 37.98 -22.07
C LYS C 38 1.46 39.32 -21.90
N ASP C 39 0.30 39.47 -22.54
CA ASP C 39 -0.62 40.58 -22.31
C ASP C 39 -1.21 40.52 -20.91
N VAL C 40 -1.20 39.34 -20.28
CA VAL C 40 -1.64 39.12 -18.91
C VAL C 40 -0.56 38.42 -18.10
N ALA C 41 -0.56 38.65 -16.78
CA ALA C 41 0.40 38.05 -15.88
C ALA C 41 -0.09 36.71 -15.34
N VAL C 42 0.82 35.83 -14.94
CA VAL C 42 0.49 34.61 -14.21
C VAL C 42 1.48 34.40 -13.07
N HIS C 43 0.99 34.10 -11.86
CA HIS C 43 1.82 33.96 -10.67
C HIS C 43 1.17 33.03 -9.64
N ARG C 44 1.94 32.62 -8.62
CA ARG C 44 1.39 31.99 -7.44
C ARG C 44 0.73 33.05 -6.56
N GLU C 45 -0.17 32.65 -5.66
CA GLU C 45 -0.79 33.58 -4.72
C GLU C 45 0.25 34.26 -3.84
N GLU C 46 1.33 33.55 -3.51
CA GLU C 46 2.48 34.10 -2.79
C GLU C 46 3.10 35.28 -3.52
N ILE C 47 3.33 35.12 -4.83
CA ILE C 47 4.07 36.08 -5.64
C ILE C 47 3.14 37.18 -6.14
N TYR C 48 1.87 36.85 -6.39
CA TYR C 48 0.86 37.80 -6.84
C TYR C 48 0.77 39.01 -5.93
N GLN C 49 0.94 38.83 -4.63
CA GLN C 49 0.90 39.90 -3.65
C GLN C 49 1.98 40.94 -3.88
N ARG C 50 3.10 40.58 -4.52
CA ARG C 50 4.14 41.51 -4.92
C ARG C 50 3.70 42.36 -6.10
N ILE C 51 3.00 41.79 -7.07
CA ILE C 51 2.48 42.54 -8.21
C ILE C 51 1.39 43.50 -7.72
N GLN C 52 0.79 43.20 -6.56
CA GLN C 52 -0.21 44.03 -5.91
C GLN C 52 0.39 44.97 -4.86
N ALA C 53 1.71 44.97 -4.68
CA ALA C 53 2.40 45.69 -3.62
C ALA C 53 2.35 47.22 -3.75
N GLY C 54 1.63 47.74 -4.74
CA GLY C 54 1.53 49.17 -5.00
C GLY C 54 2.37 49.61 -6.19
N LEU C 55 2.61 48.71 -7.15
CA LEU C 55 3.43 48.97 -8.31
C LEU C 55 2.81 50.00 -9.24
N THR C 56 1.51 50.25 -9.11
CA THR C 56 0.78 51.26 -9.86
C THR C 56 0.99 52.67 -9.32
N ALA C 57 1.52 52.80 -8.09
CA ALA C 57 1.89 54.06 -7.49
C ALA C 57 3.15 53.91 -6.64
N PRO C 58 4.33 53.88 -7.26
CA PRO C 58 5.60 53.73 -6.57
C PRO C 58 5.92 54.91 -5.64
N ASP C 59 7.03 54.78 -4.90
CA ASP C 59 7.53 55.79 -3.98
C ASP C 59 7.98 57.06 -4.70
N MET D 1 4.00 28.35 -22.42
CA MET D 1 3.38 27.84 -21.19
C MET D 1 4.21 28.19 -19.97
N LEU D 2 3.55 28.37 -18.82
CA LEU D 2 4.16 28.53 -17.51
C LEU D 2 3.65 27.43 -16.58
N ILE D 3 4.53 26.49 -16.23
CA ILE D 3 4.22 25.29 -15.44
C ILE D 3 4.69 25.47 -14.01
N LEU D 4 3.92 24.95 -13.04
CA LEU D 4 4.20 25.01 -11.61
C LEU D 4 3.83 23.71 -10.92
N THR D 5 4.30 23.54 -9.68
CA THR D 5 3.83 22.52 -8.76
C THR D 5 3.12 23.18 -7.59
N ARG D 6 1.80 22.97 -7.50
CA ARG D 6 1.02 23.35 -6.33
C ARG D 6 0.56 22.11 -5.56
N LYS D 7 0.52 22.23 -4.23
CA LYS D 7 -0.11 21.24 -3.37
C LYS D 7 -1.60 21.53 -3.25
N VAL D 8 -2.38 20.53 -2.83
CA VAL D 8 -3.76 20.76 -2.45
C VAL D 8 -3.88 21.89 -1.43
N GLY D 9 -4.89 22.74 -1.59
CA GLY D 9 -5.18 23.84 -0.68
C GLY D 9 -4.41 25.12 -1.00
N GLU D 10 -3.57 25.13 -2.04
CA GLU D 10 -2.80 26.30 -2.44
C GLU D 10 -3.46 27.03 -3.60
N SER D 11 -2.94 28.22 -3.96
CA SER D 11 -3.60 29.12 -4.88
C SER D 11 -2.64 29.76 -5.90
N ILE D 12 -3.22 30.21 -7.01
CA ILE D 12 -2.58 30.73 -8.21
C ILE D 12 -3.39 31.92 -8.71
N ASN D 13 -2.80 32.84 -9.46
CA ASN D 13 -3.46 34.02 -9.99
C ASN D 13 -3.16 34.25 -11.46
N ILE D 14 -4.12 34.85 -12.17
CA ILE D 14 -4.01 35.20 -13.59
C ILE D 14 -4.53 36.62 -13.78
N GLY D 15 -3.86 37.40 -14.64
CA GLY D 15 -4.21 38.78 -14.90
C GLY D 15 -4.20 39.61 -13.62
N ASP D 16 -5.23 40.45 -13.46
CA ASP D 16 -5.46 41.22 -12.24
C ASP D 16 -6.88 41.05 -11.70
N ASP D 17 -7.65 40.10 -12.25
CA ASP D 17 -9.03 39.84 -11.84
C ASP D 17 -9.32 38.36 -11.60
N ILE D 18 -8.39 37.45 -11.89
CA ILE D 18 -8.65 36.02 -11.87
C ILE D 18 -7.80 35.33 -10.78
N THR D 19 -8.44 34.43 -10.04
CA THR D 19 -7.80 33.60 -9.03
C THR D 19 -8.16 32.13 -9.27
N ILE D 20 -7.22 31.23 -8.95
CA ILE D 20 -7.35 29.79 -9.10
C ILE D 20 -6.94 29.14 -7.79
N THR D 21 -7.64 28.08 -7.37
CA THR D 21 -7.34 27.37 -6.14
C THR D 21 -7.44 25.87 -6.38
N ILE D 22 -6.41 25.11 -6.02
CA ILE D 22 -6.49 23.66 -6.07
C ILE D 22 -7.18 23.18 -4.79
N LEU D 23 -8.43 22.72 -4.94
CA LEU D 23 -9.31 22.41 -3.82
C LEU D 23 -8.96 21.04 -3.24
N GLY D 24 -8.48 20.12 -4.07
CA GLY D 24 -7.91 18.86 -3.60
C GLY D 24 -7.65 17.87 -4.73
N VAL D 25 -7.21 16.66 -4.35
CA VAL D 25 -6.85 15.59 -5.28
C VAL D 25 -7.50 14.28 -4.83
N SER D 26 -8.12 13.57 -5.78
CA SER D 26 -8.91 12.38 -5.54
C SER D 26 -8.55 11.33 -6.58
N GLY D 27 -7.57 10.49 -6.27
CA GLY D 27 -7.01 9.54 -7.22
C GLY D 27 -6.23 10.24 -8.32
N GLN D 28 -6.66 10.06 -9.57
CA GLN D 28 -6.11 10.75 -10.73
C GLN D 28 -6.89 12.02 -11.03
N GLN D 29 -8.05 12.20 -10.37
CA GLN D 29 -8.81 13.43 -10.46
C GLN D 29 -8.20 14.52 -9.59
N VAL D 30 -8.37 15.77 -10.04
CA VAL D 30 -7.87 16.97 -9.39
C VAL D 30 -9.00 17.98 -9.39
N ARG D 31 -9.40 18.42 -8.20
CA ARG D 31 -10.57 19.28 -7.99
C ARG D 31 -10.10 20.72 -7.95
N ILE D 32 -10.41 21.50 -8.98
CA ILE D 32 -9.85 22.83 -9.20
C ILE D 32 -10.97 23.87 -9.14
N GLY D 33 -10.79 24.90 -8.31
CA GLY D 33 -11.67 26.04 -8.23
C GLY D 33 -11.15 27.20 -9.07
N ILE D 34 -12.05 27.88 -9.79
CA ILE D 34 -11.74 29.04 -10.59
C ILE D 34 -12.59 30.21 -10.13
N ASN D 35 -12.03 31.42 -10.11
CA ASN D 35 -12.70 32.62 -9.64
C ASN D 35 -12.37 33.78 -10.57
N ALA D 36 -13.32 34.12 -11.44
CA ALA D 36 -13.20 35.17 -12.43
C ALA D 36 -14.52 35.96 -12.49
N PRO D 37 -14.49 37.21 -12.95
CA PRO D 37 -15.71 37.96 -13.22
C PRO D 37 -16.51 37.29 -14.33
N LYS D 38 -17.84 37.45 -14.33
CA LYS D 38 -18.70 36.95 -15.39
C LYS D 38 -18.53 37.72 -16.69
N ASP D 39 -17.65 38.73 -16.68
CA ASP D 39 -17.18 39.43 -17.85
C ASP D 39 -16.29 38.53 -18.72
N VAL D 40 -15.74 37.46 -18.14
CA VAL D 40 -14.94 36.47 -18.84
C VAL D 40 -15.48 35.06 -18.60
N ALA D 41 -15.11 34.13 -19.48
CA ALA D 41 -15.60 32.77 -19.46
C ALA D 41 -14.65 31.81 -18.76
N VAL D 42 -15.16 30.68 -18.27
CA VAL D 42 -14.35 29.56 -17.81
C VAL D 42 -15.09 28.26 -18.02
N HIS D 43 -14.51 27.32 -18.77
CA HIS D 43 -15.04 25.98 -18.97
C HIS D 43 -13.92 24.96 -19.17
N ARG D 44 -14.24 23.68 -19.01
CA ARG D 44 -13.34 22.59 -19.40
C ARG D 44 -13.06 22.66 -20.89
N GLU D 45 -11.94 22.12 -21.37
CA GLU D 45 -11.60 22.11 -22.79
C GLU D 45 -12.58 21.28 -23.61
N GLU D 46 -13.24 20.29 -22.99
CA GLU D 46 -14.30 19.51 -23.62
C GLU D 46 -15.63 20.27 -23.70
N ILE D 47 -15.80 21.33 -22.90
CA ILE D 47 -16.98 22.18 -22.89
C ILE D 47 -16.74 23.44 -23.70
N TYR D 48 -15.50 23.93 -23.70
CA TYR D 48 -15.04 25.01 -24.54
C TYR D 48 -15.34 24.70 -26.01
N GLN D 49 -15.06 23.47 -26.44
CA GLN D 49 -15.30 23.04 -27.80
C GLN D 49 -16.78 23.00 -28.16
N ARG D 50 -17.68 22.86 -27.18
CA ARG D 50 -19.11 22.98 -27.38
C ARG D 50 -19.50 24.43 -27.57
N ILE D 51 -18.93 25.33 -26.76
CA ILE D 51 -19.21 26.75 -26.87
C ILE D 51 -18.63 27.30 -28.17
N GLN D 52 -17.54 26.69 -28.64
CA GLN D 52 -16.93 27.00 -29.92
C GLN D 52 -17.61 26.22 -31.05
N ALA D 53 -18.64 25.44 -30.74
CA ALA D 53 -19.47 24.72 -31.69
C ALA D 53 -20.63 25.56 -32.23
N GLY D 54 -20.74 26.83 -31.82
CA GLY D 54 -21.70 27.77 -32.37
C GLY D 54 -22.85 28.09 -31.42
N LEU D 55 -22.54 28.40 -30.16
CA LEU D 55 -23.52 28.60 -29.10
C LEU D 55 -22.91 29.37 -27.93
N THR D 56 -23.73 29.71 -26.94
CA THR D 56 -23.27 30.22 -25.65
C THR D 56 -23.44 29.18 -24.55
N ALA D 57 -24.60 28.52 -24.54
CA ALA D 57 -24.90 27.35 -23.73
C ALA D 57 -26.13 26.59 -24.23
N PRO D 58 -27.09 27.22 -24.91
CA PRO D 58 -28.20 26.52 -25.55
C PRO D 58 -27.75 25.77 -26.80
N ASP D 59 -28.73 25.26 -27.55
CA ASP D 59 -28.52 24.54 -28.79
C ASP D 59 -27.82 25.39 -29.84
N MET E 1 35.83 -7.78 3.61
CA MET E 1 34.84 -7.16 2.72
C MET E 1 34.65 -7.87 1.37
N LEU E 2 33.43 -7.76 0.85
CA LEU E 2 33.04 -8.12 -0.50
C LEU E 2 32.34 -6.93 -1.14
N ILE E 3 32.68 -6.63 -2.40
CA ILE E 3 32.07 -5.56 -3.18
C ILE E 3 31.30 -6.18 -4.34
N LEU E 4 30.09 -5.67 -4.63
CA LEU E 4 29.16 -6.30 -5.54
C LEU E 4 28.22 -5.26 -6.14
N THR E 5 27.89 -5.39 -7.43
CA THR E 5 27.00 -4.48 -8.13
C THR E 5 25.73 -5.24 -8.56
N ARG E 6 24.58 -4.59 -8.39
CA ARG E 6 23.27 -5.21 -8.54
C ARG E 6 22.30 -4.23 -9.19
N LYS E 7 21.65 -4.57 -10.31
CA LYS E 7 20.61 -3.71 -10.84
C LYS E 7 19.24 -4.07 -10.30
N VAL E 8 18.28 -3.17 -10.48
CA VAL E 8 16.99 -3.29 -9.81
C VAL E 8 16.28 -4.58 -10.18
N GLY E 9 15.67 -5.22 -9.18
CA GLY E 9 14.93 -6.46 -9.34
C GLY E 9 15.78 -7.73 -9.19
N GLU E 10 17.10 -7.59 -9.00
CA GLU E 10 18.00 -8.71 -8.75
C GLU E 10 18.21 -8.93 -7.26
N SER E 11 18.95 -9.96 -6.87
CA SER E 11 19.05 -10.39 -5.47
C SER E 11 20.45 -10.84 -5.06
N ILE E 12 20.69 -10.82 -3.75
CA ILE E 12 21.95 -11.15 -3.09
C ILE E 12 21.65 -11.99 -1.86
N ASN E 13 22.60 -12.81 -1.38
CA ASN E 13 22.39 -13.70 -0.25
C ASN E 13 23.53 -13.63 0.77
N ILE E 14 23.19 -13.90 2.04
CA ILE E 14 24.11 -13.90 3.15
C ILE E 14 23.83 -15.12 4.04
N GLY E 15 24.88 -15.72 4.61
CA GLY E 15 24.75 -16.90 5.45
C GLY E 15 24.12 -18.06 4.70
N ASP E 16 23.22 -18.78 5.38
CA ASP E 16 22.40 -19.83 4.78
C ASP E 16 20.91 -19.58 5.03
N ASP E 17 20.54 -18.40 5.52
CA ASP E 17 19.19 -18.08 5.94
C ASP E 17 18.75 -16.66 5.59
N ILE E 18 19.63 -15.85 4.97
CA ILE E 18 19.36 -14.45 4.70
C ILE E 18 19.37 -14.18 3.20
N THR E 19 18.38 -13.40 2.74
CA THR E 19 18.25 -12.97 1.36
C THR E 19 18.04 -11.46 1.31
N ILE E 20 18.58 -10.82 0.27
CA ILE E 20 18.48 -9.41 -0.01
C ILE E 20 17.95 -9.23 -1.43
N THR E 21 17.02 -8.28 -1.62
CA THR E 21 16.50 -7.95 -2.93
C THR E 21 16.46 -6.44 -3.12
N ILE E 22 16.99 -5.96 -4.24
CA ILE E 22 16.91 -4.55 -4.60
C ILE E 22 15.57 -4.28 -5.27
N LEU E 23 14.66 -3.62 -4.56
CA LEU E 23 13.30 -3.38 -5.02
C LEU E 23 13.28 -2.27 -6.09
N GLY E 24 14.23 -1.34 -6.03
CA GLY E 24 14.48 -0.37 -7.10
C GLY E 24 15.20 0.88 -6.62
N VAL E 25 15.32 1.89 -7.49
CA VAL E 25 15.96 3.17 -7.16
C VAL E 25 15.01 4.35 -7.38
N SER E 26 15.29 5.46 -6.69
CA SER E 26 14.63 6.74 -6.87
C SER E 26 15.62 7.87 -6.62
N GLY E 27 16.29 8.35 -7.67
CA GLY E 27 17.31 9.37 -7.54
C GLY E 27 18.60 8.80 -6.95
N GLN E 28 19.00 9.26 -5.75
CA GLN E 28 20.07 8.62 -5.01
C GLN E 28 19.55 7.48 -4.16
N GLN E 29 18.22 7.40 -4.01
CA GLN E 29 17.60 6.43 -3.13
C GLN E 29 17.54 5.06 -3.79
N VAL E 30 17.50 4.04 -2.94
CA VAL E 30 17.66 2.64 -3.26
C VAL E 30 16.76 1.89 -2.28
N ARG E 31 15.61 1.41 -2.78
CA ARG E 31 14.64 0.71 -1.96
C ARG E 31 15.01 -0.77 -1.91
N ILE E 32 15.18 -1.30 -0.71
CA ILE E 32 15.78 -2.62 -0.51
C ILE E 32 14.91 -3.47 0.42
N GLY E 33 14.74 -4.74 0.06
CA GLY E 33 14.12 -5.76 0.90
C GLY E 33 15.16 -6.69 1.54
N ILE E 34 14.89 -7.11 2.78
CA ILE E 34 15.75 -7.97 3.57
C ILE E 34 14.90 -9.08 4.19
N ASN E 35 15.36 -10.33 4.06
CA ASN E 35 14.58 -11.48 4.46
C ASN E 35 15.45 -12.42 5.29
N ALA E 36 15.28 -12.36 6.61
CA ALA E 36 15.97 -13.19 7.58
C ALA E 36 15.01 -13.67 8.66
N PRO E 37 15.30 -14.79 9.32
CA PRO E 37 14.56 -15.23 10.49
C PRO E 37 14.61 -14.20 11.61
N LYS E 38 13.63 -14.26 12.52
CA LYS E 38 13.66 -13.51 13.77
C LYS E 38 14.73 -14.00 14.74
N ASP E 39 15.46 -15.04 14.33
CA ASP E 39 16.66 -15.53 14.98
C ASP E 39 17.79 -14.51 14.95
N VAL E 40 17.75 -13.59 13.98
CA VAL E 40 18.77 -12.55 13.80
C VAL E 40 18.14 -11.16 13.84
N ALA E 41 18.96 -10.15 14.14
CA ALA E 41 18.54 -8.77 14.13
C ALA E 41 18.83 -8.09 12.79
N VAL E 42 18.11 -7.02 12.47
CA VAL E 42 18.40 -6.17 11.32
C VAL E 42 17.86 -4.76 11.54
N HIS E 43 18.72 -3.75 11.41
CA HIS E 43 18.38 -2.34 11.56
C HIS E 43 19.29 -1.45 10.73
N ARG E 44 18.99 -0.16 10.62
CA ARG E 44 19.91 0.79 10.01
C ARG E 44 21.13 0.97 10.90
N GLU E 45 22.23 1.46 10.34
CA GLU E 45 23.46 1.69 11.09
C GLU E 45 23.24 2.69 12.22
N GLU E 46 22.24 3.56 12.08
CA GLU E 46 21.82 4.48 13.12
C GLU E 46 21.23 3.74 14.32
N ILE E 47 20.25 2.86 14.07
CA ILE E 47 19.53 2.15 15.10
C ILE E 47 20.43 1.09 15.74
N TYR E 48 21.36 0.54 14.96
CA TYR E 48 22.31 -0.45 15.44
C TYR E 48 23.14 0.05 16.63
N GLN E 49 23.47 1.35 16.66
CA GLN E 49 24.24 1.93 17.74
C GLN E 49 23.46 2.00 19.04
N ARG E 50 22.12 2.06 18.98
CA ARG E 50 21.27 2.03 20.15
C ARG E 50 21.24 0.63 20.74
N ILE E 51 21.52 -0.37 19.91
CA ILE E 51 21.43 -1.79 20.23
C ILE E 51 22.78 -2.38 20.60
N GLN E 52 23.87 -1.81 20.07
CA GLN E 52 25.19 -2.29 20.47
C GLN E 52 25.73 -1.66 21.75
N ALA E 53 24.94 -0.80 22.39
CA ALA E 53 25.25 -0.25 23.69
C ALA E 53 25.19 -1.27 24.83
N GLY E 54 24.85 -2.53 24.53
CA GLY E 54 24.57 -3.58 25.50
C GLY E 54 23.17 -3.59 26.09
N LEU E 55 22.29 -4.42 25.52
CA LEU E 55 20.86 -4.42 25.79
C LEU E 55 20.12 -5.60 25.17
N THR E 56 20.81 -6.48 24.42
CA THR E 56 20.20 -7.44 23.51
C THR E 56 19.32 -8.47 24.21
N ALA E 57 19.41 -8.54 25.54
CA ALA E 57 18.47 -9.26 26.39
C ALA E 57 17.78 -8.23 27.29
N PRO E 58 16.72 -7.58 26.80
CA PRO E 58 16.08 -6.46 27.49
C PRO E 58 15.66 -6.80 28.92
N ASP E 59 15.13 -8.02 29.10
CA ASP E 59 14.47 -8.42 30.32
C ASP E 59 14.41 -9.95 30.45
N MET F 1 10.52 -10.24 6.84
CA MET F 1 10.75 -9.45 5.61
C MET F 1 10.69 -7.96 5.90
N LEU F 2 11.86 -7.31 5.94
CA LEU F 2 11.95 -5.87 6.11
C LEU F 2 12.14 -5.17 4.76
N ILE F 3 11.62 -3.95 4.66
CA ILE F 3 11.85 -3.07 3.52
C ILE F 3 12.31 -1.70 4.05
N LEU F 4 13.33 -1.15 3.40
CA LEU F 4 13.89 0.15 3.71
C LEU F 4 14.07 0.96 2.43
N THR F 5 14.17 2.28 2.57
CA THR F 5 14.57 3.13 1.45
C THR F 5 15.71 4.05 1.86
N ARG F 6 16.93 3.62 1.51
CA ARG F 6 18.19 4.28 1.83
C ARG F 6 18.76 4.97 0.60
N LYS F 7 19.69 5.91 0.78
CA LYS F 7 20.43 6.45 -0.35
C LYS F 7 21.95 6.29 -0.24
N VAL F 8 22.65 6.66 -1.32
CA VAL F 8 24.08 6.44 -1.45
C VAL F 8 24.87 7.00 -0.27
N GLY F 9 25.82 6.20 0.22
CA GLY F 9 26.69 6.55 1.34
C GLY F 9 26.19 6.07 2.71
N GLU F 10 24.95 5.57 2.82
CA GLU F 10 24.40 5.08 4.08
C GLU F 10 24.73 3.60 4.33
N SER F 11 24.41 3.11 5.52
CA SER F 11 24.71 1.74 5.92
C SER F 11 23.55 1.09 6.69
N ILE F 12 23.49 -0.24 6.65
CA ILE F 12 22.56 -1.10 7.36
C ILE F 12 23.36 -2.17 8.10
N ASN F 13 22.79 -2.76 9.15
CA ASN F 13 23.43 -3.84 9.90
C ASN F 13 22.51 -5.04 10.06
N ILE F 14 23.12 -6.23 10.14
CA ILE F 14 22.44 -7.50 10.36
C ILE F 14 23.19 -8.29 11.43
N GLY F 15 22.45 -9.03 12.27
CA GLY F 15 23.01 -9.76 13.38
C GLY F 15 23.74 -8.84 14.35
N ASP F 16 24.94 -9.25 14.78
CA ASP F 16 25.83 -8.45 15.61
C ASP F 16 27.22 -8.32 14.98
N ASP F 17 27.37 -8.73 13.73
CA ASP F 17 28.67 -8.83 13.07
C ASP F 17 28.64 -8.42 11.59
N ILE F 18 27.46 -8.25 10.98
CA ILE F 18 27.33 -8.00 9.56
C ILE F 18 26.97 -6.53 9.31
N THR F 19 27.62 -5.93 8.32
CA THR F 19 27.36 -4.56 7.88
C THR F 19 27.16 -4.53 6.36
N ILE F 20 26.26 -3.67 5.91
CA ILE F 20 25.97 -3.40 4.50
C ILE F 20 26.12 -1.91 4.25
N THR F 21 26.66 -1.54 3.07
CA THR F 21 26.89 -0.16 2.69
C THR F 21 26.54 0.05 1.22
N ILE F 22 25.93 1.20 0.89
CA ILE F 22 25.60 1.56 -0.48
C ILE F 22 26.67 2.50 -1.01
N LEU F 23 27.50 2.01 -1.94
CA LEU F 23 28.64 2.75 -2.44
C LEU F 23 28.19 3.79 -3.48
N GLY F 24 27.14 3.48 -4.23
CA GLY F 24 26.45 4.45 -5.08
C GLY F 24 25.64 3.79 -6.19
N VAL F 25 25.01 4.61 -7.05
CA VAL F 25 24.20 4.13 -8.16
C VAL F 25 24.84 4.46 -9.50
N SER F 26 24.51 3.65 -10.52
CA SER F 26 24.83 3.91 -11.92
C SER F 26 23.65 3.46 -12.78
N GLY F 27 22.71 4.37 -13.04
CA GLY F 27 21.54 4.07 -13.84
C GLY F 27 20.57 3.14 -13.12
N GLN F 28 20.54 1.86 -13.50
CA GLN F 28 19.79 0.84 -12.77
C GLN F 28 20.70 0.03 -11.85
N GLN F 29 22.01 0.01 -12.13
CA GLN F 29 22.99 -0.68 -11.31
C GLN F 29 23.19 0.06 -9.99
N VAL F 30 23.46 -0.71 -8.94
CA VAL F 30 23.62 -0.22 -7.58
C VAL F 30 24.84 -0.93 -7.01
N ARG F 31 25.90 -0.17 -6.71
CA ARG F 31 27.14 -0.72 -6.19
C ARG F 31 27.09 -0.77 -4.67
N ILE F 32 27.30 -1.96 -4.13
CA ILE F 32 27.04 -2.30 -2.73
C ILE F 32 28.28 -2.94 -2.12
N GLY F 33 28.56 -2.61 -0.86
CA GLY F 33 29.57 -3.27 -0.06
C GLY F 33 28.92 -4.12 1.03
N ILE F 34 29.46 -5.33 1.26
CA ILE F 34 29.03 -6.23 2.30
C ILE F 34 30.22 -6.65 3.16
N ASN F 35 30.02 -6.70 4.47
CA ASN F 35 31.06 -7.01 5.43
C ASN F 35 30.52 -7.98 6.48
N ALA F 36 30.87 -9.26 6.33
CA ALA F 36 30.46 -10.32 7.24
C ALA F 36 31.67 -11.12 7.74
N PRO F 37 31.53 -11.81 8.88
CA PRO F 37 32.56 -12.70 9.39
C PRO F 37 32.80 -13.89 8.47
N LYS F 38 33.94 -14.56 8.66
CA LYS F 38 34.27 -15.81 7.98
C LYS F 38 33.44 -16.99 8.50
N ASP F 39 32.62 -16.75 9.54
CA ASP F 39 31.65 -17.69 10.06
C ASP F 39 30.47 -17.90 9.11
N VAL F 40 30.27 -16.98 8.15
CA VAL F 40 29.17 -17.02 7.21
C VAL F 40 29.66 -16.87 5.77
N ALA F 41 28.77 -17.14 4.80
CA ALA F 41 29.03 -16.92 3.39
C ALA F 41 28.30 -15.68 2.89
N VAL F 42 28.71 -15.17 1.72
CA VAL F 42 28.04 -14.07 1.03
C VAL F 42 28.31 -14.14 -0.47
N HIS F 43 27.24 -14.15 -1.28
CA HIS F 43 27.33 -14.12 -2.73
C HIS F 43 26.08 -13.49 -3.33
N ARG F 44 26.03 -13.34 -4.66
CA ARG F 44 24.81 -12.98 -5.36
C ARG F 44 23.89 -14.21 -5.46
N GLU F 45 22.63 -13.99 -5.82
CA GLU F 45 21.63 -15.05 -5.83
C GLU F 45 22.00 -16.19 -6.78
N GLU F 46 22.75 -15.89 -7.84
CA GLU F 46 23.23 -16.88 -8.79
C GLU F 46 24.14 -17.91 -8.09
N ILE F 47 25.16 -17.41 -7.40
CA ILE F 47 26.23 -18.25 -6.86
C ILE F 47 25.75 -18.98 -5.61
N TYR F 48 24.85 -18.36 -4.85
CA TYR F 48 24.25 -18.93 -3.65
C TYR F 48 23.70 -20.34 -3.89
N GLN F 49 23.16 -20.59 -5.08
CA GLN F 49 22.54 -21.86 -5.44
C GLN F 49 23.51 -23.02 -5.36
N ARG F 50 24.83 -22.76 -5.43
CA ARG F 50 25.86 -23.77 -5.28
C ARG F 50 25.99 -24.15 -3.82
N ILE F 51 26.04 -23.16 -2.94
CA ILE F 51 26.19 -23.33 -1.50
C ILE F 51 24.97 -24.02 -0.92
N GLN F 52 23.82 -23.93 -1.59
CA GLN F 52 22.66 -24.74 -1.28
C GLN F 52 22.62 -26.13 -1.90
N ALA F 53 23.07 -26.31 -3.15
CA ALA F 53 22.83 -27.53 -3.90
C ALA F 53 24.01 -28.48 -4.06
N GLY F 54 25.25 -27.98 -4.02
CA GLY F 54 26.44 -28.74 -4.37
C GLY F 54 27.60 -28.53 -3.40
N LEU F 55 27.55 -27.43 -2.66
CA LEU F 55 28.38 -27.08 -1.52
C LEU F 55 29.86 -26.94 -1.89
N THR F 56 30.70 -26.69 -0.89
CA THR F 56 32.11 -26.39 -1.10
C THR F 56 33.00 -27.62 -0.97
N ALA F 57 32.52 -28.63 -0.24
CA ALA F 57 33.21 -29.87 0.04
C ALA F 57 32.26 -30.99 0.48
N PRO F 58 31.13 -30.70 1.16
CA PRO F 58 30.23 -31.74 1.61
C PRO F 58 29.43 -32.40 0.50
N ASP F 59 28.61 -33.37 0.91
CA ASP F 59 27.90 -34.29 0.03
C ASP F 59 26.57 -33.71 -0.45
N MET A 1 -24.54 -15.74 19.91
CA MET A 1 -23.41 -15.73 18.97
C MET A 1 -22.10 -15.74 19.74
N LEU A 2 -21.15 -16.61 19.39
CA LEU A 2 -19.91 -16.78 20.14
C LEU A 2 -18.77 -16.07 19.41
N ILE A 3 -18.21 -15.02 20.02
CA ILE A 3 -17.11 -14.24 19.45
C ILE A 3 -15.79 -14.66 20.05
N LEU A 4 -14.75 -14.72 19.22
CA LEU A 4 -13.37 -14.96 19.63
C LEU A 4 -12.46 -13.95 18.94
N THR A 5 -11.25 -13.76 19.48
CA THR A 5 -10.25 -12.85 18.93
C THR A 5 -8.94 -13.61 18.77
N ARG A 6 -8.61 -14.04 17.55
CA ARG A 6 -7.50 -14.94 17.33
C ARG A 6 -6.56 -14.39 16.27
N LYS A 7 -5.26 -14.62 16.48
CA LYS A 7 -4.18 -13.98 15.75
C LYS A 7 -3.71 -14.88 14.61
N VAL A 8 -2.99 -14.32 13.64
CA VAL A 8 -2.71 -15.06 12.43
C VAL A 8 -1.87 -16.31 12.70
N GLY A 9 -2.34 -17.45 12.20
CA GLY A 9 -1.76 -18.76 12.44
C GLY A 9 -2.50 -19.59 13.49
N GLU A 10 -3.50 -19.02 14.17
CA GLU A 10 -4.30 -19.74 15.15
C GLU A 10 -5.53 -20.39 14.52
N SER A 11 -6.15 -21.33 15.25
CA SER A 11 -7.19 -22.20 14.71
C SER A 11 -8.41 -22.32 15.62
N ILE A 12 -9.58 -22.49 15.00
CA ILE A 12 -10.85 -22.74 15.66
C ILE A 12 -11.35 -24.14 15.32
N ASN A 13 -12.18 -24.74 16.18
CA ASN A 13 -12.79 -26.03 15.95
C ASN A 13 -14.31 -25.95 16.14
N ILE A 14 -15.05 -26.59 15.24
CA ILE A 14 -16.50 -26.56 15.19
C ILE A 14 -17.03 -27.98 15.04
N GLY A 15 -17.99 -28.36 15.89
CA GLY A 15 -18.57 -29.69 15.86
C GLY A 15 -17.56 -30.74 16.31
N ASP A 16 -17.41 -31.81 15.51
CA ASP A 16 -16.38 -32.82 15.70
C ASP A 16 -15.60 -33.09 14.41
N ASP A 17 -15.90 -32.36 13.33
CA ASP A 17 -15.40 -32.66 12.00
C ASP A 17 -14.88 -31.43 11.24
N ILE A 18 -15.14 -30.21 11.71
CA ILE A 18 -14.71 -28.99 11.06
C ILE A 18 -13.62 -28.30 11.88
N THR A 19 -12.62 -27.78 11.19
CA THR A 19 -11.56 -26.97 11.78
C THR A 19 -11.29 -25.77 10.88
N ILE A 20 -10.93 -24.63 11.47
CA ILE A 20 -10.70 -23.37 10.77
C ILE A 20 -9.29 -22.89 11.14
N THR A 21 -8.56 -22.32 10.19
CA THR A 21 -7.26 -21.72 10.44
C THR A 21 -7.17 -20.39 9.70
N ILE A 22 -6.84 -19.31 10.41
CA ILE A 22 -6.65 -18.01 9.79
C ILE A 22 -5.20 -17.92 9.31
N LEU A 23 -4.97 -18.05 8.00
CA LEU A 23 -3.64 -18.21 7.46
C LEU A 23 -2.86 -16.89 7.53
N GLY A 24 -3.54 -15.74 7.38
CA GLY A 24 -2.96 -14.45 7.74
C GLY A 24 -3.65 -13.22 7.16
N VAL A 25 -3.02 -12.06 7.33
CA VAL A 25 -3.58 -10.75 6.99
C VAL A 25 -3.24 -10.33 5.56
N SER A 26 -4.00 -9.39 5.01
CA SER A 26 -3.68 -8.71 3.76
C SER A 26 -4.27 -7.30 3.75
N GLY A 27 -3.85 -6.45 4.69
CA GLY A 27 -4.49 -5.15 4.89
C GLY A 27 -5.79 -5.30 5.65
N GLN A 28 -6.86 -4.64 5.18
CA GLN A 28 -8.17 -4.67 5.79
C GLN A 28 -9.01 -5.86 5.30
N GLN A 29 -8.33 -6.87 4.76
CA GLN A 29 -8.90 -8.16 4.41
C GLN A 29 -8.08 -9.30 5.00
N VAL A 30 -8.76 -10.43 5.23
CA VAL A 30 -8.28 -11.56 6.01
C VAL A 30 -8.27 -12.81 5.14
N ARG A 31 -7.18 -13.59 5.20
CA ARG A 31 -7.04 -14.85 4.50
C ARG A 31 -7.36 -16.01 5.44
N ILE A 32 -8.56 -16.56 5.32
CA ILE A 32 -9.11 -17.60 6.18
C ILE A 32 -9.13 -18.93 5.42
N GLY A 33 -8.69 -20.01 6.07
CA GLY A 33 -8.80 -21.36 5.58
C GLY A 33 -9.77 -22.19 6.39
N ILE A 34 -10.57 -23.01 5.70
CA ILE A 34 -11.53 -23.93 6.28
C ILE A 34 -11.08 -25.36 6.00
N ASN A 35 -11.20 -26.24 6.99
CA ASN A 35 -10.82 -27.63 6.92
C ASN A 35 -12.01 -28.51 7.32
N ALA A 36 -12.96 -28.60 6.40
CA ALA A 36 -14.14 -29.46 6.51
C ALA A 36 -14.11 -30.56 5.47
N PRO A 37 -14.76 -31.71 5.73
CA PRO A 37 -14.83 -32.80 4.80
C PRO A 37 -15.82 -32.50 3.67
N LYS A 38 -15.64 -33.14 2.51
CA LYS A 38 -16.48 -32.89 1.35
C LYS A 38 -17.92 -33.39 1.53
N ASP A 39 -18.20 -34.02 2.66
CA ASP A 39 -19.55 -34.36 3.09
C ASP A 39 -20.36 -33.13 3.46
N VAL A 40 -19.69 -32.04 3.87
CA VAL A 40 -20.33 -30.76 4.15
C VAL A 40 -19.84 -29.67 3.20
N ALA A 41 -20.75 -28.77 2.83
CA ALA A 41 -20.47 -27.65 1.94
C ALA A 41 -19.81 -26.50 2.69
N VAL A 42 -18.87 -25.80 2.06
CA VAL A 42 -18.31 -24.57 2.61
C VAL A 42 -18.29 -23.49 1.54
N HIS A 43 -18.84 -22.31 1.87
CA HIS A 43 -19.08 -21.22 0.94
C HIS A 43 -19.04 -19.89 1.67
N ARG A 44 -19.31 -18.79 0.97
CA ARG A 44 -19.50 -17.49 1.60
C ARG A 44 -20.80 -16.82 1.19
N GLU A 45 -21.18 -15.75 1.89
CA GLU A 45 -22.44 -15.07 1.73
C GLU A 45 -22.70 -14.66 0.27
N GLU A 46 -21.66 -14.16 -0.40
CA GLU A 46 -21.68 -13.75 -1.80
C GLU A 46 -22.11 -14.88 -2.74
N ILE A 47 -21.93 -16.13 -2.32
CA ILE A 47 -22.16 -17.33 -3.13
C ILE A 47 -23.27 -18.17 -2.53
N TYR A 48 -23.54 -18.05 -1.23
CA TYR A 48 -24.52 -18.87 -0.55
C TYR A 48 -25.91 -18.64 -1.11
N GLN A 49 -26.16 -17.40 -1.57
CA GLN A 49 -27.42 -17.02 -2.18
C GLN A 49 -27.56 -17.55 -3.60
N ARG A 50 -26.48 -18.10 -4.18
CA ARG A 50 -26.52 -18.84 -5.43
C ARG A 50 -26.94 -20.28 -5.18
N ILE A 51 -26.55 -20.84 -4.04
CA ILE A 51 -26.99 -22.15 -3.58
C ILE A 51 -28.50 -22.11 -3.35
N GLN A 52 -28.94 -21.13 -2.55
CA GLN A 52 -30.32 -20.99 -2.12
C GLN A 52 -31.17 -20.24 -3.14
N ALA A 53 -30.59 -19.91 -4.30
CA ALA A 53 -31.34 -19.41 -5.43
C ALA A 53 -32.41 -20.41 -5.87
N GLY A 54 -32.14 -21.70 -5.68
CA GLY A 54 -33.10 -22.77 -5.89
C GLY A 54 -32.45 -24.15 -6.06
N LEU A 55 -31.19 -24.32 -5.66
CA LEU A 55 -30.50 -25.59 -5.85
C LEU A 55 -30.65 -26.40 -4.57
N THR A 56 -31.72 -27.20 -4.53
CA THR A 56 -32.25 -27.93 -3.38
C THR A 56 -33.68 -28.34 -3.70
N ALA A 57 -34.30 -29.12 -2.80
CA ALA A 57 -35.73 -29.39 -2.82
C ALA A 57 -36.38 -28.83 -1.55
N PRO A 58 -37.66 -28.48 -1.59
CA PRO A 58 -38.41 -28.14 -0.39
C PRO A 58 -38.67 -29.40 0.42
N ASP A 59 -38.17 -29.40 1.66
CA ASP A 59 -38.40 -30.44 2.63
C ASP A 59 -38.09 -31.83 2.07
N MET B 1 -7.77 -28.11 2.71
CA MET B 1 -8.10 -26.71 3.03
C MET B 1 -8.85 -26.05 1.88
N LEU B 2 -9.90 -25.30 2.19
CA LEU B 2 -10.60 -24.41 1.28
C LEU B 2 -10.39 -22.98 1.78
N ILE B 3 -9.80 -22.11 0.96
CA ILE B 3 -9.27 -20.83 1.39
C ILE B 3 -9.98 -19.66 0.73
N LEU B 4 -10.23 -18.61 1.52
CA LEU B 4 -10.92 -17.40 1.11
C LEU B 4 -10.20 -16.17 1.63
N THR B 5 -10.18 -15.10 0.83
CA THR B 5 -9.58 -13.82 1.20
C THR B 5 -10.67 -12.75 1.16
N ARG B 6 -11.18 -12.35 2.32
CA ARG B 6 -12.37 -11.52 2.45
C ARG B 6 -12.15 -10.35 3.39
N LYS B 7 -12.89 -9.27 3.13
CA LYS B 7 -12.76 -8.02 3.86
C LYS B 7 -13.44 -8.12 5.23
N VAL B 8 -13.06 -7.25 6.15
CA VAL B 8 -13.80 -7.11 7.39
C VAL B 8 -15.25 -6.73 7.09
N GLY B 9 -16.19 -7.36 7.80
CA GLY B 9 -17.62 -7.18 7.60
C GLY B 9 -18.25 -8.21 6.68
N GLU B 10 -17.48 -9.10 6.05
CA GLU B 10 -18.03 -10.16 5.21
C GLU B 10 -18.42 -11.40 6.02
N SER B 11 -19.27 -12.24 5.44
CA SER B 11 -19.87 -13.39 6.09
C SER B 11 -19.59 -14.67 5.30
N ILE B 12 -19.44 -15.78 6.03
CA ILE B 12 -18.99 -17.06 5.51
C ILE B 12 -19.88 -18.17 6.10
N ASN B 13 -20.04 -19.29 5.38
CA ASN B 13 -21.03 -20.30 5.73
C ASN B 13 -20.48 -21.72 5.62
N ILE B 14 -20.92 -22.59 6.55
CA ILE B 14 -20.54 -24.00 6.59
C ILE B 14 -21.77 -24.85 6.83
N GLY B 15 -21.96 -25.88 6.00
CA GLY B 15 -23.14 -26.73 6.05
C GLY B 15 -24.42 -25.93 5.85
N ASP B 16 -25.43 -26.22 6.67
CA ASP B 16 -26.67 -25.47 6.71
C ASP B 16 -26.96 -24.90 8.11
N ASP B 17 -26.08 -25.15 9.07
CA ASP B 17 -26.30 -24.79 10.47
C ASP B 17 -25.31 -23.74 10.98
N ILE B 18 -24.17 -23.55 10.31
CA ILE B 18 -23.09 -22.72 10.80
C ILE B 18 -22.85 -21.54 9.89
N THR B 19 -22.74 -20.35 10.50
CA THR B 19 -22.30 -19.14 9.84
C THR B 19 -21.18 -18.49 10.63
N ILE B 20 -20.27 -17.82 9.92
CA ILE B 20 -19.10 -17.14 10.44
C ILE B 20 -19.12 -15.70 9.93
N THR B 21 -18.64 -14.76 10.74
CA THR B 21 -18.51 -13.37 10.33
C THR B 21 -17.17 -12.82 10.79
N ILE B 22 -16.41 -12.20 9.88
CA ILE B 22 -15.22 -11.46 10.26
C ILE B 22 -15.65 -10.08 10.75
N LEU B 23 -15.73 -9.89 12.07
CA LEU B 23 -16.16 -8.63 12.65
C LEU B 23 -15.13 -7.54 12.39
N GLY B 24 -13.85 -7.91 12.36
CA GLY B 24 -12.77 -7.01 11.98
C GLY B 24 -11.42 -7.50 12.47
N VAL B 25 -10.37 -6.71 12.22
CA VAL B 25 -9.03 -6.98 12.72
C VAL B 25 -8.65 -5.98 13.79
N SER B 26 -7.89 -6.45 14.79
CA SER B 26 -7.25 -5.62 15.80
C SER B 26 -5.75 -5.78 15.65
N GLY B 27 -5.20 -5.17 14.59
CA GLY B 27 -3.81 -5.34 14.22
C GLY B 27 -3.59 -6.68 13.50
N GLN B 28 -2.76 -7.55 14.10
CA GLN B 28 -2.53 -8.90 13.59
C GLN B 28 -3.41 -9.91 14.33
N GLN B 29 -4.34 -9.39 15.13
CA GLN B 29 -5.40 -10.15 15.75
C GLN B 29 -6.68 -9.99 14.94
N VAL B 30 -7.58 -10.97 15.05
CA VAL B 30 -8.78 -11.02 14.22
C VAL B 30 -10.00 -11.33 15.09
N ARG B 31 -10.96 -10.41 15.14
CA ARG B 31 -12.22 -10.55 15.85
C ARG B 31 -13.22 -11.26 14.95
N ILE B 32 -13.64 -12.46 15.37
CA ILE B 32 -14.45 -13.37 14.57
C ILE B 32 -15.70 -13.76 15.34
N GLY B 33 -16.86 -13.64 14.69
CA GLY B 33 -18.12 -14.14 15.20
C GLY B 33 -18.43 -15.54 14.68
N ILE B 34 -18.98 -16.39 15.55
CA ILE B 34 -19.39 -17.73 15.20
C ILE B 34 -20.85 -17.91 15.58
N ASN B 35 -21.61 -18.43 14.61
CA ASN B 35 -23.06 -18.48 14.64
C ASN B 35 -23.52 -19.88 14.24
N ALA B 36 -23.35 -20.79 15.19
CA ALA B 36 -23.83 -22.16 15.12
C ALA B 36 -24.80 -22.42 16.26
N PRO B 37 -25.67 -23.42 16.13
CA PRO B 37 -26.46 -23.88 17.26
C PRO B 37 -25.55 -24.39 18.36
N LYS B 38 -26.07 -24.35 19.60
CA LYS B 38 -25.45 -24.95 20.77
C LYS B 38 -25.47 -26.47 20.74
N ASP B 39 -26.05 -26.99 19.65
CA ASP B 39 -26.04 -28.39 19.25
C ASP B 39 -24.62 -28.83 18.89
N VAL B 40 -23.77 -27.88 18.49
CA VAL B 40 -22.37 -28.11 18.19
C VAL B 40 -21.49 -27.41 19.22
N ALA B 41 -20.36 -28.03 19.57
CA ALA B 41 -19.36 -27.35 20.38
C ALA B 41 -18.41 -26.53 19.51
N VAL B 42 -18.02 -25.37 20.05
CA VAL B 42 -17.36 -24.32 19.31
C VAL B 42 -16.30 -23.67 20.21
N HIS B 43 -15.04 -24.07 20.04
CA HIS B 43 -13.91 -23.50 20.76
C HIS B 43 -12.67 -23.43 19.88
N ARG B 44 -11.70 -22.61 20.28
CA ARG B 44 -10.37 -22.60 19.68
C ARG B 44 -9.61 -23.88 19.99
N GLU B 45 -8.63 -24.25 19.15
CA GLU B 45 -7.95 -25.54 19.23
C GLU B 45 -7.34 -25.79 20.60
N GLU B 46 -6.71 -24.78 21.20
CA GLU B 46 -6.10 -24.91 22.52
C GLU B 46 -7.12 -25.28 23.60
N ILE B 47 -8.41 -24.97 23.40
CA ILE B 47 -9.48 -25.37 24.27
C ILE B 47 -10.00 -26.75 23.89
N TYR B 48 -10.30 -26.92 22.59
CA TYR B 48 -10.85 -28.14 22.04
C TYR B 48 -10.05 -29.38 22.46
N GLN B 49 -8.73 -29.24 22.57
CA GLN B 49 -7.84 -30.35 22.87
C GLN B 49 -7.96 -30.85 24.31
N ARG B 50 -8.48 -30.04 25.25
CA ARG B 50 -8.83 -30.52 26.57
C ARG B 50 -10.18 -31.23 26.52
N ILE B 51 -11.12 -30.68 25.76
CA ILE B 51 -12.49 -31.19 25.68
C ILE B 51 -12.46 -32.60 25.09
N GLN B 52 -11.62 -32.79 24.07
CA GLN B 52 -11.40 -34.11 23.49
C GLN B 52 -10.41 -34.96 24.31
N ALA B 53 -9.98 -34.47 25.46
CA ALA B 53 -9.23 -35.26 26.43
C ALA B 53 -10.17 -36.12 27.29
N GLY B 54 -11.46 -35.78 27.35
CA GLY B 54 -12.48 -36.62 27.93
C GLY B 54 -13.47 -35.89 28.82
N LEU B 55 -14.00 -34.75 28.37
CA LEU B 55 -14.76 -33.84 29.22
C LEU B 55 -15.47 -32.75 28.43
N THR B 56 -16.12 -31.83 29.15
CA THR B 56 -16.66 -30.57 28.65
C THR B 56 -16.12 -29.42 29.49
N ALA B 57 -16.52 -28.19 29.17
CA ALA B 57 -16.13 -26.98 29.89
C ALA B 57 -16.13 -27.22 31.40
N PRO B 58 -15.00 -27.06 32.09
CA PRO B 58 -14.88 -27.48 33.48
C PRO B 58 -15.74 -26.69 34.46
N ASP B 59 -15.75 -27.20 35.70
CA ASP B 59 -16.50 -26.64 36.81
C ASP B 59 -15.86 -25.36 37.35
N MET C 1 -16.91 31.67 -7.28
CA MET C 1 -16.08 30.47 -7.52
C MET C 1 -16.82 29.51 -8.43
N LEU C 2 -16.22 29.12 -9.56
CA LEU C 2 -16.70 28.05 -10.40
C LEU C 2 -15.72 26.88 -10.27
N ILE C 3 -16.12 25.81 -9.58
CA ILE C 3 -15.34 24.60 -9.43
C ILE C 3 -15.47 23.74 -10.67
N LEU C 4 -14.33 23.26 -11.18
CA LEU C 4 -14.28 22.24 -12.21
C LEU C 4 -13.34 21.11 -11.75
N THR C 5 -13.76 19.86 -11.94
CA THR C 5 -12.87 18.73 -11.76
C THR C 5 -12.20 18.38 -13.08
N ARG C 6 -11.01 17.79 -13.00
CA ARG C 6 -10.24 17.42 -14.17
C ARG C 6 -9.45 16.14 -13.91
N LYS C 7 -9.31 15.29 -14.93
CA LYS C 7 -8.53 14.07 -14.85
C LYS C 7 -7.18 14.32 -15.51
N VAL C 8 -6.10 13.67 -15.05
CA VAL C 8 -4.77 14.02 -15.52
C VAL C 8 -4.65 13.94 -17.04
N GLY C 9 -4.06 14.98 -17.65
CA GLY C 9 -3.92 15.14 -19.08
C GLY C 9 -4.98 16.02 -19.74
N GLU C 10 -6.06 16.39 -19.04
CA GLU C 10 -7.13 17.21 -19.58
C GLU C 10 -6.89 18.71 -19.39
N SER C 11 -7.81 19.56 -19.84
CA SER C 11 -7.61 21.00 -19.96
C SER C 11 -8.85 21.84 -19.64
N ILE C 12 -8.64 23.13 -19.34
CA ILE C 12 -9.65 24.13 -19.06
C ILE C 12 -9.30 25.41 -19.82
N ASN C 13 -10.30 26.27 -20.07
CA ASN C 13 -10.13 27.57 -20.71
C ASN C 13 -10.67 28.70 -19.84
N ILE C 14 -10.02 29.85 -19.90
CA ILE C 14 -10.45 31.09 -19.25
C ILE C 14 -10.38 32.22 -20.27
N GLY C 15 -11.39 33.10 -20.27
CA GLY C 15 -11.57 34.11 -21.30
C GLY C 15 -11.65 33.46 -22.68
N ASP C 16 -10.96 34.05 -23.65
CA ASP C 16 -10.74 33.47 -24.98
C ASP C 16 -9.25 33.36 -25.29
N ASP C 17 -8.39 33.63 -24.30
CA ASP C 17 -6.95 33.80 -24.50
C ASP C 17 -6.11 32.94 -23.56
N ILE C 18 -6.73 32.28 -22.57
CA ILE C 18 -6.02 31.51 -21.55
C ILE C 18 -6.46 30.05 -21.59
N THR C 19 -5.48 29.15 -21.49
CA THR C 19 -5.71 27.71 -21.38
C THR C 19 -4.91 27.16 -20.20
N ILE C 20 -5.49 26.22 -19.45
CA ILE C 20 -4.89 25.58 -18.29
C ILE C 20 -4.91 24.07 -18.50
N THR C 21 -3.86 23.36 -18.11
CA THR C 21 -3.76 21.91 -18.31
C THR C 21 -3.33 21.22 -17.03
N ILE C 22 -3.98 20.10 -16.68
CA ILE C 22 -3.49 19.24 -15.62
C ILE C 22 -2.46 18.29 -16.21
N LEU C 23 -1.18 18.55 -15.96
CA LEU C 23 -0.11 17.75 -16.53
C LEU C 23 0.01 16.44 -15.77
N GLY C 24 -0.18 16.49 -14.45
CA GLY C 24 -0.36 15.29 -13.64
C GLY C 24 -0.24 15.57 -12.15
N VAL C 25 -0.23 14.51 -11.34
CA VAL C 25 -0.02 14.62 -9.89
C VAL C 25 1.34 14.06 -9.50
N SER C 26 1.79 14.43 -8.30
CA SER C 26 3.05 14.01 -7.71
C SER C 26 2.86 13.80 -6.21
N GLY C 27 2.13 12.73 -5.85
CA GLY C 27 1.67 12.56 -4.49
C GLY C 27 0.50 13.49 -4.22
N GLN C 28 0.73 14.53 -3.41
CA GLN C 28 -0.24 15.58 -3.12
C GLN C 28 -0.02 16.81 -3.99
N GLN C 29 1.08 16.84 -4.75
CA GLN C 29 1.33 17.86 -5.76
C GLN C 29 0.51 17.65 -7.02
N VAL C 30 0.37 18.74 -7.76
CA VAL C 30 -0.38 18.83 -9.00
C VAL C 30 0.47 19.69 -9.94
N ARG C 31 1.07 19.09 -10.98
CA ARG C 31 1.74 19.86 -12.03
C ARG C 31 0.69 20.45 -12.96
N ILE C 32 0.56 21.77 -12.94
CA ILE C 32 -0.40 22.53 -13.73
C ILE C 32 0.34 23.34 -14.79
N GLY C 33 -0.10 23.21 -16.04
CA GLY C 33 0.30 24.04 -17.16
C GLY C 33 -0.60 25.27 -17.27
N ILE C 34 0.00 26.44 -17.57
CA ILE C 34 -0.73 27.67 -17.78
C ILE C 34 -0.26 28.26 -19.11
N ASN C 35 -1.20 28.66 -19.95
CA ASN C 35 -0.91 29.10 -21.31
C ASN C 35 -1.67 30.40 -21.58
N ALA C 36 -0.98 31.54 -21.39
CA ALA C 36 -1.56 32.86 -21.53
C ALA C 36 -0.56 33.81 -22.17
N PRO C 37 -1.01 34.87 -22.85
CA PRO C 37 -0.15 35.91 -23.37
C PRO C 37 0.57 36.64 -22.23
N LYS C 38 1.74 37.22 -22.53
CA LYS C 38 2.45 38.11 -21.62
C LYS C 38 1.70 39.42 -21.36
N ASP C 39 0.54 39.59 -22.00
CA ASP C 39 -0.40 40.66 -21.70
C ASP C 39 -1.00 40.50 -20.31
N VAL C 40 -0.99 39.27 -19.77
CA VAL C 40 -1.43 38.97 -18.41
C VAL C 40 -0.32 38.28 -17.63
N ALA C 41 -0.29 38.50 -16.32
CA ALA C 41 0.64 37.84 -15.42
C ALA C 41 0.10 36.49 -14.97
N VAL C 42 0.99 35.56 -14.61
CA VAL C 42 0.62 34.31 -13.96
C VAL C 42 1.62 33.99 -12.85
N HIS C 43 1.14 33.70 -11.63
CA HIS C 43 1.99 33.40 -10.49
C HIS C 43 1.29 32.54 -9.45
N ARG C 44 2.06 31.81 -8.65
CA ARG C 44 1.54 31.18 -7.45
C ARG C 44 1.34 32.23 -6.37
N GLU C 45 0.53 31.93 -5.35
CA GLU C 45 0.08 32.91 -4.37
C GLU C 45 1.23 33.57 -3.62
N GLU C 46 2.32 32.83 -3.37
CA GLU C 46 3.52 33.35 -2.74
C GLU C 46 4.11 34.53 -3.52
N ILE C 47 4.19 34.40 -4.85
CA ILE C 47 4.86 35.35 -5.71
C ILE C 47 3.89 36.44 -6.15
N TYR C 48 2.61 36.13 -6.28
CA TYR C 48 1.57 37.07 -6.65
C TYR C 48 1.58 38.33 -5.76
N GLN C 49 1.85 38.15 -4.47
CA GLN C 49 1.89 39.24 -3.50
C GLN C 49 2.92 40.30 -3.87
N ARG C 50 4.02 39.92 -4.52
CA ARG C 50 5.03 40.85 -5.00
C ARG C 50 4.52 41.69 -6.16
N ILE C 51 3.69 41.13 -7.04
CA ILE C 51 3.11 41.88 -8.14
C ILE C 51 2.09 42.89 -7.62
N GLN C 52 1.59 42.66 -6.40
CA GLN C 52 0.71 43.57 -5.70
C GLN C 52 1.47 44.53 -4.78
N ALA C 53 2.81 44.45 -4.75
CA ALA C 53 3.64 45.27 -3.89
C ALA C 53 3.91 46.66 -4.45
N GLY C 54 3.40 46.96 -5.65
CA GLY C 54 3.55 48.25 -6.31
C GLY C 54 4.69 48.23 -7.32
N LEU C 55 4.34 48.17 -8.60
CA LEU C 55 5.28 48.05 -9.70
C LEU C 55 4.97 49.07 -10.81
N THR C 56 5.76 49.03 -11.87
CA THR C 56 5.78 49.98 -12.97
C THR C 56 6.26 51.36 -12.54
N ALA C 57 7.16 51.96 -13.34
CA ALA C 57 7.91 53.16 -13.00
C ALA C 57 8.52 53.09 -11.61
N PRO C 58 9.59 52.31 -11.41
CA PRO C 58 10.22 52.12 -10.11
C PRO C 58 10.81 53.40 -9.54
N ASP C 59 11.27 53.32 -8.28
CA ASP C 59 11.88 54.44 -7.57
C ASP C 59 13.18 54.90 -8.21
N MET D 1 4.23 28.29 -22.39
CA MET D 1 3.52 27.93 -21.15
C MET D 1 4.33 28.32 -19.93
N LEU D 2 3.66 28.40 -18.78
CA LEU D 2 4.27 28.53 -17.47
C LEU D 2 3.75 27.39 -16.58
N ILE D 3 4.63 26.45 -16.24
CA ILE D 3 4.30 25.23 -15.52
C ILE D 3 4.83 25.32 -14.08
N LEU D 4 4.05 24.86 -13.10
CA LEU D 4 4.49 24.75 -11.72
C LEU D 4 3.67 23.71 -10.95
N THR D 5 4.23 23.22 -9.83
CA THR D 5 3.53 22.34 -8.92
C THR D 5 2.88 23.11 -7.78
N ARG D 6 1.65 22.72 -7.42
CA ARG D 6 0.96 23.15 -6.23
C ARG D 6 0.41 21.91 -5.51
N LYS D 7 0.39 21.91 -4.18
CA LYS D 7 -0.24 20.84 -3.42
C LYS D 7 -1.67 21.20 -3.05
N VAL D 8 -2.47 20.19 -2.67
CA VAL D 8 -3.83 20.43 -2.23
C VAL D 8 -3.92 21.55 -1.19
N GLY D 9 -4.94 22.41 -1.32
CA GLY D 9 -5.21 23.49 -0.39
C GLY D 9 -4.48 24.79 -0.72
N GLU D 10 -3.66 24.82 -1.77
CA GLU D 10 -2.87 25.98 -2.14
C GLU D 10 -3.51 26.78 -3.28
N SER D 11 -2.93 27.94 -3.59
CA SER D 11 -3.54 28.92 -4.48
C SER D 11 -2.59 29.45 -5.54
N ILE D 12 -3.17 29.97 -6.63
CA ILE D 12 -2.50 30.50 -7.81
C ILE D 12 -3.30 31.71 -8.32
N ASN D 13 -2.70 32.52 -9.18
CA ASN D 13 -3.25 33.78 -9.62
C ASN D 13 -2.94 34.06 -11.09
N ILE D 14 -3.88 34.73 -11.77
CA ILE D 14 -3.75 35.17 -13.16
C ILE D 14 -4.22 36.61 -13.28
N GLY D 15 -3.49 37.43 -14.02
CA GLY D 15 -3.75 38.85 -14.13
C GLY D 15 -3.72 39.55 -12.77
N ASP D 16 -4.70 40.42 -12.53
CA ASP D 16 -4.92 41.06 -11.25
C ASP D 16 -6.35 40.81 -10.74
N ASP D 17 -7.12 39.96 -11.42
CA ASP D 17 -8.53 39.76 -11.13
C ASP D 17 -8.93 38.29 -11.02
N ILE D 18 -8.04 37.36 -11.40
CA ILE D 18 -8.36 35.94 -11.46
C ILE D 18 -7.53 35.16 -10.45
N THR D 19 -8.18 34.23 -9.75
CA THR D 19 -7.55 33.38 -8.75
C THR D 19 -7.95 31.92 -8.99
N ILE D 20 -7.02 31.00 -8.74
CA ILE D 20 -7.23 29.57 -8.83
C ILE D 20 -6.87 28.95 -7.49
N THR D 21 -7.62 27.92 -7.07
CA THR D 21 -7.35 27.18 -5.84
C THR D 21 -7.43 25.69 -6.12
N ILE D 22 -6.42 24.92 -5.73
CA ILE D 22 -6.50 23.47 -5.79
C ILE D 22 -7.23 22.99 -4.53
N LEU D 23 -8.50 22.64 -4.68
CA LEU D 23 -9.37 22.29 -3.57
C LEU D 23 -9.02 20.89 -3.04
N GLY D 24 -8.60 20.01 -3.93
CA GLY D 24 -8.05 18.72 -3.53
C GLY D 24 -7.79 17.78 -4.70
N VAL D 25 -7.27 16.59 -4.40
CA VAL D 25 -6.99 15.54 -5.36
C VAL D 25 -7.75 14.27 -4.99
N SER D 26 -8.41 13.67 -5.97
CA SER D 26 -9.36 12.58 -5.78
C SER D 26 -9.05 11.46 -6.76
N GLY D 27 -7.97 10.72 -6.51
CA GLY D 27 -7.48 9.71 -7.44
C GLY D 27 -6.67 10.36 -8.56
N GLN D 28 -7.14 10.20 -9.80
CA GLN D 28 -6.60 10.90 -10.96
C GLN D 28 -7.37 12.19 -11.21
N GLN D 29 -8.48 12.42 -10.50
CA GLN D 29 -9.14 13.71 -10.51
C GLN D 29 -8.36 14.73 -9.68
N VAL D 30 -8.53 15.99 -10.08
CA VAL D 30 -8.03 17.16 -9.41
C VAL D 30 -9.17 18.16 -9.35
N ARG D 31 -9.62 18.50 -8.14
CA ARG D 31 -10.76 19.38 -7.91
C ARG D 31 -10.27 20.81 -7.78
N ILE D 32 -10.60 21.65 -8.76
CA ILE D 32 -10.02 22.98 -8.91
C ILE D 32 -11.11 24.04 -8.83
N GLY D 33 -10.95 24.99 -7.90
CA GLY D 33 -11.77 26.17 -7.82
C GLY D 33 -11.20 27.30 -8.68
N ILE D 34 -12.05 27.94 -9.49
CA ILE D 34 -11.67 29.05 -10.34
C ILE D 34 -12.50 30.27 -9.95
N ASN D 35 -11.88 31.44 -9.93
CA ASN D 35 -12.50 32.67 -9.47
C ASN D 35 -12.13 33.80 -10.41
N ALA D 36 -13.04 34.15 -11.31
CA ALA D 36 -12.89 35.24 -12.26
C ALA D 36 -14.15 36.11 -12.25
N PRO D 37 -14.05 37.39 -12.61
CA PRO D 37 -15.22 38.21 -12.84
C PRO D 37 -16.09 37.63 -13.95
N LYS D 38 -17.41 37.85 -13.89
CA LYS D 38 -18.33 37.46 -14.94
C LYS D 38 -18.13 38.25 -16.23
N ASP D 39 -17.21 39.21 -16.20
CA ASP D 39 -16.71 39.92 -17.37
C ASP D 39 -15.94 38.99 -18.30
N VAL D 40 -15.43 37.87 -17.78
CA VAL D 40 -14.76 36.85 -18.55
C VAL D 40 -15.41 35.49 -18.34
N ALA D 41 -15.23 34.58 -19.30
CA ALA D 41 -15.79 33.24 -19.25
C ALA D 41 -14.79 32.23 -18.69
N VAL D 42 -15.29 31.12 -18.15
CA VAL D 42 -14.47 29.97 -17.79
C VAL D 42 -15.23 28.68 -18.03
N HIS D 43 -14.64 27.74 -18.79
CA HIS D 43 -15.19 26.41 -18.99
C HIS D 43 -14.07 25.39 -19.19
N ARG D 44 -14.38 24.11 -18.96
CA ARG D 44 -13.49 23.01 -19.33
C ARG D 44 -13.34 22.95 -20.85
N GLU D 45 -12.23 22.44 -21.37
CA GLU D 45 -11.91 22.50 -22.80
C GLU D 45 -12.96 21.81 -23.65
N GLU D 46 -13.54 20.70 -23.16
CA GLU D 46 -14.62 20.01 -23.86
C GLU D 46 -15.92 20.82 -23.89
N ILE D 47 -16.14 21.67 -22.89
CA ILE D 47 -17.27 22.57 -22.83
C ILE D 47 -17.00 23.81 -23.68
N TYR D 48 -15.77 24.31 -23.62
CA TYR D 48 -15.35 25.53 -24.29
C TYR D 48 -15.70 25.51 -25.78
N GLN D 49 -15.55 24.35 -26.42
CA GLN D 49 -15.80 24.17 -27.83
C GLN D 49 -17.25 24.44 -28.23
N ARG D 50 -18.20 24.35 -27.29
CA ARG D 50 -19.59 24.68 -27.53
C ARG D 50 -19.77 26.19 -27.65
N ILE D 51 -19.05 26.95 -26.82
CA ILE D 51 -19.01 28.40 -26.81
C ILE D 51 -18.21 28.90 -28.01
N GLN D 52 -17.40 28.04 -28.62
CA GLN D 52 -16.74 28.33 -29.88
C GLN D 52 -17.55 27.89 -31.09
N ALA D 53 -18.70 27.23 -30.89
CA ALA D 53 -19.50 26.63 -31.95
C ALA D 53 -20.84 27.34 -32.14
N GLY D 54 -21.57 27.60 -31.06
CA GLY D 54 -22.86 28.29 -31.09
C GLY D 54 -23.45 28.61 -29.73
N LEU D 55 -22.78 28.19 -28.66
CA LEU D 55 -23.01 28.59 -27.28
C LEU D 55 -24.34 28.08 -26.74
N THR D 56 -24.51 28.09 -25.41
CA THR D 56 -25.84 27.93 -24.84
C THR D 56 -26.08 28.72 -23.56
N ALA D 57 -25.03 29.15 -22.87
CA ALA D 57 -25.14 29.95 -21.67
C ALA D 57 -24.76 31.40 -21.95
N PRO D 58 -25.57 32.38 -21.52
CA PRO D 58 -25.28 33.79 -21.74
C PRO D 58 -24.06 34.29 -20.97
N ASP D 59 -23.73 35.57 -21.17
CA ASP D 59 -22.68 36.27 -20.46
C ASP D 59 -22.92 36.32 -18.95
N MET E 1 35.23 -10.39 3.35
CA MET E 1 34.48 -9.18 3.01
C MET E 1 34.16 -9.21 1.52
N LEU E 2 32.88 -9.10 1.14
CA LEU E 2 32.45 -9.18 -0.24
C LEU E 2 32.00 -7.83 -0.76
N ILE E 3 32.21 -7.60 -2.06
CA ILE E 3 31.69 -6.46 -2.79
C ILE E 3 31.00 -6.98 -4.05
N LEU E 4 29.69 -6.74 -4.15
CA LEU E 4 28.84 -7.21 -5.24
C LEU E 4 28.32 -6.02 -6.05
N THR E 5 27.88 -6.29 -7.27
CA THR E 5 27.13 -5.32 -8.07
C THR E 5 25.92 -6.02 -8.66
N ARG E 6 24.73 -5.60 -8.23
CA ARG E 6 23.45 -6.16 -8.67
C ARG E 6 22.61 -5.09 -9.32
N LYS E 7 21.78 -5.46 -10.31
CA LYS E 7 20.79 -4.53 -10.83
C LYS E 7 19.44 -4.71 -10.14
N VAL E 8 18.53 -3.76 -10.37
CA VAL E 8 17.23 -3.79 -9.74
C VAL E 8 16.44 -5.05 -10.12
N GLY E 9 15.74 -5.63 -9.13
CA GLY E 9 14.98 -6.85 -9.29
C GLY E 9 15.80 -8.12 -9.06
N GLU E 10 17.11 -8.00 -8.78
CA GLU E 10 17.97 -9.14 -8.49
C GLU E 10 18.04 -9.43 -6.99
N SER E 11 18.72 -10.51 -6.62
CA SER E 11 18.79 -10.98 -5.24
C SER E 11 20.20 -11.40 -4.83
N ILE E 12 20.44 -11.38 -3.51
CA ILE E 12 21.67 -11.77 -2.82
C ILE E 12 21.28 -12.58 -1.59
N ASN E 13 22.11 -13.53 -1.15
CA ASN E 13 21.75 -14.42 -0.05
C ASN E 13 22.82 -14.51 1.03
N ILE E 14 22.36 -14.81 2.24
CA ILE E 14 23.17 -14.93 3.44
C ILE E 14 22.72 -16.14 4.26
N GLY E 15 23.67 -16.89 4.81
CA GLY E 15 23.40 -18.11 5.57
C GLY E 15 22.67 -19.14 4.72
N ASP E 16 21.72 -19.84 5.33
CA ASP E 16 20.82 -20.75 4.65
C ASP E 16 19.35 -20.32 4.79
N ASP E 17 19.11 -19.13 5.37
CA ASP E 17 17.78 -18.70 5.77
C ASP E 17 17.48 -17.24 5.44
N ILE E 18 18.46 -16.46 4.96
CA ILE E 18 18.30 -15.03 4.75
C ILE E 18 18.48 -14.69 3.27
N THR E 19 17.54 -13.89 2.75
CA THR E 19 17.56 -13.41 1.38
C THR E 19 17.43 -11.89 1.36
N ILE E 20 18.18 -11.25 0.45
CA ILE E 20 18.16 -9.82 0.22
C ILE E 20 17.72 -9.56 -1.22
N THR E 21 16.85 -8.58 -1.42
CA THR E 21 16.32 -8.23 -2.72
C THR E 21 16.41 -6.73 -2.95
N ILE E 22 17.00 -6.30 -4.07
CA ILE E 22 16.95 -4.91 -4.48
C ILE E 22 15.63 -4.67 -5.20
N LEU E 23 14.70 -3.97 -4.54
CA LEU E 23 13.39 -3.70 -5.11
C LEU E 23 13.50 -2.60 -6.18
N GLY E 24 14.43 -1.66 -6.02
CA GLY E 24 14.78 -0.70 -7.06
C GLY E 24 15.47 0.55 -6.54
N VAL E 25 15.72 1.52 -7.43
CA VAL E 25 16.39 2.77 -7.10
C VAL E 25 15.48 3.97 -7.28
N SER E 26 15.81 5.06 -6.58
CA SER E 26 15.21 6.38 -6.74
C SER E 26 16.28 7.44 -6.50
N GLY E 27 16.99 7.87 -7.55
CA GLY E 27 18.12 8.78 -7.38
C GLY E 27 19.26 8.12 -6.63
N GLN E 28 19.58 8.61 -5.43
CA GLN E 28 20.55 7.96 -4.56
C GLN E 28 19.89 6.97 -3.62
N GLN E 29 18.59 7.11 -3.40
CA GLN E 29 17.81 6.21 -2.56
C GLN E 29 17.64 4.85 -3.24
N VAL E 30 17.55 3.81 -2.43
CA VAL E 30 17.53 2.43 -2.89
C VAL E 30 16.52 1.67 -2.03
N ARG E 31 15.46 1.16 -2.65
CA ARG E 31 14.46 0.34 -1.98
C ARG E 31 14.97 -1.10 -1.87
N ILE E 32 15.16 -1.56 -0.62
CA ILE E 32 15.76 -2.85 -0.34
C ILE E 32 14.82 -3.69 0.52
N GLY E 33 14.60 -4.95 0.11
CA GLY E 33 13.88 -5.94 0.87
C GLY E 33 14.82 -6.92 1.57
N ILE E 34 14.47 -7.33 2.79
CA ILE E 34 15.24 -8.24 3.61
C ILE E 34 14.32 -9.30 4.18
N ASN E 35 14.65 -10.57 3.96
CA ASN E 35 13.78 -11.69 4.29
C ASN E 35 14.53 -12.68 5.16
N ALA E 36 14.29 -12.60 6.47
CA ALA E 36 14.87 -13.48 7.48
C ALA E 36 13.82 -13.93 8.48
N PRO E 37 14.02 -15.08 9.13
CA PRO E 37 13.18 -15.53 10.22
C PRO E 37 13.25 -14.58 11.41
N LYS E 38 12.22 -14.63 12.27
CA LYS E 38 12.19 -13.90 13.54
C LYS E 38 13.14 -14.49 14.57
N ASP E 39 13.81 -15.57 14.21
CA ASP E 39 14.91 -16.16 14.97
C ASP E 39 16.13 -15.24 15.00
N VAL E 40 16.24 -14.32 14.03
CA VAL E 40 17.34 -13.38 13.91
C VAL E 40 16.83 -11.95 13.91
N ALA E 41 17.70 -11.01 14.23
CA ALA E 41 17.37 -9.59 14.21
C ALA E 41 17.78 -8.92 12.90
N VAL E 42 17.15 -7.79 12.59
CA VAL E 42 17.58 -6.92 11.49
C VAL E 42 17.13 -5.49 11.74
N HIS E 43 18.05 -4.53 11.66
CA HIS E 43 17.77 -3.11 11.76
C HIS E 43 18.75 -2.30 10.92
N ARG E 44 18.48 -1.01 10.70
CA ARG E 44 19.46 -0.12 10.10
C ARG E 44 20.51 0.28 11.13
N GLU E 45 21.65 0.78 10.67
CA GLU E 45 22.82 0.99 11.52
C GLU E 45 22.52 1.95 12.67
N GLU E 46 21.59 2.89 12.48
CA GLU E 46 21.07 3.74 13.53
C GLU E 46 20.47 2.93 14.67
N ILE E 47 19.55 2.02 14.34
CA ILE E 47 18.73 1.31 15.31
C ILE E 47 19.54 0.20 15.95
N TYR E 48 20.47 -0.41 15.18
CA TYR E 48 21.36 -1.45 15.66
C TYR E 48 22.11 -1.04 16.91
N GLN E 49 22.48 0.23 17.03
CA GLN E 49 23.24 0.75 18.16
C GLN E 49 22.49 0.63 19.48
N ARG E 50 21.15 0.52 19.44
CA ARG E 50 20.34 0.30 20.63
C ARG E 50 20.52 -1.10 21.16
N ILE E 51 20.95 -2.04 20.30
CA ILE E 51 21.13 -3.44 20.63
C ILE E 51 22.58 -3.70 21.02
N GLN E 52 23.50 -2.84 20.57
CA GLN E 52 24.88 -2.84 21.00
C GLN E 52 25.18 -2.07 22.28
N ALA E 53 24.75 -0.81 22.38
CA ALA E 53 25.23 0.11 23.40
C ALA E 53 24.31 0.35 24.60
N GLY E 54 23.00 0.16 24.45
CA GLY E 54 22.01 0.57 25.44
C GLY E 54 21.14 -0.61 25.88
N LEU E 55 20.91 -1.52 24.93
CA LEU E 55 20.20 -2.78 25.03
C LEU E 55 18.72 -2.62 25.36
N THR E 56 17.96 -3.67 25.05
CA THR E 56 16.51 -3.63 25.21
C THR E 56 16.06 -4.16 26.57
N ALA E 57 16.86 -5.05 27.16
CA ALA E 57 16.69 -5.49 28.54
C ALA E 57 18.06 -5.79 29.15
N PRO E 58 18.70 -4.80 29.79
CA PRO E 58 20.03 -4.97 30.36
C PRO E 58 20.10 -5.94 31.53
N ASP E 59 21.34 -6.18 31.97
CA ASP E 59 21.68 -6.95 33.15
C ASP E 59 21.40 -6.17 34.43
N MET F 1 9.64 -10.27 6.58
CA MET F 1 10.02 -9.49 5.39
C MET F 1 10.05 -8.01 5.70
N LEU F 2 11.25 -7.41 5.78
CA LEU F 2 11.43 -5.99 5.97
C LEU F 2 11.68 -5.28 4.65
N ILE F 3 11.24 -4.03 4.54
CA ILE F 3 11.57 -3.14 3.45
C ILE F 3 12.08 -1.82 4.02
N LEU F 4 13.14 -1.30 3.40
CA LEU F 4 13.79 -0.06 3.78
C LEU F 4 14.06 0.79 2.53
N THR F 5 14.28 2.09 2.72
CA THR F 5 14.79 2.95 1.66
C THR F 5 16.07 3.63 2.14
N ARG F 6 17.22 3.09 1.74
CA ARG F 6 18.53 3.60 2.11
C ARG F 6 19.21 4.25 0.91
N LYS F 7 19.98 5.33 1.12
CA LYS F 7 20.76 5.91 0.05
C LYS F 7 22.25 5.56 0.14
N VAL F 8 22.98 5.87 -0.94
CA VAL F 8 24.36 5.46 -1.09
C VAL F 8 25.23 5.92 0.07
N GLY F 9 26.07 5.00 0.57
CA GLY F 9 26.99 5.24 1.67
C GLY F 9 26.44 4.83 3.03
N GLU F 10 25.16 4.46 3.13
CA GLU F 10 24.53 4.07 4.39
C GLU F 10 24.63 2.56 4.64
N SER F 11 24.31 2.13 5.87
CA SER F 11 24.55 0.78 6.33
C SER F 11 23.34 0.18 7.04
N ILE F 12 23.25 -1.15 6.99
CA ILE F 12 22.19 -1.97 7.57
C ILE F 12 22.84 -3.15 8.30
N ASN F 13 22.17 -3.71 9.32
CA ASN F 13 22.70 -4.80 10.12
C ASN F 13 21.73 -5.96 10.26
N ILE F 14 22.27 -7.17 10.37
CA ILE F 14 21.51 -8.40 10.53
C ILE F 14 22.17 -9.25 11.61
N GLY F 15 21.35 -9.96 12.40
CA GLY F 15 21.80 -10.72 13.55
C GLY F 15 22.50 -9.82 14.56
N ASP F 16 23.69 -10.24 15.02
CA ASP F 16 24.55 -9.48 15.90
C ASP F 16 25.97 -9.39 15.35
N ASP F 17 26.18 -9.82 14.11
CA ASP F 17 27.49 -9.98 13.51
C ASP F 17 27.57 -9.54 12.05
N ILE F 18 26.42 -9.42 11.36
CA ILE F 18 26.38 -9.16 9.93
C ILE F 18 26.13 -7.67 9.66
N THR F 19 26.85 -7.12 8.70
CA THR F 19 26.73 -5.74 8.26
C THR F 19 26.63 -5.68 6.74
N ILE F 20 25.75 -4.81 6.24
CA ILE F 20 25.57 -4.50 4.84
C ILE F 20 25.80 -3.02 4.63
N THR F 21 26.39 -2.64 3.49
CA THR F 21 26.63 -1.25 3.14
C THR F 21 26.35 -1.03 1.66
N ILE F 22 25.50 -0.06 1.33
CA ILE F 22 25.34 0.37 -0.06
C ILE F 22 26.53 1.25 -0.43
N LEU F 23 27.31 0.82 -1.42
CA LEU F 23 28.50 1.53 -1.84
C LEU F 23 28.18 2.56 -2.93
N GLY F 24 27.15 2.32 -3.73
CA GLY F 24 26.62 3.32 -4.64
C GLY F 24 25.83 2.73 -5.81
N VAL F 25 25.39 3.59 -6.73
CA VAL F 25 24.60 3.19 -7.89
C VAL F 25 25.25 3.60 -9.20
N SER F 26 24.93 2.85 -10.26
CA SER F 26 25.26 3.17 -11.64
C SER F 26 24.09 2.76 -12.54
N GLY F 27 23.14 3.67 -12.77
CA GLY F 27 21.98 3.39 -13.60
C GLY F 27 21.00 2.46 -12.91
N GLN F 28 20.98 1.18 -13.31
CA GLN F 28 20.22 0.15 -12.62
C GLN F 28 21.10 -0.67 -11.68
N GLN F 29 22.42 -0.63 -11.88
CA GLN F 29 23.36 -1.37 -11.06
C GLN F 29 23.54 -0.69 -9.71
N VAL F 30 23.75 -1.51 -8.68
CA VAL F 30 23.81 -1.10 -7.28
C VAL F 30 24.95 -1.89 -6.65
N ARG F 31 26.02 -1.20 -6.27
CA ARG F 31 27.21 -1.79 -5.70
C ARG F 31 27.06 -1.88 -4.19
N ILE F 32 27.22 -3.09 -3.63
CA ILE F 32 26.88 -3.40 -2.26
C ILE F 32 28.02 -4.16 -1.58
N GLY F 33 28.44 -3.70 -0.40
CA GLY F 33 29.38 -4.39 0.46
C GLY F 33 28.66 -5.29 1.45
N ILE F 34 29.24 -6.47 1.72
CA ILE F 34 28.63 -7.51 2.51
C ILE F 34 29.66 -8.09 3.48
N ASN F 35 29.32 -8.10 4.77
CA ASN F 35 30.26 -8.47 5.82
C ASN F 35 29.57 -9.42 6.80
N ALA F 36 29.96 -10.69 6.76
CA ALA F 36 29.48 -11.72 7.67
C ALA F 36 30.62 -12.56 8.22
N PRO F 37 30.42 -13.20 9.39
CA PRO F 37 31.38 -14.13 9.94
C PRO F 37 31.56 -15.37 9.07
N LYS F 38 32.68 -16.07 9.27
CA LYS F 38 32.94 -17.36 8.65
C LYS F 38 31.97 -18.46 9.10
N ASP F 39 31.19 -18.19 10.14
CA ASP F 39 30.19 -19.10 10.67
C ASP F 39 28.98 -19.24 9.76
N VAL F 40 28.81 -18.33 8.78
CA VAL F 40 27.71 -18.35 7.84
C VAL F 40 28.21 -18.30 6.40
N ALA F 41 27.32 -18.59 5.45
CA ALA F 41 27.59 -18.41 4.04
C ALA F 41 27.17 -17.01 3.57
N VAL F 42 27.76 -16.55 2.47
CA VAL F 42 27.37 -15.29 1.83
C VAL F 42 27.73 -15.31 0.35
N HIS F 43 26.73 -15.22 -0.52
CA HIS F 43 26.91 -15.26 -1.97
C HIS F 43 25.78 -14.52 -2.69
N ARG F 44 25.88 -14.38 -4.01
CA ARG F 44 24.77 -13.93 -4.83
C ARG F 44 23.81 -15.08 -5.10
N GLU F 45 22.59 -14.76 -5.53
CA GLU F 45 21.52 -15.75 -5.69
C GLU F 45 21.86 -16.85 -6.70
N GLU F 46 22.81 -16.60 -7.61
CA GLU F 46 23.29 -17.58 -8.57
C GLU F 46 23.96 -18.74 -7.85
N ILE F 47 24.88 -18.44 -6.94
CA ILE F 47 25.71 -19.43 -6.27
C ILE F 47 24.91 -20.12 -5.18
N TYR F 48 23.97 -19.40 -4.57
CA TYR F 48 23.08 -19.93 -3.54
C TYR F 48 22.30 -21.15 -4.03
N GLN F 49 21.92 -21.18 -5.30
CA GLN F 49 21.13 -22.26 -5.88
C GLN F 49 21.92 -23.55 -6.04
N ARG F 50 23.25 -23.47 -6.09
CA ARG F 50 24.13 -24.64 -6.08
C ARG F 50 24.22 -25.24 -4.68
N ILE F 51 23.94 -24.42 -3.66
CA ILE F 51 24.18 -24.77 -2.27
C ILE F 51 22.92 -25.33 -1.63
N GLN F 52 21.79 -24.65 -1.83
CA GLN F 52 20.50 -25.11 -1.34
C GLN F 52 19.99 -26.35 -2.09
N ALA F 53 20.79 -26.89 -3.02
CA ALA F 53 20.55 -28.17 -3.64
C ALA F 53 20.61 -29.32 -2.63
N GLY F 54 21.26 -29.13 -1.48
CA GLY F 54 21.18 -30.06 -0.36
C GLY F 54 22.37 -30.01 0.58
N LEU F 55 23.12 -28.90 0.62
CA LEU F 55 24.41 -28.81 1.29
C LEU F 55 24.72 -27.37 1.71
N THR F 56 25.93 -27.13 2.23
CA THR F 56 26.36 -25.80 2.65
C THR F 56 27.61 -25.33 1.93
N ALA F 57 28.53 -26.26 1.63
CA ALA F 57 29.86 -25.95 1.13
C ALA F 57 30.52 -27.11 0.38
N PRO F 58 30.26 -28.39 0.72
CA PRO F 58 30.93 -29.49 0.07
C PRO F 58 30.45 -29.74 -1.36
N ASP F 59 31.03 -30.76 -1.99
CA ASP F 59 30.62 -31.26 -3.29
C ASP F 59 29.23 -31.88 -3.26
N MET A 1 -24.63 -15.56 19.48
CA MET A 1 -23.45 -15.64 18.61
C MET A 1 -22.18 -15.62 19.46
N LEU A 2 -21.24 -16.55 19.21
CA LEU A 2 -20.02 -16.68 19.99
C LEU A 2 -18.88 -15.93 19.30
N ILE A 3 -18.38 -14.85 19.89
CA ILE A 3 -17.29 -14.06 19.37
C ILE A 3 -15.97 -14.50 19.98
N LEU A 4 -14.93 -14.59 19.15
CA LEU A 4 -13.57 -14.87 19.57
C LEU A 4 -12.62 -13.88 18.89
N THR A 5 -11.48 -13.64 19.54
CA THR A 5 -10.47 -12.70 19.07
C THR A 5 -9.11 -13.39 19.02
N ARG A 6 -8.68 -13.82 17.84
CA ARG A 6 -7.52 -14.68 17.69
C ARG A 6 -6.68 -14.32 16.48
N LYS A 7 -5.36 -14.43 16.61
CA LYS A 7 -4.39 -13.91 15.67
C LYS A 7 -4.17 -14.83 14.47
N VAL A 8 -3.51 -14.28 13.45
CA VAL A 8 -2.97 -15.03 12.33
C VAL A 8 -2.26 -16.29 12.82
N GLY A 9 -2.59 -17.44 12.21
CA GLY A 9 -2.01 -18.73 12.55
C GLY A 9 -2.78 -19.51 13.61
N GLU A 10 -3.75 -18.89 14.32
CA GLU A 10 -4.62 -19.61 15.22
C GLU A 10 -5.75 -20.34 14.49
N SER A 11 -6.51 -21.14 15.24
CA SER A 11 -7.49 -22.07 14.68
C SER A 11 -8.68 -22.26 15.60
N ILE A 12 -9.87 -22.41 15.03
CA ILE A 12 -11.12 -22.72 15.73
C ILE A 12 -11.61 -24.10 15.32
N ASN A 13 -12.36 -24.76 16.21
CA ASN A 13 -12.94 -26.07 15.98
C ASN A 13 -14.46 -26.00 16.15
N ILE A 14 -15.19 -26.66 15.24
CA ILE A 14 -16.64 -26.60 15.16
C ILE A 14 -17.20 -28.02 15.04
N GLY A 15 -18.12 -28.37 15.95
CA GLY A 15 -18.71 -29.69 16.00
C GLY A 15 -17.68 -30.74 16.41
N ASP A 16 -17.58 -31.81 15.62
CA ASP A 16 -16.65 -32.90 15.85
C ASP A 16 -15.77 -33.17 14.62
N ASP A 17 -15.93 -32.40 13.55
CA ASP A 17 -15.32 -32.71 12.26
C ASP A 17 -14.67 -31.50 11.58
N ILE A 18 -15.11 -30.27 11.87
CA ILE A 18 -14.66 -29.08 11.16
C ILE A 18 -13.61 -28.34 11.97
N THR A 19 -12.53 -27.93 11.29
CA THR A 19 -11.52 -27.05 11.85
C THR A 19 -11.31 -25.86 10.93
N ILE A 20 -11.05 -24.69 11.49
CA ILE A 20 -10.90 -23.43 10.76
C ILE A 20 -9.54 -22.84 11.13
N THR A 21 -8.83 -22.25 10.17
CA THR A 21 -7.52 -21.67 10.40
C THR A 21 -7.39 -20.35 9.67
N ILE A 22 -6.90 -19.31 10.34
CA ILE A 22 -6.56 -18.04 9.72
C ILE A 22 -5.16 -18.15 9.13
N LEU A 23 -5.07 -18.31 7.80
CA LEU A 23 -3.79 -18.50 7.15
C LEU A 23 -3.00 -17.19 7.15
N GLY A 24 -3.71 -16.06 7.15
CA GLY A 24 -3.11 -14.75 7.40
C GLY A 24 -4.01 -13.57 7.02
N VAL A 25 -3.45 -12.37 7.09
CA VAL A 25 -4.19 -11.13 6.93
C VAL A 25 -3.54 -10.22 5.88
N SER A 26 -4.36 -9.49 5.13
CA SER A 26 -3.95 -8.72 3.97
C SER A 26 -4.64 -7.36 3.99
N GLY A 27 -4.29 -6.54 5.00
CA GLY A 27 -4.93 -5.25 5.22
C GLY A 27 -6.37 -5.42 5.69
N GLN A 28 -7.31 -4.83 4.94
CA GLN A 28 -8.74 -4.96 5.21
C GLN A 28 -9.28 -6.34 4.83
N GLN A 29 -8.49 -7.14 4.11
CA GLN A 29 -8.86 -8.51 3.77
C GLN A 29 -8.18 -9.53 4.69
N VAL A 30 -8.80 -10.71 4.77
CA VAL A 30 -8.50 -11.77 5.71
C VAL A 30 -8.54 -13.10 4.97
N ARG A 31 -7.45 -13.88 5.05
CA ARG A 31 -7.32 -15.14 4.33
C ARG A 31 -7.57 -16.31 5.27
N ILE A 32 -8.78 -16.88 5.18
CA ILE A 32 -9.29 -17.91 6.06
C ILE A 32 -9.35 -19.24 5.31
N GLY A 33 -8.82 -20.30 5.92
CA GLY A 33 -8.97 -21.66 5.45
C GLY A 33 -9.97 -22.44 6.29
N ILE A 34 -10.82 -23.23 5.63
CA ILE A 34 -11.81 -24.11 6.24
C ILE A 34 -11.38 -25.54 5.97
N ASN A 35 -11.36 -26.38 7.02
CA ASN A 35 -11.05 -27.79 6.92
C ASN A 35 -12.24 -28.60 7.41
N ALA A 36 -13.26 -28.66 6.55
CA ALA A 36 -14.45 -29.47 6.73
C ALA A 36 -14.42 -30.67 5.78
N PRO A 37 -15.08 -31.78 6.12
CA PRO A 37 -15.18 -32.94 5.25
C PRO A 37 -16.12 -32.64 4.09
N LYS A 38 -15.95 -33.35 2.98
CA LYS A 38 -16.78 -33.17 1.79
C LYS A 38 -18.22 -33.67 2.00
N ASP A 39 -18.51 -34.20 3.19
CA ASP A 39 -19.86 -34.50 3.63
C ASP A 39 -20.68 -33.22 3.80
N VAL A 40 -20.02 -32.11 4.18
CA VAL A 40 -20.66 -30.83 4.42
C VAL A 40 -20.16 -29.77 3.45
N ALA A 41 -21.08 -28.88 3.04
CA ALA A 41 -20.80 -27.80 2.11
C ALA A 41 -20.14 -26.63 2.83
N VAL A 42 -19.19 -25.96 2.17
CA VAL A 42 -18.61 -24.73 2.68
C VAL A 42 -18.60 -23.65 1.60
N HIS A 43 -19.14 -22.48 1.91
CA HIS A 43 -19.37 -21.40 0.96
C HIS A 43 -19.31 -20.05 1.68
N ARG A 44 -19.55 -18.95 0.95
CA ARG A 44 -19.73 -17.65 1.57
C ARG A 44 -21.07 -17.01 1.18
N GLU A 45 -21.45 -15.94 1.88
CA GLU A 45 -22.75 -15.30 1.73
C GLU A 45 -22.98 -14.78 0.31
N GLU A 46 -21.91 -14.32 -0.35
CA GLU A 46 -21.92 -13.91 -1.74
C GLU A 46 -22.38 -15.02 -2.69
N ILE A 47 -22.21 -16.29 -2.29
CA ILE A 47 -22.46 -17.46 -3.12
C ILE A 47 -23.57 -18.32 -2.53
N TYR A 48 -23.81 -18.24 -1.23
CA TYR A 48 -24.79 -19.06 -0.53
C TYR A 48 -26.19 -18.76 -1.06
N GLN A 49 -26.40 -17.51 -1.48
CA GLN A 49 -27.66 -17.06 -2.04
C GLN A 49 -27.86 -17.56 -3.47
N ARG A 50 -26.80 -18.09 -4.10
CA ARG A 50 -26.88 -18.81 -5.36
C ARG A 50 -27.34 -20.25 -5.13
N ILE A 51 -26.93 -20.85 -4.01
CA ILE A 51 -27.40 -22.15 -3.58
C ILE A 51 -28.89 -22.07 -3.31
N GLN A 52 -29.29 -21.11 -2.47
CA GLN A 52 -30.67 -20.94 -2.03
C GLN A 52 -31.51 -20.13 -3.01
N ALA A 53 -30.93 -19.78 -4.17
CA ALA A 53 -31.69 -19.23 -5.27
C ALA A 53 -32.79 -20.18 -5.73
N GLY A 54 -32.58 -21.48 -5.53
CA GLY A 54 -33.57 -22.51 -5.78
C GLY A 54 -32.98 -23.90 -5.98
N LEU A 55 -31.70 -24.10 -5.65
CA LEU A 55 -31.07 -25.41 -5.80
C LEU A 55 -31.25 -26.17 -4.50
N THR A 56 -32.36 -26.92 -4.43
CA THR A 56 -32.88 -27.62 -3.27
C THR A 56 -34.37 -27.88 -3.48
N ALA A 57 -34.88 -29.00 -2.95
CA ALA A 57 -36.31 -29.25 -2.85
C ALA A 57 -36.72 -29.35 -1.38
N PRO A 58 -37.96 -29.01 -1.03
CA PRO A 58 -38.50 -29.23 0.30
C PRO A 58 -38.86 -30.69 0.53
N ASP A 59 -39.01 -31.05 1.79
CA ASP A 59 -39.38 -32.38 2.23
C ASP A 59 -40.87 -32.63 2.00
N MET B 1 -8.15 -28.36 2.65
CA MET B 1 -8.46 -26.97 2.98
C MET B 1 -9.22 -26.29 1.84
N LEU B 2 -10.29 -25.57 2.16
CA LEU B 2 -10.99 -24.68 1.24
C LEU B 2 -10.79 -23.25 1.72
N ILE B 3 -10.24 -22.38 0.87
CA ILE B 3 -9.71 -21.09 1.30
C ILE B 3 -10.43 -19.92 0.65
N LEU B 4 -10.67 -18.88 1.45
CA LEU B 4 -11.35 -17.66 1.05
C LEU B 4 -10.60 -16.44 1.56
N THR B 5 -10.51 -15.41 0.72
CA THR B 5 -9.90 -14.14 1.07
C THR B 5 -10.98 -13.06 1.01
N ARG B 6 -11.47 -12.63 2.18
CA ARG B 6 -12.65 -11.78 2.32
C ARG B 6 -12.35 -10.58 3.19
N LYS B 7 -13.14 -9.50 3.05
CA LYS B 7 -12.92 -8.28 3.83
C LYS B 7 -13.72 -8.27 5.12
N VAL B 8 -13.43 -7.28 5.97
CA VAL B 8 -14.17 -7.10 7.21
C VAL B 8 -15.64 -6.77 6.94
N GLY B 9 -16.52 -7.44 7.68
CA GLY B 9 -17.96 -7.34 7.50
C GLY B 9 -18.53 -8.38 6.54
N GLU B 10 -17.71 -9.24 5.94
CA GLU B 10 -18.19 -10.33 5.11
C GLU B 10 -18.58 -11.55 5.92
N SER B 11 -19.47 -12.37 5.36
CA SER B 11 -20.08 -13.51 6.04
C SER B 11 -19.84 -14.80 5.26
N ILE B 12 -19.69 -15.90 6.00
CA ILE B 12 -19.24 -17.20 5.50
C ILE B 12 -20.12 -18.29 6.10
N ASN B 13 -20.29 -19.41 5.40
CA ASN B 13 -21.28 -20.42 5.77
C ASN B 13 -20.73 -21.85 5.69
N ILE B 14 -21.13 -22.70 6.64
CA ILE B 14 -20.75 -24.10 6.71
C ILE B 14 -21.99 -24.94 7.00
N GLY B 15 -22.22 -25.97 6.16
CA GLY B 15 -23.41 -26.79 6.23
C GLY B 15 -24.68 -25.95 6.08
N ASP B 16 -25.68 -26.24 6.91
CA ASP B 16 -26.89 -25.44 7.00
C ASP B 16 -27.11 -24.85 8.40
N ASP B 17 -26.24 -25.20 9.36
CA ASP B 17 -26.41 -24.83 10.75
C ASP B 17 -25.43 -23.74 11.20
N ILE B 18 -24.31 -23.56 10.49
CA ILE B 18 -23.22 -22.70 10.94
C ILE B 18 -22.99 -21.55 9.98
N THR B 19 -22.83 -20.36 10.56
CA THR B 19 -22.39 -19.15 9.87
C THR B 19 -21.25 -18.51 10.65
N ILE B 20 -20.34 -17.85 9.91
CA ILE B 20 -19.18 -17.16 10.42
C ILE B 20 -19.22 -15.72 9.90
N THR B 21 -18.78 -14.76 10.70
CA THR B 21 -18.65 -13.37 10.27
C THR B 21 -17.32 -12.81 10.73
N ILE B 22 -16.53 -12.24 9.82
CA ILE B 22 -15.35 -11.49 10.19
C ILE B 22 -15.79 -10.10 10.64
N LEU B 23 -15.76 -9.83 11.95
CA LEU B 23 -16.23 -8.56 12.47
C LEU B 23 -15.23 -7.44 12.16
N GLY B 24 -13.94 -7.79 12.11
CA GLY B 24 -12.90 -6.84 11.77
C GLY B 24 -11.53 -7.27 12.28
N VAL B 25 -10.48 -6.74 11.65
CA VAL B 25 -9.11 -6.94 12.11
C VAL B 25 -8.75 -5.83 13.09
N SER B 26 -7.95 -6.19 14.09
CA SER B 26 -7.40 -5.28 15.07
C SER B 26 -5.89 -5.55 15.15
N GLY B 27 -5.15 -5.11 14.12
CA GLY B 27 -3.76 -5.49 14.03
C GLY B 27 -3.62 -6.83 13.32
N GLN B 28 -2.78 -7.69 13.88
CA GLN B 28 -2.71 -9.10 13.49
C GLN B 28 -3.60 -9.94 14.40
N GLN B 29 -4.47 -9.28 15.17
CA GLN B 29 -5.53 -9.92 15.94
C GLN B 29 -6.83 -9.80 15.16
N VAL B 30 -7.67 -10.85 15.20
CA VAL B 30 -8.87 -10.88 14.38
C VAL B 30 -10.10 -11.15 15.22
N ARG B 31 -11.03 -10.19 15.25
CA ARG B 31 -12.33 -10.31 15.90
C ARG B 31 -13.31 -10.97 14.93
N ILE B 32 -13.82 -12.13 15.30
CA ILE B 32 -14.75 -12.90 14.47
C ILE B 32 -15.89 -13.47 15.29
N GLY B 33 -17.09 -13.52 14.69
CA GLY B 33 -18.27 -14.10 15.29
C GLY B 33 -18.63 -15.44 14.67
N ILE B 34 -19.14 -16.34 15.52
CA ILE B 34 -19.56 -17.67 15.13
C ILE B 34 -21.01 -17.87 15.52
N ASN B 35 -21.79 -18.36 14.57
CA ASN B 35 -23.25 -18.39 14.65
C ASN B 35 -23.75 -19.78 14.32
N ALA B 36 -23.73 -20.63 15.35
CA ALA B 36 -24.14 -22.02 15.29
C ALA B 36 -25.07 -22.33 16.45
N PRO B 37 -25.92 -23.36 16.31
CA PRO B 37 -26.68 -23.86 17.42
C PRO B 37 -25.76 -24.30 18.55
N LYS B 38 -26.27 -24.29 19.78
CA LYS B 38 -25.57 -24.83 20.94
C LYS B 38 -25.51 -26.36 20.91
N ASP B 39 -26.10 -26.96 19.86
CA ASP B 39 -25.97 -28.37 19.55
C ASP B 39 -24.54 -28.75 19.13
N VAL B 40 -23.77 -27.78 18.64
CA VAL B 40 -22.37 -27.97 18.28
C VAL B 40 -21.47 -27.26 19.27
N ALA B 41 -20.32 -27.85 19.56
CA ALA B 41 -19.30 -27.18 20.34
C ALA B 41 -18.34 -26.38 19.46
N VAL B 42 -17.94 -25.22 19.97
CA VAL B 42 -17.29 -24.18 19.20
C VAL B 42 -16.23 -23.49 20.07
N HIS B 43 -14.96 -23.88 19.94
CA HIS B 43 -13.85 -23.28 20.67
C HIS B 43 -12.57 -23.28 19.85
N ARG B 44 -11.62 -22.43 20.21
CA ARG B 44 -10.27 -22.47 19.67
C ARG B 44 -9.57 -23.79 19.99
N GLU B 45 -8.62 -24.19 19.14
CA GLU B 45 -7.93 -25.48 19.24
C GLU B 45 -7.31 -25.70 20.61
N GLU B 46 -6.79 -24.66 21.25
CA GLU B 46 -6.26 -24.75 22.61
C GLU B 46 -7.29 -25.34 23.57
N ILE B 47 -8.49 -24.76 23.55
CA ILE B 47 -9.60 -25.15 24.41
C ILE B 47 -10.14 -26.52 24.02
N TYR B 48 -10.28 -26.75 22.72
CA TYR B 48 -10.79 -27.98 22.16
C TYR B 48 -10.06 -29.20 22.70
N GLN B 49 -8.74 -29.09 22.89
CA GLN B 49 -7.90 -30.21 23.30
C GLN B 49 -8.17 -30.66 24.73
N ARG B 50 -8.68 -29.79 25.61
CA ARG B 50 -9.11 -30.19 26.95
C ARG B 50 -10.48 -30.83 26.89
N ILE B 51 -11.36 -30.29 26.04
CA ILE B 51 -12.73 -30.78 25.90
C ILE B 51 -12.70 -32.22 25.37
N GLN B 52 -11.83 -32.46 24.40
CA GLN B 52 -11.59 -33.81 23.89
C GLN B 52 -10.70 -34.65 24.79
N ALA B 53 -10.31 -34.13 25.95
CA ALA B 53 -9.65 -34.90 26.99
C ALA B 53 -10.67 -35.74 27.78
N GLY B 54 -11.95 -35.38 27.72
CA GLY B 54 -13.04 -36.21 28.23
C GLY B 54 -14.09 -35.44 29.02
N LEU B 55 -14.55 -34.29 28.51
CA LEU B 55 -15.35 -33.36 29.27
C LEU B 55 -15.97 -32.25 28.40
N THR B 56 -16.65 -31.31 29.06
CA THR B 56 -17.10 -30.05 28.49
C THR B 56 -16.60 -28.89 29.35
N ALA B 57 -16.90 -27.65 28.95
CA ALA B 57 -16.53 -26.45 29.68
C ALA B 57 -16.69 -26.65 31.19
N PRO B 58 -15.61 -26.56 31.98
CA PRO B 58 -15.66 -26.98 33.37
C PRO B 58 -16.54 -26.13 34.27
N ASP B 59 -16.79 -26.67 35.46
CA ASP B 59 -17.44 -25.99 36.56
C ASP B 59 -16.56 -24.88 37.13
N MET C 1 -15.98 31.46 -7.15
CA MET C 1 -15.74 30.01 -7.26
C MET C 1 -16.65 29.24 -8.20
N LEU C 2 -16.03 28.70 -9.26
CA LEU C 2 -16.59 27.69 -10.14
C LEU C 2 -15.64 26.50 -10.08
N ILE C 3 -16.06 25.43 -9.39
CA ILE C 3 -15.26 24.23 -9.23
C ILE C 3 -15.39 23.36 -10.47
N LEU C 4 -14.25 22.88 -10.96
CA LEU C 4 -14.17 21.86 -11.99
C LEU C 4 -13.23 20.75 -11.54
N THR C 5 -13.61 19.49 -11.71
CA THR C 5 -12.69 18.39 -11.55
C THR C 5 -12.03 18.07 -12.89
N ARG C 6 -10.80 17.55 -12.85
CA ARG C 6 -10.10 17.16 -14.06
C ARG C 6 -9.22 15.94 -13.82
N LYS C 7 -9.29 14.93 -14.68
CA LYS C 7 -8.36 13.81 -14.67
C LYS C 7 -7.03 14.23 -15.30
N VAL C 8 -5.93 13.58 -14.91
CA VAL C 8 -4.60 13.98 -15.37
C VAL C 8 -4.50 13.93 -16.90
N GLY C 9 -3.90 14.96 -17.49
CA GLY C 9 -3.69 15.08 -18.92
C GLY C 9 -4.82 15.80 -19.65
N GLU C 10 -5.90 16.19 -18.96
CA GLU C 10 -7.03 16.89 -19.56
C GLU C 10 -6.97 18.39 -19.32
N SER C 11 -7.76 19.16 -20.07
CA SER C 11 -7.63 20.61 -20.14
C SER C 11 -8.87 21.40 -19.73
N ILE C 12 -8.66 22.68 -19.41
CA ILE C 12 -9.63 23.67 -19.00
C ILE C 12 -9.32 24.98 -19.73
N ASN C 13 -10.27 25.91 -19.83
CA ASN C 13 -10.09 27.19 -20.50
C ASN C 13 -10.61 28.35 -19.65
N ILE C 14 -10.01 29.53 -19.82
CA ILE C 14 -10.43 30.78 -19.20
C ILE C 14 -10.47 31.87 -20.27
N GLY C 15 -11.55 32.65 -20.29
CA GLY C 15 -11.77 33.68 -21.29
C GLY C 15 -11.76 33.13 -22.70
N ASP C 16 -11.18 33.90 -23.63
CA ASP C 16 -10.93 33.50 -25.00
C ASP C 16 -9.43 33.43 -25.30
N ASP C 17 -8.59 33.72 -24.30
CA ASP C 17 -7.15 33.91 -24.48
C ASP C 17 -6.30 32.97 -23.64
N ILE C 18 -6.90 32.27 -22.67
CA ILE C 18 -6.16 31.44 -21.72
C ILE C 18 -6.61 29.99 -21.79
N THR C 19 -5.63 29.08 -21.81
CA THR C 19 -5.83 27.64 -21.69
C THR C 19 -5.08 27.11 -20.47
N ILE C 20 -5.65 26.09 -19.82
CA ILE C 20 -5.10 25.44 -18.64
C ILE C 20 -5.01 23.95 -18.92
N THR C 21 -3.95 23.28 -18.45
CA THR C 21 -3.87 21.82 -18.49
C THR C 21 -3.42 21.31 -17.12
N ILE C 22 -4.08 20.26 -16.63
CA ILE C 22 -3.60 19.55 -15.45
C ILE C 22 -2.68 18.44 -15.93
N LEU C 23 -1.39 18.56 -15.65
CA LEU C 23 -0.38 17.72 -16.28
C LEU C 23 -0.22 16.39 -15.53
N GLY C 24 -0.13 16.44 -14.20
CA GLY C 24 -0.19 15.21 -13.41
C GLY C 24 0.06 15.42 -11.92
N VAL C 25 0.05 14.33 -11.15
CA VAL C 25 0.24 14.39 -9.71
C VAL C 25 1.46 13.58 -9.26
N SER C 26 2.01 13.97 -8.11
CA SER C 26 3.07 13.30 -7.37
C SER C 26 2.75 13.46 -5.89
N GLY C 27 2.38 12.39 -5.18
CA GLY C 27 1.86 12.54 -3.83
C GLY C 27 0.68 13.50 -3.81
N GLN C 28 0.83 14.63 -3.10
CA GLN C 28 -0.16 15.69 -3.07
C GLN C 28 0.15 16.85 -4.01
N GLN C 29 1.33 16.91 -4.61
CA GLN C 29 1.67 17.97 -5.53
C GLN C 29 1.21 17.66 -6.95
N VAL C 30 0.82 18.72 -7.65
CA VAL C 30 0.11 18.67 -8.92
C VAL C 30 0.83 19.59 -9.89
N ARG C 31 1.40 19.04 -10.96
CA ARG C 31 1.98 19.84 -12.03
C ARG C 31 0.84 20.40 -12.88
N ILE C 32 0.70 21.73 -12.84
CA ILE C 32 -0.30 22.51 -13.58
C ILE C 32 0.39 23.33 -14.65
N GLY C 33 -0.18 23.36 -15.86
CA GLY C 33 0.25 24.22 -16.96
C GLY C 33 -0.75 25.33 -17.25
N ILE C 34 -0.23 26.54 -17.50
CA ILE C 34 -1.02 27.72 -17.81
C ILE C 34 -0.51 28.34 -19.10
N ASN C 35 -1.39 28.53 -20.09
CA ASN C 35 -1.05 29.10 -21.38
C ASN C 35 -1.84 30.38 -21.60
N ALA C 36 -1.20 31.53 -21.36
CA ALA C 36 -1.80 32.84 -21.49
C ALA C 36 -0.81 33.81 -22.13
N PRO C 37 -1.27 34.90 -22.77
CA PRO C 37 -0.42 35.96 -23.25
C PRO C 37 0.30 36.66 -22.10
N LYS C 38 1.49 37.21 -22.36
CA LYS C 38 2.22 38.04 -21.42
C LYS C 38 1.49 39.35 -21.11
N ASP C 39 0.34 39.58 -21.74
CA ASP C 39 -0.59 40.65 -21.40
C ASP C 39 -1.18 40.46 -20.00
N VAL C 40 -1.22 39.22 -19.52
CA VAL C 40 -1.67 38.89 -18.17
C VAL C 40 -0.55 38.19 -17.41
N ALA C 41 -0.50 38.43 -16.09
CA ALA C 41 0.45 37.77 -15.21
C ALA C 41 -0.08 36.42 -14.75
N VAL C 42 0.82 35.49 -14.40
CA VAL C 42 0.46 34.24 -13.74
C VAL C 42 1.48 33.93 -12.65
N HIS C 43 1.03 33.60 -11.44
CA HIS C 43 1.91 33.35 -10.31
C HIS C 43 1.25 32.45 -9.26
N ARG C 44 2.07 31.87 -8.38
CA ARG C 44 1.59 31.24 -7.16
C ARG C 44 1.28 32.32 -6.12
N GLU C 45 0.47 31.99 -5.12
CA GLU C 45 -0.03 32.98 -4.17
C GLU C 45 1.09 33.68 -3.41
N GLU C 46 2.21 32.99 -3.17
CA GLU C 46 3.38 33.56 -2.52
C GLU C 46 3.94 34.75 -3.30
N ILE C 47 4.05 34.61 -4.62
CA ILE C 47 4.70 35.60 -5.48
C ILE C 47 3.70 36.65 -5.92
N TYR C 48 2.42 36.28 -6.06
CA TYR C 48 1.36 37.20 -6.44
C TYR C 48 1.32 38.45 -5.56
N GLN C 49 1.61 38.30 -4.26
CA GLN C 49 1.62 39.38 -3.30
C GLN C 49 2.61 40.49 -3.67
N ARG C 50 3.73 40.13 -4.31
CA ARG C 50 4.70 41.09 -4.81
C ARG C 50 4.17 41.88 -5.99
N ILE C 51 3.37 41.25 -6.86
CA ILE C 51 2.79 41.94 -8.00
C ILE C 51 1.74 42.94 -7.52
N GLN C 52 1.22 42.75 -6.30
CA GLN C 52 0.35 43.71 -5.64
C GLN C 52 1.12 44.72 -4.79
N ALA C 53 2.40 44.46 -4.51
CA ALA C 53 3.28 45.38 -3.80
C ALA C 53 3.79 46.49 -4.70
N GLY C 54 3.87 46.24 -6.02
CA GLY C 54 4.31 47.21 -7.01
C GLY C 54 5.75 46.98 -7.42
N LEU C 55 6.02 47.15 -8.73
CA LEU C 55 7.26 46.76 -9.37
C LEU C 55 7.61 47.65 -10.55
N THR C 56 6.95 48.81 -10.69
CA THR C 56 7.05 49.67 -11.85
C THR C 56 8.47 50.20 -12.02
N ALA C 57 8.93 50.27 -13.27
CA ALA C 57 10.32 50.53 -13.63
C ALA C 57 11.29 49.63 -12.88
N PRO C 58 11.35 48.33 -13.22
CA PRO C 58 12.17 47.35 -12.54
C PRO C 58 13.64 47.76 -12.48
N ASP C 59 14.27 47.52 -11.33
CA ASP C 59 15.69 47.75 -11.05
C ASP C 59 16.09 49.23 -11.06
N MET D 1 3.85 28.43 -22.51
CA MET D 1 3.14 27.96 -21.30
C MET D 1 4.01 28.13 -20.07
N LEU D 2 3.40 28.46 -18.93
CA LEU D 2 4.03 28.51 -17.63
C LEU D 2 3.54 27.33 -16.79
N ILE D 3 4.45 26.43 -16.42
CA ILE D 3 4.18 25.24 -15.64
C ILE D 3 4.77 25.39 -14.24
N LEU D 4 4.05 24.91 -13.22
CA LEU D 4 4.53 24.88 -11.84
C LEU D 4 3.77 23.84 -11.01
N THR D 5 4.35 23.42 -9.88
CA THR D 5 3.66 22.55 -8.93
C THR D 5 2.83 23.33 -7.92
N ARG D 6 1.75 22.70 -7.46
CA ARG D 6 0.94 23.13 -6.35
C ARG D 6 0.44 21.89 -5.61
N LYS D 7 0.56 21.80 -4.29
CA LYS D 7 -0.09 20.72 -3.56
C LYS D 7 -1.40 21.13 -2.91
N VAL D 8 -2.21 20.12 -2.56
CA VAL D 8 -3.59 20.35 -2.18
C VAL D 8 -3.73 21.39 -1.07
N GLY D 9 -4.72 22.28 -1.22
CA GLY D 9 -5.04 23.32 -0.25
C GLY D 9 -4.35 24.65 -0.53
N GLU D 10 -3.45 24.72 -1.52
CA GLU D 10 -2.74 25.94 -1.86
C GLU D 10 -3.40 26.72 -3.00
N SER D 11 -2.85 27.88 -3.35
CA SER D 11 -3.49 28.84 -4.24
C SER D 11 -2.55 29.41 -5.30
N ILE D 12 -3.15 29.90 -6.39
CA ILE D 12 -2.51 30.44 -7.58
C ILE D 12 -3.32 31.65 -8.06
N ASN D 13 -2.72 32.53 -8.86
CA ASN D 13 -3.34 33.75 -9.32
C ASN D 13 -3.06 34.03 -10.80
N ILE D 14 -4.02 34.68 -11.47
CA ILE D 14 -3.91 35.09 -12.87
C ILE D 14 -4.39 36.54 -12.99
N GLY D 15 -3.68 37.34 -13.77
CA GLY D 15 -3.96 38.76 -13.93
C GLY D 15 -3.92 39.49 -12.59
N ASP D 16 -4.88 40.39 -12.37
CA ASP D 16 -5.10 41.05 -11.09
C ASP D 16 -6.50 40.76 -10.53
N ASP D 17 -7.28 39.92 -11.21
CA ASP D 17 -8.68 39.72 -10.91
C ASP D 17 -9.09 38.25 -10.76
N ILE D 18 -8.19 37.31 -11.07
CA ILE D 18 -8.50 35.88 -11.09
C ILE D 18 -7.65 35.13 -10.06
N THR D 19 -8.29 34.20 -9.35
CA THR D 19 -7.64 33.32 -8.40
C THR D 19 -7.98 31.87 -8.73
N ILE D 20 -7.02 30.97 -8.50
CA ILE D 20 -7.15 29.54 -8.69
C ILE D 20 -6.79 28.85 -7.37
N THR D 21 -7.53 27.80 -7.01
CA THR D 21 -7.29 27.05 -5.77
C THR D 21 -7.28 25.57 -6.07
N ILE D 22 -6.25 24.84 -5.63
CA ILE D 22 -6.21 23.40 -5.75
C ILE D 22 -6.91 22.78 -4.55
N LEU D 23 -8.20 22.48 -4.71
CA LEU D 23 -9.07 22.09 -3.61
C LEU D 23 -8.70 20.70 -3.09
N GLY D 24 -8.22 19.82 -3.99
CA GLY D 24 -7.72 18.52 -3.59
C GLY D 24 -7.50 17.59 -4.78
N VAL D 25 -7.11 16.35 -4.49
CA VAL D 25 -7.11 15.26 -5.46
C VAL D 25 -8.11 14.19 -5.04
N SER D 26 -8.54 13.36 -6.00
CA SER D 26 -9.33 12.17 -5.74
C SER D 26 -8.89 11.07 -6.70
N GLY D 27 -7.76 10.43 -6.40
CA GLY D 27 -7.12 9.46 -7.29
C GLY D 27 -6.34 10.16 -8.39
N GLN D 28 -6.81 10.01 -9.64
CA GLN D 28 -6.25 10.70 -10.78
C GLN D 28 -7.02 11.98 -11.07
N GLN D 29 -8.12 12.23 -10.35
CA GLN D 29 -8.78 13.52 -10.40
C GLN D 29 -7.99 14.57 -9.62
N VAL D 30 -8.18 15.82 -10.05
CA VAL D 30 -7.76 17.01 -9.37
C VAL D 30 -8.97 17.93 -9.29
N ARG D 31 -9.41 18.26 -8.08
CA ARG D 31 -10.54 19.15 -7.83
C ARG D 31 -10.02 20.58 -7.75
N ILE D 32 -10.40 21.41 -8.72
CA ILE D 32 -9.83 22.74 -8.91
C ILE D 32 -10.93 23.79 -8.81
N GLY D 33 -10.72 24.79 -7.94
CA GLY D 33 -11.56 25.96 -7.86
C GLY D 33 -11.00 27.09 -8.72
N ILE D 34 -11.89 27.80 -9.44
CA ILE D 34 -11.53 28.97 -10.21
C ILE D 34 -12.42 30.13 -9.77
N ASN D 35 -11.84 31.32 -9.64
CA ASN D 35 -12.53 32.47 -9.07
C ASN D 35 -12.21 33.71 -9.90
N ALA D 36 -13.14 34.06 -10.79
CA ALA D 36 -12.98 35.14 -11.76
C ALA D 36 -14.28 35.95 -11.83
N PRO D 37 -14.23 37.22 -12.25
CA PRO D 37 -15.42 37.99 -12.55
C PRO D 37 -16.19 37.35 -13.70
N LYS D 38 -17.51 37.54 -13.73
CA LYS D 38 -18.34 37.17 -14.87
C LYS D 38 -18.02 38.01 -16.12
N ASP D 39 -17.07 38.94 -15.98
CA ASP D 39 -16.47 39.68 -17.08
C ASP D 39 -15.66 38.75 -17.99
N VAL D 40 -15.21 37.61 -17.45
CA VAL D 40 -14.49 36.59 -18.18
C VAL D 40 -15.15 35.22 -18.00
N ALA D 41 -14.85 34.29 -18.92
CA ALA D 41 -15.41 32.96 -18.91
C ALA D 41 -14.47 31.95 -18.25
N VAL D 42 -15.03 30.83 -17.76
CA VAL D 42 -14.23 29.68 -17.34
C VAL D 42 -15.02 28.41 -17.54
N HIS D 43 -14.49 27.48 -18.34
CA HIS D 43 -15.10 26.17 -18.58
C HIS D 43 -14.05 25.11 -18.85
N ARG D 44 -14.44 23.83 -18.80
CA ARG D 44 -13.62 22.73 -19.27
C ARG D 44 -13.34 22.93 -20.76
N GLU D 45 -12.27 22.34 -21.30
CA GLU D 45 -12.01 22.37 -22.75
C GLU D 45 -13.16 21.71 -23.52
N GLU D 46 -13.75 20.67 -22.94
CA GLU D 46 -14.98 20.05 -23.40
C GLU D 46 -16.11 21.07 -23.57
N ILE D 47 -16.31 21.91 -22.55
CA ILE D 47 -17.42 22.84 -22.50
C ILE D 47 -17.12 24.13 -23.24
N TYR D 48 -15.85 24.53 -23.32
CA TYR D 48 -15.40 25.64 -24.12
C TYR D 48 -15.88 25.49 -25.56
N GLN D 49 -15.85 24.28 -26.10
CA GLN D 49 -16.35 23.95 -27.43
C GLN D 49 -17.87 24.10 -27.55
N ARG D 50 -18.60 24.07 -26.44
CA ARG D 50 -20.02 24.37 -26.44
C ARG D 50 -20.22 25.86 -26.65
N ILE D 51 -19.55 26.69 -25.84
CA ILE D 51 -19.63 28.15 -25.96
C ILE D 51 -19.12 28.58 -27.33
N GLN D 52 -18.08 27.92 -27.85
CA GLN D 52 -17.46 28.25 -29.11
C GLN D 52 -18.25 27.74 -30.30
N ALA D 53 -19.41 27.11 -30.05
CA ALA D 53 -20.39 26.79 -31.09
C ALA D 53 -21.10 28.05 -31.60
N GLY D 54 -20.83 29.21 -31.00
CA GLY D 54 -21.28 30.50 -31.50
C GLY D 54 -22.30 31.18 -30.58
N LEU D 55 -22.15 31.02 -29.26
CA LEU D 55 -23.21 31.36 -28.32
C LEU D 55 -22.70 31.45 -26.88
N THR D 56 -23.64 31.53 -25.93
CA THR D 56 -23.41 31.37 -24.50
C THR D 56 -24.49 30.44 -23.96
N ALA D 57 -24.40 30.00 -22.70
CA ALA D 57 -25.32 29.06 -22.11
C ALA D 57 -26.78 29.43 -22.37
N PRO D 58 -27.59 28.52 -22.90
CA PRO D 58 -28.99 28.80 -23.22
C PRO D 58 -29.85 29.14 -22.01
N ASP D 59 -31.08 29.55 -22.28
CA ASP D 59 -32.07 29.90 -21.27
C ASP D 59 -32.46 28.71 -20.41
N MET E 1 35.31 -9.12 3.75
CA MET E 1 34.54 -8.24 2.84
C MET E 1 34.17 -8.96 1.55
N LEU E 2 32.97 -8.69 1.03
CA LEU E 2 32.51 -9.18 -0.25
C LEU E 2 31.77 -8.05 -0.97
N ILE E 3 32.21 -7.71 -2.19
CA ILE E 3 31.68 -6.60 -2.96
C ILE E 3 30.98 -7.13 -4.21
N LEU E 4 29.84 -6.52 -4.55
CA LEU E 4 29.00 -6.88 -5.68
C LEU E 4 28.52 -5.64 -6.43
N THR E 5 28.00 -5.85 -7.65
CA THR E 5 27.26 -4.83 -8.37
C THR E 5 25.97 -5.45 -8.88
N ARG E 6 24.86 -5.08 -8.25
CA ARG E 6 23.52 -5.64 -8.47
C ARG E 6 22.61 -4.60 -9.11
N LYS E 7 21.91 -4.92 -10.20
CA LYS E 7 20.91 -3.99 -10.73
C LYS E 7 19.51 -4.28 -10.19
N VAL E 8 18.62 -3.30 -10.38
CA VAL E 8 17.31 -3.32 -9.74
C VAL E 8 16.50 -4.55 -10.13
N GLY E 9 15.82 -5.13 -9.14
CA GLY E 9 14.98 -6.31 -9.31
C GLY E 9 15.73 -7.62 -9.15
N GLU E 10 17.05 -7.59 -8.96
CA GLU E 10 17.86 -8.78 -8.72
C GLU E 10 18.06 -9.03 -7.22
N SER E 11 18.70 -10.14 -6.88
CA SER E 11 18.76 -10.62 -5.50
C SER E 11 20.15 -11.09 -5.08
N ILE E 12 20.39 -11.05 -3.75
CA ILE E 12 21.62 -11.44 -3.08
C ILE E 12 21.25 -12.31 -1.87
N ASN E 13 22.15 -13.19 -1.43
CA ASN E 13 21.89 -14.08 -0.32
C ASN E 13 22.99 -14.03 0.73
N ILE E 14 22.60 -14.27 1.99
CA ILE E 14 23.48 -14.29 3.14
C ILE E 14 23.13 -15.48 4.03
N GLY E 15 24.14 -16.21 4.49
CA GLY E 15 23.95 -17.41 5.29
C GLY E 15 23.12 -18.45 4.54
N ASP E 16 22.17 -19.06 5.24
CA ASP E 16 21.19 -19.96 4.65
C ASP E 16 19.76 -19.61 5.05
N ASP E 17 19.54 -18.45 5.69
CA ASP E 17 18.22 -17.99 6.09
C ASP E 17 17.88 -16.59 5.58
N ILE E 18 18.85 -15.84 5.04
CA ILE E 18 18.66 -14.43 4.72
C ILE E 18 18.75 -14.20 3.22
N THR E 19 17.77 -13.48 2.68
CA THR E 19 17.73 -13.05 1.29
C THR E 19 17.62 -11.53 1.23
N ILE E 20 18.29 -10.92 0.25
CA ILE E 20 18.27 -9.49 0.00
C ILE E 20 17.76 -9.26 -1.41
N THR E 21 16.89 -8.27 -1.58
CA THR E 21 16.34 -7.90 -2.88
C THR E 21 16.46 -6.40 -3.07
N ILE E 22 17.07 -5.97 -4.18
CA ILE E 22 17.11 -4.55 -4.53
C ILE E 22 15.81 -4.16 -5.21
N LEU E 23 14.91 -3.50 -4.46
CA LEU E 23 13.59 -3.15 -4.97
C LEU E 23 13.69 -2.04 -6.02
N GLY E 24 14.70 -1.17 -5.91
CA GLY E 24 15.06 -0.22 -6.95
C GLY E 24 15.78 1.01 -6.42
N VAL E 25 16.08 1.97 -7.31
CA VAL E 25 16.78 3.20 -6.99
C VAL E 25 15.86 4.42 -7.03
N SER E 26 16.27 5.50 -6.38
CA SER E 26 15.66 6.81 -6.48
C SER E 26 16.74 7.88 -6.26
N GLY E 27 17.40 8.32 -7.34
CA GLY E 27 18.48 9.28 -7.24
C GLY E 27 19.71 8.68 -6.56
N GLN E 28 19.98 9.05 -5.32
CA GLN E 28 21.00 8.43 -4.49
C GLN E 28 20.41 7.38 -3.56
N GLN E 29 19.10 7.44 -3.31
CA GLN E 29 18.42 6.49 -2.46
C GLN E 29 18.31 5.14 -3.16
N VAL E 30 18.33 4.08 -2.36
CA VAL E 30 18.29 2.70 -2.82
C VAL E 30 17.33 1.96 -1.90
N ARG E 31 16.20 1.50 -2.45
CA ARG E 31 15.17 0.82 -1.70
C ARG E 31 15.45 -0.68 -1.73
N ILE E 32 15.61 -1.28 -0.54
CA ILE E 32 16.11 -2.62 -0.38
C ILE E 32 15.19 -3.43 0.53
N GLY E 33 14.79 -4.61 0.06
CA GLY E 33 14.09 -5.60 0.86
C GLY E 33 15.09 -6.55 1.52
N ILE E 34 14.89 -6.79 2.82
CA ILE E 34 15.72 -7.68 3.63
C ILE E 34 14.81 -8.73 4.25
N ASN E 35 15.04 -9.99 3.89
CA ASN E 35 14.14 -11.08 4.22
C ASN E 35 14.88 -12.08 5.09
N ALA E 36 14.65 -11.98 6.39
CA ALA E 36 15.17 -12.89 7.39
C ALA E 36 14.09 -13.18 8.42
N PRO E 37 14.15 -14.36 9.07
CA PRO E 37 13.28 -14.65 10.20
C PRO E 37 13.49 -13.65 11.32
N LYS E 38 12.43 -13.41 12.10
CA LYS E 38 12.46 -12.55 13.28
C LYS E 38 13.32 -13.11 14.40
N ASP E 39 13.81 -14.32 14.17
CA ASP E 39 14.79 -15.01 14.98
C ASP E 39 16.14 -14.30 14.99
N VAL E 40 16.44 -13.57 13.91
CA VAL E 40 17.66 -12.78 13.77
C VAL E 40 17.30 -11.30 13.72
N ALA E 41 18.28 -10.43 13.96
CA ALA E 41 18.03 -8.99 14.00
C ALA E 41 18.33 -8.32 12.66
N VAL E 42 17.68 -7.20 12.38
CA VAL E 42 18.04 -6.32 11.27
C VAL E 42 17.57 -4.90 11.54
N HIS E 43 18.48 -3.93 11.43
CA HIS E 43 18.20 -2.51 11.55
C HIS E 43 19.19 -1.72 10.72
N ARG E 44 18.91 -0.42 10.47
CA ARG E 44 19.90 0.46 9.88
C ARG E 44 20.95 0.84 10.92
N GLU E 45 22.10 1.34 10.46
CA GLU E 45 23.26 1.55 11.33
C GLU E 45 22.96 2.57 12.43
N GLU E 46 21.99 3.45 12.23
CA GLU E 46 21.50 4.38 13.24
C GLU E 46 20.93 3.65 14.45
N ILE E 47 20.04 2.68 14.20
CA ILE E 47 19.28 2.00 15.23
C ILE E 47 20.16 0.95 15.92
N TYR E 48 21.06 0.34 15.16
CA TYR E 48 21.99 -0.67 15.65
C TYR E 48 22.81 -0.18 16.85
N GLN E 49 23.20 1.10 16.85
CA GLN E 49 24.01 1.69 17.90
C GLN E 49 23.30 1.74 19.24
N ARG E 50 21.96 1.82 19.22
CA ARG E 50 21.16 1.85 20.44
C ARG E 50 21.10 0.47 21.07
N ILE E 51 21.34 -0.57 20.27
CA ILE E 51 21.19 -1.97 20.65
C ILE E 51 22.53 -2.54 21.11
N GLN E 52 23.60 -2.19 20.40
CA GLN E 52 24.95 -2.56 20.76
C GLN E 52 25.49 -1.74 21.93
N ALA E 53 24.66 -0.86 22.50
CA ALA E 53 24.96 -0.15 23.74
C ALA E 53 25.07 -1.09 24.94
N GLY E 54 24.48 -2.28 24.86
CA GLY E 54 24.72 -3.34 25.85
C GLY E 54 23.54 -4.28 26.08
N LEU E 55 22.72 -4.54 25.06
CA LEU E 55 21.45 -5.23 25.24
C LEU E 55 20.95 -5.95 23.99
N THR E 56 21.84 -6.62 23.26
CA THR E 56 21.43 -7.25 22.03
C THR E 56 20.47 -8.42 22.26
N ALA E 57 20.52 -9.01 23.45
CA ALA E 57 19.54 -9.98 23.92
C ALA E 57 19.05 -9.55 25.31
N PRO E 58 17.94 -8.81 25.40
CA PRO E 58 17.40 -8.33 26.65
C PRO E 58 16.91 -9.43 27.58
N ASP E 59 16.49 -9.02 28.78
CA ASP E 59 15.94 -9.90 29.80
C ASP E 59 14.62 -10.53 29.36
N MET F 1 10.35 -9.74 6.84
CA MET F 1 10.67 -8.92 5.66
C MET F 1 10.66 -7.44 6.01
N LEU F 2 11.83 -6.80 6.01
CA LEU F 2 11.95 -5.37 6.22
C LEU F 2 12.31 -4.67 4.92
N ILE F 3 11.72 -3.49 4.69
CA ILE F 3 12.05 -2.65 3.55
C ILE F 3 12.69 -1.36 4.07
N LEU F 4 13.92 -1.11 3.63
CA LEU F 4 14.73 0.04 4.00
C LEU F 4 14.97 0.91 2.78
N THR F 5 15.15 2.21 2.98
CA THR F 5 15.63 3.10 1.92
C THR F 5 16.92 3.76 2.38
N ARG F 6 18.02 3.44 1.68
CA ARG F 6 19.38 3.78 2.07
C ARG F 6 20.07 4.52 0.93
N LYS F 7 20.64 5.71 1.16
CA LYS F 7 21.39 6.39 0.12
C LYS F 7 22.88 6.06 0.16
N VAL F 8 23.58 6.40 -0.92
CA VAL F 8 24.94 5.95 -1.13
C VAL F 8 25.88 6.38 -0.02
N GLY F 9 26.71 5.44 0.45
CA GLY F 9 27.69 5.66 1.51
C GLY F 9 27.17 5.31 2.91
N GLU F 10 25.89 4.96 3.06
CA GLU F 10 25.29 4.61 4.33
C GLU F 10 25.26 3.10 4.54
N SER F 11 24.88 2.64 5.75
CA SER F 11 25.02 1.25 6.15
C SER F 11 23.79 0.70 6.86
N ILE F 12 23.68 -0.63 6.88
CA ILE F 12 22.62 -1.41 7.51
C ILE F 12 23.28 -2.60 8.21
N ASN F 13 22.64 -3.18 9.23
CA ASN F 13 23.19 -4.28 10.01
C ASN F 13 22.21 -5.45 10.12
N ILE F 14 22.75 -6.66 10.23
CA ILE F 14 22.00 -7.90 10.42
C ILE F 14 22.67 -8.72 11.52
N GLY F 15 21.85 -9.32 12.40
CA GLY F 15 22.33 -10.03 13.57
C GLY F 15 23.16 -9.11 14.47
N ASP F 16 24.29 -9.63 14.96
CA ASP F 16 25.26 -8.89 15.75
C ASP F 16 26.67 -8.97 15.17
N ASP F 17 26.81 -9.51 13.95
CA ASP F 17 28.09 -9.69 13.30
C ASP F 17 28.12 -9.19 11.85
N ILE F 18 26.97 -9.02 11.19
CA ILE F 18 26.90 -8.72 9.78
C ILE F 18 26.62 -7.23 9.55
N THR F 19 27.34 -6.65 8.59
CA THR F 19 27.14 -5.28 8.13
C THR F 19 26.96 -5.24 6.62
N ILE F 20 26.08 -4.36 6.15
CA ILE F 20 25.84 -4.07 4.75
C ILE F 20 26.14 -2.59 4.52
N THR F 21 26.76 -2.28 3.38
CA THR F 21 27.06 -0.91 2.99
C THR F 21 26.70 -0.71 1.51
N ILE F 22 25.93 0.33 1.21
CA ILE F 22 25.66 0.74 -0.15
C ILE F 22 26.82 1.60 -0.64
N LEU F 23 27.63 1.05 -1.56
CA LEU F 23 28.85 1.68 -2.02
C LEU F 23 28.57 2.76 -3.07
N GLY F 24 27.48 2.61 -3.83
CA GLY F 24 26.98 3.64 -4.72
C GLY F 24 26.12 3.10 -5.86
N VAL F 25 25.73 3.97 -6.79
CA VAL F 25 24.90 3.61 -7.93
C VAL F 25 25.55 4.01 -9.26
N SER F 26 25.11 3.34 -10.34
CA SER F 26 25.43 3.71 -11.70
C SER F 26 24.28 3.30 -12.62
N GLY F 27 23.32 4.21 -12.84
CA GLY F 27 22.12 3.91 -13.58
C GLY F 27 21.21 2.95 -12.82
N GLN F 28 21.07 1.72 -13.32
CA GLN F 28 20.30 0.68 -12.63
C GLN F 28 21.19 -0.16 -11.74
N GLN F 29 22.49 -0.18 -12.00
CA GLN F 29 23.45 -0.93 -11.23
C GLN F 29 23.70 -0.26 -9.88
N VAL F 30 23.86 -1.09 -8.85
CA VAL F 30 24.03 -0.65 -7.46
C VAL F 30 25.18 -1.44 -6.88
N ARG F 31 26.28 -0.74 -6.53
CA ARG F 31 27.45 -1.37 -5.96
C ARG F 31 27.28 -1.52 -4.45
N ILE F 32 27.45 -2.74 -3.94
CA ILE F 32 27.09 -3.10 -2.58
C ILE F 32 28.24 -3.88 -1.94
N GLY F 33 28.52 -3.60 -0.66
CA GLY F 33 29.49 -4.33 0.14
C GLY F 33 28.81 -5.04 1.30
N ILE F 34 29.25 -6.27 1.58
CA ILE F 34 28.81 -7.06 2.72
C ILE F 34 30.02 -7.49 3.54
N ASN F 35 29.85 -7.46 4.87
CA ASN F 35 30.86 -7.84 5.83
C ASN F 35 30.26 -8.82 6.83
N ALA F 36 30.65 -10.09 6.73
CA ALA F 36 30.12 -11.18 7.54
C ALA F 36 31.23 -12.09 8.05
N PRO F 37 30.99 -12.83 9.13
CA PRO F 37 31.91 -13.84 9.62
C PRO F 37 32.10 -14.99 8.64
N LYS F 38 33.17 -15.76 8.83
CA LYS F 38 33.41 -17.00 8.09
C LYS F 38 32.47 -18.12 8.51
N ASP F 39 31.65 -17.88 9.53
CA ASP F 39 30.58 -18.77 9.95
C ASP F 39 29.43 -18.82 8.92
N VAL F 40 29.33 -17.83 8.05
CA VAL F 40 28.27 -17.72 7.06
C VAL F 40 28.83 -17.50 5.66
N ALA F 41 27.99 -17.70 4.65
CA ALA F 41 28.29 -17.40 3.26
C ALA F 41 27.63 -16.10 2.80
N VAL F 42 28.11 -15.52 1.71
CA VAL F 42 27.45 -14.41 1.04
C VAL F 42 27.80 -14.38 -0.44
N HIS F 43 26.78 -14.39 -1.30
CA HIS F 43 26.93 -14.34 -2.75
C HIS F 43 25.70 -13.71 -3.40
N ARG F 44 25.75 -13.47 -4.71
CA ARG F 44 24.57 -13.12 -5.48
C ARG F 44 23.71 -14.36 -5.68
N GLU F 45 22.44 -14.18 -6.04
CA GLU F 45 21.49 -15.27 -6.12
C GLU F 45 21.90 -16.35 -7.12
N GLU F 46 22.75 -16.01 -8.10
CA GLU F 46 23.25 -16.95 -9.10
C GLU F 46 24.08 -18.05 -8.44
N ILE F 47 24.97 -17.67 -7.52
CA ILE F 47 25.94 -18.56 -6.93
C ILE F 47 25.31 -19.29 -5.75
N TYR F 48 24.35 -18.65 -5.07
CA TYR F 48 23.59 -19.24 -3.98
C TYR F 48 22.94 -20.57 -4.38
N GLN F 49 22.51 -20.68 -5.64
CA GLN F 49 21.86 -21.87 -6.16
C GLN F 49 22.82 -23.07 -6.23
N ARG F 50 24.13 -22.82 -6.29
CA ARG F 50 25.14 -23.87 -6.25
C ARG F 50 25.48 -24.26 -4.82
N ILE F 51 25.23 -23.37 -3.85
CA ILE F 51 25.29 -23.68 -2.43
C ILE F 51 24.15 -24.63 -2.07
N GLN F 52 22.92 -24.20 -2.34
CA GLN F 52 21.71 -24.86 -1.89
C GLN F 52 21.40 -26.12 -2.69
N ALA F 53 22.28 -26.47 -3.62
CA ALA F 53 22.26 -27.75 -4.32
C ALA F 53 22.41 -28.94 -3.36
N GLY F 54 23.03 -28.74 -2.20
CA GLY F 54 23.04 -29.73 -1.13
C GLY F 54 24.17 -29.58 -0.12
N LEU F 55 24.67 -28.35 0.09
CA LEU F 55 25.89 -28.11 0.84
C LEU F 55 25.97 -26.67 1.36
N THR F 56 27.07 -26.33 2.02
CA THR F 56 27.43 -24.96 2.37
C THR F 56 28.92 -24.76 2.15
N ALA F 57 29.30 -23.57 1.67
CA ALA F 57 30.68 -23.18 1.38
C ALA F 57 31.41 -24.19 0.49
N PRO F 58 31.23 -24.11 -0.83
CA PRO F 58 31.84 -25.02 -1.79
C PRO F 58 33.36 -25.04 -1.76
N ASP F 59 33.92 -25.99 -2.51
CA ASP F 59 35.34 -26.10 -2.78
C ASP F 59 35.88 -24.88 -3.54
N MET A 1 -24.63 -15.84 19.53
CA MET A 1 -23.40 -15.90 18.72
C MET A 1 -22.18 -15.93 19.62
N LEU A 2 -21.20 -16.79 19.35
CA LEU A 2 -19.99 -16.91 20.14
C LEU A 2 -18.88 -16.10 19.47
N ILE A 3 -18.43 -15.03 20.10
CA ILE A 3 -17.36 -14.20 19.60
C ILE A 3 -16.05 -14.66 20.24
N LEU A 4 -15.09 -15.06 19.40
CA LEU A 4 -13.75 -15.42 19.81
C LEU A 4 -12.75 -14.42 19.20
N THR A 5 -11.57 -14.31 19.81
CA THR A 5 -10.51 -13.41 19.39
C THR A 5 -9.25 -14.24 19.18
N ARG A 6 -8.96 -14.56 17.92
CA ARG A 6 -7.95 -15.55 17.54
C ARG A 6 -6.83 -14.91 16.73
N LYS A 7 -5.59 -15.27 17.01
CA LYS A 7 -4.42 -14.62 16.43
C LYS A 7 -3.89 -15.45 15.26
N VAL A 8 -3.09 -14.86 14.37
CA VAL A 8 -2.69 -15.58 13.17
C VAL A 8 -1.84 -16.81 13.50
N GLY A 9 -2.11 -17.92 12.80
CA GLY A 9 -1.55 -19.23 13.10
C GLY A 9 -2.41 -20.09 14.03
N GLU A 10 -3.48 -19.55 14.61
CA GLU A 10 -4.36 -20.30 15.50
C GLU A 10 -5.44 -21.08 14.77
N SER A 11 -6.10 -22.00 15.46
CA SER A 11 -7.14 -22.86 14.90
C SER A 11 -8.37 -22.90 15.79
N ILE A 12 -9.57 -22.89 15.17
CA ILE A 12 -10.86 -23.06 15.82
C ILE A 12 -11.49 -24.36 15.33
N ASN A 13 -12.32 -24.98 16.16
CA ASN A 13 -12.98 -26.24 15.85
C ASN A 13 -14.49 -26.09 16.01
N ILE A 14 -15.25 -26.64 15.05
CA ILE A 14 -16.70 -26.56 15.02
C ILE A 14 -17.29 -27.95 14.78
N GLY A 15 -18.27 -28.32 15.61
CA GLY A 15 -18.92 -29.62 15.53
C GLY A 15 -17.97 -30.74 15.90
N ASP A 16 -17.87 -31.75 15.01
CA ASP A 16 -17.01 -32.91 15.19
C ASP A 16 -16.10 -33.14 13.98
N ASP A 17 -16.23 -32.31 12.94
CA ASP A 17 -15.60 -32.56 11.66
C ASP A 17 -15.12 -31.32 10.92
N ILE A 18 -15.33 -30.11 11.45
CA ILE A 18 -14.84 -28.89 10.85
C ILE A 18 -13.75 -28.26 11.71
N THR A 19 -12.65 -27.85 11.08
CA THR A 19 -11.60 -27.06 11.71
C THR A 19 -11.29 -25.86 10.84
N ILE A 20 -10.92 -24.72 11.45
CA ILE A 20 -10.74 -23.44 10.78
C ILE A 20 -9.41 -22.87 11.21
N THR A 21 -8.54 -22.48 10.27
CA THR A 21 -7.21 -21.98 10.57
C THR A 21 -6.95 -20.65 9.90
N ILE A 22 -6.46 -19.67 10.67
CA ILE A 22 -6.06 -18.39 10.13
C ILE A 22 -4.62 -18.49 9.62
N LEU A 23 -4.45 -18.42 8.29
CA LEU A 23 -3.13 -18.53 7.69
C LEU A 23 -2.39 -17.21 7.91
N GLY A 24 -3.10 -16.07 7.93
CA GLY A 24 -2.58 -14.81 8.41
C GLY A 24 -3.23 -13.57 7.80
N VAL A 25 -2.63 -12.40 8.09
CA VAL A 25 -3.21 -11.10 7.76
C VAL A 25 -2.83 -10.62 6.37
N SER A 26 -3.66 -9.73 5.82
CA SER A 26 -3.38 -8.98 4.61
C SER A 26 -3.91 -7.55 4.75
N GLY A 27 -3.40 -6.81 5.74
CA GLY A 27 -3.93 -5.51 6.10
C GLY A 27 -5.32 -5.62 6.72
N GLN A 28 -6.31 -4.95 6.14
CA GLN A 28 -7.70 -5.07 6.53
C GLN A 28 -8.36 -6.33 5.96
N GLN A 29 -7.61 -7.11 5.18
CA GLN A 29 -8.03 -8.44 4.77
C GLN A 29 -7.38 -9.51 5.65
N VAL A 30 -8.01 -10.68 5.64
CA VAL A 30 -7.75 -11.80 6.54
C VAL A 30 -7.82 -13.08 5.73
N ARG A 31 -6.77 -13.91 5.78
CA ARG A 31 -6.68 -15.11 4.95
C ARG A 31 -6.86 -16.35 5.81
N ILE A 32 -8.06 -16.92 5.74
CA ILE A 32 -8.51 -18.06 6.54
C ILE A 32 -8.74 -19.28 5.66
N GLY A 33 -8.29 -20.44 6.15
CA GLY A 33 -8.60 -21.74 5.58
C GLY A 33 -9.64 -22.47 6.40
N ILE A 34 -10.58 -23.13 5.71
CA ILE A 34 -11.57 -24.03 6.29
C ILE A 34 -11.17 -25.45 5.95
N ASN A 35 -11.24 -26.34 6.95
CA ASN A 35 -10.95 -27.76 6.80
C ASN A 35 -12.19 -28.56 7.19
N ALA A 36 -13.14 -28.55 6.27
CA ALA A 36 -14.38 -29.33 6.34
C ALA A 36 -14.40 -30.41 5.25
N PRO A 37 -15.11 -31.52 5.47
CA PRO A 37 -15.23 -32.56 4.46
C PRO A 37 -16.14 -32.11 3.32
N LYS A 38 -15.94 -32.67 2.13
CA LYS A 38 -16.71 -32.30 0.95
C LYS A 38 -18.17 -32.72 1.04
N ASP A 39 -18.54 -33.44 2.10
CA ASP A 39 -19.91 -33.74 2.45
C ASP A 39 -20.68 -32.49 2.91
N VAL A 40 -19.98 -31.50 3.43
CA VAL A 40 -20.57 -30.23 3.84
C VAL A 40 -20.03 -29.06 3.02
N ALA A 41 -20.92 -28.10 2.74
CA ALA A 41 -20.66 -26.97 1.87
C ALA A 41 -19.91 -25.86 2.59
N VAL A 42 -18.99 -25.18 1.90
CA VAL A 42 -18.29 -24.00 2.40
C VAL A 42 -18.38 -22.89 1.37
N HIS A 43 -19.03 -21.77 1.72
CA HIS A 43 -19.25 -20.66 0.81
C HIS A 43 -19.33 -19.33 1.56
N ARG A 44 -19.06 -18.21 0.88
CA ARG A 44 -19.29 -16.88 1.43
C ARG A 44 -20.77 -16.56 1.44
N GLU A 45 -21.20 -15.59 2.26
CA GLU A 45 -22.58 -15.15 2.28
C GLU A 45 -22.98 -14.46 0.97
N GLU A 46 -22.02 -13.85 0.27
CA GLU A 46 -22.24 -13.27 -1.05
C GLU A 46 -22.28 -14.30 -2.17
N ILE A 47 -22.08 -15.60 -1.86
CA ILE A 47 -22.17 -16.69 -2.80
C ILE A 47 -23.21 -17.72 -2.36
N TYR A 48 -23.43 -17.89 -1.05
CA TYR A 48 -24.33 -18.90 -0.52
C TYR A 48 -25.77 -18.57 -0.91
N GLN A 49 -26.08 -17.28 -1.03
CA GLN A 49 -27.40 -16.82 -1.42
C GLN A 49 -27.64 -17.00 -2.92
N ARG A 50 -26.59 -17.30 -3.69
CA ARG A 50 -26.69 -17.72 -5.09
C ARG A 50 -27.04 -19.21 -5.18
N ILE A 51 -26.54 -20.01 -4.23
CA ILE A 51 -26.91 -21.40 -4.07
C ILE A 51 -28.38 -21.48 -3.69
N GLN A 52 -28.76 -20.74 -2.64
CA GLN A 52 -30.10 -20.78 -2.08
C GLN A 52 -31.07 -19.87 -2.82
N ALA A 53 -30.61 -19.26 -3.92
CA ALA A 53 -31.49 -18.57 -4.85
C ALA A 53 -32.53 -19.52 -5.43
N GLY A 54 -32.21 -20.82 -5.45
CA GLY A 54 -33.14 -21.87 -5.83
C GLY A 54 -32.44 -23.17 -6.24
N LEU A 55 -31.11 -23.23 -6.16
CA LEU A 55 -30.36 -24.38 -6.63
C LEU A 55 -30.32 -25.41 -5.50
N THR A 56 -31.31 -26.28 -5.49
CA THR A 56 -31.67 -27.24 -4.45
C THR A 56 -33.15 -27.58 -4.50
N ALA A 57 -33.96 -26.68 -5.07
CA ALA A 57 -35.42 -26.71 -5.00
C ALA A 57 -36.03 -28.04 -5.46
N PRO A 58 -37.26 -28.36 -5.00
CA PRO A 58 -38.00 -29.54 -5.41
C PRO A 58 -38.11 -29.71 -6.92
N ASP A 59 -38.13 -28.60 -7.67
CA ASP A 59 -38.25 -28.66 -9.12
C ASP A 59 -37.68 -27.40 -9.77
N MET B 1 -7.93 -28.04 2.57
CA MET B 1 -8.20 -26.65 3.01
C MET B 1 -8.87 -25.85 1.90
N LEU B 2 -10.02 -25.24 2.19
CA LEU B 2 -10.67 -24.26 1.33
C LEU B 2 -10.37 -22.88 1.87
N ILE B 3 -9.69 -22.03 1.10
CA ILE B 3 -9.12 -20.79 1.61
C ILE B 3 -9.78 -19.58 0.96
N LEU B 4 -10.05 -18.57 1.79
CA LEU B 4 -10.64 -17.31 1.41
C LEU B 4 -9.83 -16.16 1.99
N THR B 5 -9.66 -15.10 1.18
CA THR B 5 -9.08 -13.84 1.63
C THR B 5 -10.20 -12.82 1.76
N ARG B 6 -10.67 -12.59 2.98
CA ARG B 6 -11.86 -11.80 3.27
C ARG B 6 -11.52 -10.52 4.01
N LYS B 7 -12.33 -9.48 3.85
CA LYS B 7 -12.16 -8.24 4.59
C LYS B 7 -12.96 -8.23 5.89
N VAL B 8 -12.63 -7.31 6.79
CA VAL B 8 -13.48 -7.12 7.96
C VAL B 8 -14.90 -6.74 7.55
N GLY B 9 -15.87 -7.43 8.13
CA GLY B 9 -17.29 -7.29 7.82
C GLY B 9 -17.87 -8.34 6.87
N GLU B 10 -17.07 -9.27 6.33
CA GLU B 10 -17.59 -10.35 5.50
C GLU B 10 -18.30 -11.41 6.34
N SER B 11 -19.17 -12.19 5.70
CA SER B 11 -19.82 -13.34 6.32
C SER B 11 -19.63 -14.59 5.49
N ILE B 12 -19.56 -15.76 6.14
CA ILE B 12 -19.29 -17.05 5.55
C ILE B 12 -20.28 -18.07 6.11
N ASN B 13 -20.64 -19.10 5.34
CA ASN B 13 -21.58 -20.13 5.73
C ASN B 13 -20.93 -21.52 5.59
N ILE B 14 -21.19 -22.39 6.56
CA ILE B 14 -20.73 -23.77 6.55
C ILE B 14 -21.90 -24.71 6.83
N GLY B 15 -22.05 -25.73 5.98
CA GLY B 15 -23.19 -26.63 6.03
C GLY B 15 -24.50 -25.87 5.86
N ASP B 16 -25.48 -26.17 6.72
CA ASP B 16 -26.75 -25.46 6.76
C ASP B 16 -27.10 -24.95 8.17
N ASP B 17 -26.19 -25.13 9.14
CA ASP B 17 -26.41 -24.70 10.52
C ASP B 17 -25.43 -23.62 10.99
N ILE B 18 -24.30 -23.42 10.32
CA ILE B 18 -23.22 -22.57 10.81
C ILE B 18 -23.00 -21.37 9.92
N THR B 19 -22.82 -20.20 10.56
CA THR B 19 -22.43 -18.96 9.92
C THR B 19 -21.29 -18.29 10.70
N ILE B 20 -20.38 -17.63 10.00
CA ILE B 20 -19.18 -17.02 10.55
C ILE B 20 -19.09 -15.57 10.08
N THR B 21 -18.68 -14.66 10.97
CA THR B 21 -18.55 -13.24 10.66
C THR B 21 -17.22 -12.71 11.16
N ILE B 22 -16.44 -12.05 10.30
CA ILE B 22 -15.24 -11.36 10.72
C ILE B 22 -15.62 -9.97 11.22
N LEU B 23 -15.58 -9.76 12.53
CA LEU B 23 -15.99 -8.50 13.14
C LEU B 23 -14.89 -7.46 12.98
N GLY B 24 -13.63 -7.90 12.98
CA GLY B 24 -12.51 -7.05 12.63
C GLY B 24 -11.18 -7.58 13.16
N VAL B 25 -10.08 -6.90 12.84
CA VAL B 25 -8.76 -7.26 13.35
C VAL B 25 -8.34 -6.30 14.44
N SER B 26 -7.68 -6.83 15.47
CA SER B 26 -7.03 -6.06 16.53
C SER B 26 -5.54 -6.32 16.44
N GLY B 27 -4.91 -5.74 15.40
CA GLY B 27 -3.53 -5.99 15.08
C GLY B 27 -3.35 -7.31 14.36
N GLN B 28 -2.61 -8.25 14.99
CA GLN B 28 -2.45 -9.61 14.47
C GLN B 28 -3.45 -10.55 15.13
N GLN B 29 -4.39 -9.99 15.89
CA GLN B 29 -5.53 -10.69 16.44
C GLN B 29 -6.76 -10.45 15.58
N VAL B 30 -7.71 -11.39 15.64
CA VAL B 30 -8.84 -11.41 14.74
C VAL B 30 -10.12 -11.72 15.53
N ARG B 31 -11.03 -10.75 15.61
CA ARG B 31 -12.30 -10.85 16.30
C ARG B 31 -13.35 -11.45 15.37
N ILE B 32 -13.88 -12.61 15.73
CA ILE B 32 -14.72 -13.43 14.88
C ILE B 32 -15.98 -13.87 15.62
N GLY B 33 -17.15 -13.61 15.03
CA GLY B 33 -18.41 -14.15 15.50
C GLY B 33 -18.69 -15.51 14.86
N ILE B 34 -19.16 -16.46 15.68
CA ILE B 34 -19.54 -17.79 15.23
C ILE B 34 -20.97 -18.05 15.66
N ASN B 35 -21.77 -18.47 14.69
CA ASN B 35 -23.23 -18.52 14.80
C ASN B 35 -23.71 -19.90 14.38
N ALA B 36 -23.67 -20.80 15.36
CA ALA B 36 -24.15 -22.18 15.25
C ALA B 36 -25.10 -22.48 16.39
N PRO B 37 -26.02 -23.44 16.21
CA PRO B 37 -26.80 -23.96 17.31
C PRO B 37 -25.86 -24.53 18.37
N LYS B 38 -26.30 -24.51 19.62
CA LYS B 38 -25.58 -25.14 20.73
C LYS B 38 -25.63 -26.66 20.64
N ASP B 39 -26.32 -27.12 19.59
CA ASP B 39 -26.36 -28.50 19.13
C ASP B 39 -24.99 -28.94 18.61
N VAL B 40 -24.15 -27.97 18.23
CA VAL B 40 -22.77 -28.18 17.80
C VAL B 40 -21.84 -27.32 18.66
N ALA B 41 -20.65 -27.84 18.96
CA ALA B 41 -19.70 -27.11 19.78
C ALA B 41 -18.79 -26.21 18.94
N VAL B 42 -18.46 -25.03 19.47
CA VAL B 42 -17.44 -24.15 18.91
C VAL B 42 -16.49 -23.71 20.02
N HIS B 43 -15.21 -24.08 19.89
CA HIS B 43 -14.10 -23.59 20.71
C HIS B 43 -12.82 -23.52 19.90
N ARG B 44 -11.81 -22.82 20.40
CA ARG B 44 -10.48 -22.88 19.83
C ARG B 44 -9.85 -24.25 20.07
N GLU B 45 -8.89 -24.65 19.24
CA GLU B 45 -8.27 -25.96 19.30
C GLU B 45 -7.72 -26.28 20.69
N GLU B 46 -7.13 -25.29 21.36
CA GLU B 46 -6.62 -25.46 22.71
C GLU B 46 -7.67 -26.09 23.62
N ILE B 47 -8.90 -25.57 23.53
CA ILE B 47 -10.03 -25.94 24.36
C ILE B 47 -10.60 -27.27 23.89
N TYR B 48 -10.82 -27.38 22.58
CA TYR B 48 -11.37 -28.55 21.94
C TYR B 48 -10.61 -29.82 22.34
N GLN B 49 -9.30 -29.69 22.52
CA GLN B 49 -8.43 -30.83 22.82
C GLN B 49 -8.64 -31.39 24.24
N ARG B 50 -9.19 -30.60 25.18
CA ARG B 50 -9.64 -31.13 26.47
C ARG B 50 -11.01 -31.75 26.34
N ILE B 51 -11.88 -31.13 25.55
CA ILE B 51 -13.26 -31.58 25.40
C ILE B 51 -13.28 -32.96 24.78
N GLN B 52 -12.41 -33.18 23.78
CA GLN B 52 -12.22 -34.48 23.19
C GLN B 52 -11.32 -35.40 24.01
N ALA B 53 -10.90 -34.95 25.20
CA ALA B 53 -10.23 -35.80 26.18
C ALA B 53 -11.24 -36.63 26.97
N GLY B 54 -12.52 -36.21 26.99
CA GLY B 54 -13.62 -37.03 27.50
C GLY B 54 -14.61 -36.27 28.37
N LEU B 55 -15.06 -35.09 27.93
CA LEU B 55 -15.81 -34.17 28.77
C LEU B 55 -16.43 -33.02 27.98
N THR B 56 -17.07 -32.10 28.71
CA THR B 56 -17.53 -30.80 28.22
C THR B 56 -16.98 -29.70 29.12
N ALA B 57 -17.34 -28.45 28.85
CA ALA B 57 -16.92 -27.29 29.62
C ALA B 57 -16.98 -27.56 31.13
N PRO B 58 -15.85 -27.45 31.86
CA PRO B 58 -15.79 -27.91 33.23
C PRO B 58 -16.66 -27.14 34.21
N ASP B 59 -16.68 -27.66 35.45
CA ASP B 59 -17.46 -27.15 36.56
C ASP B 59 -16.74 -26.03 37.31
N MET C 1 -17.13 31.27 -6.99
CA MET C 1 -16.23 30.20 -7.45
C MET C 1 -16.94 29.26 -8.40
N LEU C 2 -16.32 28.94 -9.53
CA LEU C 2 -16.74 27.86 -10.41
C LEU C 2 -15.67 26.76 -10.32
N ILE C 3 -16.00 25.67 -9.64
CA ILE C 3 -15.13 24.50 -9.51
C ILE C 3 -15.27 23.62 -10.75
N LEU C 4 -14.14 23.16 -11.28
CA LEU C 4 -14.10 22.13 -12.30
C LEU C 4 -13.17 21.02 -11.85
N THR C 5 -13.61 19.76 -12.01
CA THR C 5 -12.75 18.60 -11.83
C THR C 5 -12.16 18.19 -13.17
N ARG C 6 -10.90 17.74 -13.16
CA ARG C 6 -10.28 17.18 -14.35
C ARG C 6 -9.31 16.05 -14.02
N LYS C 7 -8.95 15.27 -15.05
CA LYS C 7 -7.92 14.26 -14.94
C LYS C 7 -6.60 14.80 -15.49
N VAL C 8 -5.48 14.16 -15.14
CA VAL C 8 -4.18 14.57 -15.64
C VAL C 8 -4.13 14.53 -17.18
N GLY C 9 -3.59 15.59 -17.79
CA GLY C 9 -3.46 15.74 -19.23
C GLY C 9 -4.61 16.51 -19.88
N GLU C 10 -5.67 16.84 -19.14
CA GLU C 10 -6.86 17.48 -19.69
C GLU C 10 -6.77 19.02 -19.67
N SER C 11 -7.74 19.71 -20.26
CA SER C 11 -7.69 21.15 -20.49
C SER C 11 -8.96 21.90 -20.09
N ILE C 12 -8.80 23.19 -19.78
CA ILE C 12 -9.84 24.15 -19.41
C ILE C 12 -9.58 25.46 -20.16
N ASN C 13 -10.60 26.32 -20.29
CA ASN C 13 -10.48 27.63 -20.92
C ASN C 13 -11.04 28.73 -20.02
N ILE C 14 -10.43 29.93 -20.12
CA ILE C 14 -10.84 31.12 -19.39
C ILE C 14 -10.84 32.31 -20.35
N GLY C 15 -11.82 33.21 -20.18
CA GLY C 15 -12.10 34.27 -21.13
C GLY C 15 -12.32 33.70 -22.53
N ASP C 16 -11.76 34.37 -23.53
CA ASP C 16 -11.66 33.86 -24.88
C ASP C 16 -10.21 33.82 -25.37
N ASP C 17 -9.25 34.04 -24.45
CA ASP C 17 -7.85 34.26 -24.75
C ASP C 17 -6.92 33.37 -23.92
N ILE C 18 -7.44 32.64 -22.93
CA ILE C 18 -6.64 31.85 -22.01
C ILE C 18 -7.04 30.38 -22.08
N THR C 19 -6.03 29.50 -22.09
CA THR C 19 -6.19 28.06 -21.97
C THR C 19 -5.39 27.57 -20.76
N ILE C 20 -5.92 26.58 -20.05
CA ILE C 20 -5.32 25.98 -18.86
C ILE C 20 -5.13 24.49 -19.13
N THR C 21 -3.98 23.93 -18.74
CA THR C 21 -3.70 22.52 -18.88
C THR C 21 -3.22 21.96 -17.55
N ILE C 22 -3.75 20.81 -17.13
CA ILE C 22 -3.28 20.13 -15.92
C ILE C 22 -2.33 19.03 -16.37
N LEU C 23 -1.05 19.18 -16.05
CA LEU C 23 -0.01 18.37 -16.65
C LEU C 23 0.19 17.06 -15.89
N GLY C 24 0.19 17.11 -14.55
CA GLY C 24 0.14 15.89 -13.77
C GLY C 24 0.31 16.10 -12.27
N VAL C 25 0.14 15.02 -11.50
CA VAL C 25 0.38 15.01 -10.07
C VAL C 25 1.64 14.23 -9.75
N SER C 26 2.38 14.69 -8.73
CA SER C 26 3.50 14.01 -8.13
C SER C 26 3.44 14.24 -6.63
N GLY C 27 2.93 13.28 -5.86
CA GLY C 27 2.62 13.53 -4.47
C GLY C 27 1.34 14.34 -4.32
N GLN C 28 1.36 15.28 -3.37
CA GLN C 28 0.34 16.30 -3.21
C GLN C 28 0.63 17.49 -4.12
N GLN C 29 1.70 17.40 -4.92
CA GLN C 29 2.12 18.42 -5.87
C GLN C 29 1.42 18.20 -7.21
N VAL C 30 1.11 19.30 -7.89
CA VAL C 30 0.42 19.27 -9.17
C VAL C 30 1.11 20.24 -10.12
N ARG C 31 1.62 19.73 -11.25
CA ARG C 31 2.14 20.57 -12.33
C ARG C 31 0.98 21.10 -13.16
N ILE C 32 0.80 22.42 -13.14
CA ILE C 32 -0.22 23.16 -13.86
C ILE C 32 0.44 24.02 -14.93
N GLY C 33 -0.16 24.10 -16.11
CA GLY C 33 0.25 24.99 -17.19
C GLY C 33 -0.83 26.02 -17.51
N ILE C 34 -0.41 27.27 -17.75
CA ILE C 34 -1.29 28.37 -18.07
C ILE C 34 -0.83 29.01 -19.38
N ASN C 35 -1.73 29.09 -20.36
CA ASN C 35 -1.40 29.63 -21.68
C ASN C 35 -2.24 30.87 -21.94
N ALA C 36 -1.62 32.05 -21.76
CA ALA C 36 -2.27 33.34 -21.91
C ALA C 36 -1.30 34.33 -22.55
N PRO C 37 -1.81 35.37 -23.23
CA PRO C 37 -0.99 36.45 -23.74
C PRO C 37 -0.30 37.20 -22.60
N LYS C 38 0.87 37.79 -22.88
CA LYS C 38 1.56 38.67 -21.95
C LYS C 38 0.79 39.95 -21.66
N ASP C 39 -0.39 40.11 -22.29
CA ASP C 39 -1.35 41.16 -21.97
C ASP C 39 -1.94 40.96 -20.58
N VAL C 40 -1.92 39.73 -20.06
CA VAL C 40 -2.34 39.40 -18.71
C VAL C 40 -1.20 38.76 -17.93
N ALA C 41 -1.15 39.00 -16.62
CA ALA C 41 -0.17 38.39 -15.74
C ALA C 41 -0.64 37.02 -15.26
N VAL C 42 0.29 36.14 -14.89
CA VAL C 42 -0.03 34.89 -14.22
C VAL C 42 1.01 34.62 -13.13
N HIS C 43 0.55 34.31 -11.90
CA HIS C 43 1.44 34.07 -10.77
C HIS C 43 0.79 33.21 -9.70
N ARG C 44 1.61 32.57 -8.87
CA ARG C 44 1.13 31.97 -7.63
C ARG C 44 0.88 33.07 -6.61
N GLU C 45 0.04 32.81 -5.61
CA GLU C 45 -0.50 33.84 -4.73
C GLU C 45 0.58 34.54 -3.90
N GLU C 46 1.65 33.83 -3.52
CA GLU C 46 2.75 34.41 -2.77
C GLU C 46 3.57 35.42 -3.59
N ILE C 47 3.51 35.34 -4.91
CA ILE C 47 4.15 36.31 -5.80
C ILE C 47 3.15 37.39 -6.23
N TYR C 48 1.87 37.02 -6.41
CA TYR C 48 0.82 37.95 -6.82
C TYR C 48 0.77 39.20 -5.94
N GLN C 49 1.03 39.05 -4.63
CA GLN C 49 1.01 40.13 -3.69
C GLN C 49 1.99 41.24 -4.03
N ARG C 50 3.10 40.91 -4.69
CA ARG C 50 4.07 41.88 -5.17
C ARG C 50 3.52 42.70 -6.33
N ILE C 51 2.75 42.08 -7.23
CA ILE C 51 2.13 42.79 -8.34
C ILE C 51 1.08 43.78 -7.82
N GLN C 52 0.61 43.57 -6.60
CA GLN C 52 -0.29 44.49 -5.91
C GLN C 52 0.46 45.47 -5.00
N ALA C 53 1.76 45.26 -4.78
CA ALA C 53 2.61 46.16 -4.04
C ALA C 53 3.13 47.31 -4.91
N GLY C 54 3.24 47.08 -6.22
CA GLY C 54 3.72 48.07 -7.18
C GLY C 54 5.17 47.81 -7.56
N LEU C 55 5.47 48.01 -8.86
CA LEU C 55 6.72 47.61 -9.46
C LEU C 55 7.14 48.53 -10.62
N THR C 56 6.48 49.67 -10.75
CA THR C 56 6.68 50.58 -11.88
C THR C 56 8.12 51.08 -11.92
N ALA C 57 8.68 51.17 -13.13
CA ALA C 57 10.10 51.40 -13.37
C ALA C 57 10.97 50.43 -12.58
N PRO C 58 11.05 49.16 -13.02
CA PRO C 58 11.79 48.12 -12.33
C PRO C 58 13.25 48.51 -12.06
N ASP C 59 13.67 48.27 -10.82
CA ASP C 59 15.03 48.40 -10.32
C ASP C 59 15.57 49.83 -10.33
N MET D 1 2.98 29.25 -22.86
CA MET D 1 2.60 28.61 -21.58
C MET D 1 3.57 28.97 -20.46
N LEU D 2 3.03 29.19 -19.26
CA LEU D 2 3.76 29.31 -18.01
C LEU D 2 3.36 28.14 -17.12
N ILE D 3 4.32 27.24 -16.88
CA ILE D 3 4.14 26.04 -16.08
C ILE D 3 4.76 26.26 -14.70
N LEU D 4 4.08 25.77 -13.65
CA LEU D 4 4.62 25.68 -12.31
C LEU D 4 3.92 24.58 -11.51
N THR D 5 4.57 24.08 -10.46
CA THR D 5 3.89 23.20 -9.52
C THR D 5 3.24 23.99 -8.39
N ARG D 6 2.12 23.47 -7.89
CA ARG D 6 1.52 23.92 -6.64
C ARG D 6 1.02 22.70 -5.88
N LYS D 7 1.10 22.77 -4.55
CA LYS D 7 0.50 21.77 -3.68
C LYS D 7 -0.99 22.04 -3.52
N VAL D 8 -1.73 21.00 -3.13
CA VAL D 8 -3.13 21.13 -2.76
C VAL D 8 -3.32 22.14 -1.64
N GLY D 9 -4.36 22.97 -1.76
CA GLY D 9 -4.67 24.03 -0.81
C GLY D 9 -4.01 25.37 -1.14
N GLU D 10 -3.18 25.43 -2.18
CA GLU D 10 -2.50 26.65 -2.58
C GLU D 10 -3.33 27.47 -3.57
N SER D 11 -2.90 28.71 -3.83
CA SER D 11 -3.63 29.68 -4.62
C SER D 11 -2.77 30.33 -5.71
N ILE D 12 -3.44 30.83 -6.74
CA ILE D 12 -2.86 31.31 -7.99
C ILE D 12 -3.71 32.49 -8.50
N ASN D 13 -3.14 33.32 -9.39
CA ASN D 13 -3.82 34.47 -9.96
C ASN D 13 -3.62 34.56 -11.47
N ILE D 14 -4.61 35.14 -12.17
CA ILE D 14 -4.55 35.45 -13.59
C ILE D 14 -5.10 36.86 -13.81
N GLY D 15 -4.40 37.65 -14.64
CA GLY D 15 -4.73 39.05 -14.88
C GLY D 15 -4.63 39.85 -13.59
N ASP D 16 -5.65 40.69 -13.34
CA ASP D 16 -5.82 41.39 -12.08
C ASP D 16 -7.22 41.24 -11.50
N ASP D 17 -8.03 40.33 -12.07
CA ASP D 17 -9.40 40.09 -11.65
C ASP D 17 -9.71 38.62 -11.37
N ILE D 18 -8.88 37.69 -11.82
CA ILE D 18 -9.18 36.27 -11.76
C ILE D 18 -8.27 35.57 -10.76
N THR D 19 -8.87 34.77 -9.87
CA THR D 19 -8.15 33.94 -8.91
C THR D 19 -8.40 32.47 -9.20
N ILE D 20 -7.38 31.64 -8.97
CA ILE D 20 -7.41 30.20 -9.21
C ILE D 20 -6.93 29.50 -7.94
N THR D 21 -7.56 28.38 -7.56
CA THR D 21 -7.23 27.67 -6.34
C THR D 21 -7.19 26.17 -6.61
N ILE D 22 -6.14 25.48 -6.17
CA ILE D 22 -6.10 24.03 -6.24
C ILE D 22 -6.76 23.47 -4.97
N LEU D 23 -8.00 22.99 -5.11
CA LEU D 23 -8.82 22.58 -3.99
C LEU D 23 -8.40 21.21 -3.48
N GLY D 24 -7.88 20.36 -4.37
CA GLY D 24 -7.26 19.11 -3.99
C GLY D 24 -7.09 18.14 -5.17
N VAL D 25 -6.64 16.92 -4.87
CA VAL D 25 -6.64 15.81 -5.82
C VAL D 25 -7.56 14.69 -5.32
N SER D 26 -7.98 13.83 -6.24
CA SER D 26 -8.66 12.58 -5.93
C SER D 26 -8.18 11.49 -6.89
N GLY D 27 -6.97 10.97 -6.66
CA GLY D 27 -6.34 10.02 -7.55
C GLY D 27 -5.65 10.71 -8.72
N GLN D 28 -6.15 10.46 -9.92
CA GLN D 28 -5.71 11.15 -11.13
C GLN D 28 -6.52 12.43 -11.33
N GLN D 29 -7.55 12.64 -10.51
CA GLN D 29 -8.30 13.88 -10.52
C GLN D 29 -7.53 15.02 -9.88
N VAL D 30 -7.80 16.22 -10.39
CA VAL D 30 -7.41 17.48 -9.78
C VAL D 30 -8.65 18.35 -9.72
N ARG D 31 -9.06 18.73 -8.50
CA ARG D 31 -10.23 19.54 -8.24
C ARG D 31 -9.80 21.00 -8.13
N ILE D 32 -10.21 21.83 -9.11
CA ILE D 32 -9.70 23.17 -9.29
C ILE D 32 -10.83 24.19 -9.18
N GLY D 33 -10.65 25.20 -8.33
CA GLY D 33 -11.55 26.33 -8.23
C GLY D 33 -11.09 27.47 -9.13
N ILE D 34 -12.04 28.08 -9.86
CA ILE D 34 -11.81 29.29 -10.63
C ILE D 34 -12.73 30.38 -10.12
N ASN D 35 -12.22 31.61 -10.05
CA ASN D 35 -12.96 32.75 -9.53
C ASN D 35 -12.71 33.97 -10.41
N ALA D 36 -13.56 34.13 -11.42
CA ALA D 36 -13.52 35.25 -12.35
C ALA D 36 -14.82 36.04 -12.29
N PRO D 37 -14.81 37.33 -12.65
CA PRO D 37 -16.04 38.09 -12.83
C PRO D 37 -16.88 37.49 -13.96
N LYS D 38 -18.20 37.64 -13.89
CA LYS D 38 -19.10 37.19 -14.95
C LYS D 38 -18.97 38.03 -16.22
N ASP D 39 -18.09 39.05 -16.18
CA ASP D 39 -17.66 39.80 -17.34
C ASP D 39 -16.83 38.93 -18.30
N VAL D 40 -16.27 37.82 -17.80
CA VAL D 40 -15.50 36.87 -18.57
C VAL D 40 -16.03 35.45 -18.36
N ALA D 41 -15.71 34.55 -19.30
CA ALA D 41 -16.17 33.18 -19.29
C ALA D 41 -15.15 32.22 -18.70
N VAL D 42 -15.61 31.06 -18.20
CA VAL D 42 -14.74 29.96 -17.84
C VAL D 42 -15.47 28.63 -18.05
N HIS D 43 -14.89 27.73 -18.84
CA HIS D 43 -15.44 26.39 -19.04
C HIS D 43 -14.34 25.37 -19.31
N ARG D 44 -14.65 24.08 -19.11
CA ARG D 44 -13.78 22.99 -19.54
C ARG D 44 -13.70 22.97 -21.07
N GLU D 45 -12.60 22.44 -21.63
CA GLU D 45 -12.34 22.52 -23.05
C GLU D 45 -13.44 21.90 -23.90
N GLU D 46 -14.07 20.82 -23.41
CA GLU D 46 -15.28 20.26 -24.00
C GLU D 46 -16.39 21.30 -24.07
N ILE D 47 -16.72 21.88 -22.91
CA ILE D 47 -17.84 22.79 -22.74
C ILE D 47 -17.61 24.04 -23.56
N TYR D 48 -16.39 24.56 -23.52
CA TYR D 48 -15.96 25.76 -24.19
C TYR D 48 -16.37 25.79 -25.66
N GLN D 49 -16.21 24.66 -26.36
CA GLN D 49 -16.50 24.57 -27.78
C GLN D 49 -17.97 24.86 -28.10
N ARG D 50 -18.88 24.74 -27.13
CA ARG D 50 -20.27 25.12 -27.32
C ARG D 50 -20.40 26.64 -27.27
N ILE D 51 -19.85 27.26 -26.22
CA ILE D 51 -19.85 28.70 -26.02
C ILE D 51 -19.09 29.44 -27.13
N GLN D 52 -18.25 28.72 -27.87
CA GLN D 52 -17.61 29.28 -29.06
C GLN D 52 -18.32 28.95 -30.38
N ALA D 53 -18.97 27.80 -30.53
CA ALA D 53 -19.48 27.35 -31.82
C ALA D 53 -21.00 27.32 -31.95
N GLY D 54 -21.74 27.38 -30.85
CA GLY D 54 -23.19 27.20 -30.83
C GLY D 54 -23.89 28.00 -29.73
N LEU D 55 -23.10 28.62 -28.85
CA LEU D 55 -23.50 29.60 -27.86
C LEU D 55 -24.60 29.08 -26.95
N THR D 56 -24.34 27.95 -26.29
CA THR D 56 -25.32 27.35 -25.41
C THR D 56 -25.45 28.12 -24.11
N ALA D 57 -24.32 28.63 -23.61
CA ALA D 57 -24.23 29.58 -22.52
C ALA D 57 -23.39 30.77 -22.97
N PRO D 58 -23.97 31.69 -23.76
CA PRO D 58 -23.24 32.75 -24.44
C PRO D 58 -22.36 33.56 -23.50
N ASP D 59 -22.91 33.93 -22.35
CA ASP D 59 -22.32 34.87 -21.41
C ASP D 59 -23.04 34.80 -20.06
N MET E 1 35.18 -9.17 3.41
CA MET E 1 34.12 -8.30 2.86
C MET E 1 33.90 -8.61 1.39
N LEU E 2 32.64 -8.65 0.95
CA LEU E 2 32.26 -9.06 -0.40
C LEU E 2 31.44 -7.96 -1.06
N ILE E 3 31.94 -7.44 -2.19
CA ILE E 3 31.30 -6.38 -2.96
C ILE E 3 30.68 -6.98 -4.22
N LEU E 4 29.45 -6.55 -4.53
CA LEU E 4 28.67 -6.97 -5.68
C LEU E 4 28.07 -5.75 -6.38
N THR E 5 27.63 -5.94 -7.62
CA THR E 5 26.80 -4.95 -8.32
C THR E 5 25.63 -5.66 -8.98
N ARG E 6 24.47 -5.63 -8.31
CA ARG E 6 23.23 -6.22 -8.76
C ARG E 6 22.29 -5.14 -9.26
N LYS E 7 21.35 -5.47 -10.16
CA LYS E 7 20.33 -4.51 -10.57
C LYS E 7 18.95 -4.86 -10.06
N VAL E 8 18.01 -3.92 -10.26
CA VAL E 8 16.69 -3.99 -9.65
C VAL E 8 15.98 -5.31 -9.99
N GLY E 9 15.51 -5.98 -8.94
CA GLY E 9 14.75 -7.21 -9.04
C GLY E 9 15.59 -8.47 -8.90
N GLU E 10 16.92 -8.34 -8.76
CA GLU E 10 17.83 -9.46 -8.59
C GLU E 10 18.06 -9.76 -7.11
N SER E 11 18.68 -10.90 -6.80
CA SER E 11 18.74 -11.43 -5.44
C SER E 11 20.14 -11.85 -5.01
N ILE E 12 20.33 -11.92 -3.69
CA ILE E 12 21.59 -12.21 -3.00
C ILE E 12 21.26 -13.04 -1.77
N ASN E 13 22.22 -13.81 -1.25
CA ASN E 13 21.97 -14.74 -0.15
C ASN E 13 23.09 -14.73 0.89
N ILE E 14 22.70 -15.00 2.14
CA ILE E 14 23.59 -15.01 3.30
C ILE E 14 23.26 -16.23 4.15
N GLY E 15 24.29 -16.90 4.68
CA GLY E 15 24.13 -18.11 5.46
C GLY E 15 23.46 -19.21 4.67
N ASP E 16 22.48 -19.89 5.28
CA ASP E 16 21.64 -20.88 4.64
C ASP E 16 20.16 -20.58 4.85
N ASP E 17 19.83 -19.40 5.38
CA ASP E 17 18.50 -19.06 5.83
C ASP E 17 18.08 -17.63 5.47
N ILE E 18 18.99 -16.81 4.93
CA ILE E 18 18.72 -15.41 4.67
C ILE E 18 18.81 -15.12 3.17
N THR E 19 17.82 -14.38 2.67
CA THR E 19 17.74 -13.92 1.29
C THR E 19 17.54 -12.41 1.25
N ILE E 20 18.16 -11.77 0.25
CA ILE E 20 18.00 -10.36 -0.04
C ILE E 20 17.49 -10.23 -1.48
N THR E 21 16.54 -9.33 -1.70
CA THR E 21 16.07 -8.96 -3.03
C THR E 21 16.04 -7.44 -3.14
N ILE E 22 16.70 -6.87 -4.16
CA ILE E 22 16.71 -5.44 -4.37
C ILE E 22 15.43 -5.08 -5.13
N LEU E 23 14.47 -4.42 -4.47
CA LEU E 23 13.14 -4.23 -5.04
C LEU E 23 13.17 -3.19 -6.15
N GLY E 24 13.90 -2.11 -5.96
CA GLY E 24 14.21 -1.15 -7.02
C GLY E 24 14.69 0.20 -6.50
N VAL E 25 15.02 1.13 -7.39
CA VAL E 25 15.61 2.42 -7.05
C VAL E 25 14.62 3.57 -7.19
N SER E 26 14.90 4.67 -6.50
CA SER E 26 14.22 5.96 -6.65
C SER E 26 15.19 7.08 -6.36
N GLY E 27 15.88 7.58 -7.40
CA GLY E 27 16.96 8.53 -7.21
C GLY E 27 18.16 7.87 -6.53
N GLN E 28 18.48 8.31 -5.30
CA GLN E 28 19.52 7.70 -4.50
C GLN E 28 18.97 6.63 -3.56
N GLN E 29 17.67 6.69 -3.28
CA GLN E 29 17.01 5.74 -2.42
C GLN E 29 16.90 4.39 -3.13
N VAL E 30 17.15 3.32 -2.37
CA VAL E 30 17.12 1.96 -2.86
C VAL E 30 16.19 1.18 -1.95
N ARG E 31 15.07 0.69 -2.51
CA ARG E 31 14.13 -0.14 -1.79
C ARG E 31 14.61 -1.58 -1.83
N ILE E 32 14.75 -2.21 -0.66
CA ILE E 32 15.41 -3.50 -0.51
C ILE E 32 14.56 -4.40 0.38
N GLY E 33 14.31 -5.63 -0.06
CA GLY E 33 13.66 -6.66 0.73
C GLY E 33 14.67 -7.58 1.39
N ILE E 34 14.41 -7.96 2.64
CA ILE E 34 15.24 -8.86 3.44
C ILE E 34 14.35 -9.94 4.04
N ASN E 35 14.80 -11.19 3.93
CA ASN E 35 13.99 -12.34 4.29
C ASN E 35 14.83 -13.31 5.13
N ALA E 36 14.64 -13.23 6.45
CA ALA E 36 15.29 -14.08 7.42
C ALA E 36 14.28 -14.56 8.46
N PRO E 37 14.55 -15.71 9.11
CA PRO E 37 13.76 -16.17 10.24
C PRO E 37 13.80 -15.18 11.40
N LYS E 38 12.81 -15.26 12.28
CA LYS E 38 12.81 -14.54 13.55
C LYS E 38 13.86 -15.07 14.53
N ASP E 39 14.59 -16.10 14.10
CA ASP E 39 15.77 -16.61 14.77
C ASP E 39 16.91 -15.59 14.79
N VAL E 40 16.92 -14.66 13.84
CA VAL E 40 17.94 -13.63 13.71
C VAL E 40 17.33 -12.24 13.80
N ALA E 41 18.16 -11.26 14.16
CA ALA E 41 17.77 -9.85 14.14
C ALA E 41 18.03 -9.22 12.78
N VAL E 42 17.29 -8.16 12.45
CA VAL E 42 17.58 -7.32 11.30
C VAL E 42 17.01 -5.92 11.50
N HIS E 43 17.86 -4.90 11.40
CA HIS E 43 17.49 -3.50 11.55
C HIS E 43 18.39 -2.62 10.69
N ARG E 44 18.03 -1.35 10.49
CA ARG E 44 18.95 -0.40 9.88
C ARG E 44 19.95 0.09 10.91
N GLU E 45 21.06 0.65 10.45
CA GLU E 45 22.22 0.96 11.29
C GLU E 45 21.88 1.92 12.44
N GLU E 46 20.80 2.70 12.30
CA GLU E 46 20.28 3.57 13.34
C GLU E 46 19.78 2.78 14.54
N ILE E 47 18.94 1.77 14.28
CA ILE E 47 18.29 0.98 15.31
C ILE E 47 19.29 0.02 15.94
N TYR E 48 20.25 -0.47 15.15
CA TYR E 48 21.27 -1.40 15.60
C TYR E 48 22.05 -0.86 16.80
N GLN E 49 22.29 0.45 16.84
CA GLN E 49 23.06 1.08 17.89
C GLN E 49 22.33 1.08 19.23
N ARG E 50 20.99 1.05 19.22
CA ARG E 50 20.17 0.95 20.43
C ARG E 50 20.29 -0.43 21.05
N ILE E 51 20.67 -1.41 20.24
CA ILE E 51 20.64 -2.82 20.60
C ILE E 51 22.04 -3.25 21.06
N GLN E 52 23.06 -2.88 20.31
CA GLN E 52 24.45 -3.14 20.66
C GLN E 52 24.95 -2.29 21.83
N ALA E 53 24.06 -1.48 22.42
CA ALA E 53 24.31 -0.78 23.66
C ALA E 53 24.57 -1.73 24.83
N GLY E 54 24.08 -2.97 24.73
CA GLY E 54 24.44 -4.04 25.66
C GLY E 54 23.35 -5.09 25.85
N LEU E 55 22.57 -5.36 24.80
CA LEU E 55 21.36 -6.18 24.90
C LEU E 55 20.98 -6.77 23.55
N THR E 56 19.88 -7.52 23.50
CA THR E 56 19.28 -8.00 22.26
C THR E 56 17.77 -7.80 22.25
N ALA E 57 17.14 -8.01 23.41
CA ALA E 57 15.70 -7.91 23.62
C ALA E 57 15.29 -7.31 24.96
N PRO E 58 16.12 -7.38 26.02
CA PRO E 58 15.73 -6.83 27.32
C PRO E 58 15.73 -5.31 27.38
N ASP E 59 15.43 -4.79 28.56
CA ASP E 59 15.33 -3.36 28.85
C ASP E 59 16.70 -2.67 28.85
N MET F 1 9.70 -11.16 6.52
CA MET F 1 10.05 -10.33 5.36
C MET F 1 10.04 -8.85 5.72
N LEU F 2 11.22 -8.24 5.81
CA LEU F 2 11.35 -6.80 6.01
C LEU F 2 11.62 -6.09 4.70
N ILE F 3 11.16 -4.84 4.58
CA ILE F 3 11.48 -3.98 3.47
C ILE F 3 11.99 -2.64 4.00
N LEU F 4 13.17 -2.24 3.53
CA LEU F 4 13.86 -1.02 3.90
C LEU F 4 13.98 -0.11 2.69
N THR F 5 14.13 1.19 2.92
CA THR F 5 14.50 2.13 1.86
C THR F 5 15.75 2.89 2.27
N ARG F 6 16.89 2.49 1.69
CA ARG F 6 18.22 2.95 2.07
C ARG F 6 18.85 3.71 0.92
N LYS F 7 19.32 4.95 1.12
CA LYS F 7 20.04 5.64 0.07
C LYS F 7 21.54 5.37 0.11
N VAL F 8 22.20 5.74 -0.98
CA VAL F 8 23.61 5.38 -1.21
C VAL F 8 24.51 5.89 -0.09
N GLY F 9 25.42 5.02 0.35
CA GLY F 9 26.40 5.32 1.38
C GLY F 9 25.95 4.92 2.80
N GLU F 10 24.69 4.52 2.98
CA GLU F 10 24.15 4.14 4.28
C GLU F 10 24.19 2.63 4.49
N SER F 11 23.87 2.19 5.72
CA SER F 11 24.07 0.81 6.15
C SER F 11 22.84 0.19 6.82
N ILE F 12 22.83 -1.14 6.85
CA ILE F 12 21.83 -2.00 7.46
C ILE F 12 22.56 -3.15 8.16
N ASN F 13 21.94 -3.78 9.17
CA ASN F 13 22.57 -4.81 9.97
C ASN F 13 21.69 -6.05 10.12
N ILE F 14 22.32 -7.21 10.25
CA ILE F 14 21.66 -8.50 10.43
C ILE F 14 22.39 -9.28 11.52
N GLY F 15 21.64 -10.00 12.36
CA GLY F 15 22.17 -10.71 13.50
C GLY F 15 22.89 -9.77 14.46
N ASP F 16 24.03 -10.22 14.99
CA ASP F 16 24.91 -9.42 15.83
C ASP F 16 26.32 -9.32 15.26
N ASP F 17 26.54 -9.78 14.02
CA ASP F 17 27.84 -9.77 13.37
C ASP F 17 27.83 -9.27 11.93
N ILE F 18 26.67 -9.26 11.25
CA ILE F 18 26.60 -8.99 9.82
C ILE F 18 26.24 -7.52 9.57
N THR F 19 26.93 -6.92 8.60
CA THR F 19 26.65 -5.57 8.13
C THR F 19 26.46 -5.57 6.62
N ILE F 20 25.49 -4.77 6.15
CA ILE F 20 25.21 -4.51 4.74
C ILE F 20 25.38 -3.02 4.49
N THR F 21 25.96 -2.67 3.35
CA THR F 21 26.14 -1.27 2.95
C THR F 21 25.77 -1.11 1.48
N ILE F 22 24.89 -0.14 1.18
CA ILE F 22 24.62 0.27 -0.18
C ILE F 22 25.71 1.23 -0.63
N LEU F 23 26.56 0.79 -1.57
CA LEU F 23 27.76 1.52 -1.97
C LEU F 23 27.44 2.58 -3.02
N GLY F 24 26.39 2.36 -3.83
CA GLY F 24 25.89 3.35 -4.75
C GLY F 24 25.06 2.76 -5.90
N VAL F 25 24.69 3.59 -6.87
CA VAL F 25 23.90 3.16 -8.03
C VAL F 25 24.54 3.58 -9.34
N SER F 26 24.14 2.90 -10.43
CA SER F 26 24.44 3.27 -11.79
C SER F 26 23.30 2.81 -12.70
N GLY F 27 22.31 3.68 -12.91
CA GLY F 27 21.13 3.36 -13.72
C GLY F 27 20.17 2.45 -12.97
N GLN F 28 20.17 1.15 -13.32
CA GLN F 28 19.46 0.13 -12.55
C GLN F 28 20.40 -0.68 -11.68
N GLN F 29 21.70 -0.62 -11.95
CA GLN F 29 22.70 -1.32 -11.16
C GLN F 29 22.86 -0.62 -9.81
N VAL F 30 23.12 -1.43 -8.79
CA VAL F 30 23.13 -1.06 -7.38
C VAL F 30 24.30 -1.80 -6.77
N ARG F 31 25.37 -1.05 -6.44
CA ARG F 31 26.60 -1.61 -5.91
C ARG F 31 26.47 -1.77 -4.41
N ILE F 32 26.75 -2.97 -3.90
CA ILE F 32 26.45 -3.38 -2.54
C ILE F 32 27.65 -4.06 -1.90
N GLY F 33 27.89 -3.78 -0.63
CA GLY F 33 28.92 -4.45 0.18
C GLY F 33 28.28 -5.26 1.31
N ILE F 34 28.80 -6.45 1.55
CA ILE F 34 28.41 -7.33 2.64
C ILE F 34 29.62 -7.68 3.48
N ASN F 35 29.43 -7.68 4.81
CA ASN F 35 30.45 -8.01 5.78
C ASN F 35 29.87 -9.00 6.79
N ALA F 36 30.29 -10.26 6.70
CA ALA F 36 29.84 -11.34 7.56
C ALA F 36 31.01 -12.16 8.11
N PRO F 37 30.81 -12.86 9.23
CA PRO F 37 31.81 -13.76 9.78
C PRO F 37 32.07 -14.95 8.87
N LYS F 38 33.19 -15.64 9.10
CA LYS F 38 33.52 -16.89 8.42
C LYS F 38 32.63 -18.05 8.87
N ASP F 39 31.81 -17.83 9.88
CA ASP F 39 30.79 -18.76 10.35
C ASP F 39 29.66 -18.93 9.34
N VAL F 40 29.52 -18.01 8.40
CA VAL F 40 28.46 -18.02 7.40
C VAL F 40 29.03 -17.84 6.00
N ALA F 41 28.22 -18.17 4.98
CA ALA F 41 28.53 -17.91 3.58
C ALA F 41 27.80 -16.67 3.08
N VAL F 42 28.23 -16.13 1.94
CA VAL F 42 27.52 -15.08 1.22
C VAL F 42 27.88 -15.12 -0.26
N HIS F 43 26.86 -15.14 -1.12
CA HIS F 43 27.00 -15.08 -2.57
C HIS F 43 25.78 -14.42 -3.20
N ARG F 44 25.82 -14.19 -4.52
CA ARG F 44 24.64 -13.80 -5.25
C ARG F 44 23.72 -15.01 -5.43
N GLU F 45 22.43 -14.78 -5.70
CA GLU F 45 21.43 -15.84 -5.71
C GLU F 45 21.71 -16.90 -6.78
N GLU F 46 22.48 -16.55 -7.82
CA GLU F 46 22.94 -17.48 -8.82
C GLU F 46 23.79 -18.60 -8.21
N ILE F 47 24.79 -18.21 -7.40
CA ILE F 47 25.79 -19.13 -6.89
C ILE F 47 25.21 -19.90 -5.69
N TYR F 48 24.31 -19.24 -4.95
CA TYR F 48 23.62 -19.84 -3.81
C TYR F 48 22.92 -21.15 -4.15
N GLN F 49 22.38 -21.25 -5.37
CA GLN F 49 21.66 -22.43 -5.82
C GLN F 49 22.56 -23.65 -5.94
N ARG F 50 23.88 -23.47 -6.08
CA ARG F 50 24.84 -24.55 -6.09
C ARG F 50 25.19 -24.98 -4.67
N ILE F 51 25.23 -24.02 -3.73
CA ILE F 51 25.40 -24.29 -2.32
C ILE F 51 24.27 -25.19 -1.82
N GLN F 52 23.04 -24.82 -2.16
CA GLN F 52 21.82 -25.43 -1.65
C GLN F 52 21.40 -26.68 -2.43
N ALA F 53 22.21 -27.08 -3.41
CA ALA F 53 22.00 -28.31 -4.17
C ALA F 53 22.18 -29.56 -3.31
N GLY F 54 22.77 -29.43 -2.11
CA GLY F 54 22.81 -30.49 -1.12
C GLY F 54 24.21 -30.75 -0.59
N LEU F 55 24.92 -29.70 -0.15
CA LEU F 55 26.33 -29.79 0.17
C LEU F 55 26.82 -28.77 1.20
N THR F 56 26.52 -27.49 0.97
CA THR F 56 27.10 -26.36 1.68
C THR F 56 28.62 -26.40 1.78
N ALA F 57 29.28 -27.11 0.85
CA ALA F 57 30.73 -27.18 0.76
C ALA F 57 31.13 -27.64 -0.64
N PRO F 58 31.96 -26.89 -1.37
CA PRO F 58 32.52 -27.32 -2.63
C PRO F 58 33.16 -28.69 -2.54
N ASP F 59 32.87 -29.55 -3.52
CA ASP F 59 33.49 -30.85 -3.71
C ASP F 59 33.27 -31.81 -2.54
N MET A 1 -24.54 -15.86 19.93
CA MET A 1 -23.42 -15.89 18.98
C MET A 1 -22.11 -15.83 19.74
N LEU A 2 -21.12 -16.67 19.39
CA LEU A 2 -19.87 -16.78 20.10
C LEU A 2 -18.78 -16.01 19.35
N ILE A 3 -18.24 -14.95 19.97
CA ILE A 3 -17.20 -14.12 19.39
C ILE A 3 -15.84 -14.48 19.96
N LEU A 4 -14.83 -14.54 19.09
CA LEU A 4 -13.43 -14.74 19.46
C LEU A 4 -12.55 -13.73 18.74
N THR A 5 -11.33 -13.53 19.25
CA THR A 5 -10.37 -12.60 18.68
C THR A 5 -9.05 -13.34 18.47
N ARG A 6 -8.77 -13.75 17.23
CA ARG A 6 -7.65 -14.63 16.93
C ARG A 6 -6.69 -13.96 15.96
N LYS A 7 -5.39 -14.26 16.11
CA LYS A 7 -4.32 -13.58 15.41
C LYS A 7 -3.80 -14.45 14.28
N VAL A 8 -3.11 -13.84 13.32
CA VAL A 8 -2.58 -14.53 12.16
C VAL A 8 -1.85 -15.82 12.56
N GLY A 9 -2.21 -16.93 11.93
CA GLY A 9 -1.61 -18.23 12.15
C GLY A 9 -2.36 -19.10 13.15
N GLU A 10 -3.38 -18.56 13.82
CA GLU A 10 -4.17 -19.28 14.82
C GLU A 10 -5.38 -19.97 14.20
N SER A 11 -6.08 -20.79 14.98
CA SER A 11 -7.14 -21.66 14.48
C SER A 11 -8.35 -21.76 15.41
N ILE A 12 -9.49 -22.14 14.83
CA ILE A 12 -10.75 -22.43 15.52
C ILE A 12 -11.16 -23.88 15.22
N ASN A 13 -12.02 -24.45 16.07
CA ASN A 13 -12.62 -25.76 15.85
C ASN A 13 -14.13 -25.71 16.05
N ILE A 14 -14.88 -26.40 15.19
CA ILE A 14 -16.33 -26.43 15.20
C ILE A 14 -16.81 -27.87 15.08
N GLY A 15 -17.73 -28.28 15.96
CA GLY A 15 -18.33 -29.61 15.93
C GLY A 15 -17.33 -30.68 16.31
N ASP A 16 -17.17 -31.67 15.44
CA ASP A 16 -16.23 -32.77 15.61
C ASP A 16 -15.36 -32.98 14.37
N ASP A 17 -15.61 -32.23 13.29
CA ASP A 17 -15.03 -32.48 11.98
C ASP A 17 -14.57 -31.23 11.25
N ILE A 18 -14.88 -30.02 11.75
CA ILE A 18 -14.55 -28.78 11.09
C ILE A 18 -13.49 -28.02 11.88
N THR A 19 -12.52 -27.45 11.14
CA THR A 19 -11.43 -26.65 11.70
C THR A 19 -11.17 -25.46 10.81
N ILE A 20 -10.86 -24.30 11.38
CA ILE A 20 -10.70 -23.03 10.66
C ILE A 20 -9.34 -22.44 11.00
N THR A 21 -8.71 -21.72 10.07
CA THR A 21 -7.40 -21.11 10.27
C THR A 21 -7.38 -19.72 9.65
N ILE A 22 -6.76 -18.75 10.34
CA ILE A 22 -6.51 -17.43 9.79
C ILE A 22 -5.12 -17.42 9.18
N LEU A 23 -5.03 -17.54 7.85
CA LEU A 23 -3.76 -17.71 7.15
C LEU A 23 -2.99 -16.39 7.13
N GLY A 24 -3.69 -15.25 7.19
CA GLY A 24 -3.08 -13.95 7.39
C GLY A 24 -4.06 -12.79 7.23
N VAL A 25 -3.55 -11.56 7.20
CA VAL A 25 -4.34 -10.36 6.95
C VAL A 25 -3.69 -9.48 5.90
N SER A 26 -4.51 -8.65 5.26
CA SER A 26 -4.14 -7.81 4.13
C SER A 26 -4.85 -6.45 4.25
N GLY A 27 -4.56 -5.72 5.33
CA GLY A 27 -5.24 -4.47 5.63
C GLY A 27 -6.65 -4.70 6.12
N GLN A 28 -7.64 -4.12 5.42
CA GLN A 28 -9.05 -4.34 5.71
C GLN A 28 -9.55 -5.68 5.15
N GLN A 29 -8.69 -6.40 4.43
CA GLN A 29 -8.95 -7.77 4.04
C GLN A 29 -8.26 -8.77 4.96
N VAL A 30 -8.77 -10.01 4.95
CA VAL A 30 -8.46 -11.08 5.86
C VAL A 30 -8.39 -12.38 5.08
N ARG A 31 -7.31 -13.16 5.24
CA ARG A 31 -7.08 -14.36 4.46
C ARG A 31 -7.44 -15.57 5.33
N ILE A 32 -8.61 -16.15 5.07
CA ILE A 32 -9.22 -17.19 5.90
C ILE A 32 -9.17 -18.53 5.17
N GLY A 33 -8.88 -19.61 5.89
CA GLY A 33 -8.94 -20.97 5.37
C GLY A 33 -9.84 -21.87 6.22
N ILE A 34 -10.58 -22.76 5.56
CA ILE A 34 -11.47 -23.72 6.19
C ILE A 34 -10.95 -25.13 5.91
N ASN A 35 -10.96 -26.00 6.93
CA ASN A 35 -10.65 -27.41 6.82
C ASN A 35 -11.85 -28.22 7.26
N ALA A 36 -12.80 -28.40 6.34
CA ALA A 36 -13.94 -29.30 6.51
C ALA A 36 -13.90 -30.41 5.45
N PRO A 37 -14.48 -31.58 5.73
CA PRO A 37 -14.53 -32.67 4.79
C PRO A 37 -15.56 -32.41 3.69
N LYS A 38 -15.41 -33.06 2.53
CA LYS A 38 -16.33 -32.91 1.41
C LYS A 38 -17.71 -33.49 1.70
N ASP A 39 -17.90 -34.06 2.90
CA ASP A 39 -19.20 -34.45 3.41
C ASP A 39 -20.09 -33.24 3.67
N VAL A 40 -19.47 -32.11 4.02
CA VAL A 40 -20.17 -30.87 4.34
C VAL A 40 -19.79 -29.75 3.38
N ALA A 41 -20.76 -28.90 3.05
CA ALA A 41 -20.59 -27.80 2.12
C ALA A 41 -20.04 -26.58 2.84
N VAL A 42 -19.16 -25.81 2.19
CA VAL A 42 -18.70 -24.53 2.70
C VAL A 42 -18.76 -23.48 1.59
N HIS A 43 -19.39 -22.34 1.86
CA HIS A 43 -19.56 -21.27 0.88
C HIS A 43 -19.62 -19.92 1.55
N ARG A 44 -19.18 -18.87 0.85
CA ARG A 44 -19.37 -17.50 1.29
C ARG A 44 -20.85 -17.11 1.27
N GLU A 45 -21.20 -16.07 2.02
CA GLU A 45 -22.58 -15.60 2.11
C GLU A 45 -23.00 -14.88 0.82
N GLU A 46 -22.04 -14.34 0.08
CA GLU A 46 -22.23 -13.80 -1.26
C GLU A 46 -22.74 -14.85 -2.25
N ILE A 47 -22.56 -16.14 -1.95
CA ILE A 47 -22.88 -17.23 -2.87
C ILE A 47 -23.87 -18.20 -2.23
N TYR A 48 -23.88 -18.36 -0.91
CA TYR A 48 -24.75 -19.31 -0.24
C TYR A 48 -26.21 -18.97 -0.50
N GLN A 49 -26.50 -17.68 -0.67
CA GLN A 49 -27.84 -17.20 -0.94
C GLN A 49 -28.25 -17.43 -2.40
N ARG A 50 -27.29 -17.75 -3.28
CA ARG A 50 -27.55 -18.22 -4.64
C ARG A 50 -27.88 -19.70 -4.65
N ILE A 51 -27.26 -20.47 -3.76
CA ILE A 51 -27.59 -21.87 -3.55
C ILE A 51 -29.01 -21.97 -3.02
N GLN A 52 -29.30 -21.21 -1.95
CA GLN A 52 -30.58 -21.23 -1.27
C GLN A 52 -31.61 -20.33 -1.93
N ALA A 53 -31.26 -19.74 -3.08
CA ALA A 53 -32.24 -19.05 -3.92
C ALA A 53 -33.35 -19.99 -4.36
N GLY A 54 -33.02 -21.27 -4.52
CA GLY A 54 -33.98 -22.33 -4.78
C GLY A 54 -33.35 -23.59 -5.38
N LEU A 55 -32.02 -23.76 -5.27
CA LEU A 55 -31.36 -24.90 -5.86
C LEU A 55 -31.25 -25.99 -4.81
N THR A 56 -32.27 -26.85 -4.78
CA THR A 56 -32.56 -27.85 -3.76
C THR A 56 -34.02 -28.27 -3.92
N ALA A 57 -34.43 -29.33 -3.23
CA ALA A 57 -35.83 -29.70 -3.09
C ALA A 57 -36.37 -29.20 -1.75
N PRO A 58 -37.67 -28.90 -1.65
CA PRO A 58 -38.25 -28.31 -0.46
C PRO A 58 -38.41 -29.34 0.67
N ASP A 59 -38.86 -30.55 0.33
CA ASP A 59 -39.26 -31.54 1.32
C ASP A 59 -39.27 -32.95 0.73
N MET B 1 -7.77 -27.85 2.84
CA MET B 1 -8.05 -26.42 3.05
C MET B 1 -8.85 -25.84 1.90
N LEU B 2 -9.79 -24.95 2.21
CA LEU B 2 -10.51 -24.12 1.25
C LEU B 2 -10.32 -22.65 1.65
N ILE B 3 -9.59 -21.88 0.84
CA ILE B 3 -9.14 -20.54 1.19
C ILE B 3 -10.00 -19.47 0.51
N LEU B 4 -10.25 -18.39 1.26
CA LEU B 4 -10.98 -17.22 0.82
C LEU B 4 -10.27 -15.95 1.28
N THR B 5 -10.39 -14.88 0.50
CA THR B 5 -9.97 -13.56 0.92
C THR B 5 -11.21 -12.71 1.19
N ARG B 6 -11.35 -12.29 2.44
CA ARG B 6 -12.54 -11.70 3.01
C ARG B 6 -12.28 -10.25 3.38
N LYS B 7 -13.31 -9.38 3.43
CA LYS B 7 -13.18 -8.07 4.05
C LYS B 7 -14.04 -7.98 5.29
N VAL B 8 -13.72 -7.03 6.16
CA VAL B 8 -14.49 -6.85 7.39
C VAL B 8 -15.95 -6.56 7.08
N GLY B 9 -16.83 -7.32 7.73
CA GLY B 9 -18.27 -7.22 7.54
C GLY B 9 -18.86 -8.26 6.58
N GLU B 10 -18.04 -9.07 5.90
CA GLU B 10 -18.53 -10.19 5.11
C GLU B 10 -18.76 -11.43 5.97
N SER B 11 -19.42 -12.45 5.39
CA SER B 11 -19.83 -13.64 6.11
C SER B 11 -19.60 -14.91 5.28
N ILE B 12 -19.48 -16.05 5.98
CA ILE B 12 -19.25 -17.38 5.42
C ILE B 12 -20.24 -18.35 6.07
N ASN B 13 -20.60 -19.43 5.38
CA ASN B 13 -21.55 -20.43 5.84
C ASN B 13 -20.96 -21.83 5.72
N ILE B 14 -21.23 -22.70 6.69
CA ILE B 14 -20.77 -24.08 6.73
C ILE B 14 -21.94 -25.01 7.04
N GLY B 15 -22.09 -26.06 6.23
CA GLY B 15 -23.23 -26.96 6.30
C GLY B 15 -24.54 -26.20 6.10
N ASP B 16 -25.52 -26.47 6.96
CA ASP B 16 -26.78 -25.75 7.00
C ASP B 16 -27.07 -25.17 8.40
N ASP B 17 -26.13 -25.30 9.33
CA ASP B 17 -26.34 -24.95 10.73
C ASP B 17 -25.37 -23.88 11.23
N ILE B 18 -24.25 -23.66 10.53
CA ILE B 18 -23.18 -22.80 10.99
C ILE B 18 -23.00 -21.61 10.05
N THR B 19 -22.84 -20.42 10.65
CA THR B 19 -22.48 -19.20 9.96
C THR B 19 -21.34 -18.51 10.70
N ILE B 20 -20.48 -17.82 9.95
CA ILE B 20 -19.30 -17.12 10.42
C ILE B 20 -19.36 -15.68 9.90
N THR B 21 -18.91 -14.72 10.69
CA THR B 21 -18.81 -13.33 10.29
C THR B 21 -17.48 -12.74 10.74
N ILE B 22 -16.76 -12.08 9.83
CA ILE B 22 -15.55 -11.35 10.17
C ILE B 22 -15.95 -9.96 10.66
N LEU B 23 -16.07 -9.80 11.99
CA LEU B 23 -16.54 -8.56 12.57
C LEU B 23 -15.57 -7.42 12.31
N GLY B 24 -14.26 -7.73 12.27
CA GLY B 24 -13.25 -6.78 11.89
C GLY B 24 -11.85 -7.22 12.31
N VAL B 25 -10.84 -6.42 11.99
CA VAL B 25 -9.47 -6.64 12.43
C VAL B 25 -9.08 -5.59 13.47
N SER B 26 -8.22 -6.00 14.41
CA SER B 26 -7.57 -5.11 15.35
C SER B 26 -6.06 -5.30 15.23
N GLY B 27 -5.48 -4.72 14.19
CA GLY B 27 -4.07 -4.90 13.89
C GLY B 27 -3.83 -6.23 13.18
N GLN B 28 -3.03 -7.11 13.80
CA GLN B 28 -2.82 -8.46 13.31
C GLN B 28 -3.70 -9.46 14.06
N GLN B 29 -4.63 -8.93 14.85
CA GLN B 29 -5.69 -9.68 15.48
C GLN B 29 -6.98 -9.55 14.67
N VAL B 30 -7.86 -10.53 14.81
CA VAL B 30 -9.03 -10.68 13.95
C VAL B 30 -10.23 -11.07 14.80
N ARG B 31 -11.23 -10.17 14.89
CA ARG B 31 -12.46 -10.36 15.63
C ARG B 31 -13.48 -11.10 14.76
N ILE B 32 -13.89 -12.29 15.21
CA ILE B 32 -14.70 -13.22 14.44
C ILE B 32 -15.91 -13.65 15.24
N GLY B 33 -17.10 -13.59 14.64
CA GLY B 33 -18.32 -14.13 15.20
C GLY B 33 -18.64 -15.50 14.65
N ILE B 34 -19.09 -16.41 15.53
CA ILE B 34 -19.50 -17.75 15.18
C ILE B 34 -20.94 -17.96 15.62
N ASN B 35 -21.73 -18.49 14.68
CA ASN B 35 -23.18 -18.57 14.78
C ASN B 35 -23.64 -19.97 14.42
N ALA B 36 -23.41 -20.87 15.38
CA ALA B 36 -23.86 -22.25 15.33
C ALA B 36 -24.78 -22.54 16.50
N PRO B 37 -25.62 -23.58 16.41
CA PRO B 37 -26.38 -24.06 17.55
C PRO B 37 -25.46 -24.54 18.66
N LYS B 38 -25.98 -24.55 19.89
CA LYS B 38 -25.35 -25.16 21.05
C LYS B 38 -25.31 -26.68 20.94
N ASP B 39 -25.86 -27.20 19.83
CA ASP B 39 -25.78 -28.60 19.42
C ASP B 39 -24.35 -28.99 19.09
N VAL B 40 -23.54 -28.02 18.66
CA VAL B 40 -22.13 -28.20 18.33
C VAL B 40 -21.27 -27.47 19.34
N ALA B 41 -20.11 -28.03 19.68
CA ALA B 41 -19.12 -27.32 20.46
C ALA B 41 -18.22 -26.49 19.57
N VAL B 42 -17.86 -25.31 20.07
CA VAL B 42 -17.24 -24.25 19.30
C VAL B 42 -16.19 -23.56 20.15
N HIS B 43 -14.93 -23.97 19.98
CA HIS B 43 -13.78 -23.39 20.69
C HIS B 43 -12.56 -23.36 19.78
N ARG B 44 -11.52 -22.64 20.20
CA ARG B 44 -10.22 -22.69 19.56
C ARG B 44 -9.48 -24.00 19.87
N GLU B 45 -8.46 -24.34 19.08
CA GLU B 45 -7.79 -25.63 19.15
C GLU B 45 -7.21 -25.92 20.53
N GLU B 46 -6.58 -24.92 21.17
CA GLU B 46 -6.01 -25.09 22.50
C GLU B 46 -7.05 -25.22 23.61
N ILE B 47 -8.33 -25.09 23.27
CA ILE B 47 -9.44 -25.39 24.16
C ILE B 47 -10.04 -26.74 23.79
N TYR B 48 -10.33 -26.91 22.51
CA TYR B 48 -10.92 -28.10 21.93
C TYR B 48 -10.20 -29.37 22.36
N GLN B 49 -8.87 -29.32 22.45
CA GLN B 49 -8.04 -30.49 22.72
C GLN B 49 -8.20 -31.01 24.15
N ARG B 50 -8.63 -30.17 25.10
CA ARG B 50 -9.01 -30.64 26.44
C ARG B 50 -10.38 -31.30 26.38
N ILE B 51 -11.31 -30.67 25.67
CA ILE B 51 -12.70 -31.07 25.63
C ILE B 51 -12.81 -32.45 25.00
N GLN B 52 -11.98 -32.71 23.99
CA GLN B 52 -11.90 -34.02 23.37
C GLN B 52 -11.02 -35.00 24.16
N ALA B 53 -10.47 -34.57 25.29
CA ALA B 53 -9.81 -35.45 26.25
C ALA B 53 -10.82 -36.19 27.12
N GLY B 54 -12.05 -35.69 27.22
CA GLY B 54 -13.16 -36.41 27.83
C GLY B 54 -13.98 -35.58 28.81
N LEU B 55 -14.40 -34.38 28.40
CA LEU B 55 -14.97 -33.39 29.29
C LEU B 55 -15.62 -32.23 28.54
N THR B 56 -16.12 -31.25 29.30
CA THR B 56 -16.57 -29.95 28.81
C THR B 56 -15.89 -28.85 29.63
N ALA B 57 -16.30 -27.59 29.43
CA ALA B 57 -15.77 -26.44 30.15
C ALA B 57 -15.64 -26.74 31.65
N PRO B 58 -14.45 -26.59 32.24
CA PRO B 58 -14.17 -27.05 33.59
C PRO B 58 -15.01 -26.36 34.67
N ASP B 59 -14.90 -26.88 35.89
CA ASP B 59 -15.66 -26.43 37.05
C ASP B 59 -15.35 -24.99 37.44
N MET C 1 -16.80 31.08 -6.99
CA MET C 1 -16.00 29.89 -7.34
C MET C 1 -16.74 29.02 -8.33
N LEU C 2 -16.08 28.62 -9.42
CA LEU C 2 -16.57 27.57 -10.31
C LEU C 2 -15.60 26.39 -10.20
N ILE C 3 -16.05 25.31 -9.54
CA ILE C 3 -15.27 24.10 -9.39
C ILE C 3 -15.39 23.27 -10.66
N LEU C 4 -14.25 22.80 -11.18
CA LEU C 4 -14.20 21.82 -12.25
C LEU C 4 -13.32 20.65 -11.81
N THR C 5 -13.74 19.42 -12.14
CA THR C 5 -12.86 18.27 -11.97
C THR C 5 -12.28 17.84 -13.31
N ARG C 6 -11.03 17.35 -13.25
CA ARG C 6 -10.30 16.83 -14.38
C ARG C 6 -9.54 15.58 -13.95
N LYS C 7 -9.43 14.62 -14.86
CA LYS C 7 -8.51 13.51 -14.68
C LYS C 7 -7.11 14.01 -15.01
N VAL C 8 -6.07 13.29 -14.57
CA VAL C 8 -4.71 13.63 -14.94
C VAL C 8 -4.54 13.62 -16.46
N GLY C 9 -3.90 14.68 -16.97
CA GLY C 9 -3.65 14.88 -18.40
C GLY C 9 -4.79 15.57 -19.14
N GLU C 10 -5.91 15.89 -18.48
CA GLU C 10 -7.00 16.66 -19.07
C GLU C 10 -6.79 18.17 -18.92
N SER C 11 -7.61 18.96 -19.62
CA SER C 11 -7.38 20.39 -19.78
C SER C 11 -8.59 21.26 -19.44
N ILE C 12 -8.32 22.53 -19.13
CA ILE C 12 -9.25 23.56 -18.71
C ILE C 12 -8.91 24.86 -19.44
N ASN C 13 -9.84 25.81 -19.56
CA ASN C 13 -9.63 27.09 -20.20
C ASN C 13 -10.21 28.24 -19.37
N ILE C 14 -9.58 29.42 -19.47
CA ILE C 14 -10.01 30.64 -18.82
C ILE C 14 -9.94 31.79 -19.82
N GLY C 15 -10.92 32.69 -19.78
CA GLY C 15 -11.06 33.78 -20.73
C GLY C 15 -11.16 33.26 -22.16
N ASP C 16 -10.46 33.92 -23.07
CA ASP C 16 -10.26 33.45 -24.44
C ASP C 16 -8.78 33.36 -24.79
N ASP C 17 -7.90 33.51 -23.78
CA ASP C 17 -6.46 33.65 -23.96
C ASP C 17 -5.66 32.67 -23.10
N ILE C 18 -6.31 31.98 -22.15
CA ILE C 18 -5.62 31.14 -21.18
C ILE C 18 -6.10 29.69 -21.29
N THR C 19 -5.13 28.77 -21.31
CA THR C 19 -5.36 27.33 -21.20
C THR C 19 -4.64 26.79 -19.97
N ILE C 20 -5.20 25.76 -19.33
CA ILE C 20 -4.69 25.13 -18.13
C ILE C 20 -4.65 23.63 -18.37
N THR C 21 -3.61 22.94 -17.86
CA THR C 21 -3.53 21.49 -17.96
C THR C 21 -3.12 20.90 -16.62
N ILE C 22 -3.87 19.92 -16.10
CA ILE C 22 -3.41 19.15 -14.96
C ILE C 22 -2.55 18.02 -15.53
N LEU C 23 -1.24 18.08 -15.29
CA LEU C 23 -0.31 17.18 -15.94
C LEU C 23 -0.30 15.83 -15.23
N GLY C 24 -0.24 15.84 -13.90
CA GLY C 24 -0.46 14.64 -13.11
C GLY C 24 -0.31 14.84 -11.62
N VAL C 25 -0.52 13.78 -10.83
CA VAL C 25 -0.29 13.80 -9.40
C VAL C 25 0.86 12.87 -9.01
N SER C 26 1.51 13.19 -7.89
CA SER C 26 2.47 12.35 -7.21
C SER C 26 2.39 12.71 -5.73
N GLY C 27 1.88 11.81 -4.89
CA GLY C 27 1.55 12.19 -3.53
C GLY C 27 0.26 13.02 -3.49
N GLN C 28 0.24 14.03 -2.61
CA GLN C 28 -0.75 15.08 -2.60
C GLN C 28 -0.38 16.21 -3.56
N GLN C 29 0.73 16.04 -4.28
CA GLN C 29 1.30 17.02 -5.17
C GLN C 29 0.70 16.90 -6.57
N VAL C 30 0.42 18.05 -7.19
CA VAL C 30 -0.20 18.12 -8.50
C VAL C 30 0.69 18.96 -9.41
N ARG C 31 1.22 18.38 -10.49
CA ARG C 31 1.89 19.14 -11.53
C ARG C 31 0.85 19.75 -12.46
N ILE C 32 0.82 21.08 -12.53
CA ILE C 32 -0.16 21.86 -13.27
C ILE C 32 0.55 22.81 -14.24
N GLY C 33 0.16 22.81 -15.51
CA GLY C 33 0.61 23.73 -16.55
C GLY C 33 -0.36 24.90 -16.74
N ILE C 34 0.18 26.10 -16.96
CA ILE C 34 -0.58 27.30 -17.25
C ILE C 34 -0.07 27.93 -18.54
N ASN C 35 -0.94 28.12 -19.52
CA ASN C 35 -0.61 28.74 -20.80
C ASN C 35 -1.38 30.05 -20.96
N ALA C 36 -0.71 31.17 -20.68
CA ALA C 36 -1.25 32.51 -20.89
C ALA C 36 -0.22 33.38 -21.59
N PRO C 37 -0.64 34.43 -22.30
CA PRO C 37 0.28 35.41 -22.86
C PRO C 37 1.05 36.12 -21.74
N LYS C 38 2.28 36.55 -22.03
CA LYS C 38 3.08 37.36 -21.12
C LYS C 38 2.48 38.75 -20.90
N ASP C 39 1.35 39.04 -21.57
CA ASP C 39 0.53 40.21 -21.32
C ASP C 39 -0.11 40.15 -19.93
N VAL C 40 -0.29 38.94 -19.39
CA VAL C 40 -0.79 38.72 -18.04
C VAL C 40 0.21 37.94 -17.21
N ALA C 41 0.19 38.15 -15.89
CA ALA C 41 1.07 37.47 -14.97
C ALA C 41 0.48 36.14 -14.51
N VAL C 42 1.33 35.18 -14.14
CA VAL C 42 0.91 33.96 -13.46
C VAL C 42 1.89 33.66 -12.33
N HIS C 43 1.37 33.37 -11.12
CA HIS C 43 2.20 33.08 -9.97
C HIS C 43 1.49 32.20 -8.96
N ARG C 44 2.25 31.43 -8.17
CA ARG C 44 1.73 30.77 -6.99
C ARG C 44 1.41 31.81 -5.93
N GLU C 45 0.51 31.49 -4.98
CA GLU C 45 -0.06 32.46 -4.07
C GLU C 45 1.00 33.16 -3.20
N GLU C 46 2.06 32.44 -2.82
CA GLU C 46 3.14 32.99 -2.02
C GLU C 46 4.02 33.98 -2.78
N ILE C 47 4.00 33.95 -4.11
CA ILE C 47 4.66 34.94 -4.95
C ILE C 47 3.68 36.01 -5.41
N TYR C 48 2.40 35.66 -5.60
CA TYR C 48 1.38 36.60 -6.03
C TYR C 48 1.31 37.83 -5.12
N GLN C 49 1.42 37.62 -3.81
CA GLN C 49 1.39 38.69 -2.83
C GLN C 49 2.50 39.71 -3.04
N ARG C 50 3.65 39.27 -3.55
CA ARG C 50 4.78 40.14 -3.87
C ARG C 50 4.50 40.97 -5.11
N ILE C 51 3.79 40.43 -6.10
CA ILE C 51 3.37 41.20 -7.26
C ILE C 51 2.30 42.22 -6.88
N GLN C 52 1.62 42.00 -5.75
CA GLN C 52 0.69 42.96 -5.19
C GLN C 52 1.38 43.94 -4.21
N ALA C 53 2.67 43.76 -3.94
CA ALA C 53 3.40 44.54 -2.95
C ALA C 53 4.05 45.78 -3.54
N GLY C 54 4.21 45.85 -4.87
CA GLY C 54 4.96 46.88 -5.53
C GLY C 54 6.15 46.28 -6.29
N LEU C 55 6.29 46.67 -7.56
CA LEU C 55 7.20 46.03 -8.49
C LEU C 55 8.48 46.84 -8.70
N THR C 56 8.50 48.09 -8.23
CA THR C 56 9.56 49.05 -8.47
C THR C 56 9.83 49.26 -9.96
N ALA C 57 8.76 49.17 -10.78
CA ALA C 57 8.81 49.45 -12.19
C ALA C 57 7.46 49.97 -12.68
N PRO C 58 7.19 51.27 -12.54
CA PRO C 58 5.97 51.90 -13.01
C PRO C 58 5.82 51.83 -14.52
N ASP C 59 4.56 51.83 -14.99
CA ASP C 59 4.18 51.93 -16.39
C ASP C 59 4.70 50.78 -17.25
N MET D 1 4.31 28.72 -20.75
CA MET D 1 3.63 27.49 -20.33
C MET D 1 4.32 27.30 -18.99
N LEU D 2 3.67 27.73 -17.91
CA LEU D 2 4.31 27.85 -16.61
C LEU D 2 3.82 26.72 -15.70
N ILE D 3 4.66 25.69 -15.57
CA ILE D 3 4.35 24.47 -14.84
C ILE D 3 4.81 24.61 -13.40
N LEU D 4 3.96 24.18 -12.46
CA LEU D 4 4.20 24.24 -11.03
C LEU D 4 3.79 22.94 -10.35
N THR D 5 4.28 22.72 -9.13
CA THR D 5 3.75 21.71 -8.23
C THR D 5 3.09 22.40 -7.04
N ARG D 6 1.77 22.26 -6.91
CA ARG D 6 1.05 22.64 -5.72
C ARG D 6 0.44 21.42 -5.05
N LYS D 7 0.42 21.43 -3.72
CA LYS D 7 -0.24 20.42 -2.92
C LYS D 7 -1.73 20.72 -2.80
N VAL D 8 -2.53 19.73 -2.41
CA VAL D 8 -3.93 19.96 -2.09
C VAL D 8 -4.09 21.04 -1.03
N GLY D 9 -5.05 21.94 -1.24
CA GLY D 9 -5.35 23.03 -0.32
C GLY D 9 -4.54 24.30 -0.57
N GLU D 10 -3.64 24.31 -1.57
CA GLU D 10 -2.84 25.47 -1.91
C GLU D 10 -3.43 26.22 -3.10
N SER D 11 -2.89 27.41 -3.40
CA SER D 11 -3.49 28.34 -4.35
C SER D 11 -2.49 28.91 -5.35
N ILE D 12 -3.02 29.41 -6.47
CA ILE D 12 -2.30 30.00 -7.59
C ILE D 12 -3.10 31.19 -8.11
N ASN D 13 -2.49 32.04 -8.93
CA ASN D 13 -3.07 33.30 -9.37
C ASN D 13 -2.73 33.59 -10.83
N ILE D 14 -3.65 34.29 -11.51
CA ILE D 14 -3.51 34.73 -12.89
C ILE D 14 -3.99 36.17 -13.00
N GLY D 15 -3.25 37.00 -13.73
CA GLY D 15 -3.52 38.43 -13.84
C GLY D 15 -3.49 39.10 -12.48
N ASP D 16 -4.47 39.96 -12.22
CA ASP D 16 -4.68 40.60 -10.92
C ASP D 16 -6.10 40.38 -10.41
N ASP D 17 -6.88 39.49 -11.07
CA ASP D 17 -8.29 39.28 -10.76
C ASP D 17 -8.67 37.82 -10.63
N ILE D 18 -7.80 36.89 -11.01
CA ILE D 18 -8.12 35.47 -11.08
C ILE D 18 -7.29 34.68 -10.05
N THR D 19 -7.96 33.76 -9.36
CA THR D 19 -7.36 32.86 -8.39
C THR D 19 -7.76 31.43 -8.69
N ILE D 20 -6.84 30.49 -8.44
CA ILE D 20 -7.05 29.06 -8.54
C ILE D 20 -6.76 28.44 -7.18
N THR D 21 -7.55 27.43 -6.78
CA THR D 21 -7.33 26.67 -5.56
C THR D 21 -7.54 25.20 -5.85
N ILE D 22 -6.51 24.38 -5.63
CA ILE D 22 -6.64 22.93 -5.71
C ILE D 22 -7.39 22.45 -4.46
N LEU D 23 -8.66 22.09 -4.64
CA LEU D 23 -9.54 21.72 -3.54
C LEU D 23 -9.18 20.33 -3.02
N GLY D 24 -8.71 19.45 -3.90
CA GLY D 24 -8.16 18.17 -3.50
C GLY D 24 -8.02 17.20 -4.66
N VAL D 25 -7.52 15.98 -4.38
CA VAL D 25 -7.54 14.88 -5.33
C VAL D 25 -8.53 13.81 -4.89
N SER D 26 -8.96 12.99 -5.86
CA SER D 26 -9.73 11.77 -5.63
C SER D 26 -9.28 10.71 -6.62
N GLY D 27 -8.09 10.13 -6.39
CA GLY D 27 -7.50 9.16 -7.30
C GLY D 27 -6.81 9.85 -8.47
N GLN D 28 -7.31 9.59 -9.68
CA GLN D 28 -6.88 10.28 -10.90
C GLN D 28 -7.60 11.61 -11.04
N GLN D 29 -8.73 11.79 -10.34
CA GLN D 29 -9.48 13.03 -10.36
C GLN D 29 -8.75 14.09 -9.54
N VAL D 30 -8.72 15.31 -10.09
CA VAL D 30 -8.20 16.49 -9.41
C VAL D 30 -9.31 17.54 -9.40
N ARG D 31 -9.75 17.93 -8.20
CA ARG D 31 -10.87 18.83 -7.98
C ARG D 31 -10.33 20.24 -7.80
N ILE D 32 -10.57 21.11 -8.80
CA ILE D 32 -9.95 22.40 -8.90
C ILE D 32 -11.01 23.51 -8.85
N GLY D 33 -10.90 24.38 -7.84
CA GLY D 33 -11.74 25.57 -7.72
C GLY D 33 -11.11 26.73 -8.49
N ILE D 34 -11.91 27.41 -9.30
CA ILE D 34 -11.47 28.55 -10.08
C ILE D 34 -12.31 29.77 -9.68
N ASN D 35 -11.66 30.93 -9.59
CA ASN D 35 -12.28 32.15 -9.13
C ASN D 35 -11.82 33.30 -10.02
N ALA D 36 -12.56 33.54 -11.10
CA ALA D 36 -12.42 34.70 -11.96
C ALA D 36 -13.69 35.54 -11.87
N PRO D 37 -13.63 36.85 -12.13
CA PRO D 37 -14.84 37.65 -12.27
C PRO D 37 -15.73 37.04 -13.35
N LYS D 38 -17.05 37.10 -13.14
CA LYS D 38 -18.02 36.55 -14.07
C LYS D 38 -18.04 37.29 -15.40
N ASP D 39 -17.31 38.41 -15.45
CA ASP D 39 -17.00 39.19 -16.63
C ASP D 39 -16.12 38.43 -17.62
N VAL D 40 -15.40 37.40 -17.17
CA VAL D 40 -14.60 36.54 -18.02
C VAL D 40 -15.05 35.09 -17.88
N ALA D 41 -14.71 34.24 -18.85
CA ALA D 41 -15.19 32.88 -18.90
C ALA D 41 -14.24 31.88 -18.23
N VAL D 42 -14.76 30.74 -17.81
CA VAL D 42 -13.96 29.60 -17.38
C VAL D 42 -14.74 28.31 -17.65
N HIS D 43 -14.11 27.35 -18.33
CA HIS D 43 -14.70 26.05 -18.63
C HIS D 43 -13.64 24.97 -18.79
N ARG D 44 -14.06 23.72 -18.94
CA ARG D 44 -13.19 22.63 -19.36
C ARG D 44 -12.86 22.79 -20.85
N GLU D 45 -11.81 22.14 -21.33
CA GLU D 45 -11.39 22.26 -22.73
C GLU D 45 -12.47 21.76 -23.68
N GLU D 46 -13.12 20.64 -23.34
CA GLU D 46 -14.29 20.12 -24.05
C GLU D 46 -15.36 21.20 -24.27
N ILE D 47 -15.59 21.99 -23.22
CA ILE D 47 -16.71 22.91 -23.11
C ILE D 47 -16.40 24.24 -23.79
N TYR D 48 -15.18 24.74 -23.59
CA TYR D 48 -14.71 26.02 -24.09
C TYR D 48 -15.02 26.20 -25.57
N GLN D 49 -14.94 25.10 -26.34
CA GLN D 49 -15.17 25.05 -27.77
C GLN D 49 -16.57 25.51 -28.16
N ARG D 50 -17.57 25.38 -27.27
CA ARG D 50 -18.96 25.72 -27.57
C ARG D 50 -19.19 27.22 -27.46
N ILE D 51 -18.72 27.82 -26.36
CA ILE D 51 -18.77 29.25 -26.09
C ILE D 51 -18.01 30.05 -27.13
N GLN D 52 -17.12 29.38 -27.85
CA GLN D 52 -16.29 29.97 -28.90
C GLN D 52 -16.77 29.63 -30.31
N ALA D 53 -17.78 28.77 -30.43
CA ALA D 53 -18.36 28.36 -31.71
C ALA D 53 -19.77 28.89 -31.94
N GLY D 54 -20.64 28.82 -30.94
CA GLY D 54 -22.05 29.17 -31.09
C GLY D 54 -22.82 29.33 -29.79
N LEU D 55 -22.16 29.05 -28.66
CA LEU D 55 -22.56 29.36 -27.30
C LEU D 55 -23.67 28.44 -26.78
N THR D 56 -23.60 28.12 -25.48
CA THR D 56 -24.44 27.09 -24.88
C THR D 56 -25.03 27.47 -23.53
N ALA D 57 -24.33 28.30 -22.74
CA ALA D 57 -24.85 28.83 -21.50
C ALA D 57 -24.46 30.30 -21.36
N PRO D 58 -25.38 31.24 -21.67
CA PRO D 58 -25.12 32.66 -21.59
C PRO D 58 -24.90 33.17 -20.17
N ASP D 59 -24.57 34.46 -20.08
CA ASP D 59 -24.39 35.18 -18.83
C ASP D 59 -25.72 35.48 -18.14
N MET E 1 35.38 -9.69 3.55
CA MET E 1 34.45 -8.89 2.75
C MET E 1 34.07 -9.62 1.45
N LEU E 2 32.87 -9.37 0.93
CA LEU E 2 32.46 -9.83 -0.39
C LEU E 2 31.72 -8.70 -1.10
N ILE E 3 32.24 -8.27 -2.25
CA ILE E 3 31.72 -7.14 -3.01
C ILE E 3 30.90 -7.62 -4.20
N LEU E 4 29.78 -6.94 -4.47
CA LEU E 4 28.84 -7.27 -5.53
C LEU E 4 28.39 -6.01 -6.26
N THR E 5 27.84 -6.17 -7.47
CA THR E 5 27.14 -5.12 -8.18
C THR E 5 25.81 -5.66 -8.70
N ARG E 6 24.71 -4.97 -8.40
CA ARG E 6 23.36 -5.46 -8.62
C ARG E 6 22.50 -4.37 -9.22
N LYS E 7 21.82 -4.60 -10.35
CA LYS E 7 20.88 -3.61 -10.86
C LYS E 7 19.49 -3.81 -10.31
N VAL E 8 18.65 -2.78 -10.47
CA VAL E 8 17.33 -2.76 -9.86
C VAL E 8 16.50 -3.97 -10.29
N GLY E 9 15.75 -4.53 -9.34
CA GLY E 9 14.88 -5.67 -9.57
C GLY E 9 15.55 -7.03 -9.40
N GLU E 10 16.87 -7.07 -9.18
CA GLU E 10 17.60 -8.31 -8.95
C GLU E 10 17.79 -8.57 -7.46
N SER E 11 18.41 -9.71 -7.10
CA SER E 11 18.45 -10.18 -5.72
C SER E 11 19.81 -10.76 -5.33
N ILE E 12 20.07 -10.78 -4.02
CA ILE E 12 21.29 -11.27 -3.38
C ILE E 12 20.90 -12.13 -2.18
N ASN E 13 21.71 -13.12 -1.82
CA ASN E 13 21.41 -14.02 -0.72
C ASN E 13 22.54 -14.08 0.31
N ILE E 14 22.15 -14.34 1.56
CA ILE E 14 23.06 -14.48 2.70
C ILE E 14 22.62 -15.70 3.52
N GLY E 15 23.59 -16.54 3.90
CA GLY E 15 23.32 -17.79 4.60
C GLY E 15 22.43 -18.70 3.76
N ASP E 16 21.42 -19.29 4.41
CA ASP E 16 20.36 -20.06 3.76
C ASP E 16 18.97 -19.62 4.22
N ASP E 17 18.88 -18.51 4.94
CA ASP E 17 17.63 -17.98 5.47
C ASP E 17 17.36 -16.52 5.10
N ILE E 18 18.36 -15.80 4.56
CA ILE E 18 18.25 -14.37 4.33
C ILE E 18 18.34 -14.04 2.84
N THR E 19 17.42 -13.21 2.37
CA THR E 19 17.37 -12.72 1.01
C THR E 19 17.32 -11.20 0.99
N ILE E 20 17.99 -10.59 0.00
CA ILE E 20 18.03 -9.16 -0.23
C ILE E 20 17.53 -8.90 -1.65
N THR E 21 16.69 -7.87 -1.80
CA THR E 21 16.14 -7.49 -3.09
C THR E 21 16.28 -5.98 -3.28
N ILE E 22 16.94 -5.54 -4.35
CA ILE E 22 17.03 -4.13 -4.69
C ILE E 22 15.75 -3.70 -5.39
N LEU E 23 14.83 -3.06 -4.64
CA LEU E 23 13.52 -2.67 -5.16
C LEU E 23 13.67 -1.56 -6.20
N GLY E 24 14.70 -0.71 -6.06
CA GLY E 24 15.09 0.26 -7.07
C GLY E 24 15.84 1.44 -6.49
N VAL E 25 16.21 2.40 -7.35
CA VAL E 25 16.91 3.62 -6.94
C VAL E 25 15.96 4.81 -6.91
N SER E 26 16.28 5.79 -6.06
CA SER E 26 15.57 7.06 -5.96
C SER E 26 16.57 8.16 -5.65
N GLY E 27 17.14 8.78 -6.69
CA GLY E 27 18.26 9.69 -6.54
C GLY E 27 19.51 8.96 -6.04
N GLN E 28 20.13 9.47 -4.97
CA GLN E 28 21.19 8.75 -4.27
C GLN E 28 20.62 7.72 -3.29
N GLN E 29 19.37 7.88 -2.88
CA GLN E 29 18.67 6.91 -2.05
C GLN E 29 18.41 5.65 -2.86
N VAL E 30 18.38 4.51 -2.18
CA VAL E 30 18.25 3.19 -2.79
C VAL E 30 17.30 2.38 -1.92
N ARG E 31 16.20 1.91 -2.52
CA ARG E 31 15.15 1.21 -1.80
C ARG E 31 15.39 -0.30 -1.87
N ILE E 32 15.49 -0.93 -0.70
CA ILE E 32 15.95 -2.30 -0.59
C ILE E 32 15.02 -3.10 0.34
N GLY E 33 14.62 -4.28 -0.12
CA GLY E 33 13.89 -5.27 0.66
C GLY E 33 14.85 -6.26 1.31
N ILE E 34 14.53 -6.68 2.55
CA ILE E 34 15.30 -7.62 3.33
C ILE E 34 14.35 -8.66 3.92
N ASN E 35 14.65 -9.93 3.71
CA ASN E 35 13.74 -11.01 4.05
C ASN E 35 14.47 -12.08 4.86
N ALA E 36 14.29 -12.01 6.18
CA ALA E 36 14.87 -12.94 7.13
C ALA E 36 13.84 -13.31 8.21
N PRO E 37 14.00 -14.47 8.85
CA PRO E 37 13.18 -14.85 9.99
C PRO E 37 13.36 -13.88 11.16
N LYS E 38 12.39 -13.85 12.06
CA LYS E 38 12.50 -13.17 13.35
C LYS E 38 13.50 -13.82 14.29
N ASP E 39 14.09 -14.93 13.83
CA ASP E 39 15.22 -15.60 14.46
C ASP E 39 16.46 -14.71 14.46
N VAL E 40 16.53 -13.76 13.51
CA VAL E 40 17.61 -12.80 13.38
C VAL E 40 17.08 -11.37 13.48
N ALA E 41 17.93 -10.45 13.90
CA ALA E 41 17.61 -9.02 13.90
C ALA E 41 18.02 -8.37 12.58
N VAL E 42 17.41 -7.23 12.25
CA VAL E 42 17.85 -6.40 11.14
C VAL E 42 17.44 -4.95 11.35
N HIS E 43 18.40 -4.02 11.20
CA HIS E 43 18.16 -2.59 11.35
C HIS E 43 19.15 -1.77 10.52
N ARG E 44 18.89 -0.47 10.37
CA ARG E 44 19.87 0.46 9.84
C ARG E 44 20.97 0.67 10.87
N GLU E 45 22.15 1.14 10.45
CA GLU E 45 23.25 1.33 11.37
C GLU E 45 22.99 2.40 12.42
N GLU E 46 22.01 3.27 12.17
CA GLU E 46 21.53 4.24 13.13
C GLU E 46 20.86 3.54 14.32
N ILE E 47 20.04 2.53 14.04
CA ILE E 47 19.30 1.79 15.06
C ILE E 47 20.20 0.75 15.69
N TYR E 48 21.06 0.10 14.91
CA TYR E 48 21.94 -0.96 15.38
C TYR E 48 22.75 -0.55 16.60
N GLN E 49 23.17 0.71 16.64
CA GLN E 49 23.98 1.26 17.72
C GLN E 49 23.29 1.19 19.08
N ARG E 50 21.97 1.08 19.11
CA ARG E 50 21.21 0.88 20.34
C ARG E 50 21.41 -0.55 20.84
N ILE E 51 21.29 -1.52 19.93
CA ILE E 51 21.43 -2.94 20.20
C ILE E 51 22.84 -3.26 20.66
N GLN E 52 23.81 -2.41 20.31
CA GLN E 52 25.16 -2.47 20.84
C GLN E 52 25.37 -1.74 22.18
N ALA E 53 24.81 -0.53 22.35
CA ALA E 53 25.19 0.34 23.45
C ALA E 53 24.20 0.45 24.61
N GLY E 54 22.90 0.34 24.34
CA GLY E 54 21.84 0.63 25.30
C GLY E 54 20.83 -0.50 25.45
N LEU E 55 20.79 -1.39 24.46
CA LEU E 55 20.09 -2.66 24.43
C LEU E 55 18.58 -2.49 24.62
N THR E 56 17.88 -3.61 24.82
CA THR E 56 16.44 -3.59 25.06
C THR E 56 16.11 -3.19 26.49
N ALA E 57 17.08 -3.28 27.41
CA ALA E 57 17.00 -2.74 28.75
C ALA E 57 18.37 -2.16 29.15
N PRO E 58 18.41 -0.91 29.60
CA PRO E 58 19.63 -0.28 30.10
C PRO E 58 20.30 -1.06 31.22
N ASP E 59 19.51 -1.55 32.17
CA ASP E 59 20.01 -2.11 33.41
C ASP E 59 18.94 -2.98 34.08
N MET F 1 9.66 -9.48 6.31
CA MET F 1 10.04 -8.69 5.13
C MET F 1 10.16 -7.22 5.48
N LEU F 2 11.38 -6.70 5.59
CA LEU F 2 11.61 -5.27 5.80
C LEU F 2 11.89 -4.56 4.48
N ILE F 3 11.51 -3.29 4.41
CA ILE F 3 11.88 -2.39 3.32
C ILE F 3 12.49 -1.13 3.93
N LEU F 4 13.63 -0.72 3.38
CA LEU F 4 14.37 0.46 3.78
C LEU F 4 14.69 1.30 2.56
N THR F 5 14.94 2.60 2.74
CA THR F 5 15.48 3.43 1.66
C THR F 5 16.64 4.27 2.17
N ARG F 6 17.87 3.82 1.95
CA ARG F 6 19.08 4.57 2.30
C ARG F 6 19.98 4.82 1.10
N LYS F 7 20.88 5.80 1.23
CA LYS F 7 21.66 6.33 0.13
C LYS F 7 23.11 5.83 0.12
N VAL F 8 23.84 6.21 -0.93
CA VAL F 8 25.20 5.77 -1.11
C VAL F 8 26.10 6.22 0.05
N GLY F 9 26.98 5.32 0.49
CA GLY F 9 27.88 5.54 1.61
C GLY F 9 27.30 5.18 2.97
N GLU F 10 26.03 4.76 3.04
CA GLU F 10 25.40 4.32 4.27
C GLU F 10 25.63 2.82 4.52
N SER F 11 25.09 2.31 5.64
CA SER F 11 25.22 0.91 6.02
C SER F 11 23.96 0.39 6.72
N ILE F 12 23.76 -0.92 6.68
CA ILE F 12 22.65 -1.64 7.29
C ILE F 12 23.23 -2.89 7.98
N ASN F 13 22.54 -3.42 8.99
CA ASN F 13 23.06 -4.50 9.82
C ASN F 13 22.03 -5.62 9.98
N ILE F 14 22.52 -6.86 10.07
CA ILE F 14 21.71 -8.06 10.23
C ILE F 14 22.34 -8.96 11.29
N GLY F 15 21.51 -9.58 12.13
CA GLY F 15 21.97 -10.36 13.26
C GLY F 15 22.79 -9.50 14.22
N ASP F 16 23.91 -10.05 14.69
CA ASP F 16 24.92 -9.34 15.45
C ASP F 16 26.32 -9.49 14.85
N ASP F 17 26.42 -10.05 13.64
CA ASP F 17 27.68 -10.29 12.96
C ASP F 17 27.70 -9.79 11.52
N ILE F 18 26.54 -9.57 10.89
CA ILE F 18 26.46 -9.25 9.47
C ILE F 18 26.24 -7.75 9.27
N THR F 19 26.95 -7.18 8.29
CA THR F 19 26.84 -5.78 7.92
C THR F 19 26.82 -5.65 6.40
N ILE F 20 26.01 -4.70 5.91
CA ILE F 20 25.89 -4.32 4.52
C ILE F 20 26.35 -2.88 4.37
N THR F 21 27.04 -2.58 3.27
CA THR F 21 27.51 -1.24 2.94
C THR F 21 27.25 -0.96 1.46
N ILE F 22 26.72 0.22 1.14
CA ILE F 22 26.46 0.64 -0.22
C ILE F 22 27.63 1.47 -0.73
N LEU F 23 28.35 0.94 -1.71
CA LEU F 23 29.54 1.59 -2.24
C LEU F 23 29.15 2.67 -3.25
N GLY F 24 28.00 2.51 -3.91
CA GLY F 24 27.40 3.57 -4.71
C GLY F 24 26.52 3.04 -5.84
N VAL F 25 26.10 3.92 -6.75
CA VAL F 25 25.29 3.56 -7.90
C VAL F 25 25.95 3.96 -9.22
N SER F 26 25.52 3.32 -10.31
CA SER F 26 25.86 3.70 -11.67
C SER F 26 24.69 3.34 -12.60
N GLY F 27 23.84 4.32 -12.89
CA GLY F 27 22.66 4.10 -13.71
C GLY F 27 21.60 3.29 -12.98
N GLN F 28 21.48 2.00 -13.31
CA GLN F 28 20.64 1.07 -12.59
C GLN F 28 21.44 0.17 -11.65
N GLN F 29 22.75 0.06 -11.87
CA GLN F 29 23.62 -0.77 -11.06
C GLN F 29 23.84 -0.13 -9.70
N VAL F 30 23.94 -0.99 -8.67
CA VAL F 30 24.14 -0.62 -7.29
C VAL F 30 25.28 -1.48 -6.75
N ARG F 31 26.42 -0.86 -6.44
CA ARG F 31 27.59 -1.56 -5.95
C ARG F 31 27.51 -1.67 -4.43
N ILE F 32 27.62 -2.89 -3.92
CA ILE F 32 27.33 -3.23 -2.54
C ILE F 32 28.44 -4.09 -1.97
N GLY F 33 28.95 -3.71 -0.79
CA GLY F 33 29.85 -4.53 0.01
C GLY F 33 29.10 -5.26 1.10
N ILE F 34 29.45 -6.53 1.33
CA ILE F 34 28.80 -7.39 2.30
C ILE F 34 29.87 -7.96 3.24
N ASN F 35 29.56 -7.97 4.54
CA ASN F 35 30.47 -8.42 5.58
C ASN F 35 29.74 -9.41 6.47
N ALA F 36 30.10 -10.70 6.36
CA ALA F 36 29.52 -11.76 7.16
C ALA F 36 30.59 -12.73 7.65
N PRO F 37 30.32 -13.48 8.71
CA PRO F 37 31.20 -14.53 9.20
C PRO F 37 31.36 -15.67 8.20
N LYS F 38 32.41 -16.46 8.37
CA LYS F 38 32.64 -17.68 7.59
C LYS F 38 31.61 -18.77 7.88
N ASP F 39 30.81 -18.58 8.93
CA ASP F 39 29.71 -19.44 9.31
C ASP F 39 28.58 -19.45 8.28
N VAL F 40 28.52 -18.43 7.41
CA VAL F 40 27.45 -18.27 6.43
C VAL F 40 28.01 -18.08 5.03
N ALA F 41 27.14 -18.26 4.02
CA ALA F 41 27.46 -17.98 2.63
C ALA F 41 26.98 -16.60 2.21
N VAL F 42 27.50 -16.08 1.09
CA VAL F 42 27.09 -14.80 0.55
C VAL F 42 27.37 -14.75 -0.96
N HIS F 43 26.31 -14.65 -1.76
CA HIS F 43 26.39 -14.61 -3.22
C HIS F 43 25.17 -13.88 -3.80
N ARG F 44 25.18 -13.66 -5.12
CA ARG F 44 24.00 -13.20 -5.84
C ARG F 44 23.03 -14.36 -6.02
N GLU F 45 21.77 -14.04 -6.36
CA GLU F 45 20.71 -15.03 -6.45
C GLU F 45 20.99 -16.11 -7.49
N GLU F 46 21.86 -15.84 -8.47
CA GLU F 46 22.23 -16.79 -9.49
C GLU F 46 22.98 -17.98 -8.89
N ILE F 47 23.94 -17.70 -8.02
CA ILE F 47 24.84 -18.69 -7.47
C ILE F 47 24.18 -19.42 -6.31
N TYR F 48 23.29 -18.72 -5.58
CA TYR F 48 22.49 -19.30 -4.53
C TYR F 48 21.68 -20.50 -5.00
N GLN F 49 21.17 -20.46 -6.23
CA GLN F 49 20.34 -21.52 -6.77
C GLN F 49 21.12 -22.80 -7.03
N ARG F 50 22.45 -22.71 -7.22
CA ARG F 50 23.33 -23.86 -7.35
C ARG F 50 23.60 -24.51 -6.00
N ILE F 51 23.46 -23.73 -4.92
CA ILE F 51 23.83 -24.11 -3.57
C ILE F 51 22.61 -24.66 -2.82
N GLN F 52 21.43 -24.10 -3.09
CA GLN F 52 20.17 -24.60 -2.58
C GLN F 52 19.64 -25.81 -3.37
N ALA F 53 20.40 -26.28 -4.36
CA ALA F 53 20.05 -27.44 -5.16
C ALA F 53 19.96 -28.74 -4.35
N GLY F 54 20.48 -28.75 -3.12
CA GLY F 54 20.28 -29.84 -2.17
C GLY F 54 21.53 -30.21 -1.39
N LEU F 55 22.35 -29.23 -1.01
CA LEU F 55 23.67 -29.49 -0.46
C LEU F 55 24.17 -28.39 0.49
N THR F 56 23.91 -27.12 0.15
CA THR F 56 24.50 -25.96 0.80
C THR F 56 25.99 -26.12 1.08
N ALA F 57 26.73 -26.61 0.07
CA ALA F 57 28.18 -26.72 0.10
C ALA F 57 28.72 -26.73 -1.32
N PRO F 58 29.68 -25.85 -1.66
CA PRO F 58 30.33 -25.85 -2.96
C PRO F 58 31.16 -27.11 -3.21
N ASP F 59 31.76 -27.18 -4.41
CA ASP F 59 32.64 -28.25 -4.82
C ASP F 59 33.83 -28.42 -3.88
N MET A 1 -24.64 -15.98 19.64
CA MET A 1 -23.46 -16.00 18.76
C MET A 1 -22.19 -15.99 19.61
N LEU A 2 -21.23 -16.86 19.31
CA LEU A 2 -20.01 -17.02 20.08
C LEU A 2 -18.87 -16.25 19.41
N ILE A 3 -18.40 -15.18 20.06
CA ILE A 3 -17.32 -14.35 19.53
C ILE A 3 -16.00 -14.79 20.17
N LEU A 4 -14.97 -14.94 19.34
CA LEU A 4 -13.62 -15.27 19.77
C LEU A 4 -12.63 -14.30 19.15
N THR A 5 -11.45 -14.16 19.76
CA THR A 5 -10.38 -13.30 19.28
C THR A 5 -9.17 -14.18 18.99
N ARG A 6 -8.94 -14.49 17.71
CA ARG A 6 -7.98 -15.49 17.29
C ARG A 6 -6.78 -14.84 16.61
N LYS A 7 -5.57 -15.16 17.06
CA LYS A 7 -4.37 -14.55 16.53
C LYS A 7 -3.83 -15.41 15.38
N VAL A 8 -3.10 -14.80 14.43
CA VAL A 8 -2.76 -15.51 13.21
C VAL A 8 -1.89 -16.73 13.49
N GLY A 9 -2.22 -17.85 12.83
CA GLY A 9 -1.57 -19.14 13.02
C GLY A 9 -2.31 -20.06 13.99
N GLU A 10 -3.42 -19.61 14.59
CA GLU A 10 -4.23 -20.40 15.51
C GLU A 10 -5.49 -20.92 14.83
N SER A 11 -6.24 -21.80 15.51
CA SER A 11 -7.34 -22.55 14.90
C SER A 11 -8.58 -22.63 15.77
N ILE A 12 -9.75 -22.70 15.13
CA ILE A 12 -11.04 -23.01 15.72
C ILE A 12 -11.46 -24.42 15.31
N ASN A 13 -12.36 -25.04 16.09
CA ASN A 13 -12.92 -26.35 15.81
C ASN A 13 -14.44 -26.32 15.97
N ILE A 14 -15.17 -26.90 15.02
CA ILE A 14 -16.61 -26.82 14.93
C ILE A 14 -17.19 -28.22 14.72
N GLY A 15 -18.13 -28.60 15.59
CA GLY A 15 -18.75 -29.92 15.55
C GLY A 15 -17.74 -31.02 15.86
N ASP A 16 -17.67 -32.04 15.00
CA ASP A 16 -16.77 -33.16 15.14
C ASP A 16 -15.90 -33.36 13.89
N ASP A 17 -16.08 -32.53 12.86
CA ASP A 17 -15.50 -32.74 11.55
C ASP A 17 -14.80 -31.52 10.96
N ILE A 18 -15.17 -30.30 11.39
CA ILE A 18 -14.68 -29.08 10.79
C ILE A 18 -13.62 -28.43 11.68
N THR A 19 -12.52 -28.00 11.06
CA THR A 19 -11.48 -27.20 11.70
C THR A 19 -11.20 -25.98 10.85
N ILE A 20 -11.02 -24.81 11.49
CA ILE A 20 -10.78 -23.54 10.83
C ILE A 20 -9.41 -23.03 11.27
N THR A 21 -8.63 -22.43 10.37
CA THR A 21 -7.34 -21.87 10.69
C THR A 21 -7.19 -20.48 10.06
N ILE A 22 -6.84 -19.49 10.89
CA ILE A 22 -6.45 -18.18 10.39
C ILE A 22 -5.00 -18.28 9.91
N LEU A 23 -4.81 -18.36 8.59
CA LEU A 23 -3.48 -18.54 8.03
C LEU A 23 -2.69 -17.24 8.21
N GLY A 24 -3.36 -16.09 8.07
CA GLY A 24 -2.82 -14.81 8.50
C GLY A 24 -3.39 -13.60 7.77
N VAL A 25 -2.77 -12.43 7.99
CA VAL A 25 -3.31 -11.14 7.57
C VAL A 25 -2.87 -10.77 6.15
N SER A 26 -3.63 -9.87 5.53
CA SER A 26 -3.28 -9.19 4.28
C SER A 26 -3.87 -7.79 4.30
N GLY A 27 -3.46 -6.98 5.29
CA GLY A 27 -4.10 -5.72 5.59
C GLY A 27 -5.48 -5.93 6.21
N GLN A 28 -6.51 -5.26 5.70
CA GLN A 28 -7.86 -5.32 6.24
C GLN A 28 -8.62 -6.55 5.76
N GLN A 29 -8.06 -7.30 4.81
CA GLN A 29 -8.55 -8.61 4.42
C GLN A 29 -7.73 -9.71 5.09
N VAL A 30 -8.46 -10.69 5.61
CA VAL A 30 -7.99 -11.72 6.52
C VAL A 30 -8.03 -13.06 5.81
N ARG A 31 -6.90 -13.77 5.74
CA ARG A 31 -6.81 -15.01 4.98
C ARG A 31 -7.08 -16.20 5.88
N ILE A 32 -8.30 -16.74 5.78
CA ILE A 32 -8.81 -17.83 6.58
C ILE A 32 -8.91 -19.09 5.73
N GLY A 33 -8.47 -20.22 6.27
CA GLY A 33 -8.65 -21.53 5.69
C GLY A 33 -9.64 -22.37 6.47
N ILE A 34 -10.44 -23.16 5.75
CA ILE A 34 -11.42 -24.07 6.29
C ILE A 34 -11.02 -25.50 5.93
N ASN A 35 -10.90 -26.38 6.92
CA ASN A 35 -10.73 -27.81 6.74
C ASN A 35 -12.03 -28.51 7.13
N ALA A 36 -12.97 -28.54 6.18
CA ALA A 36 -14.19 -29.33 6.27
C ALA A 36 -14.17 -30.45 5.24
N PRO A 37 -14.88 -31.57 5.47
CA PRO A 37 -14.98 -32.64 4.50
C PRO A 37 -15.85 -32.23 3.33
N LYS A 38 -15.65 -32.83 2.16
CA LYS A 38 -16.41 -32.50 0.97
C LYS A 38 -17.86 -32.99 1.04
N ASP A 39 -18.21 -33.66 2.13
CA ASP A 39 -19.59 -34.00 2.47
C ASP A 39 -20.38 -32.76 2.88
N VAL A 40 -19.72 -31.71 3.36
CA VAL A 40 -20.33 -30.43 3.65
C VAL A 40 -19.80 -29.33 2.73
N ALA A 41 -20.69 -28.42 2.35
CA ALA A 41 -20.38 -27.29 1.49
C ALA A 41 -19.84 -26.12 2.31
N VAL A 42 -18.87 -25.39 1.76
CA VAL A 42 -18.36 -24.17 2.38
C VAL A 42 -18.28 -23.06 1.35
N HIS A 43 -18.82 -21.88 1.67
CA HIS A 43 -18.96 -20.77 0.75
C HIS A 43 -18.94 -19.45 1.49
N ARG A 44 -18.64 -18.34 0.80
CA ARG A 44 -18.80 -17.02 1.38
C ARG A 44 -20.22 -16.49 1.21
N GLU A 45 -20.60 -15.49 1.99
CA GLU A 45 -21.97 -14.97 2.05
C GLU A 45 -22.41 -14.35 0.73
N GLU A 46 -21.47 -13.77 -0.01
CA GLU A 46 -21.68 -13.28 -1.37
C GLU A 46 -22.23 -14.37 -2.30
N ILE A 47 -21.97 -15.64 -1.99
CA ILE A 47 -22.24 -16.77 -2.86
C ILE A 47 -23.27 -17.71 -2.24
N TYR A 48 -23.39 -17.74 -0.91
CA TYR A 48 -24.35 -18.60 -0.24
C TYR A 48 -25.77 -18.23 -0.62
N GLN A 49 -25.99 -16.95 -0.90
CA GLN A 49 -27.28 -16.42 -1.32
C GLN A 49 -27.63 -16.81 -2.75
N ARG A 50 -26.64 -17.26 -3.53
CA ARG A 50 -26.85 -17.85 -4.84
C ARG A 50 -27.33 -19.29 -4.73
N ILE A 51 -26.87 -20.01 -3.69
CA ILE A 51 -27.35 -21.34 -3.35
C ILE A 51 -28.81 -21.25 -2.94
N GLN A 52 -29.10 -20.35 -1.99
CA GLN A 52 -30.41 -20.23 -1.38
C GLN A 52 -31.36 -19.36 -2.20
N ALA A 53 -30.91 -18.92 -3.38
CA ALA A 53 -31.76 -18.30 -4.37
C ALA A 53 -32.90 -19.23 -4.79
N GLY A 54 -32.64 -20.55 -4.73
CA GLY A 54 -33.66 -21.58 -4.89
C GLY A 54 -33.08 -22.95 -5.24
N LEU A 55 -31.76 -23.13 -5.15
CA LEU A 55 -31.12 -24.35 -5.62
C LEU A 55 -31.16 -25.38 -4.50
N THR A 56 -32.23 -26.18 -4.50
CA THR A 56 -32.64 -27.10 -3.45
C THR A 56 -33.96 -27.73 -3.87
N ALA A 57 -34.87 -26.89 -4.37
CA ALA A 57 -36.20 -27.28 -4.83
C ALA A 57 -36.16 -27.85 -6.25
N PRO A 58 -37.17 -28.65 -6.64
CA PRO A 58 -37.27 -29.20 -7.98
C PRO A 58 -37.70 -28.15 -9.01
N ASP A 59 -37.50 -28.49 -10.27
CA ASP A 59 -37.86 -27.67 -11.41
C ASP A 59 -39.38 -27.59 -11.61
N MET B 1 -7.67 -27.99 2.79
CA MET B 1 -7.95 -26.58 3.12
C MET B 1 -8.62 -25.86 1.96
N LEU B 2 -9.74 -25.19 2.23
CA LEU B 2 -10.40 -24.25 1.32
C LEU B 2 -10.17 -22.86 1.87
N ILE B 3 -9.53 -21.97 1.10
CA ILE B 3 -9.01 -20.71 1.61
C ILE B 3 -9.68 -19.51 0.96
N LEU B 4 -10.00 -18.52 1.79
CA LEU B 4 -10.73 -17.32 1.40
C LEU B 4 -10.14 -16.09 2.07
N THR B 5 -10.03 -14.98 1.34
CA THR B 5 -9.74 -13.69 1.96
C THR B 5 -11.06 -13.08 2.40
N ARG B 6 -11.13 -12.58 3.64
CA ARG B 6 -12.34 -11.96 4.16
C ARG B 6 -12.01 -10.61 4.77
N LYS B 7 -12.50 -9.54 4.15
CA LYS B 7 -12.28 -8.19 4.64
C LYS B 7 -13.29 -7.88 5.74
N VAL B 8 -12.88 -7.09 6.73
CA VAL B 8 -13.66 -6.92 7.94
C VAL B 8 -15.10 -6.51 7.63
N GLY B 9 -16.05 -7.25 8.23
CA GLY B 9 -17.48 -7.07 8.01
C GLY B 9 -18.10 -8.06 7.02
N GLU B 10 -17.29 -8.82 6.27
CA GLU B 10 -17.80 -9.87 5.40
C GLU B 10 -18.07 -11.17 6.17
N SER B 11 -18.79 -12.10 5.55
CA SER B 11 -19.30 -13.30 6.20
C SER B 11 -19.07 -14.56 5.37
N ILE B 12 -19.05 -15.71 6.05
CA ILE B 12 -18.77 -17.02 5.48
C ILE B 12 -19.76 -18.03 6.06
N ASN B 13 -19.99 -19.14 5.35
CA ASN B 13 -21.03 -20.11 5.69
C ASN B 13 -20.52 -21.54 5.52
N ILE B 14 -20.93 -22.44 6.41
CA ILE B 14 -20.54 -23.83 6.42
C ILE B 14 -21.78 -24.72 6.63
N GLY B 15 -21.97 -25.68 5.74
CA GLY B 15 -23.14 -26.55 5.76
C GLY B 15 -24.43 -25.76 5.65
N ASP B 16 -25.42 -26.09 6.48
CA ASP B 16 -26.68 -25.38 6.57
C ASP B 16 -26.94 -24.82 7.97
N ASP B 17 -26.04 -25.08 8.93
CA ASP B 17 -26.25 -24.75 10.32
C ASP B 17 -25.27 -23.70 10.84
N ILE B 18 -24.14 -23.47 10.15
CA ILE B 18 -23.06 -22.64 10.66
C ILE B 18 -22.82 -21.44 9.76
N THR B 19 -22.67 -20.27 10.39
CA THR B 19 -22.24 -19.04 9.74
C THR B 19 -21.13 -18.39 10.57
N ILE B 20 -20.23 -17.69 9.88
CA ILE B 20 -19.05 -17.03 10.43
C ILE B 20 -19.04 -15.58 9.95
N THR B 21 -18.57 -14.66 10.80
CA THR B 21 -18.39 -13.27 10.41
C THR B 21 -17.05 -12.76 10.95
N ILE B 22 -16.26 -12.11 10.10
CA ILE B 22 -15.05 -11.43 10.53
C ILE B 22 -15.43 -10.05 11.06
N LEU B 23 -15.61 -9.93 12.38
CA LEU B 23 -16.06 -8.70 13.01
C LEU B 23 -15.01 -7.60 12.84
N GLY B 24 -13.73 -7.97 12.84
CA GLY B 24 -12.64 -7.08 12.51
C GLY B 24 -11.30 -7.59 13.03
N VAL B 25 -10.22 -6.83 12.80
CA VAL B 25 -8.90 -7.17 13.30
C VAL B 25 -8.51 -6.23 14.43
N SER B 26 -7.78 -6.78 15.41
CA SER B 26 -7.23 -6.04 16.53
C SER B 26 -5.71 -6.23 16.50
N GLY B 27 -5.07 -5.58 15.52
CA GLY B 27 -3.66 -5.79 15.24
C GLY B 27 -3.44 -7.09 14.49
N GLN B 28 -2.66 -8.02 15.08
CA GLN B 28 -2.48 -9.35 14.51
C GLN B 28 -3.38 -10.38 15.17
N GLN B 29 -4.34 -9.86 15.96
CA GLN B 29 -5.45 -10.62 16.48
C GLN B 29 -6.68 -10.37 15.61
N VAL B 30 -7.63 -11.31 15.65
CA VAL B 30 -8.77 -11.29 14.73
C VAL B 30 -10.05 -11.61 15.50
N ARG B 31 -10.97 -10.64 15.58
CA ARG B 31 -12.26 -10.81 16.24
C ARG B 31 -13.24 -11.45 15.27
N ILE B 32 -13.73 -12.64 15.63
CA ILE B 32 -14.54 -13.49 14.77
C ILE B 32 -15.81 -13.89 15.50
N GLY B 33 -16.97 -13.70 14.85
CA GLY B 33 -18.24 -14.21 15.33
C GLY B 33 -18.54 -15.58 14.74
N ILE B 34 -19.02 -16.50 15.59
CA ILE B 34 -19.44 -17.83 15.17
C ILE B 34 -20.91 -18.01 15.53
N ASN B 35 -21.66 -18.48 14.54
CA ASN B 35 -23.11 -18.51 14.56
C ASN B 35 -23.59 -19.90 14.17
N ALA B 36 -23.48 -20.81 15.13
CA ALA B 36 -23.93 -22.18 15.03
C ALA B 36 -24.88 -22.49 16.17
N PRO B 37 -25.74 -23.50 16.01
CA PRO B 37 -26.54 -24.01 17.10
C PRO B 37 -25.67 -24.57 18.23
N LYS B 38 -26.24 -24.64 19.43
CA LYS B 38 -25.64 -25.31 20.57
C LYS B 38 -25.63 -26.82 20.43
N ASP B 39 -26.19 -27.29 19.31
CA ASP B 39 -26.13 -28.68 18.86
C ASP B 39 -24.70 -29.08 18.50
N VAL B 40 -23.87 -28.10 18.13
CA VAL B 40 -22.46 -28.30 17.82
C VAL B 40 -21.60 -27.63 18.88
N ALA B 41 -20.46 -28.26 19.21
CA ALA B 41 -19.46 -27.61 20.04
C ALA B 41 -18.50 -26.79 19.20
N VAL B 42 -18.11 -25.64 19.77
CA VAL B 42 -17.44 -24.57 19.06
C VAL B 42 -16.39 -23.96 19.97
N HIS B 43 -15.12 -24.37 19.82
CA HIS B 43 -14.02 -23.83 20.61
C HIS B 43 -12.74 -23.78 19.80
N ARG B 44 -11.75 -23.02 20.27
CA ARG B 44 -10.40 -23.07 19.72
C ARG B 44 -9.71 -24.38 20.05
N GLU B 45 -8.68 -24.73 19.28
CA GLU B 45 -7.99 -26.01 19.40
C GLU B 45 -7.48 -26.28 20.81
N GLU B 46 -6.99 -25.25 21.51
CA GLU B 46 -6.58 -25.38 22.91
C GLU B 46 -7.65 -26.08 23.72
N ILE B 47 -8.88 -25.58 23.60
CA ILE B 47 -10.02 -26.00 24.39
C ILE B 47 -10.51 -27.36 23.94
N TYR B 48 -10.66 -27.49 22.62
CA TYR B 48 -11.09 -28.72 21.97
C TYR B 48 -10.27 -29.92 22.44
N GLN B 49 -8.96 -29.73 22.64
CA GLN B 49 -8.03 -30.80 22.99
C GLN B 49 -8.26 -31.35 24.40
N ARG B 50 -8.86 -30.59 25.32
CA ARG B 50 -9.28 -31.12 26.61
C ARG B 50 -10.65 -31.79 26.49
N ILE B 51 -11.55 -31.20 25.70
CA ILE B 51 -12.90 -31.72 25.55
C ILE B 51 -12.85 -33.12 24.94
N GLN B 52 -11.96 -33.30 23.96
CA GLN B 52 -11.69 -34.61 23.38
C GLN B 52 -10.75 -35.47 24.23
N ALA B 53 -10.36 -34.99 25.42
CA ALA B 53 -9.67 -35.80 26.41
C ALA B 53 -10.65 -36.70 27.17
N GLY B 54 -11.94 -36.36 27.17
CA GLY B 54 -13.01 -37.23 27.65
C GLY B 54 -14.04 -36.53 28.52
N LEU B 55 -14.54 -35.37 28.08
CA LEU B 55 -15.34 -34.48 28.91
C LEU B 55 -16.01 -33.37 28.11
N THR B 56 -16.71 -32.48 28.84
CA THR B 56 -17.22 -31.21 28.35
C THR B 56 -16.71 -30.09 29.25
N ALA B 57 -17.07 -28.83 28.93
CA ALA B 57 -16.68 -27.64 29.69
C ALA B 57 -16.71 -27.90 31.19
N PRO B 58 -15.58 -27.76 31.91
CA PRO B 58 -15.49 -28.20 33.29
C PRO B 58 -16.27 -27.36 34.28
N ASP B 59 -16.22 -27.81 35.54
CA ASP B 59 -16.92 -27.22 36.67
C ASP B 59 -16.12 -26.14 37.37
N MET C 1 -15.57 31.69 -8.53
CA MET C 1 -15.57 30.44 -7.75
C MET C 1 -16.44 29.39 -8.43
N LEU C 2 -16.01 29.03 -9.65
CA LEU C 2 -16.50 27.90 -10.41
C LEU C 2 -15.51 26.77 -10.21
N ILE C 3 -15.89 25.72 -9.48
CA ILE C 3 -15.07 24.55 -9.29
C ILE C 3 -15.29 23.60 -10.46
N LEU C 4 -14.19 23.14 -11.04
CA LEU C 4 -14.19 22.08 -12.03
C LEU C 4 -13.30 20.93 -11.57
N THR C 5 -13.77 19.70 -11.70
CA THR C 5 -12.90 18.54 -11.53
C THR C 5 -12.19 18.28 -12.84
N ARG C 6 -10.90 17.96 -12.78
CA ARG C 6 -10.12 17.67 -13.97
C ARG C 6 -9.15 16.53 -13.71
N LYS C 7 -8.98 15.67 -14.72
CA LYS C 7 -8.18 14.46 -14.61
C LYS C 7 -6.92 14.63 -15.44
N VAL C 8 -5.77 14.11 -14.99
CA VAL C 8 -4.49 14.45 -15.60
C VAL C 8 -4.49 14.26 -17.11
N GLY C 9 -4.02 15.29 -17.82
CA GLY C 9 -3.99 15.37 -19.28
C GLY C 9 -5.13 16.20 -19.87
N GLU C 10 -6.16 16.56 -19.10
CA GLU C 10 -7.31 17.31 -19.58
C GLU C 10 -7.09 18.83 -19.51
N SER C 11 -8.09 19.62 -19.91
CA SER C 11 -7.95 21.06 -20.14
C SER C 11 -9.18 21.87 -19.78
N ILE C 12 -8.98 23.17 -19.56
CA ILE C 12 -9.98 24.19 -19.26
C ILE C 12 -9.69 25.42 -20.13
N ASN C 13 -10.68 26.29 -20.32
CA ASN C 13 -10.54 27.55 -21.04
C ASN C 13 -11.09 28.71 -20.22
N ILE C 14 -10.47 29.89 -20.36
CA ILE C 14 -10.86 31.12 -19.70
C ILE C 14 -10.87 32.26 -20.72
N GLY C 15 -11.85 33.15 -20.61
CA GLY C 15 -12.12 34.18 -21.61
C GLY C 15 -12.37 33.56 -22.97
N ASP C 16 -11.76 34.14 -24.01
CA ASP C 16 -11.70 33.57 -25.34
C ASP C 16 -10.26 33.42 -25.82
N ASP C 17 -9.29 33.62 -24.92
CA ASP C 17 -7.88 33.76 -25.25
C ASP C 17 -6.96 32.88 -24.40
N ILE C 18 -7.49 32.25 -23.34
CA ILE C 18 -6.69 31.52 -22.38
C ILE C 18 -7.10 30.04 -22.33
N THR C 19 -6.10 29.15 -22.27
CA THR C 19 -6.28 27.73 -22.01
C THR C 19 -5.47 27.34 -20.78
N ILE C 20 -5.99 26.43 -19.96
CA ILE C 20 -5.33 25.88 -18.78
C ILE C 20 -5.31 24.37 -18.91
N THR C 21 -4.26 23.70 -18.43
CA THR C 21 -4.09 22.26 -18.58
C THR C 21 -3.61 21.62 -17.28
N ILE C 22 -4.14 20.45 -16.93
CA ILE C 22 -3.61 19.65 -15.84
C ILE C 22 -2.58 18.67 -16.43
N LEU C 23 -1.30 18.88 -16.14
CA LEU C 23 -0.25 18.10 -16.78
C LEU C 23 -0.01 16.83 -15.98
N GLY C 24 -0.09 16.91 -14.65
CA GLY C 24 -0.11 15.71 -13.82
C GLY C 24 0.01 16.00 -12.33
N VAL C 25 -0.11 14.95 -11.51
CA VAL C 25 0.19 15.00 -10.09
C VAL C 25 1.42 14.16 -9.77
N SER C 26 2.17 14.59 -8.76
CA SER C 26 3.24 13.83 -8.14
C SER C 26 3.25 14.22 -6.66
N GLY C 27 2.77 13.33 -5.78
CA GLY C 27 2.52 13.73 -4.41
C GLY C 27 1.26 14.57 -4.28
N GLN C 28 1.33 15.57 -3.39
CA GLN C 28 0.35 16.63 -3.27
C GLN C 28 0.65 17.75 -4.27
N GLN C 29 1.68 17.55 -5.10
CA GLN C 29 2.16 18.49 -6.08
C GLN C 29 1.49 18.26 -7.43
N VAL C 30 1.22 19.35 -8.14
CA VAL C 30 0.46 19.32 -9.39
C VAL C 30 1.19 20.16 -10.42
N ARG C 31 1.59 19.57 -11.55
CA ARG C 31 2.09 20.34 -12.68
C ARG C 31 0.91 20.88 -13.47
N ILE C 32 0.83 22.21 -13.56
CA ILE C 32 -0.24 22.95 -14.21
C ILE C 32 0.30 23.74 -15.40
N GLY C 33 -0.35 23.60 -16.55
CA GLY C 33 -0.11 24.39 -17.75
C GLY C 33 -1.03 25.60 -17.81
N ILE C 34 -0.51 26.74 -18.26
CA ILE C 34 -1.27 27.95 -18.52
C ILE C 34 -0.86 28.47 -19.90
N ASN C 35 -1.83 28.91 -20.71
CA ASN C 35 -1.59 29.28 -22.09
C ASN C 35 -2.35 30.56 -22.41
N ALA C 36 -1.70 31.70 -22.27
CA ALA C 36 -2.31 33.01 -22.44
C ALA C 36 -1.36 33.97 -23.17
N PRO C 37 -1.89 34.98 -23.86
CA PRO C 37 -1.08 36.04 -24.43
C PRO C 37 -0.35 36.83 -23.35
N LYS C 38 0.81 37.40 -23.68
CA LYS C 38 1.54 38.31 -22.80
C LYS C 38 0.77 39.60 -22.53
N ASP C 39 -0.43 39.75 -23.11
CA ASP C 39 -1.38 40.80 -22.79
C ASP C 39 -1.91 40.66 -21.37
N VAL C 40 -1.85 39.44 -20.81
CA VAL C 40 -2.21 39.16 -19.43
C VAL C 40 -1.04 38.51 -18.70
N ALA C 41 -0.90 38.79 -17.41
CA ALA C 41 0.14 38.22 -16.59
C ALA C 41 -0.32 36.91 -15.95
N VAL C 42 0.61 36.01 -15.61
CA VAL C 42 0.30 34.79 -14.87
C VAL C 42 1.38 34.50 -13.83
N HIS C 43 0.99 34.22 -12.59
CA HIS C 43 1.94 33.92 -11.51
C HIS C 43 1.32 33.11 -10.38
N ARG C 44 2.16 32.53 -9.53
CA ARG C 44 1.72 31.99 -8.24
C ARG C 44 1.35 33.16 -7.34
N GLU C 45 0.42 32.95 -6.40
CA GLU C 45 -0.21 34.04 -5.66
C GLU C 45 0.79 34.93 -4.92
N GLU C 46 1.85 34.36 -4.34
CA GLU C 46 2.83 35.13 -3.60
C GLU C 46 3.76 35.93 -4.50
N ILE C 47 3.86 35.59 -5.78
CA ILE C 47 4.62 36.33 -6.77
C ILE C 47 3.74 37.35 -7.49
N TYR C 48 2.44 37.05 -7.66
CA TYR C 48 1.49 38.01 -8.20
C TYR C 48 1.54 39.34 -7.44
N GLN C 49 1.60 39.28 -6.11
CA GLN C 49 1.64 40.46 -5.26
C GLN C 49 2.89 41.31 -5.50
N ARG C 50 3.99 40.70 -5.96
CA ARG C 50 5.22 41.40 -6.26
C ARG C 50 5.07 42.30 -7.48
N ILE C 51 4.37 41.83 -8.52
CA ILE C 51 4.09 42.63 -9.69
C ILE C 51 3.13 43.77 -9.35
N GLN C 52 2.42 43.65 -8.23
CA GLN C 52 1.48 44.64 -7.75
C GLN C 52 2.08 45.57 -6.69
N ALA C 53 3.37 45.42 -6.38
CA ALA C 53 4.03 46.13 -5.29
C ALA C 53 4.33 47.59 -5.60
N GLY C 54 3.91 48.09 -6.77
CA GLY C 54 4.03 49.48 -7.15
C GLY C 54 4.87 49.68 -8.39
N LEU C 55 4.82 48.73 -9.33
CA LEU C 55 5.57 48.80 -10.58
C LEU C 55 4.93 49.76 -11.56
N THR C 56 5.77 50.38 -12.40
CA THR C 56 5.33 51.27 -13.46
C THR C 56 6.34 51.31 -14.61
N ALA C 57 7.63 51.23 -14.26
CA ALA C 57 8.72 51.08 -15.20
C ALA C 57 9.90 50.29 -14.61
N PRO C 58 10.21 50.39 -13.30
CA PRO C 58 11.37 49.72 -12.75
C PRO C 58 11.18 48.24 -12.50
N ASP C 59 12.26 47.59 -12.05
CA ASP C 59 12.36 46.16 -11.88
C ASP C 59 12.11 45.71 -10.44
N MET D 1 3.74 28.05 -23.46
CA MET D 1 2.84 28.02 -22.30
C MET D 1 3.65 28.51 -21.11
N LEU D 2 3.01 28.75 -19.96
CA LEU D 2 3.69 28.97 -18.69
C LEU D 2 3.31 27.84 -17.74
N ILE D 3 4.25 26.93 -17.49
CA ILE D 3 4.05 25.75 -16.66
C ILE D 3 4.70 25.96 -15.30
N LEU D 4 4.05 25.50 -14.23
CA LEU D 4 4.59 25.52 -12.88
C LEU D 4 3.92 24.47 -11.99
N THR D 5 4.56 24.13 -10.87
CA THR D 5 3.96 23.26 -9.88
C THR D 5 3.16 24.06 -8.86
N ARG D 6 2.09 23.43 -8.35
CA ARG D 6 1.33 23.94 -7.22
C ARG D 6 0.98 22.79 -6.28
N LYS D 7 1.09 23.00 -4.96
CA LYS D 7 0.57 22.06 -3.99
C LYS D 7 -0.90 22.34 -3.72
N VAL D 8 -1.63 21.32 -3.28
CA VAL D 8 -3.01 21.44 -2.87
C VAL D 8 -3.18 22.50 -1.78
N GLY D 9 -4.21 23.35 -1.92
CA GLY D 9 -4.52 24.41 -0.99
C GLY D 9 -3.85 25.75 -1.32
N GLU D 10 -3.02 25.82 -2.35
CA GLU D 10 -2.35 27.04 -2.77
C GLU D 10 -3.08 27.73 -3.94
N SER D 11 -2.59 28.91 -4.34
CA SER D 11 -3.29 29.77 -5.28
C SER D 11 -2.39 30.33 -6.37
N ILE D 12 -3.03 30.79 -7.45
CA ILE D 12 -2.42 31.32 -8.67
C ILE D 12 -3.25 32.51 -9.15
N ASN D 13 -2.66 33.41 -9.94
CA ASN D 13 -3.36 34.57 -10.49
C ASN D 13 -3.19 34.66 -12.01
N ILE D 14 -4.20 35.21 -12.69
CA ILE D 14 -4.20 35.47 -14.13
C ILE D 14 -4.73 36.88 -14.39
N GLY D 15 -4.06 37.62 -15.25
CA GLY D 15 -4.42 39.00 -15.59
C GLY D 15 -4.32 39.90 -14.37
N ASP D 16 -5.35 40.72 -14.15
CA ASP D 16 -5.49 41.56 -12.98
C ASP D 16 -6.81 41.30 -12.24
N ASP D 17 -7.62 40.36 -12.73
CA ASP D 17 -8.99 40.16 -12.27
C ASP D 17 -9.34 38.70 -12.00
N ILE D 18 -8.49 37.74 -12.40
CA ILE D 18 -8.78 36.33 -12.29
C ILE D 18 -7.85 35.67 -11.28
N THR D 19 -8.41 34.89 -10.37
CA THR D 19 -7.66 34.08 -9.41
C THR D 19 -8.00 32.61 -9.61
N ILE D 20 -7.03 31.73 -9.35
CA ILE D 20 -7.12 30.29 -9.50
C ILE D 20 -6.69 29.65 -8.19
N THR D 21 -7.35 28.56 -7.78
CA THR D 21 -7.02 27.86 -6.54
C THR D 21 -7.07 26.37 -6.76
N ILE D 22 -6.01 25.66 -6.38
CA ILE D 22 -5.99 24.20 -6.42
C ILE D 22 -6.58 23.68 -5.12
N LEU D 23 -7.84 23.21 -5.17
CA LEU D 23 -8.60 22.88 -3.98
C LEU D 23 -8.20 21.52 -3.43
N GLY D 24 -7.76 20.60 -4.31
CA GLY D 24 -7.19 19.34 -3.87
C GLY D 24 -7.12 18.30 -4.98
N VAL D 25 -6.62 17.11 -4.64
CA VAL D 25 -6.66 15.95 -5.53
C VAL D 25 -7.63 14.88 -5.01
N SER D 26 -8.04 13.99 -5.92
CA SER D 26 -8.78 12.78 -5.63
C SER D 26 -8.32 11.68 -6.58
N GLY D 27 -7.11 11.15 -6.36
CA GLY D 27 -6.50 10.19 -7.24
C GLY D 27 -5.93 10.86 -8.49
N GLN D 28 -6.49 10.49 -9.65
CA GLN D 28 -6.18 11.07 -10.95
C GLN D 28 -6.90 12.40 -11.12
N GLN D 29 -7.99 12.60 -10.37
CA GLN D 29 -8.82 13.78 -10.41
C GLN D 29 -8.25 14.90 -9.56
N VAL D 30 -8.62 16.14 -9.91
CA VAL D 30 -8.13 17.34 -9.26
C VAL D 30 -9.27 18.34 -9.17
N ARG D 31 -9.61 18.81 -7.96
CA ARG D 31 -10.56 19.91 -7.79
C ARG D 31 -9.85 21.24 -7.95
N ILE D 32 -10.35 22.08 -8.86
CA ILE D 32 -9.75 23.35 -9.20
C ILE D 32 -10.82 24.44 -9.16
N GLY D 33 -10.62 25.44 -8.30
CA GLY D 33 -11.43 26.65 -8.23
C GLY D 33 -10.95 27.68 -9.24
N ILE D 34 -11.89 28.39 -9.87
CA ILE D 34 -11.59 29.49 -10.77
C ILE D 34 -12.45 30.67 -10.37
N ASN D 35 -11.86 31.86 -10.32
CA ASN D 35 -12.49 33.04 -9.75
C ASN D 35 -12.27 34.24 -10.66
N ALA D 36 -13.20 34.43 -11.60
CA ALA D 36 -13.17 35.47 -12.60
C ALA D 36 -14.47 36.27 -12.55
N PRO D 37 -14.48 37.53 -13.01
CA PRO D 37 -15.71 38.26 -13.21
C PRO D 37 -16.58 37.58 -14.25
N LYS D 38 -17.90 37.73 -14.16
CA LYS D 38 -18.82 37.31 -15.21
C LYS D 38 -18.66 38.12 -16.50
N ASP D 39 -17.73 39.09 -16.47
CA ASP D 39 -17.27 39.81 -17.63
C ASP D 39 -16.52 38.90 -18.60
N VAL D 40 -15.97 37.79 -18.10
CA VAL D 40 -15.28 36.78 -18.88
C VAL D 40 -15.86 35.39 -18.60
N ALA D 41 -15.62 34.47 -19.52
CA ALA D 41 -16.14 33.11 -19.41
C ALA D 41 -15.09 32.14 -18.85
N VAL D 42 -15.55 31.02 -18.27
CA VAL D 42 -14.68 29.90 -17.93
C VAL D 42 -15.44 28.60 -18.09
N HIS D 43 -14.87 27.64 -18.84
CA HIS D 43 -15.43 26.31 -18.99
C HIS D 43 -14.34 25.26 -19.22
N ARG D 44 -14.69 23.99 -19.04
CA ARG D 44 -13.82 22.88 -19.45
C ARG D 44 -13.64 22.90 -20.97
N GLU D 45 -12.58 22.28 -21.48
CA GLU D 45 -12.28 22.30 -22.91
C GLU D 45 -13.37 21.63 -23.73
N GLU D 46 -14.02 20.58 -23.21
CA GLU D 46 -15.21 20.00 -23.81
C GLU D 46 -16.32 21.03 -23.96
N ILE D 47 -16.63 21.69 -22.83
CA ILE D 47 -17.74 22.60 -22.73
C ILE D 47 -17.50 23.83 -23.59
N TYR D 48 -16.28 24.37 -23.52
CA TYR D 48 -15.88 25.59 -24.18
C TYR D 48 -16.28 25.59 -25.65
N GLN D 49 -16.08 24.45 -26.33
CA GLN D 49 -16.36 24.30 -27.74
C GLN D 49 -17.81 24.61 -28.09
N ARG D 50 -18.76 24.45 -27.17
CA ARG D 50 -20.18 24.67 -27.39
C ARG D 50 -20.50 26.17 -27.42
N ILE D 51 -19.76 26.94 -26.63
CA ILE D 51 -19.83 28.39 -26.51
C ILE D 51 -19.03 29.05 -27.63
N GLN D 52 -18.11 28.30 -28.25
CA GLN D 52 -17.36 28.77 -29.41
C GLN D 52 -17.90 28.29 -30.76
N ALA D 53 -18.79 27.29 -30.81
CA ALA D 53 -19.17 26.63 -32.05
C ALA D 53 -20.45 27.17 -32.70
N GLY D 54 -21.07 28.20 -32.14
CA GLY D 54 -22.39 28.66 -32.54
C GLY D 54 -23.37 28.77 -31.37
N LEU D 55 -22.89 28.39 -30.18
CA LEU D 55 -23.48 28.61 -28.88
C LEU D 55 -24.59 27.61 -28.57
N THR D 56 -24.59 27.13 -27.33
CA THR D 56 -25.41 26.00 -26.94
C THR D 56 -26.22 26.26 -25.68
N ALA D 57 -26.01 27.42 -25.04
CA ALA D 57 -26.87 27.94 -24.00
C ALA D 57 -27.00 29.45 -24.19
N PRO D 58 -28.20 30.02 -24.06
CA PRO D 58 -28.42 31.45 -24.16
C PRO D 58 -27.74 32.24 -23.04
N ASP D 59 -27.89 33.56 -23.07
CA ASP D 59 -27.35 34.47 -22.07
C ASP D 59 -27.89 34.20 -20.67
N MET E 1 35.09 -8.08 3.95
CA MET E 1 33.72 -7.93 3.41
C MET E 1 33.63 -8.34 1.96
N LEU E 2 32.40 -8.67 1.52
CA LEU E 2 32.06 -9.03 0.15
C LEU E 2 31.34 -7.86 -0.52
N ILE E 3 31.64 -7.60 -1.79
CA ILE E 3 31.04 -6.52 -2.56
C ILE E 3 30.42 -7.08 -3.85
N LEU E 4 29.23 -6.56 -4.20
CA LEU E 4 28.48 -6.93 -5.39
C LEU E 4 27.97 -5.68 -6.10
N THR E 5 27.53 -5.83 -7.35
CA THR E 5 26.79 -4.80 -8.07
C THR E 5 25.53 -5.42 -8.65
N ARG E 6 24.40 -5.21 -7.97
CA ARG E 6 23.14 -5.88 -8.23
C ARG E 6 22.14 -4.98 -8.93
N LYS E 7 21.55 -5.46 -10.02
CA LYS E 7 20.50 -4.73 -10.71
C LYS E 7 19.16 -4.89 -10.01
N VAL E 8 18.27 -3.91 -10.20
CA VAL E 8 16.94 -3.95 -9.60
C VAL E 8 16.16 -5.18 -10.05
N GLY E 9 15.48 -5.83 -9.10
CA GLY E 9 14.72 -7.05 -9.34
C GLY E 9 15.51 -8.33 -9.16
N GLU E 10 16.81 -8.26 -8.89
CA GLU E 10 17.64 -9.42 -8.59
C GLU E 10 17.76 -9.66 -7.09
N SER E 11 18.47 -10.72 -6.69
CA SER E 11 18.48 -11.20 -5.32
C SER E 11 19.87 -11.62 -4.84
N ILE E 12 20.05 -11.60 -3.52
CA ILE E 12 21.27 -11.98 -2.81
C ILE E 12 20.88 -12.84 -1.61
N ASN E 13 21.78 -13.66 -1.09
CA ASN E 13 21.49 -14.61 -0.02
C ASN E 13 22.56 -14.64 1.06
N ILE E 14 22.11 -14.95 2.29
CA ILE E 14 22.96 -15.01 3.47
C ILE E 14 22.57 -16.24 4.30
N GLY E 15 23.57 -16.96 4.82
CA GLY E 15 23.35 -18.18 5.57
C GLY E 15 22.63 -19.23 4.74
N ASP E 16 21.67 -19.93 5.37
CA ASP E 16 20.78 -20.86 4.70
C ASP E 16 19.31 -20.56 4.96
N ASP E 17 19.01 -19.39 5.55
CA ASP E 17 17.66 -18.99 5.89
C ASP E 17 17.29 -17.58 5.42
N ILE E 18 18.26 -16.78 4.97
CA ILE E 18 18.05 -15.36 4.70
C ILE E 18 18.18 -15.06 3.21
N THR E 19 17.23 -14.27 2.70
CA THR E 19 17.22 -13.76 1.34
C THR E 19 17.08 -12.24 1.33
N ILE E 20 17.76 -11.59 0.39
CA ILE E 20 17.70 -10.16 0.14
C ILE E 20 17.24 -9.95 -1.29
N THR E 21 16.32 -9.00 -1.50
CA THR E 21 15.80 -8.68 -2.82
C THR E 21 15.81 -7.17 -3.02
N ILE E 22 16.47 -6.69 -4.08
CA ILE E 22 16.45 -5.28 -4.42
C ILE E 22 15.16 -4.96 -5.17
N LEU E 23 14.18 -4.36 -4.48
CA LEU E 23 12.89 -4.06 -5.06
C LEU E 23 13.00 -2.95 -6.11
N GLY E 24 13.93 -2.01 -5.91
CA GLY E 24 14.29 -1.02 -6.91
C GLY E 24 14.85 0.26 -6.32
N VAL E 25 15.01 1.30 -7.14
CA VAL E 25 15.61 2.57 -6.73
C VAL E 25 14.72 3.77 -7.05
N SER E 26 14.98 4.89 -6.36
CA SER E 26 14.43 6.20 -6.64
C SER E 26 15.44 7.27 -6.20
N GLY E 27 16.23 7.78 -7.15
CA GLY E 27 17.31 8.70 -6.84
C GLY E 27 18.47 7.99 -6.14
N GLN E 28 18.81 8.41 -4.91
CA GLN E 28 19.82 7.74 -4.12
C GLN E 28 19.22 6.66 -3.23
N GLN E 29 17.89 6.65 -3.11
CA GLN E 29 17.17 5.72 -2.27
C GLN E 29 16.96 4.40 -2.99
N VAL E 30 17.09 3.32 -2.22
CA VAL E 30 17.17 1.95 -2.70
C VAL E 30 16.26 1.12 -1.81
N ARG E 31 15.13 0.67 -2.36
CA ARG E 31 14.15 -0.11 -1.60
C ARG E 31 14.50 -1.58 -1.66
N ILE E 32 14.70 -2.18 -0.50
CA ILE E 32 15.25 -3.52 -0.34
C ILE E 32 14.35 -4.36 0.55
N GLY E 33 13.95 -5.53 0.04
CA GLY E 33 13.27 -6.56 0.81
C GLY E 33 14.27 -7.46 1.53
N ILE E 34 13.96 -7.83 2.77
CA ILE E 34 14.76 -8.69 3.61
C ILE E 34 13.88 -9.78 4.19
N ASN E 35 14.25 -11.04 3.97
CA ASN E 35 13.41 -12.18 4.27
C ASN E 35 14.17 -13.17 5.13
N ALA E 36 13.91 -13.11 6.44
CA ALA E 36 14.49 -14.00 7.43
C ALA E 36 13.45 -14.40 8.47
N PRO E 37 13.63 -15.53 9.14
CA PRO E 37 12.80 -15.93 10.27
C PRO E 37 12.91 -14.96 11.44
N LYS E 38 11.91 -14.96 12.32
CA LYS E 38 11.96 -14.26 13.60
C LYS E 38 12.97 -14.88 14.56
N ASP E 39 13.62 -15.95 14.13
CA ASP E 39 14.77 -16.56 14.79
C ASP E 39 15.97 -15.62 14.82
N VAL E 40 16.02 -14.68 13.87
CA VAL E 40 17.09 -13.70 13.76
C VAL E 40 16.53 -12.28 13.85
N ALA E 41 17.39 -11.33 14.26
CA ALA E 41 17.04 -9.92 14.26
C ALA E 41 17.37 -9.27 12.93
N VAL E 42 16.67 -8.17 12.59
CA VAL E 42 17.03 -7.32 11.48
C VAL E 42 16.49 -5.91 11.69
N HIS E 43 17.38 -4.91 11.63
CA HIS E 43 17.05 -3.50 11.79
C HIS E 43 17.99 -2.65 10.96
N ARG E 44 17.67 -1.37 10.75
CA ARG E 44 18.63 -0.44 10.16
C ARG E 44 19.65 -0.01 11.22
N GLU E 45 20.79 0.52 10.77
CA GLU E 45 21.94 0.76 11.62
C GLU E 45 21.63 1.70 12.78
N GLU E 46 20.59 2.52 12.66
CA GLU E 46 20.11 3.39 13.72
C GLU E 46 19.58 2.59 14.91
N ILE E 47 18.68 1.63 14.63
CA ILE E 47 18.00 0.86 15.66
C ILE E 47 18.96 -0.17 16.25
N TYR E 48 19.88 -0.68 15.42
CA TYR E 48 20.86 -1.66 15.84
C TYR E 48 21.69 -1.20 17.04
N GLN E 49 22.01 0.10 17.10
CA GLN E 49 22.81 0.65 18.19
C GLN E 49 22.07 0.64 19.52
N ARG E 50 20.73 0.71 19.49
CA ARG E 50 19.91 0.62 20.69
C ARG E 50 19.91 -0.81 21.23
N ILE E 51 20.19 -1.77 20.35
CA ILE E 51 20.11 -3.20 20.60
C ILE E 51 21.47 -3.80 20.92
N GLN E 52 22.53 -3.19 20.41
CA GLN E 52 23.87 -3.66 20.75
C GLN E 52 24.42 -3.08 22.06
N ALA E 53 23.63 -2.28 22.77
CA ALA E 53 23.98 -1.74 24.07
C ALA E 53 23.92 -2.76 25.21
N GLY E 54 23.55 -4.01 24.90
CA GLY E 54 23.22 -5.05 25.88
C GLY E 54 21.81 -4.96 26.46
N LEU E 55 20.90 -5.79 25.94
CA LEU E 55 19.47 -5.68 26.20
C LEU E 55 18.64 -6.86 25.67
N THR E 56 19.24 -7.79 24.92
CA THR E 56 18.51 -8.76 24.11
C THR E 56 17.64 -9.66 24.99
N ALA E 57 16.47 -10.05 24.46
CA ALA E 57 15.41 -10.69 25.22
C ALA E 57 15.10 -9.91 26.50
N PRO E 58 14.52 -8.72 26.38
CA PRO E 58 14.37 -7.76 27.46
C PRO E 58 13.77 -8.33 28.74
N ASP E 59 12.70 -9.10 28.62
CA ASP E 59 11.88 -9.52 29.75
C ASP E 59 11.07 -10.76 29.42
N MET F 1 9.20 -10.87 6.47
CA MET F 1 9.51 -10.03 5.30
C MET F 1 9.54 -8.54 5.67
N LEU F 2 10.73 -7.96 5.76
CA LEU F 2 10.89 -6.54 5.95
C LEU F 2 11.18 -5.83 4.64
N ILE F 3 10.75 -4.57 4.54
CA ILE F 3 11.12 -3.68 3.45
C ILE F 3 11.69 -2.39 4.03
N LEU F 4 12.93 -2.07 3.65
CA LEU F 4 13.66 -0.89 4.06
C LEU F 4 13.90 -0.01 2.82
N THR F 5 13.99 1.32 2.99
CA THR F 5 14.45 2.18 1.92
C THR F 5 15.65 2.99 2.37
N ARG F 6 16.84 2.54 1.95
CA ARG F 6 18.13 3.06 2.36
C ARG F 6 18.72 3.91 1.23
N LYS F 7 19.43 5.00 1.53
CA LYS F 7 20.20 5.69 0.50
C LYS F 7 21.70 5.49 0.62
N VAL F 8 22.39 5.82 -0.47
CA VAL F 8 23.80 5.50 -0.65
C VAL F 8 24.67 5.98 0.51
N GLY F 9 25.56 5.11 0.97
CA GLY F 9 26.49 5.37 2.06
C GLY F 9 26.01 4.90 3.42
N GLU F 10 24.74 4.51 3.55
CA GLU F 10 24.17 4.08 4.82
C GLU F 10 24.16 2.57 4.97
N SER F 11 23.71 2.07 6.14
CA SER F 11 23.84 0.67 6.51
C SER F 11 22.58 0.08 7.13
N ILE F 12 22.51 -1.26 7.13
CA ILE F 12 21.48 -2.10 7.73
C ILE F 12 22.17 -3.26 8.45
N ASN F 13 21.53 -3.87 9.45
CA ASN F 13 22.13 -4.95 10.22
C ASN F 13 21.20 -6.15 10.36
N ILE F 14 21.79 -7.34 10.51
CA ILE F 14 21.10 -8.60 10.68
C ILE F 14 21.77 -9.39 11.78
N GLY F 15 20.97 -10.09 12.61
CA GLY F 15 21.46 -10.81 13.76
C GLY F 15 22.16 -9.88 14.75
N ASP F 16 23.29 -10.35 15.29
CA ASP F 16 24.17 -9.56 16.15
C ASP F 16 25.58 -9.48 15.56
N ASP F 17 25.77 -9.92 14.31
CA ASP F 17 27.08 -10.10 13.71
C ASP F 17 27.16 -9.64 12.25
N ILE F 18 26.03 -9.46 11.56
CA ILE F 18 26.01 -9.18 10.13
C ILE F 18 25.70 -7.72 9.86
N THR F 19 26.42 -7.12 8.91
CA THR F 19 26.20 -5.77 8.45
C THR F 19 26.04 -5.75 6.93
N ILE F 20 25.11 -4.90 6.46
CA ILE F 20 24.90 -4.59 5.06
C ILE F 20 25.16 -3.10 4.87
N THR F 21 25.80 -2.73 3.76
CA THR F 21 26.08 -1.34 3.43
C THR F 21 25.80 -1.09 1.96
N ILE F 22 25.00 -0.07 1.65
CA ILE F 22 24.79 0.38 0.29
C ILE F 22 25.93 1.29 -0.11
N LEU F 23 26.82 0.81 -0.99
CA LEU F 23 28.03 1.53 -1.37
C LEU F 23 27.70 2.62 -2.39
N GLY F 24 26.67 2.41 -3.21
CA GLY F 24 26.12 3.44 -4.08
C GLY F 24 25.35 2.87 -5.27
N VAL F 25 24.98 3.72 -6.22
CA VAL F 25 24.25 3.32 -7.42
C VAL F 25 24.99 3.69 -8.70
N SER F 26 24.78 2.89 -9.75
CA SER F 26 25.20 3.16 -11.12
C SER F 26 24.09 2.74 -12.06
N GLY F 27 23.18 3.67 -12.38
CA GLY F 27 21.99 3.37 -13.16
C GLY F 27 21.07 2.41 -12.43
N GLN F 28 20.71 1.29 -13.07
CA GLN F 28 19.92 0.24 -12.43
C GLN F 28 20.74 -0.65 -11.54
N GLN F 29 22.08 -0.63 -11.66
CA GLN F 29 22.94 -1.41 -10.80
C GLN F 29 23.19 -0.68 -9.49
N VAL F 30 23.24 -1.46 -8.40
CA VAL F 30 23.33 -0.97 -7.04
C VAL F 30 24.50 -1.70 -6.39
N ARG F 31 25.54 -0.97 -6.00
CA ARG F 31 26.74 -1.55 -5.43
C ARG F 31 26.55 -1.76 -3.93
N ILE F 32 26.61 -3.01 -3.49
CA ILE F 32 26.24 -3.41 -2.14
C ILE F 32 27.40 -4.17 -1.49
N GLY F 33 27.72 -3.82 -0.24
CA GLY F 33 28.67 -4.54 0.59
C GLY F 33 27.97 -5.35 1.66
N ILE F 34 28.49 -6.55 1.95
CA ILE F 34 28.00 -7.42 3.00
C ILE F 34 29.16 -7.90 3.86
N ASN F 35 28.95 -7.91 5.17
CA ASN F 35 29.94 -8.32 6.15
C ASN F 35 29.31 -9.30 7.13
N ALA F 36 29.65 -10.59 7.01
CA ALA F 36 29.19 -11.64 7.89
C ALA F 36 30.35 -12.49 8.40
N PRO F 37 30.16 -13.19 9.52
CA PRO F 37 31.13 -14.13 10.04
C PRO F 37 31.34 -15.32 9.10
N LYS F 38 32.45 -16.04 9.30
CA LYS F 38 32.69 -17.33 8.66
C LYS F 38 31.74 -18.42 9.16
N ASP F 39 30.92 -18.10 10.15
CA ASP F 39 29.86 -18.94 10.67
C ASP F 39 28.76 -19.17 9.64
N VAL F 40 28.62 -18.27 8.67
CA VAL F 40 27.56 -18.28 7.67
C VAL F 40 28.14 -18.16 6.26
N ALA F 41 27.32 -18.47 5.25
CA ALA F 41 27.64 -18.22 3.86
C ALA F 41 27.08 -16.88 3.40
N VAL F 42 27.60 -16.34 2.28
CA VAL F 42 27.04 -15.18 1.61
C VAL F 42 27.42 -15.19 0.13
N HIS F 43 26.42 -15.17 -0.75
CA HIS F 43 26.60 -15.10 -2.19
C HIS F 43 25.39 -14.44 -2.85
N ARG F 44 25.46 -14.18 -4.15
CA ARG F 44 24.29 -13.77 -4.92
C ARG F 44 23.42 -14.99 -5.23
N GLU F 45 22.16 -14.77 -5.62
CA GLU F 45 21.19 -15.82 -5.78
C GLU F 45 21.61 -16.85 -6.83
N GLU F 46 22.38 -16.42 -7.84
CA GLU F 46 22.96 -17.30 -8.84
C GLU F 46 23.80 -18.39 -8.20
N ILE F 47 24.63 -18.01 -7.22
CA ILE F 47 25.64 -18.89 -6.64
C ILE F 47 25.05 -19.67 -5.47
N TYR F 48 24.08 -19.09 -4.77
CA TYR F 48 23.35 -19.73 -3.68
C TYR F 48 22.83 -21.12 -4.06
N GLN F 49 22.42 -21.28 -5.33
CA GLN F 49 21.85 -22.51 -5.85
C GLN F 49 22.81 -23.69 -5.73
N ARG F 50 24.12 -23.44 -5.63
CA ARG F 50 25.11 -24.47 -5.40
C ARG F 50 25.02 -24.95 -3.96
N ILE F 51 24.97 -24.01 -3.01
CA ILE F 51 24.92 -24.26 -1.58
C ILE F 51 23.62 -24.98 -1.21
N GLN F 52 22.59 -24.85 -2.05
CA GLN F 52 21.38 -25.65 -1.94
C GLN F 52 21.43 -27.02 -2.62
N ALA F 53 22.00 -27.14 -3.82
CA ALA F 53 21.84 -28.32 -4.65
C ALA F 53 23.06 -29.25 -4.75
N GLY F 54 24.28 -28.72 -4.69
CA GLY F 54 25.50 -29.44 -4.99
C GLY F 54 26.54 -29.36 -3.86
N LEU F 55 26.39 -28.33 -3.03
CA LEU F 55 27.08 -28.12 -1.75
C LEU F 55 28.59 -27.99 -1.92
N THR F 56 29.28 -27.86 -0.79
CA THR F 56 30.73 -27.69 -0.78
C THR F 56 31.48 -29.02 -0.77
N ALA F 57 30.75 -30.13 -0.60
CA ALA F 57 31.27 -31.48 -0.78
C ALA F 57 30.30 -32.30 -1.63
N PRO F 58 30.78 -33.01 -2.65
CA PRO F 58 29.98 -33.92 -3.45
C PRO F 58 29.27 -34.98 -2.63
N ASP F 59 29.97 -35.53 -1.63
CA ASP F 59 29.53 -36.71 -0.90
C ASP F 59 30.25 -36.82 0.44
N MET A 1 -24.73 -15.66 19.51
CA MET A 1 -23.56 -15.72 18.62
C MET A 1 -22.28 -15.67 19.43
N LEU A 2 -21.32 -16.57 19.17
CA LEU A 2 -20.09 -16.69 19.94
C LEU A 2 -18.97 -15.89 19.26
N ILE A 3 -18.57 -14.76 19.85
CA ILE A 3 -17.49 -13.93 19.32
C ILE A 3 -16.17 -14.37 19.95
N LEU A 4 -15.14 -14.48 19.11
CA LEU A 4 -13.78 -14.72 19.54
C LEU A 4 -12.84 -13.72 18.88
N THR A 5 -11.67 -13.51 19.50
CA THR A 5 -10.63 -12.62 19.00
C THR A 5 -9.38 -13.47 18.77
N ARG A 6 -9.14 -13.82 17.51
CA ARG A 6 -8.14 -14.81 17.13
C ARG A 6 -7.06 -14.19 16.27
N LYS A 7 -5.80 -14.61 16.43
CA LYS A 7 -4.66 -13.95 15.81
C LYS A 7 -4.09 -14.80 14.68
N VAL A 8 -3.33 -14.18 13.77
CA VAL A 8 -2.73 -14.86 12.65
C VAL A 8 -2.03 -16.15 13.11
N GLY A 9 -2.37 -17.28 12.49
CA GLY A 9 -1.86 -18.60 12.83
C GLY A 9 -2.70 -19.37 13.84
N GLU A 10 -3.75 -18.77 14.41
CA GLU A 10 -4.64 -19.41 15.37
C GLU A 10 -5.68 -20.28 14.65
N SER A 11 -6.29 -21.24 15.36
CA SER A 11 -7.23 -22.18 14.79
C SER A 11 -8.48 -22.34 15.65
N ILE A 12 -9.66 -22.29 15.03
CA ILE A 12 -10.94 -22.56 15.67
C ILE A 12 -11.43 -23.96 15.29
N ASN A 13 -12.28 -24.56 16.12
CA ASN A 13 -12.83 -25.89 15.89
C ASN A 13 -14.34 -25.90 16.10
N ILE A 14 -15.07 -26.53 15.18
CA ILE A 14 -16.53 -26.48 15.11
C ILE A 14 -17.10 -27.87 14.85
N GLY A 15 -18.01 -28.31 15.73
CA GLY A 15 -18.87 -29.46 15.52
C GLY A 15 -18.17 -30.77 15.20
N ASP A 16 -18.52 -31.34 14.03
CA ASP A 16 -18.21 -32.71 13.67
C ASP A 16 -16.80 -32.99 13.16
N ASP A 17 -15.93 -31.98 13.09
CA ASP A 17 -14.48 -32.04 12.86
C ASP A 17 -13.98 -30.82 12.09
N ILE A 18 -14.81 -29.81 11.84
CA ILE A 18 -14.41 -28.66 11.04
C ILE A 18 -13.39 -27.83 11.82
N THR A 19 -12.26 -27.52 11.18
CA THR A 19 -11.21 -26.70 11.76
C THR A 19 -10.93 -25.50 10.87
N ILE A 20 -10.81 -24.31 11.47
CA ILE A 20 -10.70 -23.05 10.74
C ILE A 20 -9.42 -22.35 11.13
N THR A 21 -8.51 -22.08 10.19
CA THR A 21 -7.23 -21.45 10.46
C THR A 21 -7.14 -20.10 9.77
N ILE A 22 -6.69 -19.07 10.49
CA ILE A 22 -6.35 -17.80 9.87
C ILE A 22 -4.93 -17.88 9.33
N LEU A 23 -4.80 -18.00 8.00
CA LEU A 23 -3.50 -18.15 7.37
C LEU A 23 -2.77 -16.79 7.39
N GLY A 24 -3.50 -15.69 7.41
CA GLY A 24 -2.96 -14.37 7.67
C GLY A 24 -3.88 -13.23 7.26
N VAL A 25 -3.35 -12.00 7.24
CA VAL A 25 -4.11 -10.80 6.88
C VAL A 25 -3.41 -10.01 5.79
N SER A 26 -4.19 -9.23 5.04
CA SER A 26 -3.71 -8.36 3.98
C SER A 26 -4.39 -7.00 4.11
N GLY A 27 -3.99 -6.22 5.12
CA GLY A 27 -4.63 -4.95 5.43
C GLY A 27 -5.99 -5.19 6.08
N GLN A 28 -7.06 -4.67 5.47
CA GLN A 28 -8.42 -4.89 5.91
C GLN A 28 -8.99 -6.22 5.40
N GLN A 29 -8.14 -7.03 4.76
CA GLN A 29 -8.49 -8.37 4.33
C GLN A 29 -7.95 -9.41 5.32
N VAL A 30 -8.58 -10.59 5.28
CA VAL A 30 -8.43 -11.66 6.25
C VAL A 30 -8.46 -13.00 5.50
N ARG A 31 -7.30 -13.66 5.39
CA ARG A 31 -7.17 -14.88 4.61
C ARG A 31 -7.35 -16.11 5.49
N ILE A 32 -8.54 -16.70 5.42
CA ILE A 32 -8.98 -17.81 6.25
C ILE A 32 -9.01 -19.10 5.44
N GLY A 33 -8.47 -20.18 6.01
CA GLY A 33 -8.61 -21.53 5.49
C GLY A 33 -9.60 -22.33 6.32
N ILE A 34 -10.49 -23.05 5.65
CA ILE A 34 -11.48 -23.94 6.24
C ILE A 34 -11.07 -25.38 5.95
N ASN A 35 -11.02 -26.20 6.99
CA ASN A 35 -10.70 -27.62 6.88
C ASN A 35 -11.89 -28.45 7.36
N ALA A 36 -12.90 -28.50 6.50
CA ALA A 36 -14.10 -29.31 6.66
C ALA A 36 -14.05 -30.53 5.75
N PRO A 37 -14.72 -31.62 6.11
CA PRO A 37 -14.83 -32.79 5.25
C PRO A 37 -15.77 -32.48 4.08
N LYS A 38 -15.59 -33.17 2.95
CA LYS A 38 -16.40 -32.94 1.76
C LYS A 38 -17.84 -33.43 1.92
N ASP A 39 -18.14 -34.03 3.08
CA ASP A 39 -19.50 -34.36 3.48
C ASP A 39 -20.32 -33.11 3.81
N VAL A 40 -19.65 -32.01 4.18
CA VAL A 40 -20.30 -30.72 4.39
C VAL A 40 -19.81 -29.68 3.39
N ALA A 41 -20.74 -28.82 2.97
CA ALA A 41 -20.48 -27.74 2.03
C ALA A 41 -19.91 -26.52 2.76
N VAL A 42 -18.97 -25.80 2.14
CA VAL A 42 -18.45 -24.55 2.66
C VAL A 42 -18.44 -23.49 1.57
N HIS A 43 -19.01 -22.31 1.85
CA HIS A 43 -19.19 -21.25 0.88
C HIS A 43 -19.20 -19.90 1.56
N ARG A 44 -18.89 -18.81 0.84
CA ARG A 44 -19.07 -17.47 1.36
C ARG A 44 -20.48 -16.95 1.13
N GLU A 45 -20.87 -15.90 1.86
CA GLU A 45 -22.23 -15.39 1.86
C GLU A 45 -22.63 -14.81 0.52
N GLU A 46 -21.68 -14.24 -0.22
CA GLU A 46 -21.83 -13.80 -1.59
C GLU A 46 -22.36 -14.91 -2.51
N ILE A 47 -22.12 -16.18 -2.14
CA ILE A 47 -22.36 -17.34 -2.98
C ILE A 47 -23.41 -18.25 -2.37
N TYR A 48 -23.59 -18.21 -1.05
CA TYR A 48 -24.58 -19.03 -0.37
C TYR A 48 -25.99 -18.71 -0.86
N GLN A 49 -26.20 -17.45 -1.22
CA GLN A 49 -27.46 -16.95 -1.73
C GLN A 49 -27.75 -17.43 -3.14
N ARG A 50 -26.73 -17.94 -3.84
CA ARG A 50 -26.87 -18.63 -5.12
C ARG A 50 -27.28 -20.07 -4.90
N ILE A 51 -26.79 -20.70 -3.82
CA ILE A 51 -27.18 -22.06 -3.44
C ILE A 51 -28.67 -22.08 -3.13
N GLN A 52 -29.10 -21.16 -2.26
CA GLN A 52 -30.47 -21.11 -1.75
C GLN A 52 -31.41 -20.37 -2.70
N ALA A 53 -30.93 -19.97 -3.87
CA ALA A 53 -31.75 -19.35 -4.90
C ALA A 53 -32.80 -20.31 -5.43
N GLY A 54 -32.45 -21.60 -5.53
CA GLY A 54 -33.38 -22.63 -6.00
C GLY A 54 -32.69 -23.96 -6.28
N LEU A 55 -31.61 -24.26 -5.55
CA LEU A 55 -30.87 -25.51 -5.65
C LEU A 55 -31.07 -26.28 -4.34
N THR A 56 -30.37 -27.40 -4.21
CA THR A 56 -30.34 -28.26 -3.03
C THR A 56 -31.69 -28.81 -2.60
N ALA A 57 -32.76 -28.56 -3.38
CA ALA A 57 -34.09 -29.10 -3.19
C ALA A 57 -34.47 -29.99 -4.37
N PRO A 58 -35.47 -30.89 -4.21
CA PRO A 58 -35.99 -31.68 -5.31
C PRO A 58 -36.75 -30.85 -6.33
N ASP A 59 -37.36 -29.74 -5.89
CA ASP A 59 -38.22 -28.94 -6.74
C ASP A 59 -38.41 -27.53 -6.17
N MET B 1 -7.72 -28.16 2.67
CA MET B 1 -8.07 -26.76 3.02
C MET B 1 -8.83 -26.09 1.87
N LEU B 2 -9.93 -25.42 2.17
CA LEU B 2 -10.64 -24.53 1.25
C LEU B 2 -10.46 -23.10 1.76
N ILE B 3 -9.86 -22.23 0.94
CA ILE B 3 -9.35 -20.95 1.40
C ILE B 3 -10.10 -19.78 0.76
N LEU B 4 -10.36 -18.76 1.59
CA LEU B 4 -11.07 -17.56 1.21
C LEU B 4 -10.33 -16.32 1.72
N THR B 5 -10.05 -15.37 0.83
CA THR B 5 -9.56 -14.07 1.20
C THR B 5 -10.75 -13.15 1.43
N ARG B 6 -11.07 -12.93 2.71
CA ARG B 6 -12.21 -12.16 3.17
C ARG B 6 -11.77 -10.73 3.49
N LYS B 7 -12.71 -9.84 3.79
CA LYS B 7 -12.46 -8.53 4.35
C LYS B 7 -13.58 -8.16 5.30
N VAL B 8 -13.29 -7.24 6.23
CA VAL B 8 -14.17 -6.97 7.35
C VAL B 8 -15.60 -6.64 6.93
N GLY B 9 -16.55 -7.27 7.61
CA GLY B 9 -17.98 -7.09 7.37
C GLY B 9 -18.60 -8.16 6.48
N GLU B 10 -17.81 -9.03 5.85
CA GLU B 10 -18.31 -10.15 5.08
C GLU B 10 -18.64 -11.35 5.96
N SER B 11 -19.28 -12.37 5.38
CA SER B 11 -19.71 -13.57 6.09
C SER B 11 -19.39 -14.84 5.31
N ILE B 12 -19.30 -15.96 6.02
CA ILE B 12 -19.06 -17.29 5.48
C ILE B 12 -20.08 -18.27 6.07
N ASN B 13 -20.31 -19.39 5.38
CA ASN B 13 -21.34 -20.35 5.74
C ASN B 13 -20.80 -21.78 5.63
N ILE B 14 -21.15 -22.64 6.59
CA ILE B 14 -20.69 -24.02 6.68
C ILE B 14 -21.86 -24.94 6.96
N GLY B 15 -21.98 -26.01 6.17
CA GLY B 15 -23.12 -26.92 6.24
C GLY B 15 -24.43 -26.18 5.98
N ASP B 16 -25.44 -26.48 6.80
CA ASP B 16 -26.72 -25.77 6.79
C ASP B 16 -27.03 -25.12 8.14
N ASP B 17 -26.14 -25.27 9.12
CA ASP B 17 -26.40 -24.88 10.50
C ASP B 17 -25.44 -23.81 11.02
N ILE B 18 -24.31 -23.58 10.34
CA ILE B 18 -23.26 -22.70 10.83
C ILE B 18 -23.05 -21.52 9.89
N THR B 19 -22.93 -20.33 10.46
CA THR B 19 -22.53 -19.11 9.79
C THR B 19 -21.41 -18.42 10.58
N ILE B 20 -20.52 -17.72 9.87
CA ILE B 20 -19.39 -17.00 10.41
C ILE B 20 -19.46 -15.56 9.90
N THR B 21 -19.03 -14.60 10.71
CA THR B 21 -18.90 -13.21 10.30
C THR B 21 -17.58 -12.64 10.78
N ILE B 22 -16.82 -12.01 9.89
CA ILE B 22 -15.59 -11.32 10.25
C ILE B 22 -15.95 -9.89 10.69
N LEU B 23 -16.03 -9.67 12.00
CA LEU B 23 -16.50 -8.41 12.55
C LEU B 23 -15.48 -7.30 12.32
N GLY B 24 -14.20 -7.64 12.27
CA GLY B 24 -13.13 -6.71 11.97
C GLY B 24 -11.77 -7.18 12.48
N VAL B 25 -10.72 -6.40 12.19
CA VAL B 25 -9.37 -6.68 12.68
C VAL B 25 -8.94 -5.64 13.70
N SER B 26 -8.04 -6.05 14.61
CA SER B 26 -7.35 -5.19 15.54
C SER B 26 -5.86 -5.49 15.49
N GLY B 27 -5.18 -4.98 14.45
CA GLY B 27 -3.78 -5.30 14.21
C GLY B 27 -3.64 -6.66 13.55
N GLN B 28 -2.94 -7.57 14.22
CA GLN B 28 -2.81 -8.96 13.79
C GLN B 28 -3.82 -9.85 14.50
N GLN B 29 -4.75 -9.21 15.23
CA GLN B 29 -5.88 -9.88 15.85
C GLN B 29 -7.12 -9.71 14.98
N VAL B 30 -8.03 -10.68 15.08
CA VAL B 30 -9.17 -10.81 14.18
C VAL B 30 -10.41 -11.13 15.00
N ARG B 31 -11.32 -10.17 15.11
CA ARG B 31 -12.59 -10.31 15.81
C ARG B 31 -13.61 -10.96 14.90
N ILE B 32 -14.09 -12.15 15.25
CA ILE B 32 -15.02 -12.92 14.45
C ILE B 32 -16.16 -13.48 15.29
N GLY B 33 -17.37 -13.48 14.72
CA GLY B 33 -18.54 -14.10 15.31
C GLY B 33 -18.83 -15.46 14.70
N ILE B 34 -19.27 -16.39 15.54
CA ILE B 34 -19.67 -17.73 15.14
C ILE B 34 -21.13 -17.94 15.51
N ASN B 35 -21.88 -18.44 14.55
CA ASN B 35 -23.33 -18.48 14.59
C ASN B 35 -23.82 -19.88 14.22
N ALA B 36 -23.66 -20.77 15.19
CA ALA B 36 -24.11 -22.15 15.13
C ALA B 36 -25.06 -22.42 16.30
N PRO B 37 -25.93 -23.43 16.18
CA PRO B 37 -26.72 -23.89 17.31
C PRO B 37 -25.81 -24.36 18.45
N LYS B 38 -26.31 -24.32 19.68
CA LYS B 38 -25.67 -24.93 20.83
C LYS B 38 -25.62 -26.46 20.73
N ASP B 39 -26.19 -27.00 19.64
CA ASP B 39 -26.11 -28.40 19.28
C ASP B 39 -24.68 -28.83 18.95
N VAL B 40 -23.86 -27.87 18.48
CA VAL B 40 -22.47 -28.07 18.15
C VAL B 40 -21.58 -27.37 19.17
N ALA B 41 -20.44 -27.98 19.50
CA ALA B 41 -19.42 -27.31 20.29
C ALA B 41 -18.49 -26.48 19.43
N VAL B 42 -18.11 -25.32 19.96
CA VAL B 42 -17.46 -24.26 19.22
C VAL B 42 -16.41 -23.60 20.11
N HIS B 43 -15.15 -24.04 20.00
CA HIS B 43 -14.02 -23.45 20.69
C HIS B 43 -12.76 -23.54 19.85
N ARG B 44 -11.73 -22.76 20.21
CA ARG B 44 -10.43 -22.79 19.56
C ARG B 44 -9.60 -23.99 19.99
N GLU B 45 -8.58 -24.33 19.20
CA GLU B 45 -7.79 -25.55 19.38
C GLU B 45 -7.21 -25.66 20.79
N GLU B 46 -6.73 -24.56 21.37
CA GLU B 46 -6.15 -24.57 22.71
C GLU B 46 -7.18 -24.93 23.78
N ILE B 47 -8.46 -24.71 23.52
CA ILE B 47 -9.56 -25.09 24.38
C ILE B 47 -10.01 -26.51 24.06
N TYR B 48 -10.21 -26.78 22.76
CA TYR B 48 -10.69 -28.04 22.23
C TYR B 48 -9.89 -29.23 22.75
N GLN B 49 -8.57 -29.05 22.94
CA GLN B 49 -7.68 -30.12 23.33
C GLN B 49 -7.90 -30.59 24.77
N ARG B 50 -8.47 -29.73 25.64
CA ARG B 50 -8.90 -30.15 26.97
C ARG B 50 -10.23 -30.88 26.90
N ILE B 51 -11.13 -30.40 26.03
CA ILE B 51 -12.48 -30.92 25.92
C ILE B 51 -12.43 -32.35 25.40
N GLN B 52 -11.56 -32.59 24.42
CA GLN B 52 -11.29 -33.94 23.94
C GLN B 52 -10.36 -34.73 24.85
N ALA B 53 -9.97 -34.18 26.01
CA ALA B 53 -9.29 -34.92 27.05
C ALA B 53 -10.27 -35.74 27.88
N GLY B 54 -11.56 -35.41 27.86
CA GLY B 54 -12.61 -36.24 28.41
C GLY B 54 -13.67 -35.48 29.20
N LEU B 55 -14.17 -34.37 28.65
CA LEU B 55 -15.01 -33.43 29.40
C LEU B 55 -15.68 -32.38 28.52
N THR B 56 -16.38 -31.44 29.17
CA THR B 56 -16.88 -30.22 28.58
C THR B 56 -16.39 -29.03 29.41
N ALA B 57 -16.76 -27.80 29.02
CA ALA B 57 -16.38 -26.58 29.72
C ALA B 57 -16.42 -26.75 31.23
N PRO B 58 -15.30 -26.53 31.94
CA PRO B 58 -15.22 -26.76 33.38
C PRO B 58 -16.06 -25.79 34.20
N ASP B 59 -15.93 -25.89 35.51
CA ASP B 59 -16.47 -24.92 36.45
C ASP B 59 -15.83 -23.55 36.27
N MET C 1 -16.88 31.29 -6.78
CA MET C 1 -16.04 30.14 -7.20
C MET C 1 -16.81 29.25 -8.16
N LEU C 2 -16.19 28.88 -9.28
CA LEU C 2 -16.67 27.83 -10.16
C LEU C 2 -15.69 26.66 -10.06
N ILE C 3 -16.10 25.58 -9.40
CA ILE C 3 -15.29 24.37 -9.26
C ILE C 3 -15.47 23.51 -10.51
N LEU C 4 -14.34 23.05 -11.05
CA LEU C 4 -14.31 22.03 -12.09
C LEU C 4 -13.40 20.90 -11.63
N THR C 5 -13.84 19.64 -11.80
CA THR C 5 -12.97 18.50 -11.61
C THR C 5 -12.34 18.08 -12.93
N ARG C 6 -11.14 17.53 -12.86
CA ARG C 6 -10.35 17.17 -14.02
C ARG C 6 -9.53 15.91 -13.77
N LYS C 7 -9.32 15.10 -14.81
CA LYS C 7 -8.49 13.90 -14.73
C LYS C 7 -7.15 14.20 -15.40
N VAL C 8 -6.05 13.56 -14.95
CA VAL C 8 -4.73 13.94 -15.45
C VAL C 8 -4.62 13.84 -16.97
N GLY C 9 -4.01 14.86 -17.58
CA GLY C 9 -3.86 15.00 -19.02
C GLY C 9 -4.97 15.81 -19.71
N GLU C 10 -6.03 16.20 -18.99
CA GLU C 10 -7.11 17.02 -19.53
C GLU C 10 -6.80 18.52 -19.44
N SER C 11 -7.78 19.38 -19.75
CA SER C 11 -7.60 20.80 -19.94
C SER C 11 -8.83 21.62 -19.53
N ILE C 12 -8.62 22.92 -19.26
CA ILE C 12 -9.62 23.92 -18.91
C ILE C 12 -9.29 25.19 -19.70
N ASN C 13 -10.28 26.06 -19.90
CA ASN C 13 -10.09 27.36 -20.54
C ASN C 13 -10.67 28.49 -19.69
N ILE C 14 -10.02 29.66 -19.75
CA ILE C 14 -10.43 30.87 -19.06
C ILE C 14 -10.40 32.03 -20.04
N GLY C 15 -11.42 32.89 -19.99
CA GLY C 15 -11.61 33.95 -20.97
C GLY C 15 -11.69 33.39 -22.39
N ASP C 16 -10.98 34.05 -23.32
CA ASP C 16 -10.80 33.57 -24.68
C ASP C 16 -9.33 33.42 -25.04
N ASP C 17 -8.43 33.61 -24.07
CA ASP C 17 -6.99 33.73 -24.31
C ASP C 17 -6.15 32.81 -23.42
N ILE C 18 -6.76 32.14 -22.44
CA ILE C 18 -6.04 31.34 -21.45
C ILE C 18 -6.49 29.89 -21.51
N THR C 19 -5.52 28.98 -21.47
CA THR C 19 -5.73 27.55 -21.30
C THR C 19 -4.98 27.07 -20.06
N ILE C 20 -5.62 26.21 -19.25
CA ILE C 20 -5.00 25.58 -18.09
C ILE C 20 -4.96 24.08 -18.34
N THR C 21 -3.88 23.40 -17.93
CA THR C 21 -3.67 21.99 -18.22
C THR C 21 -3.29 21.24 -16.96
N ILE C 22 -3.87 20.04 -16.75
CA ILE C 22 -3.41 19.15 -15.69
C ILE C 22 -2.41 18.17 -16.29
N LEU C 23 -1.14 18.29 -15.88
CA LEU C 23 -0.07 17.50 -16.47
C LEU C 23 0.08 16.20 -15.68
N GLY C 24 -0.16 16.26 -14.36
CA GLY C 24 -0.30 15.07 -13.55
C GLY C 24 -0.22 15.34 -12.06
N VAL C 25 -0.09 14.28 -11.25
CA VAL C 25 0.10 14.40 -9.81
C VAL C 25 1.40 13.75 -9.36
N SER C 26 1.82 14.10 -8.14
CA SER C 26 3.09 13.76 -7.53
C SER C 26 2.89 13.59 -6.03
N GLY C 27 2.20 12.52 -5.62
CA GLY C 27 1.75 12.41 -4.25
C GLY C 27 0.66 13.45 -3.98
N GLN C 28 0.98 14.48 -3.19
CA GLN C 28 0.04 15.55 -2.87
C GLN C 28 0.23 16.79 -3.73
N GLN C 29 1.28 16.85 -4.56
CA GLN C 29 1.42 17.93 -5.52
C GLN C 29 0.83 17.57 -6.88
N VAL C 30 0.55 18.61 -7.65
CA VAL C 30 -0.15 18.55 -8.92
C VAL C 30 0.69 19.36 -9.90
N ARG C 31 1.22 18.73 -10.96
CA ARG C 31 1.86 19.50 -12.02
C ARG C 31 0.77 20.13 -12.86
N ILE C 32 0.63 21.45 -12.71
CA ILE C 32 -0.37 22.27 -13.37
C ILE C 32 0.32 23.17 -14.39
N GLY C 33 -0.24 23.24 -15.61
CA GLY C 33 0.19 24.14 -16.66
C GLY C 33 -0.76 25.32 -16.82
N ILE C 34 -0.20 26.50 -17.10
CA ILE C 34 -0.93 27.75 -17.25
C ILE C 34 -0.43 28.42 -18.52
N ASN C 35 -1.30 28.55 -19.52
CA ASN C 35 -0.92 28.93 -20.86
C ASN C 35 -1.68 30.18 -21.29
N ALA C 36 -1.04 31.33 -21.16
CA ALA C 36 -1.63 32.64 -21.40
C ALA C 36 -0.60 33.55 -22.07
N PRO C 37 -1.04 34.61 -22.78
CA PRO C 37 -0.14 35.62 -23.30
C PRO C 37 0.60 36.33 -22.18
N LYS C 38 1.81 36.83 -22.45
CA LYS C 38 2.57 37.68 -21.53
C LYS C 38 1.88 39.02 -21.28
N ASP C 39 0.72 39.26 -21.91
CA ASP C 39 -0.16 40.38 -21.61
C ASP C 39 -0.76 40.27 -20.21
N VAL C 40 -0.82 39.04 -19.67
CA VAL C 40 -1.28 38.79 -18.31
C VAL C 40 -0.17 38.10 -17.51
N ALA C 41 -0.10 38.39 -16.22
CA ALA C 41 0.83 37.74 -15.31
C ALA C 41 0.25 36.44 -14.76
N VAL C 42 1.10 35.47 -14.41
CA VAL C 42 0.70 34.28 -13.69
C VAL C 42 1.72 33.98 -12.59
N HIS C 43 1.26 33.69 -11.37
CA HIS C 43 2.13 33.40 -10.24
C HIS C 43 1.44 32.52 -9.21
N ARG C 44 2.23 31.82 -8.38
CA ARG C 44 1.71 31.18 -7.18
C ARG C 44 1.38 32.25 -6.14
N GLU C 45 0.46 31.95 -5.22
CA GLU C 45 -0.11 32.94 -4.33
C GLU C 45 0.95 33.63 -3.46
N GLU C 46 2.03 32.90 -3.12
CA GLU C 46 3.17 33.45 -2.38
C GLU C 46 3.78 34.64 -3.10
N ILE C 47 3.97 34.53 -4.41
CA ILE C 47 4.69 35.52 -5.20
C ILE C 47 3.72 36.59 -5.73
N TYR C 48 2.47 36.22 -5.97
CA TYR C 48 1.44 37.15 -6.41
C TYR C 48 1.35 38.38 -5.51
N GLN C 49 1.52 38.19 -4.19
CA GLN C 49 1.45 39.26 -3.21
C GLN C 49 2.49 40.35 -3.48
N ARG C 50 3.65 40.00 -4.04
CA ARG C 50 4.68 40.96 -4.40
C ARG C 50 4.27 41.81 -5.60
N ILE C 51 3.59 41.22 -6.59
CA ILE C 51 3.11 41.95 -7.74
C ILE C 51 2.04 42.96 -7.32
N GLN C 52 1.40 42.71 -6.17
CA GLN C 52 0.45 43.64 -5.57
C GLN C 52 1.11 44.58 -4.56
N ALA C 53 2.35 44.31 -4.15
CA ALA C 53 3.09 45.10 -3.19
C ALA C 53 3.70 46.36 -3.79
N GLY C 54 3.89 46.36 -5.12
CA GLY C 54 4.61 47.42 -5.83
C GLY C 54 6.03 46.99 -6.15
N LEU C 55 6.47 47.31 -7.37
CA LEU C 55 7.75 46.89 -7.91
C LEU C 55 8.33 47.95 -8.85
N THR C 56 9.59 47.77 -9.26
CA THR C 56 10.38 48.78 -9.95
C THR C 56 10.01 48.99 -11.42
N ALA C 57 9.05 48.22 -11.95
CA ALA C 57 8.48 48.47 -13.27
C ALA C 57 6.99 48.12 -13.28
N PRO C 58 6.12 49.04 -12.84
CA PRO C 58 4.68 48.82 -12.85
C PRO C 58 4.14 48.54 -14.24
N ASP C 59 3.35 47.47 -14.38
CA ASP C 59 2.57 47.13 -15.56
C ASP C 59 3.39 46.85 -16.82
N MET D 1 3.96 28.09 -22.33
CA MET D 1 3.19 27.63 -21.15
C MET D 1 4.04 27.79 -19.90
N LEU D 2 3.42 28.01 -18.74
CA LEU D 2 4.08 28.14 -17.44
C LEU D 2 3.62 27.01 -16.52
N ILE D 3 4.53 26.15 -16.07
CA ILE D 3 4.23 24.91 -15.37
C ILE D 3 4.76 24.98 -13.94
N LEU D 4 3.96 24.54 -12.97
CA LEU D 4 4.27 24.54 -11.56
C LEU D 4 3.83 23.25 -10.87
N THR D 5 4.34 23.01 -9.66
CA THR D 5 3.79 22.02 -8.75
C THR D 5 3.05 22.73 -7.63
N ARG D 6 1.73 22.54 -7.57
CA ARG D 6 0.90 23.02 -6.48
C ARG D 6 0.43 21.85 -5.61
N LYS D 7 0.64 21.90 -4.29
CA LYS D 7 0.05 20.91 -3.42
C LYS D 7 -1.38 21.27 -3.04
N VAL D 8 -2.17 20.26 -2.67
CA VAL D 8 -3.57 20.42 -2.33
C VAL D 8 -3.75 21.42 -1.20
N GLY D 9 -4.71 22.34 -1.36
CA GLY D 9 -5.02 23.38 -0.39
C GLY D 9 -4.32 24.71 -0.67
N GLU D 10 -3.42 24.77 -1.65
CA GLU D 10 -2.71 25.99 -2.02
C GLU D 10 -3.38 26.73 -3.17
N SER D 11 -2.83 27.88 -3.57
CA SER D 11 -3.46 28.81 -4.50
C SER D 11 -2.49 29.36 -5.54
N ILE D 12 -3.05 29.84 -6.65
CA ILE D 12 -2.38 30.44 -7.80
C ILE D 12 -3.19 31.66 -8.24
N ASN D 13 -2.57 32.57 -8.98
CA ASN D 13 -3.20 33.80 -9.47
C ASN D 13 -2.89 34.07 -10.93
N ILE D 14 -3.84 34.71 -11.61
CA ILE D 14 -3.75 35.09 -13.02
C ILE D 14 -4.22 36.53 -13.17
N GLY D 15 -3.50 37.33 -13.96
CA GLY D 15 -3.78 38.74 -14.14
C GLY D 15 -3.73 39.49 -12.81
N ASP D 16 -4.71 40.37 -12.60
CA ASP D 16 -4.88 41.08 -11.34
C ASP D 16 -6.28 40.85 -10.75
N ASP D 17 -7.09 39.98 -11.35
CA ASP D 17 -8.48 39.80 -10.97
C ASP D 17 -8.87 38.34 -10.72
N ILE D 18 -8.00 37.38 -11.07
CA ILE D 18 -8.34 35.96 -11.06
C ILE D 18 -7.49 35.20 -10.06
N THR D 19 -8.14 34.32 -9.29
CA THR D 19 -7.50 33.39 -8.38
C THR D 19 -7.89 31.96 -8.74
N ILE D 20 -6.96 31.02 -8.55
CA ILE D 20 -7.15 29.60 -8.78
C ILE D 20 -6.76 28.87 -7.48
N THR D 21 -7.53 27.85 -7.11
CA THR D 21 -7.33 27.12 -5.86
C THR D 21 -7.36 25.62 -6.14
N ILE D 22 -6.32 24.89 -5.73
CA ILE D 22 -6.31 23.44 -5.85
C ILE D 22 -6.98 22.85 -4.61
N LEU D 23 -8.25 22.47 -4.76
CA LEU D 23 -9.09 22.09 -3.64
C LEU D 23 -8.72 20.69 -3.13
N GLY D 24 -8.26 19.82 -4.02
CA GLY D 24 -7.73 18.52 -3.64
C GLY D 24 -7.56 17.57 -4.82
N VAL D 25 -7.23 16.31 -4.51
CA VAL D 25 -7.25 15.22 -5.48
C VAL D 25 -8.26 14.15 -5.06
N SER D 26 -8.67 13.32 -6.01
CA SER D 26 -9.46 12.13 -5.76
C SER D 26 -9.04 11.04 -6.73
N GLY D 27 -7.91 10.38 -6.45
CA GLY D 27 -7.32 9.40 -7.36
C GLY D 27 -6.50 10.08 -8.45
N GLN D 28 -6.95 9.95 -9.70
CA GLN D 28 -6.39 10.66 -10.83
C GLN D 28 -7.18 11.94 -11.10
N GLN D 29 -8.28 12.17 -10.37
CA GLN D 29 -8.94 13.45 -10.38
C GLN D 29 -8.15 14.50 -9.60
N VAL D 30 -8.36 15.75 -10.02
CA VAL D 30 -7.89 16.95 -9.37
C VAL D 30 -9.07 17.91 -9.32
N ARG D 31 -9.49 18.29 -8.10
CA ARG D 31 -10.63 19.16 -7.86
C ARG D 31 -10.13 20.59 -7.77
N ILE D 32 -10.53 21.44 -8.73
CA ILE D 32 -9.95 22.76 -8.92
C ILE D 32 -11.03 23.83 -8.82
N GLY D 33 -10.84 24.79 -7.91
CA GLY D 33 -11.67 25.98 -7.82
C GLY D 33 -11.09 27.08 -8.70
N ILE D 34 -11.96 27.73 -9.48
CA ILE D 34 -11.62 28.93 -10.22
C ILE D 34 -12.43 30.10 -9.65
N ASN D 35 -11.78 31.26 -9.52
CA ASN D 35 -12.41 32.47 -9.04
C ASN D 35 -11.98 33.63 -9.94
N ALA D 36 -12.77 33.85 -11.00
CA ALA D 36 -12.66 34.99 -11.89
C ALA D 36 -13.95 35.80 -11.78
N PRO D 37 -13.92 37.11 -12.07
CA PRO D 37 -15.13 37.88 -12.20
C PRO D 37 -16.04 37.23 -13.24
N LYS D 38 -17.35 37.26 -13.00
CA LYS D 38 -18.34 36.69 -13.90
C LYS D 38 -18.41 37.42 -15.24
N ASP D 39 -17.68 38.54 -15.32
CA ASP D 39 -17.41 39.30 -16.51
C ASP D 39 -16.55 38.54 -17.52
N VAL D 40 -15.78 37.54 -17.06
CA VAL D 40 -14.97 36.68 -17.91
C VAL D 40 -15.37 35.23 -17.73
N ALA D 41 -15.01 34.38 -18.71
CA ALA D 41 -15.50 33.02 -18.77
C ALA D 41 -14.54 32.00 -18.13
N VAL D 42 -15.06 30.85 -17.72
CA VAL D 42 -14.28 29.70 -17.33
C VAL D 42 -15.07 28.41 -17.58
N HIS D 43 -14.51 27.48 -18.35
CA HIS D 43 -15.11 26.18 -18.62
C HIS D 43 -14.04 25.12 -18.86
N ARG D 44 -14.40 23.84 -18.79
CA ARG D 44 -13.52 22.76 -19.23
C ARG D 44 -13.30 22.86 -20.73
N GLU D 45 -12.22 22.27 -21.25
CA GLU D 45 -11.86 22.33 -22.65
C GLU D 45 -12.88 21.61 -23.53
N GLU D 46 -13.64 20.66 -23.00
CA GLU D 46 -14.78 20.07 -23.68
C GLU D 46 -15.89 21.11 -23.88
N ILE D 47 -16.25 21.78 -22.78
CA ILE D 47 -17.34 22.74 -22.74
C ILE D 47 -16.96 23.98 -23.54
N TYR D 48 -15.68 24.36 -23.51
CA TYR D 48 -15.18 25.47 -24.29
C TYR D 48 -15.44 25.27 -25.78
N GLN D 49 -15.16 24.08 -26.31
CA GLN D 49 -15.45 23.74 -27.69
C GLN D 49 -16.94 23.68 -27.98
N ARG D 50 -17.75 23.42 -26.96
CA ARG D 50 -19.21 23.47 -27.03
C ARG D 50 -19.65 24.90 -27.28
N ILE D 51 -19.05 25.82 -26.53
CA ILE D 51 -19.42 27.22 -26.50
C ILE D 51 -18.86 27.96 -27.71
N GLN D 52 -17.61 27.67 -28.06
CA GLN D 52 -16.90 28.27 -29.18
C GLN D 52 -17.47 27.81 -30.52
N ALA D 53 -18.51 26.97 -30.50
CA ALA D 53 -19.31 26.63 -31.66
C ALA D 53 -20.06 27.85 -32.23
N GLY D 54 -20.25 28.90 -31.42
CA GLY D 54 -20.75 30.19 -31.88
C GLY D 54 -21.83 30.79 -30.98
N LEU D 55 -21.73 30.59 -29.67
CA LEU D 55 -22.81 30.88 -28.74
C LEU D 55 -22.28 31.05 -27.31
N THR D 56 -23.19 31.18 -26.34
CA THR D 56 -22.87 31.11 -24.91
C THR D 56 -23.43 29.83 -24.32
N ALA D 57 -24.63 29.87 -23.72
CA ALA D 57 -25.31 28.70 -23.22
C ALA D 57 -26.81 28.81 -23.51
N PRO D 58 -27.34 28.01 -24.44
CA PRO D 58 -28.75 28.03 -24.78
C PRO D 58 -29.67 27.62 -23.64
N ASP D 59 -30.97 27.83 -23.84
CA ASP D 59 -32.02 27.54 -22.88
C ASP D 59 -32.11 26.06 -22.54
N MET E 1 36.10 -8.48 2.78
CA MET E 1 34.81 -7.90 2.41
C MET E 1 34.42 -8.31 0.98
N LEU E 2 33.13 -8.49 0.71
CA LEU E 2 32.61 -8.87 -0.59
C LEU E 2 31.92 -7.68 -1.24
N ILE E 3 32.20 -7.44 -2.52
CA ILE E 3 31.63 -6.36 -3.31
C ILE E 3 30.98 -6.93 -4.56
N LEU E 4 29.80 -6.40 -4.91
CA LEU E 4 29.00 -6.80 -6.05
C LEU E 4 28.47 -5.56 -6.78
N THR E 5 27.97 -5.77 -8.01
CA THR E 5 27.19 -4.76 -8.71
C THR E 5 25.91 -5.40 -9.22
N ARG E 6 24.81 -5.16 -8.50
CA ARG E 6 23.52 -5.78 -8.74
C ARG E 6 22.55 -4.82 -9.41
N LYS E 7 21.89 -5.31 -10.46
CA LYS E 7 20.80 -4.61 -11.12
C LYS E 7 19.50 -4.76 -10.35
N VAL E 8 18.60 -3.80 -10.54
CA VAL E 8 17.30 -3.83 -9.88
C VAL E 8 16.50 -5.07 -10.25
N GLY E 9 15.83 -5.66 -9.27
CA GLY E 9 15.01 -6.86 -9.44
C GLY E 9 15.80 -8.16 -9.28
N GLU E 10 17.12 -8.10 -9.08
CA GLU E 10 17.92 -9.28 -8.80
C GLU E 10 18.14 -9.47 -7.30
N SER E 11 18.81 -10.56 -6.92
CA SER E 11 18.90 -11.01 -5.53
C SER E 11 20.30 -11.42 -5.12
N ILE E 12 20.54 -11.39 -3.80
CA ILE E 12 21.79 -11.75 -3.15
C ILE E 12 21.45 -12.58 -1.91
N ASN E 13 22.39 -13.38 -1.40
CA ASN E 13 22.12 -14.31 -0.32
C ASN E 13 23.23 -14.34 0.73
N ILE E 14 22.85 -14.63 1.97
CA ILE E 14 23.73 -14.68 3.13
C ILE E 14 23.39 -15.89 3.98
N GLY E 15 24.41 -16.60 4.50
CA GLY E 15 24.22 -17.80 5.27
C GLY E 15 23.53 -18.89 4.47
N ASP E 16 22.54 -19.55 5.09
CA ASP E 16 21.64 -20.48 4.43
C ASP E 16 20.17 -20.13 4.70
N ASP E 17 19.91 -18.95 5.29
CA ASP E 17 18.60 -18.58 5.80
C ASP E 17 18.21 -17.15 5.45
N ILE E 18 19.11 -16.36 4.84
CA ILE E 18 18.88 -14.95 4.57
C ILE E 18 18.95 -14.68 3.07
N THR E 19 17.98 -13.92 2.58
CA THR E 19 17.94 -13.42 1.21
C THR E 19 17.83 -11.90 1.22
N ILE E 20 18.52 -11.26 0.27
CA ILE E 20 18.49 -9.83 0.02
C ILE E 20 17.98 -9.61 -1.40
N THR E 21 17.08 -8.64 -1.58
CA THR E 21 16.53 -8.31 -2.88
C THR E 21 16.63 -6.81 -3.12
N ILE E 22 17.19 -6.40 -4.25
CA ILE E 22 17.16 -5.00 -4.65
C ILE E 22 15.82 -4.74 -5.35
N LEU E 23 14.88 -4.13 -4.63
CA LEU E 23 13.53 -3.91 -5.11
C LEU E 23 13.51 -2.86 -6.21
N GLY E 24 14.41 -1.87 -6.13
CA GLY E 24 14.66 -0.94 -7.22
C GLY E 24 15.42 0.31 -6.80
N VAL E 25 15.45 1.31 -7.69
CA VAL E 25 16.33 2.46 -7.60
C VAL E 25 15.68 3.73 -8.14
N SER E 26 15.84 4.84 -7.43
CA SER E 26 15.47 6.18 -7.89
C SER E 26 16.37 7.23 -7.27
N GLY E 27 16.98 8.09 -8.09
CA GLY E 27 17.95 9.07 -7.61
C GLY E 27 19.16 8.39 -7.00
N GLN E 28 19.54 8.79 -5.78
CA GLN E 28 20.57 8.11 -5.00
C GLN E 28 19.95 7.03 -4.11
N GLN E 29 18.62 7.06 -3.97
CA GLN E 29 17.88 6.17 -3.09
C GLN E 29 17.65 4.81 -3.74
N VAL E 30 17.67 3.77 -2.91
CA VAL E 30 17.68 2.38 -3.33
C VAL E 30 16.74 1.61 -2.41
N ARG E 31 15.66 1.06 -2.97
CA ARG E 31 14.69 0.25 -2.24
C ARG E 31 15.25 -1.14 -2.06
N ILE E 32 15.53 -1.54 -0.82
CA ILE E 32 16.16 -2.81 -0.50
C ILE E 32 15.25 -3.64 0.39
N GLY E 33 15.04 -4.91 0.02
CA GLY E 33 14.31 -5.88 0.81
C GLY E 33 15.24 -6.89 1.47
N ILE E 34 14.91 -7.31 2.68
CA ILE E 34 15.72 -8.22 3.50
C ILE E 34 14.80 -9.28 4.10
N ASN E 35 15.15 -10.54 3.89
CA ASN E 35 14.29 -11.66 4.25
C ASN E 35 15.08 -12.66 5.10
N ALA E 36 14.88 -12.57 6.41
CA ALA E 36 15.52 -13.44 7.40
C ALA E 36 14.52 -13.83 8.49
N PRO E 37 14.74 -14.96 9.16
CA PRO E 37 13.97 -15.34 10.32
C PRO E 37 14.12 -14.34 11.47
N LYS E 38 13.17 -14.34 12.40
CA LYS E 38 13.27 -13.61 13.66
C LYS E 38 14.33 -14.20 14.60
N ASP E 39 14.97 -15.28 14.14
CA ASP E 39 16.14 -15.87 14.77
C ASP E 39 17.33 -14.92 14.73
N VAL E 40 17.35 -14.01 13.76
CA VAL E 40 18.39 -13.00 13.59
C VAL E 40 17.81 -11.60 13.69
N ALA E 41 18.65 -10.63 14.09
CA ALA E 41 18.27 -9.23 14.08
C ALA E 41 18.58 -8.59 12.73
N VAL E 42 17.85 -7.51 12.39
CA VAL E 42 18.19 -6.68 11.25
C VAL E 42 17.64 -5.27 11.45
N HIS E 43 18.51 -4.27 11.30
CA HIS E 43 18.17 -2.86 11.41
C HIS E 43 19.09 -2.02 10.54
N ARG E 44 18.75 -0.75 10.29
CA ARG E 44 19.67 0.17 9.66
C ARG E 44 20.69 0.66 10.68
N GLU E 45 21.82 1.20 10.23
CA GLU E 45 22.96 1.50 11.08
C GLU E 45 22.60 2.45 12.23
N GLU E 46 21.58 3.28 12.04
CA GLU E 46 21.06 4.18 13.08
C GLU E 46 20.49 3.41 14.26
N ILE E 47 19.67 2.40 13.98
CA ILE E 47 18.98 1.63 15.00
C ILE E 47 19.94 0.61 15.61
N TYR E 48 20.85 0.06 14.81
CA TYR E 48 21.81 -0.96 15.25
C TYR E 48 22.55 -0.56 16.52
N GLN E 49 22.85 0.73 16.66
CA GLN E 49 23.59 1.28 17.78
C GLN E 49 22.89 1.05 19.12
N ARG E 50 21.57 0.81 19.11
CA ARG E 50 20.82 0.46 20.31
C ARG E 50 21.16 -0.97 20.71
N ILE E 51 21.08 -1.89 19.74
CA ILE E 51 21.29 -3.32 19.93
C ILE E 51 22.73 -3.60 20.36
N GLN E 52 23.65 -2.68 20.05
CA GLN E 52 25.01 -2.71 20.57
C GLN E 52 25.20 -2.05 21.94
N ALA E 53 24.57 -0.91 22.23
CA ALA E 53 24.92 -0.10 23.38
C ALA E 53 23.91 -0.10 24.54
N GLY E 54 22.61 -0.23 24.26
CA GLY E 54 21.55 -0.03 25.23
C GLY E 54 20.62 -1.24 25.35
N LEU E 55 20.57 -2.02 24.26
CA LEU E 55 19.95 -3.33 24.13
C LEU E 55 18.44 -3.31 24.28
N THR E 56 17.81 -4.43 23.91
CA THR E 56 16.37 -4.54 23.87
C THR E 56 15.79 -5.29 25.07
N ALA E 57 16.66 -5.85 25.91
CA ALA E 57 16.28 -6.48 27.17
C ALA E 57 17.26 -6.06 28.26
N PRO E 58 16.77 -5.66 29.45
CA PRO E 58 17.61 -5.41 30.61
C PRO E 58 18.30 -6.66 31.14
N ASP E 59 19.12 -6.47 32.17
CA ASP E 59 19.80 -7.54 32.89
C ASP E 59 18.81 -8.52 33.54
N MET F 1 10.22 -10.23 6.64
CA MET F 1 10.56 -9.45 5.43
C MET F 1 10.59 -7.96 5.73
N LEU F 2 11.79 -7.36 5.78
CA LEU F 2 11.95 -5.93 5.97
C LEU F 2 12.22 -5.21 4.66
N ILE F 3 11.77 -3.97 4.55
CA ILE F 3 12.06 -3.08 3.44
C ILE F 3 12.58 -1.76 3.95
N LEU F 4 13.62 -1.24 3.28
CA LEU F 4 14.24 0.03 3.57
C LEU F 4 14.43 0.83 2.29
N THR F 5 14.63 2.15 2.41
CA THR F 5 15.09 2.98 1.33
C THR F 5 16.40 3.65 1.73
N ARG F 6 17.51 3.09 1.24
CA ARG F 6 18.86 3.50 1.59
C ARG F 6 19.50 4.27 0.43
N LYS F 7 20.12 5.43 0.68
CA LYS F 7 20.87 6.10 -0.37
C LYS F 7 22.37 5.85 -0.28
N VAL F 8 23.08 6.19 -1.36
CA VAL F 8 24.47 5.81 -1.49
C VAL F 8 25.34 6.20 -0.30
N GLY F 9 26.24 5.29 0.09
CA GLY F 9 27.21 5.51 1.16
C GLY F 9 26.69 5.14 2.54
N GLU F 10 25.39 4.84 2.67
CA GLU F 10 24.78 4.51 3.96
C GLU F 10 24.81 3.01 4.23
N SER F 11 24.56 2.61 5.48
CA SER F 11 24.76 1.26 5.95
C SER F 11 23.55 0.65 6.64
N ILE F 12 23.49 -0.68 6.62
CA ILE F 12 22.48 -1.52 7.25
C ILE F 12 23.20 -2.69 7.93
N ASN F 13 22.55 -3.34 8.89
CA ASN F 13 23.18 -4.38 9.70
C ASN F 13 22.26 -5.58 9.92
N ILE F 14 22.88 -6.77 10.03
CA ILE F 14 22.19 -8.03 10.25
C ILE F 14 22.93 -8.82 11.33
N GLY F 15 22.19 -9.50 12.20
CA GLY F 15 22.75 -10.20 13.35
C GLY F 15 23.50 -9.25 14.27
N ASP F 16 24.64 -9.69 14.79
CA ASP F 16 25.58 -8.86 15.53
C ASP F 16 26.94 -8.80 14.85
N ASP F 17 27.05 -9.31 13.62
CA ASP F 17 28.33 -9.51 12.96
C ASP F 17 28.34 -9.08 11.49
N ILE F 18 27.17 -8.91 10.87
CA ILE F 18 27.07 -8.64 9.44
C ILE F 18 26.74 -7.17 9.19
N THR F 19 27.42 -6.57 8.21
CA THR F 19 27.15 -5.23 7.73
C THR F 19 26.88 -5.24 6.23
N ILE F 20 25.92 -4.43 5.80
CA ILE F 20 25.58 -4.18 4.41
C ILE F 20 25.79 -2.70 4.13
N THR F 21 26.39 -2.37 2.98
CA THR F 21 26.63 -1.00 2.58
C THR F 21 26.26 -0.80 1.11
N ILE F 22 25.47 0.23 0.82
CA ILE F 22 25.22 0.65 -0.55
C ILE F 22 26.40 1.52 -1.01
N LEU F 23 27.18 1.02 -1.97
CA LEU F 23 28.42 1.66 -2.39
C LEU F 23 28.16 2.76 -3.42
N GLY F 24 27.08 2.63 -4.19
CA GLY F 24 26.59 3.69 -5.06
C GLY F 24 25.68 3.21 -6.18
N VAL F 25 25.26 4.14 -7.04
CA VAL F 25 24.22 3.93 -8.03
C VAL F 25 24.62 4.50 -9.39
N SER F 26 24.36 3.72 -10.46
CA SER F 26 24.53 4.12 -11.84
C SER F 26 23.38 3.56 -12.67
N GLY F 27 22.29 4.32 -12.80
CA GLY F 27 21.09 3.85 -13.46
C GLY F 27 20.46 2.67 -12.72
N GLN F 28 20.14 1.61 -13.44
CA GLN F 28 19.56 0.40 -12.87
C GLN F 28 20.60 -0.42 -12.10
N GLN F 29 21.88 -0.19 -12.37
CA GLN F 29 22.98 -0.92 -11.76
C GLN F 29 23.40 -0.25 -10.46
N VAL F 30 23.47 -1.05 -9.39
CA VAL F 30 23.68 -0.57 -8.03
C VAL F 30 24.86 -1.34 -7.44
N ARG F 31 25.90 -0.63 -6.99
CA ARG F 31 27.08 -1.24 -6.42
C ARG F 31 26.87 -1.45 -4.92
N ILE F 32 27.09 -2.67 -4.45
CA ILE F 32 26.71 -3.09 -3.10
C ILE F 32 27.87 -3.85 -2.44
N GLY F 33 28.06 -3.64 -1.14
CA GLY F 33 29.08 -4.31 -0.36
C GLY F 33 28.49 -5.06 0.83
N ILE F 34 29.04 -6.23 1.13
CA ILE F 34 28.64 -7.07 2.26
C ILE F 34 29.87 -7.47 3.05
N ASN F 35 29.75 -7.44 4.38
CA ASN F 35 30.80 -7.80 5.30
C ASN F 35 30.25 -8.76 6.36
N ALA F 36 30.63 -10.04 6.26
CA ALA F 36 30.20 -11.09 7.16
C ALA F 36 31.38 -11.91 7.67
N PRO F 37 31.22 -12.58 8.81
CA PRO F 37 32.22 -13.51 9.33
C PRO F 37 32.42 -14.71 8.41
N LYS F 38 33.55 -15.41 8.58
CA LYS F 38 33.82 -16.67 7.91
C LYS F 38 32.97 -17.82 8.44
N ASP F 39 32.17 -17.55 9.48
CA ASP F 39 31.18 -18.48 10.01
C ASP F 39 30.01 -18.67 9.05
N VAL F 40 29.80 -17.73 8.12
CA VAL F 40 28.70 -17.76 7.17
C VAL F 40 29.21 -17.62 5.73
N ALA F 41 28.35 -17.96 4.76
CA ALA F 41 28.60 -17.72 3.36
C ALA F 41 27.90 -16.44 2.88
N VAL F 42 28.35 -15.88 1.75
CA VAL F 42 27.68 -14.79 1.07
C VAL F 42 28.02 -14.80 -0.41
N HIS F 43 27.00 -14.81 -1.27
CA HIS F 43 27.14 -14.74 -2.71
C HIS F 43 25.90 -14.11 -3.33
N ARG F 44 25.89 -13.87 -4.65
CA ARG F 44 24.69 -13.50 -5.36
C ARG F 44 23.81 -14.74 -5.59
N GLU F 45 22.53 -14.55 -5.90
CA GLU F 45 21.56 -15.62 -5.98
C GLU F 45 21.94 -16.68 -7.02
N GLU F 46 22.64 -16.26 -8.08
CA GLU F 46 23.19 -17.15 -9.10
C GLU F 46 24.09 -18.21 -8.49
N ILE F 47 24.97 -17.80 -7.59
CA ILE F 47 26.02 -18.63 -7.04
C ILE F 47 25.52 -19.40 -5.82
N TYR F 48 24.59 -18.81 -5.07
CA TYR F 48 23.96 -19.44 -3.92
C TYR F 48 23.44 -20.84 -4.23
N GLN F 49 22.93 -21.04 -5.45
CA GLN F 49 22.36 -22.30 -5.89
C GLN F 49 23.34 -23.47 -5.81
N ARG F 50 24.65 -23.18 -5.81
CA ARG F 50 25.68 -24.20 -5.63
C ARG F 50 25.71 -24.63 -4.17
N ILE F 51 25.73 -23.65 -3.25
CA ILE F 51 25.82 -23.86 -1.81
C ILE F 51 24.58 -24.57 -1.30
N GLN F 52 23.47 -24.49 -2.04
CA GLN F 52 22.28 -25.29 -1.79
C GLN F 52 22.28 -26.68 -2.42
N ALA F 53 22.74 -26.83 -3.67
CA ALA F 53 22.51 -28.06 -4.44
C ALA F 53 23.72 -28.98 -4.61
N GLY F 54 24.94 -28.44 -4.70
CA GLY F 54 26.13 -29.17 -5.08
C GLY F 54 27.27 -29.01 -4.09
N LEU F 55 27.20 -27.95 -3.29
CA LEU F 55 28.01 -27.66 -2.12
C LEU F 55 29.49 -27.51 -2.44
N THR F 56 30.31 -27.30 -1.41
CA THR F 56 31.74 -27.14 -1.56
C THR F 56 32.46 -28.48 -1.69
N ALA F 57 31.78 -29.58 -1.36
CA ALA F 57 32.26 -30.93 -1.58
C ALA F 57 31.14 -31.79 -2.18
N PRO F 58 31.06 -31.89 -3.51
CA PRO F 58 30.12 -32.76 -4.20
C PRO F 58 30.27 -34.23 -3.79
N ASP F 59 31.50 -34.69 -3.65
CA ASP F 59 31.81 -36.10 -3.49
C ASP F 59 33.23 -36.29 -2.94
N MET A 1 -24.63 -15.63 19.58
CA MET A 1 -23.47 -15.74 18.67
C MET A 1 -22.18 -15.71 19.48
N LEU A 2 -21.24 -16.63 19.22
CA LEU A 2 -20.02 -16.76 20.00
C LEU A 2 -18.87 -16.05 19.28
N ILE A 3 -18.35 -14.97 19.87
CA ILE A 3 -17.25 -14.21 19.32
C ILE A 3 -15.95 -14.67 19.95
N LEU A 4 -14.92 -14.86 19.11
CA LEU A 4 -13.56 -15.15 19.53
C LEU A 4 -12.59 -14.25 18.80
N THR A 5 -11.35 -14.20 19.27
CA THR A 5 -10.29 -13.37 18.72
C THR A 5 -9.09 -14.25 18.41
N ARG A 6 -8.51 -14.09 17.22
CA ARG A 6 -7.36 -14.85 16.77
C ARG A 6 -6.26 -13.90 16.33
N LYS A 7 -5.07 -14.44 16.08
CA LYS A 7 -3.96 -13.74 15.44
C LYS A 7 -3.40 -14.62 14.34
N VAL A 8 -2.72 -14.02 13.37
CA VAL A 8 -2.16 -14.76 12.25
C VAL A 8 -1.44 -16.03 12.71
N GLY A 9 -1.86 -17.18 12.19
CA GLY A 9 -1.30 -18.48 12.50
C GLY A 9 -2.08 -19.29 13.52
N GLU A 10 -3.15 -18.72 14.11
CA GLU A 10 -3.97 -19.39 15.11
C GLU A 10 -5.22 -20.04 14.49
N SER A 11 -5.96 -20.81 15.29
CA SER A 11 -7.02 -21.66 14.79
C SER A 11 -8.26 -21.71 15.69
N ILE A 12 -9.38 -22.13 15.12
CA ILE A 12 -10.68 -22.32 15.78
C ILE A 12 -11.23 -23.68 15.35
N ASN A 13 -12.10 -24.27 16.18
CA ASN A 13 -12.68 -25.59 15.94
C ASN A 13 -14.19 -25.55 16.07
N ILE A 14 -14.86 -26.36 15.23
CA ILE A 14 -16.31 -26.43 15.16
C ILE A 14 -16.73 -27.89 15.09
N GLY A 15 -17.65 -28.30 15.98
CA GLY A 15 -18.05 -29.69 16.13
C GLY A 15 -16.85 -30.56 16.52
N ASP A 16 -16.67 -31.67 15.80
CA ASP A 16 -15.53 -32.56 15.96
C ASP A 16 -14.85 -32.88 14.64
N ASP A 17 -15.28 -32.27 13.54
CA ASP A 17 -14.78 -32.54 12.19
C ASP A 17 -14.19 -31.30 11.51
N ILE A 18 -14.51 -30.08 11.97
CA ILE A 18 -14.15 -28.86 11.27
C ILE A 18 -13.12 -28.06 12.06
N THR A 19 -12.11 -27.56 11.35
CA THR A 19 -11.09 -26.66 11.88
C THR A 19 -10.92 -25.46 10.97
N ILE A 20 -10.69 -24.28 11.54
CA ILE A 20 -10.49 -23.03 10.82
C ILE A 20 -9.12 -22.46 11.21
N THR A 21 -8.40 -21.83 10.28
CA THR A 21 -7.09 -21.24 10.52
C THR A 21 -6.95 -19.90 9.83
N ILE A 22 -6.46 -18.88 10.54
CA ILE A 22 -6.12 -17.60 9.94
C ILE A 22 -4.71 -17.71 9.37
N LEU A 23 -4.60 -17.94 8.06
CA LEU A 23 -3.31 -18.18 7.42
C LEU A 23 -2.50 -16.88 7.35
N GLY A 24 -3.18 -15.74 7.27
CA GLY A 24 -2.57 -14.43 7.41
C GLY A 24 -3.54 -13.27 7.16
N VAL A 25 -3.03 -12.04 7.23
CA VAL A 25 -3.83 -10.83 7.13
C VAL A 25 -3.20 -9.84 6.15
N SER A 26 -4.05 -9.08 5.45
CA SER A 26 -3.67 -8.24 4.33
C SER A 26 -4.38 -6.89 4.41
N GLY A 27 -4.09 -6.12 5.47
CA GLY A 27 -4.74 -4.85 5.72
C GLY A 27 -6.18 -5.04 6.18
N GLN A 28 -7.14 -4.47 5.44
CA GLN A 28 -8.55 -4.66 5.69
C GLN A 28 -9.05 -6.00 5.16
N GLN A 29 -8.20 -6.74 4.44
CA GLN A 29 -8.48 -8.11 4.05
C GLN A 29 -7.82 -9.12 4.97
N VAL A 30 -8.38 -10.33 4.97
CA VAL A 30 -8.09 -11.40 5.92
C VAL A 30 -8.11 -12.74 5.19
N ARG A 31 -7.06 -13.55 5.32
CA ARG A 31 -6.91 -14.79 4.59
C ARG A 31 -7.08 -15.99 5.52
N ILE A 32 -8.25 -16.62 5.47
CA ILE A 32 -8.65 -17.70 6.35
C ILE A 32 -8.86 -18.99 5.55
N GLY A 33 -8.35 -20.11 6.08
CA GLY A 33 -8.60 -21.44 5.56
C GLY A 33 -9.59 -22.20 6.44
N ILE A 34 -10.44 -23.00 5.79
CA ILE A 34 -11.38 -23.92 6.41
C ILE A 34 -10.92 -25.35 6.11
N ASN A 35 -11.01 -26.22 7.11
CA ASN A 35 -10.65 -27.63 7.02
C ASN A 35 -11.81 -28.48 7.50
N ALA A 36 -12.83 -28.56 6.65
CA ALA A 36 -14.00 -29.40 6.80
C ALA A 36 -14.00 -30.54 5.80
N PRO A 37 -14.66 -31.67 6.10
CA PRO A 37 -14.75 -32.78 5.17
C PRO A 37 -15.69 -32.44 4.02
N LYS A 38 -15.52 -33.11 2.87
CA LYS A 38 -16.36 -32.90 1.70
C LYS A 38 -17.79 -33.40 1.90
N ASP A 39 -18.05 -34.00 3.06
CA ASP A 39 -19.40 -34.33 3.51
C ASP A 39 -20.23 -33.07 3.76
N VAL A 40 -19.58 -31.99 4.17
CA VAL A 40 -20.22 -30.72 4.50
C VAL A 40 -19.73 -29.58 3.61
N ALA A 41 -20.65 -28.68 3.28
CA ALA A 41 -20.42 -27.58 2.36
C ALA A 41 -19.65 -26.45 3.01
N VAL A 42 -18.75 -25.79 2.27
CA VAL A 42 -18.10 -24.57 2.69
C VAL A 42 -18.22 -23.53 1.58
N HIS A 43 -18.92 -22.42 1.85
CA HIS A 43 -19.10 -21.35 0.88
C HIS A 43 -19.26 -19.99 1.54
N ARG A 44 -18.96 -18.92 0.80
CA ARG A 44 -19.19 -17.55 1.22
C ARG A 44 -20.65 -17.14 1.07
N GLU A 45 -21.12 -16.19 1.87
CA GLU A 45 -22.52 -15.80 1.90
C GLU A 45 -22.95 -15.12 0.60
N GLU A 46 -22.02 -14.49 -0.09
CA GLU A 46 -22.26 -13.88 -1.40
C GLU A 46 -22.52 -14.92 -2.49
N ILE A 47 -22.25 -16.20 -2.21
CA ILE A 47 -22.32 -17.30 -3.16
C ILE A 47 -23.23 -18.41 -2.64
N TYR A 48 -23.43 -18.52 -1.33
CA TYR A 48 -24.30 -19.52 -0.73
C TYR A 48 -25.73 -19.34 -1.22
N GLN A 49 -26.10 -18.08 -1.48
CA GLN A 49 -27.41 -17.71 -1.97
C GLN A 49 -27.60 -18.09 -3.44
N ARG A 50 -26.52 -18.48 -4.13
CA ARG A 50 -26.56 -19.09 -5.45
C ARG A 50 -26.85 -20.58 -5.34
N ILE A 51 -26.36 -21.22 -4.28
CA ILE A 51 -26.58 -22.64 -4.01
C ILE A 51 -28.05 -22.87 -3.73
N GLN A 52 -28.61 -22.09 -2.81
CA GLN A 52 -29.98 -22.24 -2.35
C GLN A 52 -30.98 -21.54 -3.27
N ALA A 53 -30.51 -20.99 -4.40
CA ALA A 53 -31.36 -20.43 -5.41
C ALA A 53 -32.24 -21.48 -6.08
N GLY A 54 -31.72 -22.71 -6.24
CA GLY A 54 -32.48 -23.79 -6.85
C GLY A 54 -31.64 -25.02 -7.16
N LEU A 55 -30.60 -25.26 -6.36
CA LEU A 55 -29.70 -26.39 -6.50
C LEU A 55 -29.84 -27.27 -5.26
N THR A 56 -28.97 -28.28 -5.14
CA THR A 56 -28.88 -29.17 -3.99
C THR A 56 -30.21 -29.82 -3.60
N ALA A 57 -31.10 -30.01 -4.59
CA ALA A 57 -32.42 -30.57 -4.39
C ALA A 57 -32.36 -32.11 -4.29
N PRO A 58 -33.33 -32.74 -3.62
CA PRO A 58 -33.39 -34.18 -3.51
C PRO A 58 -33.81 -34.84 -4.81
N ASP A 59 -33.52 -36.14 -4.91
CA ASP A 59 -33.89 -36.99 -6.02
C ASP A 59 -35.40 -37.23 -6.07
N MET B 1 -7.74 -28.14 2.75
CA MET B 1 -8.04 -26.74 3.11
C MET B 1 -8.79 -26.04 1.98
N LEU B 2 -9.87 -25.34 2.31
CA LEU B 2 -10.59 -24.43 1.41
C LEU B 2 -10.36 -23.01 1.91
N ILE B 3 -9.76 -22.15 1.08
CA ILE B 3 -9.23 -20.87 1.53
C ILE B 3 -9.93 -19.68 0.88
N LEU B 4 -10.16 -18.65 1.69
CA LEU B 4 -10.82 -17.42 1.28
C LEU B 4 -10.05 -16.21 1.76
N THR B 5 -9.87 -15.22 0.88
CA THR B 5 -9.37 -13.91 1.23
C THR B 5 -10.52 -12.92 1.23
N ARG B 6 -10.98 -12.55 2.44
CA ARG B 6 -12.19 -11.78 2.67
C ARG B 6 -11.84 -10.41 3.22
N LYS B 7 -12.83 -9.52 3.35
CA LYS B 7 -12.65 -8.26 4.05
C LYS B 7 -13.50 -8.19 5.31
N VAL B 8 -13.22 -7.20 6.17
CA VAL B 8 -14.02 -7.02 7.38
C VAL B 8 -15.47 -6.72 7.04
N GLY B 9 -16.37 -7.42 7.71
CA GLY B 9 -17.80 -7.37 7.45
C GLY B 9 -18.31 -8.43 6.49
N GLU B 10 -17.44 -9.29 5.93
CA GLU B 10 -17.86 -10.44 5.14
C GLU B 10 -18.39 -11.58 6.02
N SER B 11 -19.18 -12.46 5.40
CA SER B 11 -19.86 -13.56 6.06
C SER B 11 -19.70 -14.85 5.26
N ILE B 12 -19.51 -15.97 5.96
CA ILE B 12 -19.18 -17.28 5.42
C ILE B 12 -20.10 -18.33 6.04
N ASN B 13 -20.41 -19.42 5.33
CA ASN B 13 -21.33 -20.45 5.77
C ASN B 13 -20.67 -21.83 5.70
N ILE B 14 -20.98 -22.70 6.67
CA ILE B 14 -20.51 -24.07 6.72
C ILE B 14 -21.68 -25.00 7.02
N GLY B 15 -21.81 -26.07 6.22
CA GLY B 15 -22.93 -27.00 6.31
C GLY B 15 -24.26 -26.27 6.10
N ASP B 16 -25.24 -26.55 6.96
CA ASP B 16 -26.51 -25.86 6.99
C ASP B 16 -26.89 -25.37 8.39
N ASP B 17 -25.99 -25.53 9.37
CA ASP B 17 -26.20 -25.07 10.74
C ASP B 17 -25.27 -23.93 11.15
N ILE B 18 -24.14 -23.73 10.45
CA ILE B 18 -23.08 -22.84 10.90
C ILE B 18 -22.91 -21.65 9.95
N THR B 19 -22.73 -20.47 10.54
CA THR B 19 -22.34 -19.25 9.86
C THR B 19 -21.20 -18.58 10.62
N ILE B 20 -20.34 -17.86 9.89
CA ILE B 20 -19.12 -17.23 10.38
C ILE B 20 -19.09 -15.80 9.88
N THR B 21 -18.56 -14.87 10.68
CA THR B 21 -18.46 -13.47 10.31
C THR B 21 -17.11 -12.90 10.74
N ILE B 22 -16.41 -12.21 9.83
CA ILE B 22 -15.24 -11.45 10.21
C ILE B 22 -15.70 -10.08 10.68
N LEU B 23 -15.70 -9.86 12.00
CA LEU B 23 -16.18 -8.61 12.57
C LEU B 23 -15.17 -7.51 12.34
N GLY B 24 -13.88 -7.84 12.31
CA GLY B 24 -12.84 -6.91 11.94
C GLY B 24 -11.46 -7.37 12.36
N VAL B 25 -10.43 -6.61 12.00
CA VAL B 25 -9.07 -6.86 12.46
C VAL B 25 -8.69 -5.81 13.51
N SER B 26 -7.88 -6.24 14.48
CA SER B 26 -7.24 -5.35 15.43
C SER B 26 -5.73 -5.52 15.30
N GLY B 27 -5.17 -4.94 14.23
CA GLY B 27 -3.78 -5.10 13.90
C GLY B 27 -3.51 -6.44 13.21
N GLN B 28 -2.68 -7.28 13.83
CA GLN B 28 -2.44 -8.64 13.38
C GLN B 28 -3.34 -9.63 14.10
N GLN B 29 -4.29 -9.09 14.87
CA GLN B 29 -5.36 -9.83 15.48
C GLN B 29 -6.64 -9.70 14.66
N VAL B 30 -7.57 -10.64 14.87
CA VAL B 30 -8.73 -10.84 14.03
C VAL B 30 -9.93 -11.23 14.90
N ARG B 31 -10.96 -10.37 14.93
CA ARG B 31 -12.18 -10.56 15.70
C ARG B 31 -13.22 -11.26 14.83
N ILE B 32 -13.67 -12.44 15.28
CA ILE B 32 -14.49 -13.35 14.50
C ILE B 32 -15.75 -13.73 15.27
N GLY B 33 -16.91 -13.63 14.62
CA GLY B 33 -18.17 -14.14 15.15
C GLY B 33 -18.48 -15.52 14.60
N ILE B 34 -19.03 -16.38 15.46
CA ILE B 34 -19.43 -17.73 15.10
C ILE B 34 -20.89 -17.93 15.50
N ASN B 35 -21.66 -18.48 14.55
CA ASN B 35 -23.10 -18.54 14.61
C ASN B 35 -23.56 -19.94 14.24
N ALA B 36 -23.36 -20.85 15.20
CA ALA B 36 -23.84 -22.21 15.18
C ALA B 36 -24.81 -22.43 16.33
N PRO B 37 -25.69 -23.42 16.23
CA PRO B 37 -26.50 -23.84 17.35
C PRO B 37 -25.62 -24.25 18.53
N LYS B 38 -26.16 -24.14 19.74
CA LYS B 38 -25.53 -24.63 20.95
C LYS B 38 -25.48 -26.16 20.99
N ASP B 39 -26.02 -26.80 19.94
CA ASP B 39 -25.92 -28.22 19.67
C ASP B 39 -24.50 -28.67 19.36
N VAL B 40 -23.67 -27.75 18.82
CA VAL B 40 -22.29 -28.01 18.46
C VAL B 40 -21.34 -27.29 19.41
N ALA B 41 -20.21 -27.92 19.73
CA ALA B 41 -19.16 -27.23 20.46
C ALA B 41 -18.24 -26.43 19.54
N VAL B 42 -17.83 -25.26 20.04
CA VAL B 42 -17.20 -24.22 19.26
C VAL B 42 -16.18 -23.49 20.13
N HIS B 43 -14.89 -23.81 19.96
CA HIS B 43 -13.80 -23.20 20.71
C HIS B 43 -12.53 -23.10 19.88
N ARG B 44 -11.55 -22.32 20.35
CA ARG B 44 -10.20 -22.30 19.79
C ARG B 44 -9.43 -23.58 20.09
N GLU B 45 -8.38 -23.88 19.32
CA GLU B 45 -7.61 -25.11 19.45
C GLU B 45 -7.11 -25.34 20.87
N GLU B 46 -6.58 -24.31 21.53
CA GLU B 46 -6.05 -24.42 22.88
C GLU B 46 -7.13 -24.64 23.93
N ILE B 47 -8.40 -24.63 23.52
CA ILE B 47 -9.53 -25.03 24.34
C ILE B 47 -10.07 -26.38 23.89
N TYR B 48 -10.29 -26.51 22.57
CA TYR B 48 -10.82 -27.70 21.94
C TYR B 48 -10.13 -28.95 22.47
N GLN B 49 -8.80 -28.91 22.59
CA GLN B 49 -7.94 -30.06 22.86
C GLN B 49 -8.20 -30.72 24.22
N ARG B 50 -8.89 -30.05 25.14
CA ARG B 50 -9.27 -30.61 26.43
C ARG B 50 -10.63 -31.29 26.38
N ILE B 51 -11.53 -30.78 25.53
CA ILE B 51 -12.94 -31.09 25.53
C ILE B 51 -13.24 -32.50 25.02
N GLN B 52 -12.90 -32.77 23.77
CA GLN B 52 -13.02 -34.11 23.20
C GLN B 52 -12.06 -35.12 23.83
N ALA B 53 -11.26 -34.68 24.81
CA ALA B 53 -10.46 -35.55 25.65
C ALA B 53 -11.33 -36.35 26.63
N GLY B 54 -12.56 -35.89 26.89
CA GLY B 54 -13.57 -36.66 27.61
C GLY B 54 -14.48 -35.84 28.51
N LEU B 55 -14.77 -34.59 28.16
CA LEU B 55 -15.41 -33.63 29.05
C LEU B 55 -15.90 -32.37 28.32
N THR B 56 -16.36 -31.38 29.08
CA THR B 56 -16.65 -30.04 28.60
C THR B 56 -16.09 -29.01 29.57
N ALA B 57 -16.48 -27.73 29.42
CA ALA B 57 -16.05 -26.64 30.28
C ALA B 57 -16.05 -27.06 31.75
N PRO B 58 -14.91 -27.00 32.45
CA PRO B 58 -14.78 -27.61 33.76
C PRO B 58 -15.70 -27.03 34.82
N ASP B 59 -15.87 -27.80 35.90
CA ASP B 59 -16.77 -27.54 37.01
C ASP B 59 -16.49 -26.19 37.69
N MET C 1 -16.88 31.72 -7.37
CA MET C 1 -16.08 30.48 -7.45
C MET C 1 -16.78 29.47 -8.35
N LEU C 2 -16.15 29.06 -9.45
CA LEU C 2 -16.60 27.95 -10.28
C LEU C 2 -15.61 26.80 -10.10
N ILE C 3 -16.04 25.72 -9.44
CA ILE C 3 -15.24 24.52 -9.26
C ILE C 3 -15.38 23.62 -10.47
N LEU C 4 -14.25 23.07 -10.94
CA LEU C 4 -14.20 22.02 -11.94
C LEU C 4 -13.30 20.89 -11.47
N THR C 5 -13.75 19.65 -11.64
CA THR C 5 -12.88 18.50 -11.48
C THR C 5 -12.15 18.24 -12.79
N ARG C 6 -10.89 17.82 -12.72
CA ARG C 6 -10.08 17.55 -13.89
C ARG C 6 -9.15 16.38 -13.63
N LYS C 7 -8.97 15.52 -14.63
CA LYS C 7 -8.17 14.30 -14.53
C LYS C 7 -6.89 14.48 -15.35
N VAL C 8 -5.78 13.86 -14.96
CA VAL C 8 -4.49 14.21 -15.56
C VAL C 8 -4.49 14.13 -17.09
N GLY C 9 -3.91 15.16 -17.72
CA GLY C 9 -3.83 15.31 -19.16
C GLY C 9 -4.95 16.14 -19.76
N GLU C 10 -5.99 16.50 -19.00
CA GLU C 10 -7.11 17.30 -19.46
C GLU C 10 -6.83 18.81 -19.37
N SER C 11 -7.81 19.64 -19.73
CA SER C 11 -7.62 21.08 -19.94
C SER C 11 -8.84 21.93 -19.60
N ILE C 12 -8.63 23.23 -19.38
CA ILE C 12 -9.60 24.25 -19.04
C ILE C 12 -9.29 25.51 -19.83
N ASN C 13 -10.29 26.37 -20.05
CA ASN C 13 -10.18 27.65 -20.72
C ASN C 13 -10.73 28.78 -19.87
N ILE C 14 -10.13 29.97 -19.99
CA ILE C 14 -10.62 31.20 -19.38
C ILE C 14 -10.58 32.32 -20.42
N GLY C 15 -11.67 33.08 -20.52
CA GLY C 15 -11.87 34.05 -21.59
C GLY C 15 -11.80 33.37 -22.95
N ASP C 16 -11.08 34.00 -23.89
CA ASP C 16 -10.71 33.41 -25.17
C ASP C 16 -9.21 33.50 -25.43
N ASP C 17 -8.42 33.89 -24.43
CA ASP C 17 -6.98 34.04 -24.55
C ASP C 17 -6.20 33.11 -23.63
N ILE C 18 -6.85 32.49 -22.63
CA ILE C 18 -6.18 31.70 -21.61
C ILE C 18 -6.63 30.24 -21.68
N THR C 19 -5.66 29.33 -21.58
CA THR C 19 -5.86 27.89 -21.50
C THR C 19 -5.00 27.34 -20.37
N ILE C 20 -5.46 26.31 -19.66
CA ILE C 20 -4.73 25.70 -18.57
C ILE C 20 -4.83 24.18 -18.66
N THR C 21 -3.73 23.47 -18.37
CA THR C 21 -3.63 22.02 -18.51
C THR C 21 -3.21 21.39 -17.20
N ILE C 22 -3.86 20.28 -16.81
CA ILE C 22 -3.39 19.46 -15.71
C ILE C 22 -2.38 18.46 -16.25
N LEU C 23 -1.10 18.64 -15.92
CA LEU C 23 -0.03 17.86 -16.52
C LEU C 23 0.14 16.55 -15.75
N GLY C 24 -0.06 16.59 -14.43
CA GLY C 24 -0.16 15.38 -13.63
C GLY C 24 -0.18 15.66 -12.13
N VAL C 25 -0.13 14.59 -11.33
CA VAL C 25 0.08 14.70 -9.89
C VAL C 25 1.45 14.15 -9.50
N SER C 26 1.94 14.58 -8.34
CA SER C 26 3.22 14.20 -7.78
C SER C 26 3.05 13.97 -6.28
N GLY C 27 2.31 12.91 -5.92
CA GLY C 27 1.88 12.73 -4.55
C GLY C 27 0.72 13.67 -4.24
N GLN C 28 0.97 14.67 -3.39
CA GLN C 28 0.03 15.72 -3.07
C GLN C 28 0.23 16.96 -3.92
N GLN C 29 1.33 17.01 -4.68
CA GLN C 29 1.56 18.02 -5.70
C GLN C 29 0.69 17.78 -6.94
N VAL C 30 0.51 18.86 -7.69
CA VAL C 30 -0.21 18.91 -8.95
C VAL C 30 0.66 19.72 -9.91
N ARG C 31 1.17 19.10 -10.97
CA ARG C 31 1.83 19.87 -12.03
C ARG C 31 0.76 20.48 -12.92
N ILE C 32 0.66 21.82 -12.88
CA ILE C 32 -0.31 22.61 -13.62
C ILE C 32 0.43 23.50 -14.61
N GLY C 33 -0.03 23.55 -15.87
CA GLY C 33 0.49 24.44 -16.89
C GLY C 33 -0.50 25.54 -17.25
N ILE C 34 -0.07 26.79 -17.19
CA ILE C 34 -0.87 27.96 -17.50
C ILE C 34 -0.40 28.54 -18.82
N ASN C 35 -1.31 28.67 -19.79
CA ASN C 35 -1.05 29.25 -21.10
C ASN C 35 -1.84 30.53 -21.27
N ALA C 36 -1.19 31.68 -21.02
CA ALA C 36 -1.75 33.00 -21.23
C ALA C 36 -0.73 33.89 -21.94
N PRO C 37 -1.18 34.92 -22.68
CA PRO C 37 -0.30 35.91 -23.27
C PRO C 37 0.53 36.63 -22.21
N LYS C 38 1.69 37.16 -22.59
CA LYS C 38 2.53 37.95 -21.69
C LYS C 38 1.90 39.31 -21.39
N ASP C 39 0.73 39.57 -22.00
CA ASP C 39 -0.11 40.72 -21.70
C ASP C 39 -0.67 40.66 -20.29
N VAL C 40 -0.77 39.46 -19.72
CA VAL C 40 -1.21 39.24 -18.35
C VAL C 40 -0.12 38.54 -17.54
N ALA C 41 -0.05 38.85 -16.25
CA ALA C 41 0.87 38.18 -15.33
C ALA C 41 0.26 36.90 -14.78
N VAL C 42 1.10 35.94 -14.38
CA VAL C 42 0.67 34.77 -13.63
C VAL C 42 1.65 34.51 -12.49
N HIS C 43 1.13 34.15 -11.30
CA HIS C 43 1.94 33.93 -10.11
C HIS C 43 1.21 33.00 -9.15
N ARG C 44 1.94 32.31 -8.26
CA ARG C 44 1.32 31.64 -7.14
C ARG C 44 0.75 32.70 -6.20
N GLU C 45 -0.26 32.38 -5.39
CA GLU C 45 -0.86 33.36 -4.49
C GLU C 45 0.16 33.88 -3.47
N GLU C 46 1.14 33.03 -3.10
CA GLU C 46 2.24 33.40 -2.23
C GLU C 46 3.21 34.40 -2.84
N ILE C 47 3.29 34.47 -4.18
CA ILE C 47 4.08 35.47 -4.89
C ILE C 47 3.22 36.66 -5.28
N TYR C 48 1.96 36.44 -5.65
CA TYR C 48 1.03 37.46 -6.11
C TYR C 48 0.91 38.61 -5.12
N GLN C 49 0.98 38.32 -3.82
CA GLN C 49 0.89 39.32 -2.77
C GLN C 49 2.03 40.33 -2.83
N ARG C 50 3.18 39.97 -3.41
CA ARG C 50 4.26 40.91 -3.69
C ARG C 50 3.89 41.88 -4.81
N ILE C 51 3.23 41.40 -5.86
CA ILE C 51 2.79 42.25 -6.96
C ILE C 51 1.74 43.24 -6.45
N GLN C 52 1.08 42.92 -5.33
CA GLN C 52 0.15 43.80 -4.66
C GLN C 52 0.81 44.63 -3.55
N ALA C 53 2.08 44.37 -3.24
CA ALA C 53 2.84 45.10 -2.23
C ALA C 53 3.45 46.39 -2.79
N GLY C 54 3.57 46.50 -4.12
CA GLY C 54 4.20 47.62 -4.79
C GLY C 54 5.65 47.33 -5.11
N LEU C 55 6.07 47.70 -6.33
CA LEU C 55 7.37 47.37 -6.88
C LEU C 55 7.82 48.42 -7.89
N THR C 56 9.11 48.41 -8.23
CA THR C 56 9.71 49.33 -9.18
C THR C 56 9.84 48.74 -10.57
N ALA C 57 9.59 47.43 -10.73
CA ALA C 57 9.62 46.74 -12.00
C ALA C 57 8.43 45.79 -12.12
N PRO C 58 7.30 46.26 -12.67
CA PRO C 58 6.16 45.43 -12.99
C PRO C 58 6.50 44.30 -13.96
N ASP C 59 7.35 44.62 -14.95
CA ASP C 59 7.64 43.78 -16.09
C ASP C 59 8.97 44.16 -16.73
N MET D 1 4.23 28.89 -22.02
CA MET D 1 3.43 28.33 -20.92
C MET D 1 4.21 28.47 -19.62
N LEU D 2 3.52 28.74 -18.51
CA LEU D 2 4.10 28.79 -17.18
C LEU D 2 3.62 27.61 -16.36
N ILE D 3 4.49 26.63 -16.13
CA ILE D 3 4.20 25.40 -15.41
C ILE D 3 4.66 25.51 -13.96
N LEU D 4 3.88 24.94 -13.04
CA LEU D 4 4.08 25.01 -11.60
C LEU D 4 3.77 23.68 -10.92
N THR D 5 4.21 23.55 -9.67
CA THR D 5 3.76 22.52 -8.75
C THR D 5 3.09 23.20 -7.56
N ARG D 6 1.80 22.94 -7.37
CA ARG D 6 1.09 23.33 -6.15
C ARG D 6 0.53 22.09 -5.47
N LYS D 7 0.56 22.06 -4.14
CA LYS D 7 -0.06 20.98 -3.39
C LYS D 7 -1.49 21.33 -3.01
N VAL D 8 -2.27 20.33 -2.62
CA VAL D 8 -3.65 20.56 -2.21
C VAL D 8 -3.77 21.69 -1.19
N GLY D 9 -4.80 22.53 -1.35
CA GLY D 9 -5.10 23.62 -0.44
C GLY D 9 -4.39 24.93 -0.78
N GLU D 10 -3.53 24.96 -1.80
CA GLU D 10 -2.80 26.14 -2.21
C GLU D 10 -3.54 26.95 -3.29
N SER D 11 -3.00 28.12 -3.61
CA SER D 11 -3.64 29.07 -4.51
C SER D 11 -2.66 29.73 -5.48
N ILE D 12 -3.20 30.36 -6.52
CA ILE D 12 -2.52 30.88 -7.70
C ILE D 12 -3.35 32.04 -8.26
N ASN D 13 -2.76 32.88 -9.11
CA ASN D 13 -3.38 34.08 -9.65
C ASN D 13 -3.03 34.29 -11.13
N ILE D 14 -3.95 34.93 -11.86
CA ILE D 14 -3.81 35.28 -13.26
C ILE D 14 -4.34 36.70 -13.46
N GLY D 15 -3.61 37.53 -14.23
CA GLY D 15 -3.94 38.92 -14.43
C GLY D 15 -4.00 39.68 -13.11
N ASP D 16 -5.03 40.52 -12.95
CA ASP D 16 -5.30 41.22 -11.70
C ASP D 16 -6.70 40.94 -11.18
N ASP D 17 -7.46 40.05 -11.84
CA ASP D 17 -8.86 39.81 -11.55
C ASP D 17 -9.20 38.33 -11.39
N ILE D 18 -8.25 37.42 -11.63
CA ILE D 18 -8.49 35.99 -11.64
C ILE D 18 -7.65 35.29 -10.57
N THR D 19 -8.29 34.36 -9.84
CA THR D 19 -7.67 33.56 -8.80
C THR D 19 -8.02 32.09 -9.01
N ILE D 20 -7.08 31.20 -8.67
CA ILE D 20 -7.23 29.76 -8.79
C ILE D 20 -6.87 29.14 -7.44
N THR D 21 -7.54 28.06 -7.06
CA THR D 21 -7.27 27.33 -5.83
C THR D 21 -7.32 25.83 -6.12
N ILE D 22 -6.32 25.06 -5.67
CA ILE D 22 -6.39 23.62 -5.73
C ILE D 22 -7.09 23.12 -4.47
N LEU D 23 -8.32 22.64 -4.63
CA LEU D 23 -9.19 22.30 -3.52
C LEU D 23 -8.86 20.91 -2.97
N GLY D 24 -8.40 20.02 -3.85
CA GLY D 24 -7.85 18.74 -3.42
C GLY D 24 -7.55 17.80 -4.58
N VAL D 25 -7.07 16.60 -4.25
CA VAL D 25 -6.76 15.54 -5.21
C VAL D 25 -7.50 14.26 -4.83
N SER D 26 -8.06 13.60 -5.83
CA SER D 26 -8.99 12.49 -5.68
C SER D 26 -8.67 11.40 -6.69
N GLY D 27 -7.61 10.62 -6.43
CA GLY D 27 -7.13 9.60 -7.35
C GLY D 27 -6.36 10.20 -8.50
N GLN D 28 -6.84 9.98 -9.72
CA GLN D 28 -6.30 10.56 -10.94
C GLN D 28 -6.83 11.98 -11.12
N GLN D 29 -7.89 12.32 -10.38
CA GLN D 29 -8.56 13.61 -10.48
C GLN D 29 -7.96 14.65 -9.54
N VAL D 30 -8.22 15.90 -9.89
CA VAL D 30 -7.77 17.10 -9.22
C VAL D 30 -8.94 18.06 -9.19
N ARG D 31 -9.37 18.46 -7.99
CA ARG D 31 -10.53 19.31 -7.78
C ARG D 31 -10.07 20.76 -7.68
N ILE D 32 -10.43 21.59 -8.66
CA ILE D 32 -9.86 22.92 -8.85
C ILE D 32 -10.96 23.98 -8.77
N GLY D 33 -10.78 24.98 -7.90
CA GLY D 33 -11.63 26.15 -7.83
C GLY D 33 -11.09 27.29 -8.68
N ILE D 34 -11.98 28.01 -9.34
CA ILE D 34 -11.64 29.14 -10.21
C ILE D 34 -12.50 30.34 -9.81
N ASN D 35 -11.92 31.53 -9.83
CA ASN D 35 -12.59 32.76 -9.42
C ASN D 35 -12.26 33.87 -10.41
N ALA D 36 -13.22 34.23 -11.25
CA ALA D 36 -13.11 35.32 -12.20
C ALA D 36 -14.42 36.10 -12.21
N PRO D 37 -14.40 37.38 -12.60
CA PRO D 37 -15.62 38.13 -12.85
C PRO D 37 -16.44 37.48 -13.97
N LYS D 38 -17.77 37.64 -13.94
CA LYS D 38 -18.62 37.28 -15.05
C LYS D 38 -18.37 38.13 -16.29
N ASP D 39 -17.43 39.09 -16.18
CA ASP D 39 -16.88 39.85 -17.29
C ASP D 39 -16.09 38.96 -18.24
N VAL D 40 -15.66 37.78 -17.76
CA VAL D 40 -14.96 36.78 -18.54
C VAL D 40 -15.59 35.41 -18.34
N ALA D 41 -15.38 34.51 -19.31
CA ALA D 41 -15.89 33.15 -19.25
C ALA D 41 -14.87 32.18 -18.65
N VAL D 42 -15.33 31.05 -18.12
CA VAL D 42 -14.45 29.94 -17.73
C VAL D 42 -15.18 28.62 -17.89
N HIS D 43 -14.55 27.66 -18.58
CA HIS D 43 -15.09 26.31 -18.76
C HIS D 43 -13.99 25.29 -18.99
N ARG D 44 -14.33 24.00 -18.90
CA ARG D 44 -13.46 22.91 -19.34
C ARG D 44 -13.27 22.98 -20.85
N GLU D 45 -12.24 22.32 -21.39
CA GLU D 45 -11.94 22.37 -22.82
C GLU D 45 -13.06 21.77 -23.66
N GLU D 46 -13.67 20.68 -23.19
CA GLU D 46 -14.87 20.10 -23.80
C GLU D 46 -15.97 21.14 -23.92
N ILE D 47 -16.18 21.90 -22.84
CA ILE D 47 -17.31 22.79 -22.68
C ILE D 47 -17.10 24.09 -23.42
N TYR D 48 -15.88 24.62 -23.37
CA TYR D 48 -15.46 25.85 -24.00
C TYR D 48 -15.90 25.91 -25.47
N GLN D 49 -15.86 24.76 -26.15
CA GLN D 49 -16.21 24.63 -27.55
C GLN D 49 -17.68 24.94 -27.83
N ARG D 50 -18.58 24.87 -26.83
CA ARG D 50 -20.00 25.07 -27.00
C ARG D 50 -20.35 26.55 -26.96
N ILE D 51 -19.59 27.32 -26.18
CA ILE D 51 -19.74 28.76 -25.99
C ILE D 51 -19.06 29.52 -27.13
N GLN D 52 -18.15 28.83 -27.82
CA GLN D 52 -17.39 29.36 -28.95
C GLN D 52 -17.87 28.85 -30.30
N ALA D 53 -18.63 27.75 -30.36
CA ALA D 53 -19.18 27.21 -31.60
C ALA D 53 -20.59 27.69 -31.89
N GLY D 54 -21.49 27.62 -30.90
CA GLY D 54 -22.88 28.03 -31.05
C GLY D 54 -23.38 28.90 -29.89
N LEU D 55 -22.53 29.11 -28.90
CA LEU D 55 -22.68 30.10 -27.85
C LEU D 55 -23.88 29.78 -26.97
N THR D 56 -23.90 28.56 -26.43
CA THR D 56 -25.10 28.04 -25.79
C THR D 56 -25.37 28.66 -24.42
N ALA D 57 -24.33 29.12 -23.71
CA ALA D 57 -24.49 29.94 -22.52
C ALA D 57 -23.64 31.21 -22.68
N PRO D 58 -24.21 32.28 -23.27
CA PRO D 58 -23.45 33.46 -23.67
C PRO D 58 -22.84 34.24 -22.51
N ASP D 59 -22.10 35.30 -22.87
CA ASP D 59 -21.34 36.13 -21.96
C ASP D 59 -22.17 37.28 -21.40
N MET E 1 34.69 -10.59 3.86
CA MET E 1 33.77 -9.64 3.20
C MET E 1 33.54 -10.04 1.75
N LEU E 2 32.33 -9.82 1.23
CA LEU E 2 31.95 -10.17 -0.13
C LEU E 2 31.35 -8.94 -0.82
N ILE E 3 31.94 -8.54 -1.94
CA ILE E 3 31.52 -7.37 -2.70
C ILE E 3 30.80 -7.80 -3.98
N LEU E 4 29.71 -7.12 -4.33
CA LEU E 4 28.84 -7.44 -5.45
C LEU E 4 28.44 -6.19 -6.22
N THR E 5 27.91 -6.40 -7.43
CA THR E 5 27.21 -5.37 -8.19
C THR E 5 25.91 -5.97 -8.72
N ARG E 6 24.80 -5.57 -8.11
CA ARG E 6 23.47 -6.14 -8.31
C ARG E 6 22.57 -5.09 -8.95
N LYS E 7 21.90 -5.38 -10.07
CA LYS E 7 20.93 -4.43 -10.61
C LYS E 7 19.52 -4.70 -10.10
N VAL E 8 18.63 -3.72 -10.30
CA VAL E 8 17.29 -3.77 -9.74
C VAL E 8 16.53 -5.01 -10.18
N GLY E 9 15.79 -5.60 -9.23
CA GLY E 9 14.98 -6.79 -9.45
C GLY E 9 15.74 -8.11 -9.30
N GLU E 10 17.05 -8.07 -9.05
CA GLU E 10 17.85 -9.24 -8.76
C GLU E 10 17.93 -9.50 -7.25
N SER E 11 18.50 -10.65 -6.87
CA SER E 11 18.46 -11.14 -5.50
C SER E 11 19.78 -11.75 -5.03
N ILE E 12 19.88 -11.95 -3.72
CA ILE E 12 21.09 -12.30 -2.97
C ILE E 12 20.66 -13.11 -1.75
N ASN E 13 21.55 -13.93 -1.18
CA ASN E 13 21.24 -14.77 -0.04
C ASN E 13 22.35 -14.80 1.00
N ILE E 14 21.95 -15.05 2.26
CA ILE E 14 22.84 -15.13 3.41
C ILE E 14 22.41 -16.31 4.28
N GLY E 15 23.38 -17.02 4.86
CA GLY E 15 23.12 -18.22 5.64
C GLY E 15 22.42 -19.29 4.82
N ASP E 16 21.43 -19.94 5.43
CA ASP E 16 20.54 -20.87 4.75
C ASP E 16 19.06 -20.51 4.96
N ASP E 17 18.80 -19.32 5.51
CA ASP E 17 17.46 -18.89 5.89
C ASP E 17 17.16 -17.45 5.50
N ILE E 18 18.13 -16.69 4.97
CA ILE E 18 17.97 -15.27 4.70
C ILE E 18 18.07 -14.99 3.21
N THR E 19 17.17 -14.12 2.72
CA THR E 19 17.11 -13.67 1.34
C THR E 19 17.07 -12.16 1.29
N ILE E 20 17.72 -11.57 0.28
CA ILE E 20 17.77 -10.14 0.03
C ILE E 20 17.35 -9.89 -1.41
N THR E 21 16.55 -8.84 -1.64
CA THR E 21 16.14 -8.42 -2.97
C THR E 21 16.29 -6.92 -3.11
N ILE E 22 16.94 -6.46 -4.19
CA ILE E 22 17.01 -5.05 -4.52
C ILE E 22 15.73 -4.66 -5.25
N LEU E 23 14.81 -3.98 -4.56
CA LEU E 23 13.50 -3.66 -5.09
C LEU E 23 13.60 -2.55 -6.15
N GLY E 24 14.59 -1.66 -6.03
CA GLY E 24 14.92 -0.69 -7.06
C GLY E 24 15.67 0.53 -6.55
N VAL E 25 15.88 1.52 -7.41
CA VAL E 25 16.57 2.76 -7.08
C VAL E 25 15.67 3.98 -7.23
N SER E 26 16.02 5.05 -6.51
CA SER E 26 15.44 6.38 -6.65
C SER E 26 16.55 7.41 -6.45
N GLY E 27 17.24 7.82 -7.52
CA GLY E 27 18.39 8.68 -7.40
C GLY E 27 19.53 8.01 -6.64
N GLN E 28 19.85 8.50 -5.45
CA GLN E 28 20.83 7.88 -4.58
C GLN E 28 20.18 6.87 -3.62
N GLN E 29 18.87 7.01 -3.40
CA GLN E 29 18.12 6.10 -2.56
C GLN E 29 17.97 4.76 -3.24
N VAL E 30 17.95 3.69 -2.44
CA VAL E 30 17.89 2.32 -2.90
C VAL E 30 16.89 1.58 -2.03
N ARG E 31 15.80 1.08 -2.65
CA ARG E 31 14.75 0.36 -1.95
C ARG E 31 15.12 -1.13 -1.89
N ILE E 32 15.11 -1.70 -0.69
CA ILE E 32 15.66 -3.01 -0.43
C ILE E 32 14.69 -3.85 0.38
N GLY E 33 14.47 -5.10 -0.04
CA GLY E 33 13.71 -6.10 0.70
C GLY E 33 14.64 -7.09 1.39
N ILE E 34 14.28 -7.46 2.63
CA ILE E 34 15.05 -8.35 3.48
C ILE E 34 14.12 -9.39 4.08
N ASN E 35 14.46 -10.66 3.95
CA ASN E 35 13.59 -11.75 4.33
C ASN E 35 14.36 -12.74 5.18
N ALA E 36 14.21 -12.63 6.50
CA ALA E 36 14.78 -13.52 7.49
C ALA E 36 13.70 -13.96 8.47
N PRO E 37 13.87 -15.13 9.10
CA PRO E 37 12.97 -15.56 10.16
C PRO E 37 12.91 -14.54 11.29
N LYS E 38 11.77 -14.51 11.99
CA LYS E 38 11.55 -13.65 13.14
C LYS E 38 12.42 -14.05 14.33
N ASP E 39 13.15 -15.16 14.17
CA ASP E 39 14.16 -15.67 15.10
C ASP E 39 15.38 -14.77 15.19
N VAL E 40 15.69 -14.03 14.13
CA VAL E 40 16.86 -13.16 14.05
C VAL E 40 16.44 -11.70 13.98
N ALA E 41 17.37 -10.79 14.24
CA ALA E 41 17.11 -9.36 14.18
C ALA E 41 17.51 -8.76 12.84
N VAL E 42 16.87 -7.66 12.46
CA VAL E 42 17.27 -6.85 11.31
C VAL E 42 16.79 -5.41 11.48
N HIS E 43 17.72 -4.45 11.37
CA HIS E 43 17.43 -3.02 11.38
C HIS E 43 18.50 -2.29 10.57
N ARG E 44 18.29 -1.00 10.27
CA ARG E 44 19.36 -0.19 9.72
C ARG E 44 20.30 0.28 10.82
N GLU E 45 21.48 0.78 10.45
CA GLU E 45 22.55 1.08 11.39
C GLU E 45 22.13 2.13 12.43
N GLU E 46 21.20 3.01 12.06
CA GLU E 46 20.60 3.98 12.96
C GLU E 46 19.86 3.31 14.12
N ILE E 47 19.09 2.26 13.83
CA ILE E 47 18.18 1.63 14.78
C ILE E 47 18.92 0.56 15.56
N TYR E 48 19.94 -0.05 14.96
CA TYR E 48 20.84 -0.97 15.63
C TYR E 48 21.45 -0.38 16.90
N GLN E 49 21.73 0.92 16.90
CA GLN E 49 22.37 1.60 18.02
C GLN E 49 21.46 1.71 19.25
N ARG E 50 20.14 1.63 19.08
CA ARG E 50 19.20 1.61 20.20
C ARG E 50 19.34 0.31 20.98
N ILE E 51 19.79 -0.75 20.31
CA ILE E 51 19.85 -2.10 20.84
C ILE E 51 21.20 -2.33 21.51
N GLN E 52 22.28 -1.82 20.91
CA GLN E 52 23.63 -1.91 21.45
C GLN E 52 23.86 -0.96 22.61
N ALA E 53 22.83 -0.22 23.02
CA ALA E 53 22.89 0.69 24.16
C ALA E 53 23.00 -0.02 25.51
N GLY E 54 22.92 -1.36 25.52
CA GLY E 54 23.19 -2.16 26.70
C GLY E 54 22.16 -3.26 26.95
N LEU E 55 21.49 -3.74 25.90
CA LEU E 55 20.33 -4.60 26.04
C LEU E 55 20.12 -5.57 24.87
N THR E 56 21.20 -5.97 24.19
CA THR E 56 21.06 -6.91 23.09
C THR E 56 20.53 -8.25 23.58
N ALA E 57 20.73 -8.55 24.87
CA ALA E 57 20.09 -9.63 25.58
C ALA E 57 19.43 -9.06 26.84
N PRO E 58 18.11 -8.82 26.81
CA PRO E 58 17.39 -8.21 27.91
C PRO E 58 17.36 -9.07 29.17
N ASP E 59 16.75 -8.52 30.23
CA ASP E 59 16.56 -9.20 31.50
C ASP E 59 15.80 -10.51 31.33
N MET F 1 9.48 -10.31 6.48
CA MET F 1 9.84 -9.55 5.27
C MET F 1 9.87 -8.05 5.55
N LEU F 2 11.07 -7.48 5.69
CA LEU F 2 11.25 -6.06 5.90
C LEU F 2 11.59 -5.35 4.59
N ILE F 3 11.13 -4.10 4.45
CA ILE F 3 11.51 -3.23 3.35
C ILE F 3 12.05 -1.93 3.90
N LEU F 4 13.17 -1.47 3.31
CA LEU F 4 13.85 -0.24 3.68
C LEU F 4 14.14 0.60 2.43
N THR F 5 14.48 1.87 2.64
CA THR F 5 15.01 2.73 1.58
C THR F 5 16.25 3.44 2.09
N ARG F 6 17.43 2.95 1.70
CA ARG F 6 18.73 3.46 2.13
C ARG F 6 19.50 4.05 0.95
N LYS F 7 20.19 5.17 1.15
CA LYS F 7 21.00 5.77 0.09
C LYS F 7 22.44 5.28 0.11
N VAL F 8 23.21 5.66 -0.91
CA VAL F 8 24.60 5.25 -1.04
C VAL F 8 25.45 5.71 0.13
N GLY F 9 26.35 4.82 0.58
CA GLY F 9 27.22 5.06 1.71
C GLY F 9 26.61 4.72 3.06
N GLU F 10 25.34 4.29 3.09
CA GLU F 10 24.66 3.90 4.32
C GLU F 10 24.88 2.43 4.65
N SER F 11 24.40 2.01 5.83
CA SER F 11 24.64 0.68 6.37
C SER F 11 23.38 0.08 7.00
N ILE F 12 23.31 -1.25 7.03
CA ILE F 12 22.19 -2.03 7.55
C ILE F 12 22.76 -3.24 8.28
N ASN F 13 22.03 -3.75 9.29
CA ASN F 13 22.50 -4.80 10.17
C ASN F 13 21.52 -5.98 10.21
N ILE F 14 22.06 -7.18 10.38
CA ILE F 14 21.30 -8.41 10.57
C ILE F 14 21.93 -9.22 11.70
N GLY F 15 21.09 -9.78 12.59
CA GLY F 15 21.55 -10.45 13.80
C GLY F 15 22.38 -9.52 14.66
N ASP F 16 23.51 -10.03 15.17
CA ASP F 16 24.51 -9.25 15.87
C ASP F 16 25.92 -9.47 15.31
N ASP F 17 26.03 -10.15 14.17
CA ASP F 17 27.30 -10.45 13.52
C ASP F 17 27.36 -10.05 12.05
N ILE F 18 26.22 -9.77 11.41
CA ILE F 18 26.16 -9.51 9.98
C ILE F 18 25.91 -8.04 9.71
N THR F 19 26.68 -7.47 8.77
CA THR F 19 26.54 -6.09 8.34
C THR F 19 26.45 -6.01 6.82
N ILE F 20 25.62 -5.09 6.33
CA ILE F 20 25.43 -4.80 4.92
C ILE F 20 25.76 -3.33 4.68
N THR F 21 26.42 -3.04 3.55
CA THR F 21 26.80 -1.68 3.16
C THR F 21 26.45 -1.46 1.70
N ILE F 22 25.79 -0.34 1.38
CA ILE F 22 25.57 0.09 0.01
C ILE F 22 26.75 0.97 -0.41
N LEU F 23 27.53 0.50 -1.38
CA LEU F 23 28.75 1.17 -1.81
C LEU F 23 28.46 2.23 -2.86
N GLY F 24 27.39 2.06 -3.64
CA GLY F 24 26.88 3.09 -4.53
C GLY F 24 26.05 2.55 -5.69
N VAL F 25 25.70 3.41 -6.65
CA VAL F 25 24.92 3.05 -7.82
C VAL F 25 25.62 3.42 -9.12
N SER F 26 25.21 2.77 -10.22
CA SER F 26 25.58 3.11 -11.58
C SER F 26 24.44 2.74 -12.51
N GLY F 27 23.51 3.66 -12.74
CA GLY F 27 22.31 3.39 -13.51
C GLY F 27 21.36 2.46 -12.77
N GLN F 28 21.19 1.23 -13.26
CA GLN F 28 20.39 0.22 -12.57
C GLN F 28 21.24 -0.62 -11.63
N GLN F 29 22.55 -0.66 -11.87
CA GLN F 29 23.48 -1.44 -11.08
C GLN F 29 23.70 -0.78 -9.72
N VAL F 30 23.83 -1.60 -8.68
CA VAL F 30 23.97 -1.17 -7.31
C VAL F 30 25.10 -1.97 -6.69
N ARG F 31 26.19 -1.29 -6.33
CA ARG F 31 27.37 -1.93 -5.76
C ARG F 31 27.18 -2.09 -4.25
N ILE F 32 27.33 -3.32 -3.75
CA ILE F 32 26.96 -3.70 -2.40
C ILE F 32 28.09 -4.49 -1.75
N GLY F 33 28.30 -4.29 -0.44
CA GLY F 33 29.22 -5.05 0.37
C GLY F 33 28.50 -5.80 1.48
N ILE F 34 28.92 -7.04 1.74
CA ILE F 34 28.35 -7.92 2.74
C ILE F 34 29.45 -8.42 3.67
N ASN F 35 29.19 -8.41 4.98
CA ASN F 35 30.13 -8.80 6.00
C ASN F 35 29.46 -9.75 6.99
N ALA F 36 29.79 -11.04 6.91
CA ALA F 36 29.27 -12.06 7.79
C ALA F 36 30.39 -12.97 8.31
N PRO F 37 30.17 -13.66 9.43
CA PRO F 37 31.11 -14.64 9.96
C PRO F 37 31.27 -15.84 9.03
N LYS F 38 32.35 -16.60 9.23
CA LYS F 38 32.54 -17.89 8.58
C LYS F 38 31.56 -18.95 9.09
N ASP F 39 30.74 -18.59 10.07
CA ASP F 39 29.67 -19.40 10.60
C ASP F 39 28.55 -19.61 9.57
N VAL F 40 28.44 -18.70 8.59
CA VAL F 40 27.38 -18.69 7.60
C VAL F 40 27.93 -18.66 6.18
N ALA F 41 27.09 -18.98 5.21
CA ALA F 41 27.38 -18.79 3.80
C ALA F 41 26.84 -17.46 3.28
N VAL F 42 27.33 -17.01 2.13
CA VAL F 42 26.79 -15.85 1.43
C VAL F 42 27.09 -15.95 -0.07
N HIS F 43 26.07 -15.76 -0.90
CA HIS F 43 26.20 -15.74 -2.35
C HIS F 43 25.08 -14.89 -2.96
N ARG F 44 25.16 -14.61 -4.27
CA ARG F 44 24.02 -14.05 -4.98
C ARG F 44 23.00 -15.15 -5.22
N GLU F 45 21.73 -14.80 -5.44
CA GLU F 45 20.66 -15.79 -5.47
C GLU F 45 20.81 -16.78 -6.62
N GLU F 46 21.54 -16.40 -7.67
CA GLU F 46 21.92 -17.30 -8.76
C GLU F 46 22.66 -18.53 -8.25
N ILE F 47 23.56 -18.32 -7.29
CA ILE F 47 24.47 -19.35 -6.81
C ILE F 47 23.86 -20.09 -5.64
N TYR F 48 23.07 -19.40 -4.81
CA TYR F 48 22.34 -19.98 -3.69
C TYR F 48 21.51 -21.18 -4.11
N GLN F 49 20.94 -21.15 -5.31
CA GLN F 49 20.08 -22.18 -5.85
C GLN F 49 20.77 -23.54 -5.94
N ARG F 50 22.10 -23.58 -5.97
CA ARG F 50 22.87 -24.82 -5.96
C ARG F 50 22.81 -25.43 -4.57
N ILE F 51 22.90 -24.60 -3.53
CA ILE F 51 22.92 -25.03 -2.14
C ILE F 51 21.52 -25.48 -1.70
N GLN F 52 20.49 -25.00 -2.40
CA GLN F 52 19.13 -25.49 -2.25
C GLN F 52 18.78 -26.71 -3.10
N ALA F 53 18.98 -26.62 -4.43
CA ALA F 53 18.44 -27.58 -5.39
C ALA F 53 19.45 -28.51 -6.07
N GLY F 54 20.75 -28.35 -5.83
CA GLY F 54 21.81 -29.04 -6.56
C GLY F 54 23.06 -29.08 -5.70
N LEU F 55 22.87 -29.59 -4.48
CA LEU F 55 23.78 -29.48 -3.35
C LEU F 55 25.23 -29.76 -3.69
N THR F 56 26.12 -28.99 -3.08
CA THR F 56 27.55 -29.11 -3.32
C THR F 56 28.21 -30.11 -2.39
N ALA F 57 27.52 -30.55 -1.34
CA ALA F 57 27.94 -31.62 -0.47
C ALA F 57 26.76 -32.54 -0.16
N PRO F 58 26.57 -33.60 -0.95
CA PRO F 58 25.53 -34.59 -0.72
C PRO F 58 25.74 -35.43 0.53
N ASP F 59 24.82 -36.36 0.77
CA ASP F 59 24.84 -37.29 1.89
C ASP F 59 26.05 -38.21 1.88
N MET A 1 -24.73 -16.09 19.30
CA MET A 1 -23.50 -16.14 18.49
C MET A 1 -22.27 -16.07 19.39
N LEU A 2 -21.25 -16.88 19.14
CA LEU A 2 -20.05 -16.96 19.95
C LEU A 2 -18.92 -16.19 19.26
N ILE A 3 -18.43 -15.11 19.89
CA ILE A 3 -17.40 -14.26 19.34
C ILE A 3 -16.05 -14.60 19.97
N LEU A 4 -15.01 -14.73 19.14
CA LEU A 4 -13.65 -15.04 19.55
C LEU A 4 -12.66 -14.13 18.83
N THR A 5 -11.49 -13.93 19.44
CA THR A 5 -10.47 -12.99 18.97
C THR A 5 -9.13 -13.70 18.85
N ARG A 6 -8.57 -13.84 17.64
CA ARG A 6 -7.36 -14.62 17.42
C ARG A 6 -6.41 -13.92 16.45
N LYS A 7 -5.10 -14.12 16.62
CA LYS A 7 -4.09 -13.55 15.73
C LYS A 7 -3.77 -14.49 14.57
N VAL A 8 -3.18 -13.92 13.51
CA VAL A 8 -2.61 -14.66 12.40
C VAL A 8 -1.87 -15.91 12.88
N GLY A 9 -2.20 -17.05 12.29
CA GLY A 9 -1.56 -18.32 12.57
C GLY A 9 -2.28 -19.18 13.62
N GLU A 10 -3.27 -18.63 14.32
CA GLU A 10 -4.08 -19.35 15.28
C GLU A 10 -5.30 -20.00 14.64
N SER A 11 -6.04 -20.81 15.41
CA SER A 11 -7.10 -21.65 14.88
C SER A 11 -8.25 -21.89 15.85
N ILE A 12 -9.41 -22.21 15.26
CA ILE A 12 -10.67 -22.51 15.94
C ILE A 12 -11.14 -23.90 15.55
N ASN A 13 -11.95 -24.54 16.40
CA ASN A 13 -12.49 -25.86 16.18
C ASN A 13 -14.01 -25.86 16.29
N ILE A 14 -14.68 -26.61 15.41
CA ILE A 14 -16.13 -26.68 15.32
C ILE A 14 -16.57 -28.14 15.21
N GLY A 15 -17.57 -28.54 16.01
CA GLY A 15 -18.10 -29.89 15.97
C GLY A 15 -17.09 -30.91 16.47
N ASP A 16 -16.86 -31.96 15.67
CA ASP A 16 -15.89 -32.99 15.97
C ASP A 16 -14.93 -33.24 14.80
N ASP A 17 -15.11 -32.53 13.69
CA ASP A 17 -14.41 -32.81 12.44
C ASP A 17 -13.86 -31.55 11.76
N ILE A 18 -14.33 -30.36 12.12
CA ILE A 18 -14.05 -29.13 11.40
C ILE A 18 -13.06 -28.27 12.18
N THR A 19 -12.09 -27.69 11.47
CA THR A 19 -11.10 -26.80 12.04
C THR A 19 -10.91 -25.59 11.12
N ILE A 20 -10.67 -24.41 11.69
CA ILE A 20 -10.54 -23.16 10.97
C ILE A 20 -9.23 -22.50 11.35
N THR A 21 -8.51 -21.90 10.40
CA THR A 21 -7.22 -21.29 10.63
C THR A 21 -7.15 -19.93 9.95
N ILE A 22 -6.68 -18.90 10.66
CA ILE A 22 -6.38 -17.61 10.06
C ILE A 22 -4.98 -17.67 9.46
N LEU A 23 -4.87 -17.95 8.15
CA LEU A 23 -3.57 -18.12 7.52
C LEU A 23 -2.85 -16.78 7.42
N GLY A 24 -3.58 -15.66 7.40
CA GLY A 24 -3.00 -14.34 7.53
C GLY A 24 -3.97 -13.20 7.24
N VAL A 25 -3.45 -11.98 7.10
CA VAL A 25 -4.24 -10.79 6.78
C VAL A 25 -3.62 -10.00 5.63
N SER A 26 -4.40 -9.09 5.05
CA SER A 26 -3.99 -8.23 3.96
C SER A 26 -4.69 -6.87 4.07
N GLY A 27 -4.25 -6.05 5.01
CA GLY A 27 -4.91 -4.79 5.32
C GLY A 27 -6.24 -5.04 6.02
N GLN A 28 -7.33 -4.49 5.49
CA GLN A 28 -8.67 -4.74 5.99
C GLN A 28 -9.28 -6.01 5.41
N GLN A 29 -8.48 -6.80 4.69
CA GLN A 29 -8.83 -8.16 4.29
C GLN A 29 -8.18 -9.19 5.19
N VAL A 30 -8.77 -10.37 5.21
CA VAL A 30 -8.48 -11.45 6.14
C VAL A 30 -8.47 -12.77 5.37
N ARG A 31 -7.38 -13.53 5.49
CA ARG A 31 -7.19 -14.78 4.76
C ARG A 31 -7.45 -15.98 5.67
N ILE A 32 -8.63 -16.57 5.52
CA ILE A 32 -9.14 -17.64 6.37
C ILE A 32 -9.12 -18.95 5.61
N GLY A 33 -8.54 -19.99 6.20
CA GLY A 33 -8.62 -21.35 5.71
C GLY A 33 -9.57 -22.20 6.54
N ILE A 34 -10.32 -23.07 5.87
CA ILE A 34 -11.29 -23.97 6.46
C ILE A 34 -10.84 -25.40 6.21
N ASN A 35 -10.85 -26.23 7.25
CA ASN A 35 -10.49 -27.63 7.19
C ASN A 35 -11.65 -28.50 7.66
N ALA A 36 -12.65 -28.60 6.78
CA ALA A 36 -13.80 -29.46 6.94
C ALA A 36 -13.76 -30.63 5.96
N PRO A 37 -14.39 -31.76 6.28
CA PRO A 37 -14.49 -32.89 5.37
C PRO A 37 -15.47 -32.58 4.25
N LYS A 38 -15.32 -33.25 3.10
CA LYS A 38 -16.19 -33.05 1.94
C LYS A 38 -17.61 -33.57 2.18
N ASP A 39 -17.86 -34.14 3.36
CA ASP A 39 -19.20 -34.48 3.83
C ASP A 39 -20.03 -33.22 4.06
N VAL A 40 -19.37 -32.12 4.45
CA VAL A 40 -20.02 -30.87 4.77
C VAL A 40 -19.56 -29.75 3.84
N ALA A 41 -20.49 -28.85 3.51
CA ALA A 41 -20.27 -27.75 2.58
C ALA A 41 -19.60 -26.57 3.29
N VAL A 42 -18.69 -25.87 2.60
CA VAL A 42 -18.11 -24.64 3.08
C VAL A 42 -18.09 -23.59 1.98
N HIS A 43 -18.70 -22.42 2.23
CA HIS A 43 -18.92 -21.41 1.20
C HIS A 43 -19.00 -20.01 1.79
N ARG A 44 -18.77 -19.00 0.96
CA ARG A 44 -19.06 -17.61 1.31
C ARG A 44 -20.56 -17.36 1.25
N GLU A 45 -21.01 -16.24 1.83
CA GLU A 45 -22.44 -15.94 1.90
C GLU A 45 -23.00 -15.50 0.56
N GLU A 46 -22.20 -14.83 -0.27
CA GLU A 46 -22.62 -14.42 -1.61
C GLU A 46 -22.71 -15.58 -2.60
N ILE A 47 -22.38 -16.80 -2.16
CA ILE A 47 -22.51 -18.02 -2.96
C ILE A 47 -23.41 -19.03 -2.27
N TYR A 48 -23.50 -19.04 -0.94
CA TYR A 48 -24.34 -20.00 -0.24
C TYR A 48 -25.80 -19.83 -0.66
N GLN A 49 -26.19 -18.59 -0.97
CA GLN A 49 -27.53 -18.25 -1.39
C GLN A 49 -27.79 -18.64 -2.84
N ARG A 50 -26.73 -18.87 -3.63
CA ARG A 50 -26.84 -19.45 -4.97
C ARG A 50 -27.02 -20.96 -4.90
N ILE A 51 -26.38 -21.61 -3.92
CA ILE A 51 -26.54 -23.03 -3.67
C ILE A 51 -27.98 -23.31 -3.25
N GLN A 52 -28.47 -22.52 -2.28
CA GLN A 52 -29.80 -22.69 -1.71
C GLN A 52 -30.89 -21.99 -2.53
N ALA A 53 -30.54 -21.44 -3.70
CA ALA A 53 -31.51 -20.89 -4.63
C ALA A 53 -32.47 -21.95 -5.16
N GLY A 54 -32.05 -23.22 -5.12
CA GLY A 54 -32.86 -24.36 -5.51
C GLY A 54 -32.05 -25.44 -6.21
N LEU A 55 -30.79 -25.15 -6.58
CA LEU A 55 -29.90 -26.10 -7.21
C LEU A 55 -29.10 -26.89 -6.18
N THR A 56 -29.66 -28.03 -5.76
CA THR A 56 -28.99 -28.92 -4.83
C THR A 56 -28.75 -30.28 -5.45
N ALA A 57 -27.87 -31.08 -4.83
CA ALA A 57 -27.63 -32.45 -5.27
C ALA A 57 -28.94 -33.25 -5.25
N PRO A 58 -29.11 -34.22 -6.16
CA PRO A 58 -30.30 -35.04 -6.24
C PRO A 58 -30.66 -35.77 -4.95
N ASP A 59 -29.63 -36.10 -4.15
CA ASP A 59 -29.76 -36.76 -2.87
C ASP A 59 -30.25 -38.21 -2.97
N MET B 1 -7.62 -28.09 2.82
CA MET B 1 -7.96 -26.70 3.16
C MET B 1 -8.74 -26.03 2.04
N LEU B 2 -9.80 -25.29 2.38
CA LEU B 2 -10.53 -24.40 1.49
C LEU B 2 -10.32 -22.97 1.99
N ILE B 3 -9.75 -22.10 1.16
CA ILE B 3 -9.22 -20.81 1.58
C ILE B 3 -9.93 -19.65 0.91
N LEU B 4 -10.16 -18.59 1.69
CA LEU B 4 -10.84 -17.38 1.26
C LEU B 4 -10.10 -16.14 1.75
N THR B 5 -10.10 -15.07 0.95
CA THR B 5 -9.56 -13.78 1.33
C THR B 5 -10.67 -12.74 1.23
N ARG B 6 -11.26 -12.38 2.37
CA ARG B 6 -12.46 -11.56 2.45
C ARG B 6 -12.21 -10.34 3.33
N LYS B 7 -13.07 -9.32 3.24
CA LYS B 7 -12.92 -8.12 4.05
C LYS B 7 -13.75 -8.18 5.32
N VAL B 8 -13.50 -7.23 6.23
CA VAL B 8 -14.31 -7.13 7.43
C VAL B 8 -15.76 -6.84 7.09
N GLY B 9 -16.67 -7.54 7.79
CA GLY B 9 -18.11 -7.46 7.54
C GLY B 9 -18.62 -8.48 6.53
N GLU B 10 -17.75 -9.30 5.94
CA GLU B 10 -18.18 -10.38 5.06
C GLU B 10 -18.53 -11.64 5.85
N SER B 11 -19.40 -12.46 5.25
CA SER B 11 -19.98 -13.61 5.91
C SER B 11 -19.73 -14.90 5.14
N ILE B 12 -19.72 -16.01 5.88
CA ILE B 12 -19.29 -17.35 5.48
C ILE B 12 -20.31 -18.34 6.03
N ASN B 13 -20.45 -19.52 5.42
CA ASN B 13 -21.34 -20.57 5.88
C ASN B 13 -20.63 -21.93 5.91
N ILE B 14 -21.00 -22.77 6.88
CA ILE B 14 -20.54 -24.13 7.00
C ILE B 14 -21.75 -25.04 7.16
N GLY B 15 -21.63 -26.31 6.78
CA GLY B 15 -22.65 -27.31 7.04
C GLY B 15 -23.97 -26.92 6.38
N ASP B 16 -25.06 -27.14 7.11
CA ASP B 16 -26.39 -26.62 6.82
C ASP B 16 -26.91 -25.84 8.03
N ASP B 17 -26.08 -25.70 9.05
CA ASP B 17 -26.41 -25.21 10.38
C ASP B 17 -25.55 -24.03 10.82
N ILE B 18 -24.65 -23.54 9.97
CA ILE B 18 -23.59 -22.66 10.40
C ILE B 18 -23.50 -21.38 9.55
N THR B 19 -23.24 -20.27 10.23
CA THR B 19 -22.86 -19.00 9.64
C THR B 19 -21.70 -18.43 10.45
N ILE B 20 -20.72 -17.80 9.79
CA ILE B 20 -19.58 -17.17 10.44
C ILE B 20 -19.34 -15.82 9.79
N THR B 21 -19.04 -14.78 10.59
CA THR B 21 -18.80 -13.44 10.10
C THR B 21 -17.49 -12.90 10.67
N ILE B 22 -16.64 -12.35 9.80
CA ILE B 22 -15.48 -11.59 10.24
C ILE B 22 -15.95 -10.22 10.71
N LEU B 23 -16.05 -10.04 12.03
CA LEU B 23 -16.58 -8.81 12.59
C LEU B 23 -15.60 -7.66 12.40
N GLY B 24 -14.30 -7.97 12.39
CA GLY B 24 -13.27 -7.01 12.04
C GLY B 24 -11.88 -7.42 12.54
N VAL B 25 -10.88 -6.57 12.29
CA VAL B 25 -9.53 -6.78 12.77
C VAL B 25 -9.15 -5.74 13.82
N SER B 26 -8.22 -6.11 14.69
CA SER B 26 -7.57 -5.22 15.65
C SER B 26 -6.06 -5.38 15.49
N GLY B 27 -5.51 -4.75 14.45
CA GLY B 27 -4.11 -4.94 14.09
C GLY B 27 -3.92 -6.28 13.38
N GLN B 28 -3.15 -7.19 13.98
CA GLN B 28 -2.96 -8.54 13.47
C GLN B 28 -3.80 -9.55 14.25
N GLN B 29 -4.70 -9.04 15.09
CA GLN B 29 -5.72 -9.81 15.78
C GLN B 29 -7.04 -9.67 15.04
N VAL B 30 -7.90 -10.68 15.14
CA VAL B 30 -9.08 -10.82 14.29
C VAL B 30 -10.29 -11.24 15.11
N ARG B 31 -11.32 -10.40 15.12
CA ARG B 31 -12.58 -10.61 15.84
C ARG B 31 -13.57 -11.34 14.92
N ILE B 32 -14.00 -12.53 15.34
CA ILE B 32 -14.78 -13.45 14.52
C ILE B 32 -16.02 -13.89 15.28
N GLY B 33 -17.19 -13.85 14.63
CA GLY B 33 -18.43 -14.35 15.19
C GLY B 33 -18.84 -15.68 14.58
N ILE B 34 -19.13 -16.66 15.42
CA ILE B 34 -19.45 -18.03 15.03
C ILE B 34 -20.88 -18.34 15.44
N ASN B 35 -21.65 -18.83 14.47
CA ASN B 35 -23.08 -18.98 14.60
C ASN B 35 -23.50 -20.36 14.10
N ALA B 36 -23.20 -21.35 14.95
CA ALA B 36 -23.66 -22.72 14.87
C ALA B 36 -24.67 -22.93 16.00
N PRO B 37 -25.55 -23.92 15.91
CA PRO B 37 -26.37 -24.31 17.04
C PRO B 37 -25.47 -24.74 18.19
N LYS B 38 -25.99 -24.65 19.41
CA LYS B 38 -25.33 -25.11 20.62
C LYS B 38 -25.22 -26.63 20.65
N ASP B 39 -25.77 -27.24 19.60
CA ASP B 39 -25.70 -28.66 19.29
C ASP B 39 -24.27 -29.09 18.97
N VAL B 40 -23.44 -28.15 18.54
CA VAL B 40 -22.02 -28.37 18.24
C VAL B 40 -21.15 -27.60 19.23
N ALA B 41 -20.01 -28.18 19.60
CA ALA B 41 -19.02 -27.46 20.39
C ALA B 41 -18.12 -26.60 19.52
N VAL B 42 -17.79 -25.42 20.05
CA VAL B 42 -17.17 -24.33 19.32
C VAL B 42 -16.20 -23.60 20.23
N HIS B 43 -14.90 -23.89 20.10
CA HIS B 43 -13.84 -23.24 20.88
C HIS B 43 -12.57 -23.10 20.05
N ARG B 44 -11.65 -22.24 20.50
CA ARG B 44 -10.32 -22.17 19.95
C ARG B 44 -9.54 -23.44 20.22
N GLU B 45 -8.54 -23.75 19.40
CA GLU B 45 -7.77 -24.99 19.49
C GLU B 45 -7.14 -25.17 20.87
N GLU B 46 -6.72 -24.09 21.53
CA GLU B 46 -6.23 -24.14 22.91
C GLU B 46 -7.21 -24.87 23.81
N ILE B 47 -8.47 -24.43 23.77
CA ILE B 47 -9.54 -24.93 24.62
C ILE B 47 -9.92 -26.34 24.21
N TYR B 48 -10.04 -26.55 22.90
CA TYR B 48 -10.42 -27.83 22.32
C TYR B 48 -9.57 -28.98 22.84
N GLN B 49 -8.26 -28.74 23.05
CA GLN B 49 -7.33 -29.75 23.47
C GLN B 49 -7.58 -30.26 24.89
N ARG B 50 -8.19 -29.46 25.76
CA ARG B 50 -8.60 -29.91 27.09
C ARG B 50 -9.88 -30.74 26.98
N ILE B 51 -10.82 -30.27 26.15
CA ILE B 51 -12.13 -30.88 26.00
C ILE B 51 -11.96 -32.30 25.45
N GLN B 52 -11.04 -32.46 24.51
CA GLN B 52 -10.70 -33.77 23.97
C GLN B 52 -9.76 -34.56 24.87
N ALA B 53 -9.40 -34.02 26.04
CA ALA B 53 -8.71 -34.76 27.08
C ALA B 53 -9.66 -35.64 27.89
N GLY B 54 -10.97 -35.37 27.83
CA GLY B 54 -12.00 -36.25 28.36
C GLY B 54 -13.05 -35.54 29.21
N LEU B 55 -13.60 -34.43 28.71
CA LEU B 55 -14.42 -33.53 29.50
C LEU B 55 -15.16 -32.49 28.66
N THR B 56 -15.88 -31.60 29.34
CA THR B 56 -16.46 -30.38 28.78
C THR B 56 -16.05 -29.19 29.64
N ALA B 57 -16.57 -28.00 29.34
CA ALA B 57 -16.26 -26.78 30.08
C ALA B 57 -16.30 -27.02 31.59
N PRO B 58 -15.20 -26.75 32.32
CA PRO B 58 -15.08 -27.16 33.71
C PRO B 58 -16.09 -26.53 34.65
N ASP B 59 -16.14 -27.08 35.87
CA ASP B 59 -17.01 -26.64 36.96
C ASP B 59 -16.69 -25.25 37.47
N MET C 1 -16.57 31.69 -7.30
CA MET C 1 -15.84 30.42 -7.41
C MET C 1 -16.59 29.46 -8.34
N LEU C 2 -15.91 28.95 -9.37
CA LEU C 2 -16.39 27.88 -10.21
C LEU C 2 -15.42 26.71 -10.11
N ILE C 3 -15.86 25.60 -9.49
CA ILE C 3 -15.08 24.40 -9.32
C ILE C 3 -15.21 23.50 -10.55
N LEU C 4 -14.09 22.96 -11.03
CA LEU C 4 -14.05 21.97 -12.08
C LEU C 4 -13.16 20.80 -11.67
N THR C 5 -13.55 19.57 -12.04
CA THR C 5 -12.72 18.39 -11.89
C THR C 5 -12.07 18.03 -13.22
N ARG C 6 -10.79 17.61 -13.17
CA ARG C 6 -10.08 17.11 -14.34
C ARG C 6 -9.24 15.90 -13.98
N LYS C 7 -9.22 14.91 -14.88
CA LYS C 7 -8.30 13.78 -14.82
C LYS C 7 -6.92 14.26 -15.27
N VAL C 8 -5.84 13.60 -14.85
CA VAL C 8 -4.50 14.00 -15.27
C VAL C 8 -4.37 13.98 -16.79
N GLY C 9 -3.82 15.05 -17.34
CA GLY C 9 -3.65 15.25 -18.77
C GLY C 9 -4.82 15.93 -19.45
N GLU C 10 -5.91 16.24 -18.73
CA GLU C 10 -7.03 16.99 -19.26
C GLU C 10 -6.84 18.50 -19.10
N SER C 11 -7.76 19.30 -19.67
CA SER C 11 -7.57 20.73 -19.83
C SER C 11 -8.80 21.56 -19.46
N ILE C 12 -8.55 22.83 -19.14
CA ILE C 12 -9.51 23.86 -18.74
C ILE C 12 -9.17 25.16 -19.48
N ASN C 13 -10.14 26.06 -19.63
CA ASN C 13 -9.97 27.31 -20.34
C ASN C 13 -10.53 28.50 -19.54
N ILE C 14 -9.91 29.67 -19.67
CA ILE C 14 -10.34 30.91 -19.04
C ILE C 14 -10.24 32.04 -20.05
N GLY C 15 -11.28 32.89 -20.11
CA GLY C 15 -11.40 33.94 -21.11
C GLY C 15 -11.37 33.36 -22.52
N ASP C 16 -10.58 33.98 -23.39
CA ASP C 16 -10.25 33.45 -24.71
C ASP C 16 -8.74 33.46 -24.97
N ASP C 17 -7.94 33.78 -23.95
CA ASP C 17 -6.49 33.89 -24.05
C ASP C 17 -5.74 32.96 -23.11
N ILE C 18 -6.42 32.34 -22.13
CA ILE C 18 -5.79 31.56 -21.08
C ILE C 18 -6.27 30.11 -21.12
N THR C 19 -5.33 29.16 -21.06
CA THR C 19 -5.62 27.74 -21.01
C THR C 19 -4.84 27.11 -19.87
N ILE C 20 -5.45 26.14 -19.18
CA ILE C 20 -4.87 25.45 -18.04
C ILE C 20 -4.81 23.96 -18.35
N THR C 21 -3.70 23.31 -18.02
CA THR C 21 -3.53 21.87 -18.22
C THR C 21 -3.07 21.23 -16.92
N ILE C 22 -3.84 20.27 -16.39
CA ILE C 22 -3.36 19.48 -15.27
C ILE C 22 -2.48 18.37 -15.84
N LEU C 23 -1.18 18.40 -15.53
CA LEU C 23 -0.21 17.54 -16.18
C LEU C 23 -0.10 16.20 -15.45
N GLY C 24 -0.06 16.24 -14.11
CA GLY C 24 -0.18 15.02 -13.32
C GLY C 24 -0.12 15.27 -11.81
N VAL C 25 -0.25 14.20 -11.02
CA VAL C 25 0.00 14.26 -9.58
C VAL C 25 1.22 13.42 -9.22
N SER C 26 1.86 13.78 -8.11
CA SER C 26 2.91 13.00 -7.46
C SER C 26 2.88 13.37 -5.97
N GLY C 27 2.43 12.47 -5.11
CA GLY C 27 2.15 12.85 -3.72
C GLY C 27 0.87 13.64 -3.60
N GLN C 28 0.90 14.64 -2.71
CA GLN C 28 -0.12 15.68 -2.60
C GLN C 28 0.16 16.81 -3.57
N GLN C 29 1.18 16.64 -4.41
CA GLN C 29 1.67 17.61 -5.36
C GLN C 29 1.03 17.39 -6.72
N VAL C 30 0.74 18.48 -7.43
CA VAL C 30 0.08 18.47 -8.73
C VAL C 30 0.92 19.32 -9.69
N ARG C 31 1.44 18.72 -10.76
CA ARG C 31 2.05 19.51 -11.82
C ARG C 31 0.94 20.12 -12.67
N ILE C 32 0.81 21.45 -12.61
CA ILE C 32 -0.19 22.23 -13.31
C ILE C 32 0.49 23.20 -14.27
N GLY C 33 0.05 23.20 -15.52
CA GLY C 33 0.49 24.12 -16.57
C GLY C 33 -0.49 25.27 -16.79
N ILE C 34 0.06 26.46 -17.04
CA ILE C 34 -0.70 27.68 -17.26
C ILE C 34 -0.21 28.32 -18.56
N ASN C 35 -1.11 28.48 -19.53
CA ASN C 35 -0.76 28.96 -20.86
C ASN C 35 -1.49 30.27 -21.14
N ALA C 36 -0.79 31.39 -20.99
CA ALA C 36 -1.32 32.73 -21.14
C ALA C 36 -0.28 33.66 -21.76
N PRO C 37 -0.68 34.76 -22.39
CA PRO C 37 0.25 35.76 -22.91
C PRO C 37 1.01 36.44 -21.78
N LYS C 38 2.21 36.95 -22.08
CA LYS C 38 2.99 37.78 -21.16
C LYS C 38 2.31 39.12 -20.87
N ASP C 39 1.17 39.38 -21.50
CA ASP C 39 0.29 40.49 -21.18
C ASP C 39 -0.30 40.35 -19.78
N VAL C 40 -0.37 39.12 -19.26
CA VAL C 40 -0.82 38.82 -17.92
C VAL C 40 0.26 38.09 -17.13
N ALA C 41 0.32 38.34 -15.83
CA ALA C 41 1.23 37.64 -14.94
C ALA C 41 0.61 36.33 -14.44
N VAL C 42 1.45 35.35 -14.10
CA VAL C 42 1.00 34.14 -13.41
C VAL C 42 1.96 33.78 -12.29
N HIS C 43 1.44 33.50 -11.09
CA HIS C 43 2.25 33.18 -9.92
C HIS C 43 1.47 32.34 -8.91
N ARG C 44 2.17 31.72 -7.96
CA ARG C 44 1.53 31.15 -6.79
C ARG C 44 1.23 32.27 -5.78
N GLU C 45 0.33 32.01 -4.83
CA GLU C 45 -0.17 33.03 -3.92
C GLU C 45 0.93 33.65 -3.08
N GLU C 46 1.96 32.87 -2.73
CA GLU C 46 3.15 33.33 -2.03
C GLU C 46 3.84 34.47 -2.78
N ILE C 47 3.98 34.33 -4.10
CA ILE C 47 4.77 35.22 -4.92
C ILE C 47 3.92 36.36 -5.47
N TYR C 48 2.63 36.10 -5.71
CA TYR C 48 1.68 37.11 -6.15
C TYR C 48 1.71 38.36 -5.27
N GLN C 49 1.94 38.18 -3.97
CA GLN C 49 1.99 39.29 -3.01
C GLN C 49 3.11 40.27 -3.30
N ARG C 50 4.21 39.81 -3.91
CA ARG C 50 5.29 40.69 -4.37
C ARG C 50 4.85 41.54 -5.56
N ILE C 51 4.00 41.00 -6.44
CA ILE C 51 3.50 41.75 -7.58
C ILE C 51 2.54 42.84 -7.09
N GLN C 52 2.01 42.68 -5.88
CA GLN C 52 1.23 43.70 -5.20
C GLN C 52 2.09 44.64 -4.34
N ALA C 53 3.41 44.42 -4.30
CA ALA C 53 4.33 45.18 -3.49
C ALA C 53 5.11 46.23 -4.28
N GLY C 54 5.15 46.12 -5.61
CA GLY C 54 5.88 47.03 -6.48
C GLY C 54 6.94 46.27 -7.29
N LEU C 55 7.01 46.60 -8.58
CA LEU C 55 7.78 45.84 -9.55
C LEU C 55 9.04 46.60 -9.95
N THR C 56 8.90 47.89 -10.22
CA THR C 56 10.00 48.83 -10.42
C THR C 56 9.60 50.19 -9.84
N ALA C 57 10.55 50.85 -9.19
CA ALA C 57 10.34 52.05 -8.40
C ALA C 57 9.06 51.98 -7.54
N PRO C 58 9.05 51.16 -6.49
CA PRO C 58 7.86 50.89 -5.68
C PRO C 58 7.30 52.12 -4.98
N ASP C 59 6.15 51.93 -4.32
CA ASP C 59 5.54 52.92 -3.45
C ASP C 59 6.23 53.00 -2.09
N MET D 1 3.99 28.71 -21.93
CA MET D 1 3.49 27.76 -20.92
C MET D 1 4.31 27.90 -19.64
N LEU D 2 3.64 28.07 -18.49
CA LEU D 2 4.28 28.18 -17.20
C LEU D 2 3.78 27.08 -16.28
N ILE D 3 4.65 26.14 -15.95
CA ILE D 3 4.31 24.91 -15.25
C ILE D 3 4.82 25.00 -13.81
N LEU D 4 3.95 24.63 -12.86
CA LEU D 4 4.21 24.67 -11.43
C LEU D 4 3.84 23.36 -10.76
N THR D 5 4.39 23.11 -9.57
CA THR D 5 3.89 22.08 -8.69
C THR D 5 3.11 22.73 -7.56
N ARG D 6 1.79 22.56 -7.54
CA ARG D 6 0.96 23.03 -6.45
C ARG D 6 0.53 21.88 -5.55
N LYS D 7 0.69 22.04 -4.23
CA LYS D 7 0.12 21.10 -3.28
C LYS D 7 -1.36 21.40 -3.08
N VAL D 8 -2.12 20.36 -2.70
CA VAL D 8 -3.52 20.50 -2.36
C VAL D 8 -3.72 21.52 -1.25
N GLY D 9 -4.70 22.41 -1.42
CA GLY D 9 -5.05 23.45 -0.47
C GLY D 9 -4.33 24.78 -0.70
N GLU D 10 -3.43 24.87 -1.68
CA GLU D 10 -2.73 26.10 -2.01
C GLU D 10 -3.41 26.84 -3.17
N SER D 11 -2.92 28.05 -3.48
CA SER D 11 -3.56 28.96 -4.43
C SER D 11 -2.57 29.56 -5.42
N ILE D 12 -3.12 30.03 -6.55
CA ILE D 12 -2.42 30.58 -7.70
C ILE D 12 -3.18 31.81 -8.20
N ASN D 13 -2.50 32.70 -8.93
CA ASN D 13 -3.06 33.93 -9.44
C ASN D 13 -2.72 34.13 -10.91
N ILE D 14 -3.65 34.72 -11.67
CA ILE D 14 -3.50 35.02 -13.08
C ILE D 14 -3.98 36.45 -13.33
N GLY D 15 -3.19 37.23 -14.07
CA GLY D 15 -3.43 38.65 -14.26
C GLY D 15 -3.47 39.37 -12.92
N ASP D 16 -4.48 40.22 -12.72
CA ASP D 16 -4.78 40.84 -11.44
C ASP D 16 -6.24 40.69 -11.04
N ASP D 17 -7.02 39.89 -11.79
CA ASP D 17 -8.44 39.72 -11.57
C ASP D 17 -8.85 38.25 -11.41
N ILE D 18 -7.95 37.31 -11.68
CA ILE D 18 -8.25 35.89 -11.66
C ILE D 18 -7.42 35.18 -10.58
N THR D 19 -8.08 34.29 -9.84
CA THR D 19 -7.47 33.48 -8.80
C THR D 19 -7.84 32.02 -9.00
N ILE D 20 -6.92 31.12 -8.65
CA ILE D 20 -7.05 29.67 -8.80
C ILE D 20 -6.73 29.03 -7.46
N THR D 21 -7.43 27.96 -7.09
CA THR D 21 -7.16 27.21 -5.87
C THR D 21 -7.26 25.72 -6.15
N ILE D 22 -6.24 24.96 -5.79
CA ILE D 22 -6.28 23.50 -5.90
C ILE D 22 -6.95 22.94 -4.66
N LEU D 23 -8.20 22.49 -4.81
CA LEU D 23 -9.07 22.11 -3.71
C LEU D 23 -8.71 20.73 -3.18
N GLY D 24 -8.22 19.85 -4.05
CA GLY D 24 -7.67 18.56 -3.64
C GLY D 24 -7.49 17.60 -4.80
N VAL D 25 -7.10 16.37 -4.50
CA VAL D 25 -7.11 15.27 -5.46
C VAL D 25 -8.20 14.26 -5.12
N SER D 26 -8.60 13.49 -6.13
CA SER D 26 -9.47 12.33 -6.00
C SER D 26 -8.99 11.25 -6.95
N GLY D 27 -7.93 10.52 -6.55
CA GLY D 27 -7.29 9.53 -7.38
C GLY D 27 -6.50 10.18 -8.51
N GLN D 28 -6.94 9.95 -9.74
CA GLN D 28 -6.35 10.51 -10.94
C GLN D 28 -7.04 11.82 -11.32
N GLN D 29 -8.17 12.13 -10.66
CA GLN D 29 -8.79 13.44 -10.79
C GLN D 29 -8.22 14.44 -9.79
N VAL D 30 -8.34 15.71 -10.18
CA VAL D 30 -7.83 16.87 -9.45
C VAL D 30 -8.95 17.90 -9.42
N ARG D 31 -9.33 18.34 -8.23
CA ARG D 31 -10.47 19.21 -8.01
C ARG D 31 -9.96 20.64 -7.87
N ILE D 32 -10.31 21.51 -8.82
CA ILE D 32 -9.72 22.83 -8.97
C ILE D 32 -10.81 23.90 -8.93
N GLY D 33 -10.66 24.87 -8.02
CA GLY D 33 -11.51 26.04 -7.92
C GLY D 33 -10.93 27.20 -8.72
N ILE D 34 -11.81 27.96 -9.38
CA ILE D 34 -11.43 29.08 -10.24
C ILE D 34 -12.29 30.28 -9.87
N ASN D 35 -11.70 31.48 -9.87
CA ASN D 35 -12.36 32.70 -9.43
C ASN D 35 -12.01 33.84 -10.38
N ALA D 36 -12.95 34.18 -11.26
CA ALA D 36 -12.81 35.26 -12.22
C ALA D 36 -14.08 36.09 -12.24
N PRO D 37 -14.02 37.38 -12.62
CA PRO D 37 -15.20 38.17 -12.87
C PRO D 37 -16.04 37.56 -13.98
N LYS D 38 -17.37 37.75 -13.93
CA LYS D 38 -18.27 37.30 -14.98
C LYS D 38 -18.09 38.07 -16.28
N ASP D 39 -17.18 39.05 -16.28
CA ASP D 39 -16.69 39.72 -17.47
C ASP D 39 -15.91 38.77 -18.37
N VAL D 40 -15.38 37.68 -17.82
CA VAL D 40 -14.69 36.64 -18.55
C VAL D 40 -15.32 35.28 -18.28
N ALA D 41 -15.12 34.33 -19.19
CA ALA D 41 -15.66 32.99 -19.09
C ALA D 41 -14.66 32.00 -18.52
N VAL D 42 -15.13 30.89 -17.94
CA VAL D 42 -14.26 29.78 -17.55
C VAL D 42 -15.00 28.45 -17.72
N HIS D 43 -14.37 27.46 -18.35
CA HIS D 43 -14.96 26.15 -18.59
C HIS D 43 -13.90 25.06 -18.73
N ARG D 44 -14.32 23.79 -18.74
CA ARG D 44 -13.45 22.70 -19.17
C ARG D 44 -13.17 22.88 -20.65
N GLU D 45 -12.07 22.33 -21.17
CA GLU D 45 -11.74 22.46 -22.58
C GLU D 45 -12.79 21.81 -23.46
N GLU D 46 -13.36 20.69 -23.02
CA GLU D 46 -14.45 20.00 -23.68
C GLU D 46 -15.73 20.84 -23.76
N ILE D 47 -15.88 21.82 -22.87
CA ILE D 47 -17.02 22.73 -22.83
C ILE D 47 -16.72 24.00 -23.60
N TYR D 48 -15.51 24.54 -23.46
CA TYR D 48 -15.08 25.80 -24.03
C TYR D 48 -15.44 25.92 -25.51
N GLN D 49 -15.37 24.79 -26.24
CA GLN D 49 -15.64 24.70 -27.65
C GLN D 49 -17.08 25.08 -28.01
N ARG D 50 -18.04 24.95 -27.10
CA ARG D 50 -19.45 25.23 -27.36
C ARG D 50 -19.67 26.73 -27.50
N ILE D 51 -19.06 27.48 -26.58
CA ILE D 51 -19.16 28.93 -26.43
C ILE D 51 -18.38 29.63 -27.53
N GLN D 52 -17.46 28.89 -28.16
CA GLN D 52 -16.59 29.38 -29.22
C GLN D 52 -16.99 28.89 -30.61
N ALA D 53 -17.72 27.78 -30.73
CA ALA D 53 -18.07 27.18 -32.01
C ALA D 53 -19.43 27.65 -32.53
N GLY D 54 -20.45 27.70 -31.66
CA GLY D 54 -21.82 28.00 -32.04
C GLY D 54 -22.66 28.57 -30.92
N LEU D 55 -22.01 28.81 -29.77
CA LEU D 55 -22.51 29.57 -28.64
C LEU D 55 -23.71 28.88 -28.02
N THR D 56 -23.43 27.67 -27.53
CA THR D 56 -24.46 26.71 -27.16
C THR D 56 -25.29 27.19 -25.96
N ALA D 57 -24.75 28.11 -25.17
CA ALA D 57 -25.49 28.89 -24.20
C ALA D 57 -25.05 30.35 -24.36
N PRO D 58 -25.97 31.31 -24.33
CA PRO D 58 -25.66 32.72 -24.43
C PRO D 58 -24.75 33.21 -23.30
N ASP D 59 -24.37 34.49 -23.36
CA ASP D 59 -23.43 35.11 -22.46
C ASP D 59 -23.85 35.03 -20.98
N MET E 1 35.42 -8.90 2.36
CA MET E 1 34.29 -8.10 1.85
C MET E 1 33.96 -8.51 0.41
N LEU E 2 32.68 -8.50 0.04
CA LEU E 2 32.20 -8.93 -1.26
C LEU E 2 31.41 -7.79 -1.91
N ILE E 3 31.95 -7.20 -2.97
CA ILE E 3 31.33 -6.12 -3.71
C ILE E 3 30.70 -6.67 -4.98
N LEU E 4 29.46 -6.23 -5.27
CA LEU E 4 28.69 -6.63 -6.43
C LEU E 4 28.12 -5.41 -7.14
N THR E 5 27.68 -5.61 -8.39
CA THR E 5 26.87 -4.64 -9.11
C THR E 5 25.70 -5.37 -9.75
N ARG E 6 24.55 -5.24 -9.09
CA ARG E 6 23.27 -5.82 -9.46
C ARG E 6 22.37 -4.73 -10.02
N LYS E 7 21.31 -5.09 -10.75
CA LYS E 7 20.28 -4.12 -11.09
C LYS E 7 19.01 -4.30 -10.29
N VAL E 8 18.05 -3.39 -10.48
CA VAL E 8 16.71 -3.55 -9.91
C VAL E 8 16.07 -4.86 -10.34
N GLY E 9 15.38 -5.52 -9.39
CA GLY E 9 14.74 -6.81 -9.61
C GLY E 9 15.63 -8.02 -9.37
N GLU E 10 16.93 -7.84 -9.10
CA GLU E 10 17.80 -8.94 -8.73
C GLU E 10 17.54 -9.42 -7.30
N SER E 11 18.08 -10.58 -6.94
CA SER E 11 18.13 -11.08 -5.58
C SER E 11 19.52 -11.56 -5.19
N ILE E 12 19.84 -11.42 -3.90
CA ILE E 12 21.08 -11.85 -3.27
C ILE E 12 20.73 -12.69 -2.03
N ASN E 13 21.61 -13.57 -1.59
CA ASN E 13 21.37 -14.43 -0.43
C ASN E 13 22.52 -14.41 0.57
N ILE E 14 22.18 -14.61 1.84
CA ILE E 14 23.12 -14.64 2.95
C ILE E 14 22.78 -15.84 3.85
N GLY E 15 23.80 -16.53 4.33
CA GLY E 15 23.64 -17.73 5.14
C GLY E 15 22.88 -18.82 4.39
N ASP E 16 21.93 -19.45 5.07
CA ASP E 16 21.04 -20.45 4.50
C ASP E 16 19.57 -20.08 4.73
N ASP E 17 19.30 -18.86 5.20
CA ASP E 17 17.98 -18.45 5.66
C ASP E 17 17.60 -17.02 5.26
N ILE E 18 18.51 -16.24 4.67
CA ILE E 18 18.29 -14.82 4.42
C ILE E 18 18.33 -14.52 2.92
N THR E 19 17.40 -13.70 2.45
CA THR E 19 17.30 -13.25 1.07
C THR E 19 17.15 -11.73 1.01
N ILE E 20 17.78 -11.10 0.01
CA ILE E 20 17.80 -9.66 -0.17
C ILE E 20 17.41 -9.33 -1.61
N THR E 21 16.30 -8.60 -1.77
CA THR E 21 15.75 -8.24 -3.07
C THR E 21 15.80 -6.73 -3.26
N ILE E 22 16.31 -6.26 -4.40
CA ILE E 22 16.25 -4.85 -4.75
C ILE E 22 14.90 -4.57 -5.40
N LEU E 23 14.05 -3.78 -4.73
CA LEU E 23 12.71 -3.49 -5.21
C LEU E 23 12.75 -2.44 -6.31
N GLY E 24 13.71 -1.51 -6.24
CA GLY E 24 14.03 -0.60 -7.34
C GLY E 24 14.74 0.67 -6.87
N VAL E 25 14.96 1.62 -7.77
CA VAL E 25 15.59 2.90 -7.46
C VAL E 25 14.66 4.08 -7.74
N SER E 26 14.97 5.21 -7.11
CA SER E 26 14.34 6.49 -7.40
C SER E 26 15.34 7.62 -7.12
N GLY E 27 16.09 8.02 -8.14
CA GLY E 27 17.21 8.94 -7.97
C GLY E 27 18.37 8.25 -7.26
N GLN E 28 18.77 8.77 -6.10
CA GLN E 28 19.80 8.15 -5.28
C GLN E 28 19.20 7.14 -4.28
N GLN E 29 17.89 7.20 -4.08
CA GLN E 29 17.18 6.26 -3.23
C GLN E 29 17.13 4.88 -3.90
N VAL E 30 17.24 3.85 -3.06
CA VAL E 30 17.28 2.44 -3.43
C VAL E 30 16.36 1.73 -2.46
N ARG E 31 15.23 1.24 -2.98
CA ARG E 31 14.19 0.58 -2.22
C ARG E 31 14.51 -0.92 -2.15
N ILE E 32 14.61 -1.45 -0.92
CA ILE E 32 15.15 -2.78 -0.68
C ILE E 32 14.22 -3.61 0.18
N GLY E 33 14.06 -4.89 -0.16
CA GLY E 33 13.38 -5.88 0.64
C GLY E 33 14.36 -6.87 1.26
N ILE E 34 14.11 -7.23 2.53
CA ILE E 34 14.96 -8.12 3.30
C ILE E 34 14.10 -9.19 3.96
N ASN E 35 14.49 -10.45 3.81
CA ASN E 35 13.68 -11.58 4.25
C ASN E 35 14.53 -12.51 5.11
N ALA E 36 14.40 -12.37 6.42
CA ALA E 36 15.09 -13.19 7.41
C ALA E 36 14.12 -13.61 8.52
N PRO E 37 14.41 -14.73 9.21
CA PRO E 37 13.69 -15.14 10.39
C PRO E 37 13.82 -14.14 11.53
N LYS E 38 12.88 -14.14 12.47
CA LYS E 38 12.97 -13.35 13.70
C LYS E 38 14.01 -13.89 14.67
N ASP E 39 14.68 -15.00 14.31
CA ASP E 39 15.85 -15.52 15.00
C ASP E 39 17.03 -14.57 14.89
N VAL E 40 17.05 -13.72 13.87
CA VAL E 40 18.11 -12.75 13.62
C VAL E 40 17.56 -11.33 13.62
N ALA E 41 18.44 -10.36 13.87
CA ALA E 41 18.07 -8.96 13.80
C ALA E 41 18.33 -8.38 12.41
N VAL E 42 17.63 -7.28 12.09
CA VAL E 42 17.92 -6.48 10.91
C VAL E 42 17.43 -5.06 11.12
N HIS E 43 18.32 -4.08 10.93
CA HIS E 43 17.99 -2.66 10.96
C HIS E 43 18.91 -1.90 10.02
N ARG E 44 18.62 -0.62 9.77
CA ARG E 44 19.57 0.25 9.10
C ARG E 44 20.73 0.54 10.03
N GLU E 45 21.90 0.91 9.47
CA GLU E 45 23.08 1.21 10.27
C GLU E 45 22.82 2.41 11.18
N GLU E 46 21.86 3.26 10.79
CA GLU E 46 21.37 4.41 11.54
C GLU E 46 20.66 3.98 12.82
N ILE E 47 19.93 2.86 12.79
CA ILE E 47 19.19 2.33 13.92
C ILE E 47 20.09 1.39 14.72
N TYR E 48 21.00 0.69 14.06
CA TYR E 48 21.95 -0.23 14.67
C TYR E 48 22.75 0.42 15.79
N GLN E 49 23.09 1.71 15.64
CA GLN E 49 23.87 2.46 16.62
C GLN E 49 23.10 2.70 17.91
N ARG E 50 21.77 2.76 17.85
CA ARG E 50 20.93 2.91 19.04
C ARG E 50 21.00 1.65 19.89
N ILE E 51 21.30 0.53 19.23
CA ILE E 51 21.27 -0.81 19.79
C ILE E 51 22.66 -1.26 20.21
N GLN E 52 23.70 -0.79 19.53
CA GLN E 52 25.04 -1.16 19.95
C GLN E 52 25.65 -0.29 21.04
N ALA E 53 24.89 0.68 21.56
CA ALA E 53 25.24 1.44 22.74
C ALA E 53 25.38 0.59 24.01
N GLY E 54 25.27 -0.74 23.92
CA GLY E 54 25.17 -1.67 25.02
C GLY E 54 24.05 -2.67 24.75
N LEU E 55 23.09 -2.67 25.68
CA LEU E 55 21.72 -3.19 25.69
C LEU E 55 21.32 -4.50 25.00
N THR E 56 22.13 -5.12 24.14
CA THR E 56 21.68 -6.18 23.25
C THR E 56 21.10 -7.36 24.01
N ALA E 57 21.61 -7.60 25.23
CA ALA E 57 21.04 -8.50 26.21
C ALA E 57 20.58 -7.66 27.39
N PRO E 58 19.28 -7.33 27.49
CA PRO E 58 18.79 -6.36 28.45
C PRO E 58 18.95 -6.80 29.90
N ASP E 59 18.59 -5.90 30.81
CA ASP E 59 18.63 -6.12 32.25
C ASP E 59 17.76 -7.30 32.68
N MET F 1 9.72 -10.07 6.69
CA MET F 1 9.99 -9.33 5.44
C MET F 1 10.01 -7.83 5.69
N LEU F 2 11.21 -7.23 5.74
CA LEU F 2 11.36 -5.80 5.90
C LEU F 2 11.52 -5.10 4.56
N ILE F 3 11.04 -3.86 4.47
CA ILE F 3 11.27 -2.99 3.34
C ILE F 3 11.81 -1.65 3.82
N LEU F 4 12.82 -1.14 3.11
CA LEU F 4 13.56 0.07 3.46
C LEU F 4 13.78 0.93 2.22
N THR F 5 14.09 2.22 2.42
CA THR F 5 14.55 3.08 1.34
C THR F 5 15.77 3.85 1.81
N ARG F 6 16.96 3.38 1.43
CA ARG F 6 18.24 4.01 1.70
C ARG F 6 18.77 4.67 0.43
N LYS F 7 19.71 5.60 0.53
CA LYS F 7 20.39 6.14 -0.65
C LYS F 7 21.90 5.93 -0.62
N VAL F 8 22.54 6.27 -1.74
CA VAL F 8 23.93 5.93 -1.96
C VAL F 8 24.85 6.45 -0.84
N GLY F 9 25.76 5.59 -0.40
CA GLY F 9 26.70 5.88 0.67
C GLY F 9 26.19 5.52 2.07
N GLU F 10 24.96 5.04 2.21
CA GLU F 10 24.36 4.66 3.48
C GLU F 10 24.44 3.15 3.69
N SER F 11 24.14 2.68 4.90
CA SER F 11 24.38 1.29 5.30
C SER F 11 23.23 0.64 6.04
N ILE F 12 23.22 -0.69 6.08
CA ILE F 12 22.22 -1.54 6.70
C ILE F 12 22.94 -2.70 7.41
N ASN F 13 22.33 -3.29 8.43
CA ASN F 13 22.91 -4.37 9.21
C ASN F 13 21.96 -5.56 9.38
N ILE F 14 22.53 -6.75 9.46
CA ILE F 14 21.82 -8.00 9.67
C ILE F 14 22.55 -8.84 10.71
N GLY F 15 21.81 -9.58 11.54
CA GLY F 15 22.36 -10.26 12.70
C GLY F 15 23.04 -9.27 13.64
N ASP F 16 24.26 -9.61 14.07
CA ASP F 16 25.13 -8.71 14.79
C ASP F 16 26.53 -8.65 14.16
N ASP F 17 26.69 -9.24 12.97
CA ASP F 17 27.98 -9.42 12.34
C ASP F 17 27.97 -9.09 10.85
N ILE F 18 26.80 -8.90 10.24
CA ILE F 18 26.67 -8.66 8.81
C ILE F 18 26.36 -7.19 8.55
N THR F 19 27.02 -6.61 7.54
CA THR F 19 26.83 -5.24 7.12
C THR F 19 26.64 -5.17 5.61
N ILE F 20 25.74 -4.28 5.17
CA ILE F 20 25.50 -3.94 3.78
C ILE F 20 25.76 -2.45 3.61
N THR F 21 26.38 -2.07 2.48
CA THR F 21 26.61 -0.68 2.13
C THR F 21 26.32 -0.46 0.66
N ILE F 22 25.43 0.48 0.33
CA ILE F 22 25.22 0.91 -1.04
C ILE F 22 26.37 1.83 -1.45
N LEU F 23 27.16 1.40 -2.44
CA LEU F 23 28.31 2.15 -2.92
C LEU F 23 27.89 3.20 -3.95
N GLY F 24 26.82 2.94 -4.70
CA GLY F 24 26.20 3.92 -5.59
C GLY F 24 25.40 3.28 -6.73
N VAL F 25 24.87 4.11 -7.64
CA VAL F 25 24.04 3.65 -8.74
C VAL F 25 24.53 4.17 -10.09
N SER F 26 24.16 3.46 -11.16
CA SER F 26 24.31 3.92 -12.54
C SER F 26 23.19 3.31 -13.40
N GLY F 27 22.19 4.11 -13.76
CA GLY F 27 21.04 3.61 -14.51
C GLY F 27 20.15 2.71 -13.66
N GLN F 28 20.06 1.43 -14.00
CA GLN F 28 19.40 0.45 -13.15
C GLN F 28 20.39 -0.28 -12.25
N GLN F 29 21.69 -0.15 -12.53
CA GLN F 29 22.74 -0.82 -11.78
C GLN F 29 22.92 -0.14 -10.43
N VAL F 30 23.15 -0.96 -9.41
CA VAL F 30 23.24 -0.58 -8.01
C VAL F 30 24.42 -1.35 -7.44
N ARG F 31 25.54 -0.65 -7.20
CA ARG F 31 26.77 -1.23 -6.72
C ARG F 31 26.75 -1.29 -5.20
N ILE F 32 26.92 -2.50 -4.65
CA ILE F 32 26.68 -2.77 -3.23
C ILE F 32 27.84 -3.60 -2.66
N GLY F 33 28.31 -3.21 -1.48
CA GLY F 33 29.28 -3.97 -0.70
C GLY F 33 28.60 -4.76 0.41
N ILE F 34 29.08 -5.97 0.65
CA ILE F 34 28.60 -6.87 1.69
C ILE F 34 29.76 -7.33 2.55
N ASN F 35 29.54 -7.41 3.86
CA ASN F 35 30.53 -7.86 4.82
C ASN F 35 29.87 -8.85 5.78
N ALA F 36 30.32 -10.11 5.74
CA ALA F 36 29.84 -11.15 6.64
C ALA F 36 30.99 -12.01 7.16
N PRO F 37 30.80 -12.67 8.31
CA PRO F 37 31.75 -13.62 8.84
C PRO F 37 31.90 -14.86 7.96
N LYS F 38 33.00 -15.61 8.14
CA LYS F 38 33.20 -16.90 7.50
C LYS F 38 32.30 -17.99 8.08
N ASP F 39 31.53 -17.66 9.11
CA ASP F 39 30.50 -18.53 9.68
C ASP F 39 29.31 -18.69 8.75
N VAL F 40 29.13 -17.77 7.79
CA VAL F 40 28.00 -17.77 6.86
C VAL F 40 28.46 -17.72 5.42
N ALA F 41 27.55 -18.01 4.50
CA ALA F 41 27.77 -17.85 3.07
C ALA F 41 27.17 -16.54 2.55
N VAL F 42 27.61 -16.09 1.37
CA VAL F 42 27.03 -14.95 0.69
C VAL F 42 27.28 -15.04 -0.82
N HIS F 43 26.20 -15.08 -1.60
CA HIS F 43 26.24 -15.14 -3.06
C HIS F 43 24.99 -14.50 -3.64
N ARG F 44 24.92 -14.34 -4.97
CA ARG F 44 23.69 -13.95 -5.62
C ARG F 44 22.74 -15.13 -5.73
N GLU F 45 21.45 -14.85 -5.94
CA GLU F 45 20.39 -15.84 -5.87
C GLU F 45 20.59 -16.96 -6.90
N GLU F 46 21.29 -16.66 -7.99
CA GLU F 46 21.68 -17.61 -9.01
C GLU F 46 22.54 -18.73 -8.43
N ILE F 47 23.52 -18.37 -7.61
CA ILE F 47 24.53 -19.28 -7.10
C ILE F 47 24.02 -19.99 -5.85
N TYR F 48 23.13 -19.33 -5.10
CA TYR F 48 22.49 -19.88 -3.92
C TYR F 48 21.79 -21.20 -4.20
N GLN F 49 21.20 -21.35 -5.39
CA GLN F 49 20.45 -22.53 -5.78
C GLN F 49 21.34 -23.77 -5.91
N ARG F 50 22.63 -23.58 -6.20
CA ARG F 50 23.60 -24.66 -6.28
C ARG F 50 23.92 -25.21 -4.89
N ILE F 51 23.68 -24.39 -3.87
CA ILE F 51 24.11 -24.67 -2.50
C ILE F 51 22.95 -25.29 -1.72
N GLN F 52 21.77 -24.69 -1.81
CA GLN F 52 20.58 -25.20 -1.15
C GLN F 52 20.04 -26.50 -1.78
N ALA F 53 20.75 -27.03 -2.79
CA ALA F 53 20.50 -28.34 -3.34
C ALA F 53 20.73 -29.46 -2.31
N GLY F 54 21.52 -29.21 -1.26
CA GLY F 54 21.63 -30.12 -0.12
C GLY F 54 22.90 -29.95 0.69
N LEU F 55 23.54 -28.78 0.66
CA LEU F 55 24.86 -28.56 1.20
C LEU F 55 25.09 -27.09 1.54
N THR F 56 26.31 -26.72 1.94
CA THR F 56 26.67 -25.35 2.25
C THR F 56 27.91 -24.87 1.52
N ALA F 57 28.85 -25.78 1.25
CA ALA F 57 30.17 -25.46 0.71
C ALA F 57 30.82 -26.61 -0.04
N PRO F 58 30.61 -27.88 0.31
CA PRO F 58 31.33 -28.97 -0.34
C PRO F 58 30.85 -29.26 -1.76
N ASP F 59 31.54 -30.21 -2.39
CA ASP F 59 31.24 -30.70 -3.73
C ASP F 59 29.91 -31.45 -3.76
#